data_7RMF
#
_entry.id   7RMF
#
_cell.length_a   1.00
_cell.length_b   1.00
_cell.length_c   1.00
_cell.angle_alpha   90.00
_cell.angle_beta   90.00
_cell.angle_gamma   90.00
#
_symmetry.space_group_name_H-M   'P 1'
#
_entity_poly.entity_id   1
_entity_poly.type   'polypeptide(L)'
_entity_poly.pdbx_seq_one_letter_code
;MKYVVVSGGVISGIGKGVLASSTGMLMKTLGLKVTSIKIDPYMNIDAGTMSPLEHGECFVLDDGGETDLDLGNYERYLGV
TLTKDHNITTGKIYSHVIAKERKGDYLGKTVQIVPHLTNAIQDWIERVAKIPVDDTGMEPDVCIIELGGTVGDIESAPFV
EALRQFQFKVGKENFALIHVSLVPVIHGEQKTKPTQAAIKGLRSLGLVPDMIACRCSETLDKPTIDKIAMFCHVGPEQVV
NVHDVNSTYHVPLLLLEQKMIDYLHARLKLDEISLTEEEELLSKWKATTGNFDETVKIALVGKYTNLKDSYLSVIKALEH
SSMKCRRKLDIKWVEATDLEPEAQESNKTKFHEAWNMVSTADGILIPGGFGVRGTEGMVLAARWARENHIPFLGVCLGLQ
IATIEFTRSVLGRKDSHSAEFYPDIDEKNHVVVFMMRLGLRPTFFQNETEWSQIKKLYGDVSEVHERHRHRYEINPKMVD
ELENNGLIFVGKDDTGKRCEILELKNHPYYIATQYHPEYTSKVLDPSKPFLGLVAASAGILQDVIEGKYDLEA
;
_entity_poly.pdbx_strand_id   W,B,C,A,J,F,H,D,K,G,I,E
#
# COMPACT_ATOMS: atom_id res chain seq x y z
N MET A 1 41.14 -109.45 -3.59
CA MET A 1 42.18 -110.39 -3.08
C MET A 1 42.17 -110.45 -1.56
N LYS A 2 42.55 -111.59 -0.97
CA LYS A 2 42.67 -111.74 0.48
C LYS A 2 44.04 -111.33 1.00
N TYR A 3 44.12 -110.88 2.24
CA TYR A 3 45.41 -110.48 2.83
C TYR A 3 45.48 -110.83 4.32
N VAL A 4 46.67 -111.16 4.84
CA VAL A 4 46.90 -111.45 6.25
C VAL A 4 48.11 -110.67 6.75
N VAL A 5 47.94 -109.69 7.61
CA VAL A 5 49.09 -109.06 8.29
C VAL A 5 49.59 -109.96 9.40
N VAL A 6 50.91 -110.05 9.56
CA VAL A 6 51.58 -110.52 10.75
C VAL A 6 52.43 -109.39 11.28
N SER A 7 52.28 -109.01 12.54
CA SER A 7 52.92 -107.82 13.12
C SER A 7 53.19 -107.97 14.61
N GLY A 8 53.81 -106.99 15.26
CA GLY A 8 53.56 -106.76 16.70
C GLY A 8 54.67 -106.98 17.71
N GLY A 9 54.25 -106.93 18.98
CA GLY A 9 55.04 -107.29 20.17
C GLY A 9 55.61 -106.09 20.95
N VAL A 10 56.10 -106.34 22.17
CA VAL A 10 56.94 -105.38 22.93
C VAL A 10 58.46 -105.51 22.64
N ILE A 11 58.88 -106.46 21.82
CA ILE A 11 60.29 -106.72 21.50
C ILE A 11 60.41 -107.12 20.03
N SER A 12 61.51 -106.72 19.39
CA SER A 12 61.94 -107.32 18.14
C SER A 12 62.55 -108.71 18.41
N GLY A 13 62.41 -109.67 17.52
CA GLY A 13 62.91 -111.04 17.71
C GLY A 13 61.92 -112.03 18.34
N ILE A 14 60.65 -111.65 18.45
CA ILE A 14 59.58 -112.41 19.11
C ILE A 14 59.16 -113.69 18.40
N GLY A 15 59.31 -113.80 17.08
CA GLY A 15 58.91 -115.00 16.33
C GLY A 15 58.11 -114.81 15.03
N LYS A 16 57.97 -113.64 14.47
CA LYS A 16 57.12 -113.29 13.34
C LYS A 16 57.22 -114.24 12.16
N GLY A 17 58.33 -114.28 11.45
CA GLY A 17 58.54 -115.08 10.27
C GLY A 17 58.04 -116.50 10.28
N VAL A 18 58.23 -117.26 11.34
CA VAL A 18 57.76 -118.63 11.58
C VAL A 18 56.25 -118.63 11.67
N LEU A 19 55.65 -117.61 12.22
CA LEU A 19 54.20 -117.38 12.34
C LEU A 19 53.68 -116.92 11.00
N ALA A 20 54.49 -116.32 10.16
CA ALA A 20 54.19 -115.73 8.88
C ALA A 20 54.16 -116.79 7.79
N SER A 21 55.29 -117.24 7.31
CA SER A 21 55.42 -118.22 6.24
C SER A 21 54.69 -119.45 6.71
N SER A 22 54.89 -119.89 7.93
CA SER A 22 54.09 -121.01 8.45
C SER A 22 52.56 -120.84 8.32
N THR A 23 51.97 -119.67 8.46
CA THR A 23 50.58 -119.34 8.22
C THR A 23 50.34 -119.47 6.73
N GLY A 24 51.26 -119.05 5.90
CA GLY A 24 51.22 -119.10 4.47
C GLY A 24 51.35 -120.47 3.89
N MET A 25 52.07 -121.38 4.53
CA MET A 25 52.13 -122.78 4.14
C MET A 25 50.75 -123.39 4.28
N LEU A 26 50.12 -123.05 5.39
CA LEU A 26 48.81 -123.52 5.70
C LEU A 26 47.77 -122.99 4.71
N MET A 27 47.94 -121.77 4.19
CA MET A 27 47.02 -121.29 3.16
C MET A 27 47.11 -122.18 1.92
N LYS A 28 48.31 -122.63 1.55
CA LYS A 28 48.54 -123.60 0.48
C LYS A 28 47.93 -124.98 0.74
N THR A 29 47.82 -125.36 2.01
CA THR A 29 47.13 -126.58 2.42
C THR A 29 45.68 -126.59 1.94
N LEU A 30 45.05 -125.43 1.94
CA LEU A 30 43.69 -125.28 1.43
C LEU A 30 43.65 -125.33 -0.11
N GLY A 31 44.81 -125.43 -0.76
CA GLY A 31 44.98 -125.46 -2.22
C GLY A 31 45.22 -124.10 -2.84
N LEU A 32 45.43 -123.06 -2.02
CA LEU A 32 45.43 -121.65 -2.46
C LEU A 32 46.72 -121.24 -3.19
N LYS A 33 46.60 -120.30 -4.14
CA LYS A 33 47.74 -119.56 -4.67
C LYS A 33 48.19 -118.55 -3.63
N VAL A 34 49.46 -118.55 -3.26
CA VAL A 34 49.91 -117.74 -2.09
C VAL A 34 51.17 -116.95 -2.39
N THR A 35 51.30 -115.80 -1.77
CA THR A 35 52.43 -114.88 -1.90
C THR A 35 52.75 -114.26 -0.56
N SER A 36 53.87 -113.56 -0.45
CA SER A 36 54.31 -112.95 0.78
C SER A 36 55.07 -111.67 0.55
N ILE A 37 54.92 -110.66 1.39
CA ILE A 37 55.66 -109.40 1.32
C ILE A 37 56.27 -109.16 2.69
N LYS A 38 57.57 -108.84 2.77
CA LYS A 38 58.15 -108.39 4.02
C LYS A 38 58.38 -106.91 3.97
N ILE A 39 57.79 -106.24 4.95
CA ILE A 39 57.96 -104.82 5.16
C ILE A 39 59.05 -104.63 6.19
N ASP A 40 60.13 -103.98 5.79
CA ASP A 40 61.28 -103.72 6.64
C ASP A 40 61.39 -102.28 7.08
N PRO A 41 61.44 -102.03 8.40
CA PRO A 41 61.57 -100.65 8.83
C PRO A 41 62.95 -100.02 8.61
N TYR A 42 63.99 -100.80 8.31
CA TYR A 42 65.31 -100.21 8.09
C TYR A 42 65.41 -99.36 6.82
N MET A 43 66.45 -98.53 6.74
CA MET A 43 66.63 -97.59 5.64
C MET A 43 67.55 -98.04 4.50
N ASN A 44 68.20 -99.18 4.58
CA ASN A 44 68.86 -99.73 3.41
C ASN A 44 67.82 -100.02 2.31
N ILE A 45 68.11 -99.65 1.06
CA ILE A 45 67.25 -100.00 -0.07
C ILE A 45 67.36 -101.49 -0.42
N ASP A 46 68.54 -102.08 -0.23
CA ASP A 46 68.81 -103.50 -0.47
C ASP A 46 69.99 -104.00 0.39
N ALA A 47 70.19 -105.32 0.44
CA ALA A 47 71.28 -105.93 1.19
C ALA A 47 72.62 -105.88 0.45
N GLY A 48 72.69 -105.36 -0.78
CA GLY A 48 73.93 -105.33 -1.54
C GLY A 48 74.99 -104.44 -0.90
N THR A 49 74.57 -103.38 -0.22
CA THR A 49 75.48 -102.55 0.60
C THR A 49 75.80 -103.18 1.96
N MET A 50 74.98 -104.13 2.41
CA MET A 50 75.07 -104.67 3.77
C MET A 50 76.08 -105.81 3.86
N SER A 51 77.16 -105.60 4.59
CA SER A 51 78.15 -106.64 4.88
C SER A 51 77.53 -107.77 5.71
N PRO A 52 77.75 -109.07 5.40
CA PRO A 52 77.10 -110.17 6.11
C PRO A 52 77.37 -110.27 7.62
N LEU A 53 78.32 -109.51 8.15
CA LEU A 53 78.62 -109.38 9.58
C LEU A 53 77.40 -109.01 10.42
N GLU A 54 76.53 -108.17 9.88
CA GLU A 54 75.34 -107.68 10.57
C GLU A 54 74.15 -107.67 9.62
N HIS A 55 72.98 -108.00 10.16
CA HIS A 55 71.81 -108.48 9.42
C HIS A 55 72.03 -109.78 8.63
N GLY A 56 73.24 -110.33 8.66
CA GLY A 56 73.53 -111.66 8.13
C GLY A 56 73.56 -111.74 6.59
N GLU A 57 73.39 -112.96 6.13
CA GLU A 57 73.47 -113.44 4.76
C GLU A 57 72.58 -112.67 3.75
N CYS A 58 73.18 -112.09 2.70
CA CYS A 58 72.43 -111.41 1.61
C CYS A 58 71.69 -112.46 0.74
N PHE A 59 70.43 -112.77 1.04
CA PHE A 59 69.67 -113.76 0.28
C PHE A 59 69.51 -113.37 -1.19
N VAL A 60 69.58 -114.32 -2.11
CA VAL A 60 69.47 -113.98 -3.55
C VAL A 60 68.30 -114.61 -4.34
N LEU A 61 67.63 -113.71 -5.02
CA LEU A 61 66.48 -114.00 -5.84
C LEU A 61 66.84 -114.73 -7.13
N ASP A 62 65.81 -115.32 -7.72
CA ASP A 62 65.73 -115.63 -9.14
C ASP A 62 66.11 -114.40 -10.00
N ASP A 63 65.49 -113.24 -9.74
CA ASP A 63 65.82 -111.95 -10.37
C ASP A 63 67.17 -111.35 -9.93
N GLY A 64 67.96 -112.03 -9.09
CA GLY A 64 69.34 -111.65 -8.78
C GLY A 64 69.55 -110.44 -7.89
N GLY A 65 68.48 -109.89 -7.31
CA GLY A 65 68.57 -108.92 -6.22
C GLY A 65 69.07 -109.55 -4.92
N GLU A 66 70.03 -108.89 -4.27
CA GLU A 66 70.47 -109.16 -2.89
C GLU A 66 69.45 -108.60 -1.89
N THR A 67 68.51 -109.46 -1.51
CA THR A 67 67.37 -109.14 -0.60
C THR A 67 67.71 -109.26 0.87
N ASP A 68 66.77 -108.77 1.69
CA ASP A 68 66.61 -109.26 3.05
C ASP A 68 66.69 -110.78 3.11
N LEU A 69 67.41 -111.29 4.08
CA LEU A 69 67.57 -112.69 4.31
C LEU A 69 66.24 -113.42 4.46
N ASP A 70 65.32 -112.84 5.25
CA ASP A 70 64.14 -113.54 5.71
C ASP A 70 63.18 -113.93 4.57
N LEU A 71 63.27 -113.28 3.41
CA LEU A 71 62.50 -113.71 2.25
C LEU A 71 62.76 -115.17 1.91
N GLY A 72 63.99 -115.64 2.10
CA GLY A 72 64.30 -117.05 1.95
C GLY A 72 63.36 -117.92 2.76
N ASN A 73 62.96 -117.50 3.96
CA ASN A 73 62.08 -118.27 4.84
C ASN A 73 60.75 -118.50 4.14
N TYR A 74 60.32 -117.66 3.23
CA TYR A 74 59.07 -117.66 2.48
C TYR A 74 59.17 -118.47 1.22
N GLU A 75 60.35 -118.52 0.62
CA GLU A 75 60.50 -119.29 -0.60
C GLU A 75 60.45 -120.76 -0.21
N ARG A 76 61.06 -121.08 0.95
CA ARG A 76 61.10 -122.41 1.58
C ARG A 76 59.73 -122.94 1.96
N TYR A 77 58.99 -122.15 2.73
CA TYR A 77 57.74 -122.56 3.39
C TYR A 77 56.52 -122.56 2.46
N LEU A 78 56.58 -121.82 1.35
CA LEU A 78 55.53 -121.67 0.34
C LEU A 78 55.84 -122.40 -0.95
N GLY A 79 57.11 -122.42 -1.37
CA GLY A 79 57.49 -122.94 -2.69
C GLY A 79 57.13 -121.93 -3.77
N VAL A 80 57.67 -120.72 -3.66
CA VAL A 80 57.37 -119.59 -4.55
C VAL A 80 58.62 -118.85 -4.96
N THR A 81 58.61 -118.25 -6.15
CA THR A 81 59.68 -117.35 -6.59
C THR A 81 59.26 -115.92 -6.36
N LEU A 82 59.85 -115.25 -5.37
CA LEU A 82 59.61 -113.83 -5.13
C LEU A 82 60.46 -112.95 -6.04
N THR A 83 60.34 -111.63 -5.90
CA THR A 83 61.05 -110.63 -6.71
C THR A 83 61.63 -109.52 -5.83
N LYS A 84 62.46 -108.65 -6.37
CA LYS A 84 63.08 -107.54 -5.61
C LYS A 84 62.04 -106.59 -5.00
N ASP A 85 60.84 -106.54 -5.56
CA ASP A 85 59.73 -105.72 -5.06
C ASP A 85 59.02 -106.31 -3.82
N HIS A 86 59.10 -107.62 -3.54
CA HIS A 86 58.47 -108.22 -2.37
C HIS A 86 59.14 -107.87 -1.05
N ASN A 87 60.28 -107.19 -1.07
CA ASN A 87 60.91 -106.66 0.12
C ASN A 87 60.75 -105.15 0.13
N ILE A 88 59.63 -104.68 0.68
CA ILE A 88 59.42 -103.25 0.95
C ILE A 88 60.39 -102.83 2.05
N THR A 89 61.06 -101.71 1.92
CA THR A 89 61.89 -101.15 3.01
C THR A 89 61.67 -99.67 3.14
N THR A 90 61.95 -99.11 4.31
CA THR A 90 61.79 -97.66 4.53
C THR A 90 62.65 -96.85 3.57
N GLY A 91 63.86 -97.28 3.28
CA GLY A 91 64.69 -96.60 2.29
C GLY A 91 64.17 -96.74 0.87
N LYS A 92 63.53 -97.85 0.55
CA LYS A 92 62.99 -98.10 -0.79
C LYS A 92 61.78 -97.23 -1.06
N ILE A 93 60.87 -97.08 -0.11
CA ILE A 93 59.65 -96.29 -0.30
C ILE A 93 59.88 -94.80 -0.17
N TYR A 94 60.73 -94.30 0.72
CA TYR A 94 61.10 -92.88 0.65
C TYR A 94 61.77 -92.54 -0.68
N SER A 95 62.62 -93.39 -1.23
CA SER A 95 63.24 -93.16 -2.55
C SER A 95 62.22 -93.10 -3.67
N HIS A 96 61.22 -93.96 -3.67
CA HIS A 96 60.21 -94.02 -4.72
C HIS A 96 59.30 -92.79 -4.71
N VAL A 97 58.82 -92.36 -3.56
CA VAL A 97 58.06 -91.11 -3.44
C VAL A 97 58.92 -89.87 -3.73
N ILE A 98 60.16 -89.80 -3.26
CA ILE A 98 61.07 -88.70 -3.60
C ILE A 98 61.39 -88.68 -5.10
N ALA A 99 61.45 -89.81 -5.80
CA ALA A 99 61.63 -89.79 -7.25
C ALA A 99 60.43 -89.12 -7.94
N LYS A 100 59.23 -89.53 -7.59
CA LYS A 100 57.99 -88.93 -8.10
C LYS A 100 57.87 -87.44 -7.74
N GLU A 101 58.41 -86.99 -6.61
CA GLU A 101 58.47 -85.57 -6.22
C GLU A 101 59.31 -84.73 -7.18
N ARG A 102 60.48 -85.21 -7.62
CA ARG A 102 61.35 -84.46 -8.56
C ARG A 102 60.96 -84.62 -10.02
N LYS A 103 60.35 -85.75 -10.39
CA LYS A 103 59.67 -85.90 -11.68
C LYS A 103 58.43 -85.03 -11.77
N GLY A 104 57.83 -84.67 -10.64
CA GLY A 104 56.68 -83.79 -10.55
C GLY A 104 55.33 -84.50 -10.70
N ASP A 105 55.26 -85.80 -10.42
CA ASP A 105 54.04 -86.60 -10.57
C ASP A 105 52.92 -86.21 -9.59
N TYR A 106 53.24 -85.42 -8.56
CA TYR A 106 52.28 -84.82 -7.64
C TYR A 106 51.67 -83.49 -8.14
N LEU A 107 51.86 -83.11 -9.41
CA LEU A 107 51.21 -81.94 -10.02
C LEU A 107 51.40 -80.67 -9.20
N GLY A 108 52.60 -80.49 -8.64
CA GLY A 108 52.97 -79.33 -7.85
C GLY A 108 52.28 -79.18 -6.50
N LYS A 109 51.47 -80.15 -6.03
CA LYS A 109 51.02 -80.18 -4.63
C LYS A 109 52.24 -80.31 -3.71
N THR A 110 52.15 -79.93 -2.44
CA THR A 110 53.10 -80.43 -1.45
C THR A 110 52.82 -81.90 -1.17
N VAL A 111 53.86 -82.69 -0.97
CA VAL A 111 53.77 -84.14 -0.76
C VAL A 111 54.10 -84.45 0.68
N GLN A 112 53.27 -85.26 1.31
CA GLN A 112 53.18 -85.39 2.76
C GLN A 112 53.30 -86.84 3.17
N ILE A 113 53.69 -87.14 4.41
CA ILE A 113 53.73 -88.55 4.84
C ILE A 113 52.33 -89.12 4.87
N VAL A 114 51.33 -88.34 5.27
CA VAL A 114 49.90 -88.68 5.09
C VAL A 114 49.24 -87.56 4.29
N PRO A 115 48.52 -87.83 3.19
CA PRO A 115 48.18 -89.13 2.64
C PRO A 115 49.15 -89.66 1.58
N HIS A 116 50.08 -88.89 1.02
CA HIS A 116 50.81 -89.33 -0.16
C HIS A 116 51.70 -90.54 0.05
N LEU A 117 52.56 -90.56 1.07
CA LEU A 117 53.40 -91.73 1.32
C LEU A 117 52.60 -92.93 1.83
N THR A 118 51.57 -92.74 2.65
CA THR A 118 50.72 -93.87 3.05
C THR A 118 49.88 -94.42 1.92
N ASN A 119 49.54 -93.63 0.91
CA ASN A 119 49.00 -94.12 -0.35
C ASN A 119 50.06 -94.91 -1.11
N ALA A 120 51.29 -94.43 -1.21
CA ALA A 120 52.35 -95.16 -1.90
C ALA A 120 52.55 -96.58 -1.35
N ILE A 121 52.58 -96.74 -0.03
CA ILE A 121 52.71 -98.05 0.60
C ILE A 121 51.52 -98.95 0.25
N GLN A 122 50.27 -98.48 0.32
CA GLN A 122 49.11 -99.27 -0.10
C GLN A 122 49.16 -99.63 -1.58
N ASP A 123 49.54 -98.68 -2.43
CA ASP A 123 49.66 -98.91 -3.86
C ASP A 123 50.79 -99.88 -4.20
N TRP A 124 51.86 -99.97 -3.38
CA TRP A 124 52.91 -100.98 -3.50
C TRP A 124 52.43 -102.36 -3.07
N ILE A 125 51.78 -102.50 -1.92
CA ILE A 125 51.27 -103.80 -1.45
C ILE A 125 50.28 -104.38 -2.46
N GLU A 126 49.29 -103.63 -2.91
CA GLU A 126 48.34 -104.15 -3.88
C GLU A 126 48.95 -104.32 -5.27
N ARG A 127 50.02 -103.60 -5.63
CA ARG A 127 50.75 -103.84 -6.88
C ARG A 127 51.41 -105.20 -6.81
N VAL A 128 52.25 -105.41 -5.80
CA VAL A 128 53.06 -106.62 -5.66
C VAL A 128 52.21 -107.86 -5.45
N ALA A 129 51.10 -107.77 -4.74
CA ALA A 129 50.18 -108.88 -4.53
C ALA A 129 49.50 -109.41 -5.79
N LYS A 130 49.58 -108.72 -6.94
CA LYS A 130 49.16 -109.24 -8.24
C LYS A 130 50.14 -110.21 -8.89
N ILE A 131 51.44 -110.10 -8.58
CA ILE A 131 52.51 -110.81 -9.29
C ILE A 131 52.35 -112.33 -9.08
N PRO A 132 52.37 -113.17 -10.14
CA PRO A 132 52.14 -114.60 -10.06
C PRO A 132 53.41 -115.37 -9.64
N VAL A 133 53.68 -115.42 -8.34
CA VAL A 133 54.90 -116.04 -7.79
C VAL A 133 54.86 -117.58 -7.74
N ASP A 134 53.72 -118.17 -8.06
CA ASP A 134 53.34 -119.55 -7.79
C ASP A 134 53.52 -120.49 -9.00
N ASP A 135 53.29 -121.79 -8.83
CA ASP A 135 53.52 -122.84 -9.85
C ASP A 135 52.59 -122.79 -11.09
N THR A 136 51.73 -121.80 -11.20
CA THR A 136 51.04 -121.43 -12.45
C THR A 136 50.80 -119.93 -12.46
N GLY A 137 50.74 -119.34 -13.64
CA GLY A 137 50.80 -117.89 -13.86
C GLY A 137 49.60 -117.06 -13.37
N MET A 138 48.65 -117.62 -12.63
CA MET A 138 47.55 -116.86 -12.02
C MET A 138 48.01 -116.00 -10.85
N GLU A 139 47.34 -114.87 -10.67
CA GLU A 139 47.60 -114.01 -9.51
C GLU A 139 47.27 -114.72 -8.18
N PRO A 140 48.02 -114.49 -7.10
CA PRO A 140 47.77 -115.09 -5.80
C PRO A 140 46.37 -114.80 -5.23
N ASP A 141 45.85 -115.74 -4.46
CA ASP A 141 44.56 -115.62 -3.80
C ASP A 141 44.71 -114.89 -2.46
N VAL A 142 45.82 -115.17 -1.76
CA VAL A 142 46.14 -114.59 -0.46
C VAL A 142 47.57 -114.07 -0.43
N CYS A 143 47.78 -112.94 0.24
CA CYS A 143 49.11 -112.39 0.49
C CYS A 143 49.38 -112.30 2.00
N ILE A 144 50.49 -112.86 2.47
CA ILE A 144 50.93 -112.73 3.86
C ILE A 144 51.84 -111.51 3.96
N ILE A 145 51.48 -110.48 4.71
CA ILE A 145 52.27 -109.27 4.86
C ILE A 145 52.93 -109.28 6.23
N GLU A 146 54.24 -109.40 6.31
CA GLU A 146 54.93 -109.33 7.60
C GLU A 146 55.48 -107.94 7.82
N LEU A 147 55.00 -107.27 8.86
CA LEU A 147 55.46 -105.96 9.29
C LEU A 147 56.61 -106.13 10.28
N GLY A 148 57.84 -105.84 9.87
CA GLY A 148 59.00 -105.84 10.76
C GLY A 148 59.00 -104.71 11.78
N GLY A 149 60.01 -104.72 12.65
CA GLY A 149 60.09 -103.84 13.81
C GLY A 149 59.02 -104.15 14.85
N THR A 150 58.65 -103.18 15.68
CA THR A 150 57.51 -103.28 16.61
C THR A 150 56.56 -102.12 16.43
N VAL A 151 55.26 -102.37 16.58
CA VAL A 151 54.26 -101.31 16.54
C VAL A 151 54.54 -100.32 17.70
N GLY A 152 54.59 -99.03 17.41
CA GLY A 152 55.02 -97.98 18.35
C GLY A 152 56.48 -97.57 18.24
N ASP A 153 57.19 -98.12 17.25
CA ASP A 153 58.55 -97.66 16.91
C ASP A 153 58.35 -96.38 16.10
N ILE A 154 59.28 -95.40 16.12
CA ILE A 154 59.20 -94.16 15.27
C ILE A 154 59.66 -94.55 13.87
N GLU A 155 60.09 -95.75 13.61
CA GLU A 155 60.58 -96.35 12.39
C GLU A 155 59.48 -97.06 11.65
N SER A 156 58.51 -97.59 12.34
CA SER A 156 57.39 -98.40 11.88
C SER A 156 56.10 -97.62 11.77
N ALA A 157 56.10 -96.34 12.15
CA ALA A 157 54.86 -95.52 12.21
C ALA A 157 54.26 -95.30 10.81
N PRO A 158 55.01 -95.05 9.72
CA PRO A 158 54.43 -94.92 8.39
C PRO A 158 53.67 -96.14 7.89
N PHE A 159 54.12 -97.33 8.23
CA PHE A 159 53.52 -98.59 7.79
C PHE A 159 52.25 -98.96 8.53
N VAL A 160 52.15 -98.72 9.84
CA VAL A 160 50.87 -98.94 10.56
C VAL A 160 49.80 -97.93 10.15
N GLU A 161 50.16 -96.71 9.76
CA GLU A 161 49.23 -95.82 9.07
C GLU A 161 48.78 -96.41 7.73
N ALA A 162 49.72 -96.81 6.89
CA ALA A 162 49.36 -97.31 5.58
C ALA A 162 48.51 -98.57 5.65
N LEU A 163 48.84 -99.50 6.54
CA LEU A 163 48.06 -100.70 6.78
C LEU A 163 46.68 -100.34 7.37
N ARG A 164 46.53 -99.37 8.28
CA ARG A 164 45.19 -98.98 8.77
C ARG A 164 44.30 -98.55 7.62
N GLN A 165 44.78 -97.63 6.79
CA GLN A 165 44.04 -97.16 5.61
C GLN A 165 43.74 -98.34 4.66
N PHE A 166 44.67 -99.29 4.57
CA PHE A 166 44.49 -100.50 3.78
C PHE A 166 43.38 -101.41 4.29
N GLN A 167 43.01 -101.38 5.57
CA GLN A 167 41.85 -102.12 6.08
C GLN A 167 40.52 -101.63 5.49
N PHE A 168 40.53 -100.49 4.78
CA PHE A 168 39.35 -99.89 4.15
C PHE A 168 39.47 -99.89 2.63
N LYS A 169 40.67 -99.66 2.09
CA LYS A 169 40.94 -99.77 0.65
C LYS A 169 40.69 -101.21 0.17
N VAL A 170 41.18 -102.18 0.93
CA VAL A 170 40.70 -103.56 0.98
C VAL A 170 39.56 -103.62 1.99
N GLY A 171 38.56 -104.47 1.83
CA GLY A 171 37.51 -104.62 2.82
C GLY A 171 37.87 -105.44 4.07
N LYS A 172 37.17 -105.24 5.17
CA LYS A 172 37.01 -106.29 6.19
C LYS A 172 36.31 -107.49 5.54
N GLU A 173 36.55 -108.70 6.03
CA GLU A 173 36.30 -109.95 5.30
C GLU A 173 37.15 -110.12 4.02
N ASN A 174 38.16 -109.27 3.78
CA ASN A 174 39.28 -109.55 2.87
C ASN A 174 40.63 -109.37 3.56
N PHE A 175 40.75 -108.52 4.57
CA PHE A 175 41.96 -108.30 5.36
C PHE A 175 41.79 -108.86 6.79
N ALA A 176 42.82 -109.49 7.35
CA ALA A 176 42.90 -109.91 8.76
C ALA A 176 44.30 -109.72 9.34
N LEU A 177 44.43 -109.59 10.65
CA LEU A 177 45.72 -109.35 11.31
C LEU A 177 46.00 -110.36 12.42
N ILE A 178 47.21 -110.91 12.44
CA ILE A 178 47.77 -111.73 13.51
C ILE A 178 48.80 -110.87 14.25
N HIS A 179 48.64 -110.66 15.56
CA HIS A 179 49.59 -109.87 16.35
C HIS A 179 50.38 -110.80 17.23
N VAL A 180 51.70 -110.75 17.16
CA VAL A 180 52.57 -111.67 17.88
C VAL A 180 53.10 -110.97 19.11
N SER A 181 52.96 -111.51 20.31
CA SER A 181 53.18 -110.75 21.56
C SER A 181 53.81 -111.58 22.68
N LEU A 182 54.37 -110.94 23.70
CA LEU A 182 55.20 -111.60 24.70
C LEU A 182 54.41 -111.93 25.95
N VAL A 183 54.51 -113.17 26.43
CA VAL A 183 54.07 -113.55 27.78
C VAL A 183 55.33 -113.92 28.55
N PRO A 184 56.03 -112.98 29.23
CA PRO A 184 57.20 -113.33 30.01
C PRO A 184 56.77 -114.17 31.20
N VAL A 185 57.59 -115.14 31.56
CA VAL A 185 57.44 -115.93 32.77
C VAL A 185 58.51 -115.51 33.75
N ILE A 186 58.11 -114.94 34.89
CA ILE A 186 59.01 -114.65 36.01
C ILE A 186 58.39 -115.11 37.31
N HIS A 187 59.23 -115.54 38.27
CA HIS A 187 58.76 -116.22 39.49
C HIS A 187 57.83 -117.40 39.19
N GLY A 188 58.05 -118.06 38.05
CA GLY A 188 57.21 -119.16 37.56
C GLY A 188 55.76 -118.78 37.17
N GLU A 189 55.43 -117.50 36.99
CA GLU A 189 54.10 -117.05 36.55
C GLU A 189 54.12 -116.34 35.19
N GLN A 190 53.23 -116.75 34.28
CA GLN A 190 52.96 -116.09 32.99
C GLN A 190 52.28 -114.73 33.15
N LYS A 191 52.99 -113.62 32.89
CA LYS A 191 52.44 -112.27 33.03
C LYS A 191 51.82 -111.80 31.73
N THR A 192 50.58 -111.31 31.74
CA THR A 192 49.88 -110.86 30.53
C THR A 192 50.15 -109.42 30.15
N LYS A 193 50.64 -108.58 31.07
CA LYS A 193 50.65 -107.12 30.88
C LYS A 193 51.43 -106.60 29.68
N PRO A 194 52.56 -107.17 29.22
CA PRO A 194 53.18 -106.68 27.99
C PRO A 194 52.29 -106.84 26.78
N THR A 195 51.46 -107.89 26.72
CA THR A 195 50.42 -108.02 25.67
C THR A 195 49.32 -106.97 25.82
N GLN A 196 48.88 -106.62 27.03
CA GLN A 196 47.91 -105.54 27.22
C GLN A 196 48.46 -104.19 26.76
N ALA A 197 49.65 -103.78 27.19
CA ALA A 197 50.29 -102.53 26.78
C ALA A 197 50.61 -102.47 25.28
N ALA A 198 51.02 -103.56 24.63
CA ALA A 198 51.24 -103.60 23.18
C ALA A 198 49.96 -103.68 22.36
N ILE A 199 48.85 -104.18 22.90
CA ILE A 199 47.55 -104.14 22.25
C ILE A 199 46.91 -102.76 22.40
N LYS A 200 47.08 -102.11 23.55
CA LYS A 200 46.79 -100.68 23.71
C LYS A 200 47.53 -99.85 22.66
N GLY A 201 48.83 -100.08 22.48
CA GLY A 201 49.59 -99.48 21.37
C GLY A 201 48.98 -99.78 20.01
N LEU A 202 48.66 -101.04 19.71
CA LEU A 202 48.10 -101.43 18.42
C LEU A 202 46.79 -100.71 18.12
N ARG A 203 45.81 -100.72 19.03
CA ARG A 203 44.53 -100.05 18.79
C ARG A 203 44.68 -98.53 18.69
N SER A 204 45.68 -97.93 19.34
CA SER A 204 45.95 -96.50 19.19
C SER A 204 46.20 -96.12 17.74
N LEU A 205 47.01 -96.89 17.02
CA LEU A 205 47.31 -96.69 15.60
C LEU A 205 46.21 -97.23 14.65
N GLY A 206 45.31 -98.05 15.17
CA GLY A 206 43.96 -98.28 14.61
C GLY A 206 43.73 -99.65 13.98
N LEU A 207 44.77 -100.46 13.91
CA LEU A 207 44.67 -101.87 13.55
C LEU A 207 44.00 -102.63 14.69
N VAL A 208 43.20 -103.66 14.39
CA VAL A 208 42.60 -104.55 15.39
C VAL A 208 42.98 -105.99 15.09
N PRO A 209 43.48 -106.77 16.07
CA PRO A 209 43.96 -108.11 15.83
C PRO A 209 42.81 -109.08 15.78
N ASP A 210 42.77 -109.90 14.74
CA ASP A 210 41.84 -111.01 14.61
C ASP A 210 42.36 -112.27 15.30
N MET A 211 43.67 -112.32 15.54
CA MET A 211 44.33 -113.29 16.39
C MET A 211 45.43 -112.63 17.20
N ILE A 212 45.73 -113.19 18.36
CA ILE A 212 46.96 -112.93 19.07
C ILE A 212 47.76 -114.22 19.07
N ALA A 213 49.08 -114.16 18.93
CA ALA A 213 49.94 -115.31 19.00
C ALA A 213 51.10 -115.08 19.98
N CYS A 214 51.27 -115.93 20.97
CA CYS A 214 52.22 -115.61 22.04
C CYS A 214 53.58 -116.31 21.91
N ARG A 215 54.65 -115.54 21.99
CA ARG A 215 55.95 -116.04 22.43
C ARG A 215 55.86 -116.27 23.92
N CYS A 216 56.06 -117.50 24.35
CA CYS A 216 56.08 -117.85 25.75
C CYS A 216 57.07 -119.00 25.98
N SER A 217 57.71 -119.04 27.14
CA SER A 217 58.59 -120.14 27.55
C SER A 217 57.83 -121.44 27.82
N GLU A 218 56.50 -121.41 27.87
CA GLU A 218 55.64 -122.51 28.33
C GLU A 218 54.43 -122.74 27.41
N THR A 219 53.68 -123.80 27.63
CA THR A 219 52.28 -123.81 27.17
C THR A 219 51.51 -122.75 27.96
N LEU A 220 50.81 -121.82 27.30
CA LEU A 220 49.96 -120.86 27.99
C LEU A 220 48.97 -121.57 28.91
N ASP A 221 48.88 -121.14 30.16
CA ASP A 221 47.84 -121.59 31.06
C ASP A 221 46.46 -121.17 30.55
N LYS A 222 45.46 -122.01 30.80
CA LYS A 222 44.05 -121.70 30.55
C LYS A 222 43.63 -120.31 31.06
N PRO A 223 43.98 -119.87 32.30
CA PRO A 223 43.76 -118.50 32.73
C PRO A 223 44.54 -117.43 31.96
N THR A 224 45.74 -117.70 31.45
CA THR A 224 46.49 -116.71 30.66
C THR A 224 45.79 -116.41 29.35
N ILE A 225 45.29 -117.42 28.65
CA ILE A 225 44.45 -117.24 27.47
C ILE A 225 43.20 -116.42 27.80
N ASP A 226 42.52 -116.72 28.90
CA ASP A 226 41.34 -115.96 29.31
C ASP A 226 41.67 -114.51 29.66
N LYS A 227 42.78 -114.24 30.35
CA LYS A 227 43.17 -112.88 30.73
C LYS A 227 43.77 -112.07 29.58
N ILE A 228 44.25 -112.68 28.49
CA ILE A 228 44.50 -111.98 27.22
C ILE A 228 43.19 -111.72 26.48
N ALA A 229 42.32 -112.71 26.30
CA ALA A 229 41.06 -112.51 25.58
C ALA A 229 40.06 -111.57 26.28
N MET A 230 40.12 -111.42 27.61
CA MET A 230 39.37 -110.41 28.36
C MET A 230 39.87 -108.98 28.13
N PHE A 231 41.02 -108.81 27.45
CA PHE A 231 41.69 -107.53 27.23
C PHE A 231 41.91 -107.19 25.76
N CYS A 232 41.48 -108.04 24.84
CA CYS A 232 41.60 -107.90 23.40
C CYS A 232 40.33 -108.39 22.70
N HIS A 233 40.09 -107.98 21.47
CA HIS A 233 38.83 -108.26 20.78
C HIS A 233 38.80 -109.63 20.05
N VAL A 234 39.38 -110.65 20.68
CA VAL A 234 39.54 -112.02 20.16
C VAL A 234 38.81 -113.02 21.06
N GLY A 235 38.25 -114.10 20.53
CA GLY A 235 37.78 -115.19 21.36
C GLY A 235 38.95 -115.92 22.01
N PRO A 236 38.75 -116.70 23.08
CA PRO A 236 39.84 -117.43 23.73
C PRO A 236 40.49 -118.49 22.80
N GLU A 237 39.78 -118.94 21.78
CA GLU A 237 40.27 -119.88 20.76
C GLU A 237 41.18 -119.24 19.68
N GLN A 238 41.31 -117.91 19.64
CA GLN A 238 42.24 -117.17 18.77
C GLN A 238 43.43 -116.55 19.53
N VAL A 239 43.70 -116.98 20.76
CA VAL A 239 45.00 -116.74 21.39
C VAL A 239 45.90 -117.96 21.09
N VAL A 240 46.54 -117.94 19.94
CA VAL A 240 47.47 -118.96 19.43
C VAL A 240 48.75 -118.96 20.25
N ASN A 241 49.47 -120.07 20.28
CA ASN A 241 50.70 -120.21 21.05
C ASN A 241 51.75 -121.07 20.35
N VAL A 242 52.81 -120.44 19.85
CA VAL A 242 53.96 -121.12 19.24
C VAL A 242 54.95 -121.53 20.33
N HIS A 243 54.65 -122.61 21.06
CA HIS A 243 55.50 -123.14 22.11
C HIS A 243 56.68 -123.97 21.57
N ASP A 244 57.57 -124.42 22.45
CA ASP A 244 58.63 -125.36 22.10
C ASP A 244 58.10 -126.61 21.38
N VAL A 245 58.69 -126.97 20.25
CA VAL A 245 58.35 -128.11 19.40
C VAL A 245 59.60 -128.82 18.91
N ASN A 246 59.48 -130.06 18.44
CA ASN A 246 60.63 -130.89 18.11
C ASN A 246 61.55 -130.25 17.06
N SER A 247 60.93 -129.57 16.08
CA SER A 247 61.59 -128.70 15.12
C SER A 247 60.64 -127.63 14.61
N THR A 248 61.21 -126.55 14.08
CA THR A 248 60.50 -125.41 13.51
C THR A 248 59.40 -125.80 12.53
N TYR A 249 59.61 -126.79 11.68
CA TYR A 249 58.62 -127.21 10.70
C TYR A 249 57.40 -127.91 11.32
N HIS A 250 57.44 -128.33 12.59
CA HIS A 250 56.23 -128.75 13.29
C HIS A 250 55.29 -127.57 13.54
N VAL A 251 55.80 -126.35 13.58
CA VAL A 251 55.00 -125.15 13.84
C VAL A 251 53.77 -125.03 12.94
N PRO A 252 53.81 -125.17 11.62
CA PRO A 252 52.57 -125.11 10.84
C PRO A 252 51.55 -126.17 11.28
N LEU A 253 51.99 -127.38 11.59
CA LEU A 253 51.06 -128.38 12.10
C LEU A 253 50.58 -128.00 13.50
N LEU A 254 51.44 -127.43 14.33
CA LEU A 254 51.04 -126.84 15.61
C LEU A 254 49.93 -125.79 15.42
N LEU A 255 50.08 -124.85 14.48
CA LEU A 255 49.08 -123.84 14.18
C LEU A 255 47.78 -124.49 13.71
N LEU A 256 47.86 -125.47 12.82
CA LEU A 256 46.72 -126.26 12.37
C LEU A 256 46.02 -126.95 13.55
N GLU A 257 46.77 -127.58 14.44
CA GLU A 257 46.24 -128.29 15.60
C GLU A 257 45.53 -127.36 16.58
N GLN A 258 46.05 -126.14 16.72
CA GLN A 258 45.43 -125.04 17.48
C GLN A 258 44.24 -124.39 16.74
N LYS A 259 43.70 -125.03 15.70
CA LYS A 259 42.55 -124.56 14.90
C LYS A 259 42.74 -123.17 14.33
N MET A 260 43.98 -122.79 14.03
CA MET A 260 44.30 -121.46 13.53
C MET A 260 43.63 -121.22 12.16
N ILE A 261 43.73 -122.17 11.25
CA ILE A 261 43.11 -122.06 9.91
C ILE A 261 41.60 -122.23 9.92
N ASP A 262 41.05 -123.04 10.81
CA ASP A 262 39.60 -123.21 10.90
C ASP A 262 38.89 -121.90 11.27
N TYR A 263 39.59 -120.95 11.88
CA TYR A 263 39.16 -119.57 11.99
C TYR A 263 39.43 -118.77 10.72
N LEU A 264 40.65 -118.73 10.18
CA LEU A 264 40.96 -117.91 8.98
C LEU A 264 40.08 -118.27 7.78
N HIS A 265 39.72 -119.53 7.61
CA HIS A 265 38.73 -119.97 6.63
C HIS A 265 37.42 -119.18 6.71
N ALA A 266 36.88 -118.98 7.91
CA ALA A 266 35.66 -118.20 8.15
C ALA A 266 35.93 -116.69 8.13
N ARG A 267 36.99 -116.24 8.81
CA ARG A 267 37.33 -114.81 8.98
C ARG A 267 37.71 -114.11 7.68
N LEU A 268 38.31 -114.85 6.76
CA LEU A 268 38.61 -114.37 5.43
C LEU A 268 37.72 -115.03 4.38
N LYS A 269 36.74 -115.81 4.78
CA LYS A 269 35.70 -116.33 3.90
C LYS A 269 36.30 -117.04 2.69
N LEU A 270 37.19 -117.99 2.99
CA LEU A 270 38.05 -118.67 2.04
C LEU A 270 37.31 -119.79 1.29
N ASP A 271 36.16 -120.18 1.81
CA ASP A 271 35.12 -120.92 1.10
C ASP A 271 34.66 -120.20 -0.17
N GLU A 272 34.79 -118.87 -0.27
CA GLU A 272 34.53 -118.15 -1.51
C GLU A 272 35.57 -118.44 -2.61
N ILE A 273 36.74 -118.99 -2.26
CA ILE A 273 37.74 -119.39 -3.25
C ILE A 273 37.38 -120.76 -3.83
N SER A 274 36.62 -120.75 -4.93
CA SER A 274 36.18 -121.94 -5.68
C SER A 274 37.31 -122.54 -6.52
N LEU A 275 38.28 -123.18 -5.86
CA LEU A 275 39.43 -123.85 -6.48
C LEU A 275 39.02 -124.93 -7.49
N THR A 276 39.81 -125.16 -8.53
CA THR A 276 39.65 -126.37 -9.34
C THR A 276 40.00 -127.62 -8.50
N GLU A 277 39.52 -128.78 -8.91
CA GLU A 277 39.87 -130.05 -8.26
C GLU A 277 41.31 -130.49 -8.53
N GLU A 278 42.05 -129.78 -9.40
CA GLU A 278 43.52 -129.84 -9.44
C GLU A 278 44.19 -128.87 -8.45
N GLU A 279 43.45 -127.91 -7.91
CA GLU A 279 43.87 -127.04 -6.84
C GLU A 279 43.32 -127.55 -5.53
N GLU A 280 43.50 -130.50 -5.93
CA GLU A 280 44.59 -131.44 -5.76
C GLU A 280 45.87 -130.78 -5.22
N LEU A 281 46.11 -129.50 -5.51
CA LEU A 281 47.20 -128.76 -4.87
C LEU A 281 47.06 -128.79 -3.35
N LEU A 282 45.83 -128.68 -2.85
CA LEU A 282 45.44 -128.96 -1.48
C LEU A 282 45.93 -130.33 -1.04
N SER A 283 45.60 -131.36 -1.80
CA SER A 283 45.89 -132.76 -1.49
C SER A 283 47.40 -133.02 -1.48
N LYS A 284 48.09 -132.54 -2.51
CA LYS A 284 49.54 -132.57 -2.64
C LYS A 284 50.18 -131.85 -1.48
N TRP A 285 49.69 -130.67 -1.11
CA TRP A 285 50.25 -129.95 0.02
C TRP A 285 50.00 -130.67 1.34
N LYS A 286 48.80 -131.20 1.56
CA LYS A 286 48.45 -132.00 2.73
C LYS A 286 49.35 -133.23 2.82
N ALA A 287 49.55 -133.91 1.69
CA ALA A 287 50.57 -134.94 1.61
C ALA A 287 51.91 -134.37 2.05
N THR A 288 52.43 -133.31 1.43
CA THR A 288 53.74 -132.76 1.82
C THR A 288 53.84 -132.25 3.25
N THR A 289 52.73 -131.83 3.84
CA THR A 289 52.66 -131.44 5.24
C THR A 289 52.98 -132.64 6.10
N GLY A 290 52.31 -133.75 5.81
CA GLY A 290 52.67 -135.05 6.32
C GLY A 290 54.10 -135.43 5.94
N ASN A 291 54.51 -135.28 4.68
CA ASN A 291 55.79 -135.80 4.22
C ASN A 291 56.96 -135.02 4.82
N PHE A 292 56.78 -133.75 5.15
CA PHE A 292 57.65 -133.07 6.09
C PHE A 292 57.56 -133.77 7.47
N ASP A 293 56.38 -133.76 8.07
CA ASP A 293 56.18 -134.05 9.49
C ASP A 293 56.53 -135.48 9.91
N GLU A 294 56.33 -136.43 9.01
CA GLU A 294 56.54 -137.87 9.20
C GLU A 294 58.03 -138.21 9.33
N THR A 295 72.08 -140.54 14.33
CA THR A 295 72.68 -139.21 14.10
C THR A 295 73.72 -139.17 12.98
N VAL A 296 73.79 -138.07 12.24
CA VAL A 296 74.91 -137.66 11.39
C VAL A 296 75.55 -136.41 11.99
N LYS A 297 76.85 -136.42 12.27
CA LYS A 297 77.57 -135.27 12.87
C LYS A 297 78.32 -134.53 11.76
N ILE A 298 78.10 -133.23 11.55
CA ILE A 298 78.78 -132.44 10.50
C ILE A 298 79.51 -131.27 11.13
N ALA A 299 80.79 -131.07 10.86
CA ALA A 299 81.48 -129.86 11.29
C ALA A 299 81.28 -128.78 10.25
N LEU A 300 80.66 -127.68 10.62
CA LEU A 300 80.57 -126.49 9.77
C LEU A 300 81.66 -125.52 10.24
N VAL A 301 82.63 -125.26 9.38
CA VAL A 301 83.87 -124.58 9.71
C VAL A 301 83.93 -123.25 8.98
N GLY A 302 83.92 -122.13 9.69
CA GLY A 302 83.95 -120.82 9.05
C GLY A 302 84.29 -119.70 10.00
N LYS A 303 84.26 -118.45 9.51
CA LYS A 303 84.42 -117.24 10.33
C LYS A 303 83.20 -116.98 11.23
N TYR A 304 83.43 -116.61 12.48
CA TYR A 304 82.42 -116.07 13.40
C TYR A 304 81.15 -116.93 13.47
N THR A 305 81.31 -118.25 13.52
CA THR A 305 80.19 -119.19 13.70
C THR A 305 79.36 -118.97 14.96
N ASN A 306 79.84 -118.16 15.91
CA ASN A 306 79.06 -117.65 17.04
C ASN A 306 77.79 -116.92 16.59
N LEU A 307 77.88 -116.27 15.44
CA LEU A 307 76.84 -115.49 14.78
C LEU A 307 75.95 -116.41 13.95
N LYS A 308 75.17 -117.26 14.62
CA LYS A 308 74.54 -118.42 13.97
C LYS A 308 73.49 -118.07 12.89
N ASP A 309 72.83 -116.92 12.97
CA ASP A 309 71.94 -116.51 11.88
C ASP A 309 72.68 -116.25 10.56
N SER A 310 73.98 -115.93 10.61
CA SER A 310 74.78 -115.67 9.42
C SER A 310 74.95 -116.91 8.52
N TYR A 311 74.64 -118.09 9.04
CA TYR A 311 74.73 -119.34 8.31
C TYR A 311 73.37 -120.02 8.16
N LEU A 312 72.28 -119.30 8.40
CA LEU A 312 70.94 -119.88 8.48
C LEU A 312 70.56 -120.74 7.28
N SER A 313 70.75 -120.24 6.05
CA SER A 313 70.37 -121.01 4.86
C SER A 313 71.09 -122.33 4.80
N VAL A 314 72.38 -122.32 5.17
CA VAL A 314 73.21 -123.50 5.25
C VAL A 314 72.59 -124.49 6.23
N ILE A 315 72.18 -124.00 7.40
CA ILE A 315 71.53 -124.88 8.38
C ILE A 315 70.27 -125.48 7.79
N LYS A 316 69.40 -124.66 7.21
CA LYS A 316 68.13 -125.16 6.69
C LYS A 316 68.34 -126.17 5.57
N ALA A 317 69.30 -125.92 4.69
CA ALA A 317 69.63 -126.87 3.64
C ALA A 317 70.06 -128.24 4.19
N LEU A 318 70.91 -128.25 5.23
CA LEU A 318 71.27 -129.49 5.91
C LEU A 318 70.07 -130.17 6.56
N GLU A 319 69.12 -129.42 7.13
CA GLU A 319 67.90 -129.97 7.70
C GLU A 319 67.03 -130.64 6.63
N HIS A 320 66.80 -129.98 5.50
CA HIS A 320 65.94 -130.53 4.44
C HIS A 320 66.45 -131.88 3.97
N SER A 321 67.75 -131.94 3.72
CA SER A 321 68.44 -133.14 3.28
C SER A 321 68.46 -134.22 4.34
N SER A 322 68.68 -133.88 5.61
CA SER A 322 68.71 -134.86 6.70
C SER A 322 67.38 -135.59 6.89
N MET A 323 66.26 -134.91 6.66
CA MET A 323 64.95 -135.56 6.68
C MET A 323 64.82 -136.63 5.57
N LYS A 324 65.39 -136.41 4.38
CA LYS A 324 65.39 -137.42 3.31
C LYS A 324 66.22 -138.66 3.68
N CYS A 325 67.40 -138.47 4.27
CA CYS A 325 68.22 -139.56 4.81
C CYS A 325 67.69 -140.23 6.09
N ARG A 326 66.56 -139.72 6.61
CA ARG A 326 65.90 -140.12 7.86
C ARG A 326 66.82 -140.10 9.08
N ARG A 327 67.90 -139.29 9.05
CA ARG A 327 68.95 -139.23 10.09
C ARG A 327 68.96 -137.89 10.79
N LYS A 328 69.22 -137.90 12.08
CA LYS A 328 69.20 -136.73 12.95
C LYS A 328 70.44 -135.89 12.71
N LEU A 329 70.28 -134.60 12.48
CA LEU A 329 71.39 -133.69 12.17
C LEU A 329 71.99 -133.11 13.43
N ASP A 330 73.32 -133.16 13.54
CA ASP A 330 74.06 -132.56 14.63
C ASP A 330 75.21 -131.69 14.09
N ILE A 331 74.94 -130.41 13.83
CA ILE A 331 75.96 -129.49 13.35
C ILE A 331 76.90 -129.14 14.51
N LYS A 332 78.20 -129.42 14.36
CA LYS A 332 79.24 -128.86 15.23
C LYS A 332 79.67 -127.52 14.64
N TRP A 333 79.58 -126.46 15.42
CA TRP A 333 80.02 -125.13 15.04
C TRP A 333 81.49 -124.93 15.39
N VAL A 334 82.34 -124.76 14.38
CA VAL A 334 83.78 -124.53 14.55
C VAL A 334 84.14 -123.12 14.09
N GLU A 335 84.76 -122.32 14.94
CA GLU A 335 85.42 -121.11 14.46
C GLU A 335 86.68 -121.53 13.70
N ALA A 336 86.77 -121.19 12.43
CA ALA A 336 87.89 -121.58 11.58
C ALA A 336 89.23 -121.12 12.14
N THR A 337 89.31 -119.92 12.70
CA THR A 337 90.57 -119.41 13.25
C THR A 337 91.08 -120.20 14.46
N ASP A 338 90.21 -120.90 15.20
CA ASP A 338 90.65 -121.73 16.32
C ASP A 338 91.35 -123.02 15.89
N LEU A 339 91.31 -123.39 14.61
CA LEU A 339 92.07 -124.52 14.09
C LEU A 339 93.54 -124.17 13.85
N GLU A 340 93.90 -122.89 13.80
CA GLU A 340 95.22 -122.46 13.33
C GLU A 340 96.36 -122.90 14.28
N PRO A 341 97.56 -123.24 13.77
CA PRO A 341 98.74 -123.51 14.58
C PRO A 341 99.14 -122.38 15.54
N GLU A 342 98.78 -121.13 15.22
CA GLU A 342 98.97 -119.97 16.09
C GLU A 342 98.00 -119.96 17.28
N ALA A 343 96.77 -120.44 17.10
CA ALA A 343 95.78 -120.45 18.16
C ALA A 343 96.22 -121.34 19.34
N GLN A 344 97.07 -122.35 19.09
CA GLN A 344 97.56 -123.28 20.11
C GLN A 344 98.34 -122.59 21.24
N GLU A 345 99.12 -121.55 20.97
CA GLU A 345 99.75 -120.76 22.04
C GLU A 345 98.87 -119.62 22.54
N SER A 346 98.02 -119.06 21.67
CA SER A 346 97.20 -117.89 21.99
C SER A 346 96.01 -118.22 22.90
N ASN A 347 95.27 -119.28 22.61
CA ASN A 347 94.01 -119.64 23.25
C ASN A 347 93.79 -121.16 23.23
N LYS A 348 94.73 -121.91 23.83
CA LYS A 348 94.86 -123.36 23.68
C LYS A 348 93.56 -124.14 23.90
N THR A 349 92.76 -123.77 24.90
CA THR A 349 91.55 -124.51 25.27
C THR A 349 90.55 -124.60 24.12
N LYS A 350 90.26 -123.46 23.50
CA LYS A 350 89.31 -123.41 22.37
C LYS A 350 89.85 -124.10 21.13
N PHE A 351 91.16 -124.07 20.93
CA PHE A 351 91.83 -124.80 19.86
C PHE A 351 91.62 -126.32 19.97
N HIS A 352 91.70 -126.90 21.16
CA HIS A 352 91.36 -128.33 21.36
C HIS A 352 89.89 -128.59 21.12
N GLU A 353 88.97 -127.73 21.56
CA GLU A 353 87.55 -127.91 21.29
C GLU A 353 87.26 -127.91 19.78
N ALA A 354 87.88 -126.99 19.04
CA ALA A 354 87.75 -126.91 17.59
C ALA A 354 88.25 -128.18 16.90
N TRP A 355 89.43 -128.66 17.28
CA TRP A 355 89.99 -129.86 16.67
C TRP A 355 89.26 -131.13 17.05
N ASN A 356 88.72 -131.24 18.27
CA ASN A 356 87.86 -132.38 18.60
C ASN A 356 86.63 -132.43 17.69
N MET A 357 85.99 -131.29 17.43
CA MET A 357 84.83 -131.25 16.53
C MET A 357 85.23 -131.72 15.14
N VAL A 358 86.32 -131.19 14.57
CA VAL A 358 86.80 -131.60 13.23
C VAL A 358 87.10 -133.10 13.17
N SER A 359 87.74 -133.64 14.20
CA SER A 359 88.09 -135.06 14.31
C SER A 359 86.91 -135.98 14.53
N THR A 360 85.85 -135.51 15.17
CA THR A 360 84.64 -136.29 15.46
C THR A 360 83.74 -136.41 14.23
N ALA A 361 83.64 -135.37 13.42
CA ALA A 361 82.57 -135.23 12.45
C ALA A 361 82.57 -136.29 11.35
N ASP A 362 81.39 -136.75 10.95
CA ASP A 362 81.16 -137.65 9.83
C ASP A 362 81.23 -136.94 8.48
N GLY A 363 81.20 -135.62 8.46
CA GLY A 363 81.37 -134.81 7.28
C GLY A 363 81.92 -133.43 7.61
N ILE A 364 82.59 -132.78 6.68
CA ILE A 364 83.09 -131.42 6.83
C ILE A 364 82.39 -130.51 5.81
N LEU A 365 82.14 -129.27 6.21
CA LEU A 365 81.43 -128.28 5.43
C LEU A 365 82.10 -126.94 5.61
N ILE A 366 82.60 -126.36 4.54
CA ILE A 366 83.14 -125.01 4.52
C ILE A 366 82.09 -124.13 3.83
N PRO A 367 81.44 -123.18 4.51
CA PRO A 367 80.10 -122.75 4.16
C PRO A 367 80.01 -121.57 3.17
N GLY A 368 81.14 -121.05 2.67
CA GLY A 368 81.14 -119.80 1.88
C GLY A 368 81.18 -118.53 2.73
N GLY A 369 82.15 -118.46 3.65
CA GLY A 369 82.32 -117.35 4.60
C GLY A 369 82.61 -115.97 3.98
N PHE A 370 82.58 -114.95 4.83
CA PHE A 370 82.76 -113.55 4.49
C PHE A 370 84.17 -113.09 4.89
N GLY A 371 84.90 -112.50 3.95
CA GLY A 371 86.26 -112.00 4.19
C GLY A 371 87.31 -113.07 4.42
N VAL A 372 88.57 -112.66 4.66
CA VAL A 372 89.74 -113.57 4.61
C VAL A 372 90.07 -114.28 5.92
N ARG A 373 89.68 -113.75 7.08
CA ARG A 373 90.22 -114.11 8.41
C ARG A 373 90.32 -115.62 8.67
N GLY A 374 89.26 -116.37 8.44
CA GLY A 374 89.20 -117.81 8.75
C GLY A 374 90.04 -118.72 7.84
N THR A 375 90.60 -118.20 6.75
CA THR A 375 91.13 -119.01 5.65
C THR A 375 92.14 -120.06 6.12
N GLU A 376 93.08 -119.70 6.97
CA GLU A 376 94.18 -120.61 7.33
C GLU A 376 93.69 -121.88 8.02
N GLY A 377 92.70 -121.78 8.89
CA GLY A 377 92.09 -122.96 9.49
C GLY A 377 91.23 -123.75 8.53
N MET A 378 90.47 -123.08 7.67
CA MET A 378 89.65 -123.74 6.65
C MET A 378 90.48 -124.56 5.67
N VAL A 379 91.72 -124.18 5.40
CA VAL A 379 92.68 -124.99 4.64
C VAL A 379 92.94 -126.33 5.32
N LEU A 380 93.26 -126.32 6.61
CA LEU A 380 93.54 -127.52 7.40
C LEU A 380 92.29 -128.42 7.56
N ALA A 381 91.09 -127.86 7.63
CA ALA A 381 89.86 -128.64 7.56
C ALA A 381 89.65 -129.30 6.19
N ALA A 382 90.00 -128.65 5.09
CA ALA A 382 89.91 -129.25 3.76
C ALA A 382 90.95 -130.37 3.56
N ARG A 383 92.17 -130.20 4.09
CA ARG A 383 93.27 -131.18 4.11
C ARG A 383 92.88 -132.41 4.90
N TRP A 384 92.26 -132.22 6.05
CA TRP A 384 91.75 -133.29 6.88
C TRP A 384 90.77 -134.20 6.17
N ALA A 385 89.89 -133.65 5.33
CA ALA A 385 88.94 -134.42 4.53
C ALA A 385 89.47 -134.89 3.17
N ARG A 386 90.51 -134.27 2.61
CA ARG A 386 91.15 -134.79 1.41
C ARG A 386 91.88 -136.08 1.72
N GLU A 387 92.71 -136.07 2.76
CA GLU A 387 93.64 -137.16 3.04
C GLU A 387 92.94 -138.38 3.64
N ASN A 388 92.35 -138.20 4.82
CA ASN A 388 91.43 -139.15 5.41
C ASN A 388 90.11 -139.05 4.64
N HIS A 389 89.47 -140.13 4.20
CA HIS A 389 88.30 -140.09 3.30
C HIS A 389 86.97 -139.60 3.94
N ILE A 390 86.98 -138.50 4.68
CA ILE A 390 85.81 -137.82 5.24
C ILE A 390 84.98 -137.16 4.12
N PRO A 391 83.66 -137.31 4.04
CA PRO A 391 82.81 -136.53 3.15
C PRO A 391 82.94 -135.02 3.35
N PHE A 392 82.91 -134.25 2.27
CA PHE A 392 83.15 -132.80 2.28
C PHE A 392 82.26 -132.07 1.29
N LEU A 393 81.81 -130.86 1.68
CA LEU A 393 81.29 -129.87 0.75
C LEU A 393 81.94 -128.49 0.99
N GLY A 394 82.47 -127.90 -0.07
CA GLY A 394 82.93 -126.51 -0.08
C GLY A 394 81.95 -125.62 -0.84
N VAL A 395 81.42 -124.58 -0.21
CA VAL A 395 80.52 -123.63 -0.88
C VAL A 395 81.23 -122.30 -1.08
N CYS A 396 81.24 -121.77 -2.30
CA CYS A 396 81.88 -120.53 -2.69
C CYS A 396 83.35 -120.41 -2.21
N LEU A 397 83.64 -119.66 -1.15
CA LEU A 397 84.95 -119.64 -0.49
C LEU A 397 85.44 -121.06 -0.10
N GLY A 398 84.53 -122.00 0.12
CA GLY A 398 84.87 -123.40 0.30
C GLY A 398 85.43 -124.04 -0.96
N LEU A 399 84.93 -123.74 -2.16
CA LEU A 399 85.58 -124.22 -3.40
C LEU A 399 86.95 -123.59 -3.56
N GLN A 400 87.03 -122.29 -3.28
CA GLN A 400 88.29 -121.55 -3.28
C GLN A 400 89.30 -122.22 -2.35
N ILE A 401 88.89 -122.58 -1.14
CA ILE A 401 89.76 -123.24 -0.17
C ILE A 401 90.01 -124.72 -0.46
N ALA A 402 89.08 -125.44 -1.07
CA ALA A 402 89.35 -126.76 -1.62
C ALA A 402 90.45 -126.70 -2.69
N THR A 403 90.45 -125.66 -3.53
CA THR A 403 91.46 -125.50 -4.57
C THR A 403 92.78 -124.97 -4.02
N ILE A 404 92.78 -124.00 -3.12
CA ILE A 404 93.98 -123.57 -2.41
C ILE A 404 94.61 -124.75 -1.69
N GLU A 405 93.85 -125.61 -1.01
CA GLU A 405 94.43 -126.74 -0.27
C GLU A 405 95.02 -127.77 -1.24
N PHE A 406 94.27 -128.21 -2.24
CA PHE A 406 94.76 -129.16 -3.21
C PHE A 406 96.01 -128.64 -3.94
N THR A 407 96.08 -127.35 -4.24
CA THR A 407 97.31 -126.69 -4.71
C THR A 407 98.41 -126.79 -3.67
N ARG A 408 98.16 -126.34 -2.44
CA ARG A 408 99.12 -126.22 -1.32
C ARG A 408 99.65 -127.57 -0.79
N SER A 409 99.06 -128.69 -1.16
CA SER A 409 99.43 -130.01 -0.63
C SER A 409 99.63 -131.11 -1.68
N VAL A 410 98.95 -131.05 -2.81
CA VAL A 410 99.09 -132.04 -3.89
C VAL A 410 100.08 -131.56 -4.95
N LEU A 411 100.07 -130.27 -5.31
CA LEU A 411 101.05 -129.67 -6.23
C LEU A 411 102.31 -129.11 -5.55
N GLY A 412 102.45 -129.25 -4.24
CA GLY A 412 103.42 -128.48 -3.46
C GLY A 412 102.97 -127.02 -3.30
N ARG A 413 103.63 -126.07 -3.98
CA ARG A 413 103.24 -124.66 -4.14
C ARG A 413 102.78 -123.97 -2.83
N LYS A 414 103.54 -124.15 -1.74
CA LYS A 414 103.15 -123.75 -0.37
C LYS A 414 102.87 -122.25 -0.18
N ASP A 415 103.37 -121.40 -1.07
CA ASP A 415 103.11 -119.95 -1.08
C ASP A 415 101.73 -119.55 -1.64
N SER A 416 100.99 -120.45 -2.28
CA SER A 416 99.72 -120.09 -2.95
C SER A 416 98.61 -119.67 -1.98
N HIS A 417 97.76 -118.74 -2.41
CA HIS A 417 96.80 -118.02 -1.58
C HIS A 417 95.67 -117.47 -2.45
N SER A 418 94.57 -117.02 -1.84
CA SER A 418 93.51 -116.27 -2.53
C SER A 418 94.05 -114.99 -3.20
N ALA A 419 93.40 -114.56 -4.29
CA ALA A 419 93.68 -113.27 -4.93
C ALA A 419 93.54 -112.07 -3.98
N GLU A 420 92.86 -112.25 -2.85
CA GLU A 420 92.81 -111.29 -1.76
C GLU A 420 94.20 -110.82 -1.28
N PHE A 421 95.22 -111.69 -1.25
CA PHE A 421 96.62 -111.33 -0.98
C PHE A 421 97.29 -110.81 -2.26
N TYR A 422 96.74 -109.71 -2.76
CA TYR A 422 97.04 -109.12 -4.07
C TYR A 422 98.54 -108.96 -4.41
N PRO A 423 99.40 -108.39 -3.54
CA PRO A 423 100.78 -108.05 -3.94
C PRO A 423 101.76 -109.24 -4.06
N ASP A 424 101.33 -110.47 -3.76
CA ASP A 424 102.13 -111.67 -4.09
C ASP A 424 102.16 -111.97 -5.60
N ILE A 425 101.13 -111.54 -6.34
CA ILE A 425 100.97 -111.64 -7.80
C ILE A 425 101.12 -113.07 -8.37
N ASP A 426 102.34 -113.60 -8.50
CA ASP A 426 102.64 -114.83 -9.23
C ASP A 426 101.96 -116.08 -8.66
N GLU A 427 101.69 -116.10 -7.35
CA GLU A 427 101.13 -117.25 -6.62
C GLU A 427 99.63 -117.10 -6.24
N LYS A 428 98.94 -116.09 -6.77
CA LYS A 428 97.49 -115.93 -6.60
C LYS A 428 96.76 -117.12 -7.24
N ASN A 429 95.97 -117.84 -6.44
CA ASN A 429 95.20 -119.00 -6.87
C ASN A 429 93.93 -118.65 -7.66
N HIS A 430 93.54 -117.36 -7.68
CA HIS A 430 92.28 -116.86 -8.23
C HIS A 430 92.47 -115.64 -9.13
N VAL A 431 91.44 -115.25 -9.88
CA VAL A 431 91.38 -114.06 -10.72
C VAL A 431 90.07 -113.31 -10.51
N VAL A 432 90.12 -111.98 -10.57
CA VAL A 432 88.95 -111.10 -10.53
C VAL A 432 88.03 -111.36 -11.73
N VAL A 433 86.73 -111.35 -11.47
CA VAL A 433 85.68 -111.44 -12.50
C VAL A 433 84.43 -110.69 -12.03
N PHE A 434 84.44 -109.36 -12.16
CA PHE A 434 83.35 -108.49 -11.67
C PHE A 434 82.06 -108.51 -12.53
N MET A 435 82.13 -108.90 -13.81
CA MET A 435 81.04 -108.79 -14.79
C MET A 435 80.32 -107.44 -14.77
N MET A 436 80.24 -107.85 -9.17
CA MET A 436 79.96 -109.17 -8.62
C MET A 436 79.05 -110.00 -9.53
N ARG A 437 79.35 -111.29 -9.72
CA ARG A 437 78.45 -112.24 -10.39
C ARG A 437 77.35 -112.60 -9.40
N LEU A 438 76.09 -112.44 -9.80
CA LEU A 438 74.88 -112.57 -8.96
C LEU A 438 73.76 -113.33 -9.67
N GLY A 439 72.77 -113.76 -8.91
CA GLY A 439 71.50 -114.29 -9.41
C GLY A 439 71.59 -115.66 -10.06
N LEU A 440 70.46 -116.15 -10.57
CA LEU A 440 70.33 -117.45 -11.17
C LEU A 440 71.05 -117.47 -12.51
N ARG A 441 72.15 -118.23 -12.57
CA ARG A 441 72.88 -118.52 -13.83
C ARG A 441 72.95 -120.03 -14.05
N PRO A 442 73.00 -120.53 -15.30
CA PRO A 442 73.15 -121.95 -15.56
C PRO A 442 74.55 -122.48 -15.17
N THR A 443 74.72 -123.79 -15.14
CA THR A 443 76.00 -124.47 -15.13
C THR A 443 75.84 -125.82 -15.84
N PHE A 444 76.83 -126.19 -16.62
CA PHE A 444 76.78 -127.30 -17.56
C PHE A 444 77.85 -128.33 -17.19
N PHE A 445 77.47 -129.60 -17.09
CA PHE A 445 78.44 -130.64 -16.80
C PHE A 445 79.41 -130.83 -17.96
N GLN A 446 80.66 -131.18 -17.66
CA GLN A 446 81.65 -131.51 -18.69
C GLN A 446 81.36 -132.92 -19.25
N ASN A 447 81.24 -133.06 -20.57
CA ASN A 447 80.47 -134.15 -21.20
C ASN A 447 80.99 -135.60 -20.98
N GLU A 448 82.20 -135.77 -20.47
CA GLU A 448 82.85 -137.07 -20.20
C GLU A 448 82.62 -137.59 -18.76
N THR A 449 82.19 -136.73 -17.82
CA THR A 449 82.28 -137.02 -16.36
C THR A 449 81.15 -137.92 -15.84
N GLU A 450 80.89 -139.04 -16.50
CA GLU A 450 79.84 -140.01 -16.17
C GLU A 450 80.07 -140.72 -14.83
N TRP A 451 81.30 -140.72 -14.33
CA TRP A 451 81.71 -141.29 -13.04
C TRP A 451 81.21 -140.48 -11.83
N SER A 452 80.93 -139.19 -12.00
CA SER A 452 80.71 -138.21 -10.94
C SER A 452 79.59 -138.58 -9.99
N GLN A 453 79.85 -138.48 -8.69
CA GLN A 453 78.81 -138.65 -7.66
C GLN A 453 77.80 -137.50 -7.71
N ILE A 454 78.26 -136.26 -7.87
CA ILE A 454 77.35 -135.10 -7.85
C ILE A 454 76.44 -135.07 -9.07
N LYS A 455 76.95 -135.28 -10.30
CA LYS A 455 76.09 -135.26 -11.48
C LYS A 455 75.14 -136.45 -11.56
N LYS A 456 75.37 -137.50 -10.76
CA LYS A 456 74.38 -138.55 -10.52
C LYS A 456 73.23 -138.04 -9.65
N LEU A 457 73.50 -137.33 -8.56
CA LEU A 457 72.44 -136.75 -7.70
C LEU A 457 71.50 -135.80 -8.47
N TYR A 458 72.04 -135.03 -9.41
CA TYR A 458 71.26 -134.21 -10.36
C TYR A 458 70.49 -134.98 -11.44
N GLY A 459 70.34 -136.29 -11.28
CA GLY A 459 69.45 -137.12 -12.11
C GLY A 459 69.89 -137.33 -13.55
N ASP A 460 71.19 -137.17 -13.83
CA ASP A 460 71.77 -137.19 -15.18
C ASP A 460 71.23 -136.08 -16.14
N VAL A 461 70.62 -135.02 -15.59
CA VAL A 461 70.22 -133.84 -16.38
C VAL A 461 71.46 -133.11 -16.91
N SER A 462 71.36 -132.54 -18.11
CA SER A 462 72.47 -131.90 -18.84
C SER A 462 73.01 -130.61 -18.20
N GLU A 463 72.18 -129.87 -17.47
CA GLU A 463 72.56 -128.63 -16.81
C GLU A 463 71.73 -128.35 -15.55
N VAL A 464 72.21 -127.39 -14.78
CA VAL A 464 71.63 -126.90 -13.52
C VAL A 464 71.58 -125.37 -13.53
N HIS A 465 70.76 -124.77 -12.68
CA HIS A 465 70.66 -123.31 -12.54
C HIS A 465 70.77 -122.91 -11.07
N GLU A 466 71.65 -121.97 -10.73
CA GLU A 466 72.09 -121.77 -9.35
C GLU A 466 72.39 -120.30 -9.02
N ARG A 467 72.41 -119.95 -7.73
CA ARG A 467 72.68 -118.58 -7.24
C ARG A 467 74.16 -118.34 -6.96
N HIS A 468 74.63 -117.14 -7.32
CA HIS A 468 76.03 -116.74 -7.23
C HIS A 468 76.18 -115.42 -6.45
N ARG A 469 77.37 -115.15 -5.88
CA ARG A 469 77.67 -113.91 -5.15
C ARG A 469 79.16 -113.54 -5.18
N HIS A 470 79.89 -113.94 -6.20
CA HIS A 470 81.35 -113.99 -6.13
C HIS A 470 82.01 -112.92 -6.99
N ARG A 471 83.15 -112.41 -6.50
CA ARG A 471 84.04 -111.51 -7.26
C ARG A 471 85.34 -112.17 -7.75
N TYR A 472 85.69 -113.35 -7.24
CA TYR A 472 86.88 -114.09 -7.65
C TYR A 472 86.50 -115.42 -8.27
N GLU A 473 87.32 -115.92 -9.18
CA GLU A 473 87.24 -117.30 -9.65
C GLU A 473 88.63 -117.94 -9.69
N ILE A 474 88.72 -119.27 -9.70
CA ILE A 474 90.01 -119.96 -9.82
C ILE A 474 90.65 -119.58 -11.14
N ASN A 475 91.95 -119.33 -11.11
CA ASN A 475 92.66 -118.81 -12.28
C ASN A 475 92.68 -119.86 -13.41
N PRO A 476 92.06 -119.61 -14.59
CA PRO A 476 91.95 -120.61 -15.65
C PRO A 476 93.27 -121.20 -16.11
N LYS A 477 94.36 -120.42 -16.00
CA LYS A 477 95.73 -120.84 -16.32
C LYS A 477 96.14 -122.13 -15.58
N MET A 478 95.70 -122.29 -14.34
CA MET A 478 96.03 -123.45 -13.49
C MET A 478 95.11 -124.65 -13.70
N VAL A 479 93.92 -124.48 -14.27
CA VAL A 479 92.86 -125.51 -14.20
C VAL A 479 93.24 -126.80 -14.92
N ASP A 480 94.04 -126.77 -15.98
CA ASP A 480 94.53 -127.99 -16.60
C ASP A 480 95.40 -128.82 -15.64
N GLU A 481 96.22 -128.16 -14.83
CA GLU A 481 97.09 -128.81 -13.86
C GLU A 481 96.28 -129.51 -12.77
N LEU A 482 95.23 -128.84 -12.28
CA LEU A 482 94.29 -129.39 -11.31
C LEU A 482 93.45 -130.53 -11.91
N GLU A 483 92.94 -130.39 -13.14
CA GLU A 483 92.23 -131.48 -13.83
C GLU A 483 93.12 -132.71 -14.05
N ASN A 484 94.36 -132.51 -14.48
CA ASN A 484 95.34 -133.59 -14.71
C ASN A 484 95.76 -134.30 -13.40
N ASN A 485 95.83 -133.58 -12.28
CA ASN A 485 96.11 -134.16 -10.97
C ASN A 485 94.90 -134.78 -10.27
N GLY A 486 93.68 -134.57 -10.76
CA GLY A 486 92.47 -135.28 -10.33
C GLY A 486 91.41 -134.43 -9.64
N LEU A 487 91.65 -133.14 -9.42
CA LEU A 487 90.67 -132.19 -8.92
C LEU A 487 89.74 -131.76 -10.07
N ILE A 488 88.97 -132.69 -10.64
CA ILE A 488 88.27 -132.50 -11.90
C ILE A 488 87.13 -131.50 -11.75
N PHE A 489 87.15 -130.42 -12.53
CA PHE A 489 86.06 -129.43 -12.54
C PHE A 489 84.85 -129.93 -13.34
N VAL A 490 84.01 -130.74 -12.71
CA VAL A 490 82.89 -131.44 -13.36
C VAL A 490 81.77 -130.54 -13.89
N GLY A 491 81.76 -129.25 -13.55
CA GLY A 491 80.81 -128.28 -14.09
C GLY A 491 81.42 -126.91 -14.33
N LYS A 492 81.07 -126.31 -15.45
CA LYS A 492 81.52 -124.97 -15.84
C LYS A 492 80.34 -124.17 -16.42
N ASP A 493 80.57 -122.89 -16.65
CA ASP A 493 79.59 -121.97 -17.18
C ASP A 493 79.35 -122.17 -18.69
N ASP A 494 78.47 -121.33 -19.25
CA ASP A 494 78.20 -121.26 -20.69
C ASP A 494 79.46 -121.10 -21.56
N THR A 495 80.42 -120.27 -21.16
CA THR A 495 81.67 -120.04 -21.93
C THR A 495 82.69 -121.17 -21.77
N GLY A 496 82.63 -121.94 -20.67
CA GLY A 496 83.63 -122.91 -20.29
C GLY A 496 84.90 -122.31 -19.66
N LYS A 497 84.92 -121.00 -19.43
CA LYS A 497 86.04 -120.30 -18.79
C LYS A 497 85.97 -120.31 -17.26
N ARG A 498 84.77 -120.46 -16.68
CA ARG A 498 84.50 -120.26 -15.24
C ARG A 498 84.34 -121.58 -14.48
N CYS A 499 84.98 -121.68 -13.33
CA CYS A 499 84.99 -122.87 -12.48
C CYS A 499 83.74 -122.93 -11.59
N GLU A 500 82.72 -123.71 -11.96
CA GLU A 500 81.44 -123.71 -11.23
C GLU A 500 81.32 -124.86 -10.23
N ILE A 501 81.86 -126.04 -10.56
CA ILE A 501 81.88 -127.22 -9.69
C ILE A 501 83.22 -127.93 -9.82
N LEU A 502 83.72 -128.46 -8.71
CA LEU A 502 84.76 -129.50 -8.70
C LEU A 502 84.32 -130.74 -7.92
N GLU A 503 84.85 -131.88 -8.34
CA GLU A 503 84.82 -133.15 -7.63
C GLU A 503 86.22 -133.76 -7.71
N LEU A 504 86.77 -134.18 -6.57
CA LEU A 504 88.04 -134.91 -6.55
C LEU A 504 87.80 -136.34 -6.98
N LYS A 505 88.41 -136.76 -8.08
CA LYS A 505 88.32 -138.12 -8.65
C LYS A 505 88.73 -139.17 -7.62
N ASN A 506 87.94 -140.23 -7.48
CA ASN A 506 88.18 -141.38 -6.58
C ASN A 506 88.37 -140.97 -5.10
N HIS A 507 87.39 -140.22 -4.58
CA HIS A 507 87.15 -139.98 -3.15
C HIS A 507 85.67 -140.22 -2.84
N PRO A 508 85.25 -140.76 -1.69
CA PRO A 508 83.86 -141.10 -1.42
C PRO A 508 82.84 -139.99 -1.60
N TYR A 509 83.18 -138.74 -1.25
CA TYR A 509 82.38 -137.54 -1.52
C TYR A 509 83.19 -136.29 -1.19
N TYR A 510 83.85 -135.68 -2.17
CA TYR A 510 84.57 -134.43 -1.97
C TYR A 510 84.22 -133.49 -3.10
N ILE A 511 83.28 -132.61 -2.77
CA ILE A 511 82.65 -131.69 -3.69
C ILE A 511 82.95 -130.26 -3.26
N ALA A 512 83.05 -129.36 -4.23
CA ALA A 512 82.80 -127.97 -3.94
C ALA A 512 82.04 -127.29 -5.09
N THR A 513 81.32 -126.21 -4.76
CA THR A 513 80.52 -125.39 -5.68
C THR A 513 80.93 -123.95 -5.53
N GLN A 514 81.09 -123.22 -6.63
CA GLN A 514 81.32 -121.78 -6.54
C GLN A 514 80.03 -121.04 -6.12
N TYR A 515 78.88 -121.54 -6.60
CA TYR A 515 77.55 -121.08 -6.21
C TYR A 515 77.17 -121.47 -4.77
N HIS A 516 76.05 -120.90 -4.31
CA HIS A 516 75.42 -121.11 -3.01
C HIS A 516 74.13 -121.95 -3.10
N PRO A 517 74.25 -123.29 -3.13
CA PRO A 517 73.10 -124.18 -3.33
C PRO A 517 72.03 -124.09 -2.22
N GLU A 518 72.40 -123.63 -1.03
CA GLU A 518 71.48 -123.38 0.07
C GLU A 518 70.47 -122.28 -0.27
N TYR A 519 70.70 -121.50 -1.31
CA TYR A 519 69.70 -120.58 -1.83
C TYR A 519 68.63 -121.26 -2.69
N THR A 520 68.68 -122.59 -2.86
CA THR A 520 67.63 -123.31 -3.59
C THR A 520 67.25 -124.65 -2.96
N SER A 521 67.72 -124.93 -1.75
CA SER A 521 67.22 -126.05 -0.94
C SER A 521 65.75 -125.83 -0.52
N LYS A 522 64.86 -126.79 -0.80
CA LYS A 522 63.45 -126.77 -0.40
C LYS A 522 63.15 -127.95 0.53
N VAL A 523 62.14 -127.80 1.39
CA VAL A 523 61.79 -128.81 2.42
C VAL A 523 61.44 -130.17 1.79
N LEU A 524 60.77 -130.17 0.63
CA LEU A 524 60.42 -131.37 -0.11
C LEU A 524 61.33 -131.67 -1.32
N ASP A 525 62.22 -130.74 -1.68
CA ASP A 525 63.24 -130.91 -2.73
C ASP A 525 64.59 -130.35 -2.22
N PRO A 526 65.40 -131.16 -1.51
CA PRO A 526 66.67 -130.70 -0.95
C PRO A 526 67.70 -130.39 -2.05
N SER A 527 68.55 -129.36 -1.85
CA SER A 527 69.58 -128.97 -2.82
C SER A 527 70.67 -130.05 -2.92
N LYS A 528 70.90 -130.60 -4.11
CA LYS A 528 71.69 -131.83 -4.32
C LYS A 528 73.08 -131.86 -3.65
N PRO A 529 73.90 -130.80 -3.65
CA PRO A 529 75.25 -130.84 -3.05
C PRO A 529 75.25 -131.09 -1.54
N PHE A 530 74.24 -130.57 -0.86
CA PHE A 530 74.01 -130.86 0.54
C PHE A 530 73.40 -132.23 0.75
N LEU A 531 72.47 -132.69 -0.10
CA LEU A 531 71.98 -134.06 0.04
C LEU A 531 73.12 -135.07 -0.03
N GLY A 532 74.03 -134.91 -0.98
CA GLY A 532 75.22 -135.76 -1.07
C GLY A 532 76.11 -135.71 0.17
N LEU A 533 76.35 -134.53 0.75
CA LEU A 533 77.12 -134.40 1.98
C LEU A 533 76.50 -135.17 3.14
N VAL A 534 75.19 -135.04 3.36
CA VAL A 534 74.55 -135.79 4.44
C VAL A 534 74.55 -137.28 4.11
N ALA A 535 74.13 -137.67 2.91
CA ALA A 535 74.04 -139.07 2.55
C ALA A 535 75.40 -139.80 2.62
N ALA A 536 76.49 -139.18 2.21
CA ALA A 536 77.81 -139.76 2.35
C ALA A 536 78.27 -139.76 3.81
N SER A 537 77.93 -138.75 4.62
CA SER A 537 78.20 -138.77 6.06
C SER A 537 77.47 -139.91 6.75
N ALA A 538 76.26 -140.24 6.31
CA ALA A 538 75.50 -141.42 6.71
C ALA A 538 75.99 -142.73 6.09
N GLY A 539 76.92 -142.68 5.13
CA GLY A 539 77.45 -143.86 4.44
C GLY A 539 76.43 -144.55 3.54
N ILE A 540 75.42 -143.81 3.07
CA ILE A 540 74.27 -144.31 2.31
C ILE A 540 74.13 -143.70 0.91
N LEU A 541 75.12 -142.92 0.46
CA LEU A 541 75.08 -142.11 -0.76
C LEU A 541 74.63 -142.90 -1.99
N GLN A 542 75.15 -144.11 -2.18
CA GLN A 542 74.76 -144.97 -3.29
C GLN A 542 73.25 -145.18 -3.36
N ASP A 543 72.62 -145.46 -2.23
CA ASP A 543 71.24 -145.89 -2.15
C ASP A 543 70.27 -144.70 -2.28
N VAL A 544 70.71 -143.50 -1.86
CA VAL A 544 70.03 -142.24 -2.13
C VAL A 544 70.01 -141.93 -3.62
N ILE A 545 71.13 -142.15 -4.31
CA ILE A 545 71.21 -141.96 -5.78
C ILE A 545 70.35 -143.00 -6.49
N GLU A 546 70.38 -144.25 -6.05
CA GLU A 546 69.56 -145.34 -6.60
C GLU A 546 68.06 -145.21 -6.30
N GLY A 547 67.67 -144.39 -5.31
CA GLY A 547 66.27 -144.00 -5.07
C GLY A 547 65.58 -144.63 -3.87
N LYS A 548 66.32 -145.19 -2.90
CA LYS A 548 65.77 -145.82 -1.67
C LYS A 548 65.15 -144.84 -0.66
N TYR A 549 65.05 -143.56 -0.98
CA TYR A 549 64.64 -142.49 -0.06
C TYR A 549 63.77 -141.39 -0.69
N ASP A 550 63.27 -141.53 -1.91
CA ASP A 550 62.21 -140.66 -2.44
C ASP A 550 60.89 -140.82 -1.65
N LEU A 551 60.12 -139.74 -1.52
CA LEU A 551 59.05 -139.67 -0.52
C LEU A 551 57.72 -140.33 -0.97
N GLU A 552 57.58 -140.66 -2.24
CA GLU A 552 56.43 -141.37 -2.83
C GLU A 552 56.93 -142.43 -3.83
N ALA A 553 56.35 -143.64 -3.89
CA ALA A 553 56.80 -144.69 -4.82
C ALA A 553 56.64 -144.29 -6.29
N MET B 1 63.87 -82.20 53.56
CA MET B 1 64.14 -83.64 53.69
C MET B 1 64.50 -84.25 52.34
N LYS B 2 65.32 -85.32 52.32
CA LYS B 2 65.69 -86.03 51.09
C LYS B 2 64.69 -87.13 50.76
N TYR B 3 64.53 -87.46 49.49
CA TYR B 3 63.61 -88.53 49.07
C TYR B 3 64.16 -89.32 47.88
N VAL B 4 63.86 -90.62 47.77
CA VAL B 4 64.25 -91.47 46.66
C VAL B 4 63.05 -92.26 46.18
N VAL B 5 62.54 -92.00 44.99
CA VAL B 5 61.54 -92.88 44.37
C VAL B 5 62.20 -94.13 43.82
N VAL B 6 61.56 -95.28 43.98
CA VAL B 6 61.80 -96.49 43.22
C VAL B 6 60.51 -96.84 42.49
N SER B 7 60.57 -97.03 41.19
CA SER B 7 59.38 -97.20 40.34
C SER B 7 59.66 -98.06 39.11
N GLY B 8 58.66 -98.34 38.28
CA GLY B 8 58.92 -98.58 36.85
C GLY B 8 58.66 -99.95 36.24
N GLY B 9 59.13 -100.09 35.00
CA GLY B 9 59.22 -101.33 34.22
C GLY B 9 58.11 -101.53 33.19
N VAL B 10 58.28 -102.50 32.28
CA VAL B 10 57.20 -103.02 31.41
C VAL B 10 56.38 -104.18 32.02
N ILE B 11 56.73 -104.65 33.22
CA ILE B 11 56.07 -105.77 33.90
C ILE B 11 56.01 -105.49 35.41
N SER B 12 54.94 -105.93 36.05
CA SER B 12 54.92 -106.08 37.50
C SER B 12 55.73 -107.32 37.91
N GLY B 13 56.40 -107.32 39.05
CA GLY B 13 57.24 -108.43 39.52
C GLY B 13 58.71 -108.34 39.11
N ILE B 14 59.15 -107.19 38.61
CA ILE B 14 60.51 -106.96 38.08
C ILE B 14 61.63 -106.94 39.12
N GLY B 15 61.36 -106.60 40.39
CA GLY B 15 62.37 -106.56 41.45
C GLY B 15 62.41 -105.34 42.37
N LYS B 16 61.43 -104.46 42.39
CA LYS B 16 61.39 -103.19 43.10
C LYS B 16 61.86 -103.27 44.55
N GLY B 17 61.12 -103.90 45.44
CA GLY B 17 61.39 -103.99 46.85
C GLY B 17 62.80 -104.26 47.28
N VAL B 18 63.53 -105.16 46.65
CA VAL B 18 64.93 -105.53 46.86
C VAL B 18 65.81 -104.35 46.48
N LEU B 19 65.46 -103.61 45.45
CA LEU B 19 66.11 -102.39 44.97
C LEU B 19 65.76 -101.25 45.89
N ALA B 20 64.65 -101.29 46.58
CA ALA B 20 64.08 -100.29 47.45
C ALA B 20 64.71 -100.34 48.82
N SER B 21 64.34 -101.28 49.66
CA SER B 21 64.83 -101.43 51.03
C SER B 21 66.31 -101.60 50.93
N SER B 22 66.80 -102.43 50.04
CA SER B 22 68.26 -102.51 49.84
C SER B 22 68.96 -101.16 49.58
N THR B 23 68.40 -100.20 48.88
CA THR B 23 68.86 -98.84 48.68
C THR B 23 68.81 -98.15 50.02
N GLY B 24 67.77 -98.37 50.79
CA GLY B 24 67.54 -97.81 52.09
C GLY B 24 68.43 -98.33 53.17
N MET B 25 68.88 -99.58 53.09
CA MET B 25 69.88 -100.14 53.99
C MET B 25 71.17 -99.36 53.81
N LEU B 26 71.49 -99.13 52.55
CA LEU B 26 72.68 -98.42 52.17
C LEU B 26 72.64 -96.98 52.64
N MET B 27 71.46 -96.34 52.69
CA MET B 27 71.38 -94.98 53.24
C MET B 27 71.79 -95.00 54.72
N LYS B 28 71.38 -96.03 55.47
CA LYS B 28 71.81 -96.25 56.85
C LYS B 28 73.30 -96.51 57.02
N THR B 29 73.93 -97.09 56.01
CA THR B 29 75.39 -97.26 55.96
C THR B 29 76.11 -95.93 56.09
N LEU B 30 75.55 -94.88 55.50
CA LEU B 30 76.09 -93.53 55.63
C LEU B 30 75.84 -92.94 57.03
N GLY B 31 75.12 -93.66 57.90
CA GLY B 31 74.74 -93.26 59.25
C GLY B 31 73.39 -92.58 59.34
N LEU B 32 72.61 -92.56 58.25
CA LEU B 32 71.40 -91.74 58.11
C LEU B 32 70.20 -92.29 58.87
N LYS B 33 69.32 -91.39 59.34
CA LYS B 33 67.96 -91.76 59.77
C LYS B 33 67.12 -92.05 58.54
N VAL B 34 66.48 -93.20 58.47
CA VAL B 34 65.82 -93.63 57.20
C VAL B 34 64.43 -94.15 57.43
N THR B 35 63.55 -93.95 56.46
CA THR B 35 62.16 -94.37 56.46
C THR B 35 61.76 -94.85 55.08
N SER B 36 60.60 -95.46 54.95
CA SER B 36 60.10 -96.00 53.70
C SER B 36 58.60 -95.91 53.57
N ILE B 37 58.06 -95.64 52.40
CA ILE B 37 56.64 -95.62 52.13
C ILE B 37 56.37 -96.52 50.93
N LYS B 38 55.40 -97.42 51.02
CA LYS B 38 54.98 -98.16 49.83
C LYS B 38 53.66 -97.63 49.36
N ILE B 39 53.66 -97.23 48.10
CA ILE B 39 52.47 -96.77 47.41
C ILE B 39 51.92 -97.95 46.63
N ASP B 40 50.71 -98.35 46.96
CA ASP B 40 50.03 -99.47 46.33
C ASP B 40 48.90 -99.07 45.41
N PRO B 41 48.95 -99.48 44.14
CA PRO B 41 47.87 -99.11 43.25
C PRO B 41 46.55 -99.83 43.48
N TYR B 42 46.50 -100.90 44.28
CA TYR B 42 45.25 -101.61 44.52
C TYR B 42 44.25 -100.80 45.37
N MET B 43 42.98 -101.21 45.34
CA MET B 43 41.90 -100.49 46.00
C MET B 43 41.49 -100.99 47.38
N ASN B 44 42.05 -102.08 47.89
CA ASN B 44 41.87 -102.41 49.29
C ASN B 44 42.47 -101.31 50.17
N ILE B 45 41.75 -100.89 51.21
CA ILE B 45 42.27 -99.94 52.19
C ILE B 45 43.32 -100.59 53.10
N ASP B 46 43.18 -101.87 53.40
CA ASP B 46 44.10 -102.67 54.21
C ASP B 46 44.01 -104.16 53.87
N ALA B 47 44.96 -104.95 54.36
CA ALA B 47 44.98 -106.40 54.17
C ALA B 47 44.03 -107.16 55.09
N GLY B 48 43.32 -106.50 56.00
CA GLY B 48 42.43 -107.19 56.94
C GLY B 48 41.25 -107.87 56.24
N THR B 49 40.78 -107.30 55.14
CA THR B 49 39.79 -107.94 54.27
C THR B 49 40.39 -109.01 53.35
N MET B 50 41.70 -108.98 53.14
CA MET B 50 42.36 -109.81 52.13
C MET B 50 42.73 -111.18 52.70
N SER B 51 42.09 -112.23 52.19
CA SER B 51 42.42 -113.62 52.53
C SER B 51 43.84 -113.98 52.09
N PRO B 52 44.70 -114.63 52.90
CA PRO B 52 46.08 -114.89 52.55
C PRO B 52 46.33 -115.74 51.29
N LEU B 53 45.29 -116.34 50.73
CA LEU B 53 45.31 -117.07 49.45
C LEU B 53 45.89 -116.25 48.30
N GLU B 54 45.60 -114.95 48.28
CA GLU B 54 46.02 -114.05 47.23
C GLU B 54 46.50 -112.73 47.83
N HIS B 55 47.53 -112.15 47.22
CA HIS B 55 48.42 -111.16 47.83
C HIS B 55 49.17 -111.64 49.08
N GLY B 56 48.93 -112.88 49.53
CA GLY B 56 49.72 -113.52 50.58
C GLY B 56 49.44 -113.00 51.98
N GLU B 57 50.42 -113.26 52.84
CA GLU B 57 50.48 -113.02 54.27
C GLU B 57 50.15 -111.57 54.70
N CYS B 58 49.13 -111.36 55.56
CA CYS B 58 48.79 -110.05 56.12
C CYS B 58 49.85 -109.60 57.15
N PHE B 59 50.88 -108.86 56.74
CA PHE B 59 51.95 -108.43 57.65
C PHE B 59 51.42 -107.56 58.79
N VAL B 60 51.94 -107.70 59.99
CA VAL B 60 51.43 -106.91 61.13
C VAL B 60 52.43 -105.97 61.84
N LEU B 61 51.95 -104.76 61.98
CA LEU B 61 52.67 -103.66 62.59
C LEU B 61 52.78 -103.79 64.10
N ASP B 62 53.71 -103.02 64.64
CA ASP B 62 53.71 -102.56 66.03
C ASP B 62 52.33 -101.97 66.40
N ASP B 63 51.81 -101.02 65.59
CA ASP B 63 50.46 -100.45 65.74
C ASP B 63 49.31 -101.41 65.39
N GLY B 64 49.58 -102.67 65.06
CA GLY B 64 48.57 -103.72 64.93
C GLY B 64 47.66 -103.66 63.70
N GLY B 65 47.96 -102.77 62.75
CA GLY B 65 47.36 -102.81 61.42
C GLY B 65 47.85 -104.00 60.60
N GLU B 66 46.91 -104.70 59.94
CA GLU B 66 47.16 -105.70 58.90
C GLU B 66 47.51 -105.01 57.59
N THR B 67 48.80 -104.82 57.37
CA THR B 67 49.37 -104.09 56.19
C THR B 67 49.58 -104.98 54.99
N ASP B 68 49.90 -104.32 53.86
CA ASP B 68 50.66 -104.94 52.79
C ASP B 68 51.85 -105.73 53.35
N LEU B 69 52.04 -106.93 52.80
CA LEU B 69 53.13 -107.80 53.16
C LEU B 69 54.49 -107.13 53.04
N ASP B 70 54.71 -106.44 51.91
CA ASP B 70 56.05 -105.99 51.52
C ASP B 70 56.66 -104.97 52.49
N LEU B 71 55.84 -104.29 53.31
CA LEU B 71 56.38 -103.44 54.37
C LEU B 71 57.32 -104.21 55.29
N GLY B 72 57.04 -105.47 55.54
CA GLY B 72 57.96 -106.32 56.29
C GLY B 72 59.36 -106.28 55.69
N ASN B 73 59.50 -106.22 54.38
CA ASN B 73 60.78 -106.22 53.69
C ASN B 73 61.58 -105.01 54.12
N TYR B 74 60.96 -103.92 54.53
CA TYR B 74 61.52 -102.65 54.96
C TYR B 74 61.85 -102.61 56.43
N GLU B 75 61.09 -103.34 57.23
CA GLU B 75 61.36 -103.36 58.65
C GLU B 75 62.65 -104.16 58.85
N ARG B 76 62.80 -105.24 58.06
CA ARG B 76 63.97 -106.14 58.01
C ARG B 76 65.25 -105.42 57.59
N TYR B 77 65.19 -104.77 56.44
CA TYR B 77 66.37 -104.22 55.74
C TYR B 77 66.86 -102.88 56.32
N LEU B 78 66.01 -102.16 57.06
CA LEU B 78 66.28 -100.87 57.69
C LEU B 78 66.41 -100.98 59.19
N GLY B 79 65.62 -101.83 59.84
CA GLY B 79 65.54 -101.86 61.30
C GLY B 79 64.72 -100.71 61.83
N VAL B 80 63.47 -100.61 61.37
CA VAL B 80 62.56 -99.49 61.67
C VAL B 80 61.17 -99.99 62.02
N THR B 81 60.45 -99.26 62.85
CA THR B 81 59.04 -99.51 63.14
C THR B 81 58.19 -98.60 62.28
N LEU B 82 57.51 -99.14 61.27
CA LEU B 82 56.58 -98.38 60.45
C LEU B 82 55.20 -98.29 61.12
N THR B 83 54.25 -97.63 60.45
CA THR B 83 52.88 -97.42 60.95
C THR B 83 51.85 -97.70 59.85
N LYS B 84 50.57 -97.75 60.18
CA LYS B 84 49.50 -98.01 59.20
C LYS B 84 49.46 -96.98 58.07
N ASP B 85 49.98 -95.78 58.30
CA ASP B 85 50.06 -94.71 57.31
C ASP B 85 51.18 -94.89 56.28
N HIS B 86 52.24 -95.67 56.54
CA HIS B 86 53.33 -95.89 55.59
C HIS B 86 52.94 -96.77 54.40
N ASN B 87 51.76 -97.36 54.40
CA ASN B 87 51.23 -98.06 53.25
C ASN B 87 50.11 -97.24 52.62
N ILE B 88 50.48 -96.33 51.73
CA ILE B 88 49.52 -95.60 50.90
C ILE B 88 48.87 -96.59 49.95
N THR B 89 47.56 -96.55 49.76
CA THR B 89 46.88 -97.38 48.75
C THR B 89 45.84 -96.56 48.01
N THR B 90 45.48 -96.97 46.81
CA THR B 90 44.47 -96.25 46.02
C THR B 90 43.14 -96.18 46.74
N GLY B 91 42.73 -97.24 47.43
CA GLY B 91 41.51 -97.21 48.24
C GLY B 91 41.61 -96.31 49.46
N LYS B 92 42.80 -96.20 50.04
CA LYS B 92 43.03 -95.38 51.23
C LYS B 92 42.96 -93.89 50.89
N ILE B 93 43.57 -93.47 49.78
CA ILE B 93 43.58 -92.05 49.41
C ILE B 93 42.29 -91.59 48.77
N TYR B 94 41.60 -92.38 47.94
CA TYR B 94 40.24 -91.98 47.55
C TYR B 94 39.31 -91.84 48.74
N SER B 95 39.39 -92.71 49.75
CA SER B 95 38.58 -92.59 50.98
C SER B 95 38.87 -91.32 51.75
N HIS B 96 40.14 -90.92 51.87
CA HIS B 96 40.53 -89.75 52.63
C HIS B 96 40.07 -88.45 51.97
N VAL B 97 40.24 -88.32 50.66
CA VAL B 97 39.70 -87.16 49.92
C VAL B 97 38.16 -87.16 49.89
N ILE B 98 37.51 -88.30 49.70
CA ILE B 98 36.04 -88.37 49.77
C ILE B 98 35.53 -88.06 51.17
N ALA B 99 36.25 -88.36 52.25
CA ALA B 99 35.83 -87.94 53.59
C ALA B 99 35.83 -86.41 53.71
N LYS B 100 36.92 -85.78 53.29
CA LYS B 100 37.03 -84.31 53.26
C LYS B 100 35.99 -83.66 52.35
N GLU B 101 35.56 -84.30 51.27
CA GLU B 101 34.48 -83.84 50.38
C GLU B 101 33.12 -83.75 51.10
N ARG B 102 32.75 -84.73 51.93
CA ARG B 102 31.47 -84.72 52.66
C ARG B 102 31.51 -83.93 53.95
N LYS B 103 32.68 -83.83 54.60
CA LYS B 103 32.91 -82.87 55.68
C LYS B 103 32.91 -81.43 55.17
N GLY B 104 33.20 -81.23 53.88
CA GLY B 104 33.16 -79.92 53.23
C GLY B 104 34.46 -79.13 53.36
N ASP B 105 35.60 -79.79 53.58
CA ASP B 105 36.90 -79.12 53.78
C ASP B 105 37.42 -78.42 52.51
N TYR B 106 36.83 -78.70 51.35
CA TYR B 106 37.09 -78.00 50.09
C TYR B 106 36.27 -76.72 49.91
N LEU B 107 35.60 -76.20 50.94
CA LEU B 107 34.90 -74.90 50.92
C LEU B 107 33.95 -74.78 49.73
N GLY B 108 33.26 -75.86 49.40
CA GLY B 108 32.27 -75.92 48.33
C GLY B 108 32.83 -75.82 46.91
N LYS B 109 34.15 -75.80 46.70
CA LYS B 109 34.73 -75.99 45.35
C LYS B 109 34.33 -77.38 44.83
N THR B 110 34.35 -77.60 43.51
CA THR B 110 34.41 -78.99 43.01
C THR B 110 35.80 -79.54 43.26
N VAL B 111 35.89 -80.83 43.61
CA VAL B 111 37.13 -81.51 43.96
C VAL B 111 37.50 -82.46 42.84
N GLN B 112 38.74 -82.43 42.41
CA GLN B 112 39.20 -82.97 41.14
C GLN B 112 40.38 -83.91 41.35
N ILE B 113 40.64 -84.83 40.43
CA ILE B 113 41.83 -85.68 40.59
C ILE B 113 43.09 -84.84 40.48
N VAL B 114 43.13 -83.83 39.63
CA VAL B 114 44.15 -82.79 39.63
C VAL B 114 43.48 -81.42 39.77
N PRO B 115 43.87 -80.56 40.71
CA PRO B 115 44.99 -80.69 41.64
C PRO B 115 44.64 -81.30 42.99
N HIS B 116 43.38 -81.47 43.39
CA HIS B 116 43.07 -81.81 44.79
C HIS B 116 43.58 -83.16 45.24
N LEU B 117 43.31 -84.25 44.51
CA LEU B 117 43.83 -85.56 44.91
C LEU B 117 45.34 -85.67 44.74
N THR B 118 45.95 -85.08 43.72
CA THR B 118 47.41 -85.09 43.61
C THR B 118 48.09 -84.24 44.67
N ASN B 119 47.44 -83.21 45.20
CA ASN B 119 47.88 -82.53 46.41
C ASN B 119 47.75 -83.45 47.62
N ALA B 120 46.64 -84.18 47.78
CA ALA B 120 46.49 -85.09 48.90
C ALA B 120 47.61 -86.11 48.99
N ILE B 121 48.00 -86.73 47.88
CA ILE B 121 49.10 -87.68 47.82
C ILE B 121 50.43 -87.02 48.24
N GLN B 122 50.76 -85.83 47.75
CA GLN B 122 51.97 -85.12 48.17
C GLN B 122 51.92 -84.76 49.66
N ASP B 123 50.76 -84.30 50.15
CA ASP B 123 50.59 -83.95 51.55
C ASP B 123 50.66 -85.18 52.45
N TRP B 124 50.28 -86.38 51.97
CA TRP B 124 50.47 -87.64 52.68
C TRP B 124 51.94 -88.07 52.72
N ILE B 125 52.65 -88.06 51.61
CA ILE B 125 54.06 -88.44 51.58
C ILE B 125 54.89 -87.54 52.50
N GLU B 126 54.75 -86.22 52.41
CA GLU B 126 55.52 -85.34 53.28
C GLU B 126 55.01 -85.37 54.73
N ARG B 127 53.75 -85.74 55.01
CA ARG B 127 53.27 -85.98 56.38
C ARG B 127 54.00 -87.17 56.97
N VAL B 128 53.90 -88.31 56.31
CA VAL B 128 54.43 -89.58 56.81
C VAL B 128 55.94 -89.56 56.93
N ALA B 129 56.65 -88.89 56.02
CA ALA B 129 58.10 -88.78 56.07
C ALA B 129 58.65 -87.99 57.27
N LYS B 130 57.81 -87.30 58.06
CA LYS B 130 58.19 -86.70 59.34
C LYS B 130 58.27 -87.71 60.49
N ILE B 131 57.51 -88.79 60.44
CA ILE B 131 57.33 -89.71 61.57
C ILE B 131 58.68 -90.37 61.94
N PRO B 132 59.10 -90.38 63.22
CA PRO B 132 60.39 -90.89 63.64
C PRO B 132 60.37 -92.42 63.82
N VAL B 133 60.53 -93.16 62.73
CA VAL B 133 60.45 -94.65 62.72
C VAL B 133 61.71 -95.34 63.26
N ASP B 134 62.77 -94.58 63.53
CA ASP B 134 64.14 -95.04 63.74
C ASP B 134 64.52 -95.15 65.23
N ASP B 135 65.73 -95.63 65.53
CA ASP B 135 66.23 -95.92 66.90
C ASP B 135 66.45 -94.69 67.80
N THR B 136 66.13 -93.49 67.35
CA THR B 136 65.97 -92.30 68.19
C THR B 136 64.91 -91.40 67.57
N GLY B 137 64.22 -90.62 68.40
CA GLY B 137 62.99 -89.91 68.04
C GLY B 137 63.11 -88.75 67.05
N MET B 138 64.25 -88.54 66.39
CA MET B 138 64.40 -87.55 65.32
C MET B 138 63.69 -87.95 64.04
N GLU B 139 63.20 -86.95 63.30
CA GLU B 139 62.62 -87.19 61.98
C GLU B 139 63.65 -87.78 60.98
N PRO B 140 63.26 -88.68 60.08
CA PRO B 140 64.16 -89.25 59.09
C PRO B 140 64.83 -88.23 58.17
N ASP B 141 66.04 -88.55 57.74
CA ASP B 141 66.81 -87.71 56.82
C ASP B 141 66.44 -88.02 55.37
N VAL B 142 66.16 -89.29 55.07
CA VAL B 142 65.79 -89.77 53.75
C VAL B 142 64.57 -90.68 53.82
N CYS B 143 63.69 -90.58 52.83
CA CYS B 143 62.55 -91.47 52.66
C CYS B 143 62.64 -92.23 51.34
N ILE B 144 62.56 -93.55 51.34
CA ILE B 144 62.49 -94.37 50.14
C ILE B 144 61.02 -94.57 49.78
N ILE B 145 60.57 -94.09 48.64
CA ILE B 145 59.18 -94.21 48.19
C ILE B 145 59.10 -95.26 47.10
N GLU B 146 58.47 -96.40 47.34
CA GLU B 146 58.29 -97.40 46.30
C GLU B 146 56.91 -97.27 45.68
N LEU B 147 56.88 -96.98 44.39
CA LEU B 147 55.66 -96.90 43.60
C LEU B 147 55.35 -98.26 43.02
N GLY B 148 54.33 -98.96 43.52
CA GLY B 148 53.87 -100.22 42.97
C GLY B 148 53.17 -100.09 41.61
N GLY B 149 52.80 -101.22 41.04
CA GLY B 149 52.28 -101.32 39.68
C GLY B 149 53.37 -101.02 38.63
N THR B 150 52.96 -100.58 37.45
CA THR B 150 53.89 -100.08 36.42
C THR B 150 53.47 -98.70 35.94
N VAL B 151 54.43 -97.84 35.63
CA VAL B 151 54.15 -96.53 35.03
C VAL B 151 53.44 -96.73 33.68
N GLY B 152 52.32 -96.06 33.46
CA GLY B 152 51.44 -96.27 32.30
C GLY B 152 50.25 -97.21 32.55
N ASP B 153 50.10 -97.65 33.79
CA ASP B 153 48.88 -98.40 34.20
C ASP B 153 47.80 -97.32 34.41
N ILE B 154 46.50 -97.62 34.20
CA ILE B 154 45.38 -96.65 34.48
C ILE B 154 45.14 -96.65 35.98
N GLU B 155 45.80 -97.47 36.76
CA GLU B 155 45.75 -97.67 38.19
C GLU B 155 46.79 -96.84 38.91
N SER B 156 47.90 -96.57 38.28
CA SER B 156 49.09 -95.89 38.78
C SER B 156 49.17 -94.45 38.31
N ALA B 157 48.22 -94.00 37.48
CA ALA B 157 48.29 -92.65 36.85
C ALA B 157 48.16 -91.53 37.91
N PRO B 158 47.31 -91.61 38.95
CA PRO B 158 47.25 -90.56 39.97
C PRO B 158 48.57 -90.34 40.73
N PHE B 159 49.33 -91.39 40.98
CA PHE B 159 50.57 -91.33 41.73
C PHE B 159 51.75 -90.77 40.94
N VAL B 160 51.89 -91.08 39.65
CA VAL B 160 52.92 -90.44 38.82
C VAL B 160 52.64 -88.96 38.58
N GLU B 161 51.38 -88.53 38.55
CA GLU B 161 51.06 -87.10 38.62
C GLU B 161 51.51 -86.52 39.96
N ALA B 162 51.13 -87.13 41.07
CA ALA B 162 51.45 -86.57 42.37
C ALA B 162 52.96 -86.51 42.61
N LEU B 163 53.69 -87.55 42.23
CA LEU B 163 55.14 -87.57 42.31
C LEU B 163 55.77 -86.53 41.37
N ARG B 164 55.27 -86.31 40.14
CA ARG B 164 55.81 -85.24 39.27
C ARG B 164 55.73 -83.89 39.96
N GLN B 165 54.55 -83.53 40.46
CA GLN B 165 54.36 -82.26 41.18
C GLN B 165 55.26 -82.23 42.42
N PHE B 166 55.48 -83.37 43.07
CA PHE B 166 56.38 -83.49 44.20
C PHE B 166 57.84 -83.22 43.86
N GLN B 167 58.29 -83.41 42.62
CA GLN B 167 59.65 -83.03 42.20
C GLN B 167 59.89 -81.51 42.28
N PHE B 168 58.83 -80.71 42.48
CA PHE B 168 58.88 -79.25 42.56
C PHE B 168 58.50 -78.76 43.97
N LYS B 169 57.53 -79.41 44.61
CA LYS B 169 57.15 -79.12 46.01
C LYS B 169 58.34 -79.42 46.94
N VAL B 170 59.00 -80.54 46.72
CA VAL B 170 60.38 -80.83 47.11
C VAL B 170 61.28 -80.34 45.99
N GLY B 171 62.51 -79.88 46.26
CA GLY B 171 63.43 -79.48 45.19
C GLY B 171 64.13 -80.63 44.47
N LYS B 172 64.60 -80.39 43.24
CA LYS B 172 65.74 -81.15 42.70
C LYS B 172 66.96 -80.90 43.59
N GLU B 173 67.89 -81.85 43.67
CA GLU B 173 68.87 -81.95 44.76
C GLU B 173 68.26 -82.23 46.15
N ASN B 174 66.97 -82.54 46.25
CA ASN B 174 66.36 -83.22 47.40
C ASN B 174 65.59 -84.48 46.99
N PHE B 175 65.06 -84.56 45.79
CA PHE B 175 64.36 -85.72 45.24
C PHE B 175 65.20 -86.40 44.13
N ALA B 176 65.23 -87.73 44.08
CA ALA B 176 65.82 -88.52 42.99
C ALA B 176 65.00 -89.77 42.68
N LEU B 177 65.08 -90.32 41.48
CA LEU B 177 64.30 -91.49 41.06
C LEU B 177 65.18 -92.60 40.50
N ILE B 178 64.94 -93.82 40.95
CA ILE B 178 65.49 -95.08 40.42
C ILE B 178 64.39 -95.78 39.62
N HIS B 179 64.57 -96.05 38.34
CA HIS B 179 63.58 -96.73 37.52
C HIS B 179 64.05 -98.14 37.25
N VAL B 180 63.25 -99.14 37.57
CA VAL B 180 63.65 -100.54 37.46
C VAL B 180 63.03 -101.10 36.18
N SER B 181 63.79 -101.71 35.28
CA SER B 181 63.32 -102.01 33.92
C SER B 181 63.87 -103.31 33.36
N LEU B 182 63.23 -103.85 32.31
CA LEU B 182 63.52 -105.22 31.84
C LEU B 182 64.49 -105.21 30.67
N VAL B 183 65.51 -106.06 30.73
CA VAL B 183 66.35 -106.40 29.57
C VAL B 183 66.09 -107.87 29.28
N PRO B 184 65.09 -108.25 28.46
CA PRO B 184 64.87 -109.64 28.13
C PRO B 184 66.02 -110.15 27.29
N VAL B 185 66.41 -111.40 27.51
CA VAL B 185 67.37 -112.11 26.69
C VAL B 185 66.64 -113.13 25.86
N ILE B 186 66.65 -112.98 24.54
CA ILE B 186 66.13 -113.99 23.60
C ILE B 186 67.13 -114.22 22.48
N HIS B 187 67.20 -115.45 21.96
CA HIS B 187 68.25 -115.86 21.02
C HIS B 187 69.66 -115.55 21.56
N GLY B 188 69.83 -115.60 22.88
CA GLY B 188 71.07 -115.26 23.56
C GLY B 188 71.51 -113.79 23.47
N GLU B 189 70.64 -112.85 23.08
CA GLU B 189 70.95 -111.41 23.02
C GLU B 189 70.08 -110.57 23.98
N GLN B 190 70.73 -109.70 24.77
CA GLN B 190 70.09 -108.70 25.62
C GLN B 190 69.41 -107.57 24.82
N LYS B 191 68.08 -107.53 24.77
CA LYS B 191 67.35 -106.51 24.01
C LYS B 191 67.05 -105.29 24.88
N THR B 192 67.37 -104.09 24.43
CA THR B 192 67.16 -102.85 25.19
C THR B 192 65.77 -102.25 25.04
N LYS B 193 65.02 -102.60 24.00
CA LYS B 193 63.80 -101.86 23.61
C LYS B 193 62.70 -101.77 24.66
N PRO B 194 62.42 -102.75 25.52
CA PRO B 194 61.42 -102.57 26.56
C PRO B 194 61.81 -101.46 27.54
N THR B 195 63.09 -101.27 27.82
CA THR B 195 63.58 -100.10 28.59
C THR B 195 63.39 -98.78 27.84
N GLN B 196 63.62 -98.73 26.52
CA GLN B 196 63.34 -97.52 25.73
C GLN B 196 61.86 -97.16 25.75
N ALA B 197 60.94 -98.09 25.45
CA ALA B 197 59.50 -97.85 25.48
C ALA B 197 58.96 -97.50 26.86
N ALA B 198 59.47 -98.08 27.95
CA ALA B 198 59.06 -97.74 29.31
C ALA B 198 59.68 -96.43 29.81
N ILE B 199 60.82 -96.00 29.29
CA ILE B 199 61.40 -94.69 29.61
C ILE B 199 60.69 -93.60 28.80
N LYS B 200 60.31 -93.85 27.55
CA LYS B 200 59.37 -93.02 26.81
C LYS B 200 58.07 -92.83 27.59
N GLY B 201 57.47 -93.90 28.11
CA GLY B 201 56.34 -93.81 29.02
C GLY B 201 56.64 -92.94 30.25
N LEU B 202 57.76 -93.15 30.93
CA LEU B 202 58.13 -92.39 32.13
C LEU B 202 58.24 -90.90 31.85
N ARG B 203 58.98 -90.48 30.82
CA ARG B 203 59.12 -89.05 30.53
C ARG B 203 57.81 -88.43 30.07
N SER B 204 56.91 -89.17 29.46
CA SER B 204 55.58 -88.68 29.09
C SER B 204 54.84 -88.13 30.31
N LEU B 205 54.84 -88.87 31.42
CA LEU B 205 54.20 -88.47 32.69
C LEU B 205 55.07 -87.50 33.51
N GLY B 206 56.34 -87.35 33.18
CA GLY B 206 57.17 -86.18 33.49
C GLY B 206 58.25 -86.39 34.53
N LEU B 207 58.29 -87.57 35.12
CA LEU B 207 59.39 -88.01 35.97
C LEU B 207 60.63 -88.26 35.09
N VAL B 208 61.83 -87.99 35.59
CA VAL B 208 63.10 -88.30 34.91
C VAL B 208 63.97 -89.17 35.80
N PRO B 209 64.51 -90.31 35.32
CA PRO B 209 65.25 -91.22 36.15
C PRO B 209 66.68 -90.74 36.33
N ASP B 210 67.13 -90.71 37.57
CA ASP B 210 68.52 -90.43 37.92
C ASP B 210 69.36 -91.69 37.89
N MET B 211 68.73 -92.85 37.97
CA MET B 211 69.29 -94.15 37.71
C MET B 211 68.31 -95.04 36.95
N ILE B 212 68.83 -95.98 36.19
CA ILE B 212 68.06 -97.12 35.70
C ILE B 212 68.65 -98.35 36.37
N ALA B 213 67.83 -99.32 36.73
CA ALA B 213 68.26 -100.58 37.29
C ALA B 213 67.63 -101.75 36.57
N CYS B 214 68.41 -102.68 36.03
CA CYS B 214 67.85 -103.70 35.15
C CYS B 214 67.61 -105.05 35.80
N ARG B 215 66.40 -105.58 35.67
CA ARG B 215 66.16 -107.02 35.73
C ARG B 215 66.70 -107.62 34.45
N CYS B 216 67.66 -108.51 34.58
CA CYS B 216 68.21 -109.24 33.46
C CYS B 216 68.61 -110.65 33.90
N SER B 217 68.53 -111.62 32.99
CA SER B 217 68.99 -112.98 33.24
C SER B 217 70.52 -113.09 33.34
N GLU B 218 71.26 -112.04 33.01
CA GLU B 218 72.72 -112.04 32.83
C GLU B 218 73.39 -110.84 33.49
N THR B 219 74.72 -110.82 33.54
CA THR B 219 75.41 -109.54 33.67
C THR B 219 75.17 -108.73 32.39
N LEU B 220 74.69 -107.48 32.50
CA LEU B 220 74.55 -106.62 31.32
C LEU B 220 75.87 -106.51 30.57
N ASP B 221 75.84 -106.71 29.26
CA ASP B 221 76.97 -106.44 28.41
C ASP B 221 77.32 -104.95 28.43
N LYS B 222 78.59 -104.63 28.31
CA LYS B 222 79.11 -103.27 28.12
C LYS B 222 78.33 -102.48 27.04
N PRO B 223 78.05 -103.02 25.84
CA PRO B 223 77.17 -102.36 24.87
C PRO B 223 75.72 -102.20 25.32
N THR B 224 75.14 -103.09 26.13
CA THR B 224 73.77 -102.92 26.62
C THR B 224 73.65 -101.73 27.54
N ILE B 225 74.60 -101.53 28.45
CA ILE B 225 74.68 -100.34 29.27
C ILE B 225 74.80 -99.08 28.41
N ASP B 226 75.66 -99.10 27.38
CA ASP B 226 75.81 -97.96 26.49
C ASP B 226 74.54 -97.68 25.68
N LYS B 227 73.83 -98.69 25.18
CA LYS B 227 72.61 -98.52 24.40
C LYS B 227 71.38 -98.17 25.26
N ILE B 228 71.37 -98.44 26.56
CA ILE B 228 70.40 -97.82 27.49
C ILE B 228 70.79 -96.37 27.78
N ALA B 229 72.03 -96.07 28.16
CA ALA B 229 72.44 -94.70 28.47
C ALA B 229 72.41 -93.73 27.27
N MET B 230 72.52 -94.22 26.03
CA MET B 230 72.30 -93.43 24.80
C MET B 230 70.83 -93.08 24.57
N PHE B 231 69.91 -93.65 25.34
CA PHE B 231 68.46 -93.50 25.20
C PHE B 231 67.74 -92.96 26.44
N CYS B 232 68.50 -92.65 27.50
CA CYS B 232 68.00 -92.14 28.77
C CYS B 232 68.97 -91.09 29.33
N HIS B 233 68.52 -90.24 30.23
CA HIS B 233 69.32 -89.10 30.70
C HIS B 233 70.27 -89.44 31.86
N VAL B 234 70.88 -90.62 31.81
CA VAL B 234 71.78 -91.19 32.83
C VAL B 234 73.17 -91.41 32.26
N GLY B 235 74.25 -91.26 33.04
CA GLY B 235 75.57 -91.72 32.60
C GLY B 235 75.62 -93.25 32.54
N PRO B 236 76.56 -93.87 31.83
CA PRO B 236 76.66 -95.31 31.77
C PRO B 236 76.95 -95.98 33.12
N GLU B 237 77.49 -95.24 34.09
CA GLU B 237 77.75 -95.67 35.46
C GLU B 237 76.51 -95.68 36.38
N GLN B 238 75.36 -95.15 35.93
CA GLN B 238 74.06 -95.22 36.62
C GLN B 238 73.05 -96.16 35.95
N VAL B 239 73.49 -97.05 35.05
CA VAL B 239 72.71 -98.22 34.68
C VAL B 239 73.11 -99.38 35.58
N VAL B 240 72.47 -99.45 36.76
CA VAL B 240 72.66 -100.46 37.79
C VAL B 240 72.11 -101.81 37.32
N ASN B 241 72.60 -102.91 37.86
CA ASN B 241 72.17 -104.25 37.48
C ASN B 241 72.11 -105.22 38.66
N VAL B 242 70.90 -105.60 39.08
CA VAL B 242 70.66 -106.59 40.14
C VAL B 242 70.65 -107.98 39.52
N HIS B 243 71.83 -108.53 39.22
CA HIS B 243 72.00 -109.86 38.64
C HIS B 243 71.89 -110.98 39.70
N ASP B 244 71.93 -112.23 39.26
CA ASP B 244 71.99 -113.39 40.15
C ASP B 244 73.14 -113.26 41.16
N VAL B 245 72.85 -113.48 42.44
CA VAL B 245 73.78 -113.41 43.57
C VAL B 245 73.53 -114.56 44.54
N ASN B 246 74.50 -114.85 45.42
CA ASN B 246 74.44 -116.04 46.27
C ASN B 246 73.18 -116.07 47.16
N SER B 247 72.79 -114.89 47.66
CA SER B 247 71.52 -114.64 48.33
C SER B 247 71.10 -113.19 48.18
N THR B 248 69.82 -112.93 48.36
CA THR B 248 69.18 -111.61 48.28
C THR B 248 69.91 -110.54 49.08
N TYR B 249 70.40 -110.85 50.28
CA TYR B 249 71.10 -109.88 51.12
C TYR B 249 72.49 -109.47 50.58
N HIS B 250 73.05 -110.18 49.60
CA HIS B 250 74.21 -109.68 48.88
C HIS B 250 73.86 -108.49 48.01
N VAL B 251 72.60 -108.34 47.61
CA VAL B 251 72.16 -107.24 46.75
C VAL B 251 72.58 -105.85 47.26
N PRO B 252 72.40 -105.44 48.51
CA PRO B 252 72.88 -104.13 48.94
C PRO B 252 74.39 -103.98 48.73
N LEU B 253 75.18 -105.01 49.01
CA LEU B 253 76.61 -104.94 48.74
C LEU B 253 76.87 -104.91 47.24
N LEU B 254 76.09 -105.65 46.44
CA LEU B 254 76.12 -105.53 44.99
C LEU B 254 75.87 -104.09 44.53
N LEU B 255 74.85 -103.42 45.04
CA LEU B 255 74.55 -102.03 44.72
C LEU B 255 75.71 -101.12 45.12
N LEU B 256 76.26 -101.30 46.32
CA LEU B 256 77.43 -100.59 46.79
C LEU B 256 78.63 -100.80 45.85
N GLU B 257 78.89 -102.03 45.43
CA GLU B 257 80.00 -102.40 44.56
C GLU B 257 79.85 -101.76 43.18
N GLN B 258 78.63 -101.66 42.68
CA GLN B 258 78.26 -100.94 41.46
C GLN B 258 78.25 -99.41 41.62
N LYS B 259 78.86 -98.87 42.69
CA LYS B 259 78.98 -97.43 43.00
C LYS B 259 77.63 -96.72 43.01
N MET B 260 76.57 -97.42 43.40
CA MET B 260 75.23 -96.86 43.40
C MET B 260 75.12 -95.69 44.41
N ILE B 261 75.63 -95.86 45.62
CA ILE B 261 75.61 -94.80 46.65
C ILE B 261 76.62 -93.69 46.39
N ASP B 262 77.75 -93.96 45.78
CA ASP B 262 78.73 -92.92 45.47
C ASP B 262 78.17 -91.89 44.48
N TYR B 263 77.14 -92.24 43.72
CA TYR B 263 76.31 -91.29 42.99
C TYR B 263 75.26 -90.64 43.90
N LEU B 264 74.41 -91.39 44.63
CA LEU B 264 73.35 -90.80 45.45
C LEU B 264 73.88 -89.81 46.49
N HIS B 265 75.04 -90.04 47.05
CA HIS B 265 75.75 -89.09 47.90
C HIS B 265 75.88 -87.71 47.24
N ALA B 266 76.28 -87.64 45.98
CA ALA B 266 76.40 -86.39 45.22
C ALA B 266 75.05 -85.90 44.70
N ARG B 267 74.23 -86.79 44.15
CA ARG B 267 72.93 -86.46 43.51
C ARG B 267 71.89 -85.94 44.49
N LEU B 268 71.95 -86.41 45.73
CA LEU B 268 71.11 -85.92 46.81
C LEU B 268 71.91 -85.11 47.82
N LYS B 269 73.19 -84.84 47.56
CA LYS B 269 74.01 -83.92 48.33
C LYS B 269 73.97 -84.28 49.82
N LEU B 270 74.29 -85.54 50.08
CA LEU B 270 74.15 -86.18 51.39
C LEU B 270 75.30 -85.83 52.34
N ASP B 271 76.38 -85.29 51.78
CA ASP B 271 77.41 -84.54 52.49
C ASP B 271 76.83 -83.34 53.27
N GLU B 272 75.68 -82.81 52.86
CA GLU B 272 74.98 -81.78 53.66
C GLU B 272 74.40 -82.32 54.96
N ILE B 273 74.25 -83.65 55.12
CA ILE B 273 73.79 -84.25 56.36
C ILE B 273 74.97 -84.38 57.34
N SER B 274 75.17 -83.35 58.16
CA SER B 274 76.21 -83.28 59.20
C SER B 274 75.87 -84.14 60.42
N LEU B 275 75.97 -85.46 60.27
CA LEU B 275 75.72 -86.44 61.33
C LEU B 275 76.61 -86.24 62.56
N THR B 276 76.12 -86.58 63.75
CA THR B 276 77.02 -86.71 64.91
C THR B 276 77.97 -87.89 64.71
N GLU B 277 79.10 -87.90 65.43
CA GLU B 277 80.03 -89.01 65.40
C GLU B 277 79.51 -90.26 66.10
N GLU B 278 78.36 -90.20 66.77
CA GLU B 278 77.56 -91.38 67.13
C GLU B 278 76.61 -91.83 66.01
N GLU B 279 76.38 -91.00 65.01
CA GLU B 279 75.67 -91.35 63.80
C GLU B 279 76.66 -91.64 62.69
N GLU B 280 78.82 -93.01 64.23
CA GLU B 280 78.99 -94.39 64.65
C GLU B 280 77.85 -95.29 64.18
N LEU B 281 76.63 -94.79 64.00
CA LEU B 281 75.56 -95.55 63.36
C LEU B 281 75.99 -96.04 61.98
N LEU B 282 76.70 -95.19 61.23
CA LEU B 282 77.42 -95.54 60.02
C LEU B 282 78.33 -96.74 60.26
N SER B 283 79.19 -96.66 61.27
CA SER B 283 80.19 -97.68 61.59
C SER B 283 79.55 -98.99 61.99
N LYS B 284 78.56 -98.94 62.87
CA LYS B 284 77.75 -100.05 63.30
C LYS B 284 77.04 -100.67 62.11
N TRP B 285 76.46 -99.86 61.23
CA TRP B 285 75.81 -100.41 60.06
C TRP B 285 76.79 -101.05 59.08
N LYS B 286 77.94 -100.42 58.84
CA LYS B 286 79.03 -100.97 58.02
C LYS B 286 79.50 -102.29 58.60
N ALA B 287 79.70 -102.35 59.91
CA ALA B 287 79.94 -103.60 60.59
C ALA B 287 78.81 -104.57 60.26
N THR B 288 77.53 -104.27 60.52
CA THR B 288 76.43 -105.19 60.23
C THR B 288 76.27 -105.57 58.77
N THR B 289 76.70 -104.72 57.84
CA THR B 289 76.71 -105.02 56.42
C THR B 289 77.66 -106.16 56.18
N GLY B 290 78.87 -106.04 56.71
CA GLY B 290 79.81 -107.13 56.83
C GLY B 290 79.23 -108.30 57.61
N ASN B 291 78.61 -108.08 58.78
CA ASN B 291 78.20 -109.17 59.66
C ASN B 291 77.04 -109.97 59.07
N PHE B 292 76.20 -109.35 58.24
CA PHE B 292 75.37 -110.09 57.31
C PHE B 292 76.25 -110.87 56.33
N ASP B 293 77.05 -110.15 55.54
CA ASP B 293 77.68 -110.67 54.32
C ASP B 293 78.71 -111.77 54.57
N GLU B 294 79.40 -111.72 55.69
CA GLU B 294 80.46 -112.63 56.11
C GLU B 294 79.91 -114.03 56.45
N THR B 295 74.84 -128.23 55.75
CA THR B 295 73.40 -127.99 55.57
C THR B 295 72.54 -128.39 56.77
N VAL B 296 71.47 -127.64 57.02
CA VAL B 296 70.33 -128.02 57.87
C VAL B 296 69.10 -128.17 56.97
N LYS B 297 68.42 -129.32 57.00
CA LYS B 297 67.23 -129.58 56.18
C LYS B 297 65.99 -129.40 57.04
N ILE B 298 65.04 -128.55 56.69
CA ILE B 298 63.81 -128.32 57.48
C ILE B 298 62.58 -128.59 56.61
N ALA B 299 61.64 -129.42 57.05
CA ALA B 299 60.39 -129.58 56.33
C ALA B 299 59.41 -128.51 56.83
N LEU B 300 58.95 -127.64 55.94
CA LEU B 300 57.88 -126.70 56.23
C LEU B 300 56.60 -127.30 55.66
N VAL B 301 55.66 -127.60 56.54
CA VAL B 301 54.48 -128.41 56.24
C VAL B 301 53.23 -127.56 56.39
N GLY B 302 52.50 -127.29 55.31
CA GLY B 302 51.31 -126.47 55.42
C GLY B 302 50.41 -126.57 54.20
N LYS B 303 49.33 -125.78 54.16
CA LYS B 303 48.45 -125.64 52.98
C LYS B 303 49.12 -124.91 51.83
N TYR B 304 48.95 -125.39 50.60
CA TYR B 304 49.30 -124.68 49.35
C TYR B 304 50.71 -124.09 49.36
N THR B 305 51.68 -124.86 49.85
CA THR B 305 53.11 -124.48 49.82
C THR B 305 53.66 -124.19 48.43
N ASN B 306 52.94 -124.56 47.36
CA ASN B 306 53.21 -124.14 45.98
C ASN B 306 53.26 -122.61 45.85
N LEU B 307 52.45 -121.94 46.66
CA LEU B 307 52.28 -120.49 46.73
C LEU B 307 53.35 -119.89 47.65
N LYS B 308 54.60 -119.93 47.20
CA LYS B 308 55.74 -119.71 48.11
C LYS B 308 55.84 -118.30 48.73
N ASP B 309 55.32 -117.28 48.08
CA ASP B 309 55.26 -115.95 48.71
C ASP B 309 54.37 -115.92 49.97
N SER B 310 53.39 -116.81 50.06
CA SER B 310 52.47 -116.88 51.21
C SER B 310 53.17 -117.25 52.52
N TYR B 311 54.40 -117.76 52.44
CA TYR B 311 55.20 -118.14 53.60
C TYR B 311 56.48 -117.32 53.71
N LEU B 312 56.57 -116.19 52.99
CA LEU B 312 57.80 -115.44 52.86
C LEU B 312 58.45 -115.07 54.19
N SER B 313 57.71 -114.53 55.15
CA SER B 313 58.28 -114.11 56.43
C SER B 313 58.91 -115.30 57.15
N VAL B 314 58.24 -116.46 57.08
CA VAL B 314 58.74 -117.70 57.63
C VAL B 314 60.08 -118.03 57.00
N ILE B 315 60.17 -117.93 55.67
CA ILE B 315 61.44 -118.20 55.00
C ILE B 315 62.52 -117.25 55.49
N LYS B 316 62.23 -115.95 55.51
CA LYS B 316 63.24 -114.98 55.92
C LYS B 316 63.68 -115.19 57.35
N ALA B 317 62.77 -115.49 58.25
CA ALA B 317 63.11 -115.80 59.63
C ALA B 317 64.08 -117.00 59.74
N LEU B 318 63.82 -118.08 58.99
CA LEU B 318 64.75 -119.20 58.92
C LEU B 318 66.10 -118.81 58.35
N GLU B 319 66.16 -117.92 57.35
CA GLU B 319 67.42 -117.43 56.80
C GLU B 319 68.22 -116.64 57.83
N HIS B 320 67.59 -115.71 58.56
CA HIS B 320 68.30 -114.87 59.54
C HIS B 320 68.98 -115.74 60.58
N SER B 321 68.23 -116.70 61.10
CA SER B 321 68.71 -117.64 62.11
C SER B 321 69.79 -118.57 61.56
N SER B 322 69.66 -119.08 60.34
CA SER B 322 70.65 -119.97 59.74
C SER B 322 72.02 -119.33 59.57
N MET B 323 72.07 -118.03 59.29
CA MET B 323 73.33 -117.29 59.25
C MET B 323 74.02 -117.27 60.62
N LYS B 324 73.28 -117.17 61.74
CA LYS B 324 73.85 -117.23 63.09
C LYS B 324 74.45 -118.60 63.39
N CYS B 325 73.76 -119.69 63.04
CA CYS B 325 74.27 -121.06 63.14
C CYS B 325 75.38 -121.43 62.13
N ARG B 326 75.71 -120.50 61.23
CA ARG B 326 76.67 -120.63 60.13
C ARG B 326 76.38 -121.84 59.21
N ARG B 327 75.13 -122.30 59.15
CA ARG B 327 74.69 -123.50 58.41
C ARG B 327 73.76 -123.15 57.26
N LYS B 328 73.89 -123.86 56.16
CA LYS B 328 73.16 -123.62 54.92
C LYS B 328 71.73 -124.12 55.08
N LEU B 329 70.75 -123.30 54.76
CA LEU B 329 69.34 -123.65 54.92
C LEU B 329 68.79 -124.35 53.69
N ASP B 330 68.09 -125.45 53.89
CA ASP B 330 67.42 -126.20 52.83
C ASP B 330 65.97 -126.50 53.22
N ILE B 331 65.05 -125.59 52.91
CA ILE B 331 63.63 -125.79 53.19
C ILE B 331 63.06 -126.82 52.22
N LYS B 332 62.52 -127.93 52.73
CA LYS B 332 61.67 -128.82 51.94
C LYS B 332 60.23 -128.33 52.05
N TRP B 333 59.60 -128.05 50.93
CA TRP B 333 58.21 -127.63 50.85
C TRP B 333 57.29 -128.84 50.76
N VAL B 334 56.46 -129.05 51.77
CA VAL B 334 55.50 -130.16 51.83
C VAL B 334 54.09 -129.61 51.78
N GLU B 335 53.26 -130.05 50.84
CA GLU B 335 51.82 -129.84 50.96
C GLU B 335 51.29 -130.75 52.05
N ALA B 336 50.71 -130.17 53.09
CA ALA B 336 50.20 -130.93 54.23
C ALA B 336 49.19 -132.00 53.84
N THR B 337 48.30 -131.71 52.89
CA THR B 337 47.30 -132.69 52.45
C THR B 337 47.89 -133.92 51.77
N ASP B 338 49.09 -133.84 51.20
CA ASP B 338 49.75 -135.00 50.60
C ASP B 338 50.29 -136.00 51.62
N LEU B 339 50.33 -135.65 52.90
CA LEU B 339 50.69 -136.59 53.96
C LEU B 339 49.54 -137.51 54.35
N GLU B 340 48.30 -137.18 53.99
CA GLU B 340 47.11 -137.86 54.51
C GLU B 340 47.02 -139.34 54.06
N PRO B 341 46.50 -140.25 54.90
CA PRO B 341 46.22 -141.63 54.52
C PRO B 341 45.29 -141.78 53.31
N GLU B 342 44.43 -140.79 53.04
CA GLU B 342 43.57 -140.73 51.84
C GLU B 342 44.36 -140.41 50.57
N ALA B 343 45.41 -139.58 50.68
CA ALA B 343 46.20 -139.21 49.51
C ALA B 343 46.91 -140.42 48.88
N GLN B 344 47.18 -141.47 49.67
CA GLN B 344 47.84 -142.69 49.21
C GLN B 344 47.11 -143.42 48.08
N GLU B 345 45.77 -143.45 48.09
CA GLU B 345 45.01 -144.00 46.96
C GLU B 345 44.70 -142.95 45.89
N SER B 346 44.56 -141.67 46.28
CA SER B 346 44.15 -140.60 45.37
C SER B 346 45.27 -140.16 44.43
N ASN B 347 46.48 -139.95 44.95
CA ASN B 347 47.62 -139.36 44.25
C ASN B 347 48.95 -139.88 44.80
N LYS B 348 49.14 -141.20 44.75
CA LYS B 348 50.19 -141.93 45.47
C LYS B 348 51.60 -141.35 45.29
N THR B 349 51.96 -140.92 44.09
CA THR B 349 53.32 -140.45 43.79
C THR B 349 53.70 -139.25 44.64
N LYS B 350 52.84 -138.24 44.72
CA LYS B 350 53.11 -137.04 45.51
C LYS B 350 53.09 -137.31 47.01
N PHE B 351 52.28 -138.26 47.44
CA PHE B 351 52.26 -138.73 48.83
C PHE B 351 53.61 -139.33 49.27
N HIS B 352 54.28 -140.11 48.43
CA HIS B 352 55.64 -140.58 48.73
C HIS B 352 56.65 -139.43 48.75
N GLU B 353 56.56 -138.47 47.83
CA GLU B 353 57.46 -137.32 47.85
C GLU B 353 57.31 -136.52 49.15
N ALA B 354 56.08 -136.29 49.59
CA ALA B 354 55.79 -135.60 50.83
C ALA B 354 56.37 -136.33 52.05
N TRP B 355 56.16 -137.64 52.14
CA TRP B 355 56.67 -138.40 53.25
C TRP B 355 58.18 -138.57 53.24
N ASN B 356 58.83 -138.66 52.08
CA ASN B 356 60.29 -138.63 52.04
C ASN B 356 60.83 -137.33 52.62
N MET B 357 60.24 -136.18 52.28
CA MET B 357 60.67 -134.90 52.84
C MET B 357 60.53 -134.91 54.37
N VAL B 358 59.37 -135.31 54.90
CA VAL B 358 59.15 -135.36 56.36
C VAL B 358 60.16 -136.28 57.05
N SER B 359 60.44 -137.44 56.46
CA SER B 359 61.39 -138.42 56.97
C SER B 359 62.85 -138.00 56.88
N THR B 360 63.21 -137.18 55.91
CA THR B 360 64.58 -136.68 55.71
C THR B 360 64.93 -135.56 56.66
N ALA B 361 63.99 -134.68 56.98
CA ALA B 361 64.28 -133.39 57.57
C ALA B 361 64.90 -133.46 58.97
N ASP B 362 65.85 -132.59 59.26
CA ASP B 362 66.46 -132.40 60.57
C ASP B 362 65.58 -131.62 61.53
N GLY B 363 64.53 -130.96 61.02
CA GLY B 363 63.54 -130.26 61.82
C GLY B 363 62.21 -130.19 61.10
N ILE B 364 61.11 -130.06 61.84
CA ILE B 364 59.78 -129.88 61.28
C ILE B 364 59.23 -128.51 61.70
N LEU B 365 58.48 -127.88 60.82
CA LEU B 365 57.92 -126.56 61.00
C LEU B 365 56.52 -126.53 60.45
N ILE B 366 55.54 -126.26 61.31
CA ILE B 366 54.16 -126.05 60.92
C ILE B 366 53.91 -124.53 60.99
N PRO B 367 53.66 -123.84 59.87
CA PRO B 367 54.01 -122.42 59.75
C PRO B 367 52.90 -121.42 60.16
N GLY B 368 51.74 -121.88 60.65
CA GLY B 368 50.58 -121.01 60.89
C GLY B 368 49.72 -120.77 59.65
N GLY B 369 49.31 -121.86 58.99
CA GLY B 369 48.54 -121.84 57.74
C GLY B 369 47.14 -121.20 57.83
N PHE B 370 46.53 -121.02 56.68
CA PHE B 370 45.23 -120.38 56.47
C PHE B 370 44.15 -121.44 56.24
N GLY B 371 43.07 -121.38 57.00
CA GLY B 371 41.95 -122.32 56.88
C GLY B 371 42.26 -123.75 57.31
N VAL B 372 41.27 -124.65 57.19
CA VAL B 372 41.31 -125.99 57.83
C VAL B 372 41.97 -127.10 56.99
N ARG B 373 42.00 -126.98 55.66
CA ARG B 373 42.27 -128.08 54.72
C ARG B 373 43.47 -128.97 55.07
N GLY B 374 44.62 -128.38 55.35
CA GLY B 374 45.86 -129.12 55.61
C GLY B 374 45.93 -129.87 56.95
N THR B 375 44.96 -129.65 57.85
CA THR B 375 45.08 -130.04 59.26
C THR B 375 45.45 -131.51 59.45
N GLU B 376 44.80 -132.43 58.74
CA GLU B 376 44.97 -133.87 59.00
C GLU B 376 46.41 -134.33 58.75
N GLY B 377 47.08 -133.83 57.72
CA GLY B 377 48.48 -134.13 57.51
C GLY B 377 49.40 -133.43 58.51
N MET B 378 49.13 -132.19 58.86
CA MET B 378 49.90 -131.45 59.86
C MET B 378 49.87 -132.13 61.24
N VAL B 379 48.81 -132.84 61.59
CA VAL B 379 48.77 -133.68 62.79
C VAL B 379 49.83 -134.78 62.73
N LEU B 380 49.90 -135.53 61.63
CA LEU B 380 50.86 -136.61 61.43
C LEU B 380 52.31 -136.10 61.39
N ALA B 381 52.57 -134.91 60.86
CA ALA B 381 53.87 -134.26 60.96
C ALA B 381 54.23 -133.88 62.41
N ALA B 382 53.28 -133.42 63.21
CA ALA B 382 53.55 -133.14 64.62
C ALA B 382 53.81 -134.41 65.46
N ARG B 383 53.08 -135.51 65.17
CA ARG B 383 53.24 -136.85 65.74
C ARG B 383 54.61 -137.42 65.44
N TRP B 384 55.05 -137.27 64.19
CA TRP B 384 56.37 -137.69 63.74
C TRP B 384 57.51 -137.05 64.53
N ALA B 385 57.39 -135.77 64.90
CA ALA B 385 58.38 -135.07 65.71
C ALA B 385 58.17 -135.19 67.23
N ARG B 386 56.96 -135.53 67.70
CA ARG B 386 56.75 -135.81 69.13
C ARG B 386 57.44 -137.11 69.49
N GLU B 387 57.19 -138.17 68.72
CA GLU B 387 57.58 -139.53 69.07
C GLU B 387 59.07 -139.77 68.85
N ASN B 388 59.51 -139.68 67.61
CA ASN B 388 60.92 -139.59 67.25
C ASN B 388 61.42 -138.19 67.63
N HIS B 389 62.55 -138.04 68.30
CA HIS B 389 63.01 -136.74 68.86
C HIS B 389 63.49 -135.69 67.82
N ILE B 390 62.76 -135.47 66.73
CA ILE B 390 63.01 -134.44 65.73
C ILE B 390 62.71 -133.04 66.31
N PRO B 391 63.56 -132.03 66.16
CA PRO B 391 63.24 -130.64 66.50
C PRO B 391 62.00 -130.12 65.77
N PHE B 392 61.18 -129.32 66.43
CA PHE B 392 59.89 -128.84 65.92
C PHE B 392 59.60 -127.41 66.34
N LEU B 393 58.98 -126.64 65.45
CA LEU B 393 58.28 -125.40 65.79
C LEU B 393 56.88 -125.37 65.18
N GLY B 394 55.88 -125.11 66.02
CA GLY B 394 54.51 -124.82 65.59
C GLY B 394 54.20 -123.34 65.74
N VAL B 395 53.80 -122.66 64.66
CA VAL B 395 53.41 -121.24 64.70
C VAL B 395 51.92 -121.11 64.53
N CYS B 396 51.23 -120.40 65.43
CA CYS B 396 49.79 -120.19 65.44
C CYS B 396 48.98 -121.48 65.27
N LEU B 397 48.43 -121.78 64.08
CA LEU B 397 47.81 -123.07 63.76
C LEU B 397 48.74 -124.26 64.04
N GLY B 398 50.05 -124.06 64.01
CA GLY B 398 51.01 -125.06 64.45
C GLY B 398 50.95 -125.33 65.95
N LEU B 399 50.74 -124.33 66.82
CA LEU B 399 50.49 -124.60 68.25
C LEU B 399 49.18 -125.33 68.44
N GLN B 400 48.16 -124.90 67.70
CA GLN B 400 46.86 -125.55 67.69
C GLN B 400 47.01 -127.02 67.32
N ILE B 401 47.78 -127.34 66.28
CA ILE B 401 48.02 -128.71 65.84
C ILE B 401 48.99 -129.48 66.72
N ALA B 402 49.97 -128.84 67.34
CA ALA B 402 50.75 -129.47 68.41
C ALA B 402 49.86 -129.90 69.57
N THR B 403 48.85 -129.10 69.92
CA THR B 403 47.93 -129.42 71.01
C THR B 403 46.88 -130.45 70.60
N ILE B 404 46.30 -130.33 69.40
CA ILE B 404 45.42 -131.37 68.85
C ILE B 404 46.16 -132.70 68.78
N GLU B 405 47.40 -132.75 68.34
CA GLU B 405 48.13 -134.02 68.24
C GLU B 405 48.41 -134.60 69.62
N PHE B 406 48.99 -133.82 70.53
CA PHE B 406 49.27 -134.29 71.87
C PHE B 406 47.99 -134.77 72.59
N THR B 407 46.86 -134.10 72.38
CA THR B 407 45.54 -134.59 72.81
C THR B 407 45.21 -135.92 72.14
N ARG B 408 45.25 -135.98 70.80
CA ARG B 408 44.84 -137.12 69.95
C ARG B 408 45.72 -138.38 70.09
N SER B 409 46.88 -138.28 70.75
CA SER B 409 47.84 -139.39 70.85
C SER B 409 48.37 -139.67 72.24
N VAL B 410 48.48 -138.66 73.11
CA VAL B 410 48.96 -138.84 74.48
C VAL B 410 47.80 -138.98 75.46
N LEU B 411 46.70 -138.25 75.29
CA LEU B 411 45.48 -138.39 76.09
C LEU B 411 44.45 -139.39 75.52
N GLY B 412 44.76 -140.08 74.43
CA GLY B 412 43.76 -140.79 73.62
C GLY B 412 42.88 -139.81 72.83
N ARG B 413 41.61 -139.64 73.23
CA ARG B 413 40.68 -138.59 72.74
C ARG B 413 40.67 -138.41 71.21
N LYS B 414 40.60 -139.51 70.46
CA LYS B 414 40.79 -139.54 68.99
C LYS B 414 39.79 -138.70 68.18
N ASP B 415 38.64 -138.36 68.76
CA ASP B 415 37.63 -137.47 68.16
C ASP B 415 37.98 -135.96 68.22
N SER B 416 38.99 -135.54 68.99
CA SER B 416 39.28 -134.12 69.20
C SER B 416 39.78 -133.40 67.93
N HIS B 417 39.43 -132.13 67.79
CA HIS B 417 39.57 -131.34 66.56
C HIS B 417 39.60 -129.85 66.90
N SER B 418 39.98 -129.00 65.96
CA SER B 418 39.84 -127.54 66.07
C SER B 418 38.38 -127.11 66.30
N ALA B 419 38.18 -125.97 66.98
CA ALA B 419 36.86 -125.36 67.12
C ALA B 419 36.18 -125.04 65.78
N GLU B 420 36.94 -125.01 64.68
CA GLU B 420 36.43 -124.94 63.32
C GLU B 420 35.36 -126.01 63.00
N PHE B 421 35.49 -127.25 63.52
CA PHE B 421 34.46 -128.30 63.43
C PHE B 421 33.40 -128.10 64.53
N TYR B 422 32.73 -126.96 64.44
CA TYR B 422 31.83 -126.43 65.45
C TYR B 422 30.77 -127.42 66.01
N PRO B 423 30.01 -128.17 65.19
CA PRO B 423 28.88 -128.96 65.69
C PRO B 423 29.24 -130.23 66.46
N ASP B 424 30.53 -130.59 66.59
CA ASP B 424 30.96 -131.67 67.49
C ASP B 424 30.88 -131.25 68.97
N ILE B 425 30.96 -129.94 69.27
CA ILE B 425 30.82 -129.30 70.59
C ILE B 425 31.76 -129.88 71.68
N ASP B 426 31.46 -131.04 72.25
CA ASP B 426 32.12 -131.58 73.45
C ASP B 426 33.62 -131.84 73.27
N GLU B 427 34.07 -132.12 72.05
CA GLU B 427 35.45 -132.51 71.69
C GLU B 427 36.27 -131.39 71.00
N LYS B 428 35.74 -130.16 70.95
CA LYS B 428 36.47 -128.99 70.43
C LYS B 428 37.69 -128.73 71.31
N ASN B 429 38.88 -128.74 70.70
CA ASN B 429 40.17 -128.50 71.37
C ASN B 429 40.43 -127.01 71.69
N HIS B 430 39.62 -126.11 71.14
CA HIS B 430 39.83 -124.65 71.17
C HIS B 430 38.55 -123.89 71.56
N VAL B 431 38.67 -122.60 71.86
CA VAL B 431 37.58 -121.67 72.16
C VAL B 431 37.77 -120.36 71.40
N VAL B 432 36.67 -119.76 70.97
CA VAL B 432 36.64 -118.43 70.35
C VAL B 432 37.12 -117.36 71.34
N VAL B 433 37.90 -116.42 70.84
CA VAL B 433 38.36 -115.23 71.57
C VAL B 433 38.56 -114.06 70.60
N PHE B 434 37.47 -113.38 70.22
CA PHE B 434 37.49 -112.30 69.21
C PHE B 434 38.07 -110.95 69.73
N MET B 435 38.08 -110.71 71.04
CA MET B 435 38.40 -109.41 71.66
C MET B 435 37.73 -108.21 70.99
N MET B 436 39.27 -110.48 66.08
CA MET B 436 40.60 -111.08 66.02
C MET B 436 41.59 -110.40 66.98
N ARG B 437 42.40 -111.16 67.71
CA ARG B 437 43.53 -110.64 68.48
C ARG B 437 44.65 -110.31 67.51
N LEU B 438 45.15 -109.08 67.54
CA LEU B 438 46.11 -108.49 66.59
C LEU B 438 47.20 -107.69 67.29
N GLY B 439 48.28 -107.39 66.56
CA GLY B 439 49.31 -106.44 66.95
C GLY B 439 50.21 -106.90 68.09
N LEU B 440 51.14 -106.02 68.48
CA LEU B 440 52.12 -106.30 69.51
C LEU B 440 51.45 -106.37 70.86
N ARG B 441 51.42 -107.57 71.44
CA ARG B 441 50.98 -107.82 72.82
C ARG B 441 52.10 -108.50 73.63
N PRO B 442 52.21 -108.30 74.95
CA PRO B 442 53.20 -108.98 75.77
C PRO B 442 52.90 -110.49 75.90
N THR B 443 53.86 -111.25 76.41
CA THR B 443 53.69 -112.60 76.93
C THR B 443 54.69 -112.82 78.04
N PHE B 444 54.26 -113.48 79.09
CA PHE B 444 54.98 -113.61 80.36
C PHE B 444 55.29 -115.08 80.63
N PHE B 445 56.53 -115.40 80.95
CA PHE B 445 56.87 -116.78 81.30
C PHE B 445 56.22 -117.20 82.61
N GLN B 446 55.86 -118.48 82.74
CA GLN B 446 55.35 -119.03 84.00
C GLN B 446 56.52 -119.23 84.98
N ASN B 447 56.42 -118.71 86.19
CA ASN B 447 57.60 -118.36 87.02
C ASN B 447 58.50 -119.53 87.48
N GLU B 448 58.06 -120.77 87.34
CA GLU B 448 58.79 -122.00 87.73
C GLU B 448 59.62 -122.61 86.58
N THR B 449 59.39 -122.23 85.32
CA THR B 449 59.87 -122.99 84.15
C THR B 449 61.33 -122.72 83.77
N GLU B 450 62.23 -122.76 84.75
CA GLU B 450 63.67 -122.53 84.61
C GLU B 450 64.38 -123.54 83.71
N TRP B 451 63.79 -124.72 83.52
CA TRP B 451 64.29 -125.80 82.66
C TRP B 451 64.17 -125.49 81.17
N SER B 452 63.27 -124.59 80.77
CA SER B 452 62.82 -124.36 79.39
C SER B 452 63.96 -124.01 78.44
N GLN B 453 64.01 -124.66 77.28
CA GLN B 453 64.94 -124.31 76.22
C GLN B 453 64.59 -122.95 75.61
N ILE B 454 63.31 -122.68 75.37
CA ILE B 454 62.91 -121.42 74.72
C ILE B 454 63.13 -120.21 75.62
N LYS B 455 62.76 -120.26 76.91
CA LYS B 455 62.98 -119.10 77.79
C LYS B 455 64.46 -118.87 78.12
N LYS B 456 65.34 -119.85 77.84
CA LYS B 456 66.78 -119.64 77.84
C LYS B 456 67.21 -118.82 76.61
N LEU B 457 66.72 -119.11 75.41
CA LEU B 457 67.03 -118.33 74.20
C LEU B 457 66.65 -116.85 74.33
N TYR B 458 65.53 -116.55 75.00
CA TYR B 458 65.11 -115.19 75.37
C TYR B 458 65.95 -114.52 76.49
N GLY B 459 67.12 -115.07 76.81
CA GLY B 459 68.10 -114.43 77.69
C GLY B 459 67.72 -114.34 79.16
N ASP B 460 66.80 -115.18 79.62
CA ASP B 460 66.20 -115.13 80.96
C ASP B 460 65.43 -113.83 81.28
N VAL B 461 65.04 -113.06 80.28
CA VAL B 461 64.17 -111.88 80.44
C VAL B 461 62.77 -112.32 80.90
N SER B 462 62.11 -111.52 81.74
CA SER B 462 60.83 -111.83 82.38
C SER B 462 59.63 -111.91 81.42
N GLU B 463 59.66 -111.18 80.30
CA GLU B 463 58.59 -111.15 79.32
C GLU B 463 59.11 -110.84 77.91
N VAL B 464 58.22 -111.07 76.94
CA VAL B 464 58.43 -110.86 75.51
C VAL B 464 57.24 -110.11 74.92
N HIS B 465 57.40 -109.48 73.75
CA HIS B 465 56.32 -108.78 73.05
C HIS B 465 56.25 -109.26 71.60
N GLU B 466 55.07 -109.63 71.11
CA GLU B 466 54.95 -110.42 69.88
C GLU B 466 53.67 -110.10 69.09
N ARG B 467 53.66 -110.44 67.79
CA ARG B 467 52.52 -110.21 66.89
C ARG B 467 51.54 -111.38 66.84
N HIS B 468 50.25 -111.06 66.80
CA HIS B 468 49.14 -112.03 66.86
C HIS B 468 48.18 -111.83 65.69
N ARG B 469 47.40 -112.86 65.32
CA ARG B 469 46.39 -112.80 64.24
C ARG B 469 45.25 -113.81 64.43
N HIS B 470 44.95 -114.18 65.66
CA HIS B 470 44.17 -115.40 65.92
C HIS B 470 42.76 -115.10 66.42
N ARG B 471 41.82 -115.95 66.02
CA ARG B 471 40.44 -115.96 66.54
C ARG B 471 40.12 -117.11 67.50
N TYR B 472 40.97 -118.14 67.57
CA TYR B 472 40.80 -119.28 68.47
C TYR B 472 41.95 -119.35 69.47
N GLU B 473 41.69 -119.90 70.64
CA GLU B 473 42.74 -120.31 71.57
C GLU B 473 42.45 -121.70 72.14
N ILE B 474 43.46 -122.37 72.68
CA ILE B 474 43.26 -123.69 73.31
C ILE B 474 42.30 -123.52 74.50
N ASN B 475 41.38 -124.44 74.65
CA ASN B 475 40.31 -124.32 75.64
C ASN B 475 40.91 -124.40 77.07
N PRO B 476 40.82 -123.34 77.90
CA PRO B 476 41.45 -123.30 79.22
C PRO B 476 41.08 -124.46 80.13
N LYS B 477 39.86 -125.01 79.97
CA LYS B 477 39.35 -126.18 80.70
C LYS B 477 40.31 -127.38 80.61
N MET B 478 40.94 -127.58 79.46
CA MET B 478 41.85 -128.70 79.21
C MET B 478 43.29 -128.45 79.66
N VAL B 479 43.71 -127.21 79.87
CA VAL B 479 45.14 -126.88 79.98
C VAL B 479 45.80 -127.51 81.19
N ASP B 480 45.10 -127.72 82.30
CA ASP B 480 45.66 -128.45 83.44
C ASP B 480 46.04 -129.89 83.07
N GLU B 481 45.22 -130.55 82.26
CA GLU B 481 45.45 -131.93 81.81
C GLU B 481 46.69 -132.01 80.93
N LEU B 482 46.86 -131.06 80.02
CA LEU B 482 48.02 -130.93 79.16
C LEU B 482 49.29 -130.57 79.96
N GLU B 483 49.21 -129.63 80.91
CA GLU B 483 50.33 -129.30 81.79
C GLU B 483 50.76 -130.50 82.66
N ASN B 484 49.82 -131.24 83.23
CA ASN B 484 50.07 -132.44 84.04
C ASN B 484 50.67 -133.60 83.22
N ASN B 485 50.30 -133.74 81.96
CA ASN B 485 50.87 -134.74 81.05
C ASN B 485 52.20 -134.33 80.41
N GLY B 486 52.61 -133.08 80.53
CA GLY B 486 53.95 -132.61 80.15
C GLY B 486 54.02 -131.63 78.98
N LEU B 487 52.91 -131.30 78.34
CA LEU B 487 52.81 -130.26 77.33
C LEU B 487 52.75 -128.88 78.01
N ILE B 488 53.81 -128.49 78.71
CA ILE B 488 53.79 -127.37 79.64
C ILE B 488 53.68 -126.04 78.87
N PHE B 489 52.64 -125.24 79.17
CA PHE B 489 52.46 -123.92 78.58
C PHE B 489 53.38 -122.88 79.23
N VAL B 490 54.64 -122.84 78.80
CA VAL B 490 55.70 -122.03 79.43
C VAL B 490 55.50 -120.50 79.32
N GLY B 491 54.55 -120.01 78.52
CA GLY B 491 54.21 -118.61 78.44
C GLY B 491 52.73 -118.37 78.27
N LYS B 492 52.20 -117.37 78.97
CA LYS B 492 50.80 -116.95 78.90
C LYS B 492 50.71 -115.43 78.87
N ASP B 493 49.52 -114.92 78.63
CA ASP B 493 49.23 -113.50 78.57
C ASP B 493 49.21 -112.83 79.95
N ASP B 494 48.91 -111.52 79.95
CA ASP B 494 48.71 -110.71 81.15
C ASP B 494 47.70 -111.32 82.14
N THR B 495 46.57 -111.85 81.66
CA THR B 495 45.52 -112.44 82.53
C THR B 495 45.88 -113.85 83.02
N GLY B 496 46.75 -114.57 82.32
CA GLY B 496 47.04 -115.98 82.56
C GLY B 496 45.97 -116.94 82.02
N LYS B 497 44.95 -116.44 81.32
CA LYS B 497 43.90 -117.25 80.70
C LYS B 497 44.27 -117.78 79.32
N ARG B 498 45.20 -117.12 78.60
CA ARG B 498 45.48 -117.36 77.18
C ARG B 498 46.78 -118.14 76.97
N CYS B 499 46.73 -119.14 76.09
CA CYS B 499 47.86 -120.03 75.79
C CYS B 499 48.80 -119.40 74.75
N GLU B 500 49.92 -118.80 75.18
CA GLU B 500 50.80 -118.06 74.26
C GLU B 500 52.00 -118.89 73.76
N ILE B 501 52.56 -119.75 74.63
CA ILE B 501 53.67 -120.64 74.30
C ILE B 501 53.45 -122.00 74.97
N LEU B 502 53.82 -123.08 74.27
CA LEU B 502 54.07 -124.38 74.88
C LEU B 502 55.47 -124.91 74.55
N GLU B 503 55.98 -125.70 75.49
CA GLU B 503 57.16 -126.55 75.33
C GLU B 503 56.84 -127.92 75.92
N LEU B 504 57.10 -128.99 75.17
CA LEU B 504 56.96 -130.34 75.68
C LEU B 504 58.15 -130.66 76.58
N LYS B 505 57.91 -130.93 77.86
CA LYS B 505 58.92 -131.27 78.87
C LYS B 505 59.74 -132.48 78.43
N ASN B 506 61.07 -132.40 78.55
CA ASN B 506 62.02 -133.47 78.22
C ASN B 506 61.91 -133.99 76.77
N HIS B 507 61.97 -133.06 75.82
CA HIS B 507 62.20 -133.31 74.38
C HIS B 507 63.31 -132.35 73.89
N PRO B 508 64.22 -132.72 72.98
CA PRO B 508 65.33 -131.86 72.58
C PRO B 508 64.99 -130.46 72.10
N TYR B 509 63.88 -130.29 71.38
CA TYR B 509 63.31 -128.98 71.00
C TYR B 509 61.92 -129.17 70.39
N TYR B 510 60.87 -129.03 71.17
CA TYR B 510 59.49 -129.11 70.67
C TYR B 510 58.72 -127.95 71.25
N ILE B 511 58.61 -126.93 70.42
CA ILE B 511 58.04 -125.64 70.76
C ILE B 511 56.83 -125.38 69.89
N ALA B 512 55.84 -124.67 70.44
CA ALA B 512 54.94 -123.91 69.60
C ALA B 512 54.59 -122.55 70.22
N THR B 513 54.22 -121.61 69.37
CA THR B 513 53.82 -120.24 69.71
C THR B 513 52.47 -119.95 69.11
N GLN B 514 51.58 -119.32 69.85
CA GLN B 514 50.32 -118.85 69.27
C GLN B 514 50.55 -117.64 68.35
N TYR B 515 51.48 -116.77 68.72
CA TYR B 515 51.95 -115.65 67.91
C TYR B 515 52.78 -116.08 66.70
N HIS B 516 53.06 -115.09 65.83
CA HIS B 516 53.85 -115.19 64.60
C HIS B 516 55.23 -114.53 64.75
N PRO B 517 56.23 -115.22 65.31
CA PRO B 517 57.55 -114.66 65.59
C PRO B 517 58.32 -114.18 64.34
N GLU B 518 57.99 -114.71 63.16
CA GLU B 518 58.54 -114.28 61.89
C GLU B 518 58.17 -112.84 61.56
N TYR B 519 57.19 -112.26 62.25
CA TYR B 519 56.92 -110.82 62.16
C TYR B 519 57.90 -109.97 62.97
N THR B 520 58.89 -110.56 63.65
CA THR B 520 59.91 -109.78 64.36
C THR B 520 61.32 -110.34 64.22
N SER B 521 61.53 -111.32 63.34
CA SER B 521 62.87 -111.74 62.94
C SER B 521 63.61 -110.64 62.18
N LYS B 522 64.82 -110.27 62.61
CA LYS B 522 65.70 -109.29 61.94
C LYS B 522 67.01 -109.95 61.50
N VAL B 523 67.63 -109.41 60.46
CA VAL B 523 68.85 -110.00 59.86
C VAL B 523 70.00 -110.11 60.86
N LEU B 524 70.13 -109.13 61.77
CA LEU B 524 71.15 -109.13 62.82
C LEU B 524 70.60 -109.54 64.21
N ASP B 525 69.29 -109.67 64.37
CA ASP B 525 68.63 -110.17 65.58
C ASP B 525 67.52 -111.17 65.18
N PRO B 526 67.86 -112.46 65.03
CA PRO B 526 66.89 -113.48 64.62
C PRO B 526 65.82 -113.74 65.70
N SER B 527 64.58 -114.01 65.30
CA SER B 527 63.47 -114.29 66.24
C SER B 527 63.70 -115.61 66.96
N LYS B 528 63.75 -115.60 68.30
CA LYS B 528 64.24 -116.72 69.12
C LYS B 528 63.62 -118.10 68.81
N PRO B 529 62.30 -118.26 68.58
CA PRO B 529 61.69 -119.58 68.33
C PRO B 529 62.22 -120.28 67.07
N PHE B 530 62.51 -119.49 66.05
CA PHE B 530 63.16 -119.98 64.85
C PHE B 530 64.65 -120.21 65.05
N LEU B 531 65.36 -119.36 65.82
CA LEU B 531 66.77 -119.66 66.10
C LEU B 531 66.91 -121.01 66.79
N GLY B 532 66.07 -121.31 67.78
CA GLY B 532 66.05 -122.61 68.43
C GLY B 532 65.76 -123.77 67.47
N LEU B 533 64.81 -123.64 66.55
CA LEU B 533 64.52 -124.66 65.56
C LEU B 533 65.73 -124.96 64.68
N VAL B 534 66.42 -123.95 64.16
CA VAL B 534 67.60 -124.20 63.33
C VAL B 534 68.71 -124.77 64.21
N ALA B 535 69.01 -124.16 65.35
CA ALA B 535 70.12 -124.61 66.19
C ALA B 535 69.94 -126.06 66.69
N ALA B 536 68.74 -126.48 67.05
CA ALA B 536 68.48 -127.86 67.41
C ALA B 536 68.52 -128.79 66.20
N SER B 537 68.08 -128.35 65.02
CA SER B 537 68.24 -129.12 63.78
C SER B 537 69.71 -129.34 63.44
N ALA B 538 70.56 -128.36 63.71
CA ALA B 538 72.02 -128.44 63.65
C ALA B 538 72.66 -129.23 64.82
N GLY B 539 71.90 -129.58 65.84
CA GLY B 539 72.38 -130.28 67.02
C GLY B 539 73.32 -129.44 67.90
N ILE B 540 73.21 -128.12 67.82
CA ILE B 540 74.11 -127.15 68.45
C ILE B 540 73.42 -126.21 69.45
N LEU B 541 72.14 -126.47 69.77
CA LEU B 541 71.26 -125.60 70.55
C LEU B 541 71.88 -125.14 71.86
N GLN B 542 72.51 -126.04 72.61
CA GLN B 542 73.18 -125.70 73.87
C GLN B 542 74.20 -124.56 73.69
N ASP B 543 75.01 -124.64 72.65
CA ASP B 543 76.15 -123.76 72.45
C ASP B 543 75.73 -122.38 71.91
N VAL B 544 74.61 -122.34 71.17
CA VAL B 544 73.94 -121.10 70.78
C VAL B 544 73.38 -120.38 72.01
N ILE B 545 72.78 -121.10 72.95
CA ILE B 545 72.29 -120.52 74.21
C ILE B 545 73.45 -120.04 75.07
N GLU B 546 74.52 -120.82 75.15
CA GLU B 546 75.73 -120.47 75.90
C GLU B 546 76.55 -119.32 75.27
N GLY B 547 76.32 -119.00 73.99
CA GLY B 547 76.84 -117.80 73.33
C GLY B 547 78.00 -118.01 72.34
N LYS B 548 78.23 -119.22 71.83
CA LYS B 548 79.29 -119.56 70.86
C LYS B 548 79.08 -118.99 69.44
N TYR B 549 78.04 -118.18 69.23
CA TYR B 549 77.62 -117.71 67.91
C TYR B 549 77.11 -116.26 67.87
N ASP B 550 77.25 -115.46 68.92
CA ASP B 550 77.04 -114.02 68.84
C ASP B 550 78.08 -113.34 67.92
N LEU B 551 77.69 -112.26 67.22
CA LEU B 551 78.45 -111.76 66.07
C LEU B 551 79.63 -110.84 66.45
N GLU B 552 79.72 -110.39 67.71
CA GLU B 552 80.81 -109.59 68.27
C GLU B 552 81.16 -110.10 69.68
N ALA B 553 82.44 -110.18 70.08
CA ALA B 553 82.83 -110.67 71.40
C ALA B 553 82.29 -109.79 72.54
N MET C 1 77.76 -71.84 21.47
CA MET C 1 76.78 -70.90 20.87
C MET C 1 75.42 -71.00 21.57
N LYS C 2 74.65 -69.91 21.62
CA LYS C 2 73.31 -69.91 22.20
C LYS C 2 72.24 -70.28 21.16
N TYR C 3 71.13 -70.86 21.60
CA TYR C 3 70.05 -71.25 20.69
C TYR C 3 68.68 -71.05 21.32
N VAL C 4 67.65 -70.71 20.54
CA VAL C 4 66.27 -70.56 21.01
C VAL C 4 65.33 -71.31 20.08
N VAL C 5 64.70 -72.39 20.52
CA VAL C 5 63.63 -73.01 19.74
C VAL C 5 62.34 -72.21 19.88
N VAL C 6 61.60 -72.05 18.80
CA VAL C 6 60.19 -71.67 18.79
C VAL C 6 59.42 -72.81 18.16
N SER C 7 58.39 -73.32 18.83
CA SER C 7 57.67 -74.53 18.39
C SER C 7 56.22 -74.52 18.84
N GLY C 8 55.43 -75.53 18.49
CA GLY C 8 54.28 -75.92 19.34
C GLY C 8 52.86 -75.75 18.82
N GLY C 9 51.92 -75.96 19.76
CA GLY C 9 50.48 -75.69 19.64
C GLY C 9 49.61 -76.91 19.36
N VAL C 10 48.29 -76.78 19.51
CA VAL C 10 47.29 -77.75 19.00
C VAL C 10 46.84 -77.50 17.54
N ILE C 11 47.31 -76.44 16.90
CA ILE C 11 46.94 -76.07 15.52
C ILE C 11 48.15 -75.51 14.79
N SER C 12 48.24 -75.78 13.50
CA SER C 12 49.12 -75.01 12.61
C SER C 12 48.50 -73.63 12.34
N GLY C 13 49.29 -72.58 12.16
CA GLY C 13 48.81 -71.21 11.94
C GLY C 13 48.62 -70.37 13.20
N ILE C 14 49.14 -70.83 14.34
CA ILE C 14 48.99 -70.21 15.66
C ILE C 14 49.74 -68.89 15.86
N GLY C 15 50.83 -68.62 15.14
CA GLY C 15 51.60 -67.38 15.27
C GLY C 15 53.12 -67.48 15.37
N LYS C 16 53.76 -68.60 15.13
CA LYS C 16 55.18 -68.87 15.34
C LYS C 16 56.11 -67.80 14.81
N GLY C 17 56.23 -67.61 13.51
CA GLY C 17 57.12 -66.67 12.88
C GLY C 17 57.25 -65.30 13.47
N VAL C 18 56.17 -64.65 13.87
CA VAL C 18 56.08 -63.34 14.52
C VAL C 18 56.70 -63.44 15.90
N LEU C 19 56.55 -64.54 16.59
CA LEU C 19 57.12 -64.87 17.89
C LEU C 19 58.59 -65.23 17.71
N ALA C 20 58.99 -65.69 16.55
CA ALA C 20 60.31 -66.15 16.17
C ALA C 20 61.21 -64.99 15.81
N SER C 21 61.08 -64.41 14.65
CA SER C 21 61.91 -63.32 14.15
C SER C 21 61.75 -62.19 15.13
N SER C 22 60.55 -61.88 15.56
CA SER C 22 60.38 -60.87 16.62
C SER C 22 61.21 -61.11 17.89
N THR C 23 61.44 -62.32 18.35
CA THR C 23 62.31 -62.71 19.44
C THR C 23 63.71 -62.43 19.01
N GLY C 24 64.07 -62.71 17.77
CA GLY C 24 65.34 -62.51 17.17
C GLY C 24 65.71 -61.08 16.92
N MET C 25 64.76 -60.20 16.67
CA MET C 25 64.98 -58.76 16.58
C MET C 25 65.45 -58.26 17.94
N LEU C 26 64.77 -58.76 18.97
CA LEU C 26 65.06 -58.40 20.32
C LEU C 26 66.46 -58.89 20.73
N MET C 27 66.92 -60.03 20.23
CA MET C 27 68.28 -60.45 20.52
C MET C 27 69.29 -59.43 19.97
N LYS C 28 69.02 -58.87 18.79
CA LYS C 28 69.81 -57.77 18.21
C LYS C 28 69.77 -56.48 19.00
N THR C 29 68.66 -56.24 19.71
CA THR C 29 68.54 -55.11 20.64
C THR C 29 69.62 -55.14 21.70
N LEU C 30 69.99 -56.35 22.16
CA LEU C 30 71.08 -56.52 23.11
C LEU C 30 72.45 -56.30 22.45
N GLY C 31 72.50 -56.05 21.14
CA GLY C 31 73.70 -55.86 20.34
C GLY C 31 74.24 -57.14 19.69
N LEU C 32 73.50 -58.25 19.77
CA LEU C 32 73.97 -59.58 19.44
C LEU C 32 74.06 -59.84 17.92
N LYS C 33 75.02 -60.68 17.51
CA LYS C 33 75.01 -61.29 16.17
C LYS C 33 73.95 -62.37 16.13
N VAL C 34 73.03 -62.34 15.18
CA VAL C 34 71.86 -63.23 15.23
C VAL C 34 71.60 -63.91 13.89
N THR C 35 71.07 -65.12 13.94
CA THR C 35 70.72 -65.94 12.79
C THR C 35 69.42 -66.68 13.04
N SER C 36 68.87 -67.32 12.02
CA SER C 36 67.61 -68.03 12.13
C SER C 36 67.56 -69.23 11.22
N ILE C 37 66.95 -70.33 11.62
CA ILE C 37 66.75 -71.52 10.81
C ILE C 37 65.28 -71.88 10.86
N LYS C 38 64.65 -72.12 9.71
CA LYS C 38 63.29 -72.67 9.72
C LYS C 38 63.33 -74.12 9.34
N ILE C 39 62.78 -74.92 10.22
CA ILE C 39 62.61 -76.35 10.03
C ILE C 39 61.21 -76.57 9.51
N ASP C 40 61.12 -77.11 8.31
CA ASP C 40 59.85 -77.39 7.65
C ASP C 40 59.51 -78.86 7.59
N PRO C 41 58.33 -79.25 8.11
CA PRO C 41 57.99 -80.66 8.06
C PRO C 41 57.58 -81.17 6.67
N TYR C 42 57.33 -80.31 5.69
CA TYR C 42 56.95 -80.79 4.37
C TYR C 42 58.10 -81.49 3.61
N MET C 43 57.74 -82.23 2.56
CA MET C 43 58.71 -83.04 1.82
C MET C 43 59.26 -82.43 0.54
N ASN C 44 58.81 -81.26 0.11
CA ASN C 44 59.51 -80.55 -0.95
C ASN C 44 60.94 -80.20 -0.49
N ILE C 45 61.92 -80.42 -1.35
CA ILE C 45 63.30 -80.01 -1.07
C ILE C 45 63.47 -78.48 -1.17
N ASP C 46 62.72 -77.84 -2.06
CA ASP C 46 62.70 -76.39 -2.26
C ASP C 46 61.37 -75.91 -2.87
N ALA C 47 61.15 -74.60 -2.89
CA ALA C 47 59.95 -74.01 -3.47
C ALA C 47 59.99 -73.90 -4.98
N GLY C 48 61.08 -74.28 -5.64
CA GLY C 48 61.19 -74.15 -7.10
C GLY C 48 60.19 -75.04 -7.85
N THR C 49 59.85 -76.19 -7.28
CA THR C 49 58.77 -77.04 -7.79
C THR C 49 57.37 -76.54 -7.40
N MET C 50 57.28 -75.70 -6.37
CA MET C 50 56.00 -75.31 -5.78
C MET C 50 55.39 -74.11 -6.51
N SER C 51 54.25 -74.35 -7.17
CA SER C 51 53.47 -73.28 -7.81
C SER C 51 52.94 -72.28 -6.77
N PRO C 52 53.03 -70.96 -6.97
CA PRO C 52 52.62 -69.97 -5.95
C PRO C 52 51.16 -70.02 -5.50
N LEU C 53 50.30 -70.77 -6.19
CA LEU C 53 48.91 -71.03 -5.82
C LEU C 53 48.75 -71.57 -4.40
N GLU C 54 49.68 -72.39 -3.96
CA GLU C 54 49.65 -73.03 -2.65
C GLU C 54 51.03 -73.01 -2.02
N HIS C 55 51.08 -72.81 -0.71
CA HIS C 55 52.24 -72.33 0.05
C HIS C 55 52.75 -70.94 -0.37
N GLY C 56 52.13 -70.31 -1.37
CA GLY C 56 52.38 -68.92 -1.73
C GLY C 56 53.71 -68.68 -2.45
N GLU C 57 54.11 -67.43 -2.37
CA GLU C 57 55.27 -66.80 -3.02
C GLU C 57 56.62 -67.51 -2.77
N CYS C 58 57.32 -67.94 -3.82
CA CYS C 58 58.67 -68.54 -3.72
C CYS C 58 59.72 -67.46 -3.34
N PHE C 59 60.01 -67.26 -2.06
CA PHE C 59 60.96 -66.23 -1.63
C PHE C 59 62.36 -66.48 -2.19
N VAL C 60 63.08 -65.43 -2.57
CA VAL C 60 64.42 -65.62 -3.16
C VAL C 60 65.62 -64.99 -2.42
N LEU C 61 66.60 -65.84 -2.23
CA LEU C 61 67.83 -65.53 -1.54
C LEU C 61 68.76 -64.65 -2.36
N ASP C 62 69.71 -64.06 -1.65
CA ASP C 62 70.99 -63.61 -2.20
C ASP C 62 71.65 -64.72 -3.05
N ASP C 63 71.79 -65.94 -2.50
CA ASP C 63 72.28 -67.13 -3.21
C ASP C 63 71.31 -67.69 -4.27
N GLY C 64 70.17 -67.05 -4.52
CA GLY C 64 69.28 -67.37 -5.64
C GLY C 64 68.48 -68.67 -5.55
N GLY C 65 68.49 -69.33 -4.40
CA GLY C 65 67.55 -70.41 -4.10
C GLY C 65 66.12 -69.89 -3.89
N GLU C 66 65.16 -70.57 -4.51
CA GLU C 66 63.71 -70.42 -4.24
C GLU C 66 63.33 -71.14 -2.95
N THR C 67 63.36 -70.39 -1.86
CA THR C 67 63.10 -70.87 -0.46
C THR C 67 61.65 -70.89 -0.09
N ASP C 68 61.38 -71.51 1.06
CA ASP C 68 60.21 -71.19 1.86
C ASP C 68 60.03 -69.68 1.97
N LEU C 69 58.79 -69.23 1.83
CA LEU C 69 58.42 -67.85 1.94
C LEU C 69 58.85 -67.24 3.27
N ASP C 70 58.61 -67.95 4.37
CA ASP C 70 58.70 -67.37 5.70
C ASP C 70 60.12 -66.92 6.08
N LEU C 71 61.16 -67.45 5.41
CA LEU C 71 62.51 -66.94 5.60
C LEU C 71 62.60 -65.43 5.37
N GLY C 72 61.82 -64.91 4.42
CA GLY C 72 61.72 -63.47 4.22
C GLY C 72 61.38 -62.75 5.51
N ASN C 73 60.53 -63.33 6.36
CA ASN C 73 60.09 -62.72 7.62
C ASN C 73 61.31 -62.50 8.50
N TYR C 74 62.37 -63.26 8.39
CA TYR C 74 63.60 -63.25 9.16
C TYR C 74 64.63 -62.31 8.59
N GLU C 75 64.62 -62.12 7.28
CA GLU C 75 65.57 -61.21 6.67
C GLU C 75 65.14 -59.80 7.05
N ARG C 76 63.83 -59.56 7.06
CA ARG C 76 63.16 -58.31 7.44
C ARG C 76 63.42 -57.90 8.89
N TYR C 77 63.12 -58.82 9.81
CA TYR C 77 63.09 -58.56 11.24
C TYR C 77 64.47 -58.54 11.91
N LEU C 78 65.47 -59.15 11.29
CA LEU C 78 66.86 -59.25 11.75
C LEU C 78 67.80 -58.37 10.96
N GLY C 79 67.60 -58.24 9.65
CA GLY C 79 68.56 -57.55 8.78
C GLY C 79 69.75 -58.46 8.49
N VAL C 80 69.48 -59.64 7.94
CA VAL C 80 70.49 -60.68 7.70
C VAL C 80 70.33 -61.29 6.32
N THR C 81 71.42 -61.77 5.73
CA THR C 81 71.39 -62.54 4.49
C THR C 81 71.47 -64.02 4.82
N LEU C 82 70.37 -64.75 4.67
CA LEU C 82 70.36 -66.20 4.85
C LEU C 82 70.84 -66.93 3.59
N THR C 83 70.85 -68.26 3.63
CA THR C 83 71.32 -69.13 2.54
C THR C 83 70.34 -70.29 2.31
N LYS C 84 70.50 -71.03 1.22
CA LYS C 84 69.62 -72.18 0.91
C LYS C 84 69.62 -73.25 2.01
N ASP C 85 70.67 -73.32 2.82
CA ASP C 85 70.78 -74.25 3.94
C ASP C 85 69.99 -73.84 5.19
N HIS C 86 69.62 -72.57 5.38
CA HIS C 86 68.82 -72.13 6.53
C HIS C 86 67.36 -72.58 6.50
N ASN C 87 66.91 -73.17 5.41
CA ASN C 87 65.60 -73.79 5.33
C ASN C 87 65.76 -75.31 5.32
N ILE C 88 65.82 -75.90 6.51
CA ILE C 88 65.78 -77.36 6.68
C ILE C 88 64.39 -77.84 6.27
N THR C 89 64.26 -78.90 5.50
CA THR C 89 62.96 -79.51 5.20
C THR C 89 63.04 -81.02 5.30
N THR C 90 61.92 -81.68 5.52
CA THR C 90 61.89 -83.15 5.62
C THR C 90 62.41 -83.80 4.34
N GLY C 91 62.08 -83.27 3.17
CA GLY C 91 62.62 -83.78 1.92
C GLY C 91 64.10 -83.53 1.75
N LYS C 92 64.62 -82.42 2.29
CA LYS C 92 66.03 -82.07 2.20
C LYS C 92 66.88 -82.98 3.05
N ILE C 93 66.46 -83.28 4.28
CA ILE C 93 67.25 -84.12 5.19
C ILE C 93 67.13 -85.60 4.88
N TYR C 94 65.98 -86.15 4.49
CA TYR C 94 65.98 -87.52 3.98
C TYR C 94 66.86 -87.68 2.75
N SER C 95 66.91 -86.72 1.83
CA SER C 95 67.81 -86.77 0.67
C SER C 95 69.27 -86.78 1.06
N HIS C 96 69.68 -85.97 2.04
CA HIS C 96 71.07 -85.87 2.47
C HIS C 96 71.56 -87.15 3.14
N VAL C 97 70.78 -87.72 4.05
CA VAL C 97 71.11 -89.03 4.64
C VAL C 97 71.06 -90.17 3.62
N ILE C 98 70.08 -90.21 2.73
CA ILE C 98 70.04 -91.21 1.66
C ILE C 98 71.22 -91.05 0.69
N ALA C 99 71.73 -89.85 0.44
CA ALA C 99 72.94 -89.72 -0.37
C ALA C 99 74.15 -90.37 0.31
N LYS C 100 74.36 -90.07 1.58
CA LYS C 100 75.42 -90.69 2.39
C LYS C 100 75.25 -92.21 2.50
N GLU C 101 74.03 -92.76 2.49
CA GLU C 101 73.76 -94.20 2.46
C GLU C 101 74.28 -94.89 1.20
N ARG C 102 74.11 -94.29 0.01
CA ARG C 102 74.58 -94.87 -1.26
C ARG C 102 76.04 -94.58 -1.55
N LYS C 103 76.58 -93.46 -1.07
CA LYS C 103 78.02 -93.21 -1.04
C LYS C 103 78.74 -94.14 -0.07
N GLY C 104 78.03 -94.66 0.94
CA GLY C 104 78.55 -95.62 1.91
C GLY C 104 79.24 -94.97 3.11
N ASP C 105 78.94 -93.72 3.44
CA ASP C 105 79.58 -92.98 4.53
C ASP C 105 79.25 -93.54 5.93
N TYR C 106 78.25 -94.42 6.03
CA TYR C 106 77.91 -95.17 7.24
C TYR C 106 78.71 -96.47 7.40
N LEU C 107 79.78 -96.70 6.63
CA LEU C 107 80.70 -97.83 6.80
C LEU C 107 79.97 -99.18 6.88
N GLY C 108 78.94 -99.34 6.06
CA GLY C 108 78.14 -100.55 5.95
C GLY C 108 77.28 -100.88 7.17
N LYS C 109 77.17 -100.03 8.19
CA LYS C 109 76.13 -100.16 9.22
C LYS C 109 74.74 -100.06 8.57
N THR C 110 73.69 -100.59 9.20
CA THR C 110 72.34 -100.14 8.84
C THR C 110 72.13 -98.73 9.37
N VAL C 111 71.41 -97.90 8.62
CA VAL C 111 71.18 -96.49 8.94
C VAL C 111 69.73 -96.32 9.34
N GLN C 112 69.50 -95.63 10.43
CA GLN C 112 68.24 -95.66 11.19
C GLN C 112 67.73 -94.25 11.41
N ILE C 113 66.43 -94.07 11.65
CA ILE C 113 65.93 -92.72 11.96
C ILE C 113 66.51 -92.24 13.27
N VAL C 114 66.67 -93.12 14.27
CA VAL C 114 67.46 -92.85 15.47
C VAL C 114 68.55 -93.92 15.59
N PRO C 115 69.83 -93.57 15.76
CA PRO C 115 70.38 -92.24 15.94
C PRO C 115 70.84 -91.53 14.67
N HIS C 116 70.96 -92.19 13.51
CA HIS C 116 71.66 -91.58 12.37
C HIS C 116 70.97 -90.35 11.80
N LEU C 117 69.67 -90.39 11.50
CA LEU C 117 68.99 -89.20 10.99
C LEU C 117 68.83 -88.11 12.06
N THR C 118 68.59 -88.45 13.32
CA THR C 118 68.53 -87.43 14.36
C THR C 118 69.89 -86.80 14.66
N ASN C 119 70.99 -87.51 14.42
CA ASN C 119 72.33 -86.92 14.39
C ASN C 119 72.47 -86.00 13.18
N ALA C 120 72.01 -86.37 12.00
CA ALA C 120 72.10 -85.52 10.82
C ALA C 120 71.43 -84.15 11.04
N ILE C 121 70.22 -84.14 11.62
CA ILE C 121 69.51 -82.90 11.94
C ILE C 121 70.31 -82.04 12.92
N GLN C 122 70.85 -82.59 14.00
CA GLN C 122 71.70 -81.83 14.93
C GLN C 122 72.98 -81.31 14.25
N ASP C 123 73.61 -82.14 13.43
CA ASP C 123 74.81 -81.76 12.71
C ASP C 123 74.52 -80.67 11.66
N TRP C 124 73.31 -80.62 11.09
CA TRP C 124 72.86 -79.54 10.21
C TRP C 124 72.61 -78.25 10.97
N ILE C 125 71.86 -78.26 12.07
CA ILE C 125 71.61 -77.06 12.87
C ILE C 125 72.91 -76.43 13.36
N GLU C 126 73.81 -77.20 13.95
CA GLU C 126 75.08 -76.63 14.42
C GLU C 126 76.02 -76.27 13.27
N ARG C 127 75.89 -76.89 12.08
CA ARG C 127 76.65 -76.46 10.89
C ARG C 127 76.19 -75.08 10.48
N VAL C 128 74.90 -74.93 10.22
CA VAL C 128 74.32 -73.71 9.68
C VAL C 128 74.45 -72.54 10.65
N ALA C 129 74.33 -72.78 11.95
CA ALA C 129 74.48 -71.75 12.97
C ALA C 129 75.89 -71.12 13.06
N LYS C 130 76.91 -71.69 12.40
CA LYS C 130 78.23 -71.06 12.24
C LYS C 130 78.27 -69.97 11.18
N ILE C 131 77.42 -70.03 10.15
CA ILE C 131 77.51 -69.18 8.96
C ILE C 131 77.29 -67.70 9.36
N PRO C 132 78.17 -66.77 8.93
CA PRO C 132 78.11 -65.36 9.33
C PRO C 132 77.10 -64.58 8.47
N VAL C 133 75.82 -64.64 8.82
CA VAL C 133 74.73 -64.01 8.06
C VAL C 133 74.60 -62.49 8.27
N ASP C 134 75.36 -61.94 9.21
CA ASP C 134 75.20 -60.61 9.80
C ASP C 134 76.14 -59.55 9.19
N ASP C 135 76.02 -58.29 9.61
CA ASP C 135 76.74 -57.12 9.05
C ASP C 135 78.26 -57.09 9.31
N THR C 136 78.82 -58.13 9.92
CA THR C 136 80.26 -58.39 9.93
C THR C 136 80.49 -59.89 9.99
N GLY C 137 81.61 -60.37 9.44
CA GLY C 137 81.86 -61.78 9.14
C GLY C 137 82.04 -62.72 10.34
N MET C 138 81.77 -62.29 11.58
CA MET C 138 81.80 -63.18 12.75
C MET C 138 80.61 -64.14 12.78
N GLU C 139 80.83 -65.32 13.33
CA GLU C 139 79.75 -66.28 13.54
C GLU C 139 78.67 -65.74 14.51
N PRO C 140 77.38 -66.04 14.30
CA PRO C 140 76.30 -65.60 15.18
C PRO C 140 76.45 -66.03 16.65
N ASP C 141 75.95 -65.22 17.55
CA ASP C 141 75.97 -65.48 18.98
C ASP C 141 74.75 -66.33 19.38
N VAL C 142 73.61 -66.07 18.73
CA VAL C 142 72.35 -66.78 18.99
C VAL C 142 71.70 -67.20 17.67
N CYS C 143 71.08 -68.38 17.67
CA CYS C 143 70.29 -68.87 16.55
C CYS C 143 68.84 -69.11 16.98
N ILE C 144 67.87 -68.54 16.27
CA ILE C 144 66.45 -68.78 16.49
C ILE C 144 66.03 -69.94 15.59
N ILE C 145 65.60 -71.07 16.15
CA ILE C 145 65.18 -72.25 15.40
C ILE C 145 63.67 -72.34 15.42
N GLU C 146 62.98 -72.15 14.32
CA GLU C 146 61.53 -72.32 14.28
C GLU C 146 61.18 -73.70 13.75
N LEU C 147 60.52 -74.49 14.57
CA LEU C 147 60.03 -75.81 14.23
C LEU C 147 58.61 -75.68 13.67
N GLY C 148 58.42 -75.85 12.37
CA GLY C 148 57.11 -75.87 11.74
C GLY C 148 56.28 -77.10 12.08
N GLY C 149 55.04 -77.12 11.58
CA GLY C 149 54.04 -78.12 11.94
C GLY C 149 53.57 -77.98 13.40
N THR C 150 53.08 -79.06 13.99
CA THR C 150 52.78 -79.12 15.43
C THR C 150 53.45 -80.32 16.08
N VAL C 151 53.91 -80.17 17.32
CA VAL C 151 54.46 -81.28 18.09
C VAL C 151 53.37 -82.36 18.25
N GLY C 152 53.69 -83.62 17.94
CA GLY C 152 52.74 -84.72 17.88
C GLY C 152 52.19 -85.04 16.48
N ASP C 153 52.71 -84.33 15.48
CA ASP C 153 52.41 -84.68 14.06
C ASP C 153 53.31 -85.88 13.73
N ILE C 154 52.93 -86.79 12.83
CA ILE C 154 53.79 -87.93 12.39
C ILE C 154 54.81 -87.37 11.39
N GLU C 155 54.75 -86.12 11.02
CA GLU C 155 55.58 -85.37 10.09
C GLU C 155 56.69 -84.65 10.81
N SER C 156 56.49 -84.26 12.04
CA SER C 156 57.35 -83.46 12.91
C SER C 156 58.09 -84.32 13.92
N ALA C 157 57.85 -85.62 13.96
CA ALA C 157 58.41 -86.52 15.00
C ALA C 157 59.95 -86.63 14.88
N PRO C 158 60.59 -86.70 13.70
CA PRO C 158 62.04 -86.74 13.60
C PRO C 158 62.75 -85.51 14.18
N PHE C 159 62.16 -84.34 14.04
CA PHE C 159 62.74 -83.08 14.50
C PHE C 159 62.64 -82.87 16.01
N VAL C 160 61.54 -83.24 16.66
CA VAL C 160 61.48 -83.19 18.14
C VAL C 160 62.39 -84.22 18.80
N GLU C 161 62.66 -85.37 18.18
CA GLU C 161 63.75 -86.23 18.60
C GLU C 161 65.10 -85.52 18.46
N ALA C 162 65.40 -84.98 17.28
CA ALA C 162 66.69 -84.36 17.07
C ALA C 162 66.93 -83.17 17.98
N LEU C 163 65.93 -82.32 18.19
CA LEU C 163 66.00 -81.21 19.12
C LEU C 163 66.14 -81.71 20.56
N ARG C 164 65.46 -82.79 21.01
CA ARG C 164 65.66 -83.31 22.37
C ARG C 164 67.13 -83.66 22.60
N GLN C 165 67.70 -84.46 21.70
CA GLN C 165 69.11 -84.85 21.79
C GLN C 165 70.01 -83.59 21.74
N PHE C 166 69.60 -82.58 20.97
CA PHE C 166 70.31 -81.31 20.89
C PHE C 166 70.30 -80.53 22.21
N GLN C 167 69.33 -80.72 23.11
CA GLN C 167 69.37 -80.10 24.45
C GLN C 167 70.53 -80.61 25.31
N PHE C 168 71.24 -81.66 24.86
CA PHE C 168 72.36 -82.27 25.56
C PHE C 168 73.68 -82.09 24.77
N LYS C 169 73.61 -82.18 23.43
CA LYS C 169 74.76 -81.91 22.56
C LYS C 169 75.20 -80.45 22.70
N VAL C 170 74.23 -79.54 22.72
CA VAL C 170 74.32 -78.20 23.31
C VAL C 170 73.94 -78.32 24.79
N GLY C 171 74.49 -77.51 25.68
CA GLY C 171 74.08 -77.53 27.09
C GLY C 171 72.76 -76.83 27.41
N LYS C 172 72.11 -77.20 28.51
CA LYS C 172 71.21 -76.27 29.22
C LYS C 172 72.02 -75.06 29.68
N GLU C 173 71.39 -73.89 29.79
CA GLU C 173 72.08 -72.58 29.82
C GLU C 173 72.81 -72.22 28.51
N ASN C 174 72.62 -72.98 27.42
CA ASN C 174 72.89 -72.54 26.04
C ASN C 174 71.67 -72.72 25.14
N PHE C 175 70.77 -73.66 25.40
CA PHE C 175 69.53 -73.89 24.66
C PHE C 175 68.32 -73.50 25.51
N ALA C 176 67.29 -72.87 24.92
CA ALA C 176 65.99 -72.59 25.53
C ALA C 176 64.85 -72.76 24.53
N LEU C 177 63.63 -73.03 24.99
CA LEU C 177 62.47 -73.25 24.12
C LEU C 177 61.29 -72.35 24.49
N ILE C 178 60.68 -71.74 23.47
CA ILE C 178 59.42 -71.01 23.54
C ILE C 178 58.34 -71.88 22.88
N HIS C 179 57.28 -72.24 23.59
CA HIS C 179 56.21 -73.05 23.02
C HIS C 179 54.99 -72.17 22.80
N VAL C 180 54.45 -72.13 21.61
CA VAL C 180 53.35 -71.23 21.25
C VAL C 180 52.06 -72.04 21.27
N SER C 181 51.02 -71.63 21.99
CA SER C 181 49.87 -72.50 22.27
C SER C 181 48.54 -71.76 22.31
N LEU C 182 47.42 -72.49 22.20
CA LEU C 182 46.10 -71.87 21.99
C LEU C 182 45.34 -71.73 23.30
N VAL C 183 44.78 -70.55 23.55
CA VAL C 183 43.76 -70.35 24.58
C VAL C 183 42.48 -69.98 23.85
N PRO C 184 41.62 -70.94 23.44
CA PRO C 184 40.37 -70.60 22.79
C PRO C 184 39.44 -69.93 23.79
N VAL C 185 38.69 -68.95 23.33
CA VAL C 185 37.63 -68.30 24.09
C VAL C 185 36.30 -68.77 23.53
N ILE C 186 35.52 -69.48 24.35
CA ILE C 186 34.13 -69.84 24.02
C ILE C 186 33.23 -69.55 25.20
N HIS C 187 31.97 -69.19 24.94
CA HIS C 187 31.06 -68.67 25.97
C HIS C 187 31.67 -67.52 26.79
N GLY C 188 32.54 -66.72 26.15
CA GLY C 188 33.28 -65.63 26.78
C GLY C 188 34.31 -66.06 27.85
N GLU C 189 34.72 -67.33 27.94
CA GLU C 189 35.74 -67.81 28.87
C GLU C 189 36.99 -68.37 28.16
N GLN C 190 38.17 -67.92 28.60
CA GLN C 190 39.48 -68.45 28.17
C GLN C 190 39.74 -69.86 28.71
N LYS C 191 39.72 -70.88 27.85
CA LYS C 191 39.94 -72.28 28.26
C LYS C 191 41.42 -72.64 28.17
N THR C 192 42.00 -73.20 29.23
CA THR C 192 43.43 -73.57 29.27
C THR C 192 43.73 -74.93 28.70
N LYS C 193 42.76 -75.84 28.60
CA LYS C 193 43.02 -77.26 28.35
C LYS C 193 43.76 -77.61 27.06
N PRO C 194 43.61 -76.93 25.91
CA PRO C 194 44.44 -77.24 24.75
C PRO C 194 45.93 -77.00 25.02
N THR C 195 46.29 -76.01 25.83
CA THR C 195 47.68 -75.83 26.30
C THR C 195 48.12 -76.95 27.23
N GLN C 196 47.27 -77.45 28.13
CA GLN C 196 47.63 -78.61 28.97
C GLN C 196 47.87 -79.86 28.12
N ALA C 197 46.97 -80.24 27.23
CA ALA C 197 47.13 -81.40 26.34
C ALA C 197 48.32 -81.28 25.38
N ALA C 198 48.64 -80.10 24.84
CA ALA C 198 49.81 -79.90 23.98
C ALA C 198 51.12 -79.82 24.76
N ILE C 199 51.11 -79.44 26.04
CA ILE C 199 52.30 -79.49 26.90
C ILE C 199 52.53 -80.91 27.39
N LYS C 200 51.50 -81.67 27.70
CA LYS C 200 51.58 -83.13 27.87
C LYS C 200 52.22 -83.78 26.65
N GLY C 201 51.77 -83.47 25.44
CA GLY C 201 52.44 -83.89 24.21
C GLY C 201 53.92 -83.48 24.16
N LEU C 202 54.24 -82.22 24.44
CA LEU C 202 55.62 -81.72 24.41
C LEU C 202 56.53 -82.49 25.36
N ARG C 203 56.17 -82.64 26.64
CA ARG C 203 57.02 -83.35 27.59
C ARG C 203 57.14 -84.84 27.26
N SER C 204 56.15 -85.44 26.60
CA SER C 204 56.25 -86.83 26.15
C SER C 204 57.45 -87.04 25.23
N LEU C 205 57.66 -86.15 24.27
CA LEU C 205 58.80 -86.19 23.34
C LEU C 205 60.10 -85.61 23.94
N GLY C 206 60.00 -84.90 25.07
CA GLY C 206 61.10 -84.70 26.02
C GLY C 206 61.66 -83.29 26.09
N LEU C 207 61.20 -82.40 25.21
CA LEU C 207 61.47 -80.99 25.28
C LEU C 207 60.72 -80.39 26.48
N VAL C 208 61.28 -79.39 27.15
CA VAL C 208 60.61 -78.64 28.24
C VAL C 208 60.61 -77.16 27.91
N PRO C 209 59.46 -76.46 28.00
CA PRO C 209 59.37 -75.08 27.59
C PRO C 209 59.87 -74.18 28.69
N ASP C 210 60.74 -73.25 28.34
CA ASP C 210 61.21 -72.20 29.22
C ASP C 210 60.28 -70.99 29.20
N MET C 211 59.46 -70.88 28.16
CA MET C 211 58.34 -69.97 28.05
C MET C 211 57.16 -70.65 27.38
N ILE C 212 55.97 -70.19 27.70
CA ILE C 212 54.78 -70.46 26.88
C ILE C 212 54.33 -69.12 26.31
N ALA C 213 53.86 -69.09 25.08
CA ALA C 213 53.32 -67.90 24.46
C ALA C 213 51.95 -68.17 23.86
N CYS C 214 50.91 -67.42 24.23
CA CYS C 214 49.56 -67.79 23.84
C CYS C 214 49.00 -67.01 22.66
N ARG C 215 48.49 -67.71 21.65
CA ARG C 215 47.47 -67.18 20.75
C ARG C 215 46.18 -67.13 21.53
N CYS C 216 45.63 -65.93 21.68
CA CYS C 216 44.35 -65.73 22.32
C CYS C 216 43.62 -64.55 21.67
N SER C 217 42.28 -64.60 21.64
CA SER C 217 41.45 -63.51 21.16
C SER C 217 41.48 -62.29 22.08
N GLU C 218 42.04 -62.40 23.28
CA GLU C 218 41.95 -61.42 24.36
C GLU C 218 43.30 -61.16 25.04
N THR C 219 43.38 -60.17 25.92
CA THR C 219 44.43 -60.21 26.95
C THR C 219 44.15 -61.39 27.88
N LEU C 220 45.13 -62.28 28.11
CA LEU C 220 44.96 -63.36 29.07
C LEU C 220 44.57 -62.82 30.45
N ASP C 221 43.52 -63.38 31.03
CA ASP C 221 43.17 -63.09 32.41
C ASP C 221 44.29 -63.54 33.36
N LYS C 222 44.48 -62.80 34.45
CA LYS C 222 45.36 -63.16 35.56
C LYS C 222 45.19 -64.62 36.01
N PRO C 223 43.97 -65.18 36.22
CA PRO C 223 43.78 -66.60 36.48
C PRO C 223 44.17 -67.51 35.31
N THR C 224 44.06 -67.12 34.05
CA THR C 224 44.48 -67.98 32.93
C THR C 224 45.98 -68.17 32.93
N ILE C 225 46.76 -67.12 33.16
CA ILE C 225 48.21 -67.23 33.35
C ILE C 225 48.54 -68.16 34.52
N ASP C 226 47.85 -68.02 35.65
CA ASP C 226 48.09 -68.89 36.81
C ASP C 226 47.72 -70.34 36.52
N LYS C 227 46.62 -70.63 35.83
CA LYS C 227 46.20 -71.99 35.51
C LYS C 227 46.99 -72.63 34.37
N ILE C 228 47.69 -71.88 33.51
CA ILE C 228 48.76 -72.42 32.65
C ILE C 228 50.03 -72.68 33.45
N ALA C 229 50.53 -71.74 34.24
CA ALA C 229 51.76 -71.92 35.01
C ALA C 229 51.65 -72.99 36.11
N MET C 230 50.47 -73.28 36.64
CA MET C 230 50.21 -74.42 37.55
C MET C 230 50.28 -75.78 36.85
N PHE C 231 50.36 -75.80 35.52
CA PHE C 231 50.34 -77.01 34.69
C PHE C 231 51.57 -77.18 33.79
N CYS C 232 52.51 -76.26 33.86
CA CYS C 232 53.75 -76.24 33.08
C CYS C 232 54.92 -75.75 33.93
N HIS C 233 56.14 -76.04 33.55
CA HIS C 233 57.32 -75.77 34.39
C HIS C 233 57.88 -74.34 34.23
N VAL C 234 56.99 -73.35 34.10
CA VAL C 234 57.29 -71.93 33.87
C VAL C 234 56.76 -71.08 35.02
N GLY C 235 57.41 -69.99 35.39
CA GLY C 235 56.81 -69.02 36.30
C GLY C 235 55.65 -68.29 35.63
N PRO C 236 54.74 -67.65 36.36
CA PRO C 236 53.63 -66.93 35.76
C PRO C 236 54.07 -65.73 34.89
N GLU C 237 55.27 -65.22 35.09
CA GLU C 237 55.89 -64.15 34.30
C GLU C 237 56.47 -64.61 32.94
N GLN C 238 56.53 -65.92 32.67
CA GLN C 238 56.93 -66.51 31.37
C GLN C 238 55.76 -67.13 30.60
N VAL C 239 54.51 -66.81 30.96
CA VAL C 239 53.37 -67.04 30.05
C VAL C 239 53.14 -65.75 29.26
N VAL C 240 53.87 -65.61 28.16
CA VAL C 240 53.83 -64.49 27.22
C VAL C 240 52.50 -64.49 26.47
N ASN C 241 52.07 -63.34 25.94
CA ASN C 241 50.82 -63.21 25.23
C ASN C 241 50.91 -62.23 24.07
N VAL C 242 50.89 -62.73 22.83
CA VAL C 242 50.87 -61.93 21.61
C VAL C 242 49.42 -61.58 21.25
N HIS C 243 48.84 -60.60 21.96
CA HIS C 243 47.47 -60.13 21.74
C HIS C 243 47.37 -59.17 20.55
N ASP C 244 46.15 -58.76 20.19
CA ASP C 244 45.90 -57.74 19.18
C ASP C 244 46.70 -56.45 19.47
N VAL C 245 47.40 -55.94 18.46
CA VAL C 245 48.24 -54.74 18.51
C VAL C 245 48.05 -53.90 17.25
N ASN C 246 48.44 -52.63 17.27
CA ASN C 246 48.15 -51.70 16.18
C ASN C 246 48.71 -52.16 14.83
N SER C 247 49.90 -52.76 14.87
CA SER C 247 50.51 -53.49 13.76
C SER C 247 51.47 -54.56 14.27
N THR C 248 51.76 -55.53 13.41
CA THR C 248 52.65 -56.66 13.67
C THR C 248 54.01 -56.23 14.24
N TYR C 249 54.59 -55.15 13.77
CA TYR C 249 55.89 -54.67 14.25
C TYR C 249 55.85 -54.12 15.69
N HIS C 250 54.68 -53.85 16.26
CA HIS C 250 54.59 -53.58 17.69
C HIS C 250 54.88 -54.82 18.52
N VAL C 251 54.69 -56.02 17.96
CA VAL C 251 54.90 -57.28 18.66
C VAL C 251 56.27 -57.38 19.34
N PRO C 252 57.42 -57.10 18.73
CA PRO C 252 58.68 -57.14 19.45
C PRO C 252 58.69 -56.21 20.67
N LEU C 253 58.14 -55.00 20.55
CA LEU C 253 58.04 -54.12 21.70
C LEU C 253 57.05 -54.68 22.72
N LEU C 254 55.95 -55.30 22.27
CA LEU C 254 55.04 -56.04 23.15
C LEU C 254 55.78 -57.13 23.93
N LEU C 255 56.61 -57.95 23.28
CA LEU C 255 57.41 -58.98 23.93
C LEU C 255 58.37 -58.36 24.94
N LEU C 256 59.06 -57.29 24.56
CA LEU C 256 59.93 -56.52 25.45
C LEU C 256 59.17 -56.01 26.68
N GLU C 257 57.99 -55.44 26.48
CA GLU C 257 57.15 -54.88 27.54
C GLU C 257 56.67 -55.96 28.51
N GLN C 258 56.38 -57.15 28.01
CA GLN C 258 56.08 -58.36 28.78
C GLN C 258 57.32 -59.01 29.43
N LYS C 259 58.46 -58.29 29.51
CA LYS C 259 59.72 -58.73 30.12
C LYS C 259 60.23 -60.05 29.55
N MET C 260 59.95 -60.31 28.28
CA MET C 260 60.34 -61.56 27.64
C MET C 260 61.87 -61.70 27.58
N ILE C 261 62.58 -60.65 27.18
CA ILE C 261 64.05 -60.65 27.11
C ILE C 261 64.72 -60.57 28.47
N ASP C 262 64.12 -59.91 29.45
CA ASP C 262 64.71 -59.83 30.79
C ASP C 262 64.79 -61.22 31.46
N TYR C 263 63.99 -62.18 31.01
CA TYR C 263 64.18 -63.59 31.30
C TYR C 263 65.25 -64.22 30.40
N LEU C 264 65.16 -64.14 29.06
CA LEU C 264 66.14 -64.79 28.18
C LEU C 264 67.58 -64.37 28.44
N HIS C 265 67.82 -63.12 28.82
CA HIS C 265 69.10 -62.64 29.29
C HIS C 265 69.69 -63.52 30.41
N ALA C 266 68.88 -63.87 31.41
CA ALA C 266 69.29 -64.74 32.52
C ALA C 266 69.28 -66.22 32.13
N ARG C 267 68.23 -66.68 31.44
CA ARG C 267 68.01 -68.09 31.07
C ARG C 267 69.03 -68.62 30.07
N LEU C 268 69.53 -67.76 29.21
CA LEU C 268 70.60 -68.07 28.29
C LEU C 268 71.90 -67.37 28.66
N LYS C 269 71.94 -66.69 29.80
CA LYS C 269 73.17 -66.15 30.38
C LYS C 269 73.91 -65.26 29.37
N LEU C 270 73.16 -64.32 28.83
CA LEU C 270 73.57 -63.48 27.70
C LEU C 270 74.50 -62.34 28.14
N ASP C 271 74.54 -62.07 29.43
CA ASP C 271 75.60 -61.32 30.11
C ASP C 271 76.99 -61.92 29.86
N GLU C 272 77.09 -63.22 29.57
CA GLU C 272 78.36 -63.83 29.16
C GLU C 272 78.84 -63.36 27.77
N ILE C 273 77.96 -62.78 26.96
CA ILE C 273 78.35 -62.22 25.65
C ILE C 273 78.94 -60.81 25.86
N SER C 274 80.26 -60.76 26.04
CA SER C 274 81.04 -59.52 26.21
C SER C 274 81.23 -58.76 24.88
N LEU C 275 80.16 -58.14 24.39
CA LEU C 275 80.15 -57.34 23.17
C LEU C 275 81.15 -56.18 23.19
N THR C 276 81.69 -55.80 22.04
CA THR C 276 82.39 -54.51 21.94
C THR C 276 81.42 -53.35 22.13
N GLU C 277 81.92 -52.18 22.50
CA GLU C 277 81.10 -50.98 22.61
C GLU C 277 80.65 -50.42 21.26
N GLU C 278 81.11 -50.98 20.14
CA GLU C 278 80.48 -50.83 18.83
C GLU C 278 79.36 -51.86 18.58
N GLU C 279 79.29 -52.92 19.37
CA GLU C 279 78.21 -53.87 19.39
C GLU C 279 77.26 -53.53 20.53
N GLU C 280 77.34 -50.55 20.49
CA GLU C 280 76.61 -49.57 19.70
C GLU C 280 75.61 -50.21 18.75
N LEU C 281 75.82 -51.44 18.26
CA LEU C 281 74.81 -52.17 17.51
C LEU C 281 73.52 -52.31 18.33
N LEU C 282 73.66 -52.54 19.63
CA LEU C 282 72.60 -52.45 20.62
C LEU C 282 71.90 -51.09 20.51
N SER C 283 72.65 -50.01 20.58
CA SER C 283 72.16 -48.63 20.60
C SER C 283 71.44 -48.29 19.30
N LYS C 284 72.06 -48.62 18.18
CA LYS C 284 71.51 -48.48 16.84
C LYS C 284 70.23 -49.29 16.72
N TRP C 285 70.22 -50.53 17.20
CA TRP C 285 69.01 -51.32 17.14
C TRP C 285 67.89 -50.77 18.03
N LYS C 286 68.22 -50.33 19.24
CA LYS C 286 67.29 -49.69 20.17
C LYS C 286 66.71 -48.44 19.54
N ALA C 287 67.57 -47.61 18.92
CA ALA C 287 67.11 -46.52 18.09
C ALA C 287 66.14 -47.06 17.03
N THR C 288 66.52 -48.01 16.18
CA THR C 288 65.62 -48.52 15.14
C THR C 288 64.35 -49.18 15.65
N THR C 289 64.35 -49.72 16.86
CA THR C 289 63.17 -50.26 17.51
C THR C 289 62.19 -49.14 17.73
N GLY C 290 62.68 -48.05 18.32
CA GLY C 290 61.96 -46.79 18.36
C GLY C 290 61.63 -46.29 16.96
N ASN C 291 62.56 -46.27 16.01
CA ASN C 291 62.34 -45.63 14.72
C ASN C 291 61.33 -46.40 13.86
N PHE C 292 61.20 -47.71 14.05
CA PHE C 292 60.02 -48.43 13.63
C PHE C 292 58.80 -47.88 14.41
N ASP C 293 58.81 -48.03 15.73
CA ASP C 293 57.62 -47.91 16.58
C ASP C 293 57.00 -46.51 16.60
N GLU C 294 57.81 -45.48 16.48
CA GLU C 294 57.45 -44.07 16.52
C GLU C 294 56.63 -43.65 15.28
N THR C 295 45.60 -41.02 5.33
CA THR C 295 45.63 -42.27 4.56
C THR C 295 46.13 -42.14 3.12
N VAL C 296 46.82 -43.15 2.62
CA VAL C 296 47.09 -43.40 1.19
C VAL C 296 46.34 -44.66 0.78
N LYS C 297 45.51 -44.61 -0.26
CA LYS C 297 44.73 -45.77 -0.74
C LYS C 297 45.42 -46.33 -1.97
N ILE C 298 45.79 -47.61 -2.01
CA ILE C 298 46.46 -48.24 -3.16
C ILE C 298 45.65 -49.43 -3.64
N ALA C 299 45.32 -49.52 -4.93
CA ALA C 299 44.70 -50.72 -5.47
C ALA C 299 45.79 -51.69 -5.88
N LEU C 300 45.82 -52.87 -5.28
CA LEU C 300 46.69 -53.96 -5.70
C LEU C 300 45.84 -54.90 -6.56
N VAL C 301 46.18 -55.01 -7.83
CA VAL C 301 45.36 -55.64 -8.85
C VAL C 301 46.07 -56.89 -9.37
N GLY C 302 45.51 -58.07 -9.15
CA GLY C 302 46.16 -59.30 -9.61
C GLY C 302 45.25 -60.50 -9.60
N LYS C 303 45.78 -61.68 -9.92
CA LYS C 303 45.05 -62.97 -9.82
C LYS C 303 44.83 -63.39 -8.36
N TYR C 304 43.64 -63.89 -8.05
CA TYR C 304 43.33 -64.57 -6.78
C TYR C 304 43.80 -63.81 -5.53
N THR C 305 43.58 -62.50 -5.51
CA THR C 305 43.87 -61.64 -4.34
C THR C 305 43.15 -62.05 -3.06
N ASN C 306 42.15 -62.92 -3.15
CA ASN C 306 41.53 -63.60 -2.00
C ASN C 306 42.57 -64.36 -1.14
N LEU C 307 43.60 -64.87 -1.82
CA LEU C 307 44.70 -65.63 -1.26
C LEU C 307 45.80 -64.69 -0.75
N LYS C 308 45.49 -63.97 0.32
CA LYS C 308 46.29 -62.78 0.71
C LYS C 308 47.74 -63.09 1.12
N ASP C 309 48.05 -64.26 1.62
CA ASP C 309 49.45 -64.62 1.88
C ASP C 309 50.30 -64.68 0.59
N SER C 310 49.68 -64.93 -0.57
CA SER C 310 50.39 -65.01 -1.84
C SER C 310 51.02 -63.68 -2.27
N TYR C 311 50.62 -62.58 -1.65
CA TYR C 311 51.14 -61.25 -1.91
C TYR C 311 51.85 -60.64 -0.71
N LEU C 312 52.19 -61.46 0.29
CA LEU C 312 52.70 -60.97 1.56
C LEU C 312 53.88 -60.01 1.45
N SER C 313 54.91 -60.36 0.68
CA SER C 313 56.09 -59.50 0.57
C SER C 313 55.72 -58.13 0.03
N VAL C 314 54.80 -58.10 -0.95
CA VAL C 314 54.27 -56.89 -1.52
C VAL C 314 53.63 -56.05 -0.43
N ILE C 315 52.81 -56.68 0.41
CA ILE C 315 52.18 -55.95 1.52
C ILE C 315 53.24 -55.37 2.45
N LYS C 316 54.21 -56.18 2.86
CA LYS C 316 55.22 -55.70 3.80
C LYS C 316 56.04 -54.56 3.21
N ALA C 317 56.40 -54.67 1.94
CA ALA C 317 57.12 -53.59 1.27
C ALA C 317 56.33 -52.26 1.28
N LEU C 318 55.03 -52.31 1.00
CA LEU C 318 54.17 -51.13 1.11
C LEU C 318 54.10 -50.61 2.54
N GLU C 319 54.08 -51.48 3.56
CA GLU C 319 54.10 -51.06 4.95
C GLU C 319 55.40 -50.33 5.31
N HIS C 320 56.56 -50.87 4.93
CA HIS C 320 57.85 -50.27 5.28
C HIS C 320 57.94 -48.84 4.74
N SER C 321 57.57 -48.68 3.49
CA SER C 321 57.56 -47.40 2.81
C SER C 321 56.54 -46.44 3.39
N SER C 322 55.33 -46.90 3.72
CA SER C 322 54.29 -46.05 4.29
C SER C 322 54.68 -45.42 5.63
N MET C 323 55.44 -46.14 6.44
CA MET C 323 55.98 -45.58 7.69
C MET C 323 56.94 -44.41 7.42
N LYS C 324 57.76 -44.45 6.34
CA LYS C 324 58.64 -43.35 5.96
C LYS C 324 57.85 -42.11 5.53
N CYS C 325 56.80 -42.28 4.73
CA CYS C 325 55.86 -41.21 4.35
C CYS C 325 54.93 -40.72 5.48
N ARG C 326 55.02 -41.35 6.66
CA ARG C 326 54.20 -41.11 7.85
C ARG C 326 52.68 -41.22 7.57
N ARG C 327 52.27 -41.94 6.53
CA ARG C 327 50.88 -42.06 6.06
C ARG C 327 50.35 -43.47 6.23
N LYS C 328 49.07 -43.57 6.59
CA LYS C 328 48.40 -44.83 6.87
C LYS C 328 48.10 -45.56 5.58
N LEU C 329 48.46 -46.83 5.48
CA LEU C 329 48.29 -47.62 4.26
C LEU C 329 46.93 -48.31 4.24
N ASP C 330 46.23 -48.19 3.11
CA ASP C 330 44.96 -48.85 2.88
C ASP C 330 44.97 -49.59 1.53
N ILE C 331 45.41 -50.84 1.52
CA ILE C 331 45.42 -51.66 0.30
C ILE C 331 44.00 -52.06 -0.04
N LYS C 332 43.51 -51.69 -1.23
CA LYS C 332 42.31 -52.28 -1.81
C LYS C 332 42.71 -53.51 -2.60
N TRP C 333 42.14 -54.65 -2.28
CA TRP C 333 42.36 -55.91 -2.98
C TRP C 333 41.40 -56.06 -4.14
N VAL C 334 41.91 -56.07 -5.37
CA VAL C 334 41.12 -56.22 -6.59
C VAL C 334 41.45 -57.55 -7.26
N GLU C 335 40.47 -58.39 -7.51
CA GLU C 335 40.68 -59.50 -8.44
C GLU C 335 40.73 -58.93 -9.85
N ALA C 336 41.85 -59.12 -10.55
CA ALA C 336 42.06 -58.58 -11.88
C ALA C 336 40.98 -59.01 -12.86
N THR C 337 40.53 -60.26 -12.82
CA THR C 337 39.50 -60.74 -13.73
C THR C 337 38.14 -60.07 -13.55
N ASP C 338 37.84 -59.51 -12.37
CA ASP C 338 36.59 -58.77 -12.17
C ASP C 338 36.56 -57.40 -12.85
N LEU C 339 37.69 -56.91 -13.36
CA LEU C 339 37.72 -55.68 -14.16
C LEU C 339 37.28 -55.90 -15.61
N GLU C 340 37.25 -57.14 -16.08
CA GLU C 340 37.08 -57.44 -17.50
C GLU C 340 35.69 -57.04 -18.04
N PRO C 341 35.58 -56.58 -19.29
CA PRO C 341 34.29 -56.32 -19.94
C PRO C 341 33.34 -57.52 -19.99
N GLU C 342 33.87 -58.75 -19.94
CA GLU C 342 33.08 -59.99 -19.84
C GLU C 342 32.48 -60.19 -18.44
N ALA C 343 33.17 -59.76 -17.38
CA ALA C 343 32.69 -59.91 -16.02
C ALA C 343 31.38 -59.14 -15.79
N GLN C 344 31.15 -58.06 -16.55
CA GLN C 344 29.95 -57.22 -16.43
C GLN C 344 28.64 -57.97 -16.68
N GLU C 345 28.59 -58.93 -17.60
CA GLU C 345 27.41 -59.79 -17.77
C GLU C 345 27.45 -61.03 -16.87
N SER C 346 28.65 -61.54 -16.56
CA SER C 346 28.81 -62.79 -15.81
C SER C 346 28.52 -62.64 -14.32
N ASN C 347 29.06 -61.59 -13.69
CA ASN C 347 29.05 -61.39 -12.24
C ASN C 347 29.07 -59.88 -11.89
N LYS C 348 28.05 -59.15 -12.38
CA LYS C 348 28.02 -57.68 -12.42
C LYS C 348 28.37 -57.01 -11.09
N THR C 349 27.89 -57.54 -9.97
CA THR C 349 28.06 -56.91 -8.65
C THR C 349 29.52 -56.77 -8.27
N LYS C 350 30.29 -57.85 -8.41
CA LYS C 350 31.72 -57.83 -8.08
C LYS C 350 32.54 -56.98 -9.05
N PHE C 351 32.11 -56.91 -10.31
CA PHE C 351 32.70 -56.03 -11.30
C PHE C 351 32.60 -54.55 -10.92
N HIS C 352 31.45 -54.09 -10.39
CA HIS C 352 31.35 -52.73 -9.86
C HIS C 352 32.22 -52.51 -8.62
N GLU C 353 32.30 -53.48 -7.71
CA GLU C 353 33.20 -53.36 -6.55
C GLU C 353 34.65 -53.21 -6.97
N ALA C 354 35.09 -54.01 -7.95
CA ALA C 354 36.44 -53.95 -8.49
C ALA C 354 36.73 -52.58 -9.12
N TRP C 355 35.83 -52.08 -9.96
CA TRP C 355 36.03 -50.79 -10.59
C TRP C 355 35.94 -49.61 -9.64
N ASN C 356 35.10 -49.66 -8.60
CA ASN C 356 35.12 -48.62 -7.58
C ASN C 356 36.49 -48.55 -6.89
N MET C 357 37.10 -49.68 -6.55
CA MET C 357 38.42 -49.70 -5.94
C MET C 357 39.44 -49.06 -6.88
N VAL C 358 39.49 -49.45 -8.16
CA VAL C 358 40.43 -48.88 -9.13
C VAL C 358 40.24 -47.36 -9.27
N SER C 359 38.99 -46.90 -9.32
CA SER C 359 38.64 -45.49 -9.44
C SER C 359 38.92 -44.66 -8.20
N THR C 360 38.88 -45.27 -7.02
CA THR C 360 39.13 -44.60 -5.73
C THR C 360 40.61 -44.39 -5.48
N ALA C 361 41.45 -45.36 -5.87
CA ALA C 361 42.80 -45.45 -5.36
C ALA C 361 43.72 -44.28 -5.75
N ASP C 362 44.57 -43.86 -4.83
CA ASP C 362 45.61 -42.85 -5.05
C ASP C 362 46.82 -43.40 -5.79
N GLY C 363 46.95 -44.72 -5.91
CA GLY C 363 47.97 -45.39 -6.68
C GLY C 363 47.51 -46.75 -7.16
N ILE C 364 48.09 -47.26 -8.24
CA ILE C 364 47.81 -48.60 -8.75
C ILE C 364 49.09 -49.44 -8.68
N LEU C 365 48.94 -50.72 -8.41
CA LEU C 365 50.03 -51.66 -8.23
C LEU C 365 49.64 -52.98 -8.88
N ILE C 366 50.40 -53.39 -9.88
CA ILE C 366 50.26 -54.71 -10.50
C ILE C 366 51.42 -55.57 -9.97
N PRO C 367 51.17 -56.62 -9.19
CA PRO C 367 52.14 -57.10 -8.19
C PRO C 367 53.13 -58.17 -8.69
N GLY C 368 53.09 -58.56 -9.96
CA GLY C 368 53.87 -59.72 -10.46
C GLY C 368 53.19 -61.07 -10.24
N GLY C 369 51.94 -61.18 -10.69
CA GLY C 369 51.08 -62.37 -10.52
C GLY C 369 51.59 -63.65 -11.21
N PHE C 370 50.93 -64.75 -10.90
CA PHE C 370 51.23 -66.10 -11.36
C PHE C 370 50.26 -66.51 -12.48
N GLY C 371 50.81 -66.96 -13.61
CA GLY C 371 50.01 -67.39 -14.75
C GLY C 371 49.25 -66.28 -15.48
N VAL C 372 48.48 -66.65 -16.52
CA VAL C 372 47.93 -65.68 -17.50
C VAL C 372 46.57 -65.08 -17.12
N ARG C 373 45.75 -65.76 -16.32
CA ARG C 373 44.30 -65.51 -16.15
C ARG C 373 43.92 -64.03 -15.97
N GLY C 374 44.57 -63.33 -15.04
CA GLY C 374 44.22 -61.94 -14.71
C GLY C 374 44.58 -60.89 -15.77
N THR C 375 45.33 -61.26 -16.81
CA THR C 375 46.00 -60.30 -17.69
C THR C 375 45.06 -59.24 -18.26
N GLU C 376 43.89 -59.63 -18.75
CA GLU C 376 43.01 -58.70 -19.48
C GLU C 376 42.53 -57.55 -18.59
N GLY C 377 42.23 -57.80 -17.33
CA GLY C 377 41.89 -56.73 -16.40
C GLY C 377 43.08 -55.89 -15.99
N MET C 378 44.24 -56.51 -15.77
CA MET C 378 45.48 -55.80 -15.44
C MET C 378 45.91 -54.83 -16.54
N VAL C 379 45.60 -55.11 -17.80
CA VAL C 379 45.79 -54.16 -18.90
C VAL C 379 44.97 -52.89 -18.68
N LEU C 380 43.67 -53.01 -18.38
CA LEU C 380 42.76 -51.89 -18.15
C LEU C 380 43.14 -51.10 -16.90
N ALA C 381 43.67 -51.73 -15.85
CA ALA C 381 44.24 -51.02 -14.71
C ALA C 381 45.51 -50.24 -15.08
N ALA C 382 46.36 -50.75 -15.95
CA ALA C 382 47.54 -50.00 -16.41
C ALA C 382 47.17 -48.81 -17.30
N ARG C 383 46.15 -48.96 -18.17
CA ARG C 383 45.56 -47.93 -19.03
C ARG C 383 44.96 -46.80 -18.21
N TRP C 384 44.23 -47.16 -17.16
CA TRP C 384 43.66 -46.22 -16.22
C TRP C 384 44.69 -45.29 -15.56
N ALA C 385 45.87 -45.81 -15.23
CA ALA C 385 46.95 -45.01 -14.67
C ALA C 385 47.89 -44.38 -15.70
N ARG C 386 47.94 -44.86 -16.95
CA ARG C 386 48.70 -44.19 -18.01
C ARG C 386 47.99 -42.89 -18.38
N GLU C 387 46.69 -42.96 -18.64
CA GLU C 387 45.93 -41.86 -19.23
C GLU C 387 45.65 -40.75 -18.20
N ASN C 388 44.88 -41.09 -17.17
CA ASN C 388 44.72 -40.26 -15.99
C ASN C 388 46.01 -40.37 -15.18
N HIS C 389 46.62 -39.28 -14.70
CA HIS C 389 47.96 -39.30 -14.07
C HIS C 389 48.04 -39.93 -12.65
N ILE C 390 47.44 -41.11 -12.45
CA ILE C 390 47.54 -41.91 -11.22
C ILE C 390 48.95 -42.50 -11.07
N PRO C 391 49.61 -42.42 -9.92
CA PRO C 391 50.85 -43.14 -9.64
C PRO C 391 50.71 -44.66 -9.83
N PHE C 392 51.73 -45.32 -10.36
CA PHE C 392 51.72 -46.73 -10.73
C PHE C 392 53.05 -47.41 -10.45
N LEU C 393 52.99 -48.67 -10.00
CA LEU C 393 54.12 -49.60 -10.06
C LEU C 393 53.70 -50.94 -10.68
N GLY C 394 54.44 -51.39 -11.68
CA GLY C 394 54.33 -52.74 -12.24
C GLY C 394 55.51 -53.60 -11.80
N VAL C 395 55.28 -54.74 -11.16
CA VAL C 395 56.34 -55.66 -10.75
C VAL C 395 56.29 -56.91 -11.61
N CYS C 396 57.40 -57.30 -12.22
CA CYS C 396 57.54 -58.46 -13.10
C CYS C 396 56.45 -58.54 -14.20
N LEU C 397 55.42 -59.38 -14.05
CA LEU C 397 54.24 -59.39 -14.92
C LEU C 397 53.58 -57.99 -15.03
N GLY C 398 53.72 -57.14 -14.02
CA GLY C 398 53.31 -55.75 -14.10
C GLY C 398 54.12 -54.94 -15.10
N LEU C 399 55.44 -55.14 -15.23
CA LEU C 399 56.21 -54.50 -16.31
C LEU C 399 55.77 -55.02 -17.68
N GLN C 400 55.57 -56.33 -17.75
CA GLN C 400 55.05 -56.98 -18.94
C GLN C 400 53.72 -56.37 -19.36
N ILE C 401 52.80 -56.16 -18.41
CA ILE C 401 51.49 -55.56 -18.68
C ILE C 401 51.55 -54.04 -18.87
N ALA C 402 52.47 -53.32 -18.24
CA ALA C 402 52.73 -51.93 -18.60
C ALA C 402 53.19 -51.82 -20.06
N THR C 403 53.99 -52.75 -20.54
CA THR C 403 54.47 -52.75 -21.93
C THR C 403 53.42 -53.24 -22.91
N ILE C 404 52.68 -54.31 -22.59
CA ILE C 404 51.53 -54.74 -23.38
C ILE C 404 50.51 -53.60 -23.49
N GLU C 405 50.21 -52.88 -22.43
CA GLU C 405 49.22 -51.80 -22.50
C GLU C 405 49.73 -50.64 -23.35
N PHE C 406 50.94 -50.14 -23.08
CA PHE C 406 51.50 -49.05 -23.86
C PHE C 406 51.60 -49.41 -25.35
N THR C 407 51.93 -50.66 -25.68
CA THR C 407 51.83 -51.19 -27.04
C THR C 407 50.39 -51.14 -27.55
N ARG C 408 49.45 -51.73 -26.83
CA ARG C 408 48.03 -51.91 -27.17
C ARG C 408 47.22 -50.60 -27.27
N SER C 409 47.75 -49.48 -26.80
CA SER C 409 47.03 -48.20 -26.75
C SER C 409 47.78 -46.99 -27.29
N VAL C 410 49.11 -46.96 -27.20
CA VAL C 410 49.92 -45.86 -27.71
C VAL C 410 50.45 -46.16 -29.12
N LEU C 411 50.84 -47.41 -29.40
CA LEU C 411 51.26 -47.84 -30.75
C LEU C 411 50.11 -48.41 -31.61
N GLY C 412 48.88 -48.39 -31.14
CA GLY C 412 47.79 -49.17 -31.73
C GLY C 412 47.96 -50.67 -31.40
N ARG C 413 48.33 -51.49 -32.40
CA ARG C 413 48.74 -52.91 -32.25
C ARG C 413 47.84 -53.75 -31.34
N LYS C 414 46.51 -53.65 -31.50
CA LYS C 414 45.50 -54.21 -30.58
C LYS C 414 45.56 -55.74 -30.40
N ASP C 415 46.17 -56.46 -31.33
CA ASP C 415 46.40 -57.92 -31.25
C ASP C 415 47.55 -58.34 -30.32
N SER C 416 48.41 -57.41 -29.86
CA SER C 416 49.61 -57.78 -29.07
C SER C 416 49.29 -58.37 -27.69
N HIS C 417 50.12 -59.29 -27.23
CA HIS C 417 49.86 -60.16 -26.08
C HIS C 417 51.20 -60.68 -25.52
N SER C 418 51.19 -61.26 -24.33
CA SER C 418 52.34 -61.99 -23.78
C SER C 418 52.78 -63.15 -24.69
N ALA C 419 54.06 -63.51 -24.65
CA ALA C 419 54.59 -64.70 -25.32
C ALA C 419 53.90 -66.01 -24.89
N GLU C 420 53.19 -65.99 -23.76
CA GLU C 420 52.31 -67.07 -23.32
C GLU C 420 51.29 -67.50 -24.38
N PHE C 421 50.73 -66.57 -25.18
CA PHE C 421 49.87 -66.88 -26.35
C PHE C 421 50.74 -67.21 -27.57
N TYR C 422 51.51 -68.29 -27.43
CA TYR C 422 52.57 -68.70 -28.34
C TYR C 422 52.19 -68.74 -29.83
N PRO C 423 51.06 -69.34 -30.27
CA PRO C 423 50.80 -69.56 -31.71
C PRO C 423 50.39 -68.31 -32.50
N ASP C 424 50.25 -67.14 -31.86
CA ASP C 424 50.08 -65.88 -32.59
C ASP C 424 51.39 -65.41 -33.26
N ILE C 425 52.55 -65.82 -32.75
CA ILE C 425 53.91 -65.58 -33.25
C ILE C 425 54.24 -64.09 -33.48
N ASP C 426 53.77 -63.47 -34.57
CA ASP C 426 54.19 -62.15 -35.05
C ASP C 426 53.91 -61.01 -34.05
N GLU C 427 52.88 -61.15 -33.21
CA GLU C 427 52.41 -60.12 -32.27
C GLU C 427 52.76 -60.39 -30.79
N LYS C 428 53.62 -61.39 -30.52
CA LYS C 428 54.15 -61.66 -29.18
C LYS C 428 54.96 -60.44 -28.70
N ASN C 429 54.57 -59.87 -27.56
CA ASN C 429 55.22 -58.71 -26.95
C ASN C 429 56.54 -59.06 -26.22
N HIS C 430 56.82 -60.35 -26.01
CA HIS C 430 57.92 -60.87 -25.19
C HIS C 430 58.71 -61.98 -25.91
N VAL C 431 59.87 -62.35 -25.35
CA VAL C 431 60.72 -63.44 -25.81
C VAL C 431 61.18 -64.29 -24.63
N VAL C 432 61.31 -65.60 -24.85
CA VAL C 432 61.88 -66.54 -23.89
C VAL C 432 63.34 -66.21 -23.57
N VAL C 433 63.71 -66.33 -22.30
CA VAL C 433 65.09 -66.20 -21.83
C VAL C 433 65.31 -67.07 -20.59
N PHE C 434 65.51 -68.38 -20.78
CA PHE C 434 65.63 -69.36 -19.69
C PHE C 434 66.97 -69.33 -18.93
N MET C 435 68.05 -68.79 -19.53
CA MET C 435 69.43 -68.86 -19.02
C MET C 435 69.84 -70.24 -18.51
N MET C 436 64.88 -70.45 -15.87
CA MET C 436 64.43 -69.22 -15.24
C MET C 436 65.60 -68.35 -14.75
N ARG C 437 65.55 -67.03 -14.98
CA ARG C 437 66.48 -66.07 -14.39
C ARG C 437 66.10 -65.88 -12.92
N LEU C 438 67.04 -66.08 -12.01
CA LEU C 438 66.83 -66.11 -10.55
C LEU C 438 67.93 -65.35 -9.79
N GLY C 439 67.67 -65.06 -8.52
CA GLY C 439 68.68 -64.56 -7.58
C GLY C 439 69.12 -63.12 -7.80
N LEU C 440 70.05 -62.67 -6.97
CA LEU C 440 70.56 -61.30 -7.01
C LEU C 440 71.41 -61.10 -8.25
N ARG C 441 70.92 -60.28 -9.16
CA ARG C 441 71.67 -59.81 -10.34
C ARG C 441 71.73 -58.28 -10.36
N PRO C 442 72.77 -57.65 -10.92
CA PRO C 442 72.85 -56.20 -11.02
C PRO C 442 71.83 -55.63 -12.02
N THR C 443 71.63 -54.33 -12.03
CA THR C 443 70.98 -53.56 -13.10
C THR C 443 71.59 -52.18 -13.13
N PHE C 444 71.81 -51.66 -14.33
CA PHE C 444 72.59 -50.46 -14.59
C PHE C 444 71.70 -49.41 -15.26
N PHE C 445 71.71 -48.19 -14.74
CA PHE C 445 70.93 -47.12 -15.37
C PHE C 445 71.50 -46.75 -16.74
N GLN C 446 70.64 -46.35 -17.68
CA GLN C 446 71.07 -45.85 -18.98
C GLN C 446 71.61 -44.42 -18.82
N ASN C 447 72.82 -44.14 -19.30
CA ASN C 447 73.66 -43.05 -18.79
C ASN C 447 73.13 -41.61 -19.01
N GLU C 448 72.10 -41.41 -19.84
CA GLU C 448 71.48 -40.11 -20.15
C GLU C 448 70.29 -39.76 -19.25
N THR C 449 69.69 -40.73 -18.53
CA THR C 449 68.35 -40.61 -17.92
C THR C 449 68.34 -39.83 -16.59
N GLU C 450 68.98 -38.67 -16.54
CA GLU C 450 69.10 -37.80 -15.36
C GLU C 450 67.75 -37.23 -14.89
N TRP C 451 66.74 -37.21 -15.75
CA TRP C 451 65.38 -36.75 -15.47
C TRP C 451 64.58 -37.72 -14.58
N SER C 452 64.96 -39.00 -14.54
CA SER C 452 64.19 -40.10 -13.96
C SER C 452 63.82 -39.90 -12.50
N GLN C 453 62.57 -40.13 -12.15
CA GLN C 453 62.12 -40.13 -10.75
C GLN C 453 62.71 -41.32 -10.00
N ILE C 454 62.72 -42.51 -10.60
CA ILE C 454 63.20 -43.72 -9.91
C ILE C 454 64.71 -43.68 -9.66
N LYS C 455 65.53 -43.30 -10.64
CA LYS C 455 66.98 -43.25 -10.41
C LYS C 455 67.41 -42.12 -9.48
N LYS C 456 66.53 -41.15 -9.22
CA LYS C 456 66.69 -40.19 -8.12
C LYS C 456 66.49 -40.85 -6.77
N LEU C 457 65.45 -41.67 -6.58
CA LEU C 457 65.20 -42.39 -5.31
C LEU C 457 66.38 -43.31 -4.93
N TYR C 458 67.03 -43.95 -5.92
CA TYR C 458 68.28 -44.71 -5.74
C TYR C 458 69.53 -43.87 -5.46
N GLY C 459 69.38 -42.59 -5.12
CA GLY C 459 70.46 -41.75 -4.61
C GLY C 459 71.52 -41.36 -5.64
N ASP C 460 71.18 -41.41 -6.93
CA ASP C 460 72.12 -41.21 -8.06
C ASP C 460 73.27 -42.23 -8.13
N VAL C 461 73.15 -43.37 -7.44
CA VAL C 461 74.11 -44.49 -7.55
C VAL C 461 74.07 -45.09 -8.97
N SER C 462 75.21 -45.53 -9.49
CA SER C 462 75.39 -46.02 -10.87
C SER C 462 74.66 -47.34 -11.19
N GLU C 463 74.44 -48.20 -10.21
CA GLU C 463 73.78 -49.48 -10.37
C GLU C 463 73.06 -49.93 -9.09
N VAL C 464 72.22 -50.95 -9.27
CA VAL C 464 71.41 -51.59 -8.24
C VAL C 464 71.53 -53.11 -8.36
N HIS C 465 71.20 -53.86 -7.31
CA HIS C 465 71.22 -55.33 -7.31
C HIS C 465 69.89 -55.86 -6.79
N GLU C 466 69.26 -56.79 -7.51
CA GLU C 466 67.84 -57.11 -7.29
C GLU C 466 67.51 -58.58 -7.57
N ARG C 467 66.38 -59.07 -7.04
CA ARG C 467 65.92 -60.46 -7.20
C ARG C 467 65.01 -60.64 -8.41
N HIS C 468 65.18 -61.76 -9.11
CA HIS C 468 64.49 -62.09 -10.36
C HIS C 468 63.82 -63.46 -10.27
N ARG C 469 62.80 -63.72 -11.10
CA ARG C 469 62.08 -65.02 -11.16
C ARG C 469 61.45 -65.29 -12.53
N HIS C 470 61.99 -64.74 -13.60
CA HIS C 470 61.26 -64.61 -14.86
C HIS C 470 61.79 -65.54 -15.94
N ARG C 471 60.87 -66.03 -16.77
CA ARG C 471 61.20 -66.79 -18.00
C ARG C 471 60.99 -66.00 -19.31
N TYR C 472 60.31 -64.87 -19.27
CA TYR C 472 60.05 -64.01 -20.43
C TYR C 472 60.70 -62.65 -20.23
N GLU C 473 61.09 -62.00 -21.32
CA GLU C 473 61.45 -60.58 -21.33
C GLU C 473 60.80 -59.86 -22.50
N ILE C 474 60.69 -58.54 -22.45
CA ILE C 474 60.15 -57.76 -23.57
C ILE C 474 61.07 -57.96 -24.78
N ASN C 475 60.45 -58.13 -25.95
CA ASN C 475 61.20 -58.47 -27.16
C ASN C 475 62.12 -57.32 -27.59
N PRO C 476 63.47 -57.47 -27.59
CA PRO C 476 64.40 -56.39 -27.86
C PRO C 476 64.14 -55.66 -29.18
N LYS C 477 63.61 -56.38 -30.18
CA LYS C 477 63.23 -55.85 -31.49
C LYS C 477 62.31 -54.62 -31.38
N MET C 478 61.39 -54.62 -30.41
CA MET C 478 60.42 -53.55 -30.21
C MET C 478 60.94 -52.38 -29.37
N VAL C 479 62.00 -52.57 -28.59
CA VAL C 479 62.36 -51.62 -27.52
C VAL C 479 62.73 -50.24 -28.04
N ASP C 480 63.31 -50.11 -29.23
CA ASP C 480 63.55 -48.80 -29.82
C ASP C 480 62.24 -48.02 -30.07
N GLU C 481 61.20 -48.71 -30.50
CA GLU C 481 59.88 -48.12 -30.77
C GLU C 481 59.25 -47.59 -29.48
N LEU C 482 59.34 -48.36 -28.41
CA LEU C 482 58.88 -47.99 -27.08
C LEU C 482 59.72 -46.84 -26.49
N GLU C 483 61.05 -46.87 -26.60
CA GLU C 483 61.91 -45.77 -26.17
C GLU C 483 61.62 -44.47 -26.93
N ASN C 484 61.44 -44.54 -28.25
CA ASN C 484 61.12 -43.39 -29.11
C ASN C 484 59.73 -42.80 -28.81
N ASN C 485 58.75 -43.63 -28.44
CA ASN C 485 57.42 -43.18 -28.05
C ASN C 485 57.31 -42.71 -26.59
N GLY C 486 58.32 -42.94 -25.75
CA GLY C 486 58.44 -42.36 -24.42
C GLY C 486 58.38 -43.35 -23.25
N LEU C 487 58.16 -44.63 -23.50
CA LEU C 487 58.23 -45.69 -22.50
C LEU C 487 59.71 -46.05 -22.24
N ILE C 488 60.49 -45.11 -21.72
CA ILE C 488 61.95 -45.20 -21.69
C ILE C 488 62.41 -46.29 -20.71
N PHE C 489 63.17 -47.27 -21.18
CA PHE C 489 63.75 -48.31 -20.33
C PHE C 489 64.97 -47.81 -19.57
N VAL C 490 64.74 -47.11 -18.46
CA VAL C 490 65.78 -46.42 -17.69
C VAL C 490 66.83 -47.34 -17.02
N GLY C 491 66.63 -48.65 -17.00
CA GLY C 491 67.58 -49.61 -16.50
C GLY C 491 67.62 -50.90 -17.28
N LYS C 492 68.82 -51.41 -17.56
CA LYS C 492 69.04 -52.67 -18.25
C LYS C 492 70.15 -53.47 -17.55
N ASP C 493 70.34 -54.70 -17.99
CA ASP C 493 71.33 -55.62 -17.45
C ASP C 493 72.77 -55.27 -17.91
N ASP C 494 73.71 -56.09 -17.46
CA ASP C 494 75.12 -56.03 -17.87
C ASP C 494 75.32 -56.02 -19.41
N THR C 495 74.59 -56.83 -20.17
CA THR C 495 74.71 -56.89 -21.65
C THR C 495 74.02 -55.72 -22.35
N GLY C 496 73.03 -55.08 -21.73
CA GLY C 496 72.16 -54.10 -22.35
C GLY C 496 71.07 -54.69 -23.24
N LYS C 497 70.94 -56.02 -23.30
CA LYS C 497 69.90 -56.71 -24.07
C LYS C 497 68.59 -56.86 -23.31
N ARG C 498 68.61 -56.85 -21.98
CA ARG C 498 67.47 -57.23 -21.11
C ARG C 498 66.78 -56.00 -20.49
N CYS C 499 65.46 -55.99 -20.54
CA CYS C 499 64.62 -54.90 -20.03
C CYS C 499 64.41 -55.01 -18.51
N GLU C 500 65.15 -54.26 -17.70
CA GLU C 500 65.09 -54.41 -16.24
C GLU C 500 64.18 -53.38 -15.56
N ILE C 501 64.14 -52.15 -16.07
CA ILE C 501 63.28 -51.07 -15.57
C ILE C 501 62.73 -50.27 -16.74
N LEU C 502 61.48 -49.83 -16.64
CA LEU C 502 60.94 -48.74 -17.44
C LEU C 502 60.36 -47.61 -16.57
N GLU C 503 60.41 -46.41 -17.10
CA GLU C 503 59.70 -45.23 -16.64
C GLU C 503 59.09 -44.53 -17.84
N LEU C 504 57.81 -44.20 -17.78
CA LEU C 504 57.15 -43.41 -18.82
C LEU C 504 57.54 -41.94 -18.65
N LYS C 505 58.22 -41.37 -19.65
CA LYS C 505 58.67 -39.98 -19.69
C LYS C 505 57.50 -39.01 -19.48
N ASN C 506 57.67 -38.02 -18.60
CA ASN C 506 56.68 -36.97 -18.29
C ASN C 506 55.31 -37.52 -17.83
N HIS C 507 55.35 -38.38 -16.81
CA HIS C 507 54.20 -38.79 -15.98
C HIS C 507 54.61 -38.67 -14.49
N PRO C 508 53.72 -38.28 -13.55
CA PRO C 508 54.11 -38.06 -12.16
C PRO C 508 54.82 -39.21 -11.45
N TYR C 509 54.43 -40.46 -11.72
CA TYR C 509 55.11 -41.67 -11.27
C TYR C 509 54.54 -42.91 -11.96
N TYR C 510 55.14 -43.36 -13.04
CA TYR C 510 54.72 -44.58 -13.73
C TYR C 510 55.94 -45.41 -14.02
N ILE C 511 56.15 -46.38 -13.14
CA ILE C 511 57.31 -47.24 -13.09
C ILE C 511 56.89 -48.67 -13.30
N ALA C 512 57.76 -49.46 -13.93
CA ALA C 512 57.72 -50.89 -13.71
C ALA C 512 59.13 -51.49 -13.63
N THR C 513 59.24 -52.63 -12.96
CA THR C 513 60.48 -53.39 -12.75
C THR C 513 60.24 -54.82 -13.19
N GLN C 514 61.20 -55.41 -13.90
CA GLN C 514 61.12 -56.83 -14.21
C GLN C 514 61.39 -57.69 -12.95
N TYR C 515 62.30 -57.23 -12.10
CA TYR C 515 62.59 -57.81 -10.80
C TYR C 515 61.47 -57.59 -9.77
N HIS C 516 61.62 -58.26 -8.62
CA HIS C 516 60.73 -58.25 -7.46
C HIS C 516 61.36 -57.48 -6.27
N PRO C 517 61.24 -56.13 -6.24
CA PRO C 517 61.88 -55.30 -5.23
C PRO C 517 61.39 -55.57 -3.80
N GLU C 518 60.20 -56.13 -3.63
CA GLU C 518 59.66 -56.56 -2.34
C GLU C 518 60.50 -57.68 -1.71
N TYR C 519 61.38 -58.33 -2.47
CA TYR C 519 62.35 -59.24 -1.90
C TYR C 519 63.56 -58.54 -1.28
N THR C 520 63.60 -57.20 -1.26
CA THR C 520 64.68 -56.47 -0.58
C THR C 520 64.20 -55.23 0.17
N SER C 521 62.90 -55.05 0.33
CA SER C 521 62.34 -54.07 1.25
C SER C 521 62.65 -54.41 2.72
N LYS C 522 63.24 -53.49 3.47
CA LYS C 522 63.53 -53.64 4.92
C LYS C 522 62.77 -52.58 5.73
N VAL C 523 62.47 -52.88 6.99
CA VAL C 523 61.67 -52.00 7.86
C VAL C 523 62.29 -50.62 8.04
N LEU C 524 63.62 -50.54 8.10
CA LEU C 524 64.36 -49.27 8.22
C LEU C 524 64.99 -48.80 6.89
N ASP C 525 64.98 -49.64 5.84
CA ASP C 525 65.41 -49.30 4.47
C ASP C 525 64.38 -49.81 3.45
N PRO C 526 63.33 -49.04 3.15
CA PRO C 526 62.28 -49.48 2.22
C PRO C 526 62.80 -49.61 0.77
N SER C 527 62.31 -50.59 0.01
CA SER C 527 62.71 -50.82 -1.39
C SER C 527 62.23 -49.67 -2.28
N LYS C 528 63.14 -48.98 -2.97
CA LYS C 528 62.88 -47.69 -3.63
C LYS C 528 61.66 -47.65 -4.56
N PRO C 529 61.35 -48.65 -5.40
CA PRO C 529 60.20 -48.59 -6.32
C PRO C 529 58.85 -48.51 -5.62
N PHE C 530 58.74 -49.15 -4.46
CA PHE C 530 57.58 -49.04 -3.60
C PHE C 530 57.58 -47.74 -2.82
N LEU C 531 58.74 -47.23 -2.34
CA LEU C 531 58.75 -45.93 -1.70
C LEU C 531 58.21 -44.85 -2.63
N GLY C 532 58.64 -44.84 -3.89
CA GLY C 532 58.13 -43.93 -4.89
C GLY C 532 56.62 -44.05 -5.13
N LEU C 533 56.08 -45.27 -5.20
CA LEU C 533 54.64 -45.49 -5.35
C LEU C 533 53.86 -44.89 -4.18
N VAL C 534 54.26 -45.11 -2.94
CA VAL C 534 53.55 -44.52 -1.81
C VAL C 534 53.74 -43.01 -1.81
N ALA C 535 54.96 -42.52 -1.94
CA ALA C 535 55.24 -41.09 -1.88
C ALA C 535 54.51 -40.30 -2.97
N ALA C 536 54.41 -40.81 -4.19
CA ALA C 536 53.64 -40.16 -5.23
C ALA C 536 52.13 -40.29 -4.99
N SER C 537 51.63 -41.39 -4.43
CA SER C 537 50.23 -41.52 -4.01
C SER C 537 49.87 -40.50 -2.93
N ALA C 538 50.81 -40.21 -2.03
CA ALA C 538 50.73 -39.13 -1.04
C ALA C 538 50.96 -37.72 -1.64
N GLY C 539 51.38 -37.62 -2.88
CA GLY C 539 51.66 -36.35 -3.55
C GLY C 539 52.90 -35.63 -2.98
N ILE C 540 53.82 -36.36 -2.37
CA ILE C 540 54.99 -35.86 -1.64
C ILE C 540 56.34 -36.32 -2.20
N LEU C 541 56.33 -36.98 -3.37
CA LEU C 541 57.48 -37.66 -3.99
C LEU C 541 58.72 -36.77 -4.06
N GLN C 542 58.58 -35.52 -4.46
CA GLN C 542 59.69 -34.57 -4.54
C GLN C 542 60.43 -34.45 -3.20
N ASP C 543 59.68 -34.33 -2.12
CA ASP C 543 60.22 -34.00 -0.81
C ASP C 543 60.86 -35.22 -0.13
N VAL C 544 60.38 -36.43 -0.46
CA VAL C 544 61.00 -37.70 -0.09
C VAL C 544 62.35 -37.84 -0.79
N ILE C 545 62.44 -37.48 -2.08
CA ILE C 545 63.71 -37.51 -2.83
C ILE C 545 64.68 -36.45 -2.27
N GLU C 546 64.18 -35.26 -1.97
CA GLU C 546 64.97 -34.17 -1.38
C GLU C 546 65.41 -34.42 0.07
N GLY C 547 64.77 -35.36 0.77
CA GLY C 547 65.21 -35.86 2.07
C GLY C 547 64.43 -35.41 3.31
N LYS C 548 63.19 -34.91 3.15
CA LYS C 548 62.31 -34.45 4.24
C LYS C 548 61.76 -35.56 5.16
N TYR C 549 62.19 -36.82 4.97
CA TYR C 549 61.63 -38.00 5.64
C TYR C 549 62.66 -39.08 6.02
N ASP C 550 63.97 -38.82 5.91
CA ASP C 550 64.97 -39.70 6.52
C ASP C 550 64.86 -39.71 8.07
N LEU C 551 65.17 -40.85 8.71
CA LEU C 551 64.79 -41.08 10.10
C LEU C 551 65.75 -40.47 11.14
N GLU C 552 66.92 -40.01 10.72
CA GLU C 552 67.92 -39.31 11.54
C GLU C 552 68.51 -38.11 10.76
N ALA C 553 68.75 -36.95 11.37
CA ALA C 553 69.29 -35.79 10.67
C ALA C 553 70.70 -36.03 10.11
N MET D 1 18.54 -103.64 24.29
CA MET D 1 18.21 -102.19 24.25
C MET D 1 19.19 -101.41 23.39
N LYS D 2 18.77 -100.31 22.76
CA LYS D 2 19.64 -99.44 21.97
C LYS D 2 20.32 -98.38 22.81
N TYR D 3 21.49 -97.92 22.40
CA TYR D 3 22.21 -96.88 23.14
C TYR D 3 22.97 -95.93 22.20
N VAL D 4 23.11 -94.66 22.56
CA VAL D 4 23.86 -93.65 21.79
C VAL D 4 24.79 -92.90 22.72
N VAL D 5 26.09 -93.05 22.62
CA VAL D 5 27.03 -92.18 23.32
C VAL D 5 27.14 -90.83 22.61
N VAL D 6 27.20 -89.76 23.36
CA VAL D 6 27.69 -88.45 22.94
C VAL D 6 28.89 -88.10 23.78
N SER D 7 30.02 -87.78 23.16
CA SER D 7 31.30 -87.58 23.85
C SER D 7 32.21 -86.59 23.14
N GLY D 8 33.38 -86.29 23.68
CA GLY D 8 34.51 -85.88 22.83
C GLY D 8 35.07 -84.46 22.92
N GLY D 9 35.95 -84.17 21.96
CA GLY D 9 36.51 -82.84 21.67
C GLY D 9 37.93 -82.60 22.20
N VAL D 10 38.59 -81.54 21.74
CA VAL D 10 39.82 -80.99 22.36
C VAL D 10 39.57 -79.96 23.47
N ILE D 11 38.32 -79.61 23.75
CA ILE D 11 37.94 -78.60 24.77
C ILE D 11 36.66 -79.04 25.47
N SER D 12 36.55 -78.74 26.76
CA SER D 12 35.27 -78.75 27.44
C SER D 12 34.46 -77.51 27.03
N GLY D 13 33.12 -77.60 26.96
CA GLY D 13 32.26 -76.48 26.53
C GLY D 13 31.95 -76.45 25.04
N ILE D 14 32.27 -77.51 24.30
CA ILE D 14 32.13 -77.60 22.84
C ILE D 14 30.69 -77.66 22.31
N GLY D 15 29.72 -78.14 23.09
CA GLY D 15 28.32 -78.24 22.66
C GLY D 15 27.56 -79.55 22.93
N LYS D 16 28.05 -80.48 23.71
CA LYS D 16 27.52 -81.82 23.93
C LYS D 16 26.02 -81.87 24.18
N GLY D 17 25.54 -81.38 25.30
CA GLY D 17 24.16 -81.42 25.71
C GLY D 17 23.11 -81.12 24.67
N VAL D 18 23.28 -80.11 23.84
CA VAL D 18 22.42 -79.69 22.73
C VAL D 18 22.43 -80.76 21.66
N LEU D 19 23.55 -81.41 21.44
CA LEU D 19 23.76 -82.53 20.51
C LEU D 19 23.19 -83.78 21.12
N ALA D 20 23.09 -83.87 22.42
CA ALA D 20 22.64 -85.00 23.22
C ALA D 20 21.13 -85.06 23.28
N SER D 21 20.50 -84.24 24.08
CA SER D 21 19.06 -84.21 24.29
C SER D 21 18.44 -83.94 22.94
N SER D 22 18.96 -82.99 22.19
CA SER D 22 18.46 -82.79 20.81
C SER D 22 18.46 -84.06 19.93
N THR D 23 19.40 -84.97 20.03
CA THR D 23 19.45 -86.27 19.38
C THR D 23 18.34 -87.11 19.96
N GLY D 24 18.12 -87.04 21.25
CA GLY D 24 17.11 -87.74 21.99
C GLY D 24 15.71 -87.30 21.74
N MET D 25 15.49 -86.03 21.43
CA MET D 25 14.19 -85.50 21.01
C MET D 25 13.82 -86.17 19.70
N LEU D 26 14.81 -86.25 18.82
CA LEU D 26 14.63 -86.84 17.52
C LEU D 26 14.33 -88.33 17.63
N MET D 27 14.88 -89.03 18.62
CA MET D 27 14.51 -90.44 18.80
C MET D 27 13.02 -90.56 19.12
N LYS D 28 12.47 -89.64 19.91
CA LYS D 28 11.03 -89.54 20.18
C LYS D 28 10.19 -89.21 18.96
N THR D 29 10.76 -88.50 18.01
CA THR D 29 10.12 -88.22 16.72
C THR D 29 9.76 -89.52 16.00
N LEU D 30 10.61 -90.54 16.12
CA LEU D 30 10.33 -91.86 15.57
C LEU D 30 9.26 -92.60 16.35
N GLY D 31 8.76 -92.03 17.46
CA GLY D 31 7.76 -92.59 18.36
C GLY D 31 8.36 -93.37 19.53
N LEU D 32 9.68 -93.30 19.73
CA LEU D 32 10.42 -94.18 20.65
C LEU D 32 10.25 -93.79 22.12
N LYS D 33 10.31 -94.78 23.02
CA LYS D 33 10.51 -94.55 24.46
C LYS D 33 11.97 -94.19 24.67
N VAL D 34 12.25 -93.08 25.33
CA VAL D 34 13.64 -92.55 25.37
C VAL D 34 14.05 -92.15 26.78
N THR D 35 15.33 -92.30 27.09
CA THR D 35 15.94 -91.96 28.37
C THR D 35 17.31 -91.36 28.16
N SER D 36 17.92 -90.81 29.19
CA SER D 36 19.22 -90.17 29.11
C SER D 36 20.03 -90.33 30.38
N ILE D 37 21.32 -90.51 30.30
CA ILE D 37 22.22 -90.58 31.44
C ILE D 37 23.35 -89.59 31.23
N LYS D 38 23.66 -88.76 32.22
CA LYS D 38 24.84 -87.92 32.14
C LYS D 38 25.91 -88.47 33.04
N ILE D 39 27.05 -88.74 32.44
CA ILE D 39 28.24 -89.20 33.11
C ILE D 39 29.10 -87.98 33.38
N ASP D 40 29.34 -87.68 34.64
CA ASP D 40 30.13 -86.55 35.08
C ASP D 40 31.49 -86.93 35.62
N PRO D 41 32.57 -86.37 35.05
CA PRO D 41 33.87 -86.71 35.57
C PRO D 41 34.23 -86.09 36.92
N TYR D 42 33.47 -85.12 37.43
CA TYR D 42 33.79 -84.53 38.73
C TYR D 42 33.55 -85.47 39.90
N MET D 43 34.13 -85.14 41.06
CA MET D 43 34.08 -86.00 42.25
C MET D 43 33.01 -85.67 43.28
N ASN D 44 32.23 -84.61 43.13
CA ASN D 44 31.05 -84.43 43.96
C ASN D 44 30.07 -85.60 43.70
N ILE D 45 29.52 -86.16 44.77
CA ILE D 45 28.47 -87.19 44.65
C ILE D 45 27.14 -86.58 44.19
N ASP D 46 26.86 -85.34 44.59
CA ASP D 46 25.65 -84.59 44.22
C ASP D 46 25.90 -83.06 44.30
N ALA D 47 24.96 -82.28 43.77
CA ALA D 47 25.04 -80.82 43.81
C ALA D 47 24.61 -80.22 45.15
N GLY D 48 24.16 -81.01 46.11
CA GLY D 48 23.70 -80.49 47.39
C GLY D 48 24.81 -79.81 48.19
N THR D 49 26.05 -80.28 48.05
CA THR D 49 27.23 -79.61 48.62
C THR D 49 27.70 -78.42 47.77
N MET D 50 27.28 -78.35 46.51
CA MET D 50 27.80 -77.37 45.56
C MET D 50 27.04 -76.05 45.64
N SER D 51 27.72 -74.99 46.07
CA SER D 51 27.18 -73.64 46.08
C SER D 51 26.89 -73.15 44.64
N PRO D 52 25.74 -72.54 44.34
CA PRO D 52 25.39 -72.14 42.97
C PRO D 52 26.34 -71.16 42.27
N LEU D 53 27.28 -70.56 43.00
CA LEU D 53 28.35 -69.70 42.48
C LEU D 53 29.15 -70.36 41.36
N GLU D 54 29.39 -71.66 41.48
CA GLU D 54 30.19 -72.43 40.53
C GLU D 54 29.53 -73.77 40.26
N HIS D 55 29.63 -74.22 39.00
CA HIS D 55 28.75 -75.22 38.39
C HIS D 55 27.26 -74.81 38.34
N GLY D 56 26.90 -73.66 38.88
CA GLY D 56 25.57 -73.08 38.71
C GLY D 56 24.48 -73.76 39.55
N GLU D 57 23.26 -73.54 39.09
CA GLU D 57 21.97 -73.93 39.67
C GLU D 57 21.84 -75.44 40.00
N CYS D 58 21.57 -75.79 41.26
CA CYS D 58 21.32 -77.18 41.68
C CYS D 58 19.94 -77.67 41.16
N PHE D 59 19.89 -78.30 39.98
CA PHE D 59 18.62 -78.76 39.41
C PHE D 59 17.92 -79.78 40.30
N VAL D 60 16.60 -79.73 40.39
CA VAL D 60 15.87 -80.67 41.28
C VAL D 60 14.85 -81.62 40.62
N LEU D 61 15.03 -82.86 40.98
CA LEU D 61 14.23 -83.98 40.50
C LEU D 61 12.83 -83.99 41.10
N ASP D 62 11.98 -84.76 40.44
CA ASP D 62 10.78 -85.37 41.02
C ASP D 62 11.13 -86.09 42.36
N ASP D 63 12.14 -86.96 42.34
CA ASP D 63 12.68 -87.63 43.54
C ASP D 63 13.44 -86.71 44.51
N GLY D 64 13.52 -85.40 44.26
CA GLY D 64 14.05 -84.41 45.20
C GLY D 64 15.54 -84.40 45.45
N GLY D 65 16.32 -85.16 44.66
CA GLY D 65 17.76 -85.02 44.60
C GLY D 65 18.20 -83.71 43.92
N GLU D 66 19.14 -83.01 44.53
CA GLU D 66 19.89 -81.89 43.93
C GLU D 66 20.96 -82.41 42.97
N THR D 67 20.56 -82.50 41.70
CA THR D 67 21.39 -83.05 40.57
C THR D 67 22.30 -82.03 39.94
N ASP D 68 23.18 -82.55 39.09
CA ASP D 68 23.74 -81.77 37.99
C ASP D 68 22.66 -80.97 37.27
N LEU D 69 22.97 -79.72 36.99
CA LEU D 69 22.09 -78.83 36.28
C LEU D 69 21.63 -79.39 34.94
N ASP D 70 22.57 -79.95 34.17
CA ASP D 70 22.33 -80.27 32.76
C ASP D 70 21.26 -81.34 32.56
N LEU D 71 20.96 -82.16 33.57
CA LEU D 71 19.82 -83.08 33.48
C LEU D 71 18.53 -82.37 33.14
N GLY D 72 18.35 -81.15 33.63
CA GLY D 72 17.21 -80.33 33.25
C GLY D 72 17.09 -80.22 31.74
N ASN D 73 18.21 -80.13 31.01
CA ASN D 73 18.22 -79.98 29.56
C ASN D 73 17.55 -81.19 28.92
N TYR D 74 17.55 -82.35 29.54
CA TYR D 74 17.00 -83.63 29.11
C TYR D 74 15.55 -83.80 29.48
N GLU D 75 15.15 -83.20 30.59
CA GLU D 75 13.75 -83.32 30.99
C GLU D 75 12.94 -82.47 30.02
N ARG D 76 13.49 -81.31 29.64
CA ARG D 76 12.94 -80.34 28.68
C ARG D 76 12.77 -80.92 27.28
N TYR D 77 13.86 -81.45 26.74
CA TYR D 77 13.98 -81.85 25.33
C TYR D 77 13.33 -83.21 25.02
N LEU D 78 13.12 -84.06 26.02
CA LEU D 78 12.52 -85.38 25.94
C LEU D 78 11.12 -85.44 26.52
N GLY D 79 10.85 -84.71 27.59
CA GLY D 79 9.59 -84.83 28.32
C GLY D 79 9.58 -86.09 29.17
N VAL D 80 10.57 -86.22 30.07
CA VAL D 80 10.78 -87.40 30.90
C VAL D 80 11.08 -87.03 32.34
N THR D 81 10.73 -87.90 33.28
CA THR D 81 11.11 -87.76 34.68
C THR D 81 12.32 -88.63 34.96
N LEU D 82 13.48 -88.02 35.15
CA LEU D 82 14.70 -88.75 35.54
C LEU D 82 14.73 -88.99 37.05
N THR D 83 15.81 -89.62 37.52
CA THR D 83 16.01 -89.97 38.93
C THR D 83 17.44 -89.64 39.38
N LYS D 84 17.72 -89.69 40.67
CA LYS D 84 19.07 -89.40 41.20
C LYS D 84 20.16 -90.31 40.63
N ASP D 85 19.79 -91.50 40.14
CA ASP D 85 20.71 -92.45 39.52
C ASP D 85 21.10 -92.09 38.07
N HIS D 86 20.32 -91.29 37.34
CA HIS D 86 20.66 -90.88 35.96
C HIS D 86 21.83 -89.91 35.86
N ASN D 87 22.33 -89.41 36.97
CA ASN D 87 23.55 -88.62 37.00
C ASN D 87 24.67 -89.43 37.62
N ILE D 88 25.36 -90.22 36.79
CA ILE D 88 26.58 -90.91 37.19
C ILE D 88 27.65 -89.86 37.45
N THR D 89 28.42 -89.96 38.52
CA THR D 89 29.57 -89.08 38.75
C THR D 89 30.76 -89.87 39.25
N THR D 90 31.97 -89.37 39.07
CA THR D 90 33.17 -90.06 39.53
C THR D 90 33.15 -90.28 41.04
N GLY D 91 32.66 -89.32 41.82
CA GLY D 91 32.50 -89.52 43.26
C GLY D 91 31.43 -90.52 43.63
N LYS D 92 30.39 -90.64 42.83
CA LYS D 92 29.28 -91.56 43.07
C LYS D 92 29.71 -93.00 42.82
N ILE D 93 30.45 -93.27 41.75
CA ILE D 93 30.86 -94.63 41.42
C ILE D 93 32.06 -95.10 42.23
N TYR D 94 33.06 -94.27 42.55
CA TYR D 94 34.05 -94.71 43.53
C TYR D 94 33.43 -95.03 44.89
N SER D 95 32.44 -94.27 45.36
CA SER D 95 31.74 -94.57 46.62
C SER D 95 31.00 -95.90 46.57
N HIS D 96 30.34 -96.22 45.46
CA HIS D 96 29.56 -97.45 45.34
C HIS D 96 30.45 -98.69 45.32
N VAL D 97 31.55 -98.68 44.56
CA VAL D 97 32.52 -99.78 44.59
C VAL D 97 33.26 -99.87 45.93
N ILE D 98 33.66 -98.76 46.54
CA ILE D 98 34.25 -98.78 47.88
C ILE D 98 33.26 -99.28 48.94
N ALA D 99 31.95 -99.04 48.83
CA ALA D 99 31.00 -99.64 49.76
C ALA D 99 30.99 -101.17 49.65
N LYS D 100 30.91 -101.69 48.43
CA LYS D 100 30.97 -103.12 48.17
C LYS D 100 32.32 -103.74 48.61
N GLU D 101 33.43 -103.01 48.57
CA GLU D 101 34.73 -103.45 49.09
C GLU D 101 34.72 -103.70 50.60
N ARG D 102 34.10 -102.82 51.40
CA ARG D 102 34.03 -102.99 52.87
C ARG D 102 32.92 -103.91 53.34
N LYS D 103 31.82 -104.01 52.57
CA LYS D 103 30.82 -105.07 52.75
C LYS D 103 31.38 -106.43 52.39
N GLY D 104 32.40 -106.49 51.53
CA GLY D 104 33.08 -107.71 51.13
C GLY D 104 32.42 -108.43 49.96
N ASP D 105 31.65 -107.74 49.11
CA ASP D 105 30.93 -108.33 47.98
C ASP D 105 31.86 -108.87 46.88
N TYR D 106 33.14 -108.50 46.91
CA TYR D 106 34.19 -109.04 46.04
C TYR D 106 34.81 -110.34 46.55
N LEU D 107 34.23 -111.01 47.55
CA LEU D 107 34.67 -112.33 48.02
C LEU D 107 36.17 -112.40 48.32
N GLY D 108 36.70 -111.33 48.90
CA GLY D 108 38.09 -111.21 49.29
C GLY D 108 39.11 -111.13 48.14
N LYS D 109 38.69 -111.04 46.87
CA LYS D 109 39.60 -110.67 45.78
C LYS D 109 40.16 -109.27 46.03
N THR D 110 41.30 -108.90 45.45
CA THR D 110 41.62 -107.47 45.32
C THR D 110 40.73 -106.86 44.25
N VAL D 111 40.29 -105.61 44.46
CA VAL D 111 39.37 -104.90 43.59
C VAL D 111 40.12 -103.81 42.86
N GLN D 112 39.93 -103.73 41.56
CA GLN D 112 40.82 -103.03 40.63
C GLN D 112 40.03 -102.04 39.78
N ILE D 113 40.66 -101.01 39.23
CA ILE D 113 39.92 -100.11 38.34
C ILE D 113 39.48 -100.86 37.08
N VAL D 114 40.30 -101.78 36.56
CA VAL D 114 39.89 -102.74 35.54
C VAL D 114 40.16 -104.15 36.06
N PRO D 115 39.21 -105.09 36.05
CA PRO D 115 37.87 -104.99 35.49
C PRO D 115 36.79 -104.54 36.47
N HIS D 116 37.00 -104.50 37.79
CA HIS D 116 35.89 -104.34 38.73
C HIS D 116 35.16 -103.00 38.63
N LEU D 117 35.85 -101.88 38.64
CA LEU D 117 35.19 -100.59 38.50
C LEU D 117 34.62 -100.36 37.10
N THR D 118 35.29 -100.80 36.04
CA THR D 118 34.71 -100.69 34.69
C THR D 118 33.53 -101.61 34.48
N ASN D 119 33.43 -102.73 35.18
CA ASN D 119 32.19 -103.50 35.28
C ASN D 119 31.12 -102.73 36.03
N ALA D 120 31.43 -102.08 37.15
CA ALA D 120 30.45 -101.31 37.91
C ALA D 120 29.78 -100.23 37.04
N ILE D 121 30.56 -99.48 36.26
CA ILE D 121 30.03 -98.46 35.36
C ILE D 121 29.10 -99.09 34.31
N GLN D 122 29.47 -100.19 33.66
CA GLN D 122 28.57 -100.87 32.71
C GLN D 122 27.31 -101.38 33.39
N ASP D 123 27.44 -101.97 34.58
CA ASP D 123 26.31 -102.48 35.34
C ASP D 123 25.39 -101.35 35.81
N TRP D 124 25.90 -100.14 36.05
CA TRP D 124 25.10 -98.94 36.34
C TRP D 124 24.37 -98.43 35.10
N ILE D 125 25.02 -98.28 33.95
CA ILE D 125 24.38 -97.81 32.74
C ILE D 125 23.24 -98.75 32.33
N GLU D 126 23.48 -100.05 32.27
CA GLU D 126 22.41 -100.98 31.90
C GLU D 126 21.35 -101.13 33.00
N ARG D 127 21.67 -100.87 34.28
CA ARG D 127 20.65 -100.81 35.34
C ARG D 127 19.72 -99.66 35.09
N VAL D 128 20.26 -98.46 35.00
CA VAL D 128 19.49 -97.23 34.89
C VAL D 128 18.70 -97.16 33.59
N ALA D 129 19.23 -97.68 32.49
CA ALA D 129 18.53 -97.72 31.21
C ALA D 129 17.26 -98.59 31.19
N LYS D 130 17.00 -99.42 32.22
CA LYS D 130 15.73 -100.12 32.40
C LYS D 130 14.59 -99.24 32.94
N ILE D 131 14.92 -98.21 33.71
CA ILE D 131 13.94 -97.42 34.48
C ILE D 131 12.95 -96.73 33.51
N PRO D 132 11.62 -96.83 33.72
CA PRO D 132 10.61 -96.28 32.82
C PRO D 132 10.36 -94.79 33.07
N VAL D 133 11.22 -93.92 32.52
CA VAL D 133 11.15 -92.47 32.73
C VAL D 133 10.06 -91.75 31.93
N ASP D 134 9.38 -92.47 31.05
CA ASP D 134 8.53 -91.95 29.97
C ASP D 134 7.02 -91.98 30.31
N ASP D 135 6.17 -91.46 29.42
CA ASP D 135 4.72 -91.29 29.63
C ASP D 135 3.90 -92.60 29.71
N THR D 136 4.54 -93.75 29.68
CA THR D 136 3.94 -95.04 30.06
C THR D 136 5.04 -95.93 30.64
N GLY D 137 4.68 -96.83 31.54
CA GLY D 137 5.60 -97.57 32.40
C GLY D 137 6.50 -98.61 31.72
N MET D 138 6.57 -98.68 30.39
CA MET D 138 7.51 -99.55 29.68
C MET D 138 8.96 -99.05 29.77
N GLU D 139 9.90 -99.99 29.77
CA GLU D 139 11.32 -99.64 29.72
C GLU D 139 11.70 -98.90 28.41
N PRO D 140 12.61 -97.92 28.45
CA PRO D 140 13.04 -97.20 27.26
C PRO D 140 13.60 -98.07 26.15
N ASP D 141 13.42 -97.63 24.91
CA ASP D 141 13.93 -98.32 23.72
C ASP D 141 15.37 -97.89 23.44
N VAL D 142 15.67 -96.61 23.67
CA VAL D 142 16.99 -96.01 23.46
C VAL D 142 17.42 -95.19 24.66
N CYS D 143 18.71 -95.23 24.98
CA CYS D 143 19.32 -94.39 26.01
C CYS D 143 20.40 -93.51 25.42
N ILE D 144 20.34 -92.20 25.62
CA ILE D 144 21.39 -91.26 25.23
C ILE D 144 22.37 -91.12 26.39
N ILE D 145 23.62 -91.50 26.22
CA ILE D 145 24.64 -91.42 27.26
C ILE D 145 25.57 -90.26 26.96
N GLU D 146 25.58 -89.19 27.74
CA GLU D 146 26.51 -88.10 27.53
C GLU D 146 27.70 -88.24 28.45
N LEU D 147 28.87 -88.39 27.88
CA LEU D 147 30.14 -88.47 28.59
C LEU D 147 30.71 -87.06 28.75
N GLY D 148 30.68 -86.49 29.94
CA GLY D 148 31.30 -85.22 30.24
C GLY D 148 32.83 -85.24 30.23
N GLY D 149 33.43 -84.07 30.42
CA GLY D 149 34.87 -83.86 30.27
C GLY D 149 35.32 -83.98 28.81
N THR D 150 36.58 -84.31 28.58
CA THR D 150 37.10 -84.65 27.25
C THR D 150 37.82 -85.99 27.26
N VAL D 151 37.71 -86.75 26.18
CA VAL D 151 38.46 -88.01 26.03
C VAL D 151 39.96 -87.70 26.07
N GLY D 152 40.72 -88.42 26.89
CA GLY D 152 42.13 -88.13 27.17
C GLY D 152 42.40 -87.30 28.43
N ASP D 153 41.34 -87.01 29.18
CA ASP D 153 41.48 -86.38 30.52
C ASP D 153 41.87 -87.54 31.46
N ILE D 154 42.62 -87.30 32.54
CA ILE D 154 42.96 -88.36 33.56
C ILE D 154 41.73 -88.53 34.46
N GLU D 155 40.68 -87.77 34.31
CA GLU D 155 39.43 -87.73 35.02
C GLU D 155 38.38 -88.56 34.34
N SER D 156 38.43 -88.69 33.04
CA SER D 156 37.49 -89.35 32.14
C SER D 156 37.97 -90.72 31.71
N ALA D 157 39.17 -91.14 32.12
CA ALA D 157 39.79 -92.41 31.64
C ALA D 157 38.99 -93.64 32.12
N PRO D 158 38.45 -93.73 33.35
CA PRO D 158 37.64 -94.87 33.75
C PRO D 158 36.38 -95.09 32.92
N PHE D 159 35.74 -94.03 32.45
CA PHE D 159 34.51 -94.10 31.68
C PHE D 159 34.71 -94.50 30.23
N VAL D 160 35.75 -94.04 29.56
CA VAL D 160 36.07 -94.53 28.19
C VAL D 160 36.51 -96.00 28.19
N GLU D 161 37.15 -96.49 29.24
CA GLU D 161 37.32 -97.93 29.41
C GLU D 161 35.97 -98.63 29.56
N ALA D 162 35.12 -98.17 30.47
CA ALA D 162 33.86 -98.84 30.71
C ALA D 162 32.96 -98.83 29.48
N LEU D 163 32.89 -97.72 28.76
CA LEU D 163 32.15 -97.62 27.50
C LEU D 163 32.77 -98.50 26.43
N ARG D 164 34.11 -98.63 26.29
CA ARG D 164 34.70 -99.55 25.30
C ARG D 164 34.21 -100.98 25.54
N GLN D 165 34.34 -101.46 26.77
CA GLN D 165 33.88 -102.80 27.14
C GLN D 165 32.36 -102.93 26.89
N PHE D 166 31.61 -101.85 27.11
CA PHE D 166 30.19 -101.79 26.85
C PHE D 166 29.84 -101.93 25.37
N GLN D 167 30.72 -101.59 24.43
CA GLN D 167 30.49 -101.84 23.00
C GLN D 167 30.42 -103.34 22.66
N PHE D 168 30.77 -104.22 23.61
CA PHE D 168 30.78 -105.67 23.45
C PHE D 168 29.73 -106.33 24.37
N LYS D 169 29.56 -105.82 25.59
CA LYS D 169 28.52 -106.28 26.52
C LYS D 169 27.13 -106.01 25.93
N VAL D 170 26.95 -104.82 25.36
CA VAL D 170 25.95 -104.50 24.33
C VAL D 170 26.56 -104.81 22.97
N GLY D 171 25.80 -105.23 21.97
CA GLY D 171 26.35 -105.45 20.63
C GLY D 171 26.59 -104.18 19.80
N LYS D 172 27.48 -104.26 18.81
CA LYS D 172 27.39 -103.39 17.63
C LYS D 172 26.04 -103.65 16.92
N GLU D 173 25.49 -102.66 16.24
CA GLU D 173 24.06 -102.62 15.86
C GLU D 173 23.10 -102.53 17.06
N ASN D 174 23.58 -102.31 18.28
CA ASN D 174 22.79 -101.80 19.41
C ASN D 174 23.43 -100.56 20.04
N PHE D 175 24.73 -100.38 19.97
CA PHE D 175 25.45 -99.20 20.46
C PHE D 175 26.00 -98.37 19.29
N ALA D 176 25.95 -97.04 19.37
CA ALA D 176 26.59 -96.09 18.45
C ALA D 176 27.15 -94.87 19.17
N LEU D 177 28.15 -94.20 18.60
CA LEU D 177 28.78 -93.03 19.23
C LEU D 177 28.81 -91.82 18.30
N ILE D 178 28.44 -90.66 18.85
CA ILE D 178 28.58 -89.34 18.25
C ILE D 178 29.73 -88.62 18.94
N HIS D 179 30.77 -88.21 18.23
CA HIS D 179 31.91 -87.50 18.82
C HIS D 179 31.84 -86.04 18.42
N VAL D 180 31.85 -85.14 19.37
CA VAL D 180 31.68 -83.71 19.12
C VAL D 180 33.05 -83.05 19.15
N SER D 181 33.45 -82.31 18.12
CA SER D 181 34.86 -81.89 17.95
C SER D 181 35.02 -80.50 17.36
N LEU D 182 36.19 -79.89 17.50
CA LEU D 182 36.40 -78.48 17.18
C LEU D 182 36.99 -78.29 15.78
N VAL D 183 36.42 -77.40 14.99
CA VAL D 183 37.03 -76.90 13.77
C VAL D 183 37.30 -75.40 14.01
N PRO D 184 38.47 -75.00 14.57
CA PRO D 184 38.76 -73.61 14.76
C PRO D 184 38.94 -72.93 13.41
N VAL D 185 38.49 -71.70 13.30
CA VAL D 185 38.73 -70.85 12.14
C VAL D 185 39.73 -69.78 12.53
N ILE D 186 40.90 -69.79 11.91
CA ILE D 186 41.90 -68.72 12.05
C ILE D 186 42.42 -68.32 10.68
N HIS D 187 42.77 -67.04 10.51
CA HIS D 187 43.10 -66.46 9.20
C HIS D 187 41.99 -66.74 8.16
N GLY D 188 40.74 -66.82 8.61
CA GLY D 188 39.58 -67.17 7.78
C GLY D 188 39.56 -68.58 7.19
N GLU D 189 40.38 -69.53 7.70
CA GLU D 189 40.38 -70.94 7.25
C GLU D 189 39.99 -71.92 8.36
N GLN D 190 39.06 -72.83 8.06
CA GLN D 190 38.65 -73.95 8.90
C GLN D 190 39.75 -75.02 9.03
N LYS D 191 40.41 -75.15 10.18
CA LYS D 191 41.49 -76.12 10.38
C LYS D 191 40.93 -77.44 10.91
N THR D 192 41.28 -78.57 10.30
CA THR D 192 40.77 -79.89 10.71
C THR D 192 41.59 -80.55 11.80
N LYS D 193 42.84 -80.14 12.03
CA LYS D 193 43.79 -80.91 12.86
C LYS D 193 43.37 -81.17 14.31
N PRO D 194 42.66 -80.31 15.04
CA PRO D 194 42.21 -80.67 16.38
C PRO D 194 41.24 -81.85 16.36
N THR D 195 40.42 -81.99 15.33
CA THR D 195 39.59 -83.20 15.14
C THR D 195 40.44 -84.43 14.82
N GLN D 196 41.50 -84.33 14.02
CA GLN D 196 42.41 -85.47 13.78
C GLN D 196 43.10 -85.92 15.08
N ALA D 197 43.72 -85.02 15.84
CA ALA D 197 44.38 -85.34 17.11
C ALA D 197 43.42 -85.88 18.18
N ALA D 198 42.18 -85.37 18.28
CA ALA D 198 41.18 -85.90 19.22
C ALA D 198 40.54 -87.20 18.76
N ILE D 199 40.52 -87.51 17.48
CA ILE D 199 40.07 -88.81 16.96
C ILE D 199 41.17 -89.85 17.12
N LYS D 200 42.43 -89.48 16.91
CA LYS D 200 43.59 -90.28 17.32
C LYS D 200 43.50 -90.64 18.81
N GLY D 201 43.24 -89.67 19.68
CA GLY D 201 42.96 -89.94 21.10
C GLY D 201 41.79 -90.90 21.30
N LEU D 202 40.65 -90.69 20.63
CA LEU D 202 39.48 -91.55 20.76
C LEU D 202 39.79 -93.01 20.39
N ARG D 203 40.37 -93.27 19.22
CA ARG D 203 40.66 -94.65 18.81
C ARG D 203 41.72 -95.29 19.71
N SER D 204 42.62 -94.54 20.31
CA SER D 204 43.59 -95.08 21.27
C SER D 204 42.89 -95.78 22.42
N LEU D 205 41.85 -95.18 23.00
CA LEU D 205 41.05 -95.74 24.10
C LEU D 205 39.98 -96.75 23.61
N GLY D 206 39.71 -96.78 22.30
CA GLY D 206 39.13 -97.93 21.59
C GLY D 206 37.70 -97.76 21.11
N LEU D 207 37.07 -96.66 21.48
CA LEU D 207 35.79 -96.24 20.91
C LEU D 207 35.99 -95.82 19.46
N VAL D 208 35.01 -96.07 18.59
CA VAL D 208 35.02 -95.60 17.19
C VAL D 208 33.76 -94.80 16.91
N PRO D 209 33.85 -93.58 16.34
CA PRO D 209 32.72 -92.72 16.15
C PRO D 209 31.94 -93.13 14.91
N ASP D 210 30.63 -93.28 15.07
CA ASP D 210 29.71 -93.49 13.96
C ASP D 210 29.27 -92.19 13.33
N MET D 211 29.41 -91.08 14.05
CA MET D 211 29.30 -89.72 13.57
C MET D 211 30.35 -88.83 14.19
N ILE D 212 30.72 -87.78 13.48
CA ILE D 212 31.43 -86.65 14.05
C ILE D 212 30.50 -85.45 13.96
N ALA D 213 30.48 -84.59 14.96
CA ALA D 213 29.70 -83.36 14.95
C ALA D 213 30.55 -82.16 15.31
N CYS D 214 30.61 -81.14 14.47
CA CYS D 214 31.58 -80.08 14.67
C CYS D 214 31.02 -78.81 15.32
N ARG D 215 31.66 -78.35 16.39
CA ARG D 215 31.62 -76.94 16.78
C ARG D 215 32.45 -76.17 15.79
N CYS D 216 31.84 -75.24 15.08
CA CYS D 216 32.53 -74.37 14.16
C CYS D 216 31.86 -73.00 14.15
N SER D 217 32.64 -71.94 13.91
CA SER D 217 32.12 -70.58 13.75
C SER D 217 31.33 -70.39 12.46
N GLU D 218 31.35 -71.36 11.54
CA GLU D 218 30.84 -71.24 10.18
C GLU D 218 30.02 -72.47 9.75
N THR D 219 29.37 -72.41 8.60
CA THR D 219 29.03 -73.66 7.90
C THR D 219 30.32 -74.34 7.47
N LEU D 220 30.53 -75.62 7.79
CA LEU D 220 31.70 -76.35 7.31
C LEU D 220 31.77 -76.31 5.79
N ASP D 221 32.93 -75.95 5.25
CA ASP D 221 33.18 -76.07 3.83
C ASP D 221 33.11 -77.53 3.38
N LYS D 222 32.65 -77.76 2.15
CA LYS D 222 32.67 -79.06 1.48
C LYS D 222 34.03 -79.77 1.60
N PRO D 223 35.19 -79.12 1.35
CA PRO D 223 36.50 -79.71 1.63
C PRO D 223 36.78 -80.02 3.11
N THR D 224 36.26 -79.26 4.08
CA THR D 224 36.47 -79.57 5.50
C THR D 224 35.80 -80.86 5.89
N ILE D 225 34.57 -81.09 5.44
CA ILE D 225 33.87 -82.36 5.62
C ILE D 225 34.68 -83.50 4.99
N ASP D 226 35.19 -83.33 3.77
CA ASP D 226 35.99 -84.36 3.12
C ASP D 226 37.31 -84.63 3.85
N LYS D 227 38.00 -83.61 4.35
CA LYS D 227 39.27 -83.77 5.07
C LYS D 227 39.11 -84.28 6.51
N ILE D 228 37.93 -84.15 7.14
CA ILE D 228 37.59 -84.92 8.34
C ILE D 228 37.25 -86.38 7.99
N ALA D 229 36.37 -86.64 7.03
CA ALA D 229 36.00 -88.00 6.67
C ALA D 229 37.14 -88.84 6.05
N MET D 230 38.16 -88.21 5.44
CA MET D 230 39.40 -88.89 5.00
C MET D 230 40.30 -89.29 6.16
N PHE D 231 40.00 -88.86 7.39
CA PHE D 231 40.81 -89.08 8.60
C PHE D 231 40.07 -89.80 9.73
N CYS D 232 38.81 -90.16 9.52
CA CYS D 232 37.94 -90.85 10.47
C CYS D 232 37.07 -91.90 9.76
N HIS D 233 36.54 -92.87 10.48
CA HIS D 233 35.84 -93.99 9.86
C HIS D 233 34.34 -93.72 9.57
N VAL D 234 34.03 -92.51 9.13
CA VAL D 234 32.66 -92.00 8.86
C VAL D 234 32.53 -91.63 7.38
N GLY D 235 31.35 -91.80 6.77
CA GLY D 235 31.10 -91.21 5.45
C GLY D 235 31.04 -89.69 5.54
N PRO D 236 31.19 -88.95 4.44
CA PRO D 236 31.10 -87.49 4.47
C PRO D 236 29.71 -86.96 4.89
N GLU D 237 28.67 -87.77 4.78
CA GLU D 237 27.30 -87.47 5.20
C GLU D 237 27.07 -87.63 6.73
N GLN D 238 28.02 -88.18 7.48
CA GLN D 238 28.00 -88.27 8.95
C GLN D 238 28.99 -87.32 9.64
N VAL D 239 29.52 -86.32 8.95
CA VAL D 239 30.14 -85.16 9.60
C VAL D 239 29.08 -84.08 9.78
N VAL D 240 28.32 -84.18 10.86
CA VAL D 240 27.25 -83.27 11.26
C VAL D 240 27.83 -81.92 11.68
N ASN D 241 27.05 -80.84 11.61
CA ASN D 241 27.50 -79.50 11.95
C ASN D 241 26.41 -78.68 12.64
N VAL D 242 26.56 -78.43 13.94
CA VAL D 242 25.68 -77.57 14.72
C VAL D 242 26.13 -76.11 14.60
N HIS D 243 25.83 -75.47 13.47
CA HIS D 243 26.17 -74.08 13.21
C HIS D 243 25.21 -73.09 13.90
N ASP D 244 25.50 -71.80 13.80
CA ASP D 244 24.60 -70.74 14.27
C ASP D 244 23.18 -70.90 13.68
N VAL D 245 22.16 -70.84 14.54
CA VAL D 245 20.73 -70.98 14.22
C VAL D 245 19.92 -69.95 15.00
N ASN D 246 18.68 -69.70 14.57
CA ASN D 246 17.88 -68.61 15.12
C ASN D 246 17.65 -68.75 16.63
N SER D 247 17.47 -70.00 17.09
CA SER D 247 17.47 -70.40 18.49
C SER D 247 17.90 -71.86 18.65
N THR D 248 18.34 -72.21 19.85
CA THR D 248 18.80 -73.54 20.23
C THR D 248 17.83 -74.65 19.84
N TYR D 249 16.52 -74.44 19.98
CA TYR D 249 15.52 -75.45 19.63
C TYR D 249 15.39 -75.71 18.12
N HIS D 250 15.96 -74.87 17.25
CA HIS D 250 16.08 -75.21 15.85
C HIS D 250 17.10 -76.33 15.64
N VAL D 251 18.04 -76.52 16.56
CA VAL D 251 19.09 -77.54 16.46
C VAL D 251 18.54 -78.94 16.17
N PRO D 252 17.54 -79.50 16.86
CA PRO D 252 17.02 -80.82 16.48
C PRO D 252 16.52 -80.86 15.03
N LEU D 253 15.85 -79.81 14.56
CA LEU D 253 15.42 -79.76 13.17
C LEU D 253 16.65 -79.62 12.26
N LEU D 254 17.66 -78.84 12.66
CA LEU D 254 18.95 -78.80 11.97
C LEU D 254 19.56 -80.19 11.83
N LEU D 255 19.62 -80.98 12.90
CA LEU D 255 20.15 -82.35 12.87
C LEU D 255 19.31 -83.22 11.94
N LEU D 256 17.99 -83.13 12.01
CA LEU D 256 17.08 -83.82 11.11
C LEU D 256 17.35 -83.43 9.64
N GLU D 257 17.51 -82.16 9.36
CA GLU D 257 17.76 -81.64 8.01
C GLU D 257 19.09 -82.12 7.44
N GLN D 258 20.10 -82.25 8.31
CA GLN D 258 21.40 -82.85 8.00
C GLN D 258 21.36 -84.39 7.93
N LYS D 259 20.17 -85.00 7.82
CA LYS D 259 19.95 -86.45 7.70
C LYS D 259 20.59 -87.25 8.83
N MET D 260 20.69 -86.67 10.01
CA MET D 260 21.34 -87.30 11.15
C MET D 260 20.59 -88.56 11.58
N ILE D 261 19.26 -88.50 11.68
CA ILE D 261 18.42 -89.66 12.06
C ILE D 261 18.27 -90.67 10.94
N ASP D 262 18.28 -90.26 9.69
CA ASP D 262 18.17 -91.21 8.57
C ASP D 262 19.37 -92.17 8.52
N TYR D 263 20.50 -91.80 9.12
CA TYR D 263 21.58 -92.71 9.44
C TYR D 263 21.31 -93.51 10.71
N LEU D 264 21.00 -92.89 11.86
CA LEU D 264 20.80 -93.64 13.12
C LEU D 264 19.71 -94.70 13.01
N HIS D 265 18.65 -94.46 12.25
CA HIS D 265 17.65 -95.45 11.92
C HIS D 265 18.26 -96.75 11.36
N ALA D 266 19.21 -96.66 10.43
CA ALA D 266 19.90 -97.80 9.85
C ALA D 266 21.01 -98.32 10.76
N ARG D 267 21.83 -97.43 11.34
CA ARG D 267 23.00 -97.77 12.16
C ARG D 267 22.64 -98.45 13.48
N LEU D 268 21.50 -98.11 14.04
CA LEU D 268 20.96 -98.77 15.21
C LEU D 268 19.74 -99.63 14.88
N LYS D 269 19.42 -99.78 13.59
CA LYS D 269 18.41 -100.73 13.12
C LYS D 269 17.08 -100.55 13.86
N LEU D 270 16.62 -99.31 13.84
CA LEU D 270 15.48 -98.81 14.61
C LEU D 270 14.14 -99.19 13.97
N ASP D 271 14.18 -99.60 12.72
CA ASP D 271 13.13 -100.37 12.05
C ASP D 271 12.78 -101.66 12.79
N GLU D 272 13.70 -102.23 13.57
CA GLU D 272 13.39 -103.37 14.43
C GLU D 272 12.46 -103.01 15.60
N ILE D 273 12.30 -101.72 15.94
CA ILE D 273 11.38 -101.28 16.97
C ILE D 273 9.96 -101.18 16.38
N SER D 274 9.21 -102.28 16.47
CA SER D 274 7.82 -102.41 16.01
C SER D 274 6.83 -101.70 16.95
N LEU D 275 6.82 -100.37 16.93
CA LEU D 275 5.94 -99.51 17.73
C LEU D 275 4.45 -99.80 17.47
N THR D 276 3.60 -99.62 18.49
CA THR D 276 2.15 -99.56 18.23
C THR D 276 1.82 -98.30 17.41
N GLU D 277 0.67 -98.31 16.74
CA GLU D 277 0.18 -97.14 16.00
C GLU D 277 -0.29 -96.01 16.92
N GLU D 278 -0.35 -96.22 18.23
CA GLU D 278 -0.38 -95.13 19.22
C GLU D 278 1.02 -94.62 19.61
N GLU D 279 2.07 -95.35 19.27
CA GLU D 279 3.45 -94.92 19.39
C GLU D 279 3.95 -94.46 18.04
N GLU D 280 1.50 -93.13 16.96
CA GLU D 280 0.96 -91.79 17.14
C GLU D 280 1.84 -90.91 18.03
N LEU D 281 2.59 -91.47 18.98
CA LEU D 281 3.60 -90.71 19.73
C LEU D 281 4.59 -90.05 18.77
N LEU D 282 4.98 -90.76 17.72
CA LEU D 282 5.70 -90.25 16.56
C LEU D 282 5.00 -89.03 15.99
N SER D 283 3.72 -89.16 15.68
CA SER D 283 2.89 -88.13 15.04
C SER D 283 2.74 -86.91 15.92
N LYS D 284 2.42 -87.12 17.19
CA LYS D 284 2.34 -86.10 18.23
C LYS D 284 3.67 -85.41 18.37
N TRP D 285 4.78 -86.15 18.40
CA TRP D 285 6.08 -85.52 18.52
C TRP D 285 6.46 -84.72 17.26
N LYS D 286 6.18 -85.24 16.08
CA LYS D 286 6.37 -84.55 14.80
C LYS D 286 5.56 -83.27 14.77
N ALA D 287 4.30 -83.34 15.20
CA ALA D 287 3.50 -82.16 15.43
C ALA D 287 4.25 -81.22 16.38
N THR D 288 4.62 -81.64 17.59
CA THR D 288 5.32 -80.75 18.53
C THR D 288 6.66 -80.23 18.06
N THR D 289 7.35 -80.95 17.18
CA THR D 289 8.58 -80.50 16.55
C THR D 289 8.28 -79.28 15.71
N GLY D 290 7.26 -79.39 14.87
CA GLY D 290 6.66 -78.27 14.21
C GLY D 290 6.14 -77.22 15.21
N ASN D 291 5.41 -77.60 16.24
CA ASN D 291 4.75 -76.64 17.11
C ASN D 291 5.75 -75.86 17.97
N PHE D 292 6.91 -76.43 18.27
CA PHE D 292 8.07 -75.64 18.68
C PHE D 292 8.48 -74.71 17.51
N ASP D 293 8.86 -75.30 16.38
CA ASP D 293 9.61 -74.61 15.33
C ASP D 293 8.85 -73.47 14.64
N GLU D 294 7.54 -73.61 14.53
CA GLU D 294 6.61 -72.68 13.87
C GLU D 294 6.48 -71.36 14.65
N THR D 295 8.46 -57.51 20.29
CA THR D 295 9.30 -57.81 21.47
C THR D 295 8.60 -57.60 22.81
N VAL D 296 8.92 -58.43 23.80
CA VAL D 296 8.67 -58.22 25.23
C VAL D 296 10.01 -58.05 25.94
N LYS D 297 10.23 -56.96 26.66
CA LYS D 297 11.48 -56.68 27.38
C LYS D 297 11.30 -57.02 28.85
N ILE D 298 12.11 -57.89 29.45
CA ILE D 298 11.99 -58.27 30.87
C ILE D 298 13.31 -57.98 31.59
N ALA D 299 13.29 -57.27 32.71
CA ALA D 299 14.49 -57.11 33.52
C ALA D 299 14.57 -58.28 34.49
N LEU D 300 15.62 -59.08 34.41
CA LEU D 300 15.92 -60.11 35.39
C LEU D 300 16.98 -59.54 36.33
N VAL D 301 16.60 -59.39 37.59
CA VAL D 301 17.36 -58.63 38.59
C VAL D 301 17.85 -59.56 39.67
N GLY D 302 19.15 -59.75 39.81
CA GLY D 302 19.68 -60.66 40.83
C GLY D 302 21.16 -60.48 41.09
N LYS D 303 21.74 -61.32 41.94
CA LYS D 303 23.20 -61.38 42.18
C LYS D 303 23.96 -61.95 40.99
N TYR D 304 25.10 -61.35 40.64
CA TYR D 304 26.09 -61.89 39.70
C TYR D 304 25.47 -62.40 38.38
N THR D 305 24.55 -61.63 37.82
CA THR D 305 23.94 -61.92 36.50
C THR D 305 24.95 -62.02 35.35
N ASN D 306 26.19 -61.58 35.55
CA ASN D 306 27.31 -61.83 34.65
C ASN D 306 27.52 -63.34 34.39
N LEU D 307 27.21 -64.14 35.40
CA LEU D 307 27.32 -65.60 35.43
C LEU D 307 26.06 -66.22 34.84
N LYS D 308 25.87 -66.06 33.53
CA LYS D 308 24.56 -66.31 32.90
C LYS D 308 24.07 -67.77 32.95
N ASP D 309 24.95 -68.74 33.01
CA ASP D 309 24.50 -70.13 33.21
C ASP D 309 23.81 -70.34 34.56
N SER D 310 24.11 -69.53 35.57
CA SER D 310 23.52 -69.65 36.91
C SER D 310 22.01 -69.37 36.92
N TYR D 311 21.48 -68.78 35.85
CA TYR D 311 20.06 -68.49 35.69
C TYR D 311 19.43 -69.24 34.53
N LEU D 312 20.10 -70.26 34.01
CA LEU D 312 19.70 -70.93 32.78
C LEU D 312 18.25 -71.39 32.77
N SER D 313 17.78 -72.09 33.81
CA SER D 313 16.40 -72.59 33.83
C SER D 313 15.41 -71.46 33.72
N VAL D 314 15.69 -70.35 34.39
CA VAL D 314 14.90 -69.14 34.33
C VAL D 314 14.81 -68.66 32.89
N ILE D 315 15.95 -68.61 32.21
CA ILE D 315 15.96 -68.20 30.80
C ILE D 315 15.09 -69.13 29.97
N LYS D 316 15.28 -70.44 30.11
CA LYS D 316 14.54 -71.39 29.29
C LYS D 316 13.03 -71.30 29.56
N ALA D 317 12.65 -71.14 30.82
CA ALA D 317 11.25 -70.97 31.16
C ALA D 317 10.62 -69.74 30.48
N LEU D 318 11.33 -68.60 30.48
CA LEU D 318 10.89 -67.42 29.75
C LEU D 318 10.81 -67.67 28.24
N GLU D 319 11.72 -68.44 27.66
CA GLU D 319 11.67 -68.79 26.24
C GLU D 319 10.45 -69.64 25.92
N HIS D 320 10.14 -70.68 26.71
CA HIS D 320 9.01 -71.57 26.43
C HIS D 320 7.71 -70.77 26.39
N SER D 321 7.53 -69.92 27.39
CA SER D 321 6.35 -69.07 27.51
C SER D 321 6.28 -68.02 26.40
N SER D 322 7.40 -67.40 26.03
CA SER D 322 7.41 -66.38 24.96
C SER D 322 6.97 -66.92 23.60
N MET D 323 7.29 -68.18 23.30
CA MET D 323 6.80 -68.84 22.09
C MET D 323 5.26 -68.96 22.08
N LYS D 324 4.63 -69.22 23.24
CA LYS D 324 3.16 -69.28 23.35
C LYS D 324 2.52 -67.90 23.10
N CYS D 325 3.09 -66.83 23.66
CA CYS D 325 2.67 -65.45 23.40
C CYS D 325 3.03 -64.90 22.01
N ARG D 326 3.73 -65.72 21.21
CA ARG D 326 4.26 -65.40 19.87
C ARG D 326 5.12 -64.13 19.83
N ARG D 327 5.72 -63.74 20.97
CA ARG D 327 6.49 -62.50 21.14
C ARG D 327 7.96 -62.78 21.41
N LYS D 328 8.83 -61.95 20.86
CA LYS D 328 10.28 -62.10 20.95
C LYS D 328 10.76 -61.70 22.33
N LEU D 329 11.55 -62.54 22.97
CA LEU D 329 12.02 -62.30 24.33
C LEU D 329 13.33 -61.50 24.33
N ASP D 330 13.39 -60.47 25.16
CA ASP D 330 14.59 -59.67 25.35
C ASP D 330 14.89 -59.49 26.84
N ILE D 331 15.64 -60.42 27.42
CA ILE D 331 16.03 -60.34 28.84
C ILE D 331 17.09 -59.25 29.00
N LYS D 332 16.81 -58.23 29.83
CA LYS D 332 17.84 -57.32 30.32
C LYS D 332 18.44 -57.91 31.59
N TRP D 333 19.74 -58.10 31.61
CA TRP D 333 20.48 -58.59 32.78
C TRP D 333 20.89 -57.44 33.67
N VAL D 334 20.36 -57.38 34.88
CA VAL D 334 20.67 -56.35 35.87
C VAL D 334 21.40 -56.98 37.06
N GLU D 335 22.59 -56.48 37.40
CA GLU D 335 23.16 -56.80 38.71
C GLU D 335 22.38 -56.05 39.78
N ALA D 336 21.76 -56.77 40.70
CA ALA D 336 20.93 -56.17 41.73
C ALA D 336 21.68 -55.12 42.55
N THR D 337 22.94 -55.36 42.89
CA THR D 337 23.71 -54.40 43.68
C THR D 337 23.96 -53.07 42.97
N ASP D 338 23.93 -53.03 41.64
CA ASP D 338 24.08 -51.76 40.91
C ASP D 338 22.86 -50.85 41.01
N LEU D 339 21.72 -51.32 41.51
CA LEU D 339 20.55 -50.48 41.76
C LEU D 339 20.68 -49.69 43.06
N GLU D 340 21.59 -50.06 43.95
CA GLU D 340 21.63 -49.51 45.31
C GLU D 340 21.97 -48.00 45.35
N PRO D 341 21.40 -47.22 46.29
CA PRO D 341 21.78 -45.83 46.50
C PRO D 341 23.27 -45.60 46.79
N GLU D 342 23.96 -46.60 47.33
CA GLU D 342 25.42 -46.59 47.55
C GLU D 342 26.21 -46.73 46.24
N ALA D 343 25.70 -47.49 45.27
CA ALA D 343 26.39 -47.68 44.00
C ALA D 343 26.54 -46.37 43.22
N GLN D 344 25.65 -45.40 43.45
CA GLN D 344 25.66 -44.11 42.77
C GLN D 344 26.95 -43.29 43.00
N GLU D 345 27.55 -43.34 44.19
CA GLU D 345 28.87 -42.73 44.41
C GLU D 345 30.02 -43.68 44.09
N SER D 346 29.83 -44.99 44.26
CA SER D 346 30.90 -45.98 44.09
C SER D 346 31.25 -46.25 42.63
N ASN D 347 30.24 -46.44 41.78
CA ASN D 347 30.39 -46.89 40.39
C ASN D 347 29.25 -46.35 39.51
N LYS D 348 29.13 -45.01 39.46
CA LYS D 348 27.95 -44.30 38.93
C LYS D 348 27.51 -44.78 37.55
N THR D 349 28.43 -45.06 36.63
CA THR D 349 28.12 -45.41 35.25
C THR D 349 27.25 -46.67 35.16
N LYS D 350 27.65 -47.73 35.86
CA LYS D 350 26.91 -49.00 35.85
C LYS D 350 25.58 -48.88 36.57
N PHE D 351 25.49 -48.03 37.59
CA PHE D 351 24.25 -47.72 38.27
C PHE D 351 23.19 -47.10 37.34
N HIS D 352 23.58 -46.18 36.44
CA HIS D 352 22.65 -45.67 35.43
C HIS D 352 22.26 -46.75 34.42
N GLU D 353 23.18 -47.61 33.99
CA GLU D 353 22.81 -48.70 33.07
C GLU D 353 21.79 -49.64 33.72
N ALA D 354 21.99 -49.99 34.98
CA ALA D 354 21.06 -50.83 35.73
C ALA D 354 19.67 -50.19 35.84
N TRP D 355 19.60 -48.92 36.21
CA TRP D 355 18.32 -48.24 36.33
C TRP D 355 17.63 -47.99 35.00
N ASN D 356 18.36 -47.74 33.91
CA ASN D 356 17.72 -47.68 32.60
C ASN D 356 17.04 -49.00 32.24
N MET D 357 17.69 -50.14 32.49
CA MET D 357 17.09 -51.45 32.23
C MET D 357 15.80 -51.60 33.04
N VAL D 358 15.83 -51.34 34.35
CA VAL D 358 14.63 -51.45 35.22
C VAL D 358 13.49 -50.55 34.73
N SER D 359 13.82 -49.32 34.33
CA SER D 359 12.86 -48.34 33.82
C SER D 359 12.29 -48.67 32.44
N THR D 360 13.05 -49.36 31.60
CA THR D 360 12.64 -49.74 30.25
C THR D 360 11.71 -50.94 30.25
N ALA D 361 11.92 -51.90 31.14
CA ALA D 361 11.34 -53.22 31.01
C ALA D 361 9.81 -53.26 31.11
N ASP D 362 9.19 -54.11 30.30
CA ASP D 362 7.76 -54.39 30.33
C ASP D 362 7.37 -55.33 31.46
N GLY D 363 8.32 -55.99 32.09
CA GLY D 363 8.13 -56.83 33.26
C GLY D 363 9.38 -56.91 34.11
N ILE D 364 9.24 -57.18 35.40
CA ILE D 364 10.36 -57.39 36.31
C ILE D 364 10.33 -58.82 36.85
N LEU D 365 11.50 -59.40 37.06
CA LEU D 365 11.69 -60.76 37.49
C LEU D 365 12.81 -60.81 38.49
N ILE D 366 12.51 -61.24 39.71
CA ILE D 366 13.53 -61.49 40.74
C ILE D 366 13.67 -63.01 40.84
N PRO D 367 14.82 -63.60 40.48
CA PRO D 367 14.87 -64.98 39.97
C PRO D 367 15.08 -66.07 41.03
N GLY D 368 15.15 -65.74 42.33
CA GLY D 368 15.53 -66.70 43.37
C GLY D 368 17.04 -66.86 43.55
N GLY D 369 17.73 -65.74 43.73
CA GLY D 369 19.20 -65.66 43.86
C GLY D 369 19.80 -66.40 45.07
N PHE D 370 21.11 -66.49 45.07
CA PHE D 370 21.94 -67.18 46.07
C PHE D 370 22.57 -66.16 47.02
N GLY D 371 22.39 -66.38 48.32
CA GLY D 371 22.94 -65.49 49.36
C GLY D 371 22.33 -64.10 49.43
N VAL D 372 22.82 -63.25 50.34
CA VAL D 372 22.15 -62.00 50.73
C VAL D 372 22.51 -60.77 49.88
N ARG D 373 23.69 -60.74 49.25
CA ARG D 373 24.33 -59.52 48.69
C ARG D 373 23.40 -58.61 47.88
N GLY D 374 22.66 -59.15 46.92
CA GLY D 374 21.81 -58.37 46.02
C GLY D 374 20.55 -57.76 46.64
N THR D 375 20.21 -58.14 47.88
CA THR D 375 18.88 -57.90 48.45
C THR D 375 18.45 -56.44 48.37
N GLU D 376 19.30 -55.49 48.71
CA GLU D 376 18.90 -54.09 48.82
C GLU D 376 18.43 -53.50 47.48
N GLY D 377 19.07 -53.86 46.38
CA GLY D 377 18.60 -53.45 45.07
C GLY D 377 17.33 -54.18 44.62
N MET D 378 17.23 -55.47 44.91
CA MET D 378 16.04 -56.27 44.59
C MET D 378 14.79 -55.75 45.30
N VAL D 379 14.92 -55.15 46.49
CA VAL D 379 13.83 -54.44 47.15
C VAL D 379 13.31 -53.28 46.30
N LEU D 380 14.20 -52.42 45.80
CA LEU D 380 13.86 -51.26 44.98
C LEU D 380 13.27 -51.67 43.62
N ALA D 381 13.71 -52.78 43.04
CA ALA D 381 13.06 -53.36 41.86
C ALA D 381 11.64 -53.87 42.15
N ALA D 382 11.39 -54.46 43.31
CA ALA D 382 10.04 -54.88 43.69
C ALA D 382 9.10 -53.70 43.96
N ARG D 383 9.61 -52.62 44.59
CA ARG D 383 8.93 -51.34 44.84
C ARG D 383 8.54 -50.66 43.54
N TRP D 384 9.45 -50.65 42.58
CA TRP D 384 9.22 -50.10 41.26
C TRP D 384 8.04 -50.75 40.54
N ALA D 385 7.85 -52.07 40.68
CA ALA D 385 6.73 -52.79 40.10
C ALA D 385 5.48 -52.85 40.98
N ARG D 386 5.57 -52.64 42.30
CA ARG D 386 4.39 -52.52 43.15
C ARG D 386 3.67 -51.22 42.84
N GLU D 387 4.40 -50.11 42.82
CA GLU D 387 3.81 -48.77 42.78
C GLU D 387 3.31 -48.43 41.38
N ASN D 388 4.22 -48.36 40.41
CA ASN D 388 3.89 -48.31 39.00
C ASN D 388 3.42 -49.71 38.59
N HIS D 389 2.31 -49.87 37.87
CA HIS D 389 1.71 -51.19 37.59
C HIS D 389 2.47 -52.09 36.57
N ILE D 390 3.78 -52.23 36.71
CA ILE D 390 4.63 -53.14 35.93
C ILE D 390 4.34 -54.60 36.31
N PRO D 391 4.15 -55.54 35.39
CA PRO D 391 4.10 -56.97 35.69
C PRO D 391 5.35 -57.49 36.40
N PHE D 392 5.19 -58.41 37.34
CA PHE D 392 6.26 -58.91 38.20
C PHE D 392 6.13 -60.39 38.50
N LEU D 393 7.26 -61.09 38.56
CA LEU D 393 7.35 -62.40 39.21
C LEU D 393 8.54 -62.44 40.18
N GLY D 394 8.27 -62.86 41.41
CA GLY D 394 9.30 -63.19 42.41
C GLY D 394 9.41 -64.69 42.59
N VAL D 395 10.60 -65.26 42.39
CA VAL D 395 10.83 -66.71 42.61
C VAL D 395 11.67 -66.90 43.85
N CYS D 396 11.24 -67.75 44.78
CA CYS D 396 11.92 -68.06 46.04
C CYS D 396 12.35 -66.80 46.83
N LEU D 397 13.63 -66.42 46.80
CA LEU D 397 14.12 -65.13 47.34
C LEU D 397 13.35 -63.92 46.77
N GLY D 398 12.80 -64.03 45.57
CA GLY D 398 11.90 -63.03 45.03
C GLY D 398 10.57 -62.93 45.79
N LEU D 399 9.97 -64.03 46.25
CA LEU D 399 8.80 -63.94 47.15
C LEU D 399 9.18 -63.31 48.48
N GLN D 400 10.34 -63.72 49.00
CA GLN D 400 10.90 -63.15 50.22
C GLN D 400 11.06 -61.64 50.07
N ILE D 401 11.61 -61.17 48.95
CA ILE D 401 11.80 -59.75 48.68
C ILE D 401 10.51 -59.02 48.30
N ALA D 402 9.56 -59.65 47.64
CA ALA D 402 8.22 -59.10 47.49
C ALA D 402 7.56 -58.86 48.85
N THR D 403 7.77 -59.74 49.82
CA THR D 403 7.21 -59.60 51.17
C THR D 403 7.99 -58.59 52.02
N ILE D 404 9.32 -58.62 51.98
CA ILE D 404 10.13 -57.59 52.62
C ILE D 404 9.77 -56.22 52.07
N GLU D 405 9.59 -56.04 50.76
CA GLU D 405 9.26 -54.73 50.21
C GLU D 405 7.87 -54.28 50.64
N PHE D 406 6.85 -55.12 50.47
CA PHE D 406 5.50 -54.77 50.86
C PHE D 406 5.42 -54.46 52.38
N THR D 407 6.17 -55.16 53.21
CA THR D 407 6.35 -54.80 54.62
C THR D 407 7.02 -53.43 54.75
N ARG D 408 8.18 -53.22 54.13
CA ARG D 408 9.04 -52.04 54.21
C ARG D 408 8.43 -50.75 53.63
N SER D 409 7.32 -50.84 52.89
CA SER D 409 6.72 -49.68 52.20
C SER D 409 5.21 -49.54 52.39
N VAL D 410 4.47 -50.62 52.57
CA VAL D 410 3.02 -50.57 52.78
C VAL D 410 2.68 -50.59 54.27
N LEU D 411 3.39 -51.37 55.09
CA LEU D 411 3.22 -51.39 56.56
C LEU D 411 4.13 -50.40 57.31
N GLY D 412 4.91 -49.58 56.62
CA GLY D 412 6.03 -48.85 57.21
C GLY D 412 7.20 -49.79 57.53
N ARG D 413 7.45 -50.08 58.81
CA ARG D 413 8.37 -51.12 59.31
C ARG D 413 9.75 -51.14 58.62
N LYS D 414 10.38 -49.98 58.46
CA LYS D 414 11.59 -49.77 57.63
C LYS D 414 12.82 -50.59 58.06
N ASP D 415 12.86 -51.06 59.30
CA ASP D 415 13.92 -51.94 59.83
C ASP D 415 13.81 -53.41 59.39
N SER D 416 12.68 -53.85 58.81
CA SER D 416 12.46 -55.27 58.50
C SER D 416 13.40 -55.82 57.41
N HIS D 417 13.78 -57.08 57.52
CA HIS D 417 14.85 -57.72 56.76
C HIS D 417 14.64 -59.25 56.74
N SER D 418 15.36 -59.97 55.88
CA SER D 418 15.42 -61.43 55.91
C SER D 418 15.92 -61.97 57.26
N ALA D 419 15.49 -63.18 57.63
CA ALA D 419 16.01 -63.89 58.81
C ALA D 419 17.53 -64.10 58.76
N GLU D 420 18.15 -63.95 57.60
CA GLU D 420 19.60 -63.92 57.43
C GLU D 420 20.30 -62.88 58.34
N PHE D 421 19.69 -61.70 58.59
CA PHE D 421 20.18 -60.72 59.56
C PHE D 421 19.70 -61.10 60.98
N TYR D 422 20.17 -62.26 61.42
CA TYR D 422 19.72 -62.96 62.61
C TYR D 422 19.64 -62.09 63.90
N PRO D 423 20.67 -61.31 64.30
CA PRO D 423 20.69 -60.65 65.61
C PRO D 423 19.75 -59.43 65.76
N ASP D 424 19.03 -59.02 64.71
CA ASP D 424 17.96 -58.03 64.85
C ASP D 424 16.71 -58.60 65.55
N ILE D 425 16.50 -59.93 65.48
CA ILE D 425 15.43 -60.71 66.13
C ILE D 425 14.00 -60.21 65.84
N ASP D 426 13.55 -59.13 66.49
CA ASP D 426 12.15 -58.68 66.50
C ASP D 426 11.61 -58.31 65.11
N GLU D 427 12.47 -57.86 64.19
CA GLU D 427 12.11 -57.37 62.84
C GLU D 427 12.44 -58.36 61.70
N LYS D 428 12.81 -59.60 62.02
CA LYS D 428 13.01 -60.66 61.02
C LYS D 428 11.69 -60.94 60.29
N ASN D 429 11.68 -60.79 58.98
CA ASN D 429 10.51 -61.02 58.12
C ASN D 429 10.21 -62.52 57.87
N HIS D 430 11.12 -63.41 58.24
CA HIS D 430 11.10 -64.85 57.92
C HIS D 430 11.40 -65.72 59.16
N VAL D 431 11.15 -67.02 59.05
CA VAL D 431 11.46 -68.04 60.06
C VAL D 431 12.13 -69.25 59.41
N VAL D 432 13.06 -69.87 60.12
CA VAL D 432 13.70 -71.12 59.75
C VAL D 432 12.69 -72.26 59.65
N VAL D 433 12.84 -73.10 58.63
CA VAL D 433 12.06 -74.33 58.44
C VAL D 433 12.90 -75.38 57.70
N PHE D 434 13.79 -76.06 58.42
CA PHE D 434 14.73 -77.03 57.84
C PHE D 434 14.11 -78.38 57.43
N MET D 435 12.97 -78.77 57.98
CA MET D 435 12.35 -80.11 57.84
C MET D 435 13.33 -81.27 58.00
N MET D 436 16.82 -78.40 54.66
CA MET D 436 16.23 -77.71 53.52
C MET D 436 14.97 -78.43 53.00
N ARG D 437 13.90 -77.69 52.69
CA ARG D 437 12.73 -78.23 51.98
C ARG D 437 13.10 -78.39 50.51
N LEU D 438 12.93 -79.58 49.96
CA LEU D 438 13.37 -80.00 48.62
C LEU D 438 12.31 -80.81 47.88
N GLY D 439 12.49 -80.96 46.58
CA GLY D 439 11.72 -81.89 45.74
C GLY D 439 10.27 -81.50 45.49
N LEU D 440 9.55 -82.36 44.77
CA LEU D 440 8.18 -82.12 44.38
C LEU D 440 7.28 -82.24 45.60
N ARG D 441 6.70 -81.12 46.01
CA ARG D 441 5.66 -81.05 47.05
C ARG D 441 4.39 -80.39 46.50
N PRO D 442 3.18 -80.72 46.97
CA PRO D 442 1.96 -80.07 46.53
C PRO D 442 1.87 -78.62 47.00
N THR D 443 0.93 -77.85 46.46
CA THR D 443 0.45 -76.58 47.00
C THR D 443 -1.01 -76.42 46.63
N PHE D 444 -1.79 -75.89 47.55
CA PHE D 444 -3.24 -75.86 47.49
C PHE D 444 -3.73 -74.42 47.51
N PHE D 445 -4.61 -74.05 46.58
CA PHE D 445 -5.15 -72.70 46.58
C PHE D 445 -6.06 -72.46 47.78
N GLN D 446 -6.08 -71.23 48.29
CA GLN D 446 -7.00 -70.85 49.37
C GLN D 446 -8.42 -70.69 48.80
N ASN D 447 -9.42 -71.34 49.38
CA ASN D 447 -10.66 -71.70 48.67
C ASN D 447 -11.57 -70.53 48.21
N GLU D 448 -11.33 -69.31 48.66
CA GLU D 448 -12.08 -68.09 48.32
C GLU D 448 -11.50 -67.32 47.12
N THR D 449 -10.24 -67.57 46.72
CA THR D 449 -9.47 -66.66 45.84
C THR D 449 -9.80 -66.80 44.35
N GLU D 450 -11.08 -66.81 44.00
CA GLU D 450 -11.60 -66.95 42.63
C GLU D 450 -11.20 -65.79 41.70
N TRP D 451 -10.84 -64.64 42.26
CA TRP D 451 -10.38 -63.45 41.54
C TRP D 451 -8.97 -63.60 40.93
N SER D 452 -8.15 -64.50 41.47
CA SER D 452 -6.72 -64.60 41.21
C SER D 452 -6.36 -64.78 39.74
N GLN D 453 -5.40 -64.01 39.25
CA GLN D 453 -4.87 -64.19 37.90
C GLN D 453 -4.07 -65.50 37.80
N ILE D 454 -3.25 -65.83 38.80
CA ILE D 454 -2.42 -67.02 38.74
C ILE D 454 -3.23 -68.32 38.81
N LYS D 455 -4.20 -68.42 39.73
CA LYS D 455 -5.01 -69.65 39.81
C LYS D 455 -5.96 -69.83 38.62
N LYS D 456 -6.19 -68.78 37.83
CA LYS D 456 -6.82 -68.90 36.51
C LYS D 456 -5.89 -69.54 35.50
N LEU D 457 -4.61 -69.16 35.43
CA LEU D 457 -3.64 -69.79 34.52
C LEU D 457 -3.47 -71.29 34.77
N TYR D 458 -3.53 -71.73 36.04
CA TYR D 458 -3.58 -73.15 36.43
C TYR D 458 -4.91 -73.88 36.12
N GLY D 459 -5.77 -73.29 35.29
CA GLY D 459 -6.96 -73.97 34.75
C GLY D 459 -8.07 -74.24 35.74
N ASP D 460 -8.11 -73.50 36.85
CA ASP D 460 -9.03 -73.73 37.99
C ASP D 460 -8.87 -75.10 38.69
N VAL D 461 -7.75 -75.79 38.48
CA VAL D 461 -7.40 -77.03 39.21
C VAL D 461 -7.20 -76.73 40.70
N SER D 462 -7.60 -77.65 41.58
CA SER D 462 -7.59 -77.49 43.05
C SER D 462 -6.20 -77.39 43.68
N GLU D 463 -5.18 -77.98 43.08
CA GLU D 463 -3.80 -77.97 43.57
C GLU D 463 -2.79 -78.10 42.45
N VAL D 464 -1.53 -77.81 42.82
CA VAL D 464 -0.34 -77.86 41.97
C VAL D 464 0.78 -78.62 42.68
N HIS D 465 1.78 -79.10 41.95
CA HIS D 465 2.95 -79.78 42.52
C HIS D 465 4.23 -79.17 41.97
N GLU D 466 5.18 -78.81 42.84
CA GLU D 466 6.28 -77.91 42.47
C GLU D 466 7.58 -78.22 43.20
N ARG D 467 8.72 -77.74 42.68
CA ARG D 467 10.05 -77.95 43.26
C ARG D 467 10.46 -76.84 44.23
N HIS D 468 11.11 -77.23 45.32
CA HIS D 468 11.50 -76.34 46.42
C HIS D 468 13.00 -76.47 46.73
N ARG D 469 13.61 -75.46 47.36
CA ARG D 469 15.04 -75.46 47.75
C ARG D 469 15.33 -74.55 48.96
N HIS D 470 14.34 -74.33 49.82
CA HIS D 470 14.38 -73.20 50.76
C HIS D 470 14.60 -73.64 52.19
N ARG D 471 15.34 -72.80 52.93
CA ARG D 471 15.51 -72.94 54.40
C ARG D 471 14.73 -71.91 55.23
N TYR D 472 14.21 -70.86 54.62
CA TYR D 472 13.42 -69.82 55.29
C TYR D 472 12.00 -69.79 54.73
N GLU D 473 11.04 -69.38 55.54
CA GLU D 473 9.71 -69.02 55.08
C GLU D 473 9.23 -67.72 55.73
N ILE D 474 8.25 -67.04 55.15
CA ILE D 474 7.70 -65.82 55.75
C ILE D 474 7.09 -66.18 57.11
N ASN D 475 7.32 -65.33 58.10
CA ASN D 475 6.93 -65.62 59.48
C ASN D 475 5.40 -65.66 59.61
N PRO D 476 4.77 -66.81 59.95
CA PRO D 476 3.32 -66.95 59.98
C PRO D 476 2.60 -65.92 60.84
N LYS D 477 3.28 -65.43 61.90
CA LYS D 477 2.78 -64.38 62.80
C LYS D 477 2.33 -63.12 62.04
N MET D 478 3.04 -62.76 60.97
CA MET D 478 2.77 -61.56 60.18
C MET D 478 1.73 -61.76 59.08
N VAL D 479 1.44 -63.00 58.67
CA VAL D 479 0.71 -63.26 57.42
C VAL D 479 -0.71 -62.72 57.44
N ASP D 480 -1.39 -62.67 58.59
CA ASP D 480 -2.70 -62.03 58.68
C ASP D 480 -2.64 -60.54 58.32
N GLU D 481 -1.59 -59.84 58.75
CA GLU D 481 -1.39 -58.42 58.49
C GLU D 481 -1.20 -58.16 57.00
N LEU D 482 -0.39 -59.00 56.35
CA LEU D 482 -0.16 -58.97 54.91
C LEU D 482 -1.43 -59.34 54.12
N GLU D 483 -2.16 -60.37 54.51
CA GLU D 483 -3.45 -60.73 53.88
C GLU D 483 -4.49 -59.60 54.02
N ASN D 484 -4.61 -58.99 55.19
CA ASN D 484 -5.52 -57.88 55.45
C ASN D 484 -5.16 -56.59 54.67
N ASN D 485 -3.86 -56.34 54.45
CA ASN D 485 -3.40 -55.21 53.64
C ASN D 485 -3.41 -55.47 52.12
N GLY D 486 -3.62 -56.71 51.68
CA GLY D 486 -3.87 -57.05 50.27
C GLY D 486 -2.81 -57.89 49.58
N LEU D 487 -1.70 -58.21 50.26
CA LEU D 487 -0.68 -59.15 49.78
C LEU D 487 -1.16 -60.59 49.99
N ILE D 488 -2.25 -60.99 49.33
CA ILE D 488 -2.99 -62.21 49.64
C ILE D 488 -2.17 -63.45 49.27
N PHE D 489 -1.90 -64.33 50.23
CA PHE D 489 -1.21 -65.59 49.99
C PHE D 489 -2.14 -66.64 49.37
N VAL D 490 -2.33 -66.56 48.05
CA VAL D 490 -3.31 -67.37 47.31
C VAL D 490 -3.03 -68.88 47.27
N GLY D 491 -1.86 -69.34 47.71
CA GLY D 491 -1.52 -70.73 47.84
C GLY D 491 -0.68 -71.05 49.05
N LYS D 492 -0.99 -72.15 49.74
CA LYS D 492 -0.25 -72.65 50.89
C LYS D 492 -0.09 -74.16 50.80
N ASP D 493 0.70 -74.71 51.70
CA ASP D 493 0.99 -76.13 51.77
C ASP D 493 -0.18 -76.95 52.35
N ASP D 494 0.04 -78.26 52.47
CA ASP D 494 -0.87 -79.20 53.12
C ASP D 494 -1.33 -78.77 54.52
N THR D 495 -0.42 -78.26 55.37
CA THR D 495 -0.75 -77.83 56.74
C THR D 495 -1.45 -76.46 56.80
N GLY D 496 -1.27 -75.62 55.78
CA GLY D 496 -1.71 -74.23 55.78
C GLY D 496 -0.81 -73.28 56.58
N LYS D 497 0.32 -73.77 57.11
CA LYS D 497 1.29 -72.96 57.85
C LYS D 497 2.31 -72.26 56.95
N ARG D 498 2.57 -72.78 55.74
CA ARG D 498 3.68 -72.38 54.87
C ARG D 498 3.22 -71.50 53.71
N CYS D 499 3.94 -70.42 53.45
CA CYS D 499 3.64 -69.44 52.41
C CYS D 499 4.17 -69.90 51.04
N GLU D 500 3.32 -70.46 50.18
CA GLU D 500 3.78 -71.05 48.92
C GLU D 500 3.61 -70.10 47.71
N ILE D 501 2.53 -69.31 47.70
CA ILE D 501 2.24 -68.31 46.65
C ILE D 501 1.67 -67.06 47.28
N LEU D 502 2.04 -65.89 46.76
CA LEU D 502 1.31 -64.64 46.94
C LEU D 502 0.91 -64.00 45.61
N GLU D 503 -0.21 -63.28 45.65
CA GLU D 503 -0.66 -62.35 44.63
C GLU D 503 -1.12 -61.07 45.32
N LEU D 504 -0.65 -59.92 44.87
CA LEU D 504 -1.14 -58.64 45.36
C LEU D 504 -2.50 -58.34 44.74
N LYS D 505 -3.54 -58.23 45.56
CA LYS D 505 -4.92 -57.94 45.16
C LYS D 505 -4.99 -56.64 44.35
N ASN D 506 -5.69 -56.65 43.22
CA ASN D 506 -5.93 -55.50 42.33
C ASN D 506 -4.62 -54.83 41.84
N HIS D 507 -3.74 -55.64 41.26
CA HIS D 507 -2.60 -55.23 40.43
C HIS D 507 -2.60 -56.06 39.13
N PRO D 508 -2.23 -55.54 37.94
CA PRO D 508 -2.33 -56.28 36.69
C PRO D 508 -1.66 -57.64 36.63
N TYR D 509 -0.49 -57.81 37.27
CA TYR D 509 0.19 -59.09 37.47
C TYR D 509 1.36 -58.93 38.45
N TYR D 510 1.16 -59.21 39.73
CA TYR D 510 2.22 -59.17 40.72
C TYR D 510 2.15 -60.42 41.55
N ILE D 511 3.00 -61.36 41.17
CA ILE D 511 3.04 -62.71 41.70
C ILE D 511 4.39 -62.96 42.35
N ALA D 512 4.40 -63.77 43.39
CA ALA D 512 5.61 -64.49 43.74
C ALA D 512 5.32 -65.92 44.18
N THR D 513 6.31 -66.80 44.04
CA THR D 513 6.28 -68.21 44.41
C THR D 513 7.45 -68.51 45.30
N GLN D 514 7.25 -69.28 46.36
CA GLN D 514 8.37 -69.75 47.18
C GLN D 514 9.17 -70.84 46.43
N TYR D 515 8.46 -71.69 45.67
CA TYR D 515 9.04 -72.69 44.78
C TYR D 515 9.70 -72.08 43.54
N HIS D 516 10.41 -72.94 42.80
CA HIS D 516 11.13 -72.67 41.56
C HIS D 516 10.41 -73.27 40.33
N PRO D 517 9.41 -72.57 39.77
CA PRO D 517 8.59 -73.08 38.66
C PRO D 517 9.37 -73.37 37.38
N GLU D 518 10.53 -72.74 37.18
CA GLU D 518 11.44 -73.00 36.08
C GLU D 518 12.01 -74.42 36.11
N TYR D 519 11.87 -75.13 37.23
CA TYR D 519 12.18 -76.56 37.28
C TYR D 519 11.07 -77.43 36.70
N THR D 520 9.98 -76.86 36.19
CA THR D 520 8.93 -77.64 35.52
C THR D 520 8.37 -76.98 34.26
N SER D 521 8.99 -75.91 33.78
CA SER D 521 8.70 -75.37 32.45
C SER D 521 9.10 -76.33 31.34
N LYS D 522 8.19 -76.67 30.42
CA LYS D 522 8.45 -77.52 29.24
C LYS D 522 8.20 -76.74 27.95
N VAL D 523 8.86 -77.13 26.87
CA VAL D 523 8.81 -76.41 25.58
C VAL D 523 7.38 -76.33 25.02
N LEU D 524 6.59 -77.39 25.22
CA LEU D 524 5.18 -77.44 24.79
C LEU D 524 4.18 -77.23 25.93
N ASP D 525 4.63 -77.19 27.19
CA ASP D 525 3.83 -76.86 28.38
C ASP D 525 4.61 -75.89 29.29
N PRO D 526 4.51 -74.57 29.04
CA PRO D 526 5.25 -73.58 29.82
C PRO D 526 4.76 -73.50 31.28
N SER D 527 5.67 -73.27 32.24
CA SER D 527 5.33 -73.16 33.67
C SER D 527 4.49 -71.90 33.94
N LYS D 528 3.29 -72.07 34.48
CA LYS D 528 2.26 -71.01 34.54
C LYS D 528 2.71 -69.64 35.10
N PRO D 529 3.52 -69.53 36.17
CA PRO D 529 3.93 -68.24 36.74
C PRO D 529 4.76 -67.38 35.78
N PHE D 530 5.59 -68.04 34.97
CA PHE D 530 6.32 -67.38 33.90
C PHE D 530 5.44 -67.09 32.71
N LEU D 531 4.49 -67.96 32.33
CA LEU D 531 3.58 -67.61 31.24
C LEU D 531 2.81 -66.33 31.57
N GLY D 532 2.30 -66.20 32.79
CA GLY D 532 1.65 -64.98 33.23
C GLY D 532 2.53 -63.75 33.18
N LEU D 533 3.81 -63.84 33.59
CA LEU D 533 4.75 -62.73 33.50
C LEU D 533 4.95 -62.26 32.07
N VAL D 534 5.16 -63.17 31.11
CA VAL D 534 5.33 -62.76 29.72
C VAL D 534 4.02 -62.22 29.19
N ALA D 535 2.90 -62.93 29.37
CA ALA D 535 1.61 -62.51 28.83
C ALA D 535 1.17 -61.14 29.36
N ALA D 536 1.37 -60.83 30.63
CA ALA D 536 1.07 -59.52 31.16
C ALA D 536 2.07 -58.46 30.67
N SER D 537 3.34 -58.79 30.49
CA SER D 537 4.32 -57.89 29.86
C SER D 537 3.93 -57.54 28.43
N ALA D 538 3.36 -58.50 27.69
CA ALA D 538 2.75 -58.31 26.38
C ALA D 538 1.37 -57.62 26.42
N GLY D 539 0.78 -57.43 27.60
CA GLY D 539 -0.53 -56.83 27.76
C GLY D 539 -1.69 -57.70 27.25
N ILE D 540 -1.48 -59.02 27.17
CA ILE D 540 -2.39 -59.99 26.57
C ILE D 540 -2.89 -61.07 27.53
N LEU D 541 -2.60 -60.92 28.84
CA LEU D 541 -2.83 -61.93 29.89
C LEU D 541 -4.25 -62.49 29.87
N GLN D 542 -5.26 -61.64 29.74
CA GLN D 542 -6.66 -62.05 29.67
C GLN D 542 -6.89 -63.10 28.59
N ASP D 543 -6.34 -62.87 27.39
CA ASP D 543 -6.63 -63.65 26.21
C ASP D 543 -5.86 -64.99 26.20
N VAL D 544 -4.70 -65.02 26.85
CA VAL D 544 -3.96 -66.26 27.14
C VAL D 544 -4.74 -67.13 28.11
N ILE D 545 -5.36 -66.55 29.15
CA ILE D 545 -6.20 -67.29 30.09
C ILE D 545 -7.46 -67.79 29.40
N GLU D 546 -8.08 -66.96 28.57
CA GLU D 546 -9.27 -67.32 27.79
C GLU D 546 -9.02 -68.34 26.67
N GLY D 547 -7.76 -68.52 26.26
CA GLY D 547 -7.33 -69.62 25.38
C GLY D 547 -7.00 -69.24 23.93
N LYS D 548 -6.74 -67.96 23.62
CA LYS D 548 -6.38 -67.46 22.28
C LYS D 548 -4.99 -67.89 21.76
N TYR D 549 -4.27 -68.73 22.50
CA TYR D 549 -2.87 -69.08 22.23
C TYR D 549 -2.50 -70.55 22.53
N ASP D 550 -3.45 -71.44 22.79
CA ASP D 550 -3.19 -72.89 22.78
C ASP D 550 -2.80 -73.40 21.37
N LEU D 551 -1.93 -74.40 21.30
CA LEU D 551 -1.23 -74.74 20.05
C LEU D 551 -2.04 -75.62 19.09
N GLU D 552 -3.16 -76.19 19.54
CA GLU D 552 -4.11 -76.99 18.74
C GLU D 552 -5.56 -76.61 19.12
N ALA D 553 -6.49 -76.50 18.17
CA ALA D 553 -7.88 -76.12 18.47
C ALA D 553 -8.59 -77.15 19.37
N MET E 1 -23.05 105.24 -8.76
CA MET E 1 -22.84 103.83 -8.34
C MET E 1 -23.25 102.86 -9.44
N LYS E 2 -22.61 101.69 -9.53
CA LYS E 2 -22.97 100.65 -10.50
C LYS E 2 -24.05 99.71 -9.96
N TYR E 3 -24.84 99.13 -10.84
CA TYR E 3 -25.92 98.21 -10.43
C TYR E 3 -26.09 97.05 -11.43
N VAL E 4 -26.48 95.86 -10.97
CA VAL E 4 -26.75 94.70 -11.83
C VAL E 4 -28.07 94.08 -11.43
N VAL E 5 -29.10 94.14 -12.24
CA VAL E 5 -30.32 93.37 -12.00
C VAL E 5 -30.10 91.91 -12.39
N VAL E 6 -30.63 90.99 -11.60
CA VAL E 6 -30.87 89.61 -11.98
C VAL E 6 -32.37 89.36 -11.87
N SER E 7 -33.00 88.87 -12.92
CA SER E 7 -34.46 88.73 -13.00
C SER E 7 -34.89 87.58 -13.89
N GLY E 8 -36.19 87.32 -14.02
CA GLY E 8 -36.71 86.69 -15.25
C GLY E 8 -37.31 85.30 -15.22
N GLY E 9 -37.55 84.78 -16.43
CA GLY E 9 -37.94 83.40 -16.73
C GLY E 9 -39.43 83.19 -17.00
N VAL E 10 -39.80 82.02 -17.53
CA VAL E 10 -41.20 81.53 -17.59
C VAL E 10 -41.64 80.75 -16.34
N ILE E 11 -40.76 80.51 -15.38
CA ILE E 11 -41.04 79.73 -14.16
C ILE E 11 -40.31 80.36 -12.97
N SER E 12 -40.92 80.30 -11.79
CA SER E 12 -40.20 80.51 -10.54
C SER E 12 -39.36 79.26 -10.22
N GLY E 13 -38.20 79.41 -9.59
CA GLY E 13 -37.31 78.29 -9.27
C GLY E 13 -36.24 77.98 -10.33
N ILE E 14 -36.06 78.87 -11.30
CA ILE E 14 -35.16 78.71 -12.45
C ILE E 14 -33.66 78.74 -12.13
N GLY E 15 -33.23 79.41 -11.06
CA GLY E 15 -31.81 79.50 -10.68
C GLY E 15 -31.24 80.87 -10.30
N LYS E 16 -32.03 81.90 -10.08
CA LYS E 16 -31.62 83.29 -9.87
C LYS E 16 -30.50 83.47 -8.86
N GLY E 17 -30.71 83.22 -7.58
CA GLY E 17 -29.76 83.41 -6.52
C GLY E 17 -28.34 82.98 -6.76
N VAL E 18 -28.09 81.83 -7.35
CA VAL E 18 -26.79 81.25 -7.72
C VAL E 18 -26.18 82.11 -8.81
N LEU E 19 -26.96 82.64 -9.71
CA LEU E 19 -26.59 83.55 -10.80
C LEU E 19 -26.36 84.93 -10.22
N ALA E 20 -26.97 85.26 -9.11
CA ALA E 20 -26.95 86.54 -8.42
C ALA E 20 -25.71 86.69 -7.57
N SER E 21 -25.65 86.07 -6.42
CA SER E 21 -24.55 86.15 -5.47
C SER E 21 -23.32 85.67 -6.21
N SER E 22 -23.41 84.57 -6.92
CA SER E 22 -22.26 84.15 -7.76
C SER E 22 -21.73 85.24 -8.72
N THR E 23 -22.52 86.10 -9.32
CA THR E 23 -22.15 87.25 -10.11
C THR E 23 -21.47 88.24 -9.18
N GLY E 24 -21.98 88.42 -7.99
CA GLY E 24 -21.48 89.30 -6.98
C GLY E 24 -20.19 88.88 -6.35
N MET E 25 -19.91 87.59 -6.25
CA MET E 25 -18.62 87.08 -5.82
C MET E 25 -17.56 87.50 -6.82
N LEU E 26 -17.93 87.37 -8.08
CA LEU E 26 -17.06 87.72 -9.17
C LEU E 26 -16.78 89.22 -9.19
N MET E 27 -17.73 90.06 -8.80
CA MET E 27 -17.44 91.50 -8.71
C MET E 27 -16.35 91.75 -7.67
N LYS E 28 -16.36 91.03 -6.56
CA LYS E 28 -15.29 91.05 -5.55
C LYS E 28 -13.95 90.55 -6.03
N THR E 29 -13.96 89.64 -7.00
CA THR E 29 -12.75 89.17 -7.67
C THR E 29 -11.99 90.33 -8.31
N LEU E 30 -12.71 91.30 -8.85
CA LEU E 30 -12.11 92.51 -9.41
C LEU E 30 -11.59 93.45 -8.32
N GLY E 31 -11.79 93.11 -7.04
CA GLY E 31 -11.40 93.89 -5.86
C GLY E 31 -12.49 94.83 -5.35
N LEU E 32 -13.71 94.74 -5.89
CA LEU E 32 -14.78 95.72 -5.69
C LEU E 32 -15.44 95.62 -4.30
N LYS E 33 -15.92 96.76 -3.78
CA LYS E 33 -16.88 96.79 -2.66
C LYS E 33 -18.23 96.38 -3.19
N VAL E 34 -18.89 95.40 -2.60
CA VAL E 34 -20.11 94.83 -3.21
C VAL E 34 -21.22 94.66 -2.20
N THR E 35 -22.46 94.79 -2.65
CA THR E 35 -23.68 94.67 -1.86
C THR E 35 -24.76 93.96 -2.66
N SER E 36 -25.85 93.59 -2.03
CA SER E 36 -26.94 92.88 -2.68
C SER E 36 -28.28 93.22 -2.09
N ILE E 37 -29.33 93.32 -2.89
CA ILE E 37 -30.70 93.55 -2.43
C ILE E 37 -31.59 92.48 -3.03
N LYS E 38 -32.42 91.83 -2.23
CA LYS E 38 -33.42 90.93 -2.77
C LYS E 38 -34.78 91.58 -2.70
N ILE E 39 -35.40 91.67 -3.87
CA ILE E 39 -36.75 92.18 -4.02
C ILE E 39 -37.67 90.98 -4.04
N ASP E 40 -38.56 90.92 -3.07
CA ASP E 40 -39.53 89.84 -2.92
C ASP E 40 -40.95 90.23 -3.28
N PRO E 41 -41.58 89.53 -4.22
CA PRO E 41 -42.94 89.89 -4.55
C PRO E 41 -44.00 89.51 -3.52
N TYR E 42 -43.68 88.69 -2.52
CA TYR E 42 -44.67 88.33 -1.51
C TYR E 42 -45.05 89.50 -0.58
N MET E 43 -46.17 89.35 0.12
CA MET E 43 -46.72 90.40 0.97
C MET E 43 -46.39 90.33 2.45
N ASN E 44 -45.71 89.30 2.93
CA ASN E 44 -45.17 89.35 4.28
C ASN E 44 -44.14 90.49 4.39
N ILE E 45 -44.22 91.28 5.46
CA ILE E 45 -43.21 92.31 5.74
C ILE E 45 -41.88 91.71 6.19
N ASP E 46 -41.92 90.57 6.89
CA ASP E 46 -40.76 89.83 7.36
C ASP E 46 -41.08 88.34 7.59
N ALA E 47 -40.05 87.52 7.78
CA ALA E 47 -40.22 86.09 8.04
C ALA E 47 -40.60 85.77 9.49
N GLY E 48 -40.70 86.75 10.38
CA GLY E 48 -41.02 86.49 11.78
C GLY E 48 -42.43 85.93 11.97
N THR E 49 -43.37 86.29 11.10
CA THR E 49 -44.70 85.68 11.05
C THR E 49 -44.71 84.32 10.34
N MET E 50 -43.69 84.04 9.53
CA MET E 50 -43.68 82.89 8.64
C MET E 50 -43.15 81.65 9.36
N SER E 51 -44.02 80.65 9.55
CA SER E 51 -43.62 79.34 10.10
C SER E 51 -42.65 78.62 9.15
N PRO E 52 -41.54 78.02 9.63
CA PRO E 52 -40.53 77.40 8.76
C PRO E 52 -41.01 76.26 7.86
N LEU E 53 -42.23 75.75 8.06
CA LEU E 53 -42.90 74.76 7.23
C LEU E 53 -42.95 75.15 5.75
N GLU E 54 -43.14 76.44 5.48
CA GLU E 54 -43.26 76.98 4.13
C GLU E 54 -42.49 78.29 4.01
N HIS E 55 -41.88 78.48 2.84
CA HIS E 55 -40.75 79.39 2.62
C HIS E 55 -39.49 79.08 3.45
N GLY E 56 -39.54 78.05 4.30
CA GLY E 56 -38.37 77.53 4.98
C GLY E 56 -37.85 78.41 6.13
N GLU E 57 -36.59 78.18 6.44
CA GLU E 57 -35.80 78.73 7.53
C GLU E 57 -35.78 80.28 7.60
N CYS E 58 -36.20 80.87 8.73
CA CYS E 58 -36.14 82.33 8.95
C CYS E 58 -34.68 82.78 9.17
N PHE E 59 -33.96 83.19 8.11
CA PHE E 59 -32.57 83.60 8.23
C PHE E 59 -32.39 84.80 9.15
N VAL E 60 -31.34 84.84 9.95
CA VAL E 60 -31.15 85.96 10.89
C VAL E 60 -29.88 86.83 10.72
N LEU E 61 -30.15 88.10 10.69
CA LEU E 61 -29.17 89.16 10.53
C LEU E 61 -28.30 89.36 11.76
N ASP E 62 -27.19 90.04 11.53
CA ASP E 62 -26.46 90.81 12.54
C ASP E 62 -27.42 91.73 13.32
N ASP E 63 -28.23 92.54 12.62
CA ASP E 63 -29.28 93.38 13.20
C ASP E 63 -30.49 92.62 13.75
N GLY E 64 -30.49 91.28 13.74
CA GLY E 64 -31.50 90.46 14.41
C GLY E 64 -32.89 90.41 13.82
N GLY E 65 -33.08 90.96 12.62
CA GLY E 65 -34.29 90.74 11.82
C GLY E 65 -34.35 89.31 11.27
N GLU E 66 -35.52 88.69 11.40
CA GLU E 66 -35.88 87.43 10.71
C GLU E 66 -36.23 87.71 9.25
N THR E 67 -35.22 87.59 8.40
CA THR E 67 -35.28 87.89 6.93
C THR E 67 -35.77 86.72 6.11
N ASP E 68 -36.04 87.02 4.83
CA ASP E 68 -35.96 86.02 3.77
C ASP E 68 -34.71 85.17 3.91
N LEU E 69 -34.88 83.87 3.73
CA LEU E 69 -33.82 82.91 3.78
C LEU E 69 -32.68 83.25 2.81
N ASP E 70 -33.02 83.60 1.57
CA ASP E 70 -32.06 83.67 0.49
C ASP E 70 -30.98 84.74 0.70
N LEU E 71 -31.23 85.74 1.54
CA LEU E 71 -30.19 86.69 1.90
C LEU E 71 -28.93 86.00 2.44
N GLY E 72 -29.12 84.90 3.18
CA GLY E 72 -27.99 84.08 3.61
C GLY E 72 -27.09 83.71 2.45
N ASN E 73 -27.65 83.43 1.28
CA ASN E 73 -26.89 83.01 0.10
C ASN E 73 -25.93 84.12 -0.29
N TYR E 74 -26.20 85.37 0.01
CA TYR E 74 -25.43 86.57 -0.29
C TYR E 74 -24.39 86.88 0.76
N GLU E 75 -24.68 86.52 2.00
CA GLU E 75 -23.71 86.79 3.06
C GLU E 75 -22.54 85.82 2.85
N ARG E 76 -22.88 84.58 2.45
CA ARG E 76 -21.95 83.49 2.13
C ARG E 76 -21.03 83.80 0.96
N TYR E 77 -21.63 84.16 -0.17
CA TYR E 77 -20.96 84.30 -1.47
C TYR E 77 -20.17 85.61 -1.62
N LEU E 78 -20.48 86.63 -0.84
CA LEU E 78 -19.86 87.96 -0.83
C LEU E 78 -18.98 88.18 0.38
N GLY E 79 -19.37 87.68 1.55
CA GLY E 79 -18.69 88.00 2.80
C GLY E 79 -19.07 89.40 3.28
N VAL E 80 -20.37 89.63 3.47
CA VAL E 80 -20.93 90.94 3.82
C VAL E 80 -21.97 90.82 4.91
N THR E 81 -22.13 91.86 5.72
CA THR E 81 -23.21 91.96 6.70
C THR E 81 -24.33 92.80 6.12
N LEU E 82 -25.45 92.18 5.76
CA LEU E 82 -26.64 92.90 5.30
C LEU E 82 -27.47 93.41 6.48
N THR E 83 -28.59 94.07 6.18
CA THR E 83 -29.50 94.66 7.18
C THR E 83 -30.96 94.34 6.84
N LYS E 84 -31.89 94.61 7.75
CA LYS E 84 -33.32 94.36 7.52
C LYS E 84 -33.89 95.08 6.29
N ASP E 85 -33.25 96.18 5.88
CA ASP E 85 -33.64 96.94 4.69
C ASP E 85 -33.21 96.32 3.36
N HIS E 86 -32.21 95.43 3.31
CA HIS E 86 -31.78 94.76 2.07
C HIS E 86 -32.77 93.74 1.54
N ASN E 87 -33.81 93.40 2.29
CA ASN E 87 -34.89 92.57 1.80
C ASN E 87 -36.13 93.43 1.56
N ILE E 88 -36.22 94.00 0.37
CA ILE E 88 -37.43 94.70 -0.08
C ILE E 88 -38.53 93.66 -0.26
N THR E 89 -39.74 93.91 0.20
CA THR E 89 -40.89 93.03 -0.07
C THR E 89 -42.10 93.83 -0.43
N THR E 90 -43.06 93.24 -1.14
CA THR E 90 -44.29 93.94 -1.52
C THR E 90 -45.06 94.43 -0.31
N GLY E 91 -45.11 93.67 0.78
CA GLY E 91 -45.75 94.13 2.01
C GLY E 91 -44.99 95.24 2.70
N LYS E 92 -43.66 95.26 2.58
CA LYS E 92 -42.82 96.27 3.20
C LYS E 92 -42.97 97.62 2.50
N ILE E 93 -43.00 97.65 1.17
CA ILE E 93 -43.09 98.90 0.43
C ILE E 93 -44.51 99.45 0.37
N TYR E 94 -45.57 98.64 0.26
CA TYR E 94 -46.91 99.20 0.46
C TYR E 94 -47.09 99.79 1.84
N SER E 95 -46.55 99.19 2.90
CA SER E 95 -46.62 99.74 4.26
C SER E 95 -45.90 101.09 4.37
N HIS E 96 -44.73 101.23 3.76
CA HIS E 96 -43.95 102.46 3.83
C HIS E 96 -44.61 103.62 3.12
N VAL E 97 -45.13 103.41 1.91
CA VAL E 97 -45.91 104.45 1.21
C VAL E 97 -47.24 104.74 1.91
N ILE E 98 -47.97 103.75 2.41
CA ILE E 98 -49.18 103.97 3.19
C ILE E 98 -48.89 104.72 4.50
N ALA E 99 -47.75 104.53 5.14
CA ALA E 99 -47.40 105.33 6.31
C ALA E 99 -47.26 106.81 5.95
N LYS E 100 -46.50 107.11 4.89
CA LYS E 100 -46.34 108.47 4.37
C LYS E 100 -47.68 109.08 3.91
N GLU E 101 -48.62 108.30 3.42
CA GLU E 101 -49.98 108.75 3.07
C GLU E 101 -50.76 109.28 4.28
N ARG E 102 -50.71 108.60 5.43
CA ARG E 102 -51.44 109.04 6.64
C ARG E 102 -50.70 110.09 7.45
N LYS E 103 -49.37 110.11 7.40
CA LYS E 103 -48.55 111.23 7.89
C LYS E 103 -48.76 112.48 7.03
N GLY E 104 -49.15 112.31 5.77
CA GLY E 104 -49.45 113.41 4.85
C GLY E 104 -48.22 113.93 4.10
N ASP E 105 -47.17 113.14 3.95
CA ASP E 105 -45.92 113.55 3.30
C ASP E 105 -46.08 113.82 1.79
N TYR E 106 -47.19 113.40 1.19
CA TYR E 106 -47.58 113.72 -0.18
C TYR E 106 -48.31 115.06 -0.34
N LEU E 107 -48.34 115.93 0.68
CA LEU E 107 -48.87 117.29 0.59
C LEU E 107 -50.30 117.32 0.02
N GLY E 108 -51.11 116.35 0.42
CA GLY E 108 -52.50 116.23 0.01
C GLY E 108 -52.75 115.89 -1.46
N LYS E 109 -51.72 115.59 -2.27
CA LYS E 109 -51.93 114.98 -3.59
C LYS E 109 -52.61 113.62 -3.42
N THR E 110 -53.28 113.09 -4.44
CA THR E 110 -53.55 111.65 -4.46
C THR E 110 -52.26 110.90 -4.75
N VAL E 111 -52.08 109.74 -4.12
CA VAL E 111 -50.87 108.93 -4.22
C VAL E 111 -51.18 107.68 -5.01
N GLN E 112 -50.33 107.37 -5.98
CA GLN E 112 -50.61 106.47 -7.09
C GLN E 112 -49.54 105.39 -7.18
N ILE E 113 -49.84 104.24 -7.79
CA ILE E 113 -48.79 103.23 -7.97
C ILE E 113 -47.70 103.76 -8.90
N VAL E 114 -48.06 104.51 -9.94
CA VAL E 114 -47.13 105.31 -10.74
C VAL E 114 -47.56 106.76 -10.71
N PRO E 115 -46.69 107.74 -10.37
CA PRO E 115 -45.28 107.60 -10.10
C PRO E 115 -44.91 107.40 -8.63
N HIS E 116 -45.80 107.59 -7.66
CA HIS E 116 -45.37 107.66 -6.25
C HIS E 116 -44.77 106.38 -5.72
N LEU E 117 -45.43 105.23 -5.86
CA LEU E 117 -44.85 103.98 -5.37
C LEU E 117 -43.64 103.53 -6.20
N THR E 118 -43.62 103.73 -7.51
CA THR E 118 -42.41 103.41 -8.29
C THR E 118 -41.25 104.32 -8.00
N ASN E 119 -41.48 105.56 -7.56
CA ASN E 119 -40.45 106.40 -6.98
C ASN E 119 -39.99 105.85 -5.64
N ALA E 120 -40.89 105.40 -4.76
CA ALA E 120 -40.50 104.83 -3.48
C ALA E 120 -39.54 103.64 -3.63
N ILE E 121 -39.82 102.73 -4.55
CA ILE E 121 -38.95 101.59 -4.83
C ILE E 121 -37.57 102.06 -5.30
N GLN E 122 -37.47 103.00 -6.25
CA GLN E 122 -36.17 103.54 -6.68
C GLN E 122 -35.44 104.24 -5.53
N ASP E 123 -36.16 105.03 -4.73
CA ASP E 123 -35.58 105.72 -3.58
C ASP E 123 -35.12 104.75 -2.50
N TRP E 124 -35.74 103.58 -2.36
CA TRP E 124 -35.29 102.50 -1.48
C TRP E 124 -34.03 101.81 -2.00
N ILE E 125 -33.99 101.42 -3.27
CA ILE E 125 -32.80 100.77 -3.85
C ILE E 125 -31.59 101.68 -3.75
N GLU E 126 -31.68 102.94 -4.16
CA GLU E 126 -30.53 103.84 -4.06
C GLU E 126 -30.23 104.24 -2.62
N ARG E 127 -31.18 104.20 -1.68
CA ARG E 127 -30.90 104.40 -0.26
C ARG E 127 -30.04 103.27 0.25
N VAL E 128 -30.52 102.04 0.10
CA VAL E 128 -29.88 100.84 0.65
C VAL E 128 -28.52 100.59 0.01
N ALA E 129 -28.34 100.87 -1.26
CA ALA E 129 -27.07 100.71 -1.95
C ALA E 129 -25.95 101.63 -1.45
N LYS E 130 -26.23 102.64 -0.62
CA LYS E 130 -25.21 103.43 0.08
C LYS E 130 -24.60 102.73 1.29
N ILE E 131 -25.34 101.83 1.95
CA ILE E 131 -24.96 101.27 3.25
C ILE E 131 -23.66 100.45 3.11
N PRO E 132 -22.64 100.67 3.96
CA PRO E 132 -21.34 100.02 3.86
C PRO E 132 -21.34 98.61 4.49
N VAL E 133 -21.80 97.61 3.73
CA VAL E 133 -21.95 96.23 4.20
C VAL E 133 -20.64 95.43 4.26
N ASP E 134 -19.56 96.01 3.76
CA ASP E 134 -18.29 95.35 3.42
C ASP E 134 -17.20 95.52 4.50
N ASP E 135 -16.03 94.89 4.32
CA ASP E 135 -14.93 94.84 5.31
C ASP E 135 -14.21 96.18 5.57
N THR E 136 -14.67 97.28 4.98
CA THR E 136 -14.30 98.64 5.39
C THR E 136 -15.48 99.57 5.12
N GLY E 137 -15.62 100.63 5.89
CA GLY E 137 -16.81 101.47 5.96
C GLY E 137 -17.15 102.32 4.73
N MET E 138 -16.50 102.13 3.58
CA MET E 138 -16.87 102.81 2.34
C MET E 138 -18.16 102.26 1.73
N GLU E 139 -18.90 103.13 1.05
CA GLU E 139 -20.09 102.71 0.32
C GLU E 139 -19.75 101.72 -0.82
N PRO E 140 -20.58 100.71 -1.11
CA PRO E 140 -20.35 99.76 -2.18
C PRO E 140 -20.19 100.39 -3.57
N ASP E 141 -19.40 99.74 -4.40
CA ASP E 141 -19.16 100.16 -5.78
C ASP E 141 -20.25 99.62 -6.71
N VAL E 142 -20.69 98.38 -6.44
CA VAL E 142 -21.72 97.70 -7.22
C VAL E 142 -22.77 97.08 -6.31
N CYS E 143 -24.03 97.11 -6.74
CA CYS E 143 -25.13 96.45 -6.06
C CYS E 143 -25.78 95.42 -6.97
N ILE E 144 -25.91 94.16 -6.52
CA ILE E 144 -26.63 93.11 -7.24
C ILE E 144 -28.08 93.14 -6.78
N ILE E 145 -29.04 93.42 -7.66
CA ILE E 145 -30.46 93.47 -7.32
C ILE E 145 -31.14 92.23 -7.87
N GLU E 146 -31.62 91.32 -7.03
CA GLU E 146 -32.35 90.16 -7.50
C GLU E 146 -33.84 90.42 -7.40
N LEU E 147 -34.52 90.39 -8.53
CA LEU E 147 -35.96 90.54 -8.64
C LEU E 147 -36.60 89.15 -8.56
N GLY E 148 -37.25 88.82 -7.45
CA GLY E 148 -38.00 87.58 -7.30
C GLY E 148 -39.29 87.52 -8.13
N GLY E 149 -39.96 86.38 -8.08
CA GLY E 149 -41.10 86.07 -8.94
C GLY E 149 -40.69 85.89 -10.40
N THR E 150 -41.62 86.11 -11.32
CA THR E 150 -41.33 86.17 -12.76
C THR E 150 -41.86 87.45 -13.38
N VAL E 151 -41.15 88.00 -14.36
CA VAL E 151 -41.63 89.17 -15.11
C VAL E 151 -42.94 88.79 -15.82
N GLY E 152 -43.98 89.60 -15.68
CA GLY E 152 -45.33 89.30 -16.16
C GLY E 152 -46.28 88.70 -15.11
N ASP E 153 -45.79 88.61 -13.87
CA ASP E 153 -46.67 88.24 -12.73
C ASP E 153 -47.43 89.52 -12.37
N ILE E 154 -48.67 89.45 -11.84
CA ILE E 154 -49.44 90.65 -11.37
C ILE E 154 -48.87 91.05 -10.02
N GLU E 155 -47.95 90.34 -9.44
CA GLU E 155 -47.28 90.49 -8.16
C GLU E 155 -45.97 91.24 -8.32
N SER E 156 -45.33 91.12 -9.45
CA SER E 156 -44.02 91.66 -9.81
C SER E 156 -44.11 92.90 -10.66
N ALA E 157 -45.32 93.33 -11.05
CA ALA E 157 -45.52 94.44 -12.00
C ALA E 157 -45.02 95.78 -11.41
N PRO E 158 -45.22 96.13 -10.12
CA PRO E 158 -44.70 97.37 -9.57
C PRO E 158 -43.18 97.50 -9.63
N PHE E 159 -42.45 96.40 -9.46
CA PHE E 159 -40.99 96.40 -9.45
C PHE E 159 -40.36 96.51 -10.83
N VAL E 160 -40.91 95.88 -11.87
CA VAL E 160 -40.42 96.09 -13.24
C VAL E 160 -40.71 97.50 -13.76
N GLU E 161 -41.79 98.15 -13.31
CA GLU E 161 -41.95 99.59 -13.53
C GLU E 161 -40.84 100.37 -12.82
N ALA E 162 -40.64 100.13 -11.53
CA ALA E 162 -39.67 100.90 -10.78
C ALA E 162 -38.25 100.71 -11.31
N LEU E 163 -37.86 99.49 -11.66
CA LEU E 163 -36.58 99.20 -12.28
C LEU E 163 -36.47 99.85 -13.67
N ARG E 164 -37.52 99.88 -14.52
CA ARG E 164 -37.45 100.58 -15.82
C ARG E 164 -37.08 102.03 -15.61
N GLN E 165 -37.82 102.73 -14.76
CA GLN E 165 -37.55 104.14 -14.46
C GLN E 165 -36.15 104.29 -13.87
N PHE E 166 -35.69 103.32 -13.10
CA PHE E 166 -34.34 103.29 -12.54
C PHE E 166 -33.25 103.17 -13.60
N GLN E 167 -33.51 102.62 -14.79
CA GLN E 167 -32.54 102.62 -15.88
C GLN E 167 -32.22 104.03 -16.40
N PHE E 168 -32.97 105.04 -15.97
CA PHE E 168 -32.82 106.43 -16.37
C PHE E 168 -32.38 107.31 -15.18
N LYS E 169 -32.93 107.04 -13.98
CA LYS E 169 -32.52 107.71 -12.75
C LYS E 169 -31.05 107.42 -12.44
N VAL E 170 -30.65 106.16 -12.59
CA VAL E 170 -29.28 105.71 -12.84
C VAL E 170 -29.05 105.74 -14.35
N GLY E 171 -27.86 105.99 -14.84
CA GLY E 171 -27.58 105.93 -16.28
C GLY E 171 -27.41 104.53 -16.87
N LYS E 172 -27.62 104.37 -18.18
CA LYS E 172 -26.96 103.30 -18.94
C LYS E 172 -25.44 103.51 -18.85
N GLU E 173 -24.66 102.43 -18.94
CA GLU E 173 -23.26 102.41 -18.48
C GLU E 173 -23.09 102.59 -16.96
N ASN E 174 -24.17 102.57 -16.16
CA ASN E 174 -24.13 102.31 -14.71
C ASN E 174 -25.06 101.18 -14.31
N PHE E 175 -26.14 100.92 -15.03
CA PHE E 175 -27.08 99.82 -14.80
C PHE E 175 -26.97 98.76 -15.91
N ALA E 176 -27.03 97.48 -15.57
CA ALA E 176 -27.13 96.35 -16.50
C ALA E 176 -28.06 95.25 -15.98
N LEU E 177 -28.62 94.43 -16.86
CA LEU E 177 -29.57 93.37 -16.47
C LEU E 177 -29.16 92.00 -17.01
N ILE E 178 -29.20 90.99 -16.17
CA ILE E 178 -29.06 89.57 -16.49
C ILE E 178 -30.45 88.93 -16.40
N HIS E 179 -30.97 88.34 -17.47
CA HIS E 179 -32.28 87.69 -17.46
C HIS E 179 -32.08 86.19 -17.48
N VAL E 180 -32.66 85.48 -16.54
CA VAL E 180 -32.45 84.04 -16.39
C VAL E 180 -33.66 83.33 -16.99
N SER E 181 -33.49 82.38 -17.91
CA SER E 181 -34.61 81.87 -18.73
C SER E 181 -34.51 80.38 -19.04
N LEU E 182 -35.61 79.76 -19.46
CA LEU E 182 -35.68 78.29 -19.56
C LEU E 182 -35.45 77.83 -21.00
N VAL E 183 -34.59 76.84 -21.18
CA VAL E 183 -34.47 76.08 -22.42
C VAL E 183 -34.92 74.65 -22.09
N PRO E 184 -36.22 74.30 -22.19
CA PRO E 184 -36.64 72.94 -21.92
C PRO E 184 -36.12 72.03 -23.02
N VAL E 185 -35.74 70.82 -22.64
CA VAL E 185 -35.36 69.76 -23.56
C VAL E 185 -36.47 68.73 -23.58
N ILE E 186 -37.14 68.57 -24.73
CA ILE E 186 -38.11 67.49 -24.95
C ILE E 186 -37.83 66.81 -26.27
N HIS E 187 -38.11 65.51 -26.38
CA HIS E 187 -37.71 64.68 -27.53
C HIS E 187 -36.21 64.82 -27.85
N GLY E 188 -35.39 65.05 -26.83
CA GLY E 188 -33.95 65.29 -26.94
C GLY E 188 -33.55 66.58 -27.68
N GLU E 189 -34.45 67.56 -27.87
CA GLU E 189 -34.15 68.86 -28.50
C GLU E 189 -34.35 70.05 -27.56
N GLN E 190 -33.35 70.94 -27.47
CA GLN E 190 -33.40 72.22 -26.76
C GLN E 190 -34.33 73.23 -27.45
N LYS E 191 -35.50 73.53 -26.87
CA LYS E 191 -36.46 74.46 -27.46
C LYS E 191 -36.21 75.88 -26.97
N THR E 192 -36.11 76.86 -27.86
CA THR E 192 -35.83 78.26 -27.50
C THR E 192 -37.07 79.07 -27.15
N LYS E 193 -38.27 78.64 -27.56
CA LYS E 193 -39.47 79.50 -27.52
C LYS E 193 -39.88 80.04 -26.15
N PRO E 194 -39.73 79.37 -25.01
CA PRO E 194 -40.04 79.99 -23.73
C PRO E 194 -39.15 81.19 -23.44
N THR E 195 -37.89 81.19 -23.88
CA THR E 195 -37.03 82.39 -23.82
C THR E 195 -37.50 83.49 -24.76
N GLN E 196 -37.98 83.19 -25.97
CA GLN E 196 -38.55 84.21 -26.86
C GLN E 196 -39.80 84.86 -26.25
N ALA E 197 -40.78 84.08 -25.78
CA ALA E 197 -42.00 84.60 -25.15
C ALA E 197 -41.73 85.37 -23.84
N ALA E 198 -40.77 84.97 -23.01
CA ALA E 198 -40.40 85.70 -21.80
C ALA E 198 -39.55 86.94 -22.07
N ILE E 199 -38.82 87.00 -23.19
CA ILE E 199 -38.09 88.20 -23.60
C ILE E 199 -39.06 89.19 -24.25
N LYS E 200 -40.02 88.72 -25.03
CA LYS E 200 -41.18 89.53 -25.45
C LYS E 200 -41.88 90.16 -24.24
N GLY E 201 -42.18 89.38 -23.20
CA GLY E 201 -42.68 89.91 -21.94
C GLY E 201 -41.75 90.96 -21.33
N LEU E 202 -40.44 90.70 -21.24
CA LEU E 202 -39.48 91.62 -20.65
C LEU E 202 -39.46 92.97 -21.39
N ARG E 203 -39.32 92.98 -22.72
CA ARG E 203 -39.27 94.24 -23.46
C ARG E 203 -40.60 94.98 -23.41
N SER E 204 -41.73 94.30 -23.25
CA SER E 204 -43.03 94.96 -23.08
C SER E 204 -43.02 95.90 -21.89
N LEU E 205 -42.49 95.46 -20.74
CA LEU E 205 -42.36 96.27 -19.51
C LEU E 205 -41.15 97.23 -19.53
N GLY E 206 -40.21 97.03 -20.47
CA GLY E 206 -39.29 98.06 -20.95
C GLY E 206 -37.84 97.88 -20.55
N LEU E 207 -37.55 96.89 -19.72
CA LEU E 207 -36.20 96.45 -19.41
C LEU E 207 -35.61 95.76 -20.65
N VAL E 208 -34.31 95.90 -20.89
CA VAL E 208 -33.59 95.18 -21.96
C VAL E 208 -32.42 94.40 -21.36
N PRO E 209 -32.26 93.11 -21.67
CA PRO E 209 -31.25 92.28 -21.05
C PRO E 209 -29.91 92.50 -21.73
N ASP E 210 -28.89 92.74 -20.94
CA ASP E 210 -27.50 92.80 -21.39
C ASP E 210 -26.86 91.43 -21.43
N MET E 211 -27.43 90.47 -20.72
CA MET E 211 -27.14 89.05 -20.80
C MET E 211 -28.41 88.23 -20.70
N ILE E 212 -28.41 87.05 -21.29
CA ILE E 212 -29.38 86.00 -20.98
C ILE E 212 -28.60 84.86 -20.34
N ALA E 213 -29.17 84.20 -19.34
CA ALA E 213 -28.58 83.04 -18.71
C ALA E 213 -29.55 81.88 -18.65
N CYS E 214 -29.20 80.72 -19.19
CA CYS E 214 -30.20 79.66 -19.35
C CYS E 214 -30.13 78.57 -18.28
N ARG E 215 -31.27 78.28 -17.65
CA ARG E 215 -31.53 76.97 -17.05
C ARG E 215 -31.73 75.99 -18.18
N CYS E 216 -30.89 74.98 -18.26
CA CYS E 216 -31.03 73.91 -19.23
C CYS E 216 -30.53 72.60 -18.63
N SER E 217 -31.13 71.47 -19.04
CA SER E 217 -30.68 70.14 -18.65
C SER E 217 -29.33 69.76 -19.26
N GLU E 218 -28.80 70.54 -20.21
CA GLU E 218 -27.65 70.21 -21.04
C GLU E 218 -26.66 71.38 -21.18
N THR E 219 -25.49 71.14 -21.77
CA THR E 219 -24.77 72.25 -22.38
C THR E 219 -25.59 72.77 -23.56
N LEU E 220 -25.87 74.08 -23.64
CA LEU E 220 -26.56 74.64 -24.80
C LEU E 220 -25.81 74.32 -26.09
N ASP E 221 -26.52 73.81 -27.08
CA ASP E 221 -25.96 73.64 -28.42
C ASP E 221 -25.58 75.00 -29.02
N LYS E 222 -24.52 75.03 -29.82
CA LYS E 222 -24.11 76.17 -30.63
C LYS E 222 -25.28 76.82 -31.38
N PRO E 223 -26.17 76.09 -32.08
CA PRO E 223 -27.38 76.66 -32.66
C PRO E 223 -28.39 77.21 -31.65
N THR E 224 -28.51 76.66 -30.44
CA THR E 224 -29.44 77.21 -29.44
C THR E 224 -29.00 78.59 -28.99
N ILE E 225 -27.72 78.79 -28.74
CA ILE E 225 -27.16 80.12 -28.46
C ILE E 225 -27.44 81.08 -29.62
N ASP E 226 -27.22 80.65 -30.86
CA ASP E 226 -27.50 81.50 -32.02
C ASP E 226 -28.98 81.84 -32.16
N LYS E 227 -29.90 80.89 -31.94
CA LYS E 227 -31.34 81.12 -32.06
C LYS E 227 -31.93 81.88 -30.87
N ILE E 228 -31.29 81.94 -29.71
CA ILE E 228 -31.61 82.94 -28.67
C ILE E 228 -31.05 84.31 -29.05
N ALA E 229 -29.79 84.44 -29.43
CA ALA E 229 -29.20 85.74 -29.77
C ALA E 229 -29.80 86.39 -31.04
N MET E 230 -30.35 85.61 -31.98
CA MET E 230 -31.13 86.11 -33.13
C MET E 230 -32.49 86.68 -32.72
N PHE E 231 -32.91 86.50 -31.47
CA PHE E 231 -34.23 86.90 -30.94
C PHE E 231 -34.17 87.85 -29.75
N CYS E 232 -32.97 88.23 -29.31
CA CYS E 232 -32.73 89.13 -28.19
C CYS E 232 -31.55 90.06 -28.50
N HIS E 233 -31.44 91.18 -27.80
CA HIS E 233 -30.45 92.21 -28.15
C HIS E 233 -29.05 91.97 -27.53
N VAL E 234 -28.61 90.71 -27.50
CA VAL E 234 -27.35 90.24 -26.91
C VAL E 234 -26.47 89.61 -27.99
N GLY E 235 -25.14 89.73 -27.90
CA GLY E 235 -24.26 88.93 -28.74
C GLY E 235 -24.33 87.45 -28.35
N PRO E 236 -23.91 86.51 -29.20
CA PRO E 236 -23.93 85.09 -28.87
C PRO E 236 -23.02 84.72 -27.67
N GLU E 237 -22.02 85.55 -27.36
CA GLU E 237 -21.12 85.41 -26.22
C GLU E 237 -21.73 85.85 -24.87
N GLN E 238 -22.90 86.48 -24.85
CA GLN E 238 -23.67 86.83 -23.65
C GLN E 238 -24.93 85.98 -23.45
N VAL E 239 -25.05 84.84 -24.11
CA VAL E 239 -25.99 83.80 -23.70
C VAL E 239 -25.23 82.82 -22.78
N VAL E 240 -25.18 83.16 -21.50
CA VAL E 240 -24.54 82.40 -20.42
C VAL E 240 -25.33 81.11 -20.15
N ASN E 241 -24.70 80.10 -19.59
CA ASN E 241 -25.32 78.81 -19.31
C ASN E 241 -24.82 78.19 -18.00
N VAL E 242 -25.66 78.17 -16.97
CA VAL E 242 -25.38 77.52 -15.69
C VAL E 242 -25.78 76.05 -15.77
N HIS E 243 -24.95 75.23 -16.41
CA HIS E 243 -25.17 73.78 -16.56
C HIS E 243 -24.78 73.00 -15.30
N ASP E 244 -25.04 71.69 -15.30
CA ASP E 244 -24.59 70.79 -14.24
C ASP E 244 -23.08 70.91 -13.99
N VAL E 245 -22.68 71.07 -12.72
CA VAL E 245 -21.30 71.22 -12.25
C VAL E 245 -21.08 70.41 -10.98
N ASN E 246 -19.83 70.14 -10.63
CA ASN E 246 -19.50 69.22 -9.53
C ASN E 246 -20.11 69.65 -8.20
N SER E 247 -20.13 70.96 -7.96
CA SER E 247 -20.86 71.61 -6.88
C SER E 247 -21.23 73.05 -7.24
N THR E 248 -22.22 73.59 -6.55
CA THR E 248 -22.74 74.95 -6.73
C THR E 248 -21.65 76.02 -6.73
N TYR E 249 -20.64 75.91 -5.88
CA TYR E 249 -19.56 76.88 -5.81
C TYR E 249 -18.63 76.87 -7.04
N HIS E 250 -18.69 75.85 -7.90
CA HIS E 250 -18.02 75.93 -9.20
C HIS E 250 -18.70 76.93 -10.12
N VAL E 251 -19.98 77.23 -9.89
CA VAL E 251 -20.74 78.15 -10.72
C VAL E 251 -20.05 79.51 -10.93
N PRO E 252 -19.55 80.24 -9.92
CA PRO E 252 -18.84 81.49 -10.21
C PRO E 252 -17.64 81.29 -11.14
N LEU E 253 -16.88 80.21 -10.96
CA LEU E 253 -15.78 79.93 -11.89
C LEU E 253 -16.33 79.56 -13.27
N LEU E 254 -17.45 78.82 -13.33
CA LEU E 254 -18.16 78.57 -14.58
C LEU E 254 -18.54 79.89 -15.29
N LEU E 255 -19.11 80.85 -14.58
CA LEU E 255 -19.46 82.17 -15.13
C LEU E 255 -18.22 82.90 -15.61
N LEU E 256 -17.14 82.89 -14.83
CA LEU E 256 -15.85 83.45 -15.21
C LEU E 256 -15.32 82.79 -16.50
N GLU E 257 -15.38 81.47 -16.58
CA GLU E 257 -14.89 80.71 -17.72
C GLU E 257 -15.69 81.01 -18.99
N GLN E 258 -16.99 81.23 -18.85
CA GLN E 258 -17.89 81.70 -19.91
C GLN E 258 -17.73 83.20 -20.23
N LYS E 259 -16.64 83.84 -19.80
CA LYS E 259 -16.31 85.25 -20.04
C LYS E 259 -17.41 86.21 -19.60
N MET E 260 -18.16 85.84 -18.57
CA MET E 260 -19.28 86.65 -18.10
C MET E 260 -18.80 88.01 -17.57
N ILE E 261 -17.75 88.04 -16.76
CA ILE E 261 -17.17 89.28 -16.22
C ILE E 261 -16.40 90.08 -17.24
N ASP E 262 -15.76 89.45 -18.22
CA ASP E 262 -15.02 90.17 -19.25
C ASP E 262 -15.95 91.04 -20.11
N TYR E 263 -17.24 90.73 -20.15
CA TYR E 263 -18.27 91.63 -20.64
C TYR E 263 -18.68 92.66 -19.58
N LEU E 264 -19.07 92.29 -18.35
CA LEU E 264 -19.53 93.26 -17.35
C LEU E 264 -18.50 94.34 -17.04
N HIS E 265 -17.22 94.02 -17.06
CA HIS E 265 -16.13 94.99 -16.98
C HIS E 265 -16.28 96.13 -18.00
N ALA E 266 -16.58 95.82 -19.26
CA ALA E 266 -16.80 96.79 -20.33
C ALA E 266 -18.19 97.41 -20.26
N ARG E 267 -19.24 96.60 -20.06
CA ARG E 267 -20.65 97.01 -20.07
C ARG E 267 -21.02 97.95 -18.92
N LEU E 268 -20.37 97.79 -17.79
CA LEU E 268 -20.50 98.67 -16.65
C LEU E 268 -19.25 99.51 -16.43
N LYS E 269 -18.29 99.45 -17.33
CA LYS E 269 -17.13 100.35 -17.37
C LYS E 269 -16.42 100.37 -16.01
N LEU E 270 -16.08 99.17 -15.56
CA LEU E 270 -15.56 98.89 -14.22
C LEU E 270 -14.07 99.22 -14.10
N ASP E 271 -13.40 99.39 -15.23
CA ASP E 271 -12.12 100.08 -15.35
C ASP E 271 -12.15 101.50 -14.80
N GLU E 272 -13.32 102.15 -14.75
CA GLU E 272 -13.45 103.45 -14.08
C GLU E 272 -13.32 103.35 -12.56
N ILE E 273 -13.44 102.17 -11.96
CA ILE E 273 -13.23 101.97 -10.53
C ILE E 273 -11.72 101.84 -10.24
N SER E 274 -11.08 102.97 -9.97
CA SER E 274 -9.66 103.08 -9.63
C SER E 274 -9.36 102.63 -8.19
N LEU E 275 -9.42 101.31 -7.96
CA LEU E 275 -9.15 100.67 -6.67
C LEU E 275 -7.73 100.97 -6.14
N THR E 276 -7.58 101.03 -4.81
CA THR E 276 -6.21 100.99 -4.25
C THR E 276 -5.55 99.64 -4.51
N GLU E 277 -4.24 99.58 -4.45
CA GLU E 277 -3.50 98.32 -4.59
C GLU E 277 -3.65 97.41 -3.37
N GLU E 278 -4.30 97.86 -2.29
CA GLU E 278 -4.85 96.97 -1.26
C GLU E 278 -6.27 96.46 -1.60
N GLU E 279 -6.94 97.07 -2.57
CA GLU E 279 -8.19 96.59 -3.12
C GLU E 279 -7.91 95.86 -4.41
N GLU E 280 -5.34 94.49 -3.76
CA GLU E 280 -5.06 93.24 -3.08
C GLU E 280 -6.32 92.50 -2.65
N LEU E 281 -7.44 93.17 -2.37
CA LEU E 281 -8.72 92.51 -2.16
C LEU E 281 -9.08 91.64 -3.36
N LEU E 282 -8.81 92.13 -4.56
CA LEU E 282 -8.83 91.37 -5.80
C LEU E 282 -7.99 90.10 -5.67
N SER E 283 -6.74 90.24 -5.27
CA SER E 283 -5.75 89.16 -5.18
C SER E 283 -6.18 88.12 -4.15
N LYS E 284 -6.56 88.58 -2.96
CA LYS E 284 -7.11 87.78 -1.87
C LYS E 284 -8.35 87.05 -2.34
N TRP E 285 -9.26 87.73 -3.04
CA TRP E 285 -10.46 87.06 -3.53
C TRP E 285 -10.14 86.03 -4.61
N LYS E 286 -9.24 86.34 -5.54
CA LYS E 286 -8.76 85.42 -6.58
C LYS E 286 -8.12 84.20 -5.92
N ALA E 287 -7.28 84.42 -4.91
CA ALA E 287 -6.81 83.34 -4.08
C ALA E 287 -8.00 82.55 -3.52
N THR E 288 -8.93 83.16 -2.80
CA THR E 288 -10.07 82.43 -2.23
C THR E 288 -10.98 81.76 -3.26
N THR E 289 -11.05 82.26 -4.48
CA THR E 289 -11.78 81.64 -5.57
C THR E 289 -11.14 80.30 -5.88
N GLY E 290 -9.83 80.32 -6.04
CA GLY E 290 -9.03 79.12 -6.06
C GLY E 290 -9.18 78.31 -4.78
N ASN E 291 -9.10 78.91 -3.59
CA ASN E 291 -9.06 78.17 -2.35
C ASN E 291 -10.40 77.49 -2.04
N PHE E 292 -11.52 78.05 -2.52
CA PHE E 292 -12.75 77.30 -2.66
C PHE E 292 -12.52 76.15 -3.66
N ASP E 293 -12.21 76.49 -4.91
CA ASP E 293 -12.31 75.58 -6.05
C ASP E 293 -11.37 74.38 -6.01
N GLU E 294 -10.19 74.56 -5.41
CA GLU E 294 -9.11 73.58 -5.29
C GLU E 294 -9.49 72.44 -4.34
N THR E 295 -14.94 59.78 1.79
CA THR E 295 -16.25 60.24 2.26
C THR E 295 -16.39 60.31 3.78
N VAL E 296 -17.15 61.29 4.27
CA VAL E 296 -17.71 61.36 5.63
C VAL E 296 -19.23 61.25 5.52
N LYS E 297 -19.86 60.30 6.21
CA LYS E 297 -21.31 60.09 6.18
C LYS E 297 -21.93 60.71 7.42
N ILE E 298 -22.89 61.63 7.33
CA ILE E 298 -23.52 62.28 8.49
C ILE E 298 -25.03 62.06 8.44
N ALA E 299 -25.66 61.56 9.50
CA ALA E 299 -27.11 61.49 9.55
C ALA E 299 -27.63 62.81 10.09
N LEU E 300 -28.43 63.52 9.32
CA LEU E 300 -29.15 64.71 9.77
C LEU E 300 -30.57 64.26 10.09
N VAL E 301 -30.95 64.35 11.37
CA VAL E 301 -32.16 63.76 11.92
C VAL E 301 -33.10 64.85 12.38
N GLY E 302 -34.27 64.98 11.76
CA GLY E 302 -35.20 66.04 12.15
C GLY E 302 -36.60 65.83 11.61
N LYS E 303 -37.51 66.79 11.84
CA LYS E 303 -38.85 66.81 11.26
C LYS E 303 -38.83 67.11 9.75
N TYR E 304 -39.63 66.39 8.97
CA TYR E 304 -39.93 66.71 7.56
C TYR E 304 -38.69 66.99 6.71
N THR E 305 -37.65 66.18 6.89
CA THR E 305 -36.42 66.24 6.08
C THR E 305 -36.64 66.08 4.57
N ASN E 306 -37.81 65.63 4.14
CA ASN E 306 -38.27 65.65 2.75
C ASN E 306 -38.23 67.07 2.15
N LEU E 307 -38.47 68.06 3.01
CA LEU E 307 -38.49 69.48 2.70
C LEU E 307 -37.08 70.06 2.78
N LYS E 308 -36.23 69.67 1.83
CA LYS E 308 -34.78 69.87 1.96
C LYS E 308 -34.31 71.33 2.00
N ASP E 309 -35.02 72.26 1.41
CA ASP E 309 -34.68 73.68 1.55
C ASP E 309 -34.81 74.18 3.00
N SER E 310 -35.65 73.55 3.82
CA SER E 310 -35.85 73.93 5.21
C SER E 310 -34.60 73.75 6.09
N TYR E 311 -33.62 73.01 5.59
CA TYR E 311 -32.36 72.75 6.27
C TYR E 311 -31.16 73.32 5.52
N LEU E 312 -31.39 74.19 4.55
CA LEU E 312 -30.36 74.64 3.62
C LEU E 312 -29.10 75.17 4.31
N SER E 313 -29.22 76.06 5.28
CA SER E 313 -28.05 76.65 5.95
C SER E 313 -27.21 75.57 6.59
N VAL E 314 -27.88 74.57 7.20
CA VAL E 314 -27.23 73.42 7.79
C VAL E 314 -26.42 72.69 6.74
N ILE E 315 -27.02 72.46 5.58
CA ILE E 315 -26.29 71.79 4.50
C ILE E 315 -25.07 72.61 4.10
N LYS E 316 -25.23 73.90 3.87
CA LYS E 316 -24.11 74.72 3.43
C LYS E 316 -23.00 74.77 4.46
N ALA E 317 -23.35 74.87 5.74
CA ALA E 317 -22.37 74.83 6.80
C ALA E 317 -21.54 73.52 6.80
N LEU E 318 -22.20 72.38 6.63
CA LEU E 318 -21.50 71.11 6.48
C LEU E 318 -20.61 71.08 5.24
N GLU E 319 -21.03 71.68 4.12
CA GLU E 319 -20.20 71.77 2.91
C GLU E 319 -18.96 72.61 3.15
N HIS E 320 -19.07 73.79 3.77
CA HIS E 320 -17.92 74.67 4.00
C HIS E 320 -16.84 73.95 4.79
N SER E 321 -17.27 73.31 5.87
CA SER E 321 -16.38 72.56 6.75
C SER E 321 -15.79 71.32 6.06
N SER E 322 -16.56 70.59 5.27
CA SER E 322 -16.07 69.40 4.59
C SER E 322 -14.94 69.70 3.60
N MET E 323 -14.98 70.85 2.95
CA MET E 323 -13.87 71.31 2.10
C MET E 323 -12.57 71.50 2.89
N LYS E 324 -12.64 72.01 4.13
CA LYS E 324 -11.46 72.16 5.00
C LYS E 324 -10.87 70.80 5.38
N CYS E 325 -11.69 69.83 5.75
CA CYS E 325 -11.27 68.44 6.00
C CYS E 325 -10.86 67.63 4.76
N ARG E 326 -10.99 68.24 3.57
CA ARG E 326 -10.73 67.67 2.25
C ARG E 326 -11.51 66.36 1.98
N ARG E 327 -12.65 66.15 2.68
CA ARG E 327 -13.46 64.92 2.63
C ARG E 327 -14.82 65.18 2.03
N LYS E 328 -15.31 64.22 1.26
CA LYS E 328 -16.56 64.30 0.52
C LYS E 328 -17.73 64.14 1.48
N LEU E 329 -18.70 65.04 1.43
CA LEU E 329 -19.84 65.02 2.34
C LEU E 329 -20.98 64.17 1.79
N ASP E 330 -21.52 63.31 2.62
CA ASP E 330 -22.69 62.49 2.29
C ASP E 330 -23.75 62.58 3.39
N ILE E 331 -24.65 63.56 3.29
CA ILE E 331 -25.73 63.71 4.27
C ILE E 331 -26.77 62.62 4.04
N LYS E 332 -27.03 61.79 5.05
CA LYS E 332 -28.21 60.92 5.08
C LYS E 332 -29.37 61.70 5.70
N TRP E 333 -30.47 61.83 4.99
CA TRP E 333 -31.68 62.48 5.46
C TRP E 333 -32.57 61.50 6.18
N VAL E 334 -32.78 61.69 7.49
CA VAL E 334 -33.62 60.85 8.33
C VAL E 334 -34.84 61.64 8.79
N GLU E 335 -36.05 61.16 8.54
CA GLU E 335 -37.21 61.68 9.25
C GLU E 335 -37.16 61.17 10.68
N ALA E 336 -37.10 62.08 11.65
CA ALA E 336 -36.98 61.74 13.05
C ALA E 336 -38.11 60.82 13.53
N THR E 337 -39.35 61.05 13.08
CA THR E 337 -40.47 60.21 13.50
C THR E 337 -40.38 58.76 13.02
N ASP E 338 -39.64 58.46 11.95
CA ASP E 338 -39.45 57.09 11.49
C ASP E 338 -38.52 56.28 12.39
N LEU E 339 -37.80 56.90 13.33
CA LEU E 339 -36.99 56.18 14.32
C LEU E 339 -37.84 55.63 15.46
N GLU E 340 -39.07 56.10 15.65
CA GLU E 340 -39.85 55.81 16.85
C GLU E 340 -40.24 54.32 16.98
N PRO E 341 -40.31 53.76 18.19
CA PRO E 341 -40.81 52.40 18.42
C PRO E 341 -42.24 52.17 17.91
N GLU E 342 -43.06 53.21 17.80
CA GLU E 342 -44.40 53.15 17.20
C GLU E 342 -44.36 53.01 15.67
N ALA E 343 -43.37 53.60 15.01
CA ALA E 343 -43.26 53.54 13.56
C ALA E 343 -43.05 52.09 13.08
N GLN E 344 -42.47 51.23 13.92
CA GLN E 344 -42.19 49.83 13.59
C GLN E 344 -43.44 49.01 13.23
N GLU E 345 -44.58 49.25 13.89
CA GLU E 345 -45.85 48.61 13.48
C GLU E 345 -46.60 49.42 12.41
N SER E 346 -46.45 50.76 12.42
CA SER E 346 -47.21 51.64 11.53
C SER E 346 -46.71 51.62 10.09
N ASN E 347 -45.39 51.71 9.89
CA ASN E 347 -44.75 51.88 8.59
C ASN E 347 -43.35 51.24 8.57
N LYS E 348 -43.28 49.93 8.83
CA LYS E 348 -42.05 49.19 9.16
C LYS E 348 -40.90 49.43 8.16
N THR E 349 -41.19 49.49 6.87
CA THR E 349 -40.16 49.60 5.83
C THR E 349 -39.32 50.86 5.99
N LYS E 350 -39.98 52.01 6.16
CA LYS E 350 -39.28 53.29 6.31
C LYS E 350 -38.53 53.38 7.64
N PHE E 351 -39.06 52.73 8.68
CA PHE E 351 -38.40 52.63 9.98
C PHE E 351 -37.04 51.91 9.88
N HIS E 352 -36.94 50.81 9.10
CA HIS E 352 -35.64 50.17 8.85
C HIS E 352 -34.71 51.07 8.04
N GLU E 353 -35.20 51.79 7.03
CA GLU E 353 -34.36 52.71 6.27
C GLU E 353 -33.78 53.81 7.18
N ALA E 354 -34.61 54.37 8.05
CA ALA E 354 -34.18 55.38 9.01
C ALA E 354 -33.11 54.86 9.96
N TRP E 355 -33.30 53.67 10.54
CA TRP E 355 -32.33 53.10 11.44
C TRP E 355 -31.05 52.64 10.77
N ASN E 356 -31.09 52.16 9.52
CA ASN E 356 -29.86 51.89 8.79
C ASN E 356 -29.03 53.15 8.62
N MET E 357 -29.64 54.29 8.28
CA MET E 357 -28.93 55.55 8.14
C MET E 357 -28.27 55.93 9.47
N VAL E 358 -29.01 55.91 10.58
CA VAL E 358 -28.45 56.23 11.92
C VAL E 358 -27.28 55.32 12.29
N SER E 359 -27.40 54.02 12.01
CA SER E 359 -26.38 53.02 12.28
C SER E 359 -25.14 53.11 11.39
N THR E 360 -25.30 53.60 10.16
CA THR E 360 -24.21 53.75 9.20
C THR E 360 -23.35 54.98 9.48
N ALA E 361 -23.96 56.07 9.92
CA ALA E 361 -23.33 57.38 9.88
C ALA E 361 -22.09 57.51 10.77
N ASP E 362 -21.08 58.23 10.28
CA ASP E 362 -19.88 58.59 11.02
C ASP E 362 -20.11 59.74 11.99
N GLY E 363 -21.21 60.45 11.88
CA GLY E 363 -21.63 61.50 12.80
C GLY E 363 -23.13 61.66 12.81
N ILE E 364 -23.69 62.18 13.90
CA ILE E 364 -25.11 62.49 14.01
C ILE E 364 -25.29 63.99 14.21
N LEU E 365 -26.36 64.53 13.64
CA LEU E 365 -26.67 65.95 13.66
C LEU E 365 -28.16 66.12 13.87
N ILE E 366 -28.54 66.78 14.96
CA ILE E 366 -29.91 67.16 15.23
C ILE E 366 -30.01 68.67 14.94
N PRO E 367 -30.76 69.12 13.93
CA PRO E 367 -30.45 70.37 13.23
C PRO E 367 -31.14 71.64 13.79
N GLY E 368 -31.90 71.54 14.89
CA GLY E 368 -32.73 72.66 15.37
C GLY E 368 -34.09 72.77 14.68
N GLY E 369 -34.84 71.66 14.65
CA GLY E 369 -36.14 71.53 13.99
C GLY E 369 -37.26 72.44 14.54
N PHE E 370 -38.37 72.46 13.81
CA PHE E 370 -39.55 73.28 14.07
C PHE E 370 -40.65 72.43 14.71
N GLY E 371 -41.19 72.89 15.84
CA GLY E 371 -42.25 72.17 16.55
C GLY E 371 -41.84 70.86 17.20
N VAL E 372 -42.80 70.16 17.84
CA VAL E 372 -42.51 69.04 18.75
C VAL E 372 -42.43 67.66 18.08
N ARG E 373 -43.08 67.45 16.93
CA ARG E 373 -43.39 66.12 16.35
C ARG E 373 -42.23 65.13 16.35
N GLY E 374 -41.06 65.52 15.86
CA GLY E 374 -39.91 64.63 15.71
C GLY E 374 -39.20 64.22 17.01
N THR E 375 -39.56 64.84 18.15
CA THR E 375 -38.75 64.78 19.37
C THR E 375 -38.42 63.35 19.80
N GLU E 376 -39.38 62.44 19.80
CA GLU E 376 -39.18 61.09 20.36
C GLU E 376 -38.10 60.31 19.62
N GLY E 377 -38.03 60.42 18.31
CA GLY E 377 -36.94 59.79 17.54
C GLY E 377 -35.61 60.51 17.73
N MET E 378 -35.60 61.83 17.78
CA MET E 378 -34.39 62.62 18.01
C MET E 378 -33.75 62.30 19.36
N VAL E 379 -34.52 61.92 20.37
CA VAL E 379 -33.99 61.40 21.64
C VAL E 379 -33.16 60.14 21.42
N LEU E 380 -33.69 59.15 20.71
CA LEU E 380 -33.03 57.88 20.41
C LEU E 380 -31.79 58.07 19.53
N ALA E 381 -31.78 59.03 18.61
CA ALA E 381 -30.57 59.41 17.89
C ALA E 381 -29.50 60.05 18.78
N ALA E 382 -29.88 60.86 19.78
CA ALA E 382 -28.91 61.41 20.72
C ALA E 382 -28.34 60.34 21.67
N ARG E 383 -29.16 59.38 22.10
CA ARG E 383 -28.79 58.20 22.91
C ARG E 383 -27.81 57.31 22.18
N TRP E 384 -28.06 57.07 20.91
CA TRP E 384 -27.18 56.32 20.03
C TRP E 384 -25.78 56.88 19.95
N ALA E 385 -25.62 58.20 19.93
CA ALA E 385 -24.32 58.86 19.91
C ALA E 385 -23.73 59.15 21.30
N ARG E 386 -24.53 59.19 22.37
CA ARG E 386 -24.00 59.29 23.73
C ARG E 386 -23.30 57.99 24.10
N GLU E 387 -23.96 56.86 23.91
CA GLU E 387 -23.52 55.57 24.43
C GLU E 387 -22.36 55.00 23.61
N ASN E 388 -22.62 54.71 22.34
CA ASN E 388 -21.58 54.42 21.35
C ASN E 388 -20.89 55.74 21.01
N HIS E 389 -19.56 55.83 20.98
CA HIS E 389 -18.83 57.09 20.83
C HIS E 389 -18.88 57.75 19.42
N ILE E 390 -20.06 57.86 18.80
CA ILE E 390 -20.31 58.56 17.54
C ILE E 390 -20.20 60.08 17.74
N PRO E 391 -19.48 60.84 16.91
CA PRO E 391 -19.52 62.30 16.91
C PRO E 391 -20.93 62.87 16.75
N PHE E 392 -21.25 63.95 17.44
CA PHE E 392 -22.59 64.54 17.49
C PHE E 392 -22.53 66.06 17.53
N LEU E 393 -23.50 66.71 16.85
CA LEU E 393 -23.86 68.10 17.09
C LEU E 393 -25.36 68.27 17.25
N GLY E 394 -25.78 68.92 18.33
CA GLY E 394 -27.16 69.36 18.54
C GLY E 394 -27.27 70.87 18.36
N VAL E 395 -28.14 71.33 17.46
CA VAL E 395 -28.36 72.76 17.24
C VAL E 395 -29.73 73.15 17.78
N CYS E 396 -29.82 74.17 18.62
CA CYS E 396 -31.05 74.67 19.25
C CYS E 396 -31.89 73.56 19.90
N LEU E 397 -32.98 73.11 19.26
CA LEU E 397 -33.75 71.93 19.68
C LEU E 397 -32.87 70.68 19.84
N GLY E 398 -31.76 70.59 19.13
CA GLY E 398 -30.75 69.56 19.35
C GLY E 398 -30.06 69.66 20.69
N LEU E 399 -29.74 70.85 21.20
CA LEU E 399 -29.23 71.00 22.58
C LEU E 399 -30.30 70.60 23.59
N GLN E 400 -31.53 71.05 23.34
CA GLN E 400 -32.68 70.68 24.13
C GLN E 400 -32.82 69.16 24.20
N ILE E 401 -32.71 68.47 23.07
CA ILE E 401 -32.81 67.01 23.01
C ILE E 401 -31.56 66.28 23.51
N ALA E 402 -30.36 66.84 23.37
CA ALA E 402 -29.19 66.34 24.06
C ALA E 402 -29.38 66.38 25.59
N THR E 403 -30.02 67.43 26.11
CA THR E 403 -30.27 67.55 27.54
C THR E 403 -31.44 66.69 28.01
N ILE E 404 -32.55 66.64 27.27
CA ILE E 404 -33.63 65.70 27.54
C ILE E 404 -33.10 64.27 27.53
N GLU E 405 -32.26 63.87 26.59
CA GLU E 405 -31.76 62.50 26.56
C GLU E 405 -30.84 62.21 27.73
N PHE E 406 -29.84 63.05 27.98
CA PHE E 406 -28.93 62.86 29.10
C PHE E 406 -29.69 62.83 30.44
N THR E 407 -30.73 63.64 30.60
CA THR E 407 -31.67 63.53 31.73
C THR E 407 -32.36 62.18 31.74
N ARG E 408 -33.02 61.80 30.63
CA ARG E 408 -33.86 60.61 30.46
C ARG E 408 -33.10 59.27 30.55
N SER E 409 -31.76 59.28 30.51
CA SER E 409 -30.96 58.05 30.47
C SER E 409 -29.79 58.01 31.46
N VAL E 410 -29.21 59.15 31.81
CA VAL E 410 -28.09 59.21 32.77
C VAL E 410 -28.61 59.53 34.19
N LEU E 411 -29.60 60.41 34.34
CA LEU E 411 -30.24 60.71 35.63
C LEU E 411 -31.47 59.82 35.94
N GLY E 412 -31.79 58.85 35.10
CA GLY E 412 -33.10 58.18 35.13
C GLY E 412 -34.20 59.10 34.60
N ARG E 413 -35.09 59.61 35.47
CA ARG E 413 -36.08 60.68 35.20
C ARG E 413 -36.86 60.49 33.88
N LYS E 414 -37.37 59.28 33.62
CA LYS E 414 -37.96 58.87 32.33
C LYS E 414 -39.18 59.69 31.88
N ASP E 415 -39.86 60.37 32.80
CA ASP E 415 -40.98 61.27 32.51
C ASP E 415 -40.57 62.65 31.94
N SER E 416 -39.29 63.03 31.97
CA SER E 416 -38.85 64.38 31.58
C SER E 416 -39.05 64.67 30.07
N HIS E 417 -39.35 65.91 29.73
CA HIS E 417 -39.82 66.34 28.42
C HIS E 417 -39.54 67.85 28.23
N SER E 418 -39.65 68.35 27.01
CA SER E 418 -39.64 69.79 26.72
C SER E 418 -40.75 70.54 27.48
N ALA E 419 -40.52 71.82 27.79
CA ALA E 419 -41.54 72.71 28.34
C ALA E 419 -42.79 72.83 27.46
N GLU E 420 -42.70 72.44 26.19
CA GLU E 420 -43.83 72.29 25.29
C GLU E 420 -44.96 71.40 25.85
N PHE E 421 -44.65 70.33 26.59
CA PHE E 421 -45.64 69.51 27.33
C PHE E 421 -45.97 70.17 28.67
N TYR E 422 -46.54 71.38 28.57
CA TYR E 422 -46.77 72.30 29.68
C TYR E 422 -47.44 71.69 30.94
N PRO E 423 -48.56 70.94 30.86
CA PRO E 423 -49.31 70.53 32.05
C PRO E 423 -48.66 69.41 32.89
N ASP E 424 -47.52 68.86 32.50
CA ASP E 424 -46.74 67.97 33.37
C ASP E 424 -46.03 68.72 34.51
N ILE E 425 -45.74 70.01 34.32
CA ILE E 425 -45.15 70.96 35.28
C ILE E 425 -43.82 70.49 35.91
N ASP E 426 -43.85 69.58 36.87
CA ASP E 426 -42.70 69.21 37.71
C ASP E 426 -41.51 68.62 36.93
N GLU E 427 -41.78 67.97 35.79
CA GLU E 427 -40.78 67.26 34.96
C GLU E 427 -40.38 68.00 33.67
N LYS E 428 -40.80 69.25 33.49
CA LYS E 428 -40.37 70.10 32.38
C LYS E 428 -38.86 70.31 32.44
N ASN E 429 -38.15 69.93 31.37
CA ASN E 429 -36.69 70.06 31.25
C ASN E 429 -36.23 71.50 30.93
N HIS E 430 -37.15 72.39 30.58
CA HIS E 430 -36.88 73.74 30.07
C HIS E 430 -37.74 74.81 30.77
N VAL E 431 -37.41 76.08 30.57
CA VAL E 431 -38.15 77.25 31.06
C VAL E 431 -38.31 78.28 29.94
N VAL E 432 -39.44 78.98 29.92
CA VAL E 432 -39.72 80.10 29.02
C VAL E 432 -38.75 81.26 29.28
N VAL E 433 -38.28 81.88 28.21
CA VAL E 433 -37.46 83.09 28.25
C VAL E 433 -37.71 83.95 27.00
N PHE E 434 -38.81 84.70 26.99
CA PHE E 434 -39.24 85.50 25.83
C PHE E 434 -38.42 86.78 25.57
N MET E 435 -37.73 87.32 26.58
CA MET E 435 -37.06 88.64 26.54
C MET E 435 -37.92 89.76 25.93
N MET E 436 -39.23 86.13 21.83
CA MET E 436 -38.16 85.28 21.34
C MET E 436 -36.78 85.98 21.45
N ARG E 437 -35.75 85.25 21.90
CA ARG E 437 -34.35 85.70 21.86
C ARG E 437 -33.87 85.58 20.41
N LEU E 438 -33.36 86.65 19.82
CA LEU E 438 -33.00 86.79 18.41
C LEU E 438 -31.66 87.50 18.22
N GLY E 439 -31.10 87.41 17.02
CA GLY E 439 -29.96 88.20 16.57
C GLY E 439 -28.63 87.85 17.21
N LEU E 440 -27.59 88.59 16.83
CA LEU E 440 -26.24 88.37 17.30
C LEU E 440 -26.13 88.75 18.76
N ARG E 441 -25.91 87.76 19.62
CA ARG E 441 -25.59 87.94 21.05
C ARG E 441 -24.26 87.26 21.38
N PRO E 442 -23.48 87.75 22.37
CA PRO E 442 -22.25 87.08 22.77
C PRO E 442 -22.51 85.74 23.48
N THR E 443 -21.46 84.95 23.68
CA THR E 443 -21.42 83.82 24.61
C THR E 443 -20.00 83.67 25.11
N PHE E 444 -19.87 83.37 26.39
CA PHE E 444 -18.61 83.40 27.13
C PHE E 444 -18.28 82.01 27.66
N PHE E 445 -17.08 81.52 27.43
CA PHE E 445 -16.69 80.23 27.97
C PHE E 445 -16.58 80.28 29.49
N GLN E 446 -16.90 79.16 30.15
CA GLN E 446 -16.72 79.03 31.60
C GLN E 446 -15.23 78.84 31.91
N ASN E 447 -14.66 79.64 32.82
CA ASN E 447 -13.21 79.93 32.83
C ASN E 447 -12.26 78.75 33.14
N GLU E 448 -12.78 77.61 33.61
CA GLU E 448 -12.01 76.40 33.96
C GLU E 448 -11.92 75.39 32.80
N THR E 449 -12.74 75.49 31.75
CA THR E 449 -12.98 74.41 30.78
C THR E 449 -11.89 74.29 29.69
N GLU E 450 -10.63 74.29 30.09
CA GLU E 450 -9.45 74.20 29.21
C GLU E 450 -9.35 72.88 28.45
N TRP E 451 -10.02 71.83 28.93
CA TRP E 451 -10.08 70.51 28.31
C TRP E 451 -10.94 70.46 27.03
N SER E 452 -11.87 71.41 26.87
CA SER E 452 -12.94 71.38 25.87
C SER E 452 -12.44 71.27 24.44
N GLN E 453 -13.03 70.37 23.65
CA GLN E 453 -12.74 70.27 22.22
C GLN E 453 -13.29 71.49 21.47
N ILE E 454 -14.50 71.96 21.80
CA ILE E 454 -15.11 73.08 21.08
C ILE E 454 -14.39 74.40 21.34
N LYS E 455 -14.05 74.73 22.60
CA LYS E 455 -13.35 75.99 22.87
C LYS E 455 -11.91 76.00 22.37
N LYS E 456 -11.34 74.82 22.03
CA LYS E 456 -10.10 74.73 21.27
C LYS E 456 -10.31 75.14 19.81
N LEU E 457 -11.37 74.68 19.14
CA LEU E 457 -11.67 75.07 17.75
C LEU E 457 -11.87 76.59 17.59
N TYR E 458 -12.46 77.26 18.59
CA TYR E 458 -12.56 78.72 18.68
C TYR E 458 -11.24 79.45 19.00
N GLY E 459 -10.10 78.78 18.88
CA GLY E 459 -8.77 79.40 18.94
C GLY E 459 -8.35 79.90 20.32
N ASP E 460 -8.94 79.39 21.39
CA ASP E 460 -8.76 79.87 22.77
C ASP E 460 -9.20 81.33 23.01
N VAL E 461 -10.00 81.91 22.11
CA VAL E 461 -10.60 83.25 22.31
C VAL E 461 -11.60 83.22 23.48
N SER E 462 -11.68 84.31 24.25
CA SER E 462 -12.48 84.41 25.48
C SER E 462 -14.00 84.36 25.28
N GLU E 463 -14.51 84.77 24.13
CA GLU E 463 -15.92 84.79 23.81
C GLU E 463 -16.18 84.65 22.31
N VAL E 464 -17.45 84.37 22.00
CA VAL E 464 -17.99 84.20 20.65
C VAL E 464 -19.28 85.01 20.49
N HIS E 465 -19.71 85.29 19.27
CA HIS E 465 -20.95 86.01 18.99
C HIS E 465 -21.78 85.24 17.97
N GLU E 466 -23.06 84.99 18.25
CA GLU E 466 -23.84 83.98 17.51
C GLU E 466 -25.32 84.35 17.37
N ARG E 467 -26.02 83.73 16.41
CA ARG E 467 -27.44 83.97 16.14
C ARG E 467 -28.37 83.03 16.92
N HIS E 468 -29.47 83.58 17.40
CA HIS E 468 -30.44 82.90 18.27
C HIS E 468 -31.86 83.00 17.69
N ARG E 469 -32.77 82.09 18.07
CA ARG E 469 -34.18 82.09 17.64
C ARG E 469 -35.12 81.40 18.64
N HIS E 470 -34.77 81.39 19.93
CA HIS E 470 -35.37 80.45 20.87
C HIS E 470 -36.30 81.14 21.86
N ARG E 471 -37.35 80.41 22.23
CA ARG E 471 -38.28 80.81 23.32
C ARG E 471 -38.12 79.99 24.61
N TYR E 472 -37.41 78.88 24.59
CA TYR E 472 -37.16 78.02 25.75
C TYR E 472 -35.66 77.96 26.05
N GLU E 473 -35.31 77.77 27.31
CA GLU E 473 -33.96 77.40 27.71
C GLU E 473 -33.98 76.26 28.74
N ILE E 474 -32.88 75.54 28.92
CA ILE E 474 -32.80 74.48 29.93
C ILE E 474 -32.99 75.12 31.30
N ASN E 475 -33.77 74.44 32.15
CA ASN E 475 -34.16 75.01 33.44
C ASN E 475 -32.93 75.16 34.36
N PRO E 476 -32.53 76.38 34.77
CA PRO E 476 -31.30 76.60 35.55
C PRO E 476 -31.22 75.79 36.83
N LYS E 477 -32.37 75.47 37.44
CA LYS E 477 -32.50 74.63 38.63
C LYS E 477 -31.79 73.27 38.47
N MET E 478 -31.84 72.69 37.28
CA MET E 478 -31.25 71.38 36.98
C MET E 478 -29.77 71.43 36.60
N VAL E 479 -29.24 72.58 36.19
CA VAL E 479 -27.95 72.65 35.51
C VAL E 479 -26.78 72.19 36.38
N ASP E 480 -26.83 72.40 37.70
CA ASP E 480 -25.80 71.86 38.59
C ASP E 480 -25.74 70.32 38.55
N GLU E 481 -26.90 69.67 38.47
CA GLU E 481 -27.01 68.20 38.40
C GLU E 481 -26.40 67.67 37.11
N LEU E 482 -26.67 68.33 35.99
CA LEU E 482 -26.10 68.02 34.69
C LEU E 482 -24.59 68.30 34.65
N GLU E 483 -24.11 69.44 35.18
CA GLU E 483 -22.68 69.73 35.28
C GLU E 483 -21.94 68.71 36.15
N ASN E 484 -22.49 68.33 37.29
CA ASN E 484 -21.92 67.33 38.21
C ASN E 484 -21.88 65.91 37.60
N ASN E 485 -22.87 65.55 36.77
CA ASN E 485 -22.89 64.28 36.05
C ASN E 485 -22.05 64.25 34.76
N GLY E 486 -21.57 65.39 34.29
CA GLY E 486 -20.59 65.48 33.20
C GLY E 486 -21.08 66.12 31.91
N LEU E 487 -22.35 66.51 31.81
CA LEU E 487 -22.89 67.28 30.70
C LEU E 487 -22.53 68.76 30.88
N ILE E 488 -21.24 69.09 30.83
CA ILE E 488 -20.72 70.38 31.26
C ILE E 488 -21.14 71.49 30.30
N PHE E 489 -21.83 72.52 30.79
CA PHE E 489 -22.22 73.67 29.98
C PHE E 489 -21.05 74.63 29.77
N VAL E 490 -20.18 74.33 28.80
CA VAL E 490 -18.92 75.04 28.57
C VAL E 490 -19.05 76.50 28.11
N GLY E 491 -20.26 76.96 27.76
CA GLY E 491 -20.52 78.35 27.42
C GLY E 491 -21.87 78.83 27.91
N LYS E 492 -21.90 80.05 28.45
CA LYS E 492 -23.13 80.71 28.91
C LYS E 492 -23.13 82.17 28.47
N ASP E 493 -24.25 82.83 28.70
CA ASP E 493 -24.46 84.23 28.34
C ASP E 493 -23.74 85.20 29.29
N ASP E 494 -23.92 86.50 29.03
CA ASP E 494 -23.43 87.59 29.88
C ASP E 494 -23.83 87.44 31.36
N THR E 495 -25.07 87.05 31.67
CA THR E 495 -25.56 86.89 33.06
C THR E 495 -25.07 85.60 33.73
N GLY E 496 -24.72 84.58 32.95
CA GLY E 496 -24.42 83.24 33.44
C GLY E 496 -25.67 82.41 33.79
N LYS E 497 -26.87 82.93 33.53
CA LYS E 497 -28.13 82.22 33.78
C LYS E 497 -28.55 81.31 32.62
N ARG E 498 -28.09 81.59 31.38
CA ARG E 498 -28.58 80.97 30.14
C ARG E 498 -27.62 79.92 29.59
N CYS E 499 -28.16 78.77 29.20
CA CYS E 499 -27.40 77.64 28.68
C CYS E 499 -27.08 77.81 27.18
N GLU E 500 -25.88 78.25 26.82
CA GLU E 500 -25.55 78.57 25.42
C GLU E 500 -24.83 77.42 24.70
N ILE E 501 -23.95 76.70 25.40
CA ILE E 501 -23.20 75.55 24.88
C ILE E 501 -23.12 74.46 25.93
N LEU E 502 -23.22 73.20 25.52
CA LEU E 502 -22.77 72.05 26.30
C LEU E 502 -21.76 71.20 25.53
N GLU E 503 -20.88 70.56 26.29
CA GLU E 503 -20.00 69.47 25.86
C GLU E 503 -20.05 68.37 26.91
N LEU E 504 -20.26 67.13 26.49
CA LEU E 504 -20.18 66.00 27.40
C LEU E 504 -18.71 65.66 27.67
N LYS E 505 -18.29 65.76 28.92
CA LYS E 505 -16.92 65.47 29.38
C LYS E 505 -16.51 64.05 29.00
N ASN E 506 -15.30 63.89 28.43
CA ASN E 506 -14.70 62.61 28.04
C ASN E 506 -15.57 61.79 27.06
N HIS E 507 -15.96 62.44 25.96
CA HIS E 507 -16.50 61.82 24.73
C HIS E 507 -15.76 62.40 23.51
N PRO E 508 -15.47 61.65 22.43
CA PRO E 508 -14.67 62.16 21.32
C PRO E 508 -15.14 63.45 20.66
N TYR E 509 -16.45 63.66 20.54
CA TYR E 509 -17.06 64.91 20.09
C TYR E 509 -18.58 64.88 20.31
N TYR E 510 -19.07 65.40 21.42
CA TYR E 510 -20.51 65.48 21.67
C TYR E 510 -20.82 66.87 22.18
N ILE E 511 -21.28 67.68 21.23
CA ILE E 511 -21.53 69.10 21.39
C ILE E 511 -23.00 69.38 21.17
N ALA E 512 -23.53 70.37 21.87
CA ALA E 512 -24.69 71.08 21.38
C ALA E 512 -24.60 72.59 21.64
N THR E 513 -25.31 73.36 20.83
CA THR E 513 -25.41 74.82 20.89
C THR E 513 -26.86 75.22 20.94
N GLN E 514 -27.22 76.18 21.79
CA GLN E 514 -28.56 76.73 21.77
C GLN E 514 -28.78 77.61 20.53
N TYR E 515 -27.74 78.35 20.13
CA TYR E 515 -27.69 79.13 18.90
C TYR E 515 -27.63 78.27 17.63
N HIS E 516 -27.77 78.95 16.48
CA HIS E 516 -27.73 78.42 15.12
C HIS E 516 -26.43 78.82 14.38
N PRO E 517 -25.32 78.08 14.58
CA PRO E 517 -24.02 78.42 14.02
C PRO E 517 -23.98 78.43 12.48
N GLU E 518 -24.88 77.72 11.83
CA GLU E 518 -25.05 77.72 10.38
C GLU E 518 -25.46 79.09 9.85
N TYR E 519 -25.91 79.99 10.70
CA TYR E 519 -26.11 81.39 10.33
C TYR E 519 -24.82 82.20 10.28
N THR E 520 -23.65 81.60 10.54
CA THR E 520 -22.37 82.31 10.41
C THR E 520 -21.26 81.46 9.80
N SER E 521 -21.58 80.28 9.26
CA SER E 521 -20.66 79.52 8.42
C SER E 521 -20.35 80.24 7.11
N LYS E 522 -19.08 80.45 6.77
CA LYS E 522 -18.62 81.06 5.52
C LYS E 522 -17.76 80.07 4.73
N VAL E 523 -17.73 80.22 3.40
CA VAL E 523 -17.02 79.27 2.50
C VAL E 523 -15.52 79.17 2.83
N LEU E 524 -14.90 80.29 3.22
CA LEU E 524 -13.49 80.33 3.60
C LEU E 524 -13.26 80.39 5.13
N ASP E 525 -14.32 80.56 5.92
CA ASP E 525 -14.30 80.50 7.39
C ASP E 525 -15.49 79.67 7.91
N PRO E 526 -15.36 78.34 8.00
CA PRO E 526 -16.45 77.46 8.43
C PRO E 526 -16.82 77.68 9.91
N SER E 527 -18.11 77.58 10.25
CA SER E 527 -18.59 77.76 11.63
C SER E 527 -18.10 76.61 12.53
N LYS E 528 -17.37 76.94 13.60
CA LYS E 528 -16.59 75.97 14.38
C LYS E 528 -17.34 74.71 14.85
N PRO E 529 -18.61 74.76 15.33
CA PRO E 529 -19.32 73.57 15.82
C PRO E 529 -19.56 72.50 14.74
N PHE E 530 -19.78 72.95 13.52
CA PHE E 530 -19.87 72.08 12.36
C PHE E 530 -18.50 71.61 11.89
N LEU E 531 -17.45 72.45 11.92
CA LEU E 531 -16.12 71.95 11.59
C LEU E 531 -15.71 70.80 12.50
N GLY E 532 -15.95 70.93 13.80
CA GLY E 532 -15.69 69.84 14.74
C GLY E 532 -16.49 68.58 14.45
N LEU E 533 -17.77 68.67 14.10
CA LEU E 533 -18.59 67.52 13.72
C LEU E 533 -18.01 66.79 12.51
N VAL E 534 -17.64 67.49 11.45
CA VAL E 534 -17.05 66.82 10.28
C VAL E 534 -15.69 66.27 10.64
N ALA E 535 -14.81 67.05 11.26
CA ALA E 535 -13.46 66.61 11.57
C ALA E 535 -13.43 65.38 12.51
N ALA E 536 -14.30 65.30 13.50
CA ALA E 536 -14.40 64.12 14.34
C ALA E 536 -15.04 62.95 13.60
N SER E 537 -16.00 63.17 12.70
CA SER E 537 -16.54 62.11 11.84
C SER E 537 -15.46 61.53 10.92
N ALA E 538 -14.54 62.37 10.45
CA ALA E 538 -13.33 61.98 9.72
C ALA E 538 -12.22 61.38 10.63
N GLY E 539 -12.37 61.44 11.94
CA GLY E 539 -11.38 60.95 12.90
C GLY E 539 -10.09 61.77 12.93
N ILE E 540 -10.16 63.04 12.51
CA ILE E 540 -9.01 63.93 12.32
C ILE E 540 -9.04 65.19 13.19
N LEU E 541 -9.98 65.28 14.13
CA LEU E 541 -10.30 66.47 14.93
C LEU E 541 -9.07 67.09 15.58
N GLN E 542 -8.19 66.29 16.17
CA GLN E 542 -6.95 66.75 16.79
C GLN E 542 -6.12 67.60 15.82
N ASP E 543 -5.95 67.13 14.60
CA ASP E 543 -5.03 67.69 13.62
C ASP E 543 -5.60 68.95 12.96
N VAL E 544 -6.93 69.05 12.87
CA VAL E 544 -7.65 70.27 12.49
C VAL E 544 -7.46 71.35 13.54
N ILE E 545 -7.53 71.00 14.83
CA ILE E 545 -7.28 71.95 15.92
C ILE E 545 -5.81 72.39 15.94
N GLU E 546 -4.90 71.44 15.74
CA GLU E 546 -3.46 71.71 15.67
C GLU E 546 -3.02 72.49 14.41
N GLY E 547 -3.84 72.54 13.37
CA GLY E 547 -3.68 73.43 12.21
C GLY E 547 -3.21 72.77 10.91
N LYS E 548 -3.33 71.45 10.75
CA LYS E 548 -2.93 70.69 9.54
C LYS E 548 -3.81 70.94 8.30
N TYR E 549 -4.77 71.86 8.37
CA TYR E 549 -5.79 72.09 7.33
C TYR E 549 -6.17 73.56 7.10
N ASP E 550 -5.46 74.54 7.67
CA ASP E 550 -5.61 75.93 7.26
C ASP E 550 -5.16 76.16 5.80
N LEU E 551 -5.79 77.09 5.09
CA LEU E 551 -5.70 77.16 3.63
C LEU E 551 -4.45 77.88 3.10
N GLU E 552 -3.71 78.59 3.96
CA GLU E 552 -2.44 79.27 3.67
C GLU E 552 -1.45 79.04 4.83
N ALA E 553 -0.15 78.82 4.56
CA ALA E 553 0.83 78.58 5.62
C ALA E 553 1.01 79.78 6.55
N MET F 1 -73.21 70.40 -36.98
CA MET F 1 -72.12 69.41 -36.78
C MET F 1 -71.34 69.72 -35.49
N LYS F 2 -70.77 68.69 -34.84
CA LYS F 2 -69.94 68.87 -33.65
C LYS F 2 -68.48 69.10 -34.00
N TYR F 3 -67.75 69.81 -33.14
CA TYR F 3 -66.32 70.07 -33.39
C TYR F 3 -65.51 70.07 -32.09
N VAL F 4 -64.25 69.65 -32.12
CA VAL F 4 -63.34 69.67 -30.97
C VAL F 4 -62.01 70.28 -31.37
N VAL F 5 -61.66 71.44 -30.88
CA VAL F 5 -60.30 71.98 -31.05
C VAL F 5 -59.35 71.28 -30.09
N VAL F 6 -58.15 70.97 -30.56
CA VAL F 6 -56.97 70.68 -29.74
C VAL F 6 -55.92 71.72 -30.05
N SER F 7 -55.38 72.39 -29.05
CA SER F 7 -54.48 73.54 -29.24
C SER F 7 -53.49 73.69 -28.09
N GLY F 8 -52.58 74.66 -28.14
CA GLY F 8 -52.05 75.26 -26.90
C GLY F 8 -50.59 75.08 -26.53
N GLY F 9 -50.29 75.50 -25.29
CA GLY F 9 -49.04 75.28 -24.57
C GLY F 9 -48.08 76.49 -24.56
N VAL F 10 -47.05 76.45 -23.71
CA VAL F 10 -45.88 77.36 -23.77
C VAL F 10 -44.75 76.88 -24.68
N ILE F 11 -44.86 75.70 -25.27
CA ILE F 11 -43.82 75.09 -26.13
C ILE F 11 -44.49 74.34 -27.29
N SER F 12 -43.85 74.37 -28.45
CA SER F 12 -44.15 73.41 -29.51
C SER F 12 -43.55 72.03 -29.15
N GLY F 13 -44.19 70.93 -29.54
CA GLY F 13 -43.73 69.57 -29.20
C GLY F 13 -44.31 68.98 -27.91
N ILE F 14 -45.33 69.62 -27.33
CA ILE F 14 -45.94 69.26 -26.05
C ILE F 14 -46.74 67.95 -26.05
N GLY F 15 -47.30 67.51 -27.17
CA GLY F 15 -48.08 66.28 -27.26
C GLY F 15 -49.42 66.31 -28.01
N LYS F 16 -49.76 67.33 -28.75
CA LYS F 16 -51.05 67.56 -29.40
C LYS F 16 -51.61 66.35 -30.13
N GLY F 17 -51.03 65.92 -31.22
CA GLY F 17 -51.49 64.84 -32.06
C GLY F 17 -51.99 63.60 -31.39
N VAL F 18 -51.33 63.09 -30.37
CA VAL F 18 -51.67 61.93 -29.54
C VAL F 18 -52.93 62.24 -28.75
N LEU F 19 -53.11 63.46 -28.31
CA LEU F 19 -54.28 64.00 -27.60
C LEU F 19 -55.39 64.23 -28.60
N ALA F 20 -55.09 64.45 -29.85
CA ALA F 20 -55.97 64.76 -30.96
C ALA F 20 -56.60 63.51 -31.52
N SER F 21 -55.90 62.74 -32.31
CA SER F 21 -56.39 61.53 -32.97
C SER F 21 -56.85 60.61 -31.86
N SER F 22 -56.07 60.45 -30.82
CA SER F 22 -56.56 59.65 -29.66
C SER F 22 -57.93 60.09 -29.11
N THR F 23 -58.29 61.35 -29.06
CA THR F 23 -59.59 61.89 -28.71
C THR F 23 -60.56 61.45 -29.77
N GLY F 24 -60.18 61.49 -31.03
CA GLY F 24 -60.95 61.10 -32.18
C GLY F 24 -61.20 59.65 -32.31
N MET F 25 -60.31 58.78 -31.84
CA MET F 25 -60.52 57.34 -31.77
C MET F 25 -61.68 57.07 -30.81
N LEU F 26 -61.63 57.79 -29.70
CA LEU F 26 -62.63 57.66 -28.68
C LEU F 26 -63.99 58.14 -29.17
N MET F 27 -64.05 59.14 -30.05
CA MET F 27 -65.33 59.55 -30.61
C MET F 27 -65.94 58.38 -31.41
N LYS F 28 -65.11 57.64 -32.14
CA LYS F 28 -65.52 56.41 -32.84
C LYS F 28 -65.98 55.29 -31.93
N THR F 29 -65.45 55.24 -30.71
CA THR F 29 -65.89 54.31 -29.67
C THR F 29 -67.38 54.48 -29.39
N LEU F 30 -67.87 55.71 -29.43
CA LEU F 30 -69.29 56.00 -29.25
C LEU F 30 -70.11 55.60 -30.49
N GLY F 31 -69.46 55.12 -31.56
CA GLY F 31 -70.04 54.72 -32.83
C GLY F 31 -70.08 55.83 -33.88
N LEU F 32 -69.44 56.97 -33.61
CA LEU F 32 -69.59 58.20 -34.40
C LEU F 32 -68.84 58.16 -35.73
N LYS F 33 -69.37 58.87 -36.75
CA LYS F 33 -68.62 59.22 -37.96
C LYS F 33 -67.65 60.33 -37.61
N VAL F 34 -66.37 60.18 -37.90
CA VAL F 34 -65.35 61.12 -37.39
C VAL F 34 -64.38 61.55 -38.48
N THR F 35 -63.89 62.78 -38.37
CA THR F 35 -62.94 63.39 -39.29
C THR F 35 -61.94 64.23 -38.52
N SER F 36 -60.90 64.69 -39.18
CA SER F 36 -59.85 65.49 -38.55
C SER F 36 -59.25 66.50 -39.49
N ILE F 37 -58.91 67.68 -39.03
CA ILE F 37 -58.23 68.71 -39.81
C ILE F 37 -57.00 69.16 -39.05
N LYS F 38 -55.84 69.23 -39.69
CA LYS F 38 -54.67 69.82 -39.06
C LYS F 38 -54.42 71.18 -39.67
N ILE F 39 -54.38 72.16 -38.79
CA ILE F 39 -54.07 73.54 -39.12
C ILE F 39 -52.60 73.73 -38.83
N ASP F 40 -51.84 74.05 -39.87
CA ASP F 40 -50.40 74.26 -39.79
C ASP F 40 -50.00 75.71 -39.92
N PRO F 41 -49.27 76.26 -38.93
CA PRO F 41 -48.87 77.65 -39.05
C PRO F 41 -47.76 77.92 -40.07
N TYR F 42 -47.07 76.91 -40.59
CA TYR F 42 -46.02 77.15 -41.56
C TYR F 42 -46.54 77.64 -42.92
N MET F 43 -45.64 78.20 -43.73
CA MET F 43 -46.00 78.81 -45.01
C MET F 43 -45.82 77.94 -46.25
N ASN F 44 -45.28 76.74 -46.15
CA ASN F 44 -45.34 75.81 -47.27
C ASN F 44 -46.80 75.48 -47.59
N ILE F 45 -47.17 75.48 -48.87
CA ILE F 45 -48.50 75.05 -49.30
C ILE F 45 -48.67 73.53 -49.20
N ASP F 46 -47.59 72.78 -49.41
CA ASP F 46 -47.55 71.32 -49.31
C ASP F 46 -46.13 70.81 -49.01
N ALA F 47 -46.01 69.53 -48.65
CA ALA F 47 -44.71 68.91 -48.38
C ALA F 47 -43.94 68.51 -49.63
N GLY F 48 -44.49 68.72 -50.84
CA GLY F 48 -43.81 68.31 -52.07
C GLY F 48 -42.52 69.10 -52.31
N THR F 49 -42.47 70.35 -51.87
CA THR F 49 -41.24 71.15 -51.87
C THR F 49 -40.30 70.82 -50.70
N MET F 50 -40.81 70.18 -49.66
CA MET F 50 -40.08 69.98 -48.42
C MET F 50 -39.23 68.71 -48.47
N SER F 51 -37.91 68.86 -48.45
CA SER F 51 -36.97 67.74 -48.36
C SER F 51 -37.14 66.99 -47.03
N PRO F 52 -37.18 65.64 -47.00
CA PRO F 52 -37.43 64.88 -45.77
C PRO F 52 -36.44 65.08 -44.62
N LEU F 53 -35.30 65.74 -44.87
CA LEU F 53 -34.31 66.14 -43.87
C LEU F 53 -34.92 66.93 -42.70
N GLU F 54 -35.89 67.78 -42.99
CA GLU F 54 -36.53 68.64 -42.02
C GLU F 54 -38.04 68.66 -42.23
N HIS F 55 -38.79 68.71 -41.13
CA HIS F 55 -40.19 68.32 -41.04
C HIS F 55 -40.47 66.85 -41.42
N GLY F 56 -39.45 66.08 -41.80
CA GLY F 56 -39.55 64.64 -41.96
C GLY F 56 -40.29 64.19 -43.22
N GLU F 57 -40.75 62.96 -43.16
CA GLU F 57 -41.41 62.16 -44.18
C GLU F 57 -42.65 62.83 -44.83
N CYS F 58 -42.65 63.03 -46.16
CA CYS F 58 -43.80 63.56 -46.91
C CYS F 58 -44.94 62.51 -46.97
N PHE F 59 -45.89 62.54 -46.02
CA PHE F 59 -46.97 61.55 -45.99
C PHE F 59 -47.84 61.62 -47.25
N VAL F 60 -48.30 60.49 -47.76
CA VAL F 60 -49.11 60.50 -49.00
C VAL F 60 -50.55 59.94 -48.92
N LEU F 61 -51.42 60.77 -49.43
CA LEU F 61 -52.85 60.52 -49.48
C LEU F 61 -53.24 59.45 -50.49
N ASP F 62 -54.45 58.96 -50.31
CA ASP F 62 -55.26 58.35 -51.36
C ASP F 62 -55.31 59.24 -52.62
N ASP F 63 -55.65 60.53 -52.45
CA ASP F 63 -55.62 61.54 -53.52
C ASP F 63 -54.20 61.96 -53.98
N GLY F 64 -53.14 61.35 -53.46
CA GLY F 64 -51.77 61.50 -53.97
C GLY F 64 -51.07 62.83 -53.70
N GLY F 65 -51.67 63.69 -52.87
CA GLY F 65 -50.98 64.86 -52.32
C GLY F 65 -49.91 64.46 -51.29
N GLU F 66 -48.72 65.07 -51.41
CA GLU F 66 -47.66 65.04 -50.39
C GLU F 66 -47.99 66.01 -49.25
N THR F 67 -48.65 65.46 -48.23
CA THR F 67 -49.15 66.20 -47.03
C THR F 67 -48.12 66.37 -45.95
N ASP F 68 -48.48 67.22 -44.97
CA ASP F 68 -47.95 67.10 -43.62
C ASP F 68 -47.94 65.65 -43.15
N LEU F 69 -46.84 65.26 -42.53
CA LEU F 69 -46.66 63.93 -41.99
C LEU F 69 -47.76 63.55 -41.01
N ASP F 70 -48.11 64.46 -40.10
CA ASP F 70 -48.94 64.13 -38.94
C ASP F 70 -50.36 63.68 -39.31
N LEU F 71 -50.85 64.03 -40.52
CA LEU F 71 -52.12 63.49 -40.99
C LEU F 71 -52.14 61.96 -40.95
N GLY F 72 -51.01 61.32 -41.22
CA GLY F 72 -50.89 59.88 -41.08
C GLY F 72 -51.34 59.42 -39.69
N ASN F 73 -51.05 60.19 -38.64
CA ASN F 73 -51.39 59.85 -37.27
C ASN F 73 -52.90 59.72 -37.15
N TYR F 74 -53.69 60.40 -37.95
CA TYR F 74 -55.15 60.46 -37.97
C TYR F 74 -55.76 59.37 -38.83
N GLU F 75 -55.05 58.96 -39.86
CA GLU F 75 -55.58 57.91 -40.71
C GLU F 75 -55.51 56.60 -39.91
N ARG F 76 -54.41 56.45 -39.15
CA ARG F 76 -54.11 55.33 -38.25
C ARG F 76 -55.14 55.18 -37.12
N TYR F 77 -55.33 56.26 -36.38
CA TYR F 77 -56.08 56.27 -35.12
C TYR F 77 -57.60 56.30 -35.31
N LEU F 78 -58.08 56.73 -36.48
CA LEU F 78 -59.49 56.84 -36.86
C LEU F 78 -59.92 55.78 -37.85
N GLY F 79 -59.05 55.41 -38.79
CA GLY F 79 -59.42 54.54 -39.90
C GLY F 79 -60.23 55.31 -40.94
N VAL F 80 -59.64 56.38 -41.47
CA VAL F 80 -60.31 57.31 -42.41
C VAL F 80 -59.39 57.67 -43.56
N THR F 81 -59.98 57.96 -44.72
CA THR F 81 -59.24 58.51 -45.87
C THR F 81 -59.41 60.01 -45.90
N LEU F 82 -58.36 60.75 -45.58
CA LEU F 82 -58.36 62.21 -45.68
C LEU F 82 -58.06 62.67 -47.11
N THR F 83 -58.02 63.98 -47.33
CA THR F 83 -57.77 64.61 -48.64
C THR F 83 -56.77 65.75 -48.51
N LYS F 84 -56.28 66.29 -49.63
CA LYS F 84 -55.31 67.39 -49.63
C LYS F 84 -55.84 68.66 -48.92
N ASP F 85 -57.16 68.80 -48.83
CA ASP F 85 -57.80 69.93 -48.13
C ASP F 85 -57.82 69.79 -46.61
N HIS F 86 -57.67 68.61 -46.02
CA HIS F 86 -57.65 68.42 -44.56
C HIS F 86 -56.38 68.94 -43.88
N ASN F 87 -55.38 69.35 -44.64
CA ASN F 87 -54.20 70.01 -44.13
C ASN F 87 -54.26 71.49 -44.49
N ILE F 88 -54.90 72.29 -43.66
CA ILE F 88 -54.88 73.74 -43.77
C ILE F 88 -53.47 74.20 -43.44
N THR F 89 -52.89 75.13 -44.20
CA THR F 89 -51.60 75.73 -43.87
C THR F 89 -51.63 77.23 -44.10
N THR F 90 -50.77 77.99 -43.43
CA THR F 90 -50.73 79.44 -43.62
C THR F 90 -50.44 79.82 -45.06
N GLY F 91 -49.57 79.10 -45.75
CA GLY F 91 -49.32 79.35 -47.16
C GLY F 91 -50.50 78.98 -48.06
N LYS F 92 -51.27 77.98 -47.68
CA LYS F 92 -52.44 77.53 -48.45
C LYS F 92 -53.57 78.54 -48.37
N ILE F 93 -53.85 79.08 -47.19
CA ILE F 93 -54.96 80.03 -47.01
C ILE F 93 -54.61 81.43 -47.47
N TYR F 94 -53.40 81.96 -47.28
CA TYR F 94 -53.05 83.21 -47.94
C TYR F 94 -53.13 83.10 -49.46
N SER F 95 -52.73 81.98 -50.07
CA SER F 95 -52.86 81.78 -51.52
C SER F 95 -54.30 81.78 -51.98
N HIS F 96 -55.21 81.15 -51.24
CA HIS F 96 -56.62 81.05 -51.61
C HIS F 96 -57.33 82.40 -51.56
N VAL F 97 -57.12 83.17 -50.50
CA VAL F 97 -57.66 84.55 -50.43
C VAL F 97 -57.00 85.48 -51.45
N ILE F 98 -55.69 85.41 -51.67
CA ILE F 98 -55.02 86.20 -52.71
C ILE F 98 -55.51 85.81 -54.10
N ALA F 99 -55.87 84.55 -54.38
CA ALA F 99 -56.46 84.20 -55.67
C ALA F 99 -57.81 84.90 -55.88
N LYS F 100 -58.69 84.83 -54.88
CA LYS F 100 -59.97 85.54 -54.90
C LYS F 100 -59.81 87.06 -55.00
N GLU F 101 -58.75 87.64 -54.45
CA GLU F 101 -58.44 89.08 -54.60
C GLU F 101 -58.15 89.49 -56.04
N ARG F 102 -57.41 88.70 -56.81
CA ARG F 102 -57.10 89.02 -58.22
C ARG F 102 -58.18 88.61 -59.19
N LYS F 103 -58.96 87.56 -58.88
CA LYS F 103 -60.20 87.24 -59.57
C LYS F 103 -61.27 88.30 -59.33
N GLY F 104 -61.18 89.02 -58.22
CA GLY F 104 -62.09 90.12 -57.86
C GLY F 104 -63.35 89.67 -57.14
N ASP F 105 -63.34 88.51 -56.46
CA ASP F 105 -64.51 87.96 -55.78
C ASP F 105 -64.95 88.78 -54.56
N TYR F 106 -64.11 89.70 -54.10
CA TYR F 106 -64.43 90.68 -53.06
C TYR F 106 -65.13 91.95 -53.58
N LEU F 107 -65.60 91.98 -54.84
CA LEU F 107 -66.41 93.08 -55.39
C LEU F 107 -65.76 94.45 -55.18
N GLY F 108 -64.44 94.51 -55.34
CA GLY F 108 -63.65 95.72 -55.23
C GLY F 108 -63.55 96.32 -53.82
N LYS F 109 -64.05 95.67 -52.77
CA LYS F 109 -63.72 96.05 -51.38
C LYS F 109 -62.22 95.91 -51.15
N THR F 110 -61.63 96.59 -50.17
CA THR F 110 -60.32 96.15 -49.66
C THR F 110 -60.51 94.88 -48.85
N VAL F 111 -59.55 93.96 -48.93
CA VAL F 111 -59.60 92.65 -48.28
C VAL F 111 -58.60 92.63 -47.15
N GLN F 112 -59.03 92.16 -45.99
CA GLN F 112 -58.38 92.40 -44.71
C GLN F 112 -58.14 91.09 -43.98
N ILE F 113 -57.18 91.02 -43.06
CA ILE F 113 -57.00 89.79 -42.30
C ILE F 113 -58.23 89.51 -41.43
N VAL F 114 -58.84 90.54 -40.87
CA VAL F 114 -60.17 90.47 -40.24
C VAL F 114 -61.09 91.48 -40.93
N PRO F 115 -62.27 91.10 -41.41
CA PRO F 115 -62.92 89.81 -41.31
C PRO F 115 -62.66 88.86 -42.48
N HIS F 116 -62.10 89.28 -43.62
CA HIS F 116 -62.11 88.43 -44.82
C HIS F 116 -61.30 87.16 -44.69
N LEU F 117 -60.04 87.21 -44.26
CA LEU F 117 -59.26 85.99 -44.09
C LEU F 117 -59.74 85.12 -42.93
N THR F 118 -60.21 85.70 -41.82
CA THR F 118 -60.77 84.88 -40.74
C THR F 118 -62.11 84.26 -41.12
N ASN F 119 -62.88 84.86 -42.03
CA ASN F 119 -64.01 84.19 -42.66
C ASN F 119 -63.53 83.06 -43.56
N ALA F 120 -62.49 83.23 -44.36
CA ALA F 120 -61.98 82.18 -45.22
C ALA F 120 -61.60 80.91 -44.43
N ILE F 121 -60.90 81.06 -43.31
CA ILE F 121 -60.54 79.94 -42.45
C ILE F 121 -61.79 79.24 -41.90
N GLN F 122 -62.80 79.95 -41.40
CA GLN F 122 -64.05 79.33 -40.95
C GLN F 122 -64.78 78.62 -42.10
N ASP F 123 -64.84 79.26 -43.27
CA ASP F 123 -65.48 78.68 -44.43
C ASP F 123 -64.73 77.45 -44.95
N TRP F 124 -63.41 77.36 -44.76
CA TRP F 124 -62.62 76.16 -45.05
C TRP F 124 -62.89 75.03 -44.04
N ILE F 125 -62.85 75.30 -42.75
CA ILE F 125 -63.12 74.28 -41.73
C ILE F 125 -64.52 73.68 -41.91
N GLU F 126 -65.56 74.49 -42.05
CA GLU F 126 -66.91 73.95 -42.24
C GLU F 126 -67.10 73.34 -43.63
N ARG F 127 -66.32 73.73 -44.65
CA ARG F 127 -66.34 73.06 -45.95
C ARG F 127 -65.81 71.66 -45.79
N VAL F 128 -64.60 71.53 -45.29
CA VAL F 128 -63.88 70.25 -45.20
C VAL F 128 -64.57 69.29 -44.25
N ALA F 129 -65.17 69.76 -43.16
CA ALA F 129 -65.90 68.93 -42.21
C ALA F 129 -67.16 68.26 -42.79
N LYS F 130 -67.64 68.63 -43.98
CA LYS F 130 -68.69 67.92 -44.70
C LYS F 130 -68.22 66.65 -45.40
N ILE F 131 -66.95 66.57 -45.79
CA ILE F 131 -66.43 65.51 -46.67
C ILE F 131 -66.55 64.14 -45.96
N PRO F 132 -67.11 63.09 -46.61
CA PRO F 132 -67.33 61.80 -45.99
C PRO F 132 -66.07 60.91 -46.02
N VAL F 133 -65.18 61.12 -45.05
CA VAL F 133 -63.88 60.41 -44.98
C VAL F 133 -63.98 58.97 -44.45
N ASP F 134 -65.15 58.56 -44.00
CA ASP F 134 -65.41 57.37 -43.18
C ASP F 134 -65.92 56.17 -43.99
N ASP F 135 -66.11 55.02 -43.35
CA ASP F 135 -66.48 53.73 -43.98
C ASP F 135 -67.91 53.67 -44.58
N THR F 136 -68.65 54.76 -44.57
CA THR F 136 -69.85 54.95 -45.38
C THR F 136 -70.00 56.43 -45.73
N GLY F 137 -70.62 56.73 -46.86
CA GLY F 137 -70.60 58.04 -47.50
C GLY F 137 -71.34 59.18 -46.79
N MET F 138 -71.81 59.00 -45.54
CA MET F 138 -72.40 60.09 -44.76
C MET F 138 -71.36 61.10 -44.27
N GLU F 139 -71.78 62.35 -44.15
CA GLU F 139 -70.94 63.39 -43.57
C GLU F 139 -70.57 63.09 -42.10
N PRO F 140 -69.36 63.41 -41.63
CA PRO F 140 -68.95 63.20 -40.25
C PRO F 140 -69.83 63.88 -39.21
N ASP F 141 -69.93 63.26 -38.03
CA ASP F 141 -70.71 63.80 -36.91
C ASP F 141 -69.85 64.76 -36.10
N VAL F 142 -68.55 64.46 -35.96
CA VAL F 142 -67.58 65.25 -35.21
C VAL F 142 -66.31 65.47 -36.02
N CYS F 143 -65.74 66.66 -35.90
CA CYS F 143 -64.44 66.98 -36.50
C CYS F 143 -63.43 67.36 -35.41
N ILE F 144 -62.26 66.73 -35.36
CA ILE F 144 -61.16 67.08 -34.47
C ILE F 144 -60.28 68.08 -35.19
N ILE F 145 -60.15 69.31 -34.70
CA ILE F 145 -59.33 70.36 -35.32
C ILE F 145 -58.06 70.53 -34.51
N GLU F 146 -56.90 70.18 -35.02
CA GLU F 146 -55.65 70.42 -34.30
C GLU F 146 -54.99 71.68 -34.79
N LEU F 147 -54.83 72.65 -33.91
CA LEU F 147 -54.16 73.90 -34.18
C LEU F 147 -52.68 73.75 -33.84
N GLY F 148 -51.81 73.69 -34.85
CA GLY F 148 -50.37 73.66 -34.67
C GLY F 148 -49.78 74.98 -34.16
N GLY F 149 -48.48 74.98 -33.92
CA GLY F 149 -47.76 76.08 -33.27
C GLY F 149 -48.17 76.23 -31.80
N THR F 150 -48.01 77.42 -31.23
CA THR F 150 -48.53 77.76 -29.90
C THR F 150 -49.37 79.02 -29.95
N VAL F 151 -50.43 79.07 -29.13
CA VAL F 151 -51.24 80.28 -29.00
C VAL F 151 -50.36 81.43 -28.49
N GLY F 152 -50.40 82.59 -29.14
CA GLY F 152 -49.50 83.71 -28.88
C GLY F 152 -48.27 83.79 -29.79
N ASP F 153 -48.20 82.90 -30.77
CA ASP F 153 -47.17 82.98 -31.84
C ASP F 153 -47.70 84.06 -32.81
N ILE F 154 -46.83 84.80 -33.52
CA ILE F 154 -47.28 85.80 -34.56
C ILE F 154 -47.63 85.02 -35.82
N GLU F 155 -47.45 83.73 -35.87
CA GLU F 155 -47.68 82.77 -36.94
C GLU F 155 -49.04 82.14 -36.81
N SER F 156 -49.56 81.99 -35.62
CA SER F 156 -50.79 81.33 -35.22
C SER F 156 -51.91 82.30 -34.95
N ALA F 157 -51.65 83.61 -35.01
CA ALA F 157 -52.64 84.65 -34.62
C ALA F 157 -53.86 84.65 -35.56
N PRO F 158 -53.76 84.48 -36.90
CA PRO F 158 -54.93 84.41 -37.77
C PRO F 158 -55.90 83.28 -37.45
N PHE F 159 -55.40 82.13 -37.02
CA PHE F 159 -56.21 80.96 -36.73
C PHE F 159 -56.94 81.02 -35.39
N VAL F 160 -56.35 81.57 -34.34
CA VAL F 160 -57.08 81.79 -33.08
C VAL F 160 -58.15 82.88 -33.21
N GLU F 161 -57.97 83.87 -34.07
CA GLU F 161 -59.08 84.74 -34.47
C GLU F 161 -60.18 83.96 -35.19
N ALA F 162 -59.83 83.18 -36.21
CA ALA F 162 -60.83 82.47 -36.98
C ALA F 162 -61.59 81.46 -36.12
N LEU F 163 -60.91 80.71 -35.26
CA LEU F 163 -61.53 79.79 -34.33
C LEU F 163 -62.39 80.53 -33.30
N ARG F 164 -62.00 81.71 -32.77
CA ARG F 164 -62.88 82.46 -31.85
C ARG F 164 -64.21 82.77 -32.51
N GLN F 165 -64.17 83.36 -33.70
CA GLN F 165 -65.38 83.68 -34.46
C GLN F 165 -66.18 82.39 -34.75
N PHE F 166 -65.48 81.29 -34.98
CA PHE F 166 -66.10 79.98 -35.19
C PHE F 166 -66.84 79.46 -33.96
N GLN F 167 -66.50 79.85 -32.74
CA GLN F 167 -67.27 79.51 -31.54
C GLN F 167 -68.69 80.09 -31.55
N PHE F 168 -68.99 81.01 -32.48
CA PHE F 168 -70.28 81.67 -32.62
C PHE F 168 -70.97 81.27 -33.95
N LYS F 169 -70.20 81.13 -35.03
CA LYS F 169 -70.71 80.64 -36.32
C LYS F 169 -71.24 79.20 -36.16
N VAL F 170 -70.48 78.37 -35.47
CA VAL F 170 -70.94 77.15 -34.78
C VAL F 170 -71.41 77.57 -33.39
N GLY F 171 -72.40 76.91 -32.80
CA GLY F 171 -72.80 77.21 -31.42
C GLY F 171 -71.89 76.65 -30.32
N LYS F 172 -71.92 77.25 -29.12
CA LYS F 172 -71.60 76.52 -27.90
C LYS F 172 -72.60 75.36 -27.74
N GLU F 173 -72.20 74.27 -27.08
CA GLU F 173 -72.86 72.95 -27.20
C GLU F 173 -72.79 72.33 -28.60
N ASN F 174 -72.00 72.88 -29.53
CA ASN F 174 -71.52 72.19 -30.72
C ASN F 174 -69.99 72.25 -30.85
N PHE F 175 -69.33 73.27 -30.33
CA PHE F 175 -67.88 73.42 -30.32
C PHE F 175 -67.32 73.27 -28.90
N ALA F 176 -66.18 72.59 -28.72
CA ALA F 176 -65.42 72.50 -27.47
C ALA F 176 -63.91 72.54 -27.71
N LEU F 177 -63.11 72.96 -26.72
CA LEU F 177 -61.66 73.07 -26.86
C LEU F 177 -60.91 72.33 -25.77
N ILE F 178 -59.90 71.57 -26.16
CA ILE F 178 -58.91 70.93 -25.30
C ILE F 178 -57.60 71.71 -25.42
N HIS F 179 -57.06 72.26 -24.34
CA HIS F 179 -55.80 73.01 -24.37
C HIS F 179 -54.71 72.17 -23.74
N VAL F 180 -53.61 71.94 -24.43
CA VAL F 180 -52.55 71.06 -23.97
C VAL F 180 -51.43 71.92 -23.41
N SER F 181 -50.97 71.70 -22.19
CA SER F 181 -50.11 72.67 -21.49
C SER F 181 -49.03 72.02 -20.62
N LEU F 182 -48.00 72.77 -20.23
CA LEU F 182 -46.81 72.21 -19.60
C LEU F 182 -46.87 72.35 -18.08
N VAL F 183 -46.60 71.26 -17.36
CA VAL F 183 -46.31 71.30 -15.93
C VAL F 183 -44.85 70.88 -15.77
N PRO F 184 -43.86 71.79 -15.83
CA PRO F 184 -42.48 71.40 -15.63
C PRO F 184 -42.27 70.98 -14.18
N VAL F 185 -41.44 69.97 -13.98
CA VAL F 185 -40.99 69.54 -12.67
C VAL F 185 -39.55 69.96 -12.50
N ILE F 186 -39.29 70.84 -11.54
CA ILE F 186 -37.93 71.21 -11.13
C ILE F 186 -37.81 71.19 -9.61
N HIS F 187 -36.63 70.85 -9.09
CA HIS F 187 -36.44 70.59 -7.66
C HIS F 187 -37.46 69.57 -7.11
N GLY F 188 -37.89 68.62 -7.94
CA GLY F 188 -38.92 67.64 -7.62
C GLY F 188 -40.33 68.18 -7.38
N GLU F 189 -40.64 69.43 -7.76
CA GLU F 189 -41.99 70.03 -7.63
C GLU F 189 -42.63 70.38 -8.97
N GLN F 190 -43.88 69.96 -9.18
CA GLN F 190 -44.73 70.32 -10.31
C GLN F 190 -45.16 71.80 -10.28
N LYS F 191 -44.63 72.64 -11.16
CA LYS F 191 -44.96 74.07 -11.19
C LYS F 191 -46.14 74.34 -12.12
N THR F 192 -47.16 75.04 -11.67
CA THR F 192 -48.37 75.33 -12.48
C THR F 192 -48.24 76.56 -13.36
N LYS F 193 -47.32 77.48 -13.08
CA LYS F 193 -47.32 78.81 -13.68
C LYS F 193 -47.24 78.88 -15.21
N PRO F 194 -46.54 78.01 -15.95
CA PRO F 194 -46.60 78.06 -17.40
C PRO F 194 -48.01 77.80 -17.94
N THR F 195 -48.79 76.95 -17.28
CA THR F 195 -50.23 76.78 -17.60
C THR F 195 -51.04 78.04 -17.29
N GLN F 196 -50.78 78.74 -16.18
CA GLN F 196 -51.47 80.01 -15.89
C GLN F 196 -51.16 81.08 -16.95
N ALA F 197 -49.89 81.32 -17.27
CA ALA F 197 -49.49 82.30 -18.29
C ALA F 197 -49.98 81.95 -19.71
N ALA F 198 -50.02 80.67 -20.10
CA ALA F 198 -50.56 80.25 -21.40
C ALA F 198 -52.09 80.24 -21.45
N ILE F 199 -52.78 80.11 -20.32
CA ILE F 199 -54.24 80.25 -20.25
C ILE F 199 -54.63 81.72 -20.25
N LYS F 200 -53.87 82.58 -19.57
CA LYS F 200 -53.96 84.03 -19.74
C LYS F 200 -53.81 84.42 -21.21
N GLY F 201 -52.81 83.91 -21.90
CA GLY F 201 -52.69 84.07 -23.36
C GLY F 201 -53.92 83.58 -24.11
N LEU F 202 -54.41 82.38 -23.82
CA LEU F 202 -55.58 81.82 -24.50
C LEU F 202 -56.82 82.69 -24.34
N ARG F 203 -57.19 83.09 -23.13
CA ARG F 203 -58.39 83.92 -22.92
C ARG F 203 -58.22 85.32 -23.53
N SER F 204 -57.01 85.84 -23.66
CA SER F 204 -56.77 87.12 -24.33
C SER F 204 -57.28 87.09 -25.77
N LEU F 205 -56.99 86.02 -26.52
CA LEU F 205 -57.45 85.82 -27.90
C LEU F 205 -58.90 85.30 -28.00
N GLY F 206 -59.46 84.82 -26.89
CA GLY F 206 -60.90 84.74 -26.65
C GLY F 206 -61.49 83.33 -26.64
N LEU F 207 -60.69 82.33 -26.96
CA LEU F 207 -61.02 80.93 -26.78
C LEU F 207 -61.07 80.61 -25.28
N VAL F 208 -61.95 79.72 -24.84
CA VAL F 208 -62.00 79.23 -23.46
C VAL F 208 -61.92 77.71 -23.45
N PRO F 209 -61.03 77.10 -22.65
CA PRO F 209 -60.81 75.67 -22.67
C PRO F 209 -61.88 74.96 -21.86
N ASP F 210 -62.47 73.94 -22.46
CA ASP F 210 -63.40 73.04 -21.79
C ASP F 210 -62.67 71.91 -21.09
N MET F 211 -61.43 71.64 -21.49
CA MET F 211 -60.47 70.80 -20.80
C MET F 211 -59.08 71.40 -20.86
N ILE F 212 -58.27 71.07 -19.87
CA ILE F 212 -56.82 71.25 -19.95
C ILE F 212 -56.21 69.86 -19.93
N ALA F 213 -55.15 69.63 -20.70
CA ALA F 213 -54.42 68.37 -20.70
C ALA F 213 -52.93 68.60 -20.51
N CYS F 214 -52.31 67.99 -19.51
CA CYS F 214 -50.94 68.35 -19.17
C CYS F 214 -49.87 67.39 -19.71
N ARG F 215 -48.87 67.92 -20.39
CA ARG F 215 -47.56 67.30 -20.49
C ARG F 215 -46.89 67.45 -19.14
N CYS F 216 -46.57 66.34 -18.51
CA CYS F 216 -45.84 66.33 -17.25
C CYS F 216 -44.94 65.09 -17.19
N SER F 217 -43.80 65.21 -16.51
CA SER F 217 -42.90 64.09 -16.26
C SER F 217 -43.47 63.05 -15.29
N GLU F 218 -44.59 63.35 -14.62
CA GLU F 218 -45.15 62.60 -13.50
C GLU F 218 -46.66 62.39 -13.62
N THR F 219 -47.25 61.58 -12.75
CA THR F 219 -48.69 61.74 -12.47
C THR F 219 -48.89 63.09 -11.78
N LEU F 220 -49.79 63.96 -12.27
CA LEU F 220 -50.11 65.20 -11.59
C LEU F 220 -50.53 64.94 -10.15
N ASP F 221 -49.94 65.65 -9.20
CA ASP F 221 -50.40 65.65 -7.83
C ASP F 221 -51.82 66.19 -7.72
N LYS F 222 -52.61 65.66 -6.79
CA LYS F 222 -53.92 66.17 -6.42
C LYS F 222 -53.94 67.70 -6.22
N PRO F 223 -53.00 68.33 -5.50
CA PRO F 223 -52.90 69.80 -5.45
C PRO F 223 -52.56 70.47 -6.78
N THR F 224 -51.81 69.86 -7.69
CA THR F 224 -51.51 70.46 -8.99
C THR F 224 -52.77 70.58 -9.84
N ILE F 225 -53.61 69.55 -9.87
CA ILE F 225 -54.92 69.60 -10.51
C ILE F 225 -55.77 70.71 -9.90
N ASP F 226 -55.81 70.82 -8.57
CA ASP F 226 -56.59 71.88 -7.90
C ASP F 226 -56.05 73.27 -8.20
N LYS F 227 -54.73 73.48 -8.24
CA LYS F 227 -54.13 74.79 -8.53
C LYS F 227 -54.15 75.17 -10.01
N ILE F 228 -54.32 74.23 -10.94
CA ILE F 228 -54.72 74.55 -12.33
C ILE F 228 -56.22 74.88 -12.39
N ALA F 229 -57.11 74.07 -11.84
CA ALA F 229 -58.55 74.33 -11.90
C ALA F 229 -59.00 75.60 -11.13
N MET F 230 -58.26 76.03 -10.10
CA MET F 230 -58.47 77.34 -9.42
C MET F 230 -58.08 78.53 -10.29
N PHE F 231 -57.44 78.31 -11.44
CA PHE F 231 -56.89 79.35 -12.34
C PHE F 231 -57.44 79.28 -13.77
N CYS F 232 -58.33 78.34 -14.05
CA CYS F 232 -58.96 78.12 -15.35
C CYS F 232 -60.43 77.73 -15.19
N HIS F 233 -61.24 77.88 -16.21
CA HIS F 233 -62.70 77.70 -16.10
C HIS F 233 -63.15 76.24 -16.27
N VAL F 234 -62.38 75.29 -15.72
CA VAL F 234 -62.59 73.83 -15.80
C VAL F 234 -62.81 73.25 -14.42
N GLY F 235 -63.63 72.20 -14.27
CA GLY F 235 -63.66 71.45 -13.02
C GLY F 235 -62.35 70.67 -12.81
N PRO F 236 -62.02 70.23 -11.60
CA PRO F 236 -60.79 69.47 -11.38
C PRO F 236 -60.77 68.11 -12.11
N GLU F 237 -61.91 67.58 -12.50
CA GLU F 237 -62.07 66.35 -13.29
C GLU F 237 -61.80 66.53 -14.80
N GLN F 238 -61.64 67.76 -15.29
CA GLN F 238 -61.25 68.07 -16.68
C GLN F 238 -59.82 68.61 -16.80
N VAL F 239 -58.98 68.44 -15.79
CA VAL F 239 -57.53 68.54 -15.96
C VAL F 239 -56.97 67.15 -16.25
N VAL F 240 -57.00 66.77 -17.52
CA VAL F 240 -56.52 65.50 -18.07
C VAL F 240 -55.00 65.44 -17.99
N ASN F 241 -54.42 64.24 -17.97
CA ASN F 241 -52.98 64.04 -17.87
C ASN F 241 -52.49 62.86 -18.70
N VAL F 242 -51.79 63.13 -19.80
CA VAL F 242 -51.15 62.11 -20.65
C VAL F 242 -49.77 61.78 -20.09
N HIS F 243 -49.71 60.99 -19.03
CA HIS F 243 -48.46 60.56 -18.39
C HIS F 243 -47.79 59.40 -19.14
N ASP F 244 -46.60 59.01 -18.71
CA ASP F 244 -45.91 57.83 -19.22
C ASP F 244 -46.80 56.58 -19.17
N VAL F 245 -46.88 55.86 -20.29
CA VAL F 245 -47.68 54.63 -20.48
C VAL F 245 -46.89 53.59 -21.26
N ASN F 246 -47.30 52.33 -21.22
CA ASN F 246 -46.52 51.23 -21.78
C ASN F 246 -46.24 51.41 -23.28
N SER F 247 -47.23 51.94 -24.00
CA SER F 247 -47.11 52.42 -25.38
C SER F 247 -48.12 53.51 -25.67
N THR F 248 -47.86 54.29 -26.71
CA THR F 248 -48.70 55.40 -27.18
C THR F 248 -50.17 55.02 -27.35
N TYR F 249 -50.46 53.83 -27.86
CA TYR F 249 -51.84 53.38 -28.08
C TYR F 249 -52.61 53.11 -26.77
N HIS F 250 -51.95 53.01 -25.62
CA HIS F 250 -52.65 53.01 -24.34
C HIS F 250 -53.26 54.36 -24.05
N VAL F 251 -52.74 55.44 -24.62
CA VAL F 251 -53.23 56.81 -24.39
C VAL F 251 -54.74 56.95 -24.58
N PRO F 252 -55.40 56.50 -25.66
CA PRO F 252 -56.85 56.61 -25.73
C PRO F 252 -57.55 55.92 -24.57
N LEU F 253 -57.09 54.74 -24.15
CA LEU F 253 -57.67 54.09 -22.99
C LEU F 253 -57.35 54.88 -21.72
N LEU F 254 -56.15 55.46 -21.61
CA LEU F 254 -55.83 56.40 -20.54
C LEU F 254 -56.81 57.57 -20.49
N LEU F 255 -57.11 58.21 -21.61
CA LEU F 255 -58.08 59.30 -21.69
C LEU F 255 -59.47 58.83 -21.28
N LEU F 256 -59.90 57.66 -21.75
CA LEU F 256 -61.15 57.04 -21.35
C LEU F 256 -61.19 56.80 -19.83
N GLU F 257 -60.11 56.26 -19.26
CA GLU F 257 -60.01 55.95 -17.84
C GLU F 257 -60.08 57.22 -16.97
N GLN F 258 -59.49 58.31 -17.46
CA GLN F 258 -59.59 59.65 -16.87
C GLN F 258 -60.95 60.34 -17.13
N LYS F 259 -61.98 59.58 -17.53
CA LYS F 259 -63.35 60.07 -17.78
C LYS F 259 -63.41 61.23 -18.78
N MET F 260 -62.48 61.27 -19.72
CA MET F 260 -62.39 62.36 -20.69
C MET F 260 -63.64 62.40 -21.58
N ILE F 261 -64.08 61.26 -22.09
CA ILE F 261 -65.29 61.17 -22.95
C ILE F 261 -66.58 61.31 -22.17
N ASP F 262 -66.64 60.86 -20.92
CA ASP F 262 -67.85 61.01 -20.11
C ASP F 262 -68.20 62.48 -19.86
N TYR F 263 -67.23 63.39 -19.98
CA TYR F 263 -67.48 64.81 -20.10
C TYR F 263 -67.86 65.22 -21.53
N LEU F 264 -67.08 64.89 -22.56
CA LEU F 264 -67.39 65.33 -23.94
C LEU F 264 -68.77 64.88 -24.41
N HIS F 265 -69.24 63.71 -24.01
CA HIS F 265 -70.60 63.26 -24.22
C HIS F 265 -71.65 64.29 -23.76
N ALA F 266 -71.49 64.86 -22.57
CA ALA F 266 -72.37 65.90 -22.04
C ALA F 266 -72.07 67.28 -22.63
N ARG F 267 -70.79 67.66 -22.72
CA ARG F 267 -70.34 68.99 -23.16
C ARG F 267 -70.64 69.27 -24.63
N LEU F 268 -70.64 68.24 -25.45
CA LEU F 268 -71.03 68.33 -26.84
C LEU F 268 -72.36 67.64 -27.10
N LYS F 269 -73.04 67.17 -26.05
CA LYS F 269 -74.42 66.68 -26.13
C LYS F 269 -74.55 65.59 -27.21
N LEU F 270 -73.68 64.60 -27.09
CA LEU F 270 -73.47 63.55 -28.07
C LEU F 270 -74.54 62.46 -28.01
N ASP F 271 -75.29 62.43 -26.91
CA ASP F 271 -76.58 61.76 -26.80
C ASP F 271 -77.60 62.24 -27.84
N GLU F 272 -77.45 63.46 -28.38
CA GLU F 272 -78.27 63.91 -29.51
C GLU F 272 -77.95 63.17 -30.82
N ILE F 273 -76.80 62.50 -30.92
CA ILE F 273 -76.47 61.69 -32.09
C ILE F 273 -77.15 60.31 -31.99
N SER F 274 -78.36 60.22 -32.54
CA SER F 274 -79.18 59.00 -32.58
C SER F 274 -78.68 58.00 -33.64
N LEU F 275 -77.54 57.36 -33.36
CA LEU F 275 -76.91 56.35 -34.22
C LEU F 275 -77.83 55.16 -34.52
N THR F 276 -77.69 54.55 -35.70
CA THR F 276 -78.30 53.23 -35.92
C THR F 276 -77.64 52.17 -35.02
N GLU F 277 -78.32 51.07 -34.78
CA GLU F 277 -77.76 49.95 -34.02
C GLU F 277 -76.68 49.18 -34.79
N GLU F 278 -76.46 49.49 -36.08
CA GLU F 278 -75.22 49.14 -36.78
C GLU F 278 -74.09 50.17 -36.58
N GLU F 279 -74.40 51.35 -36.07
CA GLU F 279 -73.44 52.34 -35.65
C GLU F 279 -73.27 52.28 -34.15
N GLU F 280 -73.48 49.34 -33.68
CA GLU F 280 -72.50 48.27 -33.77
C GLU F 280 -71.11 48.78 -34.13
N LEU F 281 -70.96 49.87 -34.87
CA LEU F 281 -69.66 50.52 -35.07
C LEU F 281 -69.02 50.87 -33.74
N LEU F 282 -69.82 51.34 -32.78
CA LEU F 282 -69.46 51.48 -31.38
C LEU F 282 -68.89 50.17 -30.84
N SER F 283 -69.62 49.07 -31.00
CA SER F 283 -69.28 47.76 -30.46
C SER F 283 -68.00 47.22 -31.09
N LYS F 284 -67.90 47.29 -32.40
CA LYS F 284 -66.73 46.95 -33.19
C LYS F 284 -65.54 47.78 -32.75
N TRP F 285 -65.72 49.09 -32.56
CA TRP F 285 -64.63 49.92 -32.12
C TRP F 285 -64.19 49.61 -30.68
N LYS F 286 -65.15 49.38 -29.79
CA LYS F 286 -64.89 48.97 -28.40
C LYS F 286 -64.13 47.65 -28.38
N ALA F 287 -64.56 46.69 -29.20
CA ALA F 287 -63.80 45.48 -29.44
C ALA F 287 -62.39 45.87 -29.89
N THR F 288 -62.20 46.63 -30.97
CA THR F 288 -60.85 46.99 -31.44
C THR F 288 -60.02 47.79 -30.45
N THR F 289 -60.65 48.55 -29.56
CA THR F 289 -59.97 49.26 -28.49
C THR F 289 -59.32 48.25 -27.57
N GLY F 290 -60.10 47.26 -27.16
CA GLY F 290 -59.59 46.08 -26.51
C GLY F 290 -58.58 45.35 -27.39
N ASN F 291 -58.87 45.10 -28.66
CA ASN F 291 -58.02 44.25 -29.49
C ASN F 291 -56.67 44.90 -29.80
N PHE F 292 -56.59 46.22 -29.82
CA PHE F 292 -55.33 46.92 -29.66
C PHE F 292 -54.74 46.59 -28.26
N ASP F 293 -55.45 46.98 -27.21
CA ASP F 293 -54.91 47.08 -25.86
C ASP F 293 -54.47 45.75 -25.24
N GLU F 294 -55.15 44.66 -25.60
CA GLU F 294 -54.95 43.30 -25.12
C GLU F 294 -53.62 42.71 -25.61
N THR F 295 -39.14 38.90 -27.42
CA THR F 295 -38.67 39.98 -28.30
C THR F 295 -38.33 39.55 -29.72
N VAL F 296 -38.59 40.42 -30.70
CA VAL F 296 -38.05 40.39 -32.06
C VAL F 296 -37.13 41.59 -32.24
N LYS F 297 -35.87 41.40 -32.63
CA LYS F 297 -34.89 42.48 -32.82
C LYS F 297 -34.79 42.78 -34.31
N ILE F 298 -35.00 44.01 -34.77
CA ILE F 298 -34.92 44.38 -36.20
C ILE F 298 -33.91 45.50 -36.38
N ALA F 299 -32.93 45.37 -37.28
CA ALA F 299 -32.06 46.49 -37.60
C ALA F 299 -32.70 47.30 -38.71
N LEU F 300 -32.99 48.57 -38.45
CA LEU F 300 -33.43 49.52 -39.46
C LEU F 300 -32.21 50.33 -39.88
N VAL F 301 -31.81 50.19 -41.13
CA VAL F 301 -30.54 50.67 -41.65
C VAL F 301 -30.78 51.76 -42.68
N GLY F 302 -30.37 52.98 -42.42
CA GLY F 302 -30.60 54.07 -43.37
C GLY F 302 -29.78 55.30 -43.10
N LYS F 303 -29.98 56.38 -43.86
CA LYS F 303 -29.36 57.70 -43.61
C LYS F 303 -29.94 58.39 -42.38
N TYR F 304 -29.07 59.00 -41.57
CA TYR F 304 -29.46 59.92 -40.49
C TYR F 304 -30.56 59.37 -39.57
N THR F 305 -30.46 58.09 -39.20
CA THR F 305 -31.38 57.46 -38.24
C THR F 305 -31.43 58.14 -36.86
N ASN F 306 -30.49 59.03 -36.55
CA ASN F 306 -30.56 59.93 -35.41
C ASN F 306 -31.84 60.78 -35.39
N LEU F 307 -32.32 61.11 -36.59
CA LEU F 307 -33.50 61.90 -36.86
C LEU F 307 -34.75 61.01 -36.87
N LYS F 308 -35.10 60.51 -35.69
CA LYS F 308 -36.05 59.38 -35.58
C LYS F 308 -37.49 59.67 -36.07
N ASP F 309 -37.94 60.90 -36.03
CA ASP F 309 -39.24 61.22 -36.64
C ASP F 309 -39.27 61.00 -38.17
N SER F 310 -38.12 61.07 -38.83
CA SER F 310 -38.02 60.88 -40.28
C SER F 310 -38.39 59.46 -40.73
N TYR F 311 -38.45 58.52 -39.79
CA TYR F 311 -38.83 57.13 -40.06
C TYR F 311 -40.10 56.72 -39.33
N LEU F 312 -40.88 57.68 -38.84
CA LEU F 312 -42.01 57.42 -37.97
C LEU F 312 -43.00 56.39 -38.52
N SER F 313 -43.43 56.53 -39.77
CA SER F 313 -44.42 55.61 -40.34
C SER F 313 -43.88 54.18 -40.34
N VAL F 314 -42.60 54.03 -40.65
CA VAL F 314 -41.90 52.75 -40.61
C VAL F 314 -42.00 52.17 -39.22
N ILE F 315 -41.72 52.99 -38.19
CA ILE F 315 -41.82 52.51 -36.81
C ILE F 315 -43.24 52.06 -36.51
N LYS F 316 -44.24 52.86 -36.84
CA LYS F 316 -45.62 52.52 -36.51
C LYS F 316 -46.05 51.25 -37.23
N ALA F 317 -45.68 51.10 -38.50
CA ALA F 317 -45.97 49.88 -39.24
C ALA F 317 -45.40 48.62 -38.57
N LEU F 318 -44.14 48.68 -38.10
CA LEU F 318 -43.54 47.59 -37.34
C LEU F 318 -44.28 47.34 -36.02
N GLU F 319 -44.77 48.38 -35.34
CA GLU F 319 -45.55 48.22 -34.11
C GLU F 319 -46.88 47.52 -34.38
N HIS F 320 -47.62 47.92 -35.42
CA HIS F 320 -48.94 47.31 -35.72
C HIS F 320 -48.80 45.81 -35.94
N SER F 321 -47.82 45.45 -36.75
CA SER F 321 -47.52 44.07 -37.08
C SER F 321 -47.01 43.28 -35.87
N SER F 322 -46.16 43.86 -35.04
CA SER F 322 -45.62 43.17 -33.85
C SER F 322 -46.70 42.78 -32.85
N MET F 323 -47.75 43.60 -32.71
CA MET F 323 -48.90 43.25 -31.88
C MET F 323 -49.63 42.00 -32.40
N LYS F 324 -49.73 41.81 -33.72
CA LYS F 324 -50.33 40.60 -34.32
C LYS F 324 -49.50 39.35 -34.02
N CYS F 325 -48.18 39.43 -34.15
CA CYS F 325 -47.24 38.35 -33.77
C CYS F 325 -47.09 38.13 -32.25
N ARG F 326 -47.75 38.96 -31.44
CA ARG F 326 -47.72 38.99 -29.97
C ARG F 326 -46.30 39.12 -29.40
N ARG F 327 -45.35 39.67 -30.18
CA ARG F 327 -43.91 39.76 -29.84
C ARG F 327 -43.48 41.20 -29.67
N LYS F 328 -42.59 41.44 -28.72
CA LYS F 328 -42.12 42.77 -28.35
C LYS F 328 -41.12 43.27 -29.39
N LEU F 329 -41.31 44.47 -29.89
CA LEU F 329 -40.47 45.04 -30.95
C LEU F 329 -39.27 45.77 -30.37
N ASP F 330 -38.09 45.49 -30.90
CA ASP F 330 -36.85 46.17 -30.53
C ASP F 330 -36.10 46.64 -31.77
N ILE F 331 -36.40 47.85 -32.25
CA ILE F 331 -35.71 48.41 -33.41
C ILE F 331 -34.31 48.83 -33.00
N LYS F 332 -33.28 48.27 -33.65
CA LYS F 332 -31.92 48.81 -33.60
C LYS F 332 -31.77 49.86 -34.69
N TRP F 333 -31.40 51.07 -34.32
CA TRP F 333 -31.15 52.16 -35.26
C TRP F 333 -29.70 52.14 -35.71
N VAL F 334 -29.47 51.91 -37.00
CA VAL F 334 -28.15 51.88 -37.62
C VAL F 334 -27.99 53.03 -38.59
N GLU F 335 -26.98 53.87 -38.43
CA GLU F 335 -26.60 54.77 -39.51
C GLU F 335 -25.92 53.96 -40.60
N ALA F 336 -26.48 53.96 -41.80
CA ALA F 336 -25.98 53.17 -42.92
C ALA F 336 -24.52 53.47 -43.23
N THR F 337 -24.09 54.73 -43.17
CA THR F 337 -22.71 55.09 -43.46
C THR F 337 -21.70 54.53 -42.46
N ASP F 338 -22.10 54.21 -41.22
CA ASP F 338 -21.20 53.59 -40.25
C ASP F 338 -20.88 52.13 -40.56
N LEU F 339 -21.59 51.48 -41.48
CA LEU F 339 -21.26 50.13 -41.93
C LEU F 339 -20.10 50.12 -42.93
N GLU F 340 -19.76 51.25 -43.53
CA GLU F 340 -18.82 51.29 -44.66
C GLU F 340 -17.39 50.86 -44.30
N PRO F 341 -16.65 50.19 -45.19
CA PRO F 341 -15.23 49.89 -44.99
C PRO F 341 -14.34 51.11 -44.73
N GLU F 342 -14.74 52.29 -45.19
CA GLU F 342 -14.07 53.57 -44.92
C GLU F 342 -14.30 54.06 -43.47
N ALA F 343 -15.48 53.78 -42.90
CA ALA F 343 -15.78 54.22 -41.55
C ALA F 343 -14.85 53.57 -40.52
N GLN F 344 -14.30 52.39 -40.81
CA GLN F 344 -13.41 51.65 -39.92
C GLN F 344 -12.13 52.41 -39.56
N GLU F 345 -11.54 53.18 -40.47
CA GLU F 345 -10.41 54.06 -40.13
C GLU F 345 -10.85 55.44 -39.64
N SER F 346 -12.00 55.92 -40.12
CA SER F 346 -12.47 57.29 -39.82
C SER F 346 -13.04 57.43 -38.41
N ASN F 347 -13.89 56.49 -37.99
CA ASN F 347 -14.66 56.55 -36.75
C ASN F 347 -14.94 55.14 -36.19
N LYS F 348 -13.88 54.39 -35.92
CA LYS F 348 -13.91 52.94 -35.67
C LYS F 348 -14.95 52.51 -34.63
N THR F 349 -15.10 53.25 -33.55
CA THR F 349 -15.99 52.87 -32.43
C THR F 349 -17.44 52.72 -32.89
N LYS F 350 -17.96 53.71 -33.61
CA LYS F 350 -19.35 53.68 -34.10
C LYS F 350 -19.55 52.63 -35.18
N PHE F 351 -18.53 52.35 -35.98
CA PHE F 351 -18.53 51.27 -36.96
C PHE F 351 -18.74 49.89 -36.31
N HIS F 352 -18.09 49.59 -35.17
CA HIS F 352 -18.36 48.36 -34.44
C HIS F 352 -19.76 48.33 -33.85
N GLU F 353 -20.27 49.45 -33.32
CA GLU F 353 -21.65 49.49 -32.81
C GLU F 353 -22.66 49.19 -33.92
N ALA F 354 -22.47 49.78 -35.10
CA ALA F 354 -23.31 49.54 -36.25
C ALA F 354 -23.29 48.07 -36.69
N TRP F 355 -22.11 47.47 -36.80
CA TRP F 355 -22.01 46.07 -37.20
C TRP F 355 -22.50 45.10 -36.14
N ASN F 356 -22.35 45.38 -34.84
CA ASN F 356 -22.98 44.55 -33.83
C ASN F 356 -24.50 44.53 -33.99
N MET F 357 -25.13 45.67 -34.23
CA MET F 357 -26.58 45.74 -34.44
C MET F 357 -26.97 44.88 -35.65
N VAL F 358 -26.30 45.03 -36.79
CA VAL F 358 -26.59 44.23 -38.00
C VAL F 358 -26.45 42.74 -37.74
N SER F 359 -25.40 42.34 -37.03
CA SER F 359 -25.11 40.95 -36.67
C SER F 359 -26.06 40.35 -35.65
N THR F 360 -26.63 41.16 -34.77
CA THR F 360 -27.56 40.72 -33.72
C THR F 360 -28.95 40.49 -34.26
N ALA F 361 -29.41 41.32 -35.21
CA ALA F 361 -30.81 41.44 -35.54
C ALA F 361 -31.44 40.16 -36.14
N ASP F 362 -32.67 39.87 -35.77
CA ASP F 362 -33.48 38.80 -36.32
C ASP F 362 -34.07 39.13 -37.67
N GLY F 363 -34.04 40.40 -38.08
CA GLY F 363 -34.47 40.86 -39.39
C GLY F 363 -33.73 42.13 -39.78
N ILE F 364 -33.62 42.41 -41.07
CA ILE F 364 -33.04 43.64 -41.59
C ILE F 364 -34.10 44.40 -42.38
N LEU F 365 -34.06 45.73 -42.30
CA LEU F 365 -35.01 46.62 -42.91
C LEU F 365 -34.27 47.81 -43.48
N ILE F 366 -34.36 48.00 -44.79
CA ILE F 366 -33.83 49.20 -45.46
C ILE F 366 -35.05 50.07 -45.81
N PRO F 367 -35.20 51.26 -45.22
CA PRO F 367 -36.51 51.86 -45.00
C PRO F 367 -37.03 52.77 -46.14
N GLY F 368 -36.30 52.92 -47.25
CA GLY F 368 -36.63 53.92 -48.28
C GLY F 368 -36.09 55.32 -47.98
N GLY F 369 -34.79 55.42 -47.70
CA GLY F 369 -34.10 56.66 -47.32
C GLY F 369 -34.09 57.77 -48.39
N PHE F 370 -33.63 58.94 -47.98
CA PHE F 370 -33.57 60.16 -48.77
C PHE F 370 -32.13 60.42 -49.25
N GLY F 371 -31.96 60.62 -50.55
CA GLY F 371 -30.65 60.87 -51.16
C GLY F 371 -29.68 59.69 -51.14
N VAL F 372 -28.46 59.90 -51.65
CA VAL F 372 -27.53 58.80 -51.98
C VAL F 372 -26.61 58.35 -50.84
N ARG F 373 -26.32 59.21 -49.86
CA ARG F 373 -25.20 59.07 -48.90
C ARG F 373 -25.06 57.69 -48.27
N GLY F 374 -26.14 57.12 -47.73
CA GLY F 374 -26.10 55.83 -47.02
C GLY F 374 -25.90 54.59 -47.89
N THR F 375 -25.94 54.72 -49.21
CA THR F 375 -26.09 53.58 -50.13
C THR F 375 -25.04 52.50 -49.90
N GLU F 376 -23.77 52.84 -49.75
CA GLU F 376 -22.69 51.86 -49.70
C GLU F 376 -22.83 50.90 -48.52
N GLY F 377 -23.23 51.39 -47.35
CA GLY F 377 -23.50 50.54 -46.21
C GLY F 377 -24.78 49.72 -46.36
N MET F 378 -25.83 50.31 -46.92
CA MET F 378 -27.09 49.61 -47.16
C MET F 378 -26.93 48.43 -48.13
N VAL F 379 -25.97 48.49 -49.06
CA VAL F 379 -25.59 47.34 -49.89
C VAL F 379 -25.08 46.18 -49.04
N LEU F 380 -24.15 46.43 -48.12
CA LEU F 380 -23.57 45.42 -47.24
C LEU F 380 -24.60 44.84 -46.26
N ALA F 381 -25.57 45.63 -45.80
CA ALA F 381 -26.70 45.12 -45.04
C ALA F 381 -27.62 44.21 -45.87
N ALA F 382 -27.84 44.51 -47.14
CA ALA F 382 -28.62 43.63 -48.02
C ALA F 382 -27.91 42.31 -48.33
N ARG F 383 -26.58 42.36 -48.53
CA ARG F 383 -25.67 41.22 -48.73
C ARG F 383 -25.67 40.30 -47.53
N TRP F 384 -25.60 40.88 -46.34
CA TRP F 384 -25.66 40.16 -45.09
C TRP F 384 -26.93 39.31 -44.93
N ALA F 385 -28.08 39.82 -45.38
CA ALA F 385 -29.34 39.09 -45.35
C ALA F 385 -29.61 38.22 -46.59
N ARG F 386 -28.96 38.46 -47.73
CA ARG F 386 -29.06 37.57 -48.89
C ARG F 386 -28.35 36.27 -48.58
N GLU F 387 -27.10 36.36 -48.11
CA GLU F 387 -26.21 35.20 -47.99
C GLU F 387 -26.58 34.33 -46.80
N ASN F 388 -26.46 34.88 -45.60
CA ASN F 388 -27.01 34.30 -44.38
C ASN F 388 -28.53 34.48 -44.43
N HIS F 389 -29.36 33.47 -44.17
CA HIS F 389 -30.81 33.52 -44.36
C HIS F 389 -31.61 34.40 -43.35
N ILE F 390 -31.16 35.63 -43.08
CA ILE F 390 -31.85 36.64 -42.26
C ILE F 390 -33.08 37.17 -43.00
N PRO F 391 -34.27 37.26 -42.39
CA PRO F 391 -35.41 37.96 -42.96
C PRO F 391 -35.12 39.42 -43.32
N PHE F 392 -35.66 39.91 -44.42
CA PHE F 392 -35.37 41.24 -44.97
C PHE F 392 -36.60 41.89 -45.58
N LEU F 393 -36.73 43.21 -45.41
CA LEU F 393 -37.60 44.05 -46.24
C LEU F 393 -36.84 45.28 -46.76
N GLY F 394 -36.91 45.50 -48.07
CA GLY F 394 -36.44 46.72 -48.72
C GLY F 394 -37.63 47.58 -49.15
N VAL F 395 -37.70 48.83 -48.70
CA VAL F 395 -38.77 49.75 -49.11
C VAL F 395 -38.19 50.82 -50.02
N CYS F 396 -38.79 51.05 -51.19
CA CYS F 396 -38.36 52.01 -52.20
C CYS F 396 -36.86 51.93 -52.52
N LEU F 397 -36.02 52.85 -52.01
CA LEU F 397 -34.56 52.75 -52.09
C LEU F 397 -34.02 51.41 -51.58
N GLY F 398 -34.73 50.75 -50.67
CA GLY F 398 -34.41 49.39 -50.27
C GLY F 398 -34.61 48.36 -51.37
N LEU F 399 -35.64 48.47 -52.22
CA LEU F 399 -35.75 47.60 -53.41
C LEU F 399 -34.61 47.89 -54.39
N GLN F 400 -34.33 49.17 -54.59
CA GLN F 400 -33.23 49.63 -55.41
C GLN F 400 -31.91 49.01 -54.92
N ILE F 401 -31.66 49.03 -53.61
CA ILE F 401 -30.45 48.46 -53.02
C ILE F 401 -30.47 46.94 -52.94
N ALA F 402 -31.62 46.29 -52.77
CA ALA F 402 -31.73 44.85 -52.96
C ALA F 402 -31.33 44.44 -54.38
N THR F 403 -31.70 45.24 -55.39
CA THR F 403 -31.37 44.95 -56.78
C THR F 403 -29.92 45.31 -57.11
N ILE F 404 -29.41 46.46 -56.65
CA ILE F 404 -27.99 46.79 -56.77
C ILE F 404 -27.15 45.71 -56.11
N GLU F 405 -27.50 45.21 -54.93
CA GLU F 405 -26.68 44.19 -54.27
C GLU F 405 -26.72 42.87 -55.02
N PHE F 406 -27.91 42.36 -55.36
CA PHE F 406 -28.03 41.12 -56.11
C PHE F 406 -27.29 41.21 -57.46
N THR F 407 -27.32 42.35 -58.13
CA THR F 407 -26.49 42.62 -59.31
C THR F 407 -25.00 42.55 -58.94
N ARG F 408 -24.57 43.32 -57.93
CA ARG F 408 -23.17 43.50 -57.50
C ARG F 408 -22.50 42.24 -56.91
N SER F 409 -23.26 41.20 -56.60
CA SER F 409 -22.75 40.00 -55.93
C SER F 409 -23.17 38.67 -56.57
N VAL F 410 -24.33 38.59 -57.19
CA VAL F 410 -24.81 37.37 -57.85
C VAL F 410 -24.47 37.38 -59.35
N LEU F 411 -24.59 38.53 -60.03
CA LEU F 411 -24.20 38.69 -61.43
C LEU F 411 -22.73 39.14 -61.64
N GLY F 412 -21.95 39.28 -60.57
CA GLY F 412 -20.68 40.01 -60.62
C GLY F 412 -20.91 41.52 -60.72
N ARG F 413 -20.63 42.12 -61.89
CA ARG F 413 -20.99 43.52 -62.25
C ARG F 413 -20.67 44.56 -61.16
N LYS F 414 -19.48 44.50 -60.58
CA LYS F 414 -19.09 45.28 -59.38
C LYS F 414 -19.15 46.81 -59.53
N ASP F 415 -19.13 47.31 -60.77
CA ASP F 415 -19.28 48.75 -61.09
C ASP F 415 -20.73 49.27 -61.01
N SER F 416 -21.76 48.40 -60.92
CA SER F 416 -23.16 48.83 -60.99
C SER F 416 -23.60 49.68 -59.79
N HIS F 417 -24.50 50.63 -60.02
CA HIS F 417 -24.86 51.71 -59.09
C HIS F 417 -26.24 52.25 -59.44
N SER F 418 -26.84 53.04 -58.56
CA SER F 418 -28.07 53.80 -58.85
C SER F 418 -27.89 54.74 -60.05
N ALA F 419 -28.98 55.04 -60.78
CA ALA F 419 -28.99 56.05 -61.83
C ALA F 419 -28.58 57.45 -61.33
N GLU F 420 -28.59 57.68 -60.02
CA GLU F 420 -28.02 58.86 -59.39
C GLU F 420 -26.56 59.14 -59.79
N PHE F 421 -25.71 58.12 -59.99
CA PHE F 421 -24.36 58.25 -60.53
C PHE F 421 -24.42 58.31 -62.08
N TYR F 422 -25.07 59.36 -62.56
CA TYR F 422 -25.46 59.54 -63.96
C TYR F 422 -24.33 59.32 -65.00
N PRO F 423 -23.12 59.89 -64.87
CA PRO F 423 -22.11 59.86 -65.94
C PRO F 423 -21.41 58.51 -66.15
N ASP F 424 -21.69 57.48 -65.33
CA ASP F 424 -21.23 56.11 -65.61
C ASP F 424 -22.00 55.46 -66.79
N ILE F 425 -23.23 55.91 -67.05
CA ILE F 425 -24.12 55.49 -68.16
C ILE F 425 -24.36 53.97 -68.25
N ASP F 426 -23.41 53.21 -68.78
CA ASP F 426 -23.58 51.79 -69.16
C ASP F 426 -23.94 50.88 -67.98
N GLU F 427 -23.51 51.22 -66.76
CA GLU F 427 -23.67 50.41 -65.55
C GLU F 427 -24.76 50.92 -64.57
N LYS F 428 -25.57 51.90 -64.98
CA LYS F 428 -26.72 52.38 -64.21
C LYS F 428 -27.73 51.25 -64.03
N ASN F 429 -28.04 50.91 -62.78
CA ASN F 429 -28.98 49.85 -62.41
C ASN F 429 -30.47 50.25 -62.58
N HIS F 430 -30.74 51.54 -62.80
CA HIS F 430 -32.07 52.15 -62.80
C HIS F 430 -32.31 53.06 -64.02
N VAL F 431 -33.55 53.45 -64.26
CA VAL F 431 -33.96 54.40 -65.29
C VAL F 431 -34.95 55.43 -64.72
N VAL F 432 -34.86 56.66 -65.19
CA VAL F 432 -35.80 57.74 -64.88
C VAL F 432 -37.22 57.40 -65.35
N VAL F 433 -38.21 57.73 -64.52
CA VAL F 433 -39.63 57.61 -64.85
C VAL F 433 -40.43 58.69 -64.10
N PHE F 434 -40.42 59.91 -64.61
CA PHE F 434 -41.06 61.07 -63.95
C PHE F 434 -42.60 61.10 -64.04
N MET F 435 -43.22 60.42 -65.01
CA MET F 435 -44.65 60.51 -65.34
C MET F 435 -45.19 61.94 -65.41
N MET F 436 -42.42 62.88 -60.61
CA MET F 436 -42.44 61.81 -59.62
C MET F 436 -43.74 60.98 -59.68
N ARG F 437 -43.63 59.66 -59.60
CA ARG F 437 -44.80 58.77 -59.44
C ARG F 437 -45.27 58.87 -57.99
N LEU F 438 -46.54 59.19 -57.77
CA LEU F 438 -47.15 59.50 -56.47
C LEU F 438 -48.52 58.82 -56.30
N GLY F 439 -49.00 58.79 -55.06
CA GLY F 439 -50.38 58.42 -54.72
C GLY F 439 -50.71 56.94 -54.89
N LEU F 440 -51.96 56.60 -54.62
CA LEU F 440 -52.45 55.23 -54.67
C LEU F 440 -52.51 54.76 -56.12
N ARG F 441 -51.65 53.81 -56.45
CA ARG F 441 -51.68 53.09 -57.75
C ARG F 441 -51.80 51.58 -57.51
N PRO F 442 -52.42 50.80 -58.41
CA PRO F 442 -52.50 49.35 -58.27
C PRO F 442 -51.13 48.68 -58.45
N THR F 443 -51.04 47.40 -58.11
CA THR F 443 -49.96 46.48 -58.51
C THR F 443 -50.54 45.09 -58.61
N PHE F 444 -50.10 44.35 -59.61
CA PHE F 444 -50.68 43.09 -60.03
C PHE F 444 -49.63 41.98 -59.91
N PHE F 445 -49.97 40.87 -59.27
CA PHE F 445 -49.04 39.75 -59.17
C PHE F 445 -48.81 39.11 -60.54
N GLN F 446 -47.61 38.60 -60.78
CA GLN F 446 -47.30 37.84 -61.99
C GLN F 446 -47.92 36.44 -61.90
N ASN F 447 -48.70 36.01 -62.89
CA ASN F 447 -49.73 34.98 -62.71
C ASN F 447 -49.26 33.55 -62.34
N GLU F 448 -47.95 33.26 -62.43
CA GLU F 448 -47.34 31.96 -62.12
C GLU F 448 -46.83 31.86 -60.68
N THR F 449 -46.67 32.97 -59.95
CA THR F 449 -45.87 33.03 -58.70
C THR F 449 -46.61 32.51 -57.46
N GLU F 450 -47.24 31.35 -57.55
CA GLU F 450 -48.01 30.70 -56.48
C GLU F 450 -47.16 30.30 -55.27
N TRP F 451 -45.86 30.18 -55.44
CA TRP F 451 -44.89 29.86 -54.39
C TRP F 451 -44.64 31.00 -53.40
N SER F 452 -44.91 32.24 -53.80
CA SER F 452 -44.51 33.47 -53.12
C SER F 452 -44.99 33.56 -51.68
N GLN F 453 -44.11 33.92 -50.75
CA GLN F 453 -44.49 34.19 -49.37
C GLN F 453 -45.32 35.48 -49.28
N ILE F 454 -44.94 36.54 -50.00
CA ILE F 454 -45.65 37.81 -49.91
C ILE F 454 -47.06 37.74 -50.50
N LYS F 455 -47.24 37.16 -51.69
CA LYS F 455 -48.59 37.06 -52.26
C LYS F 455 -49.51 36.10 -51.51
N LYS F 456 -48.96 35.24 -50.65
CA LYS F 456 -49.75 34.50 -49.66
C LYS F 456 -50.25 35.41 -48.55
N LEU F 457 -49.43 36.30 -47.99
CA LEU F 457 -49.87 37.25 -46.95
C LEU F 457 -51.01 38.18 -47.43
N TYR F 458 -51.00 38.58 -48.71
CA TYR F 458 -52.10 39.29 -49.37
C TYR F 458 -53.36 38.45 -49.66
N GLY F 459 -53.48 37.27 -49.07
CA GLY F 459 -54.71 36.47 -49.07
C GLY F 459 -55.07 35.84 -50.41
N ASP F 460 -54.10 35.68 -51.32
CA ASP F 460 -54.29 35.23 -52.70
C ASP F 460 -55.18 36.15 -53.56
N VAL F 461 -55.38 37.40 -53.15
CA VAL F 461 -56.06 38.43 -53.96
C VAL F 461 -55.23 38.76 -55.21
N SER F 462 -55.89 39.04 -56.33
CA SER F 462 -55.27 39.26 -57.65
C SER F 462 -54.42 40.53 -57.77
N GLU F 463 -54.71 41.56 -57.00
CA GLU F 463 -53.99 42.83 -57.01
C GLU F 463 -54.05 43.55 -55.66
N VAL F 464 -53.19 44.56 -55.54
CA VAL F 464 -53.03 45.43 -54.37
C VAL F 464 -52.99 46.89 -54.81
N HIS F 465 -53.23 47.83 -53.90
CA HIS F 465 -53.16 49.26 -54.19
C HIS F 465 -52.29 49.96 -53.14
N GLU F 466 -51.33 50.77 -53.56
CA GLU F 466 -50.23 51.20 -52.69
C GLU F 466 -49.73 52.61 -53.00
N ARG F 467 -49.04 53.25 -52.05
CA ARG F 467 -48.48 54.61 -52.19
C ARG F 467 -47.05 54.62 -52.73
N HIS F 468 -46.77 55.57 -53.60
CA HIS F 468 -45.51 55.71 -54.32
C HIS F 468 -44.91 57.11 -54.15
N ARG F 469 -43.59 57.27 -54.33
CA ARG F 469 -42.88 58.57 -54.23
C ARG F 469 -41.59 58.62 -55.07
N HIS F 470 -41.51 57.84 -56.14
CA HIS F 470 -40.23 57.53 -56.76
C HIS F 470 -40.05 58.21 -58.11
N ARG F 471 -38.80 58.58 -58.38
CA ARG F 471 -38.37 59.09 -59.71
C ARG F 471 -37.54 58.09 -60.53
N TYR F 472 -37.04 57.02 -59.93
CA TYR F 472 -36.26 55.98 -60.60
C TYR F 472 -36.98 54.64 -60.53
N GLU F 473 -36.76 53.79 -61.53
CA GLU F 473 -37.14 52.38 -61.46
C GLU F 473 -36.01 51.48 -61.95
N ILE F 474 -36.01 50.20 -61.61
CA ILE F 474 -34.99 49.27 -62.10
C ILE F 474 -35.09 49.19 -63.62
N ASN F 475 -33.95 49.18 -64.29
CA ASN F 475 -33.91 49.26 -65.74
C ASN F 475 -34.53 47.99 -66.37
N PRO F 476 -35.65 48.07 -67.13
CA PRO F 476 -36.34 46.90 -67.66
C PRO F 476 -35.47 45.97 -68.49
N LYS F 477 -34.44 46.51 -69.14
CA LYS F 477 -33.45 45.77 -69.93
C LYS F 477 -32.79 44.64 -69.12
N MET F 478 -32.55 44.86 -67.83
CA MET F 478 -31.89 43.90 -66.95
C MET F 478 -32.84 42.89 -66.31
N VAL F 479 -34.15 43.15 -66.28
CA VAL F 479 -35.07 42.40 -65.42
C VAL F 479 -35.18 40.93 -65.78
N ASP F 480 -35.04 40.56 -67.05
CA ASP F 480 -34.99 39.14 -67.44
C ASP F 480 -33.81 38.40 -66.80
N GLU F 481 -32.65 39.06 -66.72
CA GLU F 481 -31.44 38.50 -66.13
C GLU F 481 -31.63 38.25 -64.63
N LEU F 482 -32.23 39.20 -63.93
CA LEU F 482 -32.57 39.10 -62.52
C LEU F 482 -33.66 38.04 -62.28
N GLU F 483 -34.72 37.97 -63.09
CA GLU F 483 -35.74 36.94 -62.99
C GLU F 483 -35.15 35.53 -63.23
N ASN F 484 -34.30 35.37 -64.23
CA ASN F 484 -33.63 34.09 -64.56
C ASN F 484 -32.64 33.65 -63.46
N ASN F 485 -31.97 34.59 -62.78
CA ASN F 485 -31.08 34.28 -61.65
C ASN F 485 -31.81 34.09 -60.31
N GLY F 486 -33.10 34.42 -60.22
CA GLY F 486 -33.95 34.09 -59.06
C GLY F 486 -34.46 35.26 -58.25
N LEU F 487 -34.07 36.50 -58.58
CA LEU F 487 -34.62 37.71 -57.98
C LEU F 487 -35.98 38.04 -58.63
N ILE F 488 -36.97 37.17 -58.45
CA ILE F 488 -38.21 37.19 -59.22
C ILE F 488 -39.06 38.40 -58.85
N PHE F 489 -39.39 39.24 -59.83
CA PHE F 489 -40.27 40.39 -59.63
C PHE F 489 -41.74 39.98 -59.56
N VAL F 490 -42.18 39.52 -58.40
CA VAL F 490 -43.51 38.92 -58.20
C VAL F 490 -44.70 39.87 -58.37
N GLY F 491 -44.47 41.19 -58.48
CA GLY F 491 -45.50 42.16 -58.76
C GLY F 491 -45.03 43.29 -59.67
N LYS F 492 -45.88 43.67 -60.62
CA LYS F 492 -45.62 44.77 -61.56
C LYS F 492 -46.88 45.62 -61.72
N ASP F 493 -46.73 46.74 -62.40
CA ASP F 493 -47.81 47.68 -62.66
C ASP F 493 -48.79 47.19 -63.73
N ASP F 494 -49.78 48.03 -64.03
CA ASP F 494 -50.75 47.82 -65.11
C ASP F 494 -50.11 47.51 -66.47
N THR F 495 -49.03 48.21 -66.86
CA THR F 495 -48.34 48.00 -68.15
C THR F 495 -47.44 46.76 -68.16
N GLY F 496 -46.98 46.30 -67.00
CA GLY F 496 -45.96 45.26 -66.86
C GLY F 496 -44.53 45.73 -67.11
N LYS F 497 -44.32 47.03 -67.33
CA LYS F 497 -43.01 47.63 -67.55
C LYS F 497 -42.29 47.99 -66.24
N ARG F 498 -43.02 48.22 -65.14
CA ARG F 498 -42.50 48.80 -63.90
C ARG F 498 -42.32 47.75 -62.80
N CYS F 499 -41.18 47.80 -62.11
CA CYS F 499 -40.81 46.86 -61.05
C CYS F 499 -41.44 47.27 -59.71
N GLU F 500 -42.54 46.64 -59.30
CA GLU F 500 -43.27 47.06 -58.10
C GLU F 500 -42.91 46.23 -56.85
N ILE F 501 -42.68 44.92 -57.03
CA ILE F 501 -42.29 43.99 -55.96
C ILE F 501 -41.24 43.02 -56.48
N LEU F 502 -40.26 42.68 -55.64
CA LEU F 502 -39.43 41.49 -55.81
C LEU F 502 -39.47 40.58 -54.58
N GLU F 503 -39.30 39.29 -54.84
CA GLU F 503 -39.01 38.25 -53.85
C GLU F 503 -37.88 37.38 -54.39
N LEU F 504 -36.86 37.13 -53.59
CA LEU F 504 -35.80 36.21 -53.94
C LEU F 504 -36.30 34.78 -53.76
N LYS F 505 -36.35 34.00 -54.84
CA LYS F 505 -36.79 32.59 -54.86
C LYS F 505 -35.97 31.75 -53.88
N ASN F 506 -36.64 30.93 -53.06
CA ASN F 506 -36.03 30.01 -52.09
C ASN F 506 -35.10 30.71 -51.07
N HIS F 507 -35.63 31.74 -50.41
CA HIS F 507 -35.09 32.35 -49.19
C HIS F 507 -36.22 32.48 -48.16
N PRO F 508 -36.01 32.32 -46.84
CA PRO F 508 -37.09 32.33 -45.85
C PRO F 508 -38.00 33.55 -45.86
N TYR F 509 -37.46 34.75 -46.11
CA TYR F 509 -38.23 35.99 -46.31
C TYR F 509 -37.30 37.11 -46.81
N TYR F 510 -37.20 37.32 -48.11
CA TYR F 510 -36.41 38.42 -48.67
C TYR F 510 -37.24 39.12 -49.72
N ILE F 511 -37.83 40.22 -49.28
CA ILE F 511 -38.79 41.01 -50.01
C ILE F 511 -38.24 42.40 -50.22
N ALA F 512 -38.60 43.01 -51.35
CA ALA F 512 -38.60 44.45 -51.41
C ALA F 512 -39.80 44.98 -52.21
N THR F 513 -40.19 46.22 -51.92
CA THR F 513 -41.30 46.95 -52.55
C THR F 513 -40.80 48.27 -53.06
N GLN F 514 -41.19 48.67 -54.26
CA GLN F 514 -40.88 50.02 -54.73
C GLN F 514 -41.73 51.07 -54.00
N TYR F 515 -42.99 50.72 -53.70
CA TYR F 515 -43.90 51.52 -52.89
C TYR F 515 -43.51 51.56 -51.40
N HIS F 516 -44.21 52.42 -50.66
CA HIS F 516 -44.09 52.66 -49.22
C HIS F 516 -45.29 52.09 -48.43
N PRO F 517 -45.28 50.78 -48.11
CA PRO F 517 -46.41 50.12 -47.45
C PRO F 517 -46.77 50.68 -46.06
N GLU F 518 -45.82 51.31 -45.39
CA GLU F 518 -46.03 52.01 -44.12
C GLU F 518 -47.01 53.17 -44.25
N TYR F 519 -47.30 53.63 -45.46
CA TYR F 519 -48.39 54.57 -45.69
C TYR F 519 -49.77 53.92 -45.70
N THR F 520 -49.89 52.62 -45.46
CA THR F 520 -51.20 51.96 -45.34
C THR F 520 -51.27 50.92 -44.23
N SER F 521 -50.27 50.84 -43.38
CA SER F 521 -50.34 50.06 -42.14
C SER F 521 -51.37 50.66 -41.16
N LYS F 522 -52.33 49.85 -40.68
CA LYS F 522 -53.34 50.25 -39.67
C LYS F 522 -53.19 49.40 -38.41
N VAL F 523 -53.61 49.94 -37.26
CA VAL F 523 -53.43 49.29 -35.95
C VAL F 523 -54.12 47.92 -35.89
N LEU F 524 -55.29 47.78 -36.54
CA LEU F 524 -56.03 46.53 -36.61
C LEU F 524 -55.88 45.79 -37.96
N ASP F 525 -55.27 46.42 -38.96
CA ASP F 525 -54.92 45.80 -40.25
C ASP F 525 -53.47 46.19 -40.64
N PRO F 526 -52.46 45.43 -40.19
CA PRO F 526 -51.07 45.74 -40.47
C PRO F 526 -50.72 45.58 -41.96
N SER F 527 -49.85 46.43 -42.51
CA SER F 527 -49.43 46.37 -43.92
C SER F 527 -48.60 45.11 -44.19
N LYS F 528 -49.04 44.26 -45.12
CA LYS F 528 -48.53 42.89 -45.29
C LYS F 528 -47.00 42.73 -45.39
N PRO F 529 -46.23 43.59 -46.11
CA PRO F 529 -44.78 43.42 -46.23
C PRO F 529 -44.02 43.53 -44.91
N PHE F 530 -44.51 44.39 -44.02
CA PHE F 530 -44.01 44.50 -42.67
C PHE F 530 -44.50 43.36 -41.79
N LEU F 531 -45.76 42.89 -41.92
CA LEU F 531 -46.18 41.73 -41.15
C LEU F 531 -45.29 40.53 -41.44
N GLY F 532 -44.98 40.27 -42.71
CA GLY F 532 -44.05 39.20 -43.09
C GLY F 532 -42.66 39.37 -42.50
N LEU F 533 -42.10 40.59 -42.49
CA LEU F 533 -40.78 40.84 -41.88
C LEU F 533 -40.78 40.51 -40.39
N VAL F 534 -41.78 40.93 -39.63
CA VAL F 534 -41.81 40.61 -38.20
C VAL F 534 -42.06 39.11 -38.03
N ALA F 535 -43.05 38.53 -38.71
CA ALA F 535 -43.38 37.13 -38.53
C ALA F 535 -42.22 36.20 -38.91
N ALA F 536 -41.47 36.47 -39.95
CA ALA F 536 -40.29 35.70 -40.28
C ALA F 536 -39.14 35.94 -39.29
N SER F 537 -38.97 37.15 -38.77
CA SER F 537 -38.01 37.43 -37.69
C SER F 537 -38.33 36.65 -36.43
N ALA F 538 -39.62 36.48 -36.12
CA ALA F 538 -40.14 35.60 -35.08
C ALA F 538 -40.09 34.10 -35.42
N GLY F 539 -39.78 33.74 -36.67
CA GLY F 539 -39.75 32.35 -37.14
C GLY F 539 -41.12 31.69 -37.20
N ILE F 540 -42.18 32.48 -37.33
CA ILE F 540 -43.59 32.05 -37.26
C ILE F 540 -44.40 32.33 -38.53
N LEU F 541 -43.73 32.77 -39.60
CA LEU F 541 -44.34 33.26 -40.85
C LEU F 541 -45.40 32.31 -41.41
N GLN F 542 -45.11 31.01 -41.45
CA GLN F 542 -46.06 30.01 -41.93
C GLN F 542 -47.41 30.10 -41.20
N ASP F 543 -47.38 30.21 -39.89
CA ASP F 543 -48.55 30.11 -39.03
C ASP F 543 -49.39 31.39 -39.04
N VAL F 544 -48.73 32.54 -39.27
CA VAL F 544 -49.39 33.82 -39.55
C VAL F 544 -50.13 33.77 -40.87
N ILE F 545 -49.54 33.18 -41.92
CA ILE F 545 -50.22 32.99 -43.20
C ILE F 545 -51.38 32.01 -43.08
N GLU F 546 -51.20 30.92 -42.35
CA GLU F 546 -52.23 29.91 -42.09
C GLU F 546 -53.36 30.40 -41.16
N GLY F 547 -53.15 31.49 -40.41
CA GLY F 547 -54.20 32.20 -39.67
C GLY F 547 -54.21 32.02 -38.16
N LYS F 548 -53.12 31.56 -37.53
CA LYS F 548 -52.99 31.36 -36.07
C LYS F 548 -52.96 32.65 -35.23
N TYR F 549 -53.14 33.82 -35.84
CA TYR F 549 -52.97 35.13 -35.21
C TYR F 549 -53.98 36.20 -35.65
N ASP F 550 -55.04 35.87 -36.38
CA ASP F 550 -56.16 36.79 -36.57
C ASP F 550 -56.90 37.09 -35.25
N LEU F 551 -57.45 38.30 -35.10
CA LEU F 551 -57.85 38.81 -33.78
C LEU F 551 -59.26 38.35 -33.33
N GLU F 552 -60.04 37.76 -34.22
CA GLU F 552 -61.36 37.16 -33.95
C GLU F 552 -61.49 35.82 -34.70
N ALA F 553 -62.10 34.78 -34.11
CA ALA F 553 -62.24 33.47 -34.77
C ALA F 553 -63.11 33.54 -36.03
N MET G 1 -78.22 87.19 -5.01
CA MET G 1 -78.43 88.62 -5.32
C MET G 1 -77.98 88.95 -6.74
N LYS G 2 -78.60 89.94 -7.39
CA LYS G 2 -78.21 90.40 -8.72
C LYS G 2 -77.13 91.47 -8.67
N TYR G 3 -76.30 91.56 -9.69
CA TYR G 3 -75.24 92.59 -9.74
C TYR G 3 -75.02 93.11 -11.16
N VAL G 4 -74.63 94.38 -11.32
CA VAL G 4 -74.33 95.00 -12.61
C VAL G 4 -73.01 95.74 -12.52
N VAL G 5 -71.96 95.30 -13.17
CA VAL G 5 -70.73 96.10 -13.29
C VAL G 5 -70.92 97.20 -14.34
N VAL G 6 -70.41 98.38 -14.07
CA VAL G 6 -70.14 99.42 -15.05
C VAL G 6 -68.65 99.70 -15.03
N SER G 7 -67.99 99.64 -16.17
CA SER G 7 -66.52 99.72 -16.25
C SER G 7 -66.04 100.31 -17.58
N GLY G 8 -64.74 100.49 -17.77
CA GLY G 8 -64.18 100.44 -19.14
C GLY G 8 -63.57 101.70 -19.76
N GLY G 9 -63.29 101.58 -21.05
CA GLY G 9 -62.87 102.64 -21.97
C GLY G 9 -61.37 102.71 -22.26
N VAL G 10 -60.97 103.48 -23.28
CA VAL G 10 -59.57 103.89 -23.51
C VAL G 10 -59.15 105.18 -22.78
N ILE G 11 -60.06 105.84 -22.08
CA ILE G 11 -59.81 107.11 -21.37
C ILE G 11 -60.58 107.11 -20.04
N SER G 12 -60.00 107.73 -19.01
CA SER G 12 -60.75 108.14 -17.84
C SER G 12 -61.59 109.38 -18.18
N GLY G 13 -62.77 109.56 -17.59
CA GLY G 13 -63.66 110.69 -17.87
C GLY G 13 -64.69 110.45 -18.97
N ILE G 14 -64.86 109.20 -19.42
CA ILE G 14 -65.72 108.80 -20.53
C ILE G 14 -67.23 108.91 -20.27
N GLY G 15 -67.70 108.84 -19.02
CA GLY G 15 -69.12 108.93 -18.69
C GLY G 15 -69.71 107.91 -17.72
N LYS G 16 -68.96 107.11 -17.02
CA LYS G 16 -69.38 105.99 -16.18
C LYS G 16 -70.54 106.31 -15.24
N GLY G 17 -70.36 107.14 -14.24
CA GLY G 17 -71.34 107.47 -13.24
C GLY G 17 -72.75 107.74 -13.70
N VAL G 18 -72.97 108.47 -14.77
CA VAL G 18 -74.24 108.79 -15.41
C VAL G 18 -74.84 107.51 -15.98
N LEU G 19 -74.03 106.62 -16.49
CA LEU G 19 -74.39 105.30 -17.03
C LEU G 19 -74.65 104.36 -15.87
N ALA G 20 -74.08 104.60 -14.72
CA ALA G 20 -74.12 103.80 -13.51
C ALA G 20 -75.39 104.08 -12.72
N SER G 21 -75.48 105.17 -12.00
CA SER G 21 -76.61 105.54 -11.17
C SER G 21 -77.81 105.60 -12.09
N SER G 22 -77.69 106.22 -13.23
CA SER G 22 -78.80 106.20 -14.21
C SER G 22 -79.33 104.78 -14.54
N THR G 23 -78.53 103.75 -14.63
CA THR G 23 -78.89 102.35 -14.80
C THR G 23 -79.59 101.93 -13.54
N GLY G 24 -79.13 102.33 -12.38
CA GLY G 24 -79.66 102.04 -11.09
C GLY G 24 -80.97 102.70 -10.77
N MET G 25 -81.24 103.88 -11.31
CA MET G 25 -82.53 104.54 -11.21
C MET G 25 -83.57 103.68 -11.91
N LEU G 26 -83.17 103.20 -13.09
CA LEU G 26 -84.01 102.38 -13.89
C LEU G 26 -84.30 101.05 -13.21
N MET G 27 -83.36 100.49 -12.43
CA MET G 27 -83.67 99.28 -11.68
C MET G 27 -84.81 99.53 -10.68
N LYS G 28 -84.81 100.70 -10.04
CA LYS G 28 -85.90 101.16 -9.17
C LYS G 28 -87.23 101.37 -9.88
N THR G 29 -87.19 101.71 -11.16
CA THR G 29 -88.37 101.79 -12.02
C THR G 29 -89.13 100.47 -12.05
N LEU G 30 -88.40 99.35 -12.03
CA LEU G 30 -89.00 98.04 -11.97
C LEU G 30 -89.56 97.72 -10.57
N GLY G 31 -89.40 98.63 -9.61
CA GLY G 31 -89.82 98.50 -8.22
C GLY G 31 -88.77 97.92 -7.29
N LEU G 32 -87.53 97.76 -7.77
CA LEU G 32 -86.48 96.99 -7.09
C LEU G 32 -85.85 97.74 -5.90
N LYS G 33 -85.40 97.00 -4.88
CA LYS G 33 -84.47 97.51 -3.86
C LYS G 33 -83.09 97.61 -4.48
N VAL G 34 -82.45 98.75 -4.41
CA VAL G 34 -81.20 98.98 -5.18
C VAL G 34 -80.12 99.61 -4.34
N THR G 35 -78.87 99.28 -4.63
CA THR G 35 -77.67 99.77 -3.96
C THR G 35 -76.57 100.01 -4.96
N SER G 36 -75.48 100.65 -4.57
CA SER G 36 -74.37 100.96 -5.43
C SER G 36 -73.05 100.95 -4.71
N ILE G 37 -71.98 100.49 -5.33
CA ILE G 37 -70.62 100.51 -4.78
C ILE G 37 -69.72 101.17 -5.80
N LYS G 38 -68.90 102.13 -5.37
CA LYS G 38 -67.87 102.65 -6.26
C LYS G 38 -66.52 102.13 -5.84
N ILE G 39 -65.86 101.49 -6.80
CA ILE G 39 -64.52 100.98 -6.65
C ILE G 39 -63.59 102.02 -7.21
N ASP G 40 -62.72 102.55 -6.36
CA ASP G 40 -61.75 103.57 -6.73
C ASP G 40 -60.32 103.05 -6.80
N PRO G 41 -59.65 103.23 -7.95
CA PRO G 41 -58.29 102.76 -8.03
C PRO G 41 -57.26 103.59 -7.26
N TYR G 42 -57.59 104.78 -6.78
CA TYR G 42 -56.62 105.59 -6.04
C TYR G 42 -56.29 105.00 -4.67
N MET G 43 -55.19 105.48 -4.08
CA MET G 43 -54.67 104.95 -2.81
C MET G 43 -55.05 105.72 -1.55
N ASN G 44 -55.72 106.85 -1.64
CA ASN G 44 -56.31 107.46 -0.45
C ASN G 44 -57.35 106.50 0.16
N ILE G 45 -57.32 106.32 1.47
CA ILE G 45 -58.34 105.54 2.18
C ILE G 45 -59.68 106.28 2.24
N ASP G 46 -59.64 107.61 2.32
CA ASP G 46 -60.81 108.49 2.35
C ASP G 46 -60.48 109.90 1.84
N ALA G 47 -61.50 110.72 1.60
CA ALA G 47 -61.32 112.09 1.15
C ALA G 47 -60.98 113.07 2.28
N GLY G 48 -60.91 112.62 3.54
CA GLY G 48 -60.63 113.52 4.65
C GLY G 48 -59.23 114.12 4.58
N THR G 49 -58.27 113.38 4.04
CA THR G 49 -56.92 113.91 3.74
C THR G 49 -56.88 114.76 2.46
N MET G 50 -57.87 114.62 1.58
CA MET G 50 -57.85 115.21 0.25
C MET G 50 -58.38 116.64 0.27
N SER G 51 -57.52 117.61 0.00
CA SER G 51 -57.90 119.02 -0.16
C SER G 51 -58.84 119.20 -1.36
N PRO G 52 -59.95 119.95 -1.26
CA PRO G 52 -60.93 120.07 -2.35
C PRO G 52 -60.41 120.66 -3.67
N LEU G 53 -59.20 121.20 -3.70
CA LEU G 53 -58.50 121.68 -4.89
C LEU G 53 -58.41 120.62 -6.00
N GLU G 54 -58.22 119.36 -5.61
CA GLU G 54 -58.07 118.25 -6.54
C GLU G 54 -58.85 117.04 -6.05
N HIS G 55 -59.43 116.30 -7.00
CA HIS G 55 -60.57 115.39 -6.79
C HIS G 55 -61.84 116.06 -6.25
N GLY G 56 -61.81 117.37 -5.99
CA GLY G 56 -63.00 118.16 -5.68
C GLY G 56 -63.55 117.93 -4.27
N GLU G 57 -64.81 118.28 -4.14
CA GLU G 57 -65.64 118.31 -2.94
C GLU G 57 -65.69 116.98 -2.14
N CYS G 58 -65.30 116.99 -0.86
CA CYS G 58 -65.39 115.82 0.04
C CYS G 58 -66.85 115.52 0.39
N PHE G 59 -67.54 114.65 -0.36
CA PHE G 59 -68.95 114.35 -0.12
C PHE G 59 -69.16 113.73 1.28
N VAL G 60 -70.24 114.07 1.95
CA VAL G 60 -70.47 113.53 3.31
C VAL G 60 -71.75 112.68 3.55
N LEU G 61 -71.48 111.55 4.14
CA LEU G 61 -72.47 110.55 4.46
C LEU G 61 -73.37 110.95 5.62
N ASP G 62 -74.49 110.25 5.70
CA ASP G 62 -75.25 110.05 6.93
C ASP G 62 -74.33 109.60 8.09
N ASP G 63 -73.51 108.56 7.88
CA ASP G 63 -72.48 108.10 8.82
C ASP G 63 -71.27 109.04 8.98
N GLY G 64 -71.27 110.21 8.33
CA GLY G 64 -70.27 111.26 8.58
C GLY G 64 -68.86 111.02 8.06
N GLY G 65 -68.64 109.97 7.28
CA GLY G 65 -67.41 109.78 6.51
C GLY G 65 -67.32 110.77 5.35
N GLU G 66 -66.15 111.40 5.19
CA GLU G 66 -65.74 112.17 4.00
C GLU G 66 -65.36 111.22 2.86
N THR G 67 -66.34 110.92 2.03
CA THR G 67 -66.24 109.96 0.87
C THR G 67 -65.72 110.60 -0.39
N ASP G 68 -65.42 109.72 -1.36
CA ASP G 68 -65.45 110.09 -2.77
C ASP G 68 -66.70 110.91 -3.09
N LEU G 69 -66.51 111.97 -3.86
CA LEU G 69 -67.57 112.84 -4.30
C LEU G 69 -68.68 112.07 -5.03
N ASP G 70 -68.30 111.17 -5.94
CA ASP G 70 -69.24 110.59 -6.89
C ASP G 70 -70.33 109.74 -6.23
N LEU G 71 -70.12 109.27 -5.00
CA LEU G 71 -71.20 108.60 -4.26
C LEU G 71 -72.44 109.47 -4.15
N GLY G 72 -72.28 110.78 -4.03
CA GLY G 72 -73.39 111.71 -4.06
C GLY G 72 -74.26 111.47 -5.29
N ASN G 73 -73.67 111.17 -6.45
CA ASN G 73 -74.38 110.96 -7.71
C ASN G 73 -75.36 109.80 -7.54
N TYR G 74 -75.11 108.85 -6.67
CA TYR G 74 -75.88 107.64 -6.39
C TYR G 74 -76.94 107.87 -5.35
N GLU G 75 -76.70 108.78 -4.42
CA GLU G 75 -77.69 109.04 -3.39
C GLU G 75 -78.84 109.79 -4.08
N ARG G 76 -78.48 110.70 -5.01
CA ARG G 76 -79.38 111.50 -5.84
C ARG G 76 -80.28 110.66 -6.74
N TYR G 77 -79.65 109.80 -7.54
CA TYR G 77 -80.29 109.07 -8.64
C TYR G 77 -81.09 107.84 -8.18
N LEU G 78 -80.80 107.31 -6.99
CA LEU G 78 -81.45 106.15 -6.37
C LEU G 78 -82.36 106.52 -5.22
N GLY G 79 -82.00 107.52 -4.43
CA GLY G 79 -82.72 107.84 -3.19
C GLY G 79 -82.36 106.84 -2.10
N VAL G 80 -81.07 106.73 -1.79
CA VAL G 80 -80.53 105.74 -0.84
C VAL G 80 -79.53 106.38 0.10
N THR G 81 -79.41 105.84 1.31
CA THR G 81 -78.34 106.23 2.25
C THR G 81 -77.23 105.22 2.18
N LEU G 82 -76.08 105.60 1.61
CA LEU G 82 -74.90 104.75 1.58
C LEU G 82 -74.10 104.87 2.88
N THR G 83 -72.99 104.15 2.97
CA THR G 83 -72.11 104.10 4.15
C THR G 83 -70.64 104.23 3.75
N LYS G 84 -69.74 104.42 4.70
CA LYS G 84 -68.29 104.55 4.43
C LYS G 84 -67.70 103.33 3.71
N ASP G 85 -68.34 102.17 3.84
CA ASP G 85 -67.92 100.93 3.17
C ASP G 85 -68.31 100.85 1.70
N HIS G 86 -69.30 101.60 1.20
CA HIS G 86 -69.69 101.59 -0.21
C HIS G 86 -68.67 102.25 -1.15
N ASN G 87 -67.65 102.90 -0.62
CA ASN G 87 -66.54 103.40 -1.40
C ASN G 87 -65.32 102.53 -1.17
N ILE G 88 -65.19 101.46 -1.94
CA ILE G 88 -63.98 100.64 -1.98
C ILE G 88 -62.86 101.47 -2.59
N THR G 89 -61.66 101.48 -2.03
CA THR G 89 -60.51 102.13 -2.65
C THR G 89 -59.28 101.25 -2.55
N THR G 90 -58.30 101.44 -3.42
CA THR G 90 -57.07 100.65 -3.39
C THR G 90 -56.35 100.80 -2.06
N GLY G 91 -56.31 101.99 -1.48
CA GLY G 91 -55.71 102.17 -0.16
C GLY G 91 -56.51 101.51 0.96
N LYS G 92 -57.83 101.44 0.82
CA LYS G 92 -58.71 100.84 1.83
C LYS G 92 -58.54 99.33 1.86
N ILE G 93 -58.47 98.68 0.70
CA ILE G 93 -58.38 97.22 0.64
C ILE G 93 -56.97 96.71 0.90
N TYR G 94 -55.89 97.36 0.45
CA TYR G 94 -54.57 96.97 0.92
C TYR G 94 -54.43 97.12 2.43
N SER G 95 -54.99 98.15 3.07
CA SER G 95 -54.97 98.31 4.52
C SER G 95 -55.71 97.19 5.24
N HIS G 96 -56.86 96.76 4.74
CA HIS G 96 -57.66 95.71 5.37
C HIS G 96 -56.99 94.35 5.30
N VAL G 97 -56.43 93.96 4.17
CA VAL G 97 -55.64 92.72 4.06
C VAL G 97 -54.34 92.80 4.86
N ILE G 98 -53.62 93.92 4.85
CA ILE G 98 -52.42 94.09 5.67
C ILE G 98 -52.76 94.06 7.17
N ALA G 99 -53.93 94.52 7.62
CA ALA G 99 -54.31 94.38 9.02
C ALA G 99 -54.46 92.90 9.40
N LYS G 100 -55.20 92.13 8.59
CA LYS G 100 -55.35 90.69 8.78
C LYS G 100 -54.00 89.94 8.70
N GLU G 101 -53.04 90.40 7.92
CA GLU G 101 -51.69 89.83 7.87
C GLU G 101 -50.93 89.95 9.20
N ARG G 102 -51.01 91.09 9.89
CA ARG G 102 -50.32 91.29 11.19
C ARG G 102 -51.10 90.74 12.38
N LYS G 103 -52.43 90.71 12.30
CA LYS G 103 -53.27 89.96 13.24
C LYS G 103 -53.05 88.44 13.10
N GLY G 104 -52.63 88.00 11.92
CA GLY G 104 -52.32 86.60 11.65
C GLY G 104 -53.53 85.77 11.20
N ASP G 105 -54.57 86.39 10.65
CA ASP G 105 -55.80 85.71 10.24
C ASP G 105 -55.60 84.75 9.05
N TYR G 106 -54.47 84.84 8.36
CA TYR G 106 -54.04 83.91 7.31
C TYR G 106 -53.32 82.67 7.83
N LEU G 107 -53.34 82.39 9.14
CA LEU G 107 -52.81 81.15 9.74
C LEU G 107 -51.38 80.85 9.29
N GLY G 108 -50.56 81.89 9.20
CA GLY G 108 -49.15 81.81 8.83
C GLY G 108 -48.87 81.41 7.38
N LYS G 109 -49.86 81.28 6.50
CA LYS G 109 -49.62 81.20 5.04
C LYS G 109 -48.93 82.47 4.57
N THR G 110 -48.22 82.46 3.44
CA THR G 110 -47.93 83.71 2.74
C THR G 110 -49.20 84.22 2.10
N VAL G 111 -49.39 85.55 2.09
CA VAL G 111 -50.59 86.21 1.58
C VAL G 111 -50.24 86.93 0.30
N GLN G 112 -51.07 86.74 -0.72
CA GLN G 112 -50.74 87.01 -2.12
C GLN G 112 -51.79 87.91 -2.75
N ILE G 113 -51.47 88.62 -3.82
CA ILE G 113 -52.50 89.42 -4.48
C ILE G 113 -53.56 88.51 -5.09
N VAL G 114 -53.18 87.36 -5.63
CA VAL G 114 -54.11 86.27 -5.99
C VAL G 114 -53.70 85.01 -5.25
N PRO G 115 -54.57 84.31 -4.52
CA PRO G 115 -56.00 84.55 -4.39
C PRO G 115 -56.40 85.42 -3.21
N HIS G 116 -55.55 85.72 -2.23
CA HIS G 116 -56.02 86.33 -0.98
C HIS G 116 -56.62 87.72 -1.13
N LEU G 117 -55.93 88.66 -1.78
CA LEU G 117 -56.52 89.99 -1.98
C LEU G 117 -57.70 89.98 -2.95
N THR G 118 -57.69 89.19 -4.01
CA THR G 118 -58.86 89.09 -4.89
C THR G 118 -60.05 88.42 -4.23
N ASN G 119 -59.84 87.54 -3.25
CA ASN G 119 -60.90 87.07 -2.36
C ASN G 119 -61.39 88.21 -1.47
N ALA G 120 -60.50 89.02 -0.88
CA ALA G 120 -60.92 90.13 -0.04
C ALA G 120 -61.86 91.09 -0.76
N ILE G 121 -61.55 91.47 -2.00
CA ILE G 121 -62.41 92.33 -2.81
C ILE G 121 -63.78 91.68 -3.05
N GLN G 122 -63.86 90.41 -3.43
CA GLN G 122 -65.15 89.72 -3.59
C GLN G 122 -65.92 89.65 -2.27
N ASP G 123 -65.24 89.34 -1.17
CA ASP G 123 -65.85 89.27 0.15
C ASP G 123 -66.34 90.65 0.63
N TRP G 124 -65.70 91.75 0.21
CA TRP G 124 -66.16 93.11 0.45
C TRP G 124 -67.40 93.46 -0.37
N ILE G 125 -67.40 93.21 -1.68
CA ILE G 125 -68.56 93.49 -2.52
C ILE G 125 -69.80 92.74 -2.05
N GLU G 126 -69.70 91.43 -1.80
CA GLU G 126 -70.87 90.69 -1.33
C GLU G 126 -71.22 91.01 0.13
N ARG G 127 -70.28 91.51 0.96
CA ARG G 127 -70.60 92.01 2.30
C ARG G 127 -71.46 93.24 2.18
N VAL G 128 -70.97 94.25 1.48
CA VAL G 128 -71.62 95.57 1.38
C VAL G 128 -72.95 95.48 0.66
N ALA G 129 -73.09 94.62 -0.34
CA ALA G 129 -74.35 94.43 -1.07
C ALA G 129 -75.50 93.86 -0.23
N LYS G 130 -75.25 93.36 1.00
CA LYS G 130 -76.29 93.00 1.96
C LYS G 130 -76.93 94.19 2.68
N ILE G 131 -76.21 95.29 2.85
CA ILE G 131 -76.61 96.42 3.70
C ILE G 131 -77.90 97.05 3.16
N PRO G 132 -78.94 97.27 3.98
CA PRO G 132 -80.24 97.79 3.54
C PRO G 132 -80.23 99.32 3.42
N VAL G 133 -79.73 99.84 2.29
CA VAL G 133 -79.59 101.29 2.05
C VAL G 133 -80.89 102.00 1.69
N ASP G 134 -81.97 101.26 1.49
CA ASP G 134 -83.21 101.67 0.84
C ASP G 134 -84.34 102.04 1.83
N ASP G 135 -85.49 102.49 1.35
CA ASP G 135 -86.62 103.00 2.15
C ASP G 135 -87.36 101.95 3.00
N THR G 136 -86.91 100.71 3.03
CA THR G 136 -87.29 99.70 4.02
C THR G 136 -86.11 98.77 4.25
N GLY G 137 -86.02 98.20 5.45
CA GLY G 137 -84.83 97.50 5.95
C GLY G 137 -84.46 96.16 5.29
N MET G 138 -85.09 95.77 4.16
CA MET G 138 -84.69 94.59 3.40
C MET G 138 -83.38 94.80 2.64
N GLU G 139 -82.63 93.71 2.49
CA GLU G 139 -81.42 93.73 1.67
C GLU G 139 -81.71 94.05 0.19
N PRO G 140 -80.85 94.81 -0.51
CA PRO G 140 -81.04 95.13 -1.92
C PRO G 140 -81.18 93.92 -2.84
N ASP G 141 -81.94 94.08 -3.92
CA ASP G 141 -82.15 93.05 -4.93
C ASP G 141 -81.03 93.10 -5.97
N VAL G 142 -80.57 94.32 -6.31
CA VAL G 142 -79.51 94.55 -7.29
C VAL G 142 -78.48 95.54 -6.74
N CYS G 143 -77.22 95.29 -7.07
CA CYS G 143 -76.12 96.21 -6.75
C CYS G 143 -75.44 96.69 -8.04
N ILE G 144 -75.30 98.00 -8.24
CA ILE G 144 -74.56 98.59 -9.34
C ILE G 144 -73.12 98.79 -8.88
N ILE G 145 -72.14 98.13 -9.49
CA ILE G 145 -70.73 98.24 -9.13
C ILE G 145 -70.02 99.08 -10.18
N GLU G 146 -69.56 100.27 -9.85
CA GLU G 146 -68.79 101.07 -10.80
C GLU G 146 -67.31 100.90 -10.54
N LEU G 147 -66.60 100.39 -11.53
CA LEU G 147 -65.16 100.23 -11.52
C LEU G 147 -64.50 101.48 -12.08
N GLY G 148 -63.88 102.30 -11.25
CA GLY G 148 -63.13 103.46 -11.69
C GLY G 148 -61.82 103.12 -12.41
N GLY G 149 -61.13 104.15 -12.88
CA GLY G 149 -59.97 104.02 -13.76
C GLY G 149 -60.33 103.47 -15.14
N THR G 150 -59.38 102.85 -15.82
CA THR G 150 -59.63 102.11 -17.07
C THR G 150 -59.09 100.69 -16.99
N VAL G 151 -59.78 99.74 -17.59
CA VAL G 151 -59.29 98.36 -17.68
C VAL G 151 -57.96 98.35 -18.45
N GLY G 152 -56.94 97.71 -17.91
CA GLY G 152 -55.56 97.75 -18.43
C GLY G 152 -54.65 98.78 -17.77
N ASP G 153 -55.15 99.45 -16.73
CA ASP G 153 -54.32 100.33 -15.89
C ASP G 153 -53.57 99.37 -14.94
N ILE G 154 -52.35 99.69 -14.46
CA ILE G 154 -51.61 98.86 -13.46
C ILE G 154 -52.21 99.15 -12.09
N GLU G 155 -53.15 100.05 -11.95
CA GLU G 155 -53.87 100.53 -10.78
C GLU G 155 -55.17 99.79 -10.60
N SER G 156 -55.79 99.35 -11.67
CA SER G 156 -57.09 98.70 -11.76
C SER G 156 -56.97 97.20 -11.92
N ALA G 157 -55.77 96.66 -12.02
CA ALA G 157 -55.55 95.21 -12.32
C ALA G 157 -56.08 94.32 -11.18
N PRO G 158 -55.92 94.63 -9.88
CA PRO G 158 -56.47 93.80 -8.81
C PRO G 158 -57.99 93.65 -8.85
N PHE G 159 -58.71 94.69 -9.25
CA PHE G 159 -60.17 94.70 -9.29
C PHE G 159 -60.77 93.94 -10.46
N VAL G 160 -60.18 93.99 -11.66
CA VAL G 160 -60.64 93.16 -12.78
C VAL G 160 -60.35 91.67 -12.55
N GLU G 161 -59.30 91.31 -11.82
CA GLU G 161 -59.14 89.95 -11.32
C GLU G 161 -60.27 89.59 -10.35
N ALA G 162 -60.51 90.43 -9.35
CA ALA G 162 -61.51 90.10 -8.35
C ALA G 162 -62.91 90.00 -8.95
N LEU G 163 -63.28 90.91 -9.85
CA LEU G 163 -64.54 90.86 -10.57
C LEU G 163 -64.60 89.64 -11.49
N ARG G 164 -63.53 89.21 -12.18
CA ARG G 164 -63.58 87.98 -12.99
C ARG G 164 -63.97 86.78 -12.14
N GLN G 165 -63.26 86.58 -11.03
CA GLN G 165 -63.55 85.50 -10.10
C GLN G 165 -64.98 85.63 -9.55
N PHE G 166 -65.45 86.86 -9.34
CA PHE G 166 -66.81 87.14 -8.92
C PHE G 166 -67.87 86.74 -9.93
N GLN G 167 -67.58 86.66 -11.23
CA GLN G 167 -68.51 86.13 -12.23
C GLN G 167 -68.83 84.65 -12.03
N PHE G 168 -68.10 83.96 -11.14
CA PHE G 168 -68.27 82.54 -10.82
C PHE G 168 -68.73 82.34 -9.38
N LYS G 169 -68.23 83.16 -8.44
CA LYS G 169 -68.67 83.15 -7.05
C LYS G 169 -70.16 83.55 -6.96
N VAL G 170 -70.53 84.58 -7.71
CA VAL G 170 -71.89 84.85 -8.19
C VAL G 170 -72.07 84.12 -9.51
N GLY G 171 -73.27 83.64 -9.85
CA GLY G 171 -73.50 83.00 -11.15
C GLY G 171 -73.63 83.96 -12.33
N LYS G 172 -73.38 83.48 -13.55
CA LYS G 172 -74.01 84.05 -14.76
C LYS G 172 -75.53 83.90 -14.63
N GLU G 173 -76.29 84.80 -15.24
CA GLU G 173 -77.71 85.05 -14.89
C GLU G 173 -77.92 85.61 -13.47
N ASN G 174 -76.87 86.01 -12.76
CA ASN G 174 -76.95 86.92 -11.60
C ASN G 174 -76.01 88.12 -11.75
N PHE G 175 -74.91 88.00 -12.47
CA PHE G 175 -73.97 89.09 -12.77
C PHE G 175 -74.04 89.49 -14.25
N ALA G 176 -73.97 90.79 -14.56
CA ALA G 176 -73.83 91.33 -15.92
C ALA G 176 -72.91 92.55 -15.96
N LEU G 177 -72.31 92.85 -17.10
CA LEU G 177 -71.37 93.97 -17.24
C LEU G 177 -71.74 94.91 -18.39
N ILE G 178 -71.70 96.22 -18.12
CA ILE G 178 -71.82 97.30 -19.08
C ILE G 178 -70.43 97.90 -19.27
N HIS G 179 -69.87 97.93 -20.48
CA HIS G 179 -68.56 98.50 -20.74
C HIS G 179 -68.74 99.81 -21.48
N VAL G 180 -68.18 100.89 -20.97
CA VAL G 180 -68.37 102.22 -21.54
C VAL G 180 -67.14 102.57 -22.36
N SER G 181 -67.28 102.95 -23.62
CA SER G 181 -66.13 103.02 -24.55
C SER G 181 -66.21 104.18 -25.54
N LEU G 182 -65.09 104.54 -26.17
CA LEU G 182 -64.99 105.77 -26.97
C LEU G 182 -65.19 105.49 -28.45
N VAL G 183 -66.03 106.28 -29.11
CA VAL G 183 -66.10 106.35 -30.56
C VAL G 183 -65.65 107.76 -30.94
N PRO G 184 -64.33 108.03 -31.14
CA PRO G 184 -63.91 109.35 -31.56
C PRO G 184 -64.39 109.63 -32.97
N VAL G 185 -64.77 110.88 -33.22
CA VAL G 185 -65.11 111.37 -34.55
C VAL G 185 -63.98 112.26 -35.01
N ILE G 186 -63.28 111.87 -36.08
CA ILE G 186 -62.30 112.71 -36.77
C ILE G 186 -62.52 112.67 -38.27
N HIS G 187 -62.22 113.77 -38.96
CA HIS G 187 -62.59 113.94 -40.38
C HIS G 187 -64.07 113.67 -40.64
N GLY G 188 -64.93 113.96 -39.66
CA GLY G 188 -66.36 113.68 -39.69
C GLY G 188 -66.76 112.19 -39.72
N GLU G 189 -65.86 111.24 -39.41
CA GLU G 189 -66.17 109.80 -39.35
C GLU G 189 -66.01 109.20 -37.95
N GLN G 190 -67.02 108.46 -37.49
CA GLN G 190 -67.00 107.67 -36.25
C GLN G 190 -66.06 106.46 -36.34
N LYS G 191 -64.92 106.48 -35.66
CA LYS G 191 -63.94 105.38 -35.69
C LYS G 191 -64.22 104.36 -34.60
N THR G 192 -64.31 103.08 -34.92
CA THR G 192 -64.62 102.01 -33.94
C THR G 192 -63.40 101.48 -33.21
N LYS G 193 -62.19 101.67 -33.74
CA LYS G 193 -61.00 100.93 -33.26
C LYS G 193 -60.64 101.11 -31.79
N PRO G 194 -60.81 102.24 -31.10
CA PRO G 194 -60.54 102.30 -29.68
C PRO G 194 -61.45 101.37 -28.88
N THR G 195 -62.70 101.18 -29.30
CA THR G 195 -63.57 100.15 -28.71
C THR G 195 -63.08 98.73 -28.99
N GLN G 196 -62.57 98.43 -30.19
CA GLN G 196 -61.98 97.10 -30.46
C GLN G 196 -60.76 96.83 -29.58
N ALA G 197 -59.78 97.74 -29.51
CA ALA G 197 -58.60 97.59 -28.67
C ALA G 197 -58.90 97.53 -27.16
N ALA G 198 -59.88 98.29 -26.66
CA ALA G 198 -60.29 98.21 -25.25
C ALA G 198 -61.16 96.99 -24.93
N ILE G 199 -61.86 96.40 -25.89
CA ILE G 199 -62.58 95.15 -25.71
C ILE G 199 -61.62 93.97 -25.79
N LYS G 200 -60.61 94.01 -26.66
CA LYS G 200 -59.46 93.11 -26.61
C LYS G 200 -58.80 93.13 -25.24
N GLY G 201 -58.51 94.31 -24.68
CA GLY G 201 -58.06 94.45 -23.30
C GLY G 201 -59.02 93.81 -22.29
N LEU G 202 -60.32 94.08 -22.37
CA LEU G 202 -61.31 93.54 -21.45
C LEU G 202 -61.33 92.02 -21.46
N ARG G 203 -61.44 91.37 -22.62
CA ARG G 203 -61.48 89.91 -22.68
C ARG G 203 -60.16 89.28 -22.24
N SER G 204 -59.02 89.96 -22.39
CA SER G 204 -57.74 89.48 -21.88
C SER G 204 -57.79 89.21 -20.38
N LEU G 205 -58.35 90.14 -19.60
CA LEU G 205 -58.52 90.02 -18.15
C LEU G 205 -59.74 89.16 -17.74
N GLY G 206 -60.65 88.89 -18.68
CA GLY G 206 -61.57 87.75 -18.65
C GLY G 206 -63.04 88.09 -18.42
N LEU G 207 -63.33 89.35 -18.17
CA LEU G 207 -64.68 89.89 -18.16
C LEU G 207 -65.23 89.90 -19.59
N VAL G 208 -66.53 89.66 -19.77
CA VAL G 208 -67.21 89.78 -21.08
C VAL G 208 -68.38 90.74 -20.96
N PRO G 209 -68.52 91.73 -21.86
CA PRO G 209 -69.53 92.75 -21.74
C PRO G 209 -70.86 92.23 -22.27
N ASP G 210 -71.91 92.40 -21.49
CA ASP G 210 -73.28 92.12 -21.90
C ASP G 210 -73.90 93.30 -22.61
N MET G 211 -73.34 94.49 -22.42
CA MET G 211 -73.62 95.70 -23.18
C MET G 211 -72.34 96.47 -23.44
N ILE G 212 -72.31 97.22 -24.52
CA ILE G 212 -71.34 98.30 -24.72
C ILE G 212 -72.12 99.60 -24.71
N ALA G 213 -71.57 100.66 -24.15
CA ALA G 213 -72.18 101.97 -24.16
C ALA G 213 -71.18 103.03 -24.64
N CYS G 214 -71.51 103.80 -25.67
CA CYS G 214 -70.50 104.66 -26.29
C CYS G 214 -70.58 106.11 -25.86
N ARG G 215 -69.45 106.68 -25.42
CA ARG G 215 -69.21 108.12 -25.51
C ARG G 215 -68.95 108.44 -26.96
N CYS G 216 -69.78 109.28 -27.54
CA CYS G 216 -69.61 109.77 -28.89
C CYS G 216 -70.10 111.21 -29.00
N SER G 217 -69.49 111.99 -29.89
CA SER G 217 -69.93 113.36 -30.20
C SER G 217 -71.26 113.40 -30.96
N GLU G 218 -71.77 112.26 -31.43
CA GLU G 218 -72.89 112.15 -32.35
C GLU G 218 -73.89 111.06 -31.95
N THR G 219 -75.03 110.97 -32.62
CA THR G 219 -75.76 109.70 -32.64
C THR G 219 -74.90 108.68 -33.41
N LEU G 220 -74.64 107.50 -32.85
CA LEU G 220 -73.93 106.45 -33.57
C LEU G 220 -74.63 106.12 -34.88
N ASP G 221 -73.89 106.09 -35.97
CA ASP G 221 -74.41 105.60 -37.24
C ASP G 221 -74.78 104.13 -37.14
N LYS G 222 -75.82 103.72 -37.86
CA LYS G 222 -76.22 102.32 -38.03
C LYS G 222 -75.04 101.39 -38.36
N PRO G 223 -74.12 101.70 -39.29
CA PRO G 223 -72.90 100.94 -39.50
C PRO G 223 -71.92 100.94 -38.32
N THR G 224 -71.83 101.99 -37.51
CA THR G 224 -70.94 102.00 -36.33
C THR G 224 -71.40 100.99 -35.29
N ILE G 225 -72.70 100.93 -35.02
CA ILE G 225 -73.29 99.89 -34.16
C ILE G 225 -72.98 98.50 -34.71
N ASP G 226 -73.15 98.28 -36.01
CA ASP G 226 -72.86 96.98 -36.62
C ASP G 226 -71.38 96.62 -36.55
N LYS G 227 -70.46 97.57 -36.77
CA LYS G 227 -69.02 97.32 -36.72
C LYS G 227 -68.46 97.21 -35.29
N ILE G 228 -69.14 97.71 -34.27
CA ILE G 228 -68.86 97.34 -32.87
C ILE G 228 -69.42 95.94 -32.56
N ALA G 229 -70.68 95.65 -32.87
CA ALA G 229 -71.27 94.34 -32.57
C ALA G 229 -70.64 93.16 -33.37
N MET G 230 -70.05 93.40 -34.54
CA MET G 230 -69.24 92.42 -35.28
C MET G 230 -67.90 92.12 -34.62
N PHE G 231 -67.51 92.87 -33.59
CA PHE G 231 -66.22 92.78 -32.90
C PHE G 231 -66.32 92.51 -31.40
N CYS G 232 -67.54 92.38 -30.88
CA CYS G 232 -67.83 92.12 -29.47
C CYS G 232 -69.00 91.15 -29.33
N HIS G 233 -69.15 90.50 -28.19
CA HIS G 233 -70.14 89.43 -28.02
C HIS G 233 -71.55 89.93 -27.64
N VAL G 234 -71.97 91.05 -28.23
CA VAL G 234 -73.25 91.74 -27.97
C VAL G 234 -74.09 91.77 -29.25
N GLY G 235 -75.42 91.71 -29.15
CA GLY G 235 -76.28 92.01 -30.30
C GLY G 235 -76.20 93.50 -30.67
N PRO G 236 -76.59 93.91 -31.86
CA PRO G 236 -76.56 95.32 -32.25
C PRO G 236 -77.49 96.21 -31.41
N GLU G 237 -78.50 95.63 -30.77
CA GLU G 237 -79.44 96.30 -29.85
C GLU G 237 -78.88 96.55 -28.44
N GLN G 238 -77.70 96.00 -28.09
CA GLN G 238 -76.99 96.27 -26.84
C GLN G 238 -75.72 97.12 -27.03
N VAL G 239 -75.57 97.81 -28.16
CA VAL G 239 -74.63 98.93 -28.26
C VAL G 239 -75.39 100.22 -27.94
N VAL G 240 -75.49 100.54 -26.66
CA VAL G 240 -76.15 101.71 -26.09
C VAL G 240 -75.36 102.97 -26.44
N ASN G 241 -76.00 104.14 -26.45
CA ASN G 241 -75.35 105.39 -26.80
C ASN G 241 -75.89 106.57 -25.96
N VAL G 242 -75.08 107.08 -25.04
CA VAL G 242 -75.39 108.26 -24.23
C VAL G 242 -74.98 109.52 -25.00
N HIS G 243 -75.78 109.93 -25.97
CA HIS G 243 -75.53 111.13 -26.78
C HIS G 243 -75.95 112.42 -26.06
N ASP G 244 -75.68 113.57 -26.67
CA ASP G 244 -76.14 114.87 -26.19
C ASP G 244 -77.66 114.87 -25.95
N VAL G 245 -78.10 115.33 -24.79
CA VAL G 245 -79.49 115.42 -24.33
C VAL G 245 -79.75 116.74 -23.62
N ASN G 246 -81.01 117.14 -23.47
CA ASN G 246 -81.35 118.47 -22.96
C ASN G 246 -80.78 118.73 -21.57
N SER G 247 -80.78 117.69 -20.72
CA SER G 247 -80.08 117.64 -19.43
C SER G 247 -79.72 116.20 -19.07
N THR G 248 -78.76 116.06 -18.17
CA THR G 248 -78.25 114.78 -17.66
C THR G 248 -79.36 113.83 -17.20
N TYR G 249 -80.39 114.34 -16.52
CA TYR G 249 -81.49 113.51 -16.04
C TYR G 249 -82.37 112.93 -17.15
N HIS G 250 -82.29 113.41 -18.39
CA HIS G 250 -82.91 112.73 -19.52
C HIS G 250 -82.21 111.41 -19.82
N VAL G 251 -80.94 111.25 -19.44
CA VAL G 251 -80.17 110.05 -19.71
C VAL G 251 -80.87 108.75 -19.26
N PRO G 252 -81.42 108.60 -18.05
CA PRO G 252 -82.12 107.36 -17.72
C PRO G 252 -83.29 107.09 -18.67
N LEU G 253 -84.05 108.12 -19.06
CA LEU G 253 -85.11 107.91 -20.03
C LEU G 253 -84.53 107.60 -21.41
N LEU G 254 -83.41 108.21 -21.78
CA LEU G 254 -82.65 107.83 -22.97
C LEU G 254 -82.27 106.34 -22.96
N LEU G 255 -81.73 105.83 -21.86
CA LEU G 255 -81.38 104.43 -21.70
C LEU G 255 -82.61 103.54 -21.81
N LEU G 256 -83.71 103.92 -21.17
CA LEU G 256 -84.99 103.25 -21.29
C LEU G 256 -85.48 103.21 -22.73
N GLU G 257 -85.41 104.32 -23.44
CA GLU G 257 -85.86 104.45 -24.82
C GLU G 257 -85.02 103.59 -25.77
N GLN G 258 -83.73 103.46 -25.49
CA GLN G 258 -82.80 102.55 -26.18
C GLN G 258 -82.97 101.08 -25.75
N LYS G 259 -84.09 100.72 -25.09
CA LYS G 259 -84.42 99.36 -24.64
C LYS G 259 -83.35 98.73 -23.76
N MET G 260 -82.62 99.54 -23.02
CA MET G 260 -81.52 99.06 -22.19
C MET G 260 -82.03 98.12 -21.09
N ILE G 261 -83.11 98.48 -20.41
CA ILE G 261 -83.71 97.64 -19.34
C ILE G 261 -84.47 96.44 -19.88
N ASP G 262 -85.07 96.53 -21.05
CA ASP G 262 -85.79 95.40 -21.64
C ASP G 262 -84.85 94.23 -21.96
N TYR G 263 -83.55 94.50 -22.10
CA TYR G 263 -82.51 93.47 -22.07
C TYR G 263 -82.15 93.06 -20.64
N LEU G 264 -81.79 93.99 -19.73
CA LEU G 264 -81.36 93.61 -18.37
C LEU G 264 -82.42 92.80 -17.61
N HIS G 265 -83.70 93.07 -17.83
CA HIS G 265 -84.80 92.25 -17.32
C HIS G 265 -84.62 90.77 -17.68
N ALA G 266 -84.29 90.44 -18.93
CA ALA G 266 -84.05 89.08 -19.38
C ALA G 266 -82.66 88.57 -18.99
N ARG G 267 -81.62 89.38 -19.16
CA ARG G 267 -80.21 89.01 -18.93
C ARG G 267 -79.88 88.74 -17.47
N LEU G 268 -80.57 89.43 -16.58
CA LEU G 268 -80.48 89.20 -15.15
C LEU G 268 -81.73 88.55 -14.59
N LYS G 269 -82.68 88.17 -15.44
CA LYS G 269 -83.84 87.36 -15.08
C LYS G 269 -84.60 87.98 -13.91
N LEU G 270 -84.93 89.26 -14.08
CA LEU G 270 -85.49 90.14 -13.06
C LEU G 270 -86.98 89.90 -12.83
N ASP G 271 -87.61 89.21 -13.77
CA ASP G 271 -88.91 88.55 -13.60
C ASP G 271 -88.91 87.56 -12.42
N GLU G 272 -87.75 87.01 -12.04
CA GLU G 272 -87.65 86.19 -10.83
C GLU G 272 -87.82 87.00 -9.52
N ILE G 273 -87.71 88.33 -9.57
CA ILE G 273 -87.95 89.18 -8.41
C ILE G 273 -89.47 89.43 -8.27
N SER G 274 -90.13 88.56 -7.51
CA SER G 274 -91.57 88.62 -7.19
C SER G 274 -91.90 89.71 -6.16
N LEU G 275 -91.82 90.97 -6.59
CA LEU G 275 -92.13 92.15 -5.78
C LEU G 275 -93.56 92.13 -5.20
N THR G 276 -93.76 92.72 -4.01
CA THR G 276 -95.13 93.02 -3.57
C THR G 276 -95.76 94.07 -4.47
N GLU G 277 -97.08 94.15 -4.48
CA GLU G 277 -97.81 95.19 -5.22
C GLU G 277 -97.68 96.58 -4.59
N GLU G 278 -97.07 96.70 -3.40
CA GLU G 278 -96.54 97.96 -2.90
C GLU G 278 -95.11 98.25 -3.40
N GLU G 279 -94.42 97.27 -3.94
CA GLU G 279 -93.15 97.42 -4.62
C GLU G 279 -93.37 97.46 -6.12
N GLU G 280 -95.95 98.96 -6.28
CA GLU G 280 -96.24 100.38 -6.27
C GLU G 280 -94.98 101.24 -6.21
N LEU G 281 -93.88 100.78 -5.61
CA LEU G 281 -92.60 101.47 -5.71
C LEU G 281 -92.19 101.67 -7.17
N LEU G 282 -92.43 100.66 -7.99
CA LEU G 282 -92.37 100.74 -9.45
C LEU G 282 -93.20 101.91 -9.97
N SER G 283 -94.47 101.98 -9.58
CA SER G 283 -95.43 102.97 -10.04
C SER G 283 -95.03 104.37 -9.62
N LYS G 284 -94.68 104.53 -8.35
CA LYS G 284 -94.16 105.76 -7.75
C LYS G 284 -92.90 106.18 -8.47
N TRP G 285 -91.98 105.26 -8.74
CA TRP G 285 -90.76 105.61 -9.46
C TRP G 285 -91.04 106.00 -10.91
N LYS G 286 -91.91 105.29 -11.60
CA LYS G 286 -92.34 105.60 -12.97
C LYS G 286 -92.99 106.99 -13.00
N ALA G 287 -93.86 107.27 -12.03
CA ALA G 287 -94.35 108.62 -11.82
C ALA G 287 -93.16 109.58 -11.67
N THR G 288 -92.25 109.39 -10.72
CA THR G 288 -91.12 110.30 -10.54
C THR G 288 -90.18 110.41 -11.73
N THR G 289 -90.08 109.38 -12.56
CA THR G 289 -89.32 109.41 -13.79
C THR G 289 -89.93 110.44 -14.71
N GLY G 290 -91.24 110.34 -14.90
CA GLY G 290 -92.03 111.38 -15.51
C GLY G 290 -91.90 112.71 -14.76
N ASN G 291 -92.02 112.75 -13.44
CA ASN G 291 -92.08 113.99 -12.70
C ASN G 291 -90.74 114.74 -12.70
N PHE G 292 -89.62 114.02 -12.83
CA PHE G 292 -88.39 114.63 -13.27
C PHE G 292 -88.57 115.15 -14.70
N ASP G 293 -88.84 114.26 -15.65
CA ASP G 293 -88.70 114.51 -17.08
C ASP G 293 -89.64 115.59 -17.65
N GLU G 294 -90.83 115.70 -17.07
CA GLU G 294 -91.90 116.62 -17.46
C GLU G 294 -91.53 118.08 -17.16
N THR G 295 -86.12 132.16 -17.64
CA THR G 295 -84.83 131.97 -16.97
C THR G 295 -84.74 132.64 -15.60
N VAL G 296 -84.00 132.02 -14.68
CA VAL G 296 -83.47 132.60 -13.44
C VAL G 296 -81.95 132.65 -13.54
N LYS G 297 -81.33 133.82 -13.36
CA LYS G 297 -79.88 133.99 -13.46
C LYS G 297 -79.30 134.04 -12.04
N ILE G 298 -78.36 133.19 -11.66
CA ILE G 298 -77.75 133.18 -10.30
C ILE G 298 -76.25 133.35 -10.42
N ALA G 299 -75.64 134.29 -9.71
CA ALA G 299 -74.19 134.39 -9.65
C ALA G 299 -73.70 133.49 -8.52
N LEU G 300 -72.89 132.50 -8.85
CA LEU G 300 -72.19 131.68 -7.85
C LEU G 300 -70.77 132.22 -7.74
N VAL G 301 -70.44 132.75 -6.57
CA VAL G 301 -69.24 133.55 -6.33
C VAL G 301 -68.32 132.81 -5.38
N GLY G 302 -67.14 132.40 -5.82
CA GLY G 302 -66.23 131.66 -4.95
C GLY G 302 -64.82 131.59 -5.49
N LYS G 303 -63.93 130.86 -4.79
CA LYS G 303 -62.56 130.56 -5.26
C LYS G 303 -62.54 129.59 -6.44
N TYR G 304 -61.72 129.85 -7.44
CA TYR G 304 -61.38 128.90 -8.52
C TYR G 304 -62.61 128.24 -9.17
N THR G 305 -63.64 129.04 -9.43
CA THR G 305 -64.85 128.58 -10.15
C THR G 305 -64.58 128.01 -11.55
N ASN G 306 -63.38 128.21 -12.09
CA ASN G 306 -62.90 127.54 -13.30
C ASN G 306 -62.94 126.00 -13.16
N LEU G 307 -62.74 125.54 -11.92
CA LEU G 307 -62.71 124.14 -11.51
C LEU G 307 -64.14 123.67 -11.21
N LYS G 308 -64.95 123.55 -12.25
CA LYS G 308 -66.41 123.44 -12.08
C LYS G 308 -66.90 122.17 -11.38
N ASP G 309 -66.17 121.07 -11.43
CA ASP G 309 -66.54 119.89 -10.63
C ASP G 309 -66.45 120.15 -9.12
N SER G 310 -65.63 121.09 -8.68
CA SER G 310 -65.47 121.41 -7.26
C SER G 310 -66.74 121.98 -6.62
N TYR G 311 -67.71 122.40 -7.44
CA TYR G 311 -68.99 122.94 -7.00
C TYR G 311 -70.17 122.08 -7.43
N LEU G 312 -69.91 120.85 -7.86
CA LEU G 312 -70.93 120.01 -8.49
C LEU G 312 -72.21 119.87 -7.67
N SER G 313 -72.12 119.55 -6.38
CA SER G 313 -73.32 119.35 -5.57
C SER G 313 -74.16 120.61 -5.53
N VAL G 314 -73.51 121.76 -5.45
CA VAL G 314 -74.15 123.07 -5.50
C VAL G 314 -74.92 123.20 -6.79
N ILE G 315 -74.30 122.85 -7.91
CA ILE G 315 -74.98 122.92 -9.21
C ILE G 315 -76.21 122.02 -9.20
N LYS G 316 -76.05 120.76 -8.78
CA LYS G 316 -77.16 119.83 -8.81
C LYS G 316 -78.30 120.28 -7.92
N ALA G 317 -77.99 120.79 -6.74
CA ALA G 317 -79.01 121.34 -5.84
C ALA G 317 -79.81 122.48 -6.49
N LEU G 318 -79.15 123.40 -7.17
CA LEU G 318 -79.82 124.45 -7.93
C LEU G 318 -80.67 123.89 -9.06
N GLU G 319 -80.24 122.82 -9.75
CA GLU G 319 -81.03 122.17 -10.79
C GLU G 319 -82.29 121.54 -10.22
N HIS G 320 -82.21 120.80 -9.11
CA HIS G 320 -83.38 120.12 -8.53
C HIS G 320 -84.47 121.13 -8.19
N SER G 321 -84.07 122.21 -7.54
CA SER G 321 -84.96 123.29 -7.15
C SER G 321 -85.51 124.04 -8.36
N SER G 322 -84.72 124.32 -9.38
CA SER G 322 -85.19 125.03 -10.57
C SER G 322 -86.29 124.29 -11.32
N MET G 323 -86.24 122.96 -11.34
CA MET G 323 -87.33 122.15 -11.91
C MET G 323 -88.65 122.36 -11.16
N LYS G 324 -88.62 122.50 -9.83
CA LYS G 324 -89.83 122.78 -9.03
C LYS G 324 -90.43 124.16 -9.36
N CYS G 325 -89.59 125.20 -9.48
CA CYS G 325 -89.99 126.53 -9.93
C CYS G 325 -90.37 126.65 -11.41
N ARG G 326 -90.21 125.55 -12.17
CA ARG G 326 -90.43 125.42 -13.62
C ARG G 326 -89.63 126.44 -14.44
N ARG G 327 -88.51 126.96 -13.91
CA ARG G 327 -87.68 128.02 -14.50
C ARG G 327 -86.31 127.52 -14.88
N LYS G 328 -85.79 128.00 -15.99
CA LYS G 328 -84.51 127.57 -16.56
C LYS G 328 -83.37 128.18 -15.76
N LEU G 329 -82.41 127.38 -15.34
CA LEU G 329 -81.29 127.82 -14.52
C LEU G 329 -80.13 128.31 -15.37
N ASP G 330 -79.60 129.47 -15.04
CA ASP G 330 -78.42 130.03 -15.68
C ASP G 330 -77.39 130.48 -14.64
N ILE G 331 -76.51 129.59 -14.23
CA ILE G 331 -75.45 129.91 -13.27
C ILE G 331 -74.39 130.77 -13.96
N LYS G 332 -74.15 131.98 -13.45
CA LYS G 332 -72.96 132.76 -13.80
C LYS G 332 -71.83 132.37 -12.86
N TRP G 333 -70.71 131.93 -13.40
CA TRP G 333 -69.52 131.59 -12.63
C TRP G 333 -68.64 132.80 -12.44
N VAL G 334 -68.47 133.25 -11.19
CA VAL G 334 -67.64 134.39 -10.83
C VAL G 334 -66.45 133.93 -10.01
N GLU G 335 -65.23 134.24 -10.42
CA GLU G 335 -64.09 134.12 -9.51
C GLU G 335 -64.17 135.24 -8.50
N ALA G 336 -64.27 134.90 -7.22
CA ALA G 336 -64.42 135.88 -6.16
C ALA G 336 -63.30 136.91 -6.14
N THR G 337 -62.07 136.51 -6.39
CA THR G 337 -60.94 137.44 -6.38
C THR G 337 -61.00 138.49 -7.50
N ASP G 338 -61.70 138.24 -8.60
CA ASP G 338 -61.87 139.23 -9.66
C ASP G 338 -62.82 140.37 -9.29
N LEU G 339 -63.56 140.27 -8.20
CA LEU G 339 -64.39 141.36 -7.69
C LEU G 339 -63.58 142.41 -6.92
N GLU G 340 -62.35 142.08 -6.50
CA GLU G 340 -61.60 142.91 -5.55
C GLU G 340 -61.20 144.28 -6.14
N PRO G 341 -61.17 145.36 -5.34
CA PRO G 341 -60.64 146.66 -5.77
C PRO G 341 -59.20 146.63 -6.28
N GLU G 342 -58.39 145.66 -5.87
CA GLU G 342 -57.03 145.42 -6.38
C GLU G 342 -57.03 144.82 -7.79
N ALA G 343 -58.00 143.98 -8.12
CA ALA G 343 -58.07 143.36 -9.42
C ALA G 343 -58.25 144.39 -10.54
N GLN G 344 -58.85 145.55 -10.24
CA GLN G 344 -59.10 146.62 -11.20
C GLN G 344 -57.83 147.17 -11.86
N GLU G 345 -56.71 147.28 -11.15
CA GLU G 345 -55.43 147.65 -11.77
C GLU G 345 -54.65 146.44 -12.29
N SER G 346 -54.82 145.27 -11.66
CA SER G 346 -54.04 144.06 -11.99
C SER G 346 -54.51 143.39 -13.28
N ASN G 347 -55.82 143.22 -13.46
CA ASN G 347 -56.43 142.44 -14.54
C ASN G 347 -57.82 142.99 -14.90
N LYS G 348 -57.87 144.26 -15.30
CA LYS G 348 -59.10 145.06 -15.40
C LYS G 348 -60.22 144.38 -16.19
N THR G 349 -59.91 143.71 -17.29
CA THR G 349 -60.92 143.11 -18.19
C THR G 349 -61.77 142.07 -17.47
N LYS G 350 -61.13 141.15 -16.75
CA LYS G 350 -61.85 140.10 -16.02
C LYS G 350 -62.63 140.65 -14.84
N PHE G 351 -62.13 141.71 -14.21
CA PHE G 351 -62.83 142.43 -13.16
C PHE G 351 -64.17 143.01 -13.63
N HIS G 352 -64.24 143.60 -14.82
CA HIS G 352 -65.52 144.04 -15.39
C HIS G 352 -66.44 142.86 -15.71
N GLU G 353 -65.92 141.74 -16.24
CA GLU G 353 -66.76 140.57 -16.49
C GLU G 353 -67.37 140.03 -15.19
N ALA G 354 -66.58 139.97 -14.13
CA ALA G 354 -67.04 139.53 -12.83
C ALA G 354 -68.15 140.44 -12.27
N TRP G 355 -67.94 141.75 -12.32
CA TRP G 355 -68.93 142.68 -11.82
C TRP G 355 -70.19 142.76 -12.68
N ASN G 356 -70.11 142.60 -14.00
CA ASN G 356 -71.32 142.48 -14.80
C ASN G 356 -72.15 141.28 -14.38
N MET G 357 -71.55 140.13 -14.12
CA MET G 357 -72.27 138.95 -13.66
C MET G 357 -72.97 139.24 -12.33
N VAL G 358 -72.27 139.80 -11.34
CA VAL G 358 -72.86 140.14 -10.03
C VAL G 358 -74.03 141.11 -10.18
N SER G 359 -73.89 142.13 -11.04
CA SER G 359 -74.91 143.13 -11.31
C SER G 359 -76.12 142.62 -12.08
N THR G 360 -75.94 141.61 -12.92
CA THR G 360 -77.00 141.02 -13.73
C THR G 360 -77.87 140.07 -12.93
N ALA G 361 -77.29 139.32 -12.00
CA ALA G 361 -77.93 138.14 -11.43
C ALA G 361 -79.20 138.45 -10.62
N ASP G 362 -80.20 137.59 -10.74
CA ASP G 362 -81.42 137.61 -9.95
C ASP G 362 -81.25 137.07 -8.55
N GLY G 363 -80.14 136.39 -8.27
CA GLY G 363 -79.76 135.90 -6.95
C GLY G 363 -78.26 135.77 -6.81
N ILE G 364 -77.75 135.84 -5.60
CA ILE G 364 -76.33 135.63 -5.30
C ILE G 364 -76.17 134.40 -4.42
N LEU G 365 -75.10 133.66 -4.62
CA LEU G 365 -74.80 132.42 -3.92
C LEU G 365 -73.32 132.38 -3.61
N ILE G 366 -72.98 132.32 -2.33
CA ILE G 366 -71.61 132.11 -1.87
C ILE G 366 -71.53 130.65 -1.40
N PRO G 367 -70.75 129.78 -2.06
CA PRO G 367 -71.05 128.35 -2.08
C PRO G 367 -70.40 127.51 -0.96
N GLY G 368 -69.66 128.12 -0.02
CA GLY G 368 -68.87 127.36 0.96
C GLY G 368 -67.48 126.95 0.44
N GLY G 369 -66.73 127.91 -0.08
CA GLY G 369 -65.40 127.71 -0.68
C GLY G 369 -64.31 127.17 0.26
N PHE G 370 -63.18 126.82 -0.33
CA PHE G 370 -62.01 126.22 0.32
C PHE G 370 -60.92 127.28 0.51
N GLY G 371 -60.43 127.42 1.73
CA GLY G 371 -59.38 128.39 2.06
C GLY G 371 -59.79 129.85 1.98
N VAL G 372 -58.84 130.77 2.24
CA VAL G 372 -59.14 132.19 2.50
C VAL G 372 -59.19 133.09 1.25
N ARG G 373 -58.50 132.73 0.16
CA ARG G 373 -58.16 133.62 -0.97
C ARG G 373 -59.31 134.49 -1.48
N GLY G 374 -60.46 133.90 -1.76
CA GLY G 374 -61.62 134.61 -2.35
C GLY G 374 -62.34 135.59 -1.43
N THR G 375 -62.04 135.59 -0.12
CA THR G 375 -62.86 136.23 0.90
C THR G 375 -63.19 137.68 0.59
N GLU G 376 -62.23 138.49 0.18
CA GLU G 376 -62.43 139.93 0.03
C GLU G 376 -63.49 140.27 -1.03
N GLY G 377 -63.51 139.55 -2.13
CA GLY G 377 -64.57 139.73 -3.13
C GLY G 377 -65.91 139.18 -2.67
N MET G 378 -65.94 138.04 -2.00
CA MET G 378 -67.16 137.46 -1.46
C MET G 378 -67.85 138.37 -0.44
N VAL G 379 -67.11 139.19 0.29
CA VAL G 379 -67.66 140.25 1.15
C VAL G 379 -68.47 141.26 0.33
N LEU G 380 -67.90 141.78 -0.76
CA LEU G 380 -68.54 142.76 -1.63
C LEU G 380 -69.76 142.17 -2.36
N ALA G 381 -69.76 140.89 -2.71
CA ALA G 381 -70.94 140.20 -3.21
C ALA G 381 -72.05 140.06 -2.15
N ALA G 382 -71.71 139.83 -0.89
CA ALA G 382 -72.70 139.80 0.19
C ALA G 382 -73.29 141.19 0.49
N ARG G 383 -72.48 142.24 0.44
CA ARG G 383 -72.85 143.66 0.58
C ARG G 383 -73.81 144.08 -0.51
N TRP G 384 -73.51 143.69 -1.74
CA TRP G 384 -74.35 143.94 -2.90
C TRP G 384 -75.77 143.39 -2.74
N ALA G 385 -75.94 142.22 -2.14
CA ALA G 385 -77.24 141.63 -1.87
C ALA G 385 -77.87 142.04 -0.53
N ARG G 386 -77.10 142.52 0.45
CA ARG G 386 -77.68 143.07 1.68
C ARG G 386 -78.38 144.38 1.37
N GLU G 387 -77.69 145.29 0.67
CA GLU G 387 -78.14 146.67 0.49
C GLU G 387 -79.26 146.77 -0.52
N ASN G 388 -78.97 146.43 -1.78
CA ASN G 388 -79.97 146.21 -2.81
C ASN G 388 -80.66 144.88 -2.50
N HIS G 389 -82.00 144.79 -2.53
CA HIS G 389 -82.74 143.60 -2.08
C HIS G 389 -82.66 142.35 -3.00
N ILE G 390 -81.46 141.97 -3.46
CA ILE G 390 -81.19 140.75 -4.23
C ILE G 390 -81.33 139.51 -3.33
N PRO G 391 -82.02 138.44 -3.72
CA PRO G 391 -82.00 137.16 -3.02
C PRO G 391 -80.59 136.58 -2.85
N PHE G 392 -80.30 135.97 -1.71
CA PHE G 392 -78.97 135.47 -1.36
C PHE G 392 -79.04 134.15 -0.59
N LEU G 393 -78.07 133.27 -0.85
CA LEU G 393 -77.74 132.16 0.04
C LEU G 393 -76.23 132.10 0.30
N GLY G 394 -75.85 132.04 1.57
CA GLY G 394 -74.49 131.75 2.00
C GLY G 394 -74.38 130.34 2.57
N VAL G 395 -73.51 129.52 2.03
CA VAL G 395 -73.28 128.15 2.53
C VAL G 395 -71.93 128.07 3.22
N CYS G 396 -71.88 127.58 4.46
CA CYS G 396 -70.68 127.44 5.28
C CYS G 396 -69.84 128.74 5.34
N LEU G 397 -68.72 128.82 4.60
CA LEU G 397 -67.95 130.07 4.43
C LEU G 397 -68.83 131.24 3.95
N GLY G 398 -69.93 130.98 3.25
CA GLY G 398 -70.91 131.98 2.91
C GLY G 398 -71.66 132.53 4.12
N LEU G 399 -72.00 131.71 5.14
CA LEU G 399 -72.55 132.25 6.39
C LEU G 399 -71.50 133.08 7.13
N GLN G 400 -70.27 132.58 7.15
CA GLN G 400 -69.13 133.29 7.72
C GLN G 400 -68.98 134.65 7.06
N ILE G 401 -69.05 134.73 5.73
CA ILE G 401 -68.94 135.98 4.98
C ILE G 401 -70.19 136.85 5.04
N ALA G 402 -71.39 136.29 5.14
CA ALA G 402 -72.59 137.05 5.48
C ALA G 402 -72.44 137.74 6.85
N THR G 403 -71.82 137.07 7.82
CA THR G 403 -71.62 137.65 9.15
C THR G 403 -70.44 138.63 9.18
N ILE G 404 -69.32 138.33 8.54
CA ILE G 404 -68.23 139.29 8.36
C ILE G 404 -68.73 140.54 7.66
N GLU G 405 -69.56 140.44 6.61
CA GLU G 405 -70.04 141.62 5.91
C GLU G 405 -70.99 142.44 6.78
N PHE G 406 -72.01 141.81 7.37
CA PHE G 406 -72.94 142.51 8.24
C PHE G 406 -72.22 143.18 9.42
N THR G 407 -71.19 142.56 9.98
CA THR G 407 -70.29 143.18 10.95
C THR G 407 -69.58 144.38 10.34
N ARG G 408 -68.88 144.19 9.21
CA ARG G 408 -68.02 145.16 8.51
C ARG G 408 -68.78 146.37 7.92
N SER G 409 -70.11 146.35 7.85
CA SER G 409 -70.90 147.40 7.22
C SER G 409 -72.09 147.91 8.03
N VAL G 410 -72.70 147.06 8.86
CA VAL G 410 -73.83 147.47 9.70
C VAL G 410 -73.37 147.87 11.11
N LEU G 411 -72.38 147.16 11.68
CA LEU G 411 -71.78 147.52 12.99
C LEU G 411 -70.57 148.45 12.88
N GLY G 412 -70.20 148.90 11.69
CA GLY G 412 -68.89 149.51 11.44
C GLY G 412 -67.78 148.45 11.44
N ARG G 413 -66.92 148.42 12.47
CA ARG G 413 -65.94 147.35 12.76
C ARG G 413 -65.12 146.90 11.54
N LYS G 414 -64.59 147.84 10.77
CA LYS G 414 -63.97 147.59 9.44
C LYS G 414 -62.74 146.66 9.48
N ASP G 415 -62.09 146.50 10.63
CA ASP G 415 -60.97 145.57 10.85
C ASP G 415 -61.38 144.09 10.98
N SER G 416 -62.67 143.77 11.15
CA SER G 416 -63.11 142.38 11.43
C SER G 416 -62.88 141.42 10.27
N HIS G 417 -62.58 140.16 10.56
CA HIS G 417 -62.09 139.16 9.63
C HIS G 417 -62.36 137.76 10.17
N SER G 418 -62.22 136.73 9.34
CA SER G 418 -62.26 135.33 9.78
C SER G 418 -61.17 135.03 10.83
N ALA G 419 -61.42 134.06 11.71
CA ALA G 419 -60.42 133.54 12.66
C ALA G 419 -59.15 133.02 11.97
N GLU G 420 -59.20 132.75 10.66
CA GLU G 420 -58.04 132.46 9.83
C GLU G 420 -56.92 133.51 9.95
N PHE G 421 -57.24 134.81 10.07
CA PHE G 421 -56.27 135.87 10.35
C PHE G 421 -55.98 135.94 11.86
N TYR G 422 -55.41 134.84 12.37
CA TYR G 422 -55.23 134.55 13.79
C TYR G 422 -54.59 135.69 14.63
N PRO G 423 -53.46 136.32 14.22
CA PRO G 423 -52.74 137.25 15.09
C PRO G 423 -53.39 138.63 15.29
N ASP G 424 -54.52 138.93 14.63
CA ASP G 424 -55.32 140.12 14.96
C ASP G 424 -56.07 140.00 16.29
N ILE G 425 -56.36 138.76 16.74
CA ILE G 425 -56.99 138.38 18.02
C ILE G 425 -58.33 139.10 18.30
N ASP G 426 -58.34 140.37 18.71
CA ASP G 426 -59.49 141.08 19.26
C ASP G 426 -60.66 141.22 18.24
N GLU G 427 -60.35 141.25 16.95
CA GLU G 427 -61.31 141.48 15.85
C GLU G 427 -61.68 140.21 15.04
N LYS G 428 -61.27 139.03 15.51
CA LYS G 428 -61.67 137.75 14.91
C LYS G 428 -63.20 137.58 15.02
N ASN G 429 -63.87 137.41 13.89
CA ASN G 429 -65.32 137.24 13.79
C ASN G 429 -65.79 135.81 14.19
N HIS G 430 -64.87 134.87 14.33
CA HIS G 430 -65.14 133.44 14.52
C HIS G 430 -64.31 132.84 15.67
N VAL G 431 -64.65 131.62 16.09
CA VAL G 431 -63.94 130.82 17.09
C VAL G 431 -63.77 129.38 16.62
N VAL G 432 -62.64 128.77 16.96
CA VAL G 432 -62.36 127.36 16.72
C VAL G 432 -63.33 126.46 17.48
N VAL G 433 -63.78 125.40 16.80
CA VAL G 433 -64.62 124.35 17.39
C VAL G 433 -64.34 123.00 16.70
N PHE G 434 -63.25 122.34 17.10
CA PHE G 434 -62.80 121.08 16.46
C PHE G 434 -63.62 119.83 16.82
N MET G 435 -64.35 119.83 17.95
CA MET G 435 -65.03 118.66 18.52
C MET G 435 -64.17 117.39 18.55
N MET G 436 -62.70 118.62 13.26
CA MET G 436 -63.75 119.12 12.39
C MET G 436 -65.14 118.57 12.77
N ARG G 437 -66.17 119.43 12.79
CA ARG G 437 -67.57 119.00 12.92
C ARG G 437 -68.01 118.42 11.58
N LEU G 438 -68.52 117.19 11.56
CA LEU G 438 -68.84 116.39 10.37
C LEU G 438 -70.19 115.67 10.51
N GLY G 439 -70.70 115.18 9.39
CA GLY G 439 -71.84 114.26 9.34
C GLY G 439 -73.18 114.87 9.70
N LEU G 440 -74.22 114.04 9.69
CA LEU G 440 -75.59 114.44 9.95
C LEU G 440 -75.75 114.81 11.42
N ARG G 441 -75.97 116.09 11.68
CA ARG G 441 -76.33 116.61 13.01
C ARG G 441 -77.66 117.37 12.94
N PRO G 442 -78.47 117.41 14.01
CA PRO G 442 -79.71 118.17 14.02
C PRO G 442 -79.45 119.69 14.02
N THR G 443 -80.49 120.48 13.78
CA THR G 443 -80.55 121.92 14.05
C THR G 443 -81.99 122.29 14.39
N PHE G 444 -82.16 123.16 15.36
CA PHE G 444 -83.43 123.48 15.98
C PHE G 444 -83.75 124.95 15.78
N PHE G 445 -84.95 125.26 15.31
CA PHE G 445 -85.35 126.66 15.15
C PHE G 445 -85.49 127.35 16.51
N GLN G 446 -85.19 128.63 16.57
CA GLN G 446 -85.40 129.45 17.77
C GLN G 446 -86.90 129.76 17.92
N ASN G 447 -87.50 129.48 19.07
CA ASN G 447 -88.95 129.23 19.18
C ASN G 447 -89.89 130.40 18.86
N GLU G 448 -89.37 131.63 18.74
CA GLU G 448 -90.13 132.87 18.45
C GLU G 448 -90.19 133.21 16.94
N THR G 449 -89.33 132.61 16.10
CA THR G 449 -89.06 133.11 14.74
C THR G 449 -90.12 132.69 13.70
N GLU G 450 -91.39 132.87 14.01
CA GLU G 450 -92.54 132.53 13.16
C GLU G 450 -92.60 133.33 11.85
N TRP G 451 -91.94 134.47 11.79
CA TRP G 451 -91.83 135.35 10.62
C TRP G 451 -90.95 134.78 9.50
N SER G 452 -90.03 133.88 9.84
CA SER G 452 -88.93 133.41 8.98
C SER G 452 -89.39 132.84 7.65
N GLN G 453 -88.77 133.25 6.55
CA GLN G 453 -89.01 132.66 5.23
C GLN G 453 -88.45 131.23 5.18
N ILE G 454 -87.26 130.99 5.72
CA ILE G 454 -86.64 129.65 5.64
C ILE G 454 -87.39 128.62 6.49
N LYS G 455 -87.76 128.93 7.73
CA LYS G 455 -88.48 127.94 8.55
C LYS G 455 -89.92 127.70 8.07
N LYS G 456 -90.45 128.56 7.20
CA LYS G 456 -91.68 128.27 6.44
C LYS G 456 -91.42 127.22 5.37
N LEU G 457 -90.35 127.32 4.59
CA LEU G 457 -90.01 126.30 3.57
C LEU G 457 -89.83 124.89 4.16
N TYR G 458 -89.27 124.78 5.37
CA TYR G 458 -89.18 123.54 6.15
C TYR G 458 -90.53 123.05 6.74
N GLY G 459 -91.66 123.57 6.28
CA GLY G 459 -92.99 123.06 6.58
C GLY G 459 -93.46 123.26 8.03
N ASP G 460 -92.89 124.23 8.73
CA ASP G 460 -93.11 124.47 10.17
C ASP G 460 -92.70 123.30 11.10
N VAL G 461 -91.88 122.36 10.61
CA VAL G 461 -91.29 121.29 11.43
C VAL G 461 -90.34 121.88 12.48
N SER G 462 -90.28 121.28 13.68
CA SER G 462 -89.53 121.78 14.84
C SER G 462 -88.00 121.74 14.68
N GLU G 463 -87.47 120.82 13.88
CA GLU G 463 -86.03 120.67 13.65
C GLU G 463 -85.74 120.08 12.27
N VAL G 464 -84.46 120.17 11.91
CA VAL G 464 -83.87 119.68 10.66
C VAL G 464 -82.59 118.90 10.95
N HIS G 465 -82.13 118.07 10.02
CA HIS G 465 -80.89 117.31 10.14
C HIS G 465 -80.02 117.50 8.90
N GLU G 466 -78.75 117.85 9.07
CA GLU G 466 -77.94 118.40 7.98
C GLU G 466 -76.47 118.01 8.06
N ARG G 467 -75.73 118.11 6.94
CA ARG G 467 -74.30 117.77 6.86
C ARG G 467 -73.39 118.97 7.14
N HIS G 468 -72.30 118.72 7.85
CA HIS G 468 -71.35 119.74 8.31
C HIS G 468 -69.91 119.38 7.91
N ARG G 469 -69.01 120.36 7.82
CA ARG G 469 -67.58 120.16 7.49
C ARG G 469 -66.66 121.25 8.08
N HIS G 470 -67.06 121.87 9.18
CA HIS G 470 -66.47 123.14 9.59
C HIS G 470 -65.58 123.02 10.81
N ARG G 471 -64.52 123.84 10.83
CA ARG G 471 -63.63 124.02 12.00
C ARG G 471 -63.83 125.34 12.74
N TYR G 472 -64.52 126.31 12.16
CA TYR G 472 -64.80 127.61 12.77
C TYR G 472 -66.29 127.80 12.96
N GLU G 473 -66.67 128.58 13.96
CA GLU G 473 -68.04 129.08 14.10
C GLU G 473 -68.03 130.58 14.46
N ILE G 474 -69.12 131.29 14.23
CA ILE G 474 -69.23 132.70 14.62
C ILE G 474 -69.08 132.80 16.13
N ASN G 475 -68.32 133.79 16.58
CA ASN G 475 -67.97 133.92 18.00
C ASN G 475 -69.23 134.22 18.85
N PRO G 476 -69.66 133.34 19.77
CA PRO G 476 -70.91 133.51 20.52
C PRO G 476 -71.01 134.84 21.26
N LYS G 477 -69.87 135.41 21.67
CA LYS G 477 -69.77 136.73 22.33
C LYS G 477 -70.46 137.83 21.52
N MET G 478 -70.37 137.78 20.20
CA MET G 478 -70.94 138.79 19.30
C MET G 478 -72.40 138.55 18.95
N VAL G 479 -72.94 137.35 19.11
CA VAL G 479 -74.22 136.95 18.51
C VAL G 479 -75.40 137.77 19.02
N ASP G 480 -75.39 138.22 20.28
CA ASP G 480 -76.44 139.12 20.78
C ASP G 480 -76.47 140.45 20.00
N GLU G 481 -75.32 140.99 19.65
CA GLU G 481 -75.18 142.24 18.91
C GLU G 481 -75.76 142.09 17.50
N LEU G 482 -75.46 140.98 16.84
CA LEU G 482 -75.99 140.62 15.53
C LEU G 482 -77.50 140.36 15.58
N GLU G 483 -78.00 139.61 16.57
CA GLU G 483 -79.44 139.39 16.76
C GLU G 483 -80.20 140.70 17.01
N ASN G 484 -79.66 141.59 17.85
CA ASN G 484 -80.24 142.89 18.16
C ASN G 484 -80.25 143.85 16.95
N ASN G 485 -79.25 143.77 16.08
CA ASN G 485 -79.18 144.57 14.85
C ASN G 485 -79.98 143.97 13.68
N GLY G 486 -80.47 142.73 13.78
CA GLY G 486 -81.42 142.13 12.85
C GLY G 486 -80.90 140.95 12.03
N LEU G 487 -79.63 140.58 12.16
CA LEU G 487 -79.07 139.36 11.57
C LEU G 487 -79.45 138.15 12.42
N ILE G 488 -80.75 137.83 12.50
CA ILE G 488 -81.29 136.90 13.48
C ILE G 488 -80.86 135.47 13.17
N PHE G 489 -80.19 134.80 14.11
CA PHE G 489 -79.80 133.40 13.96
C PHE G 489 -80.97 132.46 14.20
N VAL G 490 -81.81 132.26 13.18
CA VAL G 490 -83.07 131.52 13.27
C VAL G 490 -82.93 130.01 13.58
N GLY G 491 -81.73 129.44 13.53
CA GLY G 491 -81.47 128.06 13.90
C GLY G 491 -80.15 127.87 14.60
N LYS G 492 -80.14 127.07 15.64
CA LYS G 492 -78.94 126.71 16.42
C LYS G 492 -78.94 125.21 16.72
N ASP G 493 -77.83 124.74 17.26
CA ASP G 493 -77.63 123.35 17.62
C ASP G 493 -78.38 122.95 18.90
N ASP G 494 -78.22 121.69 19.30
CA ASP G 494 -78.73 121.12 20.54
C ASP G 494 -78.38 121.96 21.80
N THR G 495 -77.14 122.45 21.91
CA THR G 495 -76.69 123.25 23.07
C THR G 495 -77.19 124.70 23.03
N GLY G 496 -77.50 125.24 21.84
CA GLY G 496 -77.79 126.65 21.62
C GLY G 496 -76.55 127.55 21.57
N LYS G 497 -75.35 126.98 21.63
CA LYS G 497 -74.09 127.72 21.55
C LYS G 497 -73.63 127.96 20.11
N ARG G 498 -74.05 127.13 19.15
CA ARG G 498 -73.52 127.08 17.77
C ARG G 498 -74.45 127.75 16.76
N CYS G 499 -73.90 128.57 15.88
CA CYS G 499 -74.63 129.31 14.86
C CYS G 499 -74.90 128.45 13.62
N GLU G 500 -76.10 127.88 13.47
CA GLU G 500 -76.39 126.94 12.39
C GLU G 500 -77.08 127.60 11.19
N ILE G 501 -77.97 128.56 11.44
CA ILE G 501 -78.69 129.32 10.41
C ILE G 501 -78.79 130.79 10.82
N LEU G 502 -78.67 131.69 9.84
CA LEU G 502 -79.13 133.08 9.96
C LEU G 502 -80.11 133.46 8.86
N GLU G 503 -81.00 134.38 9.19
CA GLU G 503 -81.84 135.12 8.27
C GLU G 503 -81.83 136.58 8.68
N LEU G 504 -81.58 137.49 7.73
CA LEU G 504 -81.67 138.92 7.97
C LEU G 504 -83.14 139.33 8.01
N LYS G 505 -83.60 139.84 9.15
CA LYS G 505 -84.98 140.31 9.37
C LYS G 505 -85.36 141.37 8.33
N ASN G 506 -86.55 141.24 7.74
CA ASN G 506 -87.13 142.17 6.76
C ASN G 506 -86.22 142.42 5.53
N HIS G 507 -85.81 141.33 4.88
CA HIS G 507 -85.23 141.30 3.53
C HIS G 507 -85.94 140.20 2.71
N PRO G 508 -86.19 140.34 1.40
CA PRO G 508 -86.97 139.37 0.63
C PRO G 508 -86.49 137.92 0.69
N TYR G 509 -85.18 137.68 0.72
CA TYR G 509 -84.58 136.37 0.95
C TYR G 509 -83.06 136.51 1.16
N TYR G 510 -82.60 136.58 2.40
CA TYR G 510 -81.18 136.63 2.71
C TYR G 510 -80.89 135.66 3.82
N ILE G 511 -80.42 134.49 3.40
CA ILE G 511 -80.20 133.33 4.22
C ILE G 511 -78.71 132.97 4.20
N ALA G 512 -78.23 132.44 5.31
CA ALA G 512 -77.05 131.59 5.25
C ALA G 512 -77.16 130.39 6.19
N THR G 513 -76.44 129.33 5.86
CA THR G 513 -76.36 128.07 6.62
C THR G 513 -74.92 127.75 6.90
N GLN G 514 -74.59 127.31 8.11
CA GLN G 514 -73.25 126.82 8.40
C GLN G 514 -73.02 125.45 7.73
N TYR G 515 -74.05 124.61 7.70
CA TYR G 515 -74.08 123.34 7.00
C TYR G 515 -74.09 123.49 5.47
N HIS G 516 -73.92 122.35 4.79
CA HIS G 516 -73.92 122.17 3.34
C HIS G 516 -75.20 121.46 2.84
N PRO G 517 -76.31 122.21 2.63
CA PRO G 517 -77.60 121.62 2.26
C PRO G 517 -77.60 120.88 0.91
N GLU G 518 -76.67 121.20 0.02
CA GLU G 518 -76.46 120.52 -1.24
C GLU G 518 -76.04 119.05 -1.05
N TYR G 519 -75.63 118.67 0.16
CA TYR G 519 -75.43 117.26 0.48
C TYR G 519 -76.73 116.52 0.80
N THR G 520 -77.90 117.17 0.71
CA THR G 520 -79.18 116.48 0.89
C THR G 520 -80.27 116.93 -0.08
N SER G 521 -79.91 117.71 -1.11
CA SER G 521 -80.81 117.98 -2.23
C SER G 521 -81.09 116.71 -3.05
N LYS G 522 -82.35 116.37 -3.28
CA LYS G 522 -82.79 115.23 -4.12
C LYS G 522 -83.60 115.73 -5.31
N VAL G 523 -83.61 114.96 -6.41
CA VAL G 523 -84.27 115.37 -7.66
C VAL G 523 -85.77 115.60 -7.47
N LEU G 524 -86.43 114.81 -6.62
CA LEU G 524 -87.85 114.94 -6.30
C LEU G 524 -88.13 115.62 -4.94
N ASP G 525 -87.09 115.85 -4.13
CA ASP G 525 -87.15 116.61 -2.87
C ASP G 525 -85.96 117.58 -2.78
N PRO G 526 -86.09 118.80 -3.33
CA PRO G 526 -84.99 119.77 -3.34
C PRO G 526 -84.67 120.28 -1.93
N SER G 527 -83.39 120.54 -1.63
CA SER G 527 -82.95 121.05 -0.32
C SER G 527 -83.46 122.48 -0.09
N LYS G 528 -84.22 122.70 0.98
CA LYS G 528 -85.01 123.94 1.19
C LYS G 528 -84.25 125.27 1.01
N PRO G 529 -83.01 125.45 1.50
CA PRO G 529 -82.29 126.73 1.38
C PRO G 529 -82.01 127.16 -0.07
N PHE G 530 -81.76 126.18 -0.92
CA PHE G 530 -81.63 126.40 -2.35
C PHE G 530 -82.99 126.58 -3.02
N LEU G 531 -84.04 125.85 -2.63
CA LEU G 531 -85.36 126.11 -3.19
C LEU G 531 -85.77 127.57 -2.96
N GLY G 532 -85.57 128.08 -1.75
CA GLY G 532 -85.84 129.48 -1.45
C GLY G 532 -85.03 130.46 -2.29
N LEU G 533 -83.73 130.21 -2.51
CA LEU G 533 -82.90 131.04 -3.37
C LEU G 533 -83.43 131.10 -4.80
N VAL G 534 -83.79 129.99 -5.41
CA VAL G 534 -84.33 130.02 -6.76
C VAL G 534 -85.70 130.67 -6.76
N ALA G 535 -86.60 130.27 -5.86
CA ALA G 535 -87.96 130.81 -5.84
C ALA G 535 -87.99 132.32 -5.60
N ALA G 536 -87.15 132.87 -4.74
CA ALA G 536 -87.06 134.31 -4.56
C ALA G 536 -86.38 134.99 -5.76
N SER G 537 -85.41 134.38 -6.40
CA SER G 537 -84.83 134.89 -7.66
C SER G 537 -85.87 134.96 -8.77
N ALA G 538 -86.79 134.00 -8.82
CA ALA G 538 -87.98 133.99 -9.67
C ALA G 538 -89.10 134.94 -9.20
N GLY G 539 -88.99 135.52 -8.01
CA GLY G 539 -90.00 136.40 -7.44
C GLY G 539 -91.31 135.70 -7.06
N ILE G 540 -91.24 134.38 -6.81
CA ILE G 540 -92.40 133.49 -6.60
C ILE G 540 -92.40 132.80 -5.22
N LEU G 541 -91.48 133.18 -4.33
CA LEU G 541 -91.21 132.51 -3.05
C LEU G 541 -92.46 132.28 -2.22
N GLN G 542 -93.34 133.26 -2.11
CA GLN G 542 -94.61 133.13 -1.38
C GLN G 542 -95.42 131.93 -1.85
N ASP G 543 -95.54 131.77 -3.17
CA ASP G 543 -96.44 130.80 -3.78
C ASP G 543 -95.88 129.38 -3.74
N VAL G 544 -94.54 129.26 -3.74
CA VAL G 544 -93.83 128.00 -3.46
C VAL G 544 -94.06 127.56 -2.03
N ILE G 545 -94.01 128.47 -1.06
CA ILE G 545 -94.31 128.17 0.35
C ILE G 545 -95.78 127.79 0.52
N GLU G 546 -96.68 128.51 -0.13
CA GLU G 546 -98.12 128.24 -0.11
C GLU G 546 -98.53 126.95 -0.85
N GLY G 547 -97.68 126.41 -1.73
CA GLY G 547 -97.82 125.09 -2.32
C GLY G 547 -98.25 125.03 -3.79
N LYS G 548 -98.11 126.12 -4.56
CA LYS G 548 -98.47 126.21 -5.99
C LYS G 548 -97.55 125.40 -6.94
N TYR G 549 -96.61 124.63 -6.41
CA TYR G 549 -95.57 123.94 -7.19
C TYR G 549 -95.19 122.54 -6.67
N ASP G 550 -95.92 121.95 -5.73
CA ASP G 550 -95.78 120.52 -5.42
C ASP G 550 -96.20 119.63 -6.61
N LEU G 551 -95.56 118.47 -6.77
CA LEU G 551 -95.60 117.71 -8.04
C LEU G 551 -96.85 116.82 -8.19
N GLU G 552 -97.61 116.61 -7.11
CA GLU G 552 -98.89 115.87 -7.09
C GLU G 552 -99.91 116.61 -6.20
N ALA G 553 -101.20 116.69 -6.59
CA ALA G 553 -102.21 117.40 -5.80
C ALA G 553 -102.42 116.78 -4.41
N MET H 1 -26.91 104.54 -44.90
CA MET H 1 -28.00 105.50 -45.22
C MET H 1 -28.81 105.85 -43.97
N LYS H 2 -29.38 107.05 -43.91
CA LYS H 2 -30.25 107.47 -42.79
C LYS H 2 -31.71 107.08 -43.04
N TYR H 3 -32.47 106.86 -41.97
CA TYR H 3 -33.89 106.52 -42.10
C TYR H 3 -34.73 107.13 -40.98
N VAL H 4 -36.00 107.48 -41.25
CA VAL H 4 -36.93 108.02 -40.26
C VAL H 4 -38.25 107.28 -40.36
N VAL H 5 -38.63 106.49 -39.37
CA VAL H 5 -39.99 105.94 -39.31
C VAL H 5 -40.96 107.00 -38.84
N VAL H 6 -42.15 107.04 -39.43
CA VAL H 6 -43.33 107.69 -38.89
C VAL H 6 -44.39 106.63 -38.70
N SER H 7 -44.96 106.50 -37.51
CA SER H 7 -45.88 105.41 -37.16
C SER H 7 -46.89 105.82 -36.10
N GLY H 8 -47.81 104.94 -35.72
CA GLY H 8 -48.38 105.00 -34.36
C GLY H 8 -49.86 105.33 -34.16
N GLY H 9 -50.19 105.55 -32.88
CA GLY H 9 -51.47 106.08 -32.39
C GLY H 9 -52.44 105.03 -31.84
N VAL H 10 -53.49 105.46 -31.14
CA VAL H 10 -54.66 104.62 -30.79
C VAL H 10 -55.77 104.61 -31.86
N ILE H 11 -55.64 105.37 -32.94
CA ILE H 11 -56.63 105.49 -34.01
C ILE H 11 -55.93 105.59 -35.36
N SER H 12 -56.53 105.02 -36.40
CA SER H 12 -56.19 105.35 -37.77
C SER H 12 -56.78 106.74 -38.12
N GLY H 13 -56.13 107.52 -38.97
CA GLY H 13 -56.58 108.87 -39.34
C GLY H 13 -56.03 110.01 -38.47
N ILE H 14 -55.03 109.72 -37.63
CA ILE H 14 -54.45 110.66 -36.65
C ILE H 14 -53.64 111.80 -37.25
N GLY H 15 -53.05 111.66 -38.44
CA GLY H 15 -52.25 112.72 -39.07
C GLY H 15 -50.89 112.34 -39.67
N LYS H 16 -50.54 111.08 -39.83
CA LYS H 16 -49.23 110.58 -40.25
C LYS H 16 -48.63 111.29 -41.45
N GLY H 17 -49.19 111.14 -42.64
CA GLY H 17 -48.69 111.70 -43.88
C GLY H 17 -48.19 113.11 -43.86
N VAL H 18 -48.88 114.05 -43.22
CA VAL H 18 -48.54 115.46 -43.04
C VAL H 18 -47.31 115.56 -42.15
N LEU H 19 -47.16 114.70 -41.18
CA LEU H 19 -46.01 114.57 -40.27
C LEU H 19 -44.88 113.89 -41.00
N ALA H 20 -45.15 113.11 -42.01
CA ALA H 20 -44.25 112.31 -42.81
C ALA H 20 -43.58 113.14 -43.89
N SER H 21 -44.25 113.44 -44.97
CA SER H 21 -43.73 114.19 -46.10
C SER H 21 -43.30 115.53 -45.55
N SER H 22 -44.09 116.16 -44.74
CA SER H 22 -43.64 117.41 -44.08
C SER H 22 -42.28 117.30 -43.35
N THR H 23 -41.93 116.23 -42.70
CA THR H 23 -40.65 115.92 -42.09
C THR H 23 -39.65 115.79 -43.20
N GLY H 24 -40.00 115.16 -44.30
CA GLY H 24 -39.19 114.96 -45.46
C GLY H 24 -38.91 116.18 -46.27
N MET H 25 -39.81 117.16 -46.31
CA MET H 25 -39.58 118.46 -46.93
C MET H 25 -38.45 119.16 -46.17
N LEU H 26 -38.54 119.06 -44.86
CA LEU H 26 -37.57 119.66 -43.99
C LEU H 26 -36.21 119.01 -44.15
N MET H 27 -36.14 117.71 -44.44
CA MET H 27 -34.84 117.09 -44.71
C MET H 27 -34.19 117.74 -45.95
N LYS H 28 -34.98 118.03 -46.97
CA LYS H 28 -34.55 118.78 -48.15
C LYS H 28 -34.10 120.21 -47.87
N THR H 29 -34.67 120.82 -46.85
CA THR H 29 -34.25 122.14 -46.36
C THR H 29 -32.77 122.14 -45.98
N LEU H 30 -32.28 121.03 -45.42
CA LEU H 30 -30.89 120.86 -45.08
C LEU H 30 -30.03 120.63 -46.34
N GLY H 31 -30.64 120.55 -47.52
CA GLY H 31 -30.00 120.30 -48.81
C GLY H 31 -29.94 118.82 -49.21
N LEU H 32 -30.62 117.95 -48.45
CA LEU H 32 -30.46 116.49 -48.54
C LEU H 32 -31.18 115.88 -49.77
N LYS H 33 -30.62 114.78 -50.30
CA LYS H 33 -31.33 113.89 -51.21
C LYS H 33 -32.33 113.07 -50.41
N VAL H 34 -33.60 113.07 -50.78
CA VAL H 34 -34.64 112.48 -49.92
C VAL H 34 -35.59 111.58 -50.69
N THR H 35 -36.09 110.55 -50.03
CA THR H 35 -37.03 109.56 -50.57
C THR H 35 -38.06 109.19 -49.53
N SER H 36 -39.09 108.47 -49.91
CA SER H 36 -40.16 108.06 -49.01
C SER H 36 -40.74 106.73 -49.38
N ILE H 37 -41.11 105.89 -48.42
CA ILE H 37 -41.78 104.62 -48.63
C ILE H 37 -43.04 104.60 -47.79
N LYS H 38 -44.18 104.22 -48.37
CA LYS H 38 -45.37 103.99 -47.56
C LYS H 38 -45.62 102.51 -47.44
N ILE H 39 -45.68 102.07 -46.21
CA ILE H 39 -46.00 100.70 -45.86
C ILE H 39 -47.49 100.66 -45.55
N ASP H 40 -48.22 99.88 -46.34
CA ASP H 40 -49.66 99.73 -46.20
C ASP H 40 -50.07 98.39 -45.64
N PRO H 41 -50.84 98.37 -44.54
CA PRO H 41 -51.25 97.10 -43.99
C PRO H 41 -52.34 96.37 -44.78
N TYR H 42 -53.00 97.01 -45.75
CA TYR H 42 -54.03 96.32 -46.52
C TYR H 42 -53.47 95.25 -47.46
N MET H 43 -54.35 94.37 -47.93
CA MET H 43 -53.97 93.23 -48.77
C MET H 43 -54.10 93.39 -50.28
N ASN H 44 -54.64 94.50 -50.77
CA ASN H 44 -54.54 94.78 -52.20
C ASN H 44 -53.05 94.93 -52.59
N ILE H 45 -52.65 94.31 -53.70
CA ILE H 45 -51.30 94.49 -54.24
C ILE H 45 -51.13 95.88 -54.88
N ASP H 46 -52.18 96.44 -55.45
CA ASP H 46 -52.22 97.77 -56.06
C ASP H 46 -53.64 98.35 -56.08
N ALA H 47 -53.76 99.64 -56.38
CA ALA H 47 -55.04 100.32 -56.48
C ALA H 47 -55.78 100.07 -57.79
N GLY H 48 -55.20 99.32 -58.74
CA GLY H 48 -55.84 99.08 -60.02
C GLY H 48 -57.14 98.27 -59.90
N THR H 49 -57.21 97.38 -58.92
CA THR H 49 -58.45 96.67 -58.57
C THR H 49 -59.41 97.51 -57.75
N MET H 50 -58.92 98.58 -57.12
CA MET H 50 -59.69 99.35 -56.14
C MET H 50 -60.52 100.43 -56.83
N SER H 51 -61.84 100.31 -56.77
CA SER H 51 -62.78 101.32 -57.25
C SER H 51 -62.64 102.63 -56.44
N PRO H 52 -62.58 103.82 -57.06
CA PRO H 52 -62.35 105.08 -56.33
C PRO H 52 -63.39 105.44 -55.25
N LEU H 53 -64.51 104.74 -55.19
CA LEU H 53 -65.55 104.87 -54.15
C LEU H 53 -64.99 104.73 -52.73
N GLU H 54 -64.01 103.85 -52.55
CA GLU H 54 -63.40 103.56 -51.25
C GLU H 54 -61.89 103.44 -51.39
N HIS H 55 -61.18 103.92 -50.38
CA HIS H 55 -59.77 104.32 -50.45
C HIS H 55 -59.46 105.44 -51.47
N GLY H 56 -60.47 105.93 -52.19
CA GLY H 56 -60.35 107.11 -53.03
C GLY H 56 -59.56 106.90 -54.33
N GLU H 57 -59.10 108.03 -54.84
CA GLU H 57 -58.39 108.23 -56.11
C GLU H 57 -57.15 107.34 -56.33
N CYS H 58 -57.11 106.54 -57.40
CA CYS H 58 -55.94 105.72 -57.77
C CYS H 58 -54.79 106.61 -58.27
N PHE H 59 -53.88 107.05 -57.41
CA PHE H 59 -52.78 107.93 -57.82
C PHE H 59 -51.87 107.27 -58.87
N VAL H 60 -51.38 108.03 -59.84
CA VAL H 60 -50.55 107.44 -60.90
C VAL H 60 -49.11 107.97 -61.05
N LEU H 61 -48.23 107.00 -61.08
CA LEU H 61 -46.79 107.20 -61.19
C LEU H 61 -46.37 107.65 -62.58
N ASP H 62 -45.15 108.18 -62.62
CA ASP H 62 -44.30 108.22 -63.81
C ASP H 62 -44.23 106.83 -64.49
N ASP H 63 -43.91 105.78 -63.73
CA ASP H 63 -43.92 104.38 -64.18
C ASP H 63 -45.33 103.80 -64.44
N GLY H 64 -46.40 104.58 -64.29
CA GLY H 64 -47.75 104.19 -64.71
C GLY H 64 -48.47 103.15 -63.86
N GLY H 65 -47.91 102.79 -62.70
CA GLY H 65 -48.63 102.03 -61.68
C GLY H 65 -49.72 102.86 -61.00
N GLU H 66 -50.90 102.27 -60.85
CA GLU H 66 -52.00 102.77 -60.00
C GLU H 66 -51.71 102.47 -58.53
N THR H 67 -51.08 103.43 -57.87
CA THR H 67 -50.62 103.35 -56.44
C THR H 67 -51.68 103.72 -55.45
N ASP H 68 -51.36 103.45 -54.18
CA ASP H 68 -51.93 104.18 -53.06
C ASP H 68 -51.94 105.69 -53.34
N LEU H 69 -53.06 106.33 -53.02
CA LEU H 69 -53.23 107.75 -53.18
C LEU H 69 -52.15 108.56 -52.46
N ASP H 70 -51.84 108.19 -51.22
CA ASP H 70 -51.04 109.03 -50.34
C ASP H 70 -49.60 109.25 -50.83
N LEU H 71 -49.09 108.39 -51.71
CA LEU H 71 -47.79 108.64 -52.35
C LEU H 71 -47.75 109.99 -53.04
N GLY H 72 -48.87 110.43 -53.62
CA GLY H 72 -48.97 111.76 -54.18
C GLY H 72 -48.56 112.82 -53.17
N ASN H 73 -48.89 112.65 -51.89
CA ASN H 73 -48.59 113.60 -50.83
C ASN H 73 -47.08 113.78 -50.74
N TYR H 74 -46.27 112.80 -51.10
CA TYR H 74 -44.81 112.74 -51.05
C TYR H 74 -44.17 113.29 -52.29
N GLU H 75 -44.85 113.17 -53.43
CA GLU H 75 -44.28 113.68 -54.66
C GLU H 75 -44.37 115.20 -54.57
N ARG H 76 -45.48 115.71 -54.01
CA ARG H 76 -45.79 117.12 -53.77
C ARG H 76 -44.79 117.79 -52.82
N TYR H 77 -44.64 117.20 -51.64
CA TYR H 77 -43.92 117.79 -50.50
C TYR H 77 -42.39 117.68 -50.61
N LEU H 78 -41.89 116.75 -51.41
CA LEU H 78 -40.46 116.47 -51.66
C LEU H 78 -40.00 116.93 -53.03
N GLY H 79 -40.84 116.80 -54.06
CA GLY H 79 -40.43 117.04 -55.43
C GLY H 79 -39.60 115.88 -55.95
N VAL H 80 -40.17 114.68 -55.93
CA VAL H 80 -39.50 113.42 -56.29
C VAL H 80 -40.38 112.55 -57.16
N THR H 81 -39.78 111.74 -58.02
CA THR H 81 -40.48 110.71 -58.79
C THR H 81 -40.34 109.38 -58.10
N LEU H 82 -41.40 108.87 -57.48
CA LEU H 82 -41.40 107.54 -56.88
C LEU H 82 -41.67 106.45 -57.94
N THR H 83 -41.72 105.20 -57.50
CA THR H 83 -41.93 104.02 -58.37
C THR H 83 -42.96 103.08 -57.73
N LYS H 84 -43.42 102.06 -58.48
CA LYS H 84 -44.40 101.09 -57.98
C LYS H 84 -43.91 100.32 -56.74
N ASP H 85 -42.60 100.24 -56.54
CA ASP H 85 -41.99 99.59 -55.38
C ASP H 85 -42.01 100.43 -54.11
N HIS H 86 -42.16 101.76 -54.16
CA HIS H 86 -42.22 102.62 -52.96
C HIS H 86 -43.51 102.47 -52.16
N ASN H 87 -44.50 101.75 -52.67
CA ASN H 87 -45.70 101.41 -51.93
C ASN H 87 -45.66 99.94 -51.55
N ILE H 88 -45.03 99.64 -50.42
CA ILE H 88 -45.07 98.31 -49.82
C ILE H 88 -46.50 98.04 -49.35
N THR H 89 -47.06 96.88 -49.60
CA THR H 89 -48.38 96.50 -49.05
C THR H 89 -48.34 95.07 -48.54
N THR H 90 -49.23 94.72 -47.62
CA THR H 90 -49.29 93.36 -47.09
C THR H 90 -49.54 92.33 -48.19
N GLY H 91 -50.39 92.64 -49.16
CA GLY H 91 -50.60 91.74 -50.30
C GLY H 91 -49.39 91.63 -51.21
N LYS H 92 -48.61 92.69 -51.34
CA LYS H 92 -47.42 92.74 -52.19
C LYS H 92 -46.30 91.89 -51.61
N ILE H 93 -46.06 91.98 -50.31
CA ILE H 93 -44.97 91.24 -49.67
C ILE H 93 -45.33 89.78 -49.41
N TYR H 94 -46.54 89.40 -49.03
CA TYR H 94 -46.89 87.98 -49.03
C TYR H 94 -46.77 87.35 -50.41
N SER H 95 -47.14 88.04 -51.49
CA SER H 95 -46.96 87.54 -52.86
C SER H 95 -45.50 87.32 -53.22
N HIS H 96 -44.62 88.23 -52.85
CA HIS H 96 -43.20 88.14 -53.18
C HIS H 96 -42.50 86.99 -52.46
N VAL H 97 -42.75 86.82 -51.16
CA VAL H 97 -42.23 85.65 -50.43
C VAL H 97 -42.87 84.34 -50.91
N ILE H 98 -44.17 84.28 -51.17
CA ILE H 98 -44.81 83.09 -51.73
C ILE H 98 -44.28 82.77 -53.13
N ALA H 99 -43.89 83.74 -53.95
CA ALA H 99 -43.27 83.44 -55.24
C ALA H 99 -41.92 82.73 -55.04
N LYS H 100 -41.07 83.27 -54.18
CA LYS H 100 -39.80 82.64 -53.82
C LYS H 100 -39.97 81.26 -53.19
N GLU H 101 -41.05 81.00 -52.46
CA GLU H 101 -41.39 79.67 -51.91
C GLU H 101 -41.62 78.62 -52.99
N ARG H 102 -42.35 78.94 -54.07
CA ARG H 102 -42.62 77.99 -55.17
C ARG H 102 -41.50 77.90 -56.19
N LYS H 103 -40.73 78.97 -56.38
CA LYS H 103 -39.45 78.92 -57.11
C LYS H 103 -38.41 78.11 -56.36
N GLY H 104 -38.54 78.01 -55.04
CA GLY H 104 -37.66 77.22 -54.19
C GLY H 104 -36.41 77.96 -53.72
N ASP H 105 -36.43 79.30 -53.68
CA ASP H 105 -35.27 80.12 -53.31
C ASP H 105 -34.88 79.98 -51.83
N TYR H 106 -35.73 79.38 -51.00
CA TYR H 106 -35.44 79.01 -49.62
C TYR H 106 -34.75 77.66 -49.46
N LEU H 107 -34.24 77.03 -50.53
CA LEU H 107 -33.43 75.81 -50.47
C LEU H 107 -34.11 74.69 -49.66
N GLY H 108 -35.42 74.57 -49.80
CA GLY H 108 -36.23 73.56 -49.15
C GLY H 108 -36.38 73.70 -47.63
N LYS H 109 -35.89 74.77 -47.00
CA LYS H 109 -36.27 75.10 -45.61
C LYS H 109 -37.78 75.33 -45.52
N THR H 110 -38.40 75.20 -44.35
CA THR H 110 -39.71 75.82 -44.15
C THR H 110 -39.54 77.32 -44.04
N VAL H 111 -40.49 78.09 -44.58
CA VAL H 111 -40.43 79.55 -44.63
C VAL H 111 -41.47 80.10 -43.68
N GLN H 112 -41.07 81.06 -42.86
CA GLN H 112 -41.75 81.47 -41.65
C GLN H 112 -42.00 82.97 -41.64
N ILE H 113 -42.98 83.46 -40.89
CA ILE H 113 -43.17 84.91 -40.82
C ILE H 113 -41.97 85.57 -40.15
N VAL H 114 -41.38 84.92 -39.13
CA VAL H 114 -40.08 85.30 -38.59
C VAL H 114 -39.14 84.09 -38.68
N PRO H 115 -37.94 84.19 -39.25
CA PRO H 115 -37.28 85.38 -39.76
C PRO H 115 -37.50 85.66 -41.25
N HIS H 116 -38.03 84.75 -42.06
CA HIS H 116 -37.98 84.91 -43.52
C HIS H 116 -38.78 86.10 -44.04
N LEU H 117 -40.05 86.25 -43.67
CA LEU H 117 -40.83 87.40 -44.13
C LEU H 117 -40.36 88.72 -43.51
N THR H 118 -39.94 88.74 -42.25
CA THR H 118 -39.38 89.97 -41.67
C THR H 118 -38.04 90.34 -42.26
N ASN H 119 -37.25 89.39 -42.75
CA ASN H 119 -36.10 89.68 -43.59
C ASN H 119 -36.53 90.25 -44.94
N ALA H 120 -37.56 89.70 -45.59
CA ALA H 120 -38.03 90.22 -46.86
C ALA H 120 -38.41 91.71 -46.78
N ILE H 121 -39.14 92.10 -45.74
CA ILE H 121 -39.51 93.50 -45.53
C ILE H 121 -38.28 94.39 -45.35
N GLN H 122 -37.29 94.00 -44.54
CA GLN H 122 -36.05 94.77 -44.40
C GLN H 122 -35.27 94.84 -45.72
N ASP H 123 -35.20 93.73 -46.45
CA ASP H 123 -34.51 93.68 -47.73
C ASP H 123 -35.23 94.52 -48.80
N TRP H 124 -36.56 94.69 -48.71
CA TRP H 124 -37.33 95.60 -49.56
C TRP H 124 -37.07 97.06 -49.20
N ILE H 125 -37.15 97.45 -47.94
CA ILE H 125 -36.90 98.84 -47.52
C ILE H 125 -35.49 99.28 -47.93
N GLU H 126 -34.45 98.50 -47.62
CA GLU H 126 -33.10 98.90 -48.01
C GLU H 126 -32.85 98.77 -49.51
N ARG H 127 -33.60 97.93 -50.25
CA ARG H 127 -33.54 97.91 -51.72
C ARG H 127 -34.06 99.21 -52.26
N VAL H 128 -35.29 99.56 -51.92
CA VAL H 128 -35.99 100.72 -52.47
C VAL H 128 -35.31 102.03 -52.08
N ALA H 129 -34.76 102.13 -50.87
CA ALA H 129 -34.05 103.32 -50.41
C ALA H 129 -32.76 103.64 -51.20
N LYS H 130 -32.26 102.74 -52.05
CA LYS H 130 -31.17 103.03 -53.00
C LYS H 130 -31.61 103.81 -54.23
N ILE H 131 -32.87 103.68 -54.66
CA ILE H 131 -33.36 104.20 -55.94
C ILE H 131 -33.24 105.73 -55.97
N PRO H 132 -32.65 106.35 -57.02
CA PRO H 132 -32.42 107.79 -57.10
C PRO H 132 -33.67 108.55 -57.57
N VAL H 133 -34.60 108.83 -56.65
CA VAL H 133 -35.89 109.48 -56.97
C VAL H 133 -35.79 111.00 -57.19
N ASP H 134 -34.62 111.57 -56.95
CA ASP H 134 -34.38 113.01 -56.79
C ASP H 134 -33.83 113.68 -58.06
N ASP H 135 -33.65 115.01 -58.03
CA ASP H 135 -33.24 115.83 -59.19
C ASP H 135 -31.80 115.60 -59.71
N THR H 136 -31.06 114.66 -59.16
CA THR H 136 -29.84 114.11 -59.74
C THR H 136 -29.71 112.64 -59.34
N GLY H 137 -29.06 111.84 -60.17
CA GLY H 137 -29.08 110.38 -60.10
C GLY H 137 -28.37 109.73 -58.91
N MET H 138 -27.94 110.47 -57.90
CA MET H 138 -27.38 109.89 -56.66
C MET H 138 -28.44 109.24 -55.78
N GLU H 139 -28.03 108.20 -55.07
CA GLU H 139 -28.92 107.56 -54.09
C GLU H 139 -29.31 108.52 -52.95
N PRO H 140 -30.54 108.46 -52.43
CA PRO H 140 -30.99 109.30 -51.32
C PRO H 140 -30.15 109.20 -50.06
N ASP H 141 -30.07 110.30 -49.32
CA ASP H 141 -29.34 110.36 -48.06
C ASP H 141 -30.23 109.91 -46.90
N VAL H 142 -31.51 110.24 -46.97
CA VAL H 142 -32.52 109.89 -45.96
C VAL H 142 -33.77 109.31 -46.61
N CYS H 143 -34.37 108.32 -45.95
CA CYS H 143 -35.64 107.75 -46.36
C CYS H 143 -36.69 107.93 -45.25
N ILE H 144 -37.84 108.51 -45.55
CA ILE H 144 -38.98 108.61 -44.63
C ILE H 144 -39.86 107.38 -44.82
N ILE H 145 -40.00 106.54 -43.81
CA ILE H 145 -40.82 105.32 -43.88
C ILE H 145 -42.11 105.55 -43.11
N GLU H 146 -43.26 105.62 -43.77
CA GLU H 146 -44.53 105.75 -43.07
C GLU H 146 -45.18 104.39 -42.91
N LEU H 147 -45.38 103.97 -41.68
CA LEU H 147 -46.06 102.73 -41.32
C LEU H 147 -47.55 103.02 -41.16
N GLY H 148 -48.39 102.58 -42.10
CA GLY H 148 -49.84 102.69 -42.00
C GLY H 148 -50.45 101.77 -40.94
N GLY H 149 -51.76 101.89 -40.76
CA GLY H 149 -52.50 101.23 -39.69
C GLY H 149 -52.15 101.80 -38.31
N THR H 150 -52.33 101.01 -37.26
CA THR H 150 -51.86 101.36 -35.91
C THR H 150 -51.02 100.24 -35.33
N VAL H 151 -49.99 100.57 -34.56
CA VAL H 151 -49.20 99.58 -33.84
C VAL H 151 -50.11 98.82 -32.86
N GLY H 152 -50.06 97.49 -32.88
CA GLY H 152 -50.99 96.62 -32.15
C GLY H 152 -52.19 96.11 -32.95
N ASP H 153 -52.21 96.43 -34.23
CA ASP H 153 -53.21 95.84 -35.17
C ASP H 153 -52.68 94.43 -35.49
N ILE H 154 -53.52 93.44 -35.78
CA ILE H 154 -53.06 92.07 -36.21
C ILE H 154 -52.67 92.16 -37.69
N GLU H 155 -52.83 93.26 -38.35
CA GLU H 155 -52.56 93.60 -39.74
C GLU H 155 -51.20 94.22 -39.88
N SER H 156 -50.72 94.92 -38.89
CA SER H 156 -49.49 95.69 -38.82
C SER H 156 -48.39 94.98 -38.08
N ALA H 157 -48.65 93.79 -37.52
CA ALA H 157 -47.69 93.06 -36.66
C ALA H 157 -46.44 92.62 -37.44
N PRO H 158 -46.51 92.14 -38.70
CA PRO H 158 -45.31 91.78 -39.46
C PRO H 158 -44.34 92.94 -39.69
N PHE H 159 -44.84 94.15 -39.88
CA PHE H 159 -44.03 95.33 -40.15
C PHE H 159 -43.33 95.90 -38.92
N VAL H 160 -43.96 95.92 -37.76
CA VAL H 160 -43.26 96.33 -36.52
C VAL H 160 -42.20 95.32 -36.09
N GLU H 161 -42.36 94.03 -36.39
CA GLU H 161 -41.26 93.08 -36.28
C GLU H 161 -40.13 93.44 -37.25
N ALA H 162 -40.43 93.63 -38.53
CA ALA H 162 -39.40 93.89 -39.51
C ALA H 162 -38.66 95.19 -39.22
N LEU H 163 -39.37 96.25 -38.84
CA LEU H 163 -38.76 97.51 -38.44
C LEU H 163 -37.95 97.35 -37.16
N ARG H 164 -38.35 96.57 -36.14
CA ARG H 164 -37.52 96.35 -34.94
C ARG H 164 -36.16 95.77 -35.34
N GLN H 165 -36.17 94.68 -36.11
CA GLN H 165 -34.94 94.04 -36.59
C GLN H 165 -34.14 95.04 -37.43
N PHE H 166 -34.80 95.90 -38.19
CA PHE H 166 -34.17 96.95 -38.96
C PHE H 166 -33.45 98.00 -38.12
N GLN H 167 -33.84 98.23 -36.86
CA GLN H 167 -33.09 99.12 -35.96
C GLN H 167 -31.68 98.59 -35.64
N PHE H 168 -31.36 97.35 -36.02
CA PHE H 168 -30.08 96.70 -35.79
C PHE H 168 -29.35 96.42 -37.11
N LYS H 169 -30.08 96.03 -38.16
CA LYS H 169 -29.54 95.85 -39.50
C LYS H 169 -28.99 97.18 -40.04
N VAL H 170 -29.76 98.25 -39.85
CA VAL H 170 -29.30 99.64 -39.81
C VAL H 170 -28.88 99.95 -38.38
N GLY H 171 -27.91 100.82 -38.14
CA GLY H 171 -27.54 101.20 -36.77
C GLY H 171 -28.48 102.22 -36.10
N LYS H 172 -28.49 102.27 -34.77
CA LYS H 172 -28.84 103.49 -34.04
C LYS H 172 -27.83 104.59 -34.42
N GLU H 173 -28.24 105.85 -34.39
CA GLU H 173 -27.57 106.96 -35.09
C GLU H 173 -27.59 106.84 -36.62
N ASN H 174 -28.35 105.91 -37.20
CA ASN H 174 -28.79 105.96 -38.60
C ASN H 174 -30.32 105.82 -38.73
N PHE H 175 -31.00 105.18 -37.81
CA PHE H 175 -32.45 105.05 -37.76
C PHE H 175 -33.05 105.85 -36.60
N ALA H 176 -34.18 106.52 -36.80
CA ALA H 176 -34.98 107.20 -35.77
C ALA H 176 -36.48 107.04 -36.01
N LEU H 177 -37.31 107.14 -34.97
CA LEU H 177 -38.76 106.97 -35.07
C LEU H 177 -39.54 108.15 -34.49
N ILE H 178 -40.53 108.63 -35.22
CA ILE H 178 -41.54 109.60 -34.81
C ILE H 178 -42.85 108.84 -34.58
N HIS H 179 -43.42 108.88 -33.38
CA HIS H 179 -44.69 108.20 -33.10
C HIS H 179 -45.78 109.24 -32.97
N VAL H 180 -46.86 109.09 -33.72
CA VAL H 180 -47.93 110.09 -33.78
C VAL H 180 -49.06 109.59 -32.91
N SER H 181 -49.57 110.37 -31.95
CA SER H 181 -50.46 109.84 -30.89
C SER H 181 -51.55 110.83 -30.47
N LEU H 182 -52.60 110.34 -29.81
CA LEU H 182 -53.81 111.15 -29.55
C LEU H 182 -53.78 111.76 -28.15
N VAL H 183 -54.07 113.04 -28.04
CA VAL H 183 -54.39 113.69 -26.78
C VAL H 183 -55.86 114.13 -26.88
N PRO H 184 -56.85 113.30 -26.53
CA PRO H 184 -58.23 113.73 -26.58
C PRO H 184 -58.47 114.80 -25.52
N VAL H 185 -59.31 115.77 -25.85
CA VAL H 185 -59.78 116.77 -24.91
C VAL H 185 -61.24 116.48 -24.61
N ILE H 186 -61.53 116.15 -23.35
CA ILE H 186 -62.91 116.03 -22.85
C ILE H 186 -63.06 116.77 -21.54
N HIS H 187 -64.26 117.32 -21.27
CA HIS H 187 -64.49 118.22 -20.14
C HIS H 187 -63.47 119.38 -20.12
N GLY H 188 -63.00 119.81 -21.29
CA GLY H 188 -61.97 120.84 -21.45
C GLY H 188 -60.58 120.47 -20.93
N GLU H 189 -60.27 119.21 -20.66
CA GLU H 189 -58.93 118.75 -20.23
C GLU H 189 -58.25 117.80 -21.22
N GLN H 190 -57.00 118.09 -21.56
CA GLN H 190 -56.11 117.23 -22.36
C GLN H 190 -55.70 115.94 -21.62
N LYS H 191 -56.22 114.78 -22.00
CA LYS H 191 -55.91 113.50 -21.34
C LYS H 191 -54.70 112.83 -22.00
N THR H 192 -53.71 112.43 -21.23
CA THR H 192 -52.48 111.80 -21.76
C THR H 192 -52.60 110.30 -21.95
N LYS H 193 -53.54 109.62 -21.29
CA LYS H 193 -53.53 108.15 -21.19
C LYS H 193 -53.56 107.37 -22.51
N PRO H 194 -54.23 107.78 -23.59
CA PRO H 194 -54.14 107.04 -24.84
C PRO H 194 -52.71 107.02 -25.40
N THR H 195 -51.93 108.09 -25.20
CA THR H 195 -50.49 108.08 -25.52
C THR H 195 -49.70 107.14 -24.61
N GLN H 196 -49.99 107.04 -23.32
CA GLN H 196 -49.34 106.06 -22.44
C GLN H 196 -49.63 104.63 -22.87
N ALA H 197 -50.89 104.24 -23.07
CA ALA H 197 -51.27 102.90 -23.51
C ALA H 197 -50.74 102.55 -24.91
N ALA H 198 -50.67 103.48 -25.87
CA ALA H 198 -50.09 103.23 -27.19
C ALA H 198 -48.56 103.23 -27.19
N ILE H 199 -47.90 103.88 -26.25
CA ILE H 199 -46.45 103.79 -26.08
C ILE H 199 -46.07 102.51 -25.36
N LYS H 200 -46.85 102.07 -24.37
CA LYS H 200 -46.78 100.71 -23.82
C LYS H 200 -46.89 99.67 -24.93
N GLY H 201 -47.87 99.78 -25.82
CA GLY H 201 -47.96 98.95 -27.02
C GLY H 201 -46.69 99.02 -27.88
N LEU H 202 -46.19 100.22 -28.19
CA LEU H 202 -45.00 100.40 -29.02
C LEU H 202 -43.78 99.70 -28.43
N ARG H 203 -43.44 99.94 -27.16
CA ARG H 203 -42.27 99.30 -26.55
C ARG H 203 -42.43 97.79 -26.42
N SER H 204 -43.64 97.27 -26.32
CA SER H 204 -43.87 95.81 -26.31
C SER H 204 -43.33 95.16 -27.57
N LEU H 205 -43.59 95.74 -28.74
CA LEU H 205 -43.09 95.25 -30.04
C LEU H 205 -41.64 95.68 -30.32
N GLY H 206 -41.10 96.63 -29.57
CA GLY H 206 -39.65 96.82 -29.36
C GLY H 206 -39.05 98.06 -30.00
N LEU H 207 -39.84 98.78 -30.77
CA LEU H 207 -39.49 100.10 -31.28
C LEU H 207 -39.48 101.10 -30.11
N VAL H 208 -38.60 102.09 -30.13
CA VAL H 208 -38.58 103.19 -29.15
C VAL H 208 -38.66 104.53 -29.86
N PRO H 209 -39.55 105.44 -29.47
CA PRO H 209 -39.76 106.69 -30.18
C PRO H 209 -38.71 107.70 -29.78
N ASP H 210 -38.08 108.31 -30.77
CA ASP H 210 -37.17 109.43 -30.59
C ASP H 210 -37.91 110.76 -30.53
N MET H 211 -39.13 110.78 -31.05
CA MET H 211 -40.10 111.85 -30.88
C MET H 211 -41.49 111.31 -30.68
N ILE H 212 -42.34 112.05 -29.98
CA ILE H 212 -43.78 111.85 -30.02
C ILE H 212 -44.37 113.08 -30.69
N ALA H 213 -45.41 112.92 -31.49
CA ALA H 213 -46.12 114.02 -32.12
C ALA H 213 -47.62 113.90 -31.89
N CYS H 214 -48.26 114.91 -31.32
CA CYS H 214 -49.65 114.75 -30.90
C CYS H 214 -50.68 115.34 -31.85
N ARG H 215 -51.67 114.54 -32.23
CA ARG H 215 -52.97 115.04 -32.65
C ARG H 215 -53.68 115.54 -31.42
N CYS H 216 -54.01 116.82 -31.39
CA CYS H 216 -54.77 117.43 -30.33
C CYS H 216 -55.66 118.54 -30.89
N SER H 217 -56.81 118.76 -30.27
CA SER H 217 -57.72 119.86 -30.61
C SER H 217 -57.15 121.23 -30.22
N GLU H 218 -56.06 121.29 -29.47
CA GLU H 218 -55.53 122.49 -28.83
C GLU H 218 -54.01 122.62 -28.98
N THR H 219 -53.43 123.75 -28.59
CA THR H 219 -52.00 123.74 -28.23
C THR H 219 -51.84 122.89 -26.96
N LEU H 220 -50.94 121.91 -26.97
CA LEU H 220 -50.65 121.13 -25.76
C LEU H 220 -50.27 122.05 -24.60
N ASP H 221 -50.89 121.86 -23.45
CA ASP H 221 -50.47 122.54 -22.24
C ASP H 221 -49.06 122.11 -21.84
N LYS H 222 -48.30 123.02 -21.24
CA LYS H 222 -46.99 122.76 -20.63
C LYS H 222 -47.00 121.51 -19.74
N PRO H 223 -47.96 121.29 -18.82
CA PRO H 223 -48.09 120.04 -18.09
C PRO H 223 -48.39 118.81 -18.94
N THR H 224 -49.11 118.91 -20.06
CA THR H 224 -49.38 117.75 -20.93
C THR H 224 -48.10 117.25 -21.58
N ILE H 225 -47.25 118.14 -22.07
CA ILE H 225 -45.92 117.79 -22.56
C ILE H 225 -45.09 117.11 -21.47
N ASP H 226 -45.10 117.65 -20.25
CA ASP H 226 -44.36 117.05 -19.13
C ASP H 226 -44.90 115.67 -18.76
N LYS H 227 -46.22 115.47 -18.72
CA LYS H 227 -46.83 114.18 -18.38
C LYS H 227 -46.76 113.14 -19.50
N ILE H 228 -46.55 113.52 -20.76
CA ILE H 228 -46.12 112.58 -21.81
C ILE H 228 -44.64 112.26 -21.67
N ALA H 229 -43.75 113.24 -21.53
CA ALA H 229 -42.31 112.99 -21.42
C ALA H 229 -41.89 112.25 -20.13
N MET H 230 -42.67 112.35 -19.05
CA MET H 230 -42.49 111.53 -17.83
C MET H 230 -42.87 110.06 -18.03
N PHE H 231 -43.48 109.71 -19.16
CA PHE H 231 -44.00 108.36 -19.47
C PHE H 231 -43.42 107.74 -20.73
N CYS H 232 -42.50 108.44 -21.41
CA CYS H 232 -41.85 108.01 -22.64
C CYS H 232 -40.37 108.45 -22.63
N HIS H 233 -39.54 107.82 -23.45
CA HIS H 233 -38.09 108.04 -23.38
C HIS H 233 -37.61 109.25 -24.22
N VAL H 234 -38.38 110.34 -24.21
CA VAL H 234 -38.15 111.57 -24.98
C VAL H 234 -37.97 112.76 -24.03
N GLY H 235 -37.15 113.74 -24.37
CA GLY H 235 -37.13 115.01 -23.63
C GLY H 235 -38.43 115.78 -23.86
N PRO H 236 -38.80 116.75 -23.01
CA PRO H 236 -40.03 117.53 -23.21
C PRO H 236 -40.02 118.37 -24.51
N GLU H 237 -38.85 118.65 -25.06
CA GLU H 237 -38.66 119.36 -26.34
C GLU H 237 -38.89 118.48 -27.59
N GLN H 238 -39.05 117.16 -27.45
CA GLN H 238 -39.41 116.22 -28.52
C GLN H 238 -40.84 115.68 -28.41
N VAL H 239 -41.71 116.32 -27.63
CA VAL H 239 -43.16 116.14 -27.78
C VAL H 239 -43.68 117.22 -28.72
N VAL H 240 -43.61 116.95 -30.01
CA VAL H 240 -44.06 117.80 -31.12
C VAL H 240 -45.58 117.90 -31.12
N ASN H 241 -46.15 118.95 -31.70
CA ASN H 241 -47.58 119.17 -31.74
C ASN H 241 -48.04 119.81 -33.05
N VAL H 242 -48.71 119.05 -33.91
CA VAL H 242 -49.32 119.53 -35.15
C VAL H 242 -50.71 120.09 -34.87
N HIS H 243 -50.79 121.29 -34.31
CA HIS H 243 -52.05 121.97 -34.00
C HIS H 243 -52.69 122.63 -35.23
N ASP H 244 -53.88 123.18 -35.06
CA ASP H 244 -54.55 123.97 -36.10
C ASP H 244 -53.65 125.09 -36.63
N VAL H 245 -53.52 125.19 -37.95
CA VAL H 245 -52.70 126.18 -38.68
C VAL H 245 -53.47 126.72 -39.88
N ASN H 246 -53.04 127.85 -40.44
CA ASN H 246 -53.80 128.55 -41.48
C ASN H 246 -54.04 127.67 -42.72
N SER H 247 -53.03 126.86 -43.07
CA SER H 247 -53.12 125.79 -44.06
C SER H 247 -52.10 124.69 -43.76
N THR H 248 -52.34 123.51 -44.31
CA THR H 248 -51.51 122.31 -44.17
C THR H 248 -50.03 122.58 -44.46
N TYR H 249 -49.71 123.37 -45.47
CA TYR H 249 -48.32 123.67 -45.83
C TYR H 249 -47.58 124.54 -44.79
N HIS H 250 -48.28 125.17 -43.84
CA HIS H 250 -47.62 125.78 -42.69
C HIS H 250 -47.02 124.73 -41.78
N VAL H 251 -47.54 123.51 -41.78
CA VAL H 251 -47.07 122.42 -40.91
C VAL H 251 -45.56 122.21 -40.97
N PRO H 252 -44.87 122.10 -42.10
CA PRO H 252 -43.42 121.96 -42.08
C PRO H 252 -42.74 123.13 -41.36
N LEU H 253 -43.20 124.37 -41.56
CA LEU H 253 -42.65 125.49 -40.83
C LEU H 253 -43.01 125.40 -39.35
N LEU H 254 -44.21 124.94 -39.02
CA LEU H 254 -44.59 124.63 -37.65
C LEU H 254 -43.62 123.63 -37.01
N LEU H 255 -43.29 122.53 -37.69
CA LEU H 255 -42.34 121.53 -37.21
C LEU H 255 -40.95 122.15 -37.02
N LEU H 256 -40.49 122.95 -37.98
CA LEU H 256 -39.25 123.70 -37.89
C LEU H 256 -39.25 124.63 -36.68
N GLU H 257 -40.33 125.37 -36.45
CA GLU H 257 -40.47 126.32 -35.35
C GLU H 257 -40.45 125.62 -34.00
N GLN H 258 -41.02 124.42 -33.92
CA GLN H 258 -40.96 123.52 -32.76
C GLN H 258 -39.61 122.81 -32.61
N LYS H 259 -38.55 123.28 -33.30
CA LYS H 259 -37.19 122.74 -33.25
C LYS H 259 -37.11 121.25 -33.57
N MET H 260 -38.02 120.76 -34.40
CA MET H 260 -38.08 119.34 -34.74
C MET H 260 -36.81 118.88 -35.46
N ILE H 261 -36.34 119.64 -36.44
CA ILE H 261 -35.11 119.32 -37.19
C ILE H 261 -33.84 119.58 -36.41
N ASP H 262 -33.82 120.56 -35.53
CA ASP H 262 -32.63 120.82 -34.71
C ASP H 262 -32.30 119.65 -33.78
N TYR H 263 -33.28 118.79 -33.48
CA TYR H 263 -33.04 117.48 -32.90
C TYR H 263 -32.63 116.45 -33.94
N LEU H 264 -33.38 116.23 -35.04
CA LEU H 264 -33.03 115.20 -36.03
C LEU H 264 -31.63 115.38 -36.62
N HIS H 265 -31.16 116.60 -36.80
CA HIS H 265 -29.79 116.90 -37.16
C HIS H 265 -28.78 116.21 -36.24
N ALA H 266 -28.96 116.27 -34.92
CA ALA H 266 -28.10 115.62 -33.94
C ALA H 266 -28.41 114.12 -33.80
N ARG H 267 -29.69 113.74 -33.74
CA ARG H 267 -30.14 112.36 -33.50
C ARG H 267 -29.81 111.41 -34.65
N LEU H 268 -29.78 111.93 -35.87
CA LEU H 268 -29.35 111.20 -37.04
C LEU H 268 -28.00 111.68 -37.55
N LYS H 269 -27.34 112.58 -36.83
CA LYS H 269 -25.96 112.99 -37.10
C LYS H 269 -25.79 113.43 -38.56
N LEU H 270 -26.64 114.36 -38.95
CA LEU H 270 -26.82 114.81 -40.32
C LEU H 270 -25.73 115.81 -40.76
N ASP H 271 -25.02 116.35 -39.78
CA ASP H 271 -23.72 117.00 -39.95
C ASP H 271 -22.69 116.09 -40.63
N GLU H 272 -22.83 114.76 -40.51
CA GLU H 272 -21.99 113.82 -41.27
C GLU H 272 -22.26 113.84 -42.78
N ILE H 273 -23.39 114.39 -43.23
CA ILE H 273 -23.68 114.54 -44.66
C ILE H 273 -23.00 115.80 -45.20
N SER H 274 -21.77 115.64 -45.68
CA SER H 274 -20.93 116.69 -46.29
C SER H 274 -21.40 117.05 -47.71
N LEU H 275 -22.53 117.75 -47.79
CA LEU H 275 -23.13 118.22 -49.05
C LEU H 275 -22.18 119.13 -49.86
N THR H 276 -22.28 119.10 -51.18
CA THR H 276 -21.65 120.16 -51.99
C THR H 276 -22.33 121.51 -51.72
N GLU H 277 -21.64 122.61 -52.02
CA GLU H 277 -22.21 123.95 -51.91
C GLU H 277 -23.26 124.24 -52.98
N GLU H 278 -23.44 123.36 -53.96
CA GLU H 278 -24.66 123.34 -54.80
C GLU H 278 -25.80 122.53 -54.16
N GLU H 279 -25.52 121.73 -53.14
CA GLU H 279 -26.51 121.05 -52.32
C GLU H 279 -26.72 121.82 -51.04
N GLU H 280 -26.49 124.63 -52.03
CA GLU H 280 -27.46 125.53 -52.64
C GLU H 280 -28.84 124.90 -52.75
N LEU H 281 -28.98 123.59 -52.88
CA LEU H 281 -30.28 122.91 -52.80
C LEU H 281 -30.97 123.25 -51.48
N LEU H 282 -30.20 123.28 -50.39
CA LEU H 282 -30.60 123.84 -49.11
C LEU H 282 -31.17 125.23 -49.27
N SER H 283 -30.43 126.13 -49.91
CA SER H 283 -30.77 127.54 -50.07
C SER H 283 -32.01 127.71 -50.92
N LYS H 284 -32.08 127.02 -52.04
CA LYS H 284 -33.23 126.94 -52.93
C LYS H 284 -34.44 126.41 -52.19
N TRP H 285 -34.27 125.35 -51.40
CA TRP H 285 -35.39 124.83 -50.64
C TRP H 285 -35.86 125.79 -49.55
N LYS H 286 -34.93 126.42 -48.82
CA LYS H 286 -35.22 127.45 -47.82
C LYS H 286 -35.97 128.61 -48.46
N ALA H 287 -35.50 129.06 -49.62
CA ALA H 287 -36.24 130.00 -50.42
C ALA H 287 -37.64 129.45 -50.68
N THR H 288 -37.81 128.26 -51.27
CA THR H 288 -39.15 127.73 -51.55
C THR H 288 -40.02 127.47 -50.33
N THR H 289 -39.44 127.25 -49.17
CA THR H 289 -40.14 127.13 -47.91
C THR H 289 -40.81 128.44 -47.60
N GLY H 290 -40.03 129.52 -47.67
CA GLY H 290 -40.53 130.86 -47.69
C GLY H 290 -41.51 131.09 -48.85
N ASN H 291 -41.19 130.69 -50.08
CA ASN H 291 -42.00 131.04 -51.24
C ASN H 291 -43.35 130.33 -51.24
N PHE H 292 -43.44 129.15 -50.62
CA PHE H 292 -44.72 128.61 -50.19
C PHE H 292 -45.34 129.56 -49.14
N ASP H 293 -44.66 129.72 -48.00
CA ASP H 293 -45.25 130.28 -46.78
C ASP H 293 -45.68 131.75 -46.89
N GLU H 294 -44.98 132.53 -47.70
CA GLU H 294 -45.19 133.96 -47.93
C GLU H 294 -46.50 134.24 -48.69
N THR H 295 -60.88 136.67 -52.54
CA THR H 295 -61.33 135.29 -52.81
C THR H 295 -61.62 135.00 -54.27
N VAL H 296 -61.35 133.77 -54.70
CA VAL H 296 -61.85 133.15 -55.94
C VAL H 296 -62.78 131.99 -55.54
N LYS H 297 -64.02 131.97 -56.01
CA LYS H 297 -65.01 130.93 -55.69
C LYS H 297 -65.08 129.96 -56.87
N ILE H 298 -64.86 128.66 -56.68
CA ILE H 298 -64.91 127.65 -57.76
C ILE H 298 -65.92 126.58 -57.42
N ALA H 299 -66.87 126.26 -58.29
CA ALA H 299 -67.75 125.12 -58.08
C ALA H 299 -67.08 123.88 -58.64
N LEU H 300 -66.82 122.89 -57.79
CA LEU H 300 -66.36 121.58 -58.23
C LEU H 300 -67.58 120.66 -58.24
N VAL H 301 -67.94 120.18 -59.42
CA VAL H 301 -69.20 119.51 -59.68
C VAL H 301 -68.94 118.07 -60.07
N GLY H 302 -69.36 117.11 -59.26
CA GLY H 302 -69.13 115.69 -59.58
C GLY H 302 -69.98 114.75 -58.77
N LYS H 303 -69.76 113.43 -58.93
CA LYS H 303 -70.40 112.39 -58.10
C LYS H 303 -69.87 112.37 -56.66
N TYR H 304 -70.76 112.22 -55.69
CA TYR H 304 -70.42 111.93 -54.28
C TYR H 304 -69.34 112.85 -53.71
N THR H 305 -69.44 114.15 -54.00
CA THR H 305 -68.54 115.18 -53.43
C THR H 305 -68.53 115.23 -51.89
N ASN H 306 -69.48 114.59 -51.23
CA ASN H 306 -69.47 114.34 -49.79
C ASN H 306 -68.20 113.61 -49.33
N LEU H 307 -67.68 112.75 -50.21
CA LEU H 307 -66.50 111.93 -50.03
C LEU H 307 -65.24 112.72 -50.43
N LYS H 308 -64.91 113.72 -49.62
CA LYS H 308 -63.96 114.77 -50.03
C LYS H 308 -62.52 114.29 -50.28
N ASP H 309 -62.07 113.21 -49.65
CA ASP H 309 -60.76 112.65 -49.99
C ASP H 309 -60.70 112.12 -51.44
N SER H 310 -61.83 111.73 -52.02
CA SER H 310 -61.87 111.21 -53.39
C SER H 310 -61.47 112.24 -54.45
N TYR H 311 -61.43 113.52 -54.07
CA TYR H 311 -61.04 114.62 -54.95
C TYR H 311 -59.77 115.33 -54.48
N LEU H 312 -59.03 114.72 -53.56
CA LEU H 312 -57.92 115.38 -52.89
C LEU H 312 -56.90 116.02 -53.84
N SER H 313 -56.43 115.30 -54.85
CA SER H 313 -55.42 115.85 -55.76
C SER H 313 -55.94 117.09 -56.46
N VAL H 314 -57.21 117.08 -56.84
CA VAL H 314 -57.89 118.21 -57.43
C VAL H 314 -57.83 119.39 -56.49
N ILE H 315 -58.15 119.15 -55.21
CA ILE H 315 -58.08 120.23 -54.22
C ILE H 315 -56.67 120.78 -54.13
N LYS H 316 -55.67 119.92 -53.99
CA LYS H 316 -54.30 120.38 -53.84
C LYS H 316 -53.82 121.16 -55.06
N ALA H 317 -54.16 120.69 -56.26
CA ALA H 317 -53.83 121.40 -57.48
C ALA H 317 -54.42 122.84 -57.51
N LEU H 318 -55.68 123.00 -57.11
CA LEU H 318 -56.29 124.31 -56.97
C LEU H 318 -55.59 125.16 -55.91
N GLU H 319 -55.14 124.58 -54.80
CA GLU H 319 -54.38 125.31 -53.78
C GLU H 319 -53.04 125.81 -54.31
N HIS H 320 -52.27 124.96 -55.00
CA HIS H 320 -50.94 125.35 -55.51
C HIS H 320 -51.06 126.56 -56.43
N SER H 321 -52.02 126.50 -57.34
CA SER H 321 -52.29 127.56 -58.30
C SER H 321 -52.81 128.82 -57.63
N SER H 322 -53.71 128.70 -56.65
CA SER H 322 -54.26 129.87 -55.95
C SER H 322 -53.20 130.70 -55.22
N MET H 323 -52.18 130.04 -54.68
CA MET H 323 -51.04 130.75 -54.08
C MET H 323 -50.28 131.61 -55.12
N LYS H 324 -50.14 131.14 -56.36
CA LYS H 324 -49.51 131.93 -57.45
C LYS H 324 -50.33 133.16 -57.80
N CYS H 325 -51.66 133.03 -57.92
CA CYS H 325 -52.58 134.15 -58.12
C CYS H 325 -52.78 135.07 -56.90
N ARG H 326 -52.15 134.73 -55.78
CA ARG H 326 -52.23 135.40 -54.47
C ARG H 326 -53.67 135.55 -53.95
N ARG H 327 -54.60 134.70 -54.40
CA ARG H 327 -56.04 134.77 -54.09
C ARG H 327 -56.49 133.58 -53.28
N LYS H 328 -57.42 133.82 -52.35
CA LYS H 328 -57.91 132.84 -51.41
C LYS H 328 -58.89 131.90 -52.12
N LEU H 329 -58.70 130.60 -51.98
CA LEU H 329 -59.51 129.60 -52.67
C LEU H 329 -60.74 129.22 -51.84
N ASP H 330 -61.90 129.22 -52.48
CA ASP H 330 -63.15 128.79 -51.87
C ASP H 330 -63.88 127.78 -52.77
N ILE H 331 -63.58 126.49 -52.59
CA ILE H 331 -64.23 125.43 -53.37
C ILE H 331 -65.66 125.25 -52.86
N LYS H 332 -66.66 125.43 -53.72
CA LYS H 332 -68.03 124.99 -53.46
C LYS H 332 -68.16 123.55 -53.92
N TRP H 333 -68.55 122.65 -53.03
CA TRP H 333 -68.79 121.25 -53.34
C TRP H 333 -70.23 121.03 -53.80
N VAL H 334 -70.41 120.64 -55.05
CA VAL H 334 -71.72 120.36 -55.64
C VAL H 334 -71.86 118.89 -55.94
N GLU H 335 -72.88 118.21 -55.43
CA GLU H 335 -73.25 116.90 -55.96
C GLU H 335 -73.89 117.10 -57.33
N ALA H 336 -73.29 116.53 -58.38
CA ALA H 336 -73.75 116.69 -59.74
C ALA H 336 -75.21 116.27 -59.92
N THR H 337 -75.64 115.19 -59.28
CA THR H 337 -77.03 114.73 -59.40
C THR H 337 -78.06 115.70 -58.82
N ASP H 338 -77.69 116.57 -57.88
CA ASP H 338 -78.61 117.57 -57.35
C ASP H 338 -78.90 118.71 -58.31
N LEU H 339 -78.16 118.84 -59.42
CA LEU H 339 -78.47 119.82 -60.46
C LEU H 339 -79.59 119.35 -61.38
N GLU H 340 -79.94 118.07 -61.38
CA GLU H 340 -80.83 117.48 -62.39
C GLU H 340 -82.28 118.03 -62.32
N PRO H 341 -82.98 118.19 -63.44
CA PRO H 341 -84.40 118.55 -63.45
C PRO H 341 -85.31 117.60 -62.67
N GLU H 342 -84.91 116.33 -62.51
CA GLU H 342 -85.60 115.33 -61.67
C GLU H 342 -85.42 115.60 -60.17
N ALA H 343 -84.26 116.12 -59.75
CA ALA H 343 -83.99 116.38 -58.34
C ALA H 343 -84.95 117.44 -57.77
N GLN H 344 -85.48 118.34 -58.62
CA GLN H 344 -86.39 119.41 -58.22
C GLN H 344 -87.69 118.91 -57.58
N GLU H 345 -88.25 117.79 -58.03
CA GLU H 345 -89.40 117.19 -57.33
C GLU H 345 -88.99 116.20 -56.23
N SER H 346 -87.83 115.54 -56.40
CA SER H 346 -87.39 114.50 -55.47
C SER H 346 -86.85 115.05 -54.14
N ASN H 347 -86.01 116.09 -54.20
CA ASN H 347 -85.28 116.62 -53.06
C ASN H 347 -84.99 118.12 -53.23
N LYS H 348 -86.06 118.92 -53.38
CA LYS H 348 -86.02 120.31 -53.85
C LYS H 348 -85.00 121.18 -53.12
N THR H 349 -84.88 121.05 -51.80
CA THR H 349 -84.02 121.91 -50.98
C THR H 349 -82.57 121.84 -51.41
N LYS H 350 -82.03 120.62 -51.56
CA LYS H 350 -80.64 120.42 -51.96
C LYS H 350 -80.39 120.84 -53.40
N PHE H 351 -81.39 120.70 -54.27
CA PHE H 351 -81.34 121.17 -55.64
C PHE H 351 -81.14 122.70 -55.71
N HIS H 352 -81.82 123.49 -54.88
CA HIS H 352 -81.55 124.93 -54.81
C HIS H 352 -80.17 125.24 -54.27
N GLU H 353 -79.69 124.51 -53.25
CA GLU H 353 -78.32 124.73 -52.75
C GLU H 353 -77.28 124.46 -53.84
N ALA H 354 -77.45 123.39 -54.60
CA ALA H 354 -76.56 123.05 -55.71
C ALA H 354 -76.55 124.13 -56.79
N TRP H 355 -77.72 124.61 -57.20
CA TRP H 355 -77.81 125.64 -58.22
C TRP H 355 -77.33 127.00 -57.74
N ASN H 356 -77.51 127.37 -56.48
CA ASN H 356 -76.91 128.60 -55.96
C ASN H 356 -75.38 128.54 -56.06
N MET H 357 -74.76 127.42 -55.71
CA MET H 357 -73.31 127.27 -55.83
C MET H 357 -72.87 127.45 -57.28
N VAL H 358 -73.51 126.77 -58.23
CA VAL H 358 -73.17 126.89 -59.67
C VAL H 358 -73.31 128.33 -60.16
N SER H 359 -74.38 129.02 -59.75
CA SER H 359 -74.66 130.41 -60.11
C SER H 359 -73.73 131.42 -59.47
N THR H 360 -73.20 131.13 -58.29
CA THR H 360 -72.30 132.02 -57.55
C THR H 360 -70.87 131.97 -58.10
N ALA H 361 -70.41 130.79 -58.52
CA ALA H 361 -69.00 130.54 -58.71
C ALA H 361 -68.35 131.37 -59.82
N ASP H 362 -67.12 131.81 -59.59
CA ASP H 362 -66.28 132.50 -60.57
C ASP H 362 -65.65 131.56 -61.59
N GLY H 363 -65.68 130.26 -61.34
CA GLY H 363 -65.23 129.23 -62.25
C GLY H 363 -65.96 127.92 -62.01
N ILE H 364 -66.05 127.06 -63.02
CA ILE H 364 -66.63 125.72 -62.91
C ILE H 364 -65.55 124.68 -63.20
N LEU H 365 -65.62 123.56 -62.50
CA LEU H 365 -64.64 122.48 -62.59
C LEU H 365 -65.39 121.16 -62.55
N ILE H 366 -65.26 120.37 -63.60
CA ILE H 366 -65.78 119.01 -63.64
C ILE H 366 -64.57 118.07 -63.49
N PRO H 367 -64.45 117.31 -62.40
CA PRO H 367 -63.15 116.89 -61.88
C PRO H 367 -62.61 115.54 -62.43
N GLY H 368 -63.32 114.88 -63.35
CA GLY H 368 -62.97 113.51 -63.77
C GLY H 368 -63.53 112.42 -62.87
N GLY H 369 -64.84 112.47 -62.61
CA GLY H 369 -65.55 111.55 -61.70
C GLY H 369 -65.54 110.07 -62.12
N PHE H 370 -66.03 109.23 -61.22
CA PHE H 370 -66.07 107.78 -61.32
C PHE H 370 -67.50 107.33 -61.67
N GLY H 371 -67.64 106.52 -62.72
CA GLY H 371 -68.94 106.01 -63.17
C GLY H 371 -69.89 107.05 -63.75
N VAL H 372 -71.10 106.62 -64.14
CA VAL H 372 -72.01 107.43 -64.98
C VAL H 372 -72.96 108.36 -64.21
N ARG H 373 -73.29 108.07 -62.95
CA ARG H 373 -74.43 108.65 -62.21
C ARG H 373 -74.57 110.17 -62.33
N GLY H 374 -73.50 110.92 -62.08
CA GLY H 374 -73.54 112.39 -62.07
C GLY H 374 -73.71 113.07 -63.44
N THR H 375 -73.63 112.33 -64.54
CA THR H 375 -73.44 112.89 -65.88
C THR H 375 -74.48 113.95 -66.23
N GLU H 376 -75.76 113.71 -65.97
CA GLU H 376 -76.83 114.61 -66.44
C GLU H 376 -76.72 116.01 -65.84
N GLY H 377 -76.36 116.12 -64.57
CA GLY H 377 -76.11 117.43 -63.97
C GLY H 377 -74.82 118.08 -64.45
N MET H 378 -73.75 117.29 -64.63
CA MET H 378 -72.47 117.80 -65.14
C MET H 378 -72.61 118.37 -66.56
N VAL H 379 -73.53 117.88 -67.36
CA VAL H 379 -73.88 118.49 -68.66
C VAL H 379 -74.39 119.91 -68.48
N LEU H 380 -75.35 120.13 -67.59
CA LEU H 380 -75.95 121.44 -67.31
C LEU H 380 -74.94 122.41 -66.69
N ALA H 381 -74.00 121.94 -65.88
CA ALA H 381 -72.88 122.76 -65.42
C ALA H 381 -71.92 123.16 -66.56
N ALA H 382 -71.67 122.30 -67.54
CA ALA H 382 -70.85 122.66 -68.69
C ALA H 382 -71.55 123.66 -69.62
N ARG H 383 -72.87 123.52 -69.81
CA ARG H 383 -73.76 124.42 -70.56
C ARG H 383 -73.79 125.81 -69.94
N TRP H 384 -73.90 125.86 -68.62
CA TRP H 384 -73.86 127.09 -67.86
C TRP H 384 -72.59 127.91 -68.08
N ALA H 385 -71.43 127.26 -68.21
CA ALA H 385 -70.17 127.92 -68.50
C ALA H 385 -69.85 128.10 -69.99
N ARG H 386 -70.47 127.33 -70.89
CA ARG H 386 -70.33 127.57 -72.33
C ARG H 386 -71.04 128.85 -72.70
N GLU H 387 -72.30 129.01 -72.29
CA GLU H 387 -73.18 130.07 -72.75
C GLU H 387 -72.84 131.40 -72.11
N ASN H 388 -72.99 131.50 -70.79
CA ASN H 388 -72.46 132.59 -69.99
C ASN H 388 -70.94 132.41 -69.90
N HIS H 389 -70.13 133.43 -70.13
CA HIS H 389 -68.66 133.29 -70.22
C HIS H 389 -67.91 133.00 -68.90
N ILE H 390 -68.38 132.05 -68.09
CA ILE H 390 -67.72 131.56 -66.87
C ILE H 390 -66.46 130.74 -67.23
N PRO H 391 -65.30 130.95 -66.62
CA PRO H 391 -64.15 130.07 -66.74
C PRO H 391 -64.45 128.62 -66.37
N PHE H 392 -63.89 127.65 -67.09
CA PHE H 392 -64.17 126.23 -66.95
C PHE H 392 -62.93 125.38 -67.14
N LEU H 393 -62.82 124.29 -66.36
CA LEU H 393 -61.94 123.17 -66.66
C LEU H 393 -62.70 121.83 -66.56
N GLY H 394 -62.60 121.02 -67.60
CA GLY H 394 -63.06 119.63 -67.60
C GLY H 394 -61.88 118.67 -67.53
N VAL H 395 -61.82 117.79 -66.54
CA VAL H 395 -60.76 116.79 -66.42
C VAL H 395 -61.32 115.41 -66.74
N CYS H 396 -60.69 114.66 -67.63
CA CYS H 396 -61.10 113.33 -68.08
C CYS H 396 -62.59 113.23 -68.45
N LEU H 397 -63.45 112.67 -67.58
CA LEU H 397 -64.91 112.70 -67.75
C LEU H 397 -65.45 114.13 -67.95
N GLY H 398 -64.76 115.16 -67.45
CA GLY H 398 -65.06 116.54 -67.75
C GLY H 398 -64.84 116.92 -69.21
N LEU H 399 -63.78 116.42 -69.87
CA LEU H 399 -63.63 116.63 -71.33
C LEU H 399 -64.74 115.89 -72.08
N GLN H 400 -65.03 114.67 -71.64
CA GLN H 400 -66.12 113.88 -72.19
C GLN H 400 -67.44 114.64 -72.09
N ILE H 401 -67.73 115.25 -70.94
CA ILE H 401 -68.94 116.03 -70.74
C ILE H 401 -68.92 117.41 -71.38
N ALA H 402 -67.77 118.06 -71.51
CA ALA H 402 -67.63 119.24 -72.36
C ALA H 402 -67.98 118.91 -73.82
N THR H 403 -67.59 117.74 -74.31
CA THR H 403 -67.89 117.33 -75.67
C THR H 403 -69.32 116.85 -75.85
N ILE H 404 -69.86 116.06 -74.91
CA ILE H 404 -71.28 115.70 -74.90
C ILE H 404 -72.13 116.97 -74.86
N GLU H 405 -71.81 117.97 -74.05
CA GLU H 405 -72.63 119.18 -73.97
C GLU H 405 -72.56 119.98 -75.27
N PHE H 406 -71.35 120.27 -75.77
CA PHE H 406 -71.20 121.00 -77.01
C PHE H 406 -71.90 120.28 -78.19
N THR H 407 -71.85 118.95 -78.22
CA THR H 407 -72.67 118.16 -79.16
C THR H 407 -74.16 118.39 -78.91
N ARG H 408 -74.63 118.18 -77.68
CA ARG H 408 -76.04 118.22 -77.25
C ARG H 408 -76.71 119.61 -77.34
N SER H 409 -75.94 120.68 -77.55
CA SER H 409 -76.46 122.05 -77.55
C SER H 409 -76.02 122.91 -78.73
N VAL H 410 -74.83 122.70 -79.28
CA VAL H 410 -74.33 123.45 -80.44
C VAL H 410 -74.61 122.73 -81.75
N LEU H 411 -74.50 121.39 -81.79
CA LEU H 411 -74.85 120.58 -82.97
C LEU H 411 -76.31 120.08 -82.98
N GLY H 412 -77.13 120.47 -82.00
CA GLY H 412 -78.41 119.80 -81.73
C GLY H 412 -78.19 118.43 -81.09
N ARG H 413 -78.44 117.34 -81.84
CA ARG H 413 -78.09 115.94 -81.48
C ARG H 413 -78.44 115.54 -80.04
N LYS H 414 -79.66 115.86 -79.59
CA LYS H 414 -80.09 115.75 -78.16
C LYS H 414 -80.03 114.34 -77.57
N ASP H 415 -80.03 113.31 -78.42
CA ASP H 415 -79.88 111.89 -78.02
C ASP H 415 -78.44 111.48 -77.66
N SER H 416 -77.42 112.29 -77.96
CA SER H 416 -76.02 111.88 -77.78
C SER H 416 -75.62 111.71 -76.29
N HIS H 417 -74.72 110.76 -76.02
CA HIS H 417 -74.40 110.27 -74.68
C HIS H 417 -73.01 109.63 -74.69
N SER H 418 -72.45 109.35 -73.52
CA SER H 418 -71.22 108.55 -73.38
C SER H 418 -71.38 107.15 -73.99
N ALA H 419 -70.27 106.54 -74.45
CA ALA H 419 -70.24 105.15 -74.89
C ALA H 419 -70.68 104.16 -73.81
N GLU H 420 -70.72 104.58 -72.55
CA GLU H 420 -71.31 103.83 -71.44
C GLU H 420 -72.77 103.39 -71.70
N PHE H 421 -73.59 104.20 -72.39
CA PHE H 421 -74.94 103.82 -72.85
C PHE H 421 -74.83 103.04 -74.18
N TYR H 422 -74.18 101.88 -74.08
CA TYR H 422 -73.75 101.06 -75.21
C TYR H 422 -74.85 100.75 -76.27
N PRO H 423 -76.07 100.31 -75.91
CA PRO H 423 -77.03 99.82 -76.91
C PRO H 423 -77.72 100.91 -77.75
N ASP H 424 -77.45 102.20 -77.51
CA ASP H 424 -77.89 103.26 -78.42
C ASP H 424 -77.08 103.28 -79.74
N ILE H 425 -75.85 102.78 -79.73
CA ILE H 425 -74.92 102.60 -80.86
C ILE H 425 -74.67 103.90 -81.67
N ASP H 426 -75.59 104.33 -82.53
CA ASP H 426 -75.39 105.38 -83.54
C ASP H 426 -75.05 106.76 -82.93
N GLU H 427 -75.52 107.03 -81.70
CA GLU H 427 -75.39 108.33 -81.00
C GLU H 427 -74.34 108.34 -79.87
N LYS H 428 -73.52 107.28 -79.75
CA LYS H 428 -72.40 107.24 -78.81
C LYS H 428 -71.38 108.32 -79.16
N ASN H 429 -71.10 109.22 -78.21
CA ASN H 429 -70.17 110.33 -78.37
C ASN H 429 -68.68 109.89 -78.27
N HIS H 430 -68.41 108.67 -77.85
CA HIS H 430 -67.08 108.14 -77.51
C HIS H 430 -66.83 106.75 -78.15
N VAL H 431 -65.58 106.30 -78.12
CA VAL H 431 -65.15 104.98 -78.58
C VAL H 431 -64.20 104.35 -77.55
N VAL H 432 -64.28 103.03 -77.38
CA VAL H 432 -63.37 102.23 -76.56
C VAL H 432 -61.94 102.31 -77.11
N VAL H 433 -60.97 102.43 -76.19
CA VAL H 433 -59.54 102.39 -76.49
C VAL H 433 -58.77 101.80 -75.29
N PHE H 434 -58.78 100.47 -75.16
CA PHE H 434 -58.17 99.77 -74.00
C PHE H 434 -56.63 99.70 -74.03
N MET H 435 -55.98 99.85 -75.18
CA MET H 435 -54.54 99.62 -75.40
C MET H 435 -54.01 98.34 -74.75
N MET H 436 -56.93 99.78 -70.17
CA MET H 436 -56.92 101.19 -69.80
C MET H 436 -55.62 101.89 -70.21
N ARG H 437 -55.71 103.10 -70.78
CA ARG H 437 -54.54 103.96 -71.03
C ARG H 437 -54.11 104.56 -69.70
N LEU H 438 -52.85 104.39 -69.31
CA LEU H 438 -52.28 104.74 -68.00
C LEU H 438 -50.91 105.42 -68.12
N GLY H 439 -50.46 106.05 -67.04
CA GLY H 439 -49.09 106.53 -66.88
C GLY H 439 -48.74 107.76 -67.72
N LEU H 440 -47.49 108.20 -67.61
CA LEU H 440 -46.98 109.37 -68.29
C LEU H 440 -46.88 109.10 -69.79
N ARG H 441 -47.72 109.77 -70.56
CA ARG H 441 -47.65 109.79 -72.04
C ARG H 441 -47.51 111.23 -72.54
N PRO H 442 -46.86 111.48 -73.69
CA PRO H 442 -46.76 112.82 -74.25
C PRO H 442 -48.12 113.33 -74.78
N THR H 443 -48.21 114.61 -75.09
CA THR H 443 -49.26 115.22 -75.90
C THR H 443 -48.67 116.40 -76.64
N PHE H 444 -49.07 116.57 -77.90
CA PHE H 444 -48.46 117.49 -78.84
C PHE H 444 -49.50 118.52 -79.30
N PHE H 445 -49.17 119.80 -79.25
CA PHE H 445 -50.08 120.83 -79.72
C PHE H 445 -50.27 120.73 -81.24
N GLN H 446 -51.46 121.07 -81.73
CA GLN H 446 -51.73 121.15 -83.16
C GLN H 446 -51.10 122.44 -83.73
N ASN H 447 -50.29 122.34 -84.79
CA ASN H 447 -49.24 123.33 -85.09
C ASN H 447 -49.72 124.76 -85.46
N GLU H 448 -51.01 124.96 -85.72
CA GLU H 448 -51.63 126.25 -86.08
C GLU H 448 -52.17 127.04 -84.88
N THR H 449 -52.37 126.41 -83.71
CA THR H 449 -53.20 126.95 -82.61
C THR H 449 -52.49 127.98 -81.75
N GLU H 450 -51.84 128.98 -82.36
CA GLU H 450 -51.10 130.06 -81.71
C GLU H 450 -51.97 130.98 -80.85
N TRP H 451 -53.27 131.01 -81.11
CA TRP H 451 -54.26 131.78 -80.37
C TRP H 451 -54.55 131.25 -78.95
N SER H 452 -54.29 129.96 -78.71
CA SER H 452 -54.72 129.21 -77.53
C SER H 452 -54.28 129.82 -76.22
N GLN H 453 -55.19 129.94 -75.26
CA GLN H 453 -54.86 130.36 -73.90
C GLN H 453 -54.04 129.27 -73.18
N ILE H 454 -54.42 128.00 -73.32
CA ILE H 454 -53.72 126.93 -72.61
C ILE H 454 -52.30 126.71 -73.12
N LYS H 455 -52.08 126.66 -74.44
CA LYS H 455 -50.71 126.47 -74.95
C LYS H 455 -49.80 127.68 -74.72
N LYS H 456 -50.36 128.85 -74.39
CA LYS H 456 -49.60 129.98 -73.86
C LYS H 456 -49.13 129.71 -72.43
N LEU H 457 -49.98 129.18 -71.53
CA LEU H 457 -49.57 128.84 -70.16
C LEU H 457 -48.43 127.81 -70.11
N TYR H 458 -48.42 126.85 -71.03
CA TYR H 458 -47.30 125.91 -71.24
C TYR H 458 -46.03 126.51 -71.86
N GLY H 459 -45.91 127.83 -71.89
CA GLY H 459 -44.67 128.55 -72.25
C GLY H 459 -44.27 128.46 -73.72
N ASP H 460 -45.21 128.16 -74.61
CA ASP H 460 -44.98 127.90 -76.04
C ASP H 460 -44.08 126.67 -76.33
N VAL H 461 -43.90 125.78 -75.36
CA VAL H 461 -43.22 124.49 -75.57
C VAL H 461 -44.00 123.60 -76.53
N SER H 462 -43.31 122.82 -77.36
CA SER H 462 -43.90 122.00 -78.44
C SER H 462 -44.76 120.83 -77.96
N GLU H 463 -44.51 120.29 -76.78
CA GLU H 463 -45.24 119.16 -76.21
C GLU H 463 -45.22 119.18 -74.68
N VAL H 464 -46.10 118.35 -74.12
CA VAL H 464 -46.30 118.13 -72.68
C VAL H 464 -46.35 116.64 -72.38
N HIS H 465 -46.14 116.24 -71.12
CA HIS H 465 -46.22 114.85 -70.68
C HIS H 465 -47.13 114.73 -69.46
N GLU H 466 -48.09 113.81 -69.48
CA GLU H 466 -49.21 113.85 -68.54
C GLU H 466 -49.72 112.46 -68.16
N ARG H 467 -50.45 112.35 -67.03
CA ARG H 467 -51.01 111.08 -66.53
C ARG H 467 -52.43 110.82 -67.04
N HIS H 468 -52.69 109.56 -67.37
CA HIS H 468 -53.94 109.09 -67.97
C HIS H 468 -54.56 107.94 -67.16
N ARG H 469 -55.87 107.71 -67.28
CA ARG H 469 -56.60 106.61 -66.60
C ARG H 469 -57.86 106.17 -67.35
N HIS H 470 -57.90 106.33 -68.67
CA HIS H 470 -59.17 106.31 -69.40
C HIS H 470 -59.32 105.07 -70.26
N ARG H 471 -60.57 104.60 -70.37
CA ARG H 471 -60.96 103.52 -71.31
C ARG H 471 -61.76 104.00 -72.53
N TYR H 472 -62.26 105.23 -72.52
CA TYR H 472 -63.01 105.83 -73.63
C TYR H 472 -62.27 107.03 -74.19
N GLU H 473 -62.46 107.31 -75.47
CA GLU H 473 -62.07 108.58 -76.08
C GLU H 473 -63.18 109.13 -76.97
N ILE H 474 -63.17 110.42 -77.28
CA ILE H 474 -64.16 111.00 -78.19
C ILE H 474 -64.01 110.35 -79.56
N ASN H 475 -65.13 110.04 -80.18
CA ASN H 475 -65.14 109.27 -81.43
C ASN H 475 -64.49 110.09 -82.57
N PRO H 476 -63.34 109.66 -83.15
CA PRO H 476 -62.62 110.44 -84.16
C PRO H 476 -63.46 110.87 -85.35
N LYS H 477 -64.48 110.06 -85.70
CA LYS H 477 -65.44 110.35 -86.78
C LYS H 477 -66.11 111.72 -86.63
N MET H 478 -66.39 112.14 -85.39
CA MET H 478 -67.06 113.41 -85.10
C MET H 478 -66.11 114.60 -84.99
N VAL H 479 -64.82 114.40 -84.79
CA VAL H 479 -63.91 115.46 -84.37
C VAL H 479 -63.78 116.58 -85.39
N ASP H 480 -63.87 116.31 -86.69
CA ASP H 480 -63.89 117.36 -87.71
C ASP H 480 -65.09 118.31 -87.53
N GLU H 481 -66.25 117.77 -87.17
CA GLU H 481 -67.48 118.55 -86.96
C GLU H 481 -67.32 119.47 -85.76
N LEU H 482 -66.75 118.97 -84.68
CA LEU H 482 -66.45 119.73 -83.47
C LEU H 482 -65.36 120.79 -83.73
N GLU H 483 -64.27 120.46 -84.44
CA GLU H 483 -63.25 121.44 -84.82
C GLU H 483 -63.81 122.54 -85.72
N ASN H 484 -64.64 122.21 -86.71
CA ASN H 484 -65.28 123.17 -87.61
C ASN H 484 -66.30 124.09 -86.90
N ASN H 485 -66.99 123.59 -85.87
CA ASN H 485 -67.91 124.38 -85.06
C ASN H 485 -67.23 125.19 -83.94
N GLY H 486 -65.94 124.95 -83.66
CA GLY H 486 -65.12 125.80 -82.78
C GLY H 486 -64.65 125.15 -81.49
N LEU H 487 -65.04 123.92 -81.20
CA LEU H 487 -64.53 123.13 -80.08
C LEU H 487 -63.15 122.54 -80.45
N ILE H 488 -62.15 123.40 -80.69
CA ILE H 488 -60.89 123.01 -81.32
C ILE H 488 -60.06 122.12 -80.39
N PHE H 489 -59.71 120.92 -80.84
CA PHE H 489 -58.85 120.00 -80.09
C PHE H 489 -57.38 120.41 -80.19
N VAL H 490 -56.97 121.38 -79.37
CA VAL H 490 -55.64 122.00 -79.43
C VAL H 490 -54.46 121.07 -79.10
N GLY H 491 -54.70 119.87 -78.57
CA GLY H 491 -53.67 118.88 -78.32
C GLY H 491 -54.13 117.46 -78.60
N LYS H 492 -53.27 116.67 -79.23
CA LYS H 492 -53.50 115.26 -79.53
C LYS H 492 -52.25 114.44 -79.23
N ASP H 493 -52.38 113.13 -79.30
CA ASP H 493 -51.32 112.18 -79.04
C ASP H 493 -50.30 112.10 -80.19
N ASP H 494 -49.30 111.23 -80.02
CA ASP H 494 -48.31 110.90 -81.05
C ASP H 494 -48.91 110.52 -82.41
N THR H 495 -49.98 109.71 -82.45
CA THR H 495 -50.64 109.29 -83.70
C THR H 495 -51.51 110.37 -84.33
N GLY H 496 -52.01 111.34 -83.54
CA GLY H 496 -53.01 112.30 -83.95
C GLY H 496 -54.44 111.76 -83.98
N LYS H 497 -54.66 110.52 -83.57
CA LYS H 497 -55.98 109.89 -83.52
C LYS H 497 -56.74 110.18 -82.22
N ARG H 498 -56.03 110.51 -81.12
CA ARG H 498 -56.59 110.59 -79.76
C ARG H 498 -56.80 112.04 -79.29
N CYS H 499 -57.96 112.32 -78.71
CA CYS H 499 -58.34 113.64 -78.24
C CYS H 499 -57.76 113.94 -76.84
N GLU H 500 -56.66 114.68 -76.74
CA GLU H 500 -55.98 114.89 -75.46
C GLU H 500 -56.35 116.21 -74.79
N ILE H 501 -56.57 117.28 -75.57
CA ILE H 501 -56.98 118.59 -75.08
C ILE H 501 -58.00 119.20 -76.04
N LEU H 502 -59.00 119.89 -75.49
CA LEU H 502 -59.81 120.86 -76.23
C LEU H 502 -59.80 122.25 -75.58
N GLU H 503 -59.95 123.26 -76.43
CA GLU H 503 -60.25 124.64 -76.07
C GLU H 503 -61.35 125.14 -76.99
N LEU H 504 -62.39 125.74 -76.43
CA LEU H 504 -63.43 126.38 -77.23
C LEU H 504 -62.93 127.74 -77.72
N LYS H 505 -62.83 127.90 -79.04
CA LYS H 505 -62.37 129.12 -79.72
C LYS H 505 -63.22 130.33 -79.28
N ASN H 506 -62.56 131.44 -78.94
CA ASN H 506 -63.19 132.71 -78.54
C ASN H 506 -64.16 132.58 -77.34
N HIS H 507 -63.66 132.00 -76.26
CA HIS H 507 -64.24 132.04 -74.90
C HIS H 507 -63.14 132.42 -73.90
N PRO H 508 -63.38 133.19 -72.82
CA PRO H 508 -62.33 133.65 -71.92
C PRO H 508 -61.43 132.58 -71.31
N TYR H 509 -61.98 131.40 -70.97
CA TYR H 509 -61.22 130.21 -70.54
C TYR H 509 -62.15 129.00 -70.47
N TYR H 510 -62.21 128.19 -71.52
CA TYR H 510 -62.99 126.95 -71.51
C TYR H 510 -62.15 125.84 -72.08
N ILE H 511 -61.58 125.09 -71.15
CA ILE H 511 -60.61 124.05 -71.38
C ILE H 511 -61.17 122.71 -70.92
N ALA H 512 -60.79 121.64 -71.61
CA ALA H 512 -60.79 120.35 -70.98
C ALA H 512 -59.57 119.50 -71.39
N THR H 513 -59.20 118.56 -70.54
CA THR H 513 -58.09 117.62 -70.72
C THR H 513 -58.60 116.21 -70.53
N GLN H 514 -58.18 115.29 -71.39
CA GLN H 514 -58.49 113.88 -71.18
C GLN H 514 -57.67 113.30 -70.00
N TYR H 515 -56.42 113.75 -69.87
CA TYR H 515 -55.54 113.45 -68.75
C TYR H 515 -55.97 114.13 -67.43
N HIS H 516 -55.30 113.72 -66.35
CA HIS H 516 -55.46 114.20 -64.98
C HIS H 516 -54.28 115.08 -64.52
N PRO H 517 -54.29 116.38 -64.85
CA PRO H 517 -53.16 117.28 -64.57
C PRO H 517 -52.87 117.46 -63.07
N GLU H 518 -53.82 117.21 -62.19
CA GLU H 518 -53.66 117.22 -60.76
C GLU H 518 -52.69 116.13 -60.28
N TYR H 519 -52.37 115.16 -61.12
CA TYR H 519 -51.30 114.21 -60.84
C TYR H 519 -49.90 114.79 -61.11
N THR H 520 -49.78 116.05 -61.52
CA THR H 520 -48.46 116.68 -61.68
C THR H 520 -48.41 118.13 -61.22
N SER H 521 -49.44 118.61 -60.53
CA SER H 521 -49.39 119.88 -59.81
C SER H 521 -48.39 119.83 -58.63
N LYS H 522 -47.44 120.77 -58.56
CA LYS H 522 -46.46 120.90 -57.46
C LYS H 522 -46.64 122.24 -56.76
N VAL H 523 -46.27 122.32 -55.48
CA VAL H 523 -46.47 123.53 -54.65
C VAL H 523 -45.76 124.75 -55.22
N LEU H 524 -44.58 124.56 -55.82
CA LEU H 524 -43.81 125.64 -56.46
C LEU H 524 -43.93 125.65 -58.00
N ASP H 525 -44.52 124.62 -58.61
CA ASP H 525 -44.82 124.54 -60.04
C ASP H 525 -46.25 124.01 -60.24
N PRO H 526 -47.27 124.89 -60.24
CA PRO H 526 -48.67 124.48 -60.38
C PRO H 526 -48.97 123.91 -61.78
N SER H 527 -49.84 122.90 -61.88
CA SER H 527 -50.21 122.27 -63.15
C SER H 527 -51.02 123.26 -64.02
N LYS H 528 -50.54 123.56 -65.23
CA LYS H 528 -51.02 124.68 -66.05
C LYS H 528 -52.55 124.76 -66.25
N PRO H 529 -53.31 123.67 -66.50
CA PRO H 529 -54.76 123.75 -66.74
C PRO H 529 -55.56 124.28 -65.55
N PHE H 530 -55.10 123.94 -64.34
CA PHE H 530 -55.65 124.50 -63.11
C PHE H 530 -55.17 125.93 -62.87
N LEU H 531 -53.89 126.27 -63.17
CA LEU H 531 -53.49 127.66 -63.03
C LEU H 531 -54.36 128.58 -63.89
N GLY H 532 -54.63 128.20 -65.13
CA GLY H 532 -55.53 128.95 -66.01
C GLY H 532 -56.94 129.08 -65.46
N LEU H 533 -57.52 128.01 -64.88
CA LEU H 533 -58.84 128.07 -64.26
C LEU H 533 -58.89 129.08 -63.12
N VAL H 534 -57.92 129.07 -62.21
CA VAL H 534 -57.91 130.04 -61.12
C VAL H 534 -57.66 131.43 -61.66
N ALA H 535 -56.65 131.62 -62.50
CA ALA H 535 -56.29 132.94 -63.01
C ALA H 535 -57.43 133.59 -63.82
N ALA H 536 -58.16 132.84 -64.62
CA ALA H 536 -59.33 133.36 -65.32
C ALA H 536 -60.50 133.61 -64.37
N SER H 537 -60.70 132.80 -63.34
CA SER H 537 -61.70 133.06 -62.30
C SER H 537 -61.40 134.36 -61.55
N ALA H 538 -60.12 134.66 -61.32
CA ALA H 538 -59.62 135.92 -60.81
C ALA H 538 -59.64 137.08 -61.83
N GLY H 539 -59.92 136.80 -63.09
CA GLY H 539 -59.92 137.79 -64.17
C GLY H 539 -58.54 138.36 -64.50
N ILE H 540 -57.48 137.60 -64.20
CA ILE H 540 -56.07 138.02 -64.30
C ILE H 540 -55.23 137.17 -65.26
N LEU H 541 -55.87 136.27 -66.02
CA LEU H 541 -55.24 135.25 -66.86
C LEU H 541 -54.15 135.82 -67.78
N GLN H 542 -54.42 136.94 -68.44
CA GLN H 542 -53.45 137.59 -69.31
C GLN H 542 -52.12 137.86 -68.59
N ASP H 543 -52.20 138.39 -67.37
CA ASP H 543 -51.04 138.89 -66.64
C ASP H 543 -50.22 137.76 -66.01
N VAL H 544 -50.88 136.64 -65.69
CA VAL H 544 -50.23 135.39 -65.29
C VAL H 544 -49.44 134.81 -66.46
N ILE H 545 -50.00 134.83 -67.68
CA ILE H 545 -49.30 134.38 -68.88
C ILE H 545 -48.12 135.30 -69.21
N GLU H 546 -48.32 136.61 -69.09
CA GLU H 546 -47.27 137.62 -69.31
C GLU H 546 -46.18 137.63 -68.23
N GLY H 547 -46.42 137.04 -67.06
CA GLY H 547 -45.40 136.77 -66.04
C GLY H 547 -45.43 137.66 -64.79
N LYS H 548 -46.53 138.34 -64.50
CA LYS H 548 -46.71 139.22 -63.32
C LYS H 548 -46.78 138.49 -61.96
N TYR H 549 -46.58 137.17 -61.93
CA TYR H 549 -46.78 136.32 -60.76
C TYR H 549 -45.78 135.17 -60.60
N ASP H 550 -44.70 135.11 -61.36
CA ASP H 550 -43.57 134.22 -61.07
C ASP H 550 -42.88 134.59 -59.74
N LEU H 551 -42.36 133.60 -59.02
CA LEU H 551 -41.99 133.78 -57.60
C LEU H 551 -40.59 134.41 -57.38
N GLU H 552 -39.77 134.51 -58.43
CA GLU H 552 -38.45 135.16 -58.42
C GLU H 552 -38.29 135.98 -59.72
N ALA H 553 -37.69 137.20 -59.68
CA ALA H 553 -37.52 138.02 -60.88
C ALA H 553 -36.61 137.36 -61.93
N MET I 1 -16.89 -20.36 -21.30
CA MET I 1 -15.81 -21.31 -20.95
C MET I 1 -15.40 -21.16 -19.48
N LYS I 2 -14.94 -22.25 -18.84
CA LYS I 2 -14.45 -22.22 -17.46
C LYS I 2 -12.97 -21.86 -17.39
N TYR I 3 -12.54 -21.25 -16.29
CA TYR I 3 -11.13 -20.89 -16.11
C TYR I 3 -10.68 -21.05 -14.65
N VAL I 4 -9.42 -21.40 -14.40
CA VAL I 4 -8.83 -21.52 -13.07
C VAL I 4 -7.51 -20.79 -13.02
N VAL I 5 -7.39 -19.69 -12.30
CA VAL I 5 -6.09 -19.08 -12.04
C VAL I 5 -5.34 -19.86 -10.97
N VAL I 6 -4.04 -20.04 -11.15
CA VAL I 6 -3.09 -20.40 -10.10
C VAL I 6 -2.08 -19.28 -9.98
N SER I 7 -1.88 -18.73 -8.80
CA SER I 7 -1.05 -17.53 -8.59
C SER I 7 -0.40 -17.51 -7.21
N GLY I 8 0.40 -16.51 -6.90
CA GLY I 8 0.55 -16.07 -5.49
C GLY I 8 1.89 -16.24 -4.77
N GLY I 9 1.83 -15.99 -3.47
CA GLY I 9 2.87 -16.24 -2.47
C GLY I 9 3.69 -15.02 -2.06
N VAL I 10 4.47 -15.13 -0.98
CA VAL I 10 5.53 -14.17 -0.61
C VAL I 10 6.90 -14.45 -1.25
N ILE I 11 7.05 -15.54 -2.00
CA ILE I 11 8.31 -15.96 -2.63
C ILE I 11 8.02 -16.56 -4.00
N SER I 12 8.93 -16.33 -4.96
CA SER I 12 8.98 -17.13 -6.17
C SER I 12 9.58 -18.52 -5.84
N GLY I 13 9.17 -19.58 -6.53
CA GLY I 13 9.64 -20.96 -6.27
C GLY I 13 8.80 -21.76 -5.26
N ILE I 14 7.63 -21.25 -4.89
CA ILE I 14 6.74 -21.83 -3.87
C ILE I 14 6.07 -23.16 -4.25
N GLY I 15 5.87 -23.45 -5.53
CA GLY I 15 5.23 -24.71 -5.98
C GLY I 15 4.12 -24.62 -7.05
N LYS I 16 3.91 -23.52 -7.71
CA LYS I 16 2.80 -23.25 -8.63
C LYS I 16 2.54 -24.37 -9.64
N GLY I 17 3.43 -24.60 -10.59
CA GLY I 17 3.28 -25.56 -11.65
C GLY I 17 2.73 -26.91 -11.30
N VAL I 18 3.14 -27.53 -10.22
CA VAL I 18 2.70 -28.82 -9.67
C VAL I 18 1.27 -28.68 -9.21
N LEU I 19 0.88 -27.55 -8.66
CA LEU I 19 -0.47 -27.19 -8.23
C LEU I 19 -1.31 -26.86 -9.45
N ALA I 20 -0.73 -26.45 -10.53
CA ALA I 20 -1.32 -26.01 -11.78
C ALA I 20 -1.69 -27.20 -12.65
N SER I 21 -0.74 -27.81 -13.33
CA SER I 21 -0.95 -28.93 -14.23
C SER I 21 -1.59 -30.03 -13.42
N SER I 22 -1.09 -30.30 -12.24
CA SER I 22 -1.78 -31.28 -11.37
C SER I 22 -3.28 -31.00 -11.13
N THR I 23 -3.75 -29.78 -11.03
CA THR I 23 -5.13 -29.36 -10.95
C THR I 23 -5.76 -29.68 -12.29
N GLY I 24 -5.08 -29.44 -13.38
CA GLY I 24 -5.51 -29.68 -14.72
C GLY I 24 -5.59 -31.12 -15.12
N MET I 25 -4.77 -31.99 -14.55
CA MET I 25 -4.88 -33.43 -14.73
C MET I 25 -6.21 -33.90 -14.15
N LEU I 26 -6.51 -33.35 -12.97
CA LEU I 26 -7.71 -33.68 -12.28
C LEU I 26 -8.94 -33.19 -13.03
N MET I 27 -8.86 -32.07 -13.76
CA MET I 27 -9.99 -31.66 -14.58
C MET I 27 -10.28 -32.72 -15.66
N LYS I 28 -9.24 -33.31 -16.25
CA LYS I 28 -9.35 -34.43 -17.18
C LYS I 28 -9.93 -35.70 -16.57
N THR I 29 -9.72 -35.90 -15.28
CA THR I 29 -10.32 -37.00 -14.53
C THR I 29 -11.85 -36.95 -14.61
N LEU I 30 -12.42 -35.74 -14.62
CA LEU I 30 -13.85 -35.54 -14.78
C LEU I 30 -14.29 -35.79 -16.24
N GLY I 31 -13.35 -36.09 -17.15
CA GLY I 31 -13.57 -36.32 -18.57
C GLY I 31 -13.44 -35.07 -19.44
N LEU I 32 -12.97 -33.95 -18.86
CA LEU I 32 -13.03 -32.63 -19.48
C LEU I 32 -11.97 -32.43 -20.57
N LYS I 33 -12.28 -31.61 -21.59
CA LYS I 33 -11.29 -31.05 -22.51
C LYS I 33 -10.53 -29.95 -21.78
N VAL I 34 -9.21 -29.99 -21.74
CA VAL I 34 -8.43 -29.09 -20.86
C VAL I 34 -7.27 -28.46 -21.59
N THR I 35 -6.92 -27.25 -21.20
CA THR I 35 -5.82 -26.46 -21.74
C THR I 35 -5.12 -25.69 -20.64
N SER I 36 -3.99 -25.09 -20.93
CA SER I 36 -3.21 -24.35 -19.96
C SER I 36 -2.48 -23.18 -20.57
N ILE I 37 -2.37 -22.06 -19.88
CA ILE I 37 -1.60 -20.89 -20.32
C ILE I 37 -0.63 -20.52 -19.20
N LYS I 38 0.63 -20.30 -19.51
CA LYS I 38 1.56 -19.75 -18.52
C LYS I 38 1.83 -18.30 -18.86
N ILE I 39 1.56 -17.47 -17.87
CA ILE I 39 1.83 -16.05 -17.93
C ILE I 39 3.16 -15.82 -17.24
N ASP I 40 4.13 -15.32 -17.99
CA ASP I 40 5.47 -15.05 -17.52
C ASP I 40 5.78 -13.58 -17.34
N PRO I 41 6.18 -13.15 -16.14
CA PRO I 41 6.48 -11.75 -15.96
C PRO I 41 7.78 -11.27 -16.61
N TYR I 42 8.66 -12.16 -17.06
CA TYR I 42 9.91 -11.73 -17.68
C TYR I 42 9.70 -11.07 -19.05
N MET I 43 10.73 -10.34 -19.53
CA MET I 43 10.65 -9.58 -20.76
C MET I 43 11.21 -10.24 -22.02
N ASN I 44 11.81 -11.41 -21.94
CA ASN I 44 12.12 -12.17 -23.15
C ASN I 44 10.81 -12.52 -23.88
N ILE I 45 10.77 -12.34 -25.20
CA ILE I 45 9.63 -12.76 -26.01
C ILE I 45 9.58 -14.28 -26.16
N ASP I 46 10.73 -14.96 -26.17
CA ASP I 46 10.87 -16.40 -26.26
C ASP I 46 12.21 -16.88 -25.67
N ALA I 47 12.35 -18.19 -25.47
CA ALA I 47 13.57 -18.79 -24.96
C ALA I 47 14.66 -18.95 -26.00
N GLY I 48 14.42 -18.61 -27.27
CA GLY I 48 15.43 -18.79 -28.32
C GLY I 48 16.66 -17.91 -28.11
N THR I 49 16.49 -16.73 -27.51
CA THR I 49 17.62 -15.89 -27.08
C THR I 49 18.25 -16.35 -25.77
N MET I 50 17.55 -17.16 -24.98
CA MET I 50 17.95 -17.52 -23.63
C MET I 50 18.89 -18.72 -23.64
N SER I 51 20.15 -18.50 -23.25
CA SER I 51 21.13 -19.58 -23.06
C SER I 51 20.70 -20.53 -21.94
N PRO I 52 20.76 -21.87 -22.09
CA PRO I 52 20.28 -22.81 -21.09
C PRO I 52 20.93 -22.74 -19.70
N LEU I 53 22.03 -22.00 -19.55
CA LEU I 53 22.70 -21.71 -18.29
C LEU I 53 21.76 -21.13 -17.23
N GLU I 54 20.82 -20.29 -17.64
CA GLU I 54 19.88 -19.62 -16.76
C GLU I 54 18.49 -19.64 -17.36
N HIS I 55 17.48 -19.79 -16.50
CA HIS I 55 16.14 -20.26 -16.83
C HIS I 55 16.08 -21.67 -17.45
N GLY I 56 17.23 -22.32 -17.65
CA GLY I 56 17.30 -23.72 -18.03
C GLY I 56 16.94 -24.00 -19.49
N GLU I 57 16.59 -25.25 -19.70
CA GLU I 57 16.27 -25.92 -20.97
C GLU I 57 15.19 -25.21 -21.83
N CYS I 58 15.50 -24.83 -23.07
CA CYS I 58 14.53 -24.25 -24.01
C CYS I 58 13.54 -25.32 -24.51
N PHE I 59 12.39 -25.49 -23.84
CA PHE I 59 11.41 -26.52 -24.22
C PHE I 59 10.88 -26.31 -25.66
N VAL I 60 10.67 -27.37 -26.41
CA VAL I 60 10.20 -27.22 -27.80
C VAL I 60 8.83 -27.84 -28.17
N LEU I 61 8.05 -26.99 -28.79
CA LEU I 61 6.71 -27.30 -29.24
C LEU I 61 6.69 -28.22 -30.45
N ASP I 62 5.51 -28.79 -30.65
CA ASP I 62 5.04 -29.28 -31.95
C ASP I 62 5.24 -28.20 -33.05
N ASP I 63 4.76 -26.97 -32.81
CA ASP I 63 4.98 -25.81 -33.69
C ASP I 63 6.42 -25.27 -33.70
N GLY I 64 7.36 -25.91 -33.01
CA GLY I 64 8.80 -25.61 -33.12
C GLY I 64 9.29 -24.31 -32.50
N GLY I 65 8.44 -23.60 -31.76
CA GLY I 65 8.86 -22.51 -30.89
C GLY I 65 9.67 -22.99 -29.68
N GLU I 66 10.79 -22.33 -29.40
CA GLU I 66 11.56 -22.45 -28.16
C GLU I 66 10.87 -21.69 -27.02
N THR I 67 10.03 -22.40 -26.29
CA THR I 67 9.18 -21.86 -25.18
C THR I 67 9.90 -21.82 -23.85
N ASP I 68 9.22 -21.15 -22.89
CA ASP I 68 9.41 -21.44 -21.48
C ASP I 68 9.42 -22.94 -21.22
N LEU I 69 10.37 -23.37 -20.40
CA LEU I 69 10.50 -24.75 -20.00
C LEU I 69 9.23 -25.33 -19.40
N ASP I 70 8.59 -24.58 -18.51
CA ASP I 70 7.52 -25.12 -17.66
C ASP I 70 6.29 -25.57 -18.45
N LEU I 71 6.09 -25.07 -19.68
CA LEU I 71 5.03 -25.59 -20.53
C LEU I 71 5.12 -27.11 -20.71
N GLY I 72 6.34 -27.65 -20.76
CA GLY I 72 6.54 -29.09 -20.78
C GLY I 72 5.79 -29.77 -19.63
N ASN I 73 5.75 -29.15 -18.45
CA ASN I 73 5.10 -29.71 -17.27
C ASN I 73 3.62 -29.92 -17.56
N TYR I 74 3.00 -29.18 -18.44
CA TYR I 74 1.60 -29.17 -18.84
C TYR I 74 1.32 -30.15 -19.95
N GLU I 75 2.30 -30.37 -20.82
CA GLU I 75 2.09 -31.31 -21.92
C GLU I 75 2.07 -32.72 -21.30
N ARG I 76 2.95 -32.93 -20.31
CA ARG I 76 3.10 -34.16 -19.51
C ARG I 76 1.85 -34.52 -18.72
N TYR I 77 1.38 -33.57 -17.92
CA TYR I 77 0.33 -33.79 -16.91
C TYR I 77 -1.08 -33.80 -17.49
N LEU I 78 -1.29 -33.23 -18.66
CA LEU I 78 -2.56 -33.13 -19.38
C LEU I 78 -2.63 -34.04 -20.58
N GLY I 79 -1.53 -34.23 -21.31
CA GLY I 79 -1.53 -34.93 -22.58
C GLY I 79 -2.12 -34.07 -23.69
N VAL I 80 -1.51 -32.90 -23.90
CA VAL I 80 -1.99 -31.88 -24.84
C VAL I 80 -0.85 -31.30 -25.66
N THR I 81 -1.14 -30.87 -26.88
CA THR I 81 -0.19 -30.12 -27.72
C THR I 81 -0.47 -28.64 -27.59
N LEU I 82 0.41 -27.91 -26.90
CA LEU I 82 0.29 -26.45 -26.82
C LEU I 82 0.91 -25.78 -28.05
N THR I 83 0.90 -24.45 -28.07
CA THR I 83 1.41 -23.61 -29.18
C THR I 83 2.25 -22.45 -28.65
N LYS I 84 2.96 -21.74 -29.51
CA LYS I 84 3.80 -20.60 -29.12
C LYS I 84 3.01 -19.49 -28.40
N ASP I 85 1.70 -19.41 -28.64
CA ASP I 85 0.81 -18.44 -28.00
C ASP I 85 0.42 -18.80 -26.56
N HIS I 86 0.51 -20.06 -26.12
CA HIS I 86 0.18 -20.44 -24.74
C HIS I 86 1.19 -19.98 -23.69
N ASN I 87 2.31 -19.42 -24.11
CA ASN I 87 3.26 -18.78 -23.22
C ASN I 87 3.18 -17.28 -23.38
N ILE I 88 2.28 -16.64 -22.65
CA ILE I 88 2.21 -15.19 -22.56
C ILE I 88 3.45 -14.70 -21.82
N THR I 89 4.11 -13.66 -22.27
CA THR I 89 5.23 -13.04 -21.53
C THR I 89 5.13 -11.54 -21.57
N THR I 90 5.72 -10.84 -20.60
CA THR I 90 5.69 -9.39 -20.57
C THR I 90 6.30 -8.78 -21.83
N GLY I 91 7.38 -9.35 -22.35
CA GLY I 91 7.95 -8.88 -23.62
C GLY I 91 7.07 -9.16 -24.82
N LYS I 92 6.31 -10.25 -24.80
CA LYS I 92 5.42 -10.62 -25.90
C LYS I 92 4.23 -9.70 -25.98
N ILE I 93 3.61 -9.34 -24.86
CA ILE I 93 2.42 -8.50 -24.85
C ILE I 93 2.75 -7.03 -25.01
N TYR I 94 3.82 -6.48 -24.45
CA TYR I 94 4.23 -5.13 -24.83
C TYR I 94 4.54 -5.00 -26.31
N SER I 95 5.17 -6.00 -26.94
CA SER I 95 5.43 -6.00 -28.38
C SER I 95 4.15 -5.99 -29.20
N HIS I 96 3.15 -6.77 -28.82
CA HIS I 96 1.90 -6.88 -29.55
C HIS I 96 1.08 -5.59 -29.50
N VAL I 97 0.95 -4.97 -28.34
CA VAL I 97 0.29 -3.65 -28.22
C VAL I 97 1.11 -2.54 -28.90
N ILE I 98 2.43 -2.52 -28.78
CA ILE I 98 3.27 -1.55 -29.50
C ILE I 98 3.19 -1.75 -31.02
N ALA I 99 3.01 -2.97 -31.54
CA ALA I 99 2.80 -3.16 -32.97
C ALA I 99 1.50 -2.49 -33.43
N LYS I 100 0.40 -2.74 -32.72
CA LYS I 100 -0.89 -2.11 -32.97
C LYS I 100 -0.84 -0.59 -32.83
N GLU I 101 -0.01 -0.03 -31.95
CA GLU I 101 0.21 1.42 -31.81
C GLU I 101 0.81 2.05 -33.07
N ARG I 102 1.80 1.41 -33.71
CA ARG I 102 2.43 1.96 -34.94
C ARG I 102 1.65 1.64 -36.22
N LYS I 103 0.92 0.53 -36.25
CA LYS I 103 -0.08 0.26 -37.29
C LYS I 103 -1.26 1.22 -37.19
N GLY I 104 -1.52 1.77 -36.00
CA GLY I 104 -2.57 2.76 -35.76
C GLY I 104 -3.93 2.14 -35.45
N ASP I 105 -3.99 0.90 -34.97
CA ASP I 105 -5.25 0.19 -34.69
C ASP I 105 -6.05 0.81 -33.53
N TYR I 106 -5.43 1.69 -32.74
CA TYR I 106 -6.09 2.49 -31.70
C TYR I 106 -6.74 3.78 -32.22
N LEU I 107 -6.88 3.98 -33.53
CA LEU I 107 -7.61 5.09 -34.14
C LEU I 107 -7.15 6.46 -33.59
N GLY I 108 -5.85 6.60 -33.38
CA GLY I 108 -5.21 7.82 -32.91
C GLY I 108 -5.52 8.21 -31.46
N LYS I 109 -6.21 7.38 -30.67
CA LYS I 109 -6.28 7.57 -29.21
C LYS I 109 -4.87 7.46 -28.62
N THR I 110 -4.61 8.02 -27.44
CA THR I 110 -3.45 7.57 -26.65
C THR I 110 -3.73 6.19 -26.09
N VAL I 111 -2.69 5.34 -26.05
CA VAL I 111 -2.79 3.94 -25.62
C VAL I 111 -2.11 3.80 -24.27
N GLN I 112 -2.79 3.15 -23.34
CA GLN I 112 -2.50 3.22 -21.91
C GLN I 112 -2.34 1.82 -21.33
N ILE I 113 -1.64 1.67 -20.20
CA ILE I 113 -1.56 0.34 -19.60
C ILE I 113 -2.93 -0.11 -19.12
N VAL I 114 -3.76 0.80 -18.60
CA VAL I 114 -5.18 0.56 -18.36
C VAL I 114 -5.99 1.61 -19.13
N PRO I 115 -6.99 1.26 -19.95
CA PRO I 115 -7.51 -0.07 -20.19
C PRO I 115 -6.88 -0.82 -21.36
N HIS I 116 -6.10 -0.20 -22.25
CA HIS I 116 -5.73 -0.85 -23.51
C HIS I 116 -4.88 -2.11 -23.35
N LEU I 117 -3.77 -2.05 -22.60
CA LEU I 117 -2.96 -3.24 -22.39
C LEU I 117 -3.66 -4.29 -21.52
N THR I 118 -4.42 -3.92 -20.51
CA THR I 118 -5.18 -4.91 -19.73
C THR I 118 -6.32 -5.53 -20.53
N ASN I 119 -6.88 -4.84 -21.51
CA ASN I 119 -7.74 -5.46 -22.51
C ASN I 119 -6.98 -6.43 -23.39
N ALA I 120 -5.78 -6.08 -23.86
CA ALA I 120 -4.98 -6.97 -24.69
C ALA I 120 -4.72 -8.32 -24.01
N ILE I 121 -4.34 -8.31 -22.73
CA ILE I 121 -4.11 -9.52 -21.96
C ILE I 121 -5.39 -10.36 -21.85
N GLN I 122 -6.54 -9.78 -21.55
CA GLN I 122 -7.82 -10.52 -21.53
C GLN I 122 -8.17 -11.07 -22.91
N ASP I 123 -7.98 -10.28 -23.96
CA ASP I 123 -8.27 -10.70 -25.32
C ASP I 123 -7.31 -11.81 -25.77
N TRP I 124 -6.07 -11.87 -25.26
CA TRP I 124 -5.14 -12.97 -25.48
C TRP I 124 -5.56 -14.24 -24.75
N ILE I 125 -5.87 -14.18 -23.46
CA ILE I 125 -6.30 -15.35 -22.69
C ILE I 125 -7.55 -15.97 -23.31
N GLU I 126 -8.59 -15.20 -23.60
CA GLU I 126 -9.79 -15.78 -24.21
C GLU I 126 -9.58 -16.18 -25.66
N ARG I 127 -8.61 -15.60 -26.39
CA ARG I 127 -8.24 -16.07 -27.73
C ARG I 127 -7.65 -17.46 -27.63
N VAL I 128 -6.59 -17.61 -26.84
CA VAL I 128 -5.82 -18.85 -26.75
C VAL I 128 -6.64 -19.97 -26.14
N ALA I 129 -7.53 -19.69 -25.19
CA ALA I 129 -8.40 -20.69 -24.58
C ALA I 129 -9.42 -21.33 -25.55
N LYS I 130 -9.61 -20.79 -26.77
CA LYS I 130 -10.39 -21.44 -27.83
C LYS I 130 -9.65 -22.58 -28.54
N ILE I 131 -8.32 -22.53 -28.60
CA ILE I 131 -7.51 -23.42 -29.44
C ILE I 131 -7.68 -24.88 -28.98
N PRO I 132 -7.97 -25.85 -29.88
CA PRO I 132 -8.24 -27.23 -29.52
C PRO I 132 -6.95 -28.04 -29.32
N VAL I 133 -6.34 -27.94 -28.15
CA VAL I 133 -5.05 -28.59 -27.83
C VAL I 133 -5.15 -30.10 -27.55
N ASP I 134 -6.36 -30.63 -27.47
CA ASP I 134 -6.71 -31.93 -26.91
C ASP I 134 -6.91 -33.03 -27.98
N ASP I 135 -7.15 -34.27 -27.57
CA ASP I 135 -7.24 -35.46 -28.44
C ASP I 135 -8.46 -35.50 -29.39
N THR I 136 -9.28 -34.46 -29.43
CA THR I 136 -10.25 -34.21 -30.50
C THR I 136 -10.42 -32.71 -30.68
N GLY I 137 -10.76 -32.27 -31.88
CA GLY I 137 -10.69 -30.87 -32.31
C GLY I 137 -11.69 -29.89 -31.66
N MET I 138 -12.42 -30.27 -30.63
CA MET I 138 -13.29 -29.35 -29.89
C MET I 138 -12.50 -28.37 -29.01
N GLU I 139 -13.05 -27.18 -28.84
CA GLU I 139 -12.45 -26.19 -27.93
C GLU I 139 -12.45 -26.69 -26.46
N PRO I 140 -11.43 -26.39 -25.66
CA PRO I 140 -11.36 -26.79 -24.26
C PRO I 140 -12.53 -26.31 -23.41
N ASP I 141 -12.87 -27.10 -22.39
CA ASP I 141 -13.94 -26.77 -21.45
C ASP I 141 -13.40 -25.90 -20.31
N VAL I 142 -12.17 -26.16 -19.89
CA VAL I 142 -11.49 -25.44 -18.81
C VAL I 142 -10.08 -25.05 -19.24
N CYS I 143 -9.64 -23.87 -18.81
CA CYS I 143 -8.27 -23.40 -18.99
C CYS I 143 -7.61 -23.14 -17.64
N ILE I 144 -6.45 -23.72 -17.38
CA ILE I 144 -5.64 -23.44 -16.18
C ILE I 144 -4.68 -22.30 -16.51
N ILE I 145 -4.79 -21.16 -15.86
CA ILE I 145 -3.92 -20.00 -16.09
C ILE I 145 -2.93 -19.88 -14.95
N GLU I 146 -1.64 -20.11 -15.19
CA GLU I 146 -0.65 -19.92 -14.15
C GLU I 146 0.01 -18.56 -14.29
N LEU I 147 -0.15 -17.73 -13.27
CA LEU I 147 0.47 -16.42 -13.17
C LEU I 147 1.83 -16.55 -12.49
N GLY I 148 2.91 -16.42 -13.24
CA GLY I 148 4.27 -16.40 -12.69
C GLY I 148 4.60 -15.15 -11.89
N GLY I 149 5.79 -15.13 -11.31
CA GLY I 149 6.22 -14.11 -10.35
C GLY I 149 5.46 -14.20 -9.03
N THR I 150 5.37 -13.10 -8.30
CA THR I 150 4.50 -12.98 -7.11
C THR I 150 3.59 -11.78 -7.21
N VAL I 151 2.37 -11.89 -6.70
CA VAL I 151 1.44 -10.76 -6.63
C VAL I 151 2.07 -9.66 -5.76
N GLY I 152 2.09 -8.42 -6.23
CA GLY I 152 2.81 -7.30 -5.60
C GLY I 152 4.21 -7.04 -6.14
N ASP I 153 4.60 -7.76 -7.18
CA ASP I 153 5.85 -7.47 -7.92
C ASP I 153 5.50 -6.30 -8.85
N ILE I 154 6.45 -5.41 -9.21
CA ILE I 154 6.21 -4.29 -10.17
C ILE I 154 6.25 -4.89 -11.58
N GLU I 155 6.55 -6.15 -11.75
CA GLU I 155 6.67 -6.94 -12.96
C GLU I 155 5.38 -7.66 -13.28
N SER I 156 4.59 -8.01 -12.29
CA SER I 156 3.36 -8.78 -12.32
C SER I 156 2.13 -7.90 -12.22
N ALA I 157 2.28 -6.59 -12.05
CA ALA I 157 1.14 -5.67 -11.79
C ALA I 157 0.21 -5.58 -13.01
N PRO I 158 0.66 -5.55 -14.29
CA PRO I 158 -0.25 -5.54 -15.42
C PRO I 158 -1.17 -6.76 -15.53
N PHE I 159 -0.69 -7.93 -15.13
CA PHE I 159 -1.46 -9.17 -15.21
C PHE I 159 -2.50 -9.34 -14.13
N VAL I 160 -2.24 -8.92 -12.89
CA VAL I 160 -3.29 -8.93 -11.85
C VAL I 160 -4.38 -7.89 -12.11
N GLU I 161 -4.08 -6.77 -12.76
CA GLU I 161 -5.12 -5.90 -13.31
C GLU I 161 -5.93 -6.63 -14.39
N ALA I 162 -5.26 -7.22 -15.38
CA ALA I 162 -5.98 -7.85 -16.47
C ALA I 162 -6.85 -9.02 -15.98
N LEU I 163 -6.34 -9.85 -15.08
CA LEU I 163 -7.08 -10.93 -14.47
C LEU I 163 -8.24 -10.40 -13.62
N ARG I 164 -8.10 -9.29 -12.85
CA ARG I 164 -9.24 -8.72 -12.10
C ARG I 164 -10.39 -8.38 -13.04
N GLN I 165 -10.10 -7.62 -14.09
CA GLN I 165 -11.10 -7.26 -15.08
C GLN I 165 -11.69 -8.51 -15.75
N PHE I 166 -10.87 -9.55 -15.93
CA PHE I 166 -11.30 -10.83 -16.47
C PHE I 166 -12.28 -11.57 -15.55
N GLN I 167 -12.29 -11.34 -14.24
CA GLN I 167 -13.31 -11.90 -13.35
C GLN I 167 -14.72 -11.38 -13.64
N PHE I 168 -14.86 -10.36 -14.50
CA PHE I 168 -16.11 -9.74 -14.88
C PHE I 168 -16.42 -9.96 -16.38
N LYS I 169 -15.38 -9.91 -17.23
CA LYS I 169 -15.52 -10.23 -18.66
C LYS I 169 -15.94 -11.69 -18.85
N VAL I 170 -15.31 -12.58 -18.08
CA VAL I 170 -15.83 -13.91 -17.71
C VAL I 170 -16.67 -13.74 -16.45
N GLY I 171 -17.72 -14.52 -16.23
CA GLY I 171 -18.48 -14.45 -14.98
C GLY I 171 -17.83 -15.12 -13.76
N LYS I 172 -18.21 -14.71 -12.55
CA LYS I 172 -18.14 -15.60 -11.39
C LYS I 172 -19.05 -16.81 -11.64
N GLU I 173 -18.74 -17.96 -11.06
CA GLU I 173 -19.24 -19.28 -11.51
C GLU I 173 -18.75 -19.69 -12.92
N ASN I 174 -17.81 -18.97 -13.54
CA ASN I 174 -16.99 -19.45 -14.64
C ASN I 174 -15.50 -19.29 -14.35
N PHE I 175 -15.07 -18.34 -13.55
CA PHE I 175 -13.68 -18.12 -13.14
C PHE I 175 -13.50 -18.46 -11.64
N ALA I 176 -12.39 -19.10 -11.28
CA ALA I 176 -11.95 -19.33 -9.89
C ALA I 176 -10.45 -19.19 -9.73
N LEU I 177 -9.97 -18.89 -8.52
CA LEU I 177 -8.54 -18.69 -8.26
C LEU I 177 -8.03 -19.55 -7.11
N ILE I 178 -6.89 -20.19 -7.32
CA ILE I 178 -6.08 -20.91 -6.32
C ILE I 178 -4.87 -20.05 -5.99
N HIS I 179 -4.66 -19.65 -4.74
CA HIS I 179 -3.51 -18.85 -4.35
C HIS I 179 -2.55 -19.72 -3.57
N VAL I 180 -1.29 -19.79 -3.98
CA VAL I 180 -0.31 -20.68 -3.38
C VAL I 180 0.55 -19.86 -2.43
N SER I 181 0.72 -20.24 -1.18
CA SER I 181 1.29 -19.34 -0.15
C SER I 181 2.15 -20.06 0.88
N LEU I 182 2.99 -19.33 1.61
CA LEU I 182 4.02 -19.93 2.46
C LEU I 182 3.58 -20.02 3.91
N VAL I 183 3.75 -21.18 4.52
CA VAL I 183 3.66 -21.34 5.98
C VAL I 183 5.07 -21.71 6.45
N PRO I 184 5.96 -20.76 6.78
CA PRO I 184 7.27 -21.10 7.29
C PRO I 184 7.14 -21.73 8.66
N VAL I 185 7.98 -22.72 8.93
CA VAL I 185 8.11 -23.32 10.25
C VAL I 185 9.43 -22.87 10.85
N ILE I 186 9.37 -22.12 11.95
CA ILE I 186 10.55 -21.76 12.75
C ILE I 186 10.28 -21.99 14.22
N HIS I 187 11.31 -22.36 14.99
CA HIS I 187 11.15 -22.82 16.37
C HIS I 187 10.12 -23.95 16.49
N GLY I 188 9.99 -24.78 15.45
CA GLY I 188 9.01 -25.85 15.37
C GLY I 188 7.54 -25.41 15.30
N GLU I 189 7.22 -24.14 15.03
CA GLU I 189 5.84 -23.64 14.87
C GLU I 189 5.53 -23.13 13.46
N GLN I 190 4.42 -23.57 12.89
CA GLN I 190 3.85 -23.08 11.62
C GLN I 190 3.30 -21.65 11.74
N LYS I 191 3.97 -20.66 11.15
CA LYS I 191 3.53 -19.25 11.23
C LYS I 191 2.62 -18.91 10.06
N THR I 192 1.45 -18.32 10.32
CA THR I 192 0.47 -17.97 9.27
C THR I 192 0.71 -16.62 8.63
N LYS I 193 1.46 -15.72 9.26
CA LYS I 193 1.49 -14.30 8.86
C LYS I 193 1.95 -14.01 7.42
N PRO I 194 2.88 -14.73 6.78
CA PRO I 194 3.19 -14.46 5.38
C PRO I 194 1.99 -14.71 4.47
N THR I 195 1.14 -15.68 4.78
CA THR I 195 -0.15 -15.86 4.07
C THR I 195 -1.13 -14.71 4.33
N GLN I 196 -1.21 -14.17 5.55
CA GLN I 196 -2.05 -12.99 5.82
C GLN I 196 -1.58 -11.77 5.03
N ALA I 197 -0.29 -11.40 5.08
CA ALA I 197 0.26 -10.27 4.34
C ALA I 197 0.18 -10.44 2.81
N ALA I 198 0.35 -11.64 2.25
CA ALA I 198 0.19 -11.89 0.81
C ALA I 198 -1.27 -11.96 0.37
N ILE I 199 -2.22 -12.30 1.25
CA ILE I 199 -3.65 -12.24 0.95
C ILE I 199 -4.15 -10.80 1.05
N LYS I 200 -3.66 -10.01 2.01
CA LYS I 200 -3.82 -8.56 2.02
C LYS I 200 -3.35 -7.95 0.70
N GLY I 201 -2.15 -8.31 0.23
CA GLY I 201 -1.69 -7.92 -1.11
C GLY I 201 -2.65 -8.35 -2.21
N LEU I 202 -3.10 -9.60 -2.23
CA LEU I 202 -4.00 -10.12 -3.26
C LEU I 202 -5.31 -9.34 -3.31
N ARG I 203 -6.00 -9.14 -2.19
CA ARG I 203 -7.28 -8.41 -2.20
C ARG I 203 -7.09 -6.93 -2.56
N SER I 204 -5.93 -6.34 -2.29
CA SER I 204 -5.63 -4.96 -2.70
C SER I 204 -5.77 -4.80 -4.21
N LEU I 205 -5.20 -5.72 -4.99
CA LEU I 205 -5.28 -5.74 -6.46
C LEU I 205 -6.61 -6.31 -7.00
N GLY I 206 -7.40 -6.97 -6.16
CA GLY I 206 -8.84 -7.16 -6.31
C GLY I 206 -9.29 -8.57 -6.64
N LEU I 207 -8.34 -9.48 -6.86
CA LEU I 207 -8.60 -10.91 -6.97
C LEU I 207 -8.99 -11.44 -5.59
N VAL I 208 -9.89 -12.43 -5.53
CA VAL I 208 -10.24 -13.13 -4.28
C VAL I 208 -10.03 -14.63 -4.44
N PRO I 209 -9.33 -15.31 -3.52
CA PRO I 209 -8.99 -16.71 -3.68
C PRO I 209 -10.15 -17.57 -3.28
N ASP I 210 -10.50 -18.52 -4.15
CA ASP I 210 -11.48 -19.56 -3.86
C ASP I 210 -10.86 -20.74 -3.15
N MET I 211 -9.54 -20.89 -3.24
CA MET I 211 -8.72 -21.77 -2.45
C MET I 211 -7.42 -21.11 -2.06
N ILE I 212 -6.85 -21.54 -0.94
CA ILE I 212 -5.45 -21.29 -0.62
C ILE I 212 -4.75 -22.64 -0.63
N ALA I 213 -3.51 -22.70 -1.11
CA ALA I 213 -2.71 -23.91 -1.09
C ALA I 213 -1.34 -23.64 -0.48
N CYS I 214 -0.94 -24.37 0.54
CA CYS I 214 0.27 -23.99 1.28
C CYS I 214 1.50 -24.81 0.92
N ARG I 215 2.60 -24.13 0.60
CA ARG I 215 3.95 -24.67 0.77
C ARG I 215 4.24 -24.69 2.25
N CYS I 216 4.48 -25.87 2.79
CA CYS I 216 4.87 -26.03 4.18
C CYS I 216 5.83 -27.22 4.31
N SER I 217 6.75 -27.16 5.27
CA SER I 217 7.65 -28.26 5.60
C SER I 217 6.92 -29.45 6.24
N GLU I 218 5.66 -29.31 6.63
CA GLU I 218 4.90 -30.25 7.45
C GLU I 218 3.49 -30.50 6.92
N THR I 219 2.77 -31.46 7.49
CA THR I 219 1.30 -31.41 7.40
C THR I 219 0.81 -30.19 8.18
N LEU I 220 0.00 -29.31 7.60
CA LEU I 220 -0.58 -28.19 8.33
C LEU I 220 -1.33 -28.69 9.56
N ASP I 221 -1.06 -28.09 10.71
CA ASP I 221 -1.84 -28.34 11.91
C ASP I 221 -3.28 -27.87 11.70
N LYS I 222 -4.24 -28.57 12.33
CA LYS I 222 -5.64 -28.18 12.41
C LYS I 222 -5.84 -26.71 12.79
N PRO I 223 -5.17 -26.14 13.81
CA PRO I 223 -5.20 -24.71 14.08
C PRO I 223 -4.60 -23.82 12.98
N THR I 224 -3.59 -24.26 12.24
CA THR I 224 -3.03 -23.46 11.13
C THR I 224 -4.04 -23.27 10.02
N ILE I 225 -4.75 -24.32 9.64
CA ILE I 225 -5.86 -24.23 8.69
C ILE I 225 -6.94 -23.27 9.20
N ASP I 226 -7.32 -23.36 10.47
CA ASP I 226 -8.31 -22.46 11.05
C ASP I 226 -7.84 -21.01 11.07
N LYS I 227 -6.57 -20.73 11.42
CA LYS I 227 -6.03 -19.37 11.48
C LYS I 227 -5.72 -18.78 10.10
N ILE I 228 -5.56 -19.56 9.04
CA ILE I 228 -5.63 -19.06 7.65
C ILE I 228 -7.08 -18.80 7.24
N ALA I 229 -8.01 -19.72 7.43
CA ALA I 229 -9.41 -19.53 7.03
C ALA I 229 -10.14 -18.42 7.82
N MET I 230 -9.72 -18.10 9.05
CA MET I 230 -10.21 -16.94 9.82
C MET I 230 -9.71 -15.59 9.25
N PHE I 231 -8.78 -15.62 8.29
CA PHE I 231 -8.13 -14.43 7.71
C PHE I 231 -8.28 -14.31 6.20
N CYS I 232 -9.00 -15.24 5.56
CA CYS I 232 -9.24 -15.29 4.12
C CYS I 232 -10.68 -15.78 3.86
N HIS I 233 -11.21 -15.50 2.67
CA HIS I 233 -12.63 -15.77 2.39
C HIS I 233 -12.91 -17.21 1.91
N VAL I 234 -12.22 -18.19 2.51
CA VAL I 234 -12.28 -19.63 2.18
C VAL I 234 -12.79 -20.42 3.37
N GLY I 235 -13.53 -21.52 3.16
CA GLY I 235 -13.81 -22.45 4.25
C GLY I 235 -12.54 -23.18 4.68
N PRO I 236 -12.49 -23.79 5.87
CA PRO I 236 -11.30 -24.52 6.31
C PRO I 236 -10.97 -25.75 5.43
N GLU I 237 -11.94 -26.27 4.69
CA GLU I 237 -11.78 -27.37 3.74
C GLU I 237 -11.16 -26.95 2.38
N GLN I 238 -10.99 -25.66 2.11
CA GLN I 238 -10.28 -25.12 0.93
C GLN I 238 -8.92 -24.51 1.26
N VAL I 239 -8.35 -24.79 2.43
CA VAL I 239 -6.91 -24.59 2.66
C VAL I 239 -6.18 -25.90 2.34
N VAL I 240 -5.86 -26.08 1.07
CA VAL I 240 -5.16 -27.23 0.50
C VAL I 240 -3.70 -27.24 0.97
N ASN I 241 -3.05 -28.40 0.97
CA ASN I 241 -1.67 -28.53 1.42
C ASN I 241 -0.89 -29.57 0.60
N VAL I 242 0.04 -29.10 -0.23
CA VAL I 242 0.95 -29.94 -1.01
C VAL I 242 2.17 -30.29 -0.16
N HIS I 243 2.03 -31.22 0.77
CA HIS I 243 3.11 -31.69 1.65
C HIS I 243 4.04 -32.69 0.95
N ASP I 244 5.11 -33.09 1.63
CA ASP I 244 6.01 -34.14 1.16
C ASP I 244 5.24 -35.43 0.80
N VAL I 245 5.51 -35.98 -0.38
CA VAL I 245 4.89 -37.20 -0.93
C VAL I 245 5.94 -38.06 -1.61
N ASN I 246 5.64 -39.34 -1.84
CA ASN I 246 6.62 -40.31 -2.32
C ASN I 246 7.25 -39.89 -3.66
N SER I 247 6.44 -39.30 -4.54
CA SER I 247 6.86 -38.63 -5.76
C SER I 247 5.86 -37.55 -6.16
N THR I 248 6.31 -36.61 -6.98
CA THR I 248 5.53 -35.48 -7.50
C THR I 248 4.19 -35.90 -8.10
N TYR I 249 4.13 -37.02 -8.83
CA TYR I 249 2.90 -37.49 -9.45
C TYR I 249 1.84 -37.99 -8.44
N HIS I 250 2.21 -38.23 -7.17
CA HIS I 250 1.21 -38.45 -6.13
C HIS I 250 0.43 -37.19 -5.84
N VAL I 251 0.98 -36.01 -6.11
CA VAL I 251 0.34 -34.73 -5.83
C VAL I 251 -1.08 -34.63 -6.39
N PRO I 252 -1.41 -34.94 -7.65
CA PRO I 252 -2.79 -34.88 -8.09
C PRO I 252 -3.71 -35.78 -7.25
N LEU I 253 -3.27 -36.98 -6.89
CA LEU I 253 -4.07 -37.83 -6.01
C LEU I 253 -4.15 -37.21 -4.61
N LEU I 254 -3.07 -36.61 -4.11
CA LEU I 254 -3.10 -35.83 -2.88
C LEU I 254 -4.16 -34.73 -2.94
N LEU I 255 -4.22 -33.94 -4.01
CA LEU I 255 -5.23 -32.89 -4.20
C LEU I 255 -6.63 -33.49 -4.21
N LEU I 256 -6.83 -34.58 -4.94
CA LEU I 256 -8.08 -35.32 -4.97
C LEU I 256 -8.48 -35.79 -3.56
N GLU I 257 -7.55 -36.35 -2.80
CA GLU I 257 -7.79 -36.87 -1.45
C GLU I 257 -8.17 -35.74 -0.48
N GLN I 258 -7.58 -34.57 -0.65
CA GLN I 258 -7.92 -33.34 0.06
C GLN I 258 -9.23 -32.69 -0.44
N LYS I 259 -10.06 -33.41 -1.19
CA LYS I 259 -11.36 -32.97 -1.73
C LYS I 259 -11.25 -31.67 -2.54
N MET I 260 -10.13 -31.45 -3.20
CA MET I 260 -9.90 -30.23 -3.96
C MET I 260 -10.88 -30.11 -5.12
N ILE I 261 -11.08 -31.18 -5.89
CA ILE I 261 -12.01 -31.19 -7.02
C ILE I 261 -13.47 -31.24 -6.61
N ASP I 262 -13.81 -31.86 -5.48
CA ASP I 262 -15.18 -31.91 -5.01
C ASP I 262 -15.71 -30.50 -4.67
N TYR I 263 -14.83 -29.54 -4.40
CA TYR I 263 -15.15 -28.13 -4.40
C TYR I 263 -15.19 -27.53 -5.81
N LEU I 264 -14.15 -27.66 -6.64
CA LEU I 264 -14.14 -27.04 -7.98
C LEU I 264 -15.32 -27.48 -8.85
N HIS I 265 -15.77 -28.72 -8.74
CA HIS I 265 -16.99 -29.20 -9.36
C HIS I 265 -18.20 -28.29 -9.06
N ALA I 266 -18.40 -27.89 -7.81
CA ALA I 266 -19.48 -27.00 -7.39
C ALA I 266 -19.16 -25.53 -7.69
N ARG I 267 -17.94 -25.09 -7.39
CA ARG I 267 -17.49 -23.68 -7.52
C ARG I 267 -17.44 -23.19 -8.96
N LEU I 268 -17.14 -24.09 -9.88
CA LEU I 268 -17.18 -23.82 -11.30
C LEU I 268 -18.33 -24.53 -12.00
N LYS I 269 -19.22 -25.16 -11.23
CA LYS I 269 -20.48 -25.71 -11.73
C LYS I 269 -20.25 -26.63 -12.94
N LEU I 270 -19.36 -27.58 -12.73
CA LEU I 270 -18.82 -28.47 -13.75
C LEU I 270 -19.78 -29.60 -14.11
N ASP I 271 -20.77 -29.83 -13.27
CA ASP I 271 -21.99 -30.57 -13.57
C ASP I 271 -22.74 -29.99 -14.79
N GLU I 272 -22.57 -28.70 -15.10
CA GLU I 272 -23.11 -28.12 -16.33
C GLU I 272 -22.41 -28.63 -17.59
N ILE I 273 -21.22 -29.24 -17.49
CA ILE I 273 -20.54 -29.85 -18.63
C ILE I 273 -21.11 -31.25 -18.89
N SER I 274 -22.13 -31.33 -19.74
CA SER I 274 -22.80 -32.55 -20.16
C SER I 274 -21.95 -33.36 -21.17
N LEU I 275 -20.89 -33.98 -20.69
CA LEU I 275 -19.98 -34.83 -21.47
C LEU I 275 -20.70 -35.99 -22.16
N THR I 276 -20.21 -36.42 -23.34
CA THR I 276 -20.63 -37.72 -23.88
C THR I 276 -20.13 -38.86 -22.99
N GLU I 277 -20.76 -40.03 -23.09
CA GLU I 277 -20.31 -41.22 -22.36
C GLU I 277 -19.01 -41.81 -22.92
N GLU I 278 -18.49 -41.29 -24.04
CA GLU I 278 -17.10 -41.49 -24.44
C GLU I 278 -16.15 -40.45 -23.82
N GLU I 279 -16.68 -39.36 -23.26
CA GLU I 279 -15.94 -38.40 -22.47
C GLU I 279 -16.14 -38.68 -21.00
N GLU I 280 -16.21 -41.67 -20.99
CA GLU I 280 -15.16 -42.66 -20.96
C GLU I 280 -13.77 -42.04 -20.88
N LEU I 281 -13.53 -40.84 -21.39
CA LEU I 281 -12.29 -40.11 -21.17
C LEU I 281 -12.03 -39.94 -19.68
N LEU I 282 -13.08 -39.65 -18.92
CA LEU I 282 -13.09 -39.70 -17.46
C LEU I 282 -12.58 -41.06 -16.97
N SER I 283 -13.15 -42.15 -17.45
CA SER I 283 -12.85 -43.51 -17.02
C SER I 283 -11.41 -43.89 -17.36
N LYS I 284 -10.99 -43.62 -18.58
CA LYS I 284 -9.63 -43.78 -19.08
C LYS I 284 -8.67 -42.97 -18.24
N TRP I 285 -8.99 -41.72 -17.94
CA TRP I 285 -8.12 -40.91 -17.11
C TRP I 285 -8.04 -41.41 -15.67
N LYS I 286 -9.17 -41.81 -15.08
CA LYS I 286 -9.23 -42.42 -13.75
C LYS I 286 -8.40 -43.69 -13.71
N ALA I 287 -8.53 -44.53 -14.74
CA ALA I 287 -7.62 -45.64 -14.91
C ALA I 287 -6.18 -45.14 -14.93
N THR I 288 -5.79 -44.22 -15.81
CA THR I 288 -4.41 -43.73 -15.86
C THR I 288 -3.92 -43.04 -14.59
N THR I 289 -4.81 -42.45 -13.80
CA THR I 289 -4.49 -41.88 -12.51
C THR I 289 -4.01 -42.98 -11.59
N GLY I 290 -4.79 -44.06 -11.53
CA GLY I 290 -4.36 -45.30 -10.94
C GLY I 290 -3.11 -45.85 -11.61
N ASN I 291 -3.04 -45.91 -12.94
CA ASN I 291 -1.94 -46.59 -13.63
C ASN I 291 -0.62 -45.84 -13.47
N PHE I 292 -0.65 -44.52 -13.30
CA PHE I 292 0.47 -43.81 -12.73
C PHE I 292 0.71 -44.30 -11.28
N ASP I 293 -0.27 -44.12 -10.40
CA ASP I 293 -0.10 -44.19 -8.96
C ASP I 293 0.28 -45.59 -8.43
N GLU I 294 -0.19 -46.62 -9.09
CA GLU I 294 0.00 -48.04 -8.76
C GLU I 294 1.45 -48.49 -8.96
N THR I 295 16.20 -51.30 -7.42
CA THR I 295 16.77 -50.07 -7.98
C THR I 295 17.49 -50.27 -9.32
N VAL I 296 17.42 -49.27 -10.21
CA VAL I 296 18.29 -49.08 -11.37
C VAL I 296 19.11 -47.82 -11.14
N LYS I 297 20.44 -47.89 -11.21
CA LYS I 297 21.34 -46.75 -11.00
C LYS I 297 21.80 -46.23 -12.35
N ILE I 298 21.60 -44.96 -12.70
CA ILE I 298 22.02 -44.37 -13.98
C ILE I 298 22.94 -43.19 -13.75
N ALA I 299 24.11 -43.14 -14.36
CA ALA I 299 24.95 -41.95 -14.30
C ALA I 299 24.53 -41.01 -15.42
N LEU I 300 24.09 -39.81 -15.07
CA LEU I 300 23.84 -38.74 -16.04
C LEU I 300 25.05 -37.82 -16.00
N VAL I 301 25.76 -37.76 -17.12
CA VAL I 301 27.08 -37.14 -17.22
C VAL I 301 27.01 -35.93 -18.13
N GLY I 302 27.24 -34.72 -17.61
CA GLY I 302 27.16 -33.53 -18.43
C GLY I 302 27.79 -32.31 -17.79
N LYS I 303 27.68 -31.15 -18.44
CA LYS I 303 28.11 -29.85 -17.87
C LYS I 303 27.20 -29.38 -16.74
N TYR I 304 27.76 -28.86 -15.66
CA TYR I 304 27.05 -28.13 -14.60
C TYR I 304 25.80 -28.86 -14.09
N THR I 305 25.91 -30.17 -13.87
CA THR I 305 24.84 -30.99 -13.28
C THR I 305 24.38 -30.52 -11.89
N ASN I 306 25.14 -29.64 -11.23
CA ASN I 306 24.72 -28.92 -10.02
C ASN I 306 23.41 -28.15 -10.24
N LEU I 307 23.21 -27.67 -11.47
CA LEU I 307 22.07 -26.90 -11.94
C LEU I 307 20.94 -27.85 -12.38
N LYS I 308 20.33 -28.52 -11.41
CA LYS I 308 19.50 -29.70 -11.70
C LYS I 308 18.22 -29.42 -12.51
N ASP I 309 17.67 -28.22 -12.44
CA ASP I 309 16.54 -27.87 -13.31
C ASP I 309 16.91 -27.87 -14.80
N SER I 310 18.19 -27.64 -15.13
CA SER I 310 18.66 -27.62 -16.52
C SER I 310 18.54 -28.97 -17.23
N TYR I 311 18.32 -30.04 -16.48
CA TYR I 311 18.14 -31.38 -17.01
C TYR I 311 16.76 -31.96 -16.70
N LEU I 312 15.82 -31.12 -16.31
CA LEU I 312 14.53 -31.57 -15.80
C LEU I 312 13.80 -32.55 -16.73
N SER I 313 13.68 -32.24 -18.03
CA SER I 313 12.95 -33.12 -18.95
C SER I 313 13.59 -34.49 -18.99
N VAL I 314 14.92 -34.54 -18.97
CA VAL I 314 15.68 -35.77 -18.92
C VAL I 314 15.29 -36.56 -17.69
N ILE I 315 15.23 -35.90 -16.53
CA ILE I 315 14.82 -36.57 -15.30
C ILE I 315 13.42 -37.14 -15.44
N LYS I 316 12.48 -36.33 -15.90
CA LYS I 316 11.09 -36.79 -16.00
C LYS I 316 10.96 -37.96 -16.98
N ALA I 317 11.65 -37.90 -18.10
CA ALA I 317 11.66 -39.01 -19.05
C ALA I 317 12.15 -40.33 -18.43
N LEU I 318 13.24 -40.28 -17.65
CA LEU I 318 13.71 -41.44 -16.90
C LEU I 318 12.69 -41.92 -15.87
N GLU I 319 11.96 -41.02 -15.20
CA GLU I 319 10.92 -41.39 -14.26
C GLU I 319 9.76 -42.11 -14.96
N HIS I 320 9.26 -41.59 -16.09
CA HIS I 320 8.13 -42.21 -16.79
C HIS I 320 8.45 -43.65 -17.18
N SER I 321 9.63 -43.85 -17.74
CA SER I 321 10.12 -45.15 -18.16
C SER I 321 10.36 -46.08 -16.97
N SER I 322 10.93 -45.59 -15.88
CA SER I 322 11.20 -46.42 -14.69
C SER I 322 9.94 -47.01 -14.07
N MET I 323 8.83 -46.27 -14.10
CA MET I 323 7.53 -46.80 -13.65
C MET I 323 7.07 -47.99 -14.50
N LYS I 324 7.33 -47.98 -15.82
CA LYS I 324 6.99 -49.12 -16.71
C LYS I 324 7.83 -50.35 -16.37
N CYS I 325 9.13 -50.20 -16.14
CA CYS I 325 10.02 -51.27 -15.67
C CYS I 325 9.81 -51.71 -14.21
N ARG I 326 8.89 -51.03 -13.50
CA ARG I 326 8.56 -51.23 -12.08
C ARG I 326 9.78 -51.12 -11.15
N ARG I 327 10.84 -50.42 -11.57
CA ARG I 327 12.12 -50.30 -10.86
C ARG I 327 12.38 -48.88 -10.39
N LYS I 328 12.97 -48.74 -9.22
CA LYS I 328 13.24 -47.47 -8.57
C LYS I 328 14.40 -46.78 -9.24
N LEU I 329 14.25 -45.52 -9.61
CA LEU I 329 15.28 -44.77 -10.32
C LEU I 329 16.23 -44.08 -9.35
N ASP I 330 17.52 -44.22 -9.60
CA ASP I 330 18.56 -43.54 -8.83
C ASP I 330 19.57 -42.86 -9.76
N ILE I 331 19.29 -41.61 -10.14
CA ILE I 331 20.20 -40.84 -10.99
C ILE I 331 21.42 -40.43 -10.18
N LYS I 332 22.62 -40.83 -10.60
CA LYS I 332 23.88 -40.24 -10.13
C LYS I 332 24.20 -39.04 -10.99
N TRP I 333 24.37 -37.88 -10.39
CA TRP I 333 24.76 -36.65 -11.07
C TRP I 333 26.27 -36.52 -11.13
N VAL I 334 26.84 -36.56 -12.33
CA VAL I 334 28.26 -36.44 -12.59
C VAL I 334 28.56 -35.15 -13.32
N GLU I 335 29.42 -34.29 -12.79
CA GLU I 335 29.99 -33.22 -13.61
C GLU I 335 30.99 -33.83 -14.57
N ALA I 336 30.75 -33.68 -15.87
CA ALA I 336 31.58 -34.27 -16.90
C ALA I 336 33.05 -33.86 -16.78
N THR I 337 33.33 -32.60 -16.45
CA THR I 337 34.71 -32.13 -16.31
C THR I 337 35.48 -32.79 -15.16
N ASP I 338 34.81 -33.31 -14.15
CA ASP I 338 35.49 -34.02 -13.05
C ASP I 338 35.99 -35.41 -13.46
N LEU I 339 35.60 -35.94 -14.62
CA LEU I 339 36.15 -37.19 -15.14
C LEU I 339 37.51 -37.00 -15.79
N GLU I 340 37.90 -35.78 -16.13
CA GLU I 340 39.08 -35.53 -16.96
C GLU I 340 40.40 -35.94 -16.29
N PRO I 341 41.40 -36.43 -17.04
CA PRO I 341 42.74 -36.70 -16.51
C PRO I 341 43.44 -35.48 -15.87
N GLU I 342 43.06 -34.26 -16.27
CA GLU I 342 43.53 -33.01 -15.66
C GLU I 342 42.91 -32.76 -14.27
N ALA I 343 41.66 -33.17 -14.06
CA ALA I 343 40.98 -32.95 -12.80
C ALA I 343 41.68 -33.70 -11.65
N GLN I 344 42.38 -34.80 -11.95
CA GLN I 344 43.09 -35.63 -10.97
C GLN I 344 44.16 -34.87 -10.18
N GLU I 345 44.89 -33.94 -10.80
CA GLU I 345 45.82 -33.08 -10.05
C GLU I 345 45.15 -31.80 -9.53
N SER I 346 44.12 -31.30 -10.23
CA SER I 346 43.48 -30.02 -9.88
C SER I 346 42.56 -30.13 -8.66
N ASN I 347 41.72 -31.16 -8.60
CA ASN I 347 40.66 -31.32 -7.61
C ASN I 347 40.36 -32.80 -7.34
N LYS I 348 41.39 -33.54 -6.89
CA LYS I 348 41.41 -35.01 -6.85
C LYS I 348 40.19 -35.64 -6.20
N THR I 349 39.70 -35.08 -5.10
CA THR I 349 38.60 -35.66 -4.32
C THR I 349 37.32 -35.80 -5.14
N LYS I 350 36.93 -34.74 -5.85
CA LYS I 350 35.72 -34.77 -6.68
C LYS I 350 35.88 -35.65 -7.91
N PHE I 351 37.09 -35.76 -8.43
CA PHE I 351 37.42 -36.68 -9.52
C PHE I 351 37.18 -38.15 -9.13
N HIS I 352 37.54 -38.58 -7.92
CA HIS I 352 37.20 -39.92 -7.45
C HIS I 352 35.70 -40.10 -7.25
N GLU I 353 34.98 -39.11 -6.73
CA GLU I 353 33.52 -39.22 -6.60
C GLU I 353 32.85 -39.39 -7.97
N ALA I 354 33.29 -38.62 -8.96
CA ALA I 354 32.79 -38.73 -10.32
C ALA I 354 33.04 -40.11 -10.93
N TRP I 355 34.25 -40.64 -10.80
CA TRP I 355 34.57 -41.94 -11.34
C TRP I 355 33.90 -43.09 -10.60
N ASN I 356 33.71 -42.99 -9.28
CA ASN I 356 32.91 -44.00 -8.57
C ASN I 356 31.48 -44.07 -9.12
N MET I 357 30.85 -42.93 -9.37
CA MET I 357 29.50 -42.90 -9.94
C MET I 357 29.50 -43.58 -11.31
N VAL I 358 30.42 -43.24 -12.22
CA VAL I 358 30.50 -43.85 -13.55
C VAL I 358 30.71 -45.36 -13.47
N SER I 359 31.57 -45.81 -12.55
CA SER I 359 31.88 -47.22 -12.33
C SER I 359 30.76 -48.02 -11.68
N THR I 360 29.92 -47.38 -10.87
CA THR I 360 28.79 -48.01 -10.17
C THR I 360 27.60 -48.22 -11.09
N ALA I 361 27.34 -47.28 -12.00
CA ALA I 361 26.05 -47.19 -12.67
C ALA I 361 25.71 -48.38 -13.57
N ASP I 362 24.45 -48.79 -13.57
CA ASP I 362 23.90 -49.81 -14.46
C ASP I 362 23.64 -49.30 -15.87
N GLY I 363 23.66 -47.99 -16.07
CA GLY I 363 23.55 -47.35 -17.38
C GLY I 363 24.24 -46.00 -17.40
N ILE I 364 24.66 -45.53 -18.57
CA ILE I 364 25.24 -44.21 -18.75
C ILE I 364 24.35 -43.39 -19.67
N LEU I 365 24.27 -42.09 -19.41
CA LEU I 365 23.43 -41.16 -20.13
C LEU I 365 24.18 -39.87 -20.32
N ILE I 366 24.41 -39.48 -21.57
CA ILE I 366 24.99 -38.19 -21.92
C ILE I 366 23.83 -37.33 -22.45
N PRO I 367 23.43 -36.24 -21.77
CA PRO I 367 22.06 -35.75 -21.84
C PRO I 367 21.77 -34.71 -22.93
N GLY I 368 22.76 -34.35 -23.77
CA GLY I 368 22.61 -33.23 -24.72
C GLY I 368 22.93 -31.86 -24.11
N GLY I 369 24.10 -31.75 -23.49
CA GLY I 369 24.58 -30.54 -22.79
C GLY I 369 24.76 -29.29 -23.66
N PHE I 370 25.00 -28.17 -23.00
CA PHE I 370 25.15 -26.84 -23.57
C PHE I 370 26.63 -26.46 -23.62
N GLY I 371 27.11 -26.05 -24.79
CA GLY I 371 28.51 -25.65 -24.99
C GLY I 371 29.53 -26.77 -24.89
N VAL I 372 30.83 -26.44 -25.02
CA VAL I 372 31.90 -27.43 -25.24
C VAL I 372 32.53 -28.00 -23.96
N ARG I 373 32.50 -27.28 -22.84
CA ARG I 373 33.34 -27.51 -21.65
C ARG I 373 33.44 -28.97 -21.19
N GLY I 374 32.32 -29.66 -21.03
CA GLY I 374 32.27 -31.03 -20.51
C GLY I 374 32.80 -32.12 -21.45
N THR I 375 33.07 -31.79 -22.72
CA THR I 375 33.26 -32.78 -23.78
C THR I 375 34.30 -33.84 -23.43
N GLU I 376 35.46 -33.46 -22.91
CA GLU I 376 36.57 -34.40 -22.72
C GLU I 376 36.22 -35.53 -21.74
N GLY I 377 35.49 -35.23 -20.67
CA GLY I 377 35.02 -36.27 -19.76
C GLY I 377 33.89 -37.10 -20.35
N MET I 378 32.97 -36.49 -21.08
CA MET I 378 31.88 -37.20 -21.73
C MET I 378 32.39 -38.21 -22.77
N VAL I 379 33.53 -37.98 -23.40
CA VAL I 379 34.20 -38.96 -24.25
C VAL I 379 34.58 -40.21 -23.46
N LEU I 380 35.22 -40.06 -22.30
CA LEU I 380 35.65 -41.17 -21.44
C LEU I 380 34.46 -41.93 -20.85
N ALA I 381 33.34 -41.26 -20.55
CA ALA I 381 32.10 -41.93 -20.19
C ALA I 381 31.49 -42.75 -21.34
N ALA I 382 31.58 -42.28 -22.59
CA ALA I 382 31.11 -43.05 -23.74
C ALA I 382 32.00 -44.27 -24.02
N ARG I 383 33.33 -44.13 -23.86
CA ARG I 383 34.34 -45.19 -23.97
C ARG I 383 34.13 -46.28 -22.94
N TRP I 384 33.85 -45.88 -21.71
CA TRP I 384 33.53 -46.78 -20.61
C TRP I 384 32.33 -47.69 -20.91
N ALA I 385 31.30 -47.19 -21.58
CA ALA I 385 30.14 -47.98 -21.97
C ALA I 385 30.26 -48.65 -23.35
N ARG I 386 31.15 -48.21 -24.24
CA ARG I 386 31.43 -48.93 -25.48
C ARG I 386 32.15 -50.22 -25.17
N GLU I 387 33.22 -50.16 -24.38
CA GLU I 387 34.15 -51.27 -24.19
C GLU I 387 33.57 -52.33 -23.26
N ASN I 388 33.33 -51.96 -22.00
CA ASN I 388 32.54 -52.74 -21.07
C ASN I 388 31.07 -52.62 -21.49
N HIS I 389 30.30 -53.70 -21.58
CA HIS I 389 28.93 -53.69 -22.14
C HIS I 389 27.84 -53.00 -21.27
N ILE I 390 28.11 -51.81 -20.73
CA ILE I 390 27.15 -50.97 -19.99
C ILE I 390 26.09 -50.40 -20.96
N PRO I 391 24.79 -50.44 -20.67
CA PRO I 391 23.78 -49.72 -21.43
C PRO I 391 24.03 -48.21 -21.50
N PHE I 392 23.74 -47.59 -22.64
CA PHE I 392 24.04 -46.19 -22.90
C PHE I 392 22.96 -45.51 -23.72
N LEU I 393 22.69 -44.24 -23.42
CA LEU I 393 21.99 -43.33 -24.32
C LEU I 393 22.74 -42.00 -24.47
N GLY I 394 22.99 -41.59 -25.71
CA GLY I 394 23.50 -40.27 -26.04
C GLY I 394 22.39 -39.41 -26.65
N VAL I 395 22.10 -38.25 -26.08
CA VAL I 395 21.10 -37.32 -26.62
C VAL I 395 21.79 -36.10 -27.20
N CYS I 396 21.49 -35.74 -28.44
CA CYS I 396 22.07 -34.61 -29.17
C CYS I 396 23.62 -34.57 -29.11
N LEU I 397 24.21 -33.71 -28.27
CA LEU I 397 25.65 -33.71 -27.98
C LEU I 397 26.16 -35.09 -27.52
N GLY I 398 25.31 -35.92 -26.93
CA GLY I 398 25.62 -37.31 -26.64
C GLY I 398 25.79 -38.16 -27.88
N LEU I 399 25.00 -37.98 -28.95
CA LEU I 399 25.28 -38.67 -30.23
C LEU I 399 26.59 -38.18 -30.84
N GLN I 400 26.80 -36.87 -30.77
CA GLN I 400 28.04 -36.25 -31.21
C GLN I 400 29.24 -36.86 -30.48
N ILE I 401 29.15 -37.02 -29.16
CA ILE I 401 30.21 -37.63 -28.36
C ILE I 401 30.30 -39.14 -28.49
N ALA I 402 29.21 -39.86 -28.71
CA ALA I 402 29.26 -41.25 -29.11
C ALA I 402 30.04 -41.43 -30.43
N THR I 403 29.87 -40.51 -31.37
CA THR I 403 30.58 -40.57 -32.66
C THR I 403 32.02 -40.10 -32.56
N ILE I 404 32.30 -39.01 -31.83
CA ILE I 404 33.67 -38.59 -31.53
C ILE I 404 34.41 -39.72 -30.82
N GLU I 405 33.81 -40.41 -29.85
CA GLU I 405 34.51 -41.48 -29.13
C GLU I 405 34.78 -42.67 -30.04
N PHE I 406 33.76 -43.18 -30.74
CA PHE I 406 33.94 -44.30 -31.65
C PHE I 406 34.98 -43.98 -32.75
N THR I 407 35.03 -42.75 -33.24
CA THR I 407 36.11 -42.27 -34.10
C THR I 407 37.45 -42.32 -33.37
N ARG I 408 37.56 -41.69 -32.20
CA ARG I 408 38.77 -41.50 -31.39
C ARG I 408 39.37 -42.80 -30.83
N SER I 409 38.65 -43.92 -30.86
CA SER I 409 39.08 -45.19 -30.24
C SER I 409 38.96 -46.41 -31.14
N VAL I 410 37.99 -46.45 -32.06
CA VAL I 410 37.81 -47.59 -32.97
C VAL I 410 38.50 -47.34 -34.31
N LEU I 411 38.46 -46.10 -34.84
CA LEU I 411 39.19 -45.72 -36.06
C LEU I 411 40.60 -45.17 -35.82
N GLY I 412 41.08 -45.16 -34.58
CA GLY I 412 42.26 -44.38 -34.19
C GLY I 412 41.93 -42.88 -34.14
N ARG I 413 42.44 -42.10 -35.11
CA ARG I 413 42.07 -40.68 -35.37
C ARG I 413 42.01 -39.80 -34.10
N LYS I 414 43.03 -39.89 -33.24
CA LYS I 414 43.04 -39.28 -31.89
C LYS I 414 42.89 -37.75 -31.86
N ASP I 415 43.18 -37.06 -32.96
CA ASP I 415 42.99 -35.62 -33.12
C ASP I 415 41.52 -35.17 -33.36
N SER I 416 40.59 -36.08 -33.65
CA SER I 416 39.22 -35.72 -34.02
C SER I 416 38.42 -35.08 -32.87
N HIS I 417 37.52 -34.15 -33.21
CA HIS I 417 36.86 -33.24 -32.28
C HIS I 417 35.56 -32.72 -32.90
N SER I 418 34.70 -32.10 -32.11
CA SER I 418 33.52 -31.37 -32.62
C SER I 418 33.92 -30.25 -33.59
N ALA I 419 33.03 -29.90 -34.52
CA ALA I 419 33.19 -28.73 -35.40
C ALA I 419 33.36 -27.41 -34.63
N GLU I 420 33.00 -27.38 -33.35
CA GLU I 420 33.28 -26.28 -32.44
C GLU I 420 34.77 -25.87 -32.42
N PHE I 421 35.72 -26.82 -32.52
CA PHE I 421 37.16 -26.55 -32.67
C PHE I 421 37.48 -26.26 -34.14
N TYR I 422 36.88 -25.18 -34.64
CA TYR I 422 36.85 -24.81 -36.05
C TYR I 422 38.21 -24.82 -36.78
N PRO I 423 39.30 -24.21 -36.26
CA PRO I 423 40.54 -24.05 -37.04
C PRO I 423 41.39 -25.31 -37.23
N ASP I 424 40.99 -26.47 -36.65
CA ASP I 424 41.63 -27.75 -36.99
C ASP I 424 41.24 -28.25 -38.39
N ILE I 425 40.08 -27.84 -38.90
CA ILE I 425 39.54 -28.11 -40.25
C ILE I 425 39.46 -29.62 -40.60
N ASP I 426 40.57 -30.26 -40.97
CA ASP I 426 40.61 -31.60 -41.56
C ASP I 426 40.05 -32.70 -40.66
N GLU I 427 40.13 -32.52 -39.33
CA GLU I 427 39.73 -33.51 -38.31
C GLU I 427 38.40 -33.19 -37.59
N LYS I 428 37.64 -32.20 -38.07
CA LYS I 428 36.30 -31.91 -37.57
C LYS I 428 35.37 -33.10 -37.81
N ASN I 429 34.78 -33.64 -36.74
CA ASN I 429 33.88 -34.78 -36.78
C ASN I 429 32.46 -34.42 -37.27
N HIS I 430 32.14 -33.13 -37.38
CA HIS I 430 30.79 -32.60 -37.65
C HIS I 430 30.80 -31.53 -38.76
N VAL I 431 29.64 -31.16 -39.26
CA VAL I 431 29.41 -30.09 -40.23
C VAL I 431 28.24 -29.21 -39.80
N VAL I 432 28.34 -27.91 -40.08
CA VAL I 432 27.26 -26.94 -39.88
C VAL I 432 26.05 -27.27 -40.74
N VAL I 433 24.85 -27.12 -40.16
CA VAL I 433 23.57 -27.26 -40.86
C VAL I 433 22.52 -26.34 -40.21
N PHE I 434 22.55 -25.05 -40.54
CA PHE I 434 21.68 -24.04 -39.92
C PHE I 434 20.21 -24.06 -40.41
N MET I 435 19.92 -24.63 -41.58
CA MET I 435 18.62 -24.56 -42.26
C MET I 435 17.99 -23.15 -42.28
N MET I 436 19.38 -22.81 -36.84
CA MET I 436 19.18 -24.02 -36.04
C MET I 436 18.03 -24.88 -36.55
N ARG I 437 18.21 -26.20 -36.63
CA ARG I 437 17.13 -27.16 -36.88
C ARG I 437 16.31 -27.30 -35.61
N LEU I 438 14.99 -27.08 -35.69
CA LEU I 438 14.05 -27.00 -34.56
C LEU I 438 12.75 -27.75 -34.85
N GLY I 439 11.97 -28.00 -33.79
CA GLY I 439 10.60 -28.48 -33.87
C GLY I 439 10.44 -29.92 -34.32
N LEU I 440 9.19 -30.36 -34.43
CA LEU I 440 8.85 -31.73 -34.79
C LEU I 440 9.20 -31.98 -36.25
N ARG I 441 10.19 -32.83 -36.48
CA ARG I 441 10.55 -33.35 -37.82
C ARG I 441 10.49 -34.88 -37.82
N PRO I 442 10.19 -35.54 -38.95
CA PRO I 442 10.21 -36.99 -39.03
C PRO I 442 11.62 -37.57 -38.93
N THR I 443 11.73 -38.88 -38.75
CA THR I 443 12.95 -39.68 -38.96
C THR I 443 12.54 -41.06 -39.39
N PHE I 444 13.27 -41.62 -40.35
CA PHE I 444 12.92 -42.84 -41.06
C PHE I 444 14.00 -43.90 -40.82
N PHE I 445 13.60 -45.11 -40.43
CA PHE I 445 14.56 -46.18 -40.24
C PHE I 445 15.19 -46.60 -41.58
N GLN I 446 16.45 -47.02 -41.56
CA GLN I 446 17.12 -47.57 -42.74
C GLN I 446 16.62 -49.00 -42.99
N ASN I 447 16.15 -49.31 -44.21
CA ASN I 447 15.19 -50.40 -44.45
C ASN I 447 15.68 -51.84 -44.15
N GLU I 448 16.98 -52.05 -43.94
CA GLU I 448 17.61 -53.35 -43.66
C GLU I 448 17.75 -53.65 -42.15
N THR I 449 17.63 -52.65 -41.26
CA THR I 449 18.08 -52.75 -39.86
C THR I 449 17.09 -53.47 -38.93
N GLU I 450 16.60 -54.64 -39.34
CA GLU I 450 15.64 -55.48 -38.61
C GLU I 450 16.19 -56.01 -37.27
N TRP I 451 17.50 -56.04 -37.11
CA TRP I 451 18.20 -56.48 -35.90
C TRP I 451 18.10 -55.47 -34.74
N SER I 452 17.83 -54.20 -35.03
CA SER I 452 17.94 -53.07 -34.11
C SER I 452 17.10 -53.22 -32.85
N GLN I 453 17.69 -52.97 -31.69
CA GLN I 453 16.96 -52.91 -30.42
C GLN I 453 16.02 -51.70 -30.39
N ILE I 454 16.49 -50.53 -30.83
CA ILE I 454 15.67 -49.31 -30.76
C ILE I 454 14.47 -49.36 -31.70
N LYS I 455 14.64 -49.78 -32.96
CA LYS I 455 13.49 -49.84 -33.88
C LYS I 455 12.50 -50.94 -33.53
N LYS I 456 12.88 -51.90 -32.67
CA LYS I 456 11.94 -52.82 -32.03
C LYS I 456 11.09 -52.11 -30.98
N LEU I 457 11.66 -51.28 -30.11
CA LEU I 457 10.90 -50.50 -29.12
C LEU I 457 9.84 -49.59 -29.75
N TYR I 458 10.15 -49.00 -30.91
CA TYR I 458 9.19 -48.24 -31.74
C TYR I 458 8.13 -49.09 -32.45
N GLY I 459 7.95 -50.35 -32.08
CA GLY I 459 6.83 -51.21 -32.50
C GLY I 459 6.87 -51.64 -33.97
N ASP I 460 8.06 -51.62 -34.60
CA ASP I 460 8.26 -51.87 -36.03
C ASP I 460 7.55 -50.86 -36.97
N VAL I 461 7.14 -49.69 -36.45
CA VAL I 461 6.60 -48.60 -37.27
C VAL I 461 7.68 -48.04 -38.22
N SER I 462 7.31 -47.63 -39.42
CA SER I 462 8.22 -47.18 -40.49
C SER I 462 8.97 -45.88 -40.20
N GLU I 463 8.40 -44.98 -39.41
CA GLU I 463 9.00 -43.69 -39.06
C GLU I 463 8.53 -43.19 -37.70
N VAL I 464 9.25 -42.18 -37.23
CA VAL I 464 9.04 -41.48 -35.95
C VAL I 464 9.07 -39.97 -36.17
N HIS I 465 8.53 -39.19 -35.24
CA HIS I 465 8.54 -37.72 -35.30
C HIS I 465 9.06 -37.15 -33.99
N GLU I 466 10.03 -36.25 -34.03
CA GLU I 466 10.83 -35.90 -32.84
C GLU I 466 11.27 -34.43 -32.83
N ARG I 467 11.65 -33.91 -31.65
CA ARG I 467 12.10 -32.52 -31.47
C ARG I 467 13.61 -32.37 -31.61
N HIS I 468 14.02 -31.27 -32.25
CA HIS I 468 15.43 -30.98 -32.58
C HIS I 468 15.84 -29.59 -32.07
N ARG I 469 17.13 -29.35 -31.88
CA ARG I 469 17.68 -28.04 -31.43
C ARG I 469 19.12 -27.81 -31.89
N HIS I 470 19.54 -28.41 -32.99
CA HIS I 470 20.96 -28.57 -33.30
C HIS I 470 21.42 -27.69 -34.45
N ARG I 471 22.67 -27.21 -34.34
CA ARG I 471 23.37 -26.50 -35.43
C ARG I 471 24.46 -27.32 -36.12
N TYR I 472 24.87 -28.45 -35.56
CA TYR I 472 25.89 -29.34 -36.13
C TYR I 472 25.28 -30.70 -36.43
N GLU I 473 25.82 -31.39 -37.43
CA GLU I 473 25.56 -32.81 -37.66
C GLU I 473 26.85 -33.56 -37.96
N ILE I 474 26.87 -34.88 -37.79
CA ILE I 474 28.05 -35.68 -38.13
C ILE I 474 28.34 -35.54 -39.62
N ASN I 475 29.61 -35.39 -39.95
CA ASN I 475 30.02 -35.10 -41.33
C ASN I 475 29.69 -36.28 -42.26
N PRO I 476 28.78 -36.15 -43.26
CA PRO I 476 28.34 -37.26 -44.10
C PRO I 476 29.47 -38.02 -44.78
N LYS I 477 30.59 -37.32 -45.07
CA LYS I 477 31.80 -37.90 -45.66
C LYS I 477 32.33 -39.11 -44.88
N MET I 478 32.23 -39.06 -43.55
CA MET I 478 32.70 -40.11 -42.66
C MET I 478 31.71 -41.25 -42.43
N VAL I 479 30.43 -41.07 -42.70
CA VAL I 479 29.38 -41.97 -42.22
C VAL I 479 29.50 -43.38 -42.79
N ASP I 480 29.98 -43.55 -44.03
CA ASP I 480 30.24 -44.89 -44.57
C ASP I 480 31.29 -45.65 -43.75
N GLU I 481 32.33 -44.97 -43.27
CA GLU I 481 33.39 -45.56 -42.46
C GLU I 481 32.86 -46.03 -41.12
N LEU I 482 32.02 -45.22 -40.48
CA LEU I 482 31.34 -45.55 -39.24
C LEU I 482 30.32 -46.68 -39.43
N GLU I 483 29.51 -46.68 -40.48
CA GLU I 483 28.59 -47.77 -40.80
C GLU I 483 29.33 -49.09 -41.06
N ASN I 484 30.43 -49.06 -41.82
CA ASN I 484 31.26 -50.24 -42.11
C ASN I 484 31.97 -50.80 -40.88
N ASN I 485 32.37 -49.95 -39.92
CA ASN I 485 32.96 -50.37 -38.66
C ASN I 485 31.94 -50.79 -37.59
N GLY I 486 30.66 -50.54 -37.78
CA GLY I 486 29.58 -51.08 -36.95
C GLY I 486 28.77 -50.06 -36.15
N LEU I 487 29.12 -48.78 -36.20
CA LEU I 487 28.35 -47.69 -35.61
C LEU I 487 27.18 -47.34 -36.53
N ILE I 488 26.24 -48.27 -36.74
CA ILE I 488 25.24 -48.20 -37.80
C ILE I 488 24.23 -47.09 -37.51
N PHE I 489 24.08 -46.12 -38.43
CA PHE I 489 23.09 -45.06 -38.31
C PHE I 489 21.69 -45.56 -38.69
N VAL I 490 21.01 -46.21 -37.75
CA VAL I 490 19.72 -46.89 -37.98
C VAL I 490 18.54 -45.98 -38.34
N GLY I 491 18.69 -44.65 -38.21
CA GLY I 491 17.68 -43.69 -38.62
C GLY I 491 18.26 -42.43 -39.20
N LYS I 492 17.66 -41.94 -40.30
CA LYS I 492 18.04 -40.70 -40.97
C LYS I 492 16.80 -39.90 -41.34
N ASP I 493 17.02 -38.69 -41.81
CA ASP I 493 15.96 -37.77 -42.22
C ASP I 493 15.33 -38.14 -43.57
N ASP I 494 14.38 -37.31 -44.00
CA ASP I 494 13.73 -37.40 -45.31
C ASP I 494 14.73 -37.48 -46.49
N THR I 495 15.81 -36.68 -46.49
CA THR I 495 16.81 -36.66 -47.56
C THR I 495 17.78 -37.85 -47.50
N GLY I 496 17.97 -38.45 -46.32
CA GLY I 496 19.01 -39.45 -46.07
C GLY I 496 20.42 -38.87 -45.88
N LYS I 497 20.56 -37.55 -45.86
CA LYS I 497 21.84 -36.87 -45.64
C LYS I 497 22.17 -36.68 -44.16
N ARG I 498 21.17 -36.64 -43.27
CA ARG I 498 21.31 -36.23 -41.87
C ARG I 498 21.29 -37.42 -40.90
N CYS I 499 22.20 -37.42 -39.95
CA CYS I 499 22.38 -38.48 -38.96
C CYS I 499 21.40 -38.32 -37.78
N GLU I 500 20.29 -39.05 -37.75
CA GLU I 500 19.24 -38.85 -36.74
C GLU I 500 19.34 -39.85 -35.58
N ILE I 501 19.72 -41.09 -35.85
CA ILE I 501 19.91 -42.16 -34.85
C ILE I 501 21.14 -42.99 -35.21
N LEU I 502 21.90 -43.40 -34.19
CA LEU I 502 22.84 -44.51 -34.30
C LEU I 502 22.57 -45.60 -33.25
N GLU I 503 22.91 -46.82 -33.61
CA GLU I 503 23.03 -47.98 -32.74
C GLU I 503 24.32 -48.72 -33.08
N LEU I 504 25.12 -49.03 -32.08
CA LEU I 504 26.32 -49.84 -32.26
C LEU I 504 25.91 -51.31 -32.40
N LYS I 505 26.19 -51.91 -33.55
CA LYS I 505 25.89 -53.31 -33.87
C LYS I 505 26.51 -54.26 -32.83
N ASN I 506 25.73 -55.22 -32.34
CA ASN I 506 26.15 -56.25 -31.37
C ASN I 506 26.73 -55.67 -30.06
N HIS I 507 25.97 -54.78 -29.43
CA HIS I 507 26.14 -54.33 -28.03
C HIS I 507 24.77 -54.40 -27.33
N PRO I 508 24.65 -54.75 -26.03
CA PRO I 508 23.36 -54.93 -25.37
C PRO I 508 22.38 -53.76 -25.45
N TYR I 509 22.86 -52.52 -25.38
CA TYR I 509 22.08 -51.30 -25.62
C TYR I 509 23.00 -50.08 -25.70
N TYR I 510 23.40 -49.67 -26.90
CA TYR I 510 24.22 -48.47 -27.08
C TYR I 510 23.63 -47.67 -28.21
N ILE I 511 22.85 -46.67 -27.80
CA ILE I 511 22.04 -45.83 -28.64
C ILE I 511 22.51 -44.39 -28.52
N ALA I 512 22.39 -43.64 -29.61
CA ALA I 512 22.28 -42.21 -29.48
C ALA I 512 21.28 -41.61 -30.49
N THR I 513 20.73 -40.46 -30.15
CA THR I 513 19.76 -39.70 -30.95
C THR I 513 20.26 -38.29 -31.12
N GLN I 514 20.15 -37.73 -32.32
CA GLN I 514 20.46 -36.31 -32.52
C GLN I 514 19.36 -35.43 -31.90
N TYR I 515 18.11 -35.87 -31.98
CA TYR I 515 16.95 -35.25 -31.34
C TYR I 515 16.95 -35.42 -29.81
N HIS I 516 16.01 -34.71 -29.18
CA HIS I 516 15.74 -34.68 -27.74
C HIS I 516 14.44 -35.42 -27.37
N PRO I 517 14.48 -36.76 -27.23
CA PRO I 517 13.28 -37.56 -26.99
C PRO I 517 12.54 -37.24 -25.67
N GLU I 518 13.23 -36.67 -24.70
CA GLU I 518 12.66 -36.19 -23.46
C GLU I 518 11.64 -35.06 -23.68
N TYR I 519 11.63 -34.44 -24.85
CA TYR I 519 10.56 -33.52 -25.24
C TYR I 519 9.28 -34.23 -25.69
N THR I 520 9.22 -35.56 -25.66
CA THR I 520 7.99 -36.28 -25.97
C THR I 520 7.72 -37.48 -25.08
N SER I 521 8.48 -37.65 -24.00
CA SER I 521 8.16 -38.60 -22.94
C SER I 521 6.87 -38.20 -22.19
N LYS I 522 5.90 -39.12 -22.09
CA LYS I 522 4.63 -38.93 -21.35
C LYS I 522 4.53 -39.94 -20.21
N VAL I 523 3.80 -39.59 -19.15
CA VAL I 523 3.69 -40.44 -17.93
C VAL I 523 3.12 -41.82 -18.24
N LEU I 524 2.18 -41.92 -19.17
CA LEU I 524 1.57 -43.18 -19.61
C LEU I 524 2.13 -43.71 -20.95
N ASP I 525 2.92 -42.91 -21.67
CA ASP I 525 3.63 -43.30 -22.90
C ASP I 525 5.09 -42.80 -22.84
N PRO I 526 6.01 -43.56 -22.24
CA PRO I 526 7.40 -43.15 -22.10
C PRO I 526 8.13 -43.08 -23.47
N SER I 527 9.04 -42.11 -23.65
CA SER I 527 9.81 -41.94 -24.89
C SER I 527 10.78 -43.10 -25.10
N LYS I 528 10.65 -43.82 -26.22
CA LYS I 528 11.30 -45.13 -26.43
C LYS I 528 12.81 -45.19 -26.15
N PRO I 529 13.66 -44.21 -26.51
CA PRO I 529 15.11 -44.29 -26.28
C PRO I 529 15.50 -44.34 -24.80
N PHE I 530 14.73 -43.64 -23.96
CA PHE I 530 14.86 -43.72 -22.52
C PHE I 530 14.27 -45.00 -21.96
N LEU I 531 13.13 -45.49 -22.48
CA LEU I 531 12.63 -46.79 -22.00
C LEU I 531 13.66 -47.89 -22.21
N GLY I 532 14.29 -47.93 -23.38
CA GLY I 532 15.37 -48.88 -23.64
C GLY I 532 16.56 -48.74 -22.69
N LEU I 533 17.00 -47.52 -22.38
CA LEU I 533 18.08 -47.30 -21.41
C LEU I 533 17.74 -47.85 -20.03
N VAL I 534 16.55 -47.59 -19.51
CA VAL I 534 16.19 -48.13 -18.20
C VAL I 534 16.03 -49.63 -18.29
N ALA I 535 15.30 -50.15 -19.27
CA ALA I 535 15.04 -51.58 -19.39
C ALA I 535 16.33 -52.40 -19.56
N ALA I 536 17.31 -51.93 -20.32
CA ALA I 536 18.59 -52.60 -20.43
C ALA I 536 19.42 -52.44 -19.15
N SER I 537 19.36 -51.32 -18.45
CA SER I 537 19.99 -51.16 -17.14
C SER I 537 19.42 -52.14 -16.12
N ALA I 538 18.12 -52.41 -16.18
CA ALA I 538 17.43 -53.46 -15.44
C ALA I 538 17.69 -54.88 -15.95
N GLY I 539 18.34 -55.04 -17.11
CA GLY I 539 18.60 -56.33 -17.73
C GLY I 539 17.36 -57.05 -18.24
N ILE I 540 16.29 -56.30 -18.53
CA ILE I 540 14.95 -56.80 -18.88
C ILE I 540 14.47 -56.37 -20.27
N LEU I 541 15.34 -55.75 -21.07
CA LEU I 541 15.04 -55.11 -22.36
C LEU I 541 14.24 -56.01 -23.29
N GLN I 542 14.63 -57.27 -23.43
CA GLN I 542 13.92 -58.24 -24.27
C GLN I 542 12.43 -58.32 -23.92
N ASP I 543 12.12 -58.40 -22.63
CA ASP I 543 10.78 -58.69 -22.13
C ASP I 543 9.87 -57.45 -22.20
N VAL I 544 10.46 -56.26 -22.09
CA VAL I 544 9.79 -54.99 -22.35
C VAL I 544 9.41 -54.88 -23.83
N ILE I 545 10.29 -55.28 -24.74
CA ILE I 545 9.98 -55.29 -26.18
C ILE I 545 8.91 -56.34 -26.49
N GLU I 546 9.00 -57.51 -25.89
CA GLU I 546 8.02 -58.59 -26.05
C GLU I 546 6.66 -58.30 -25.40
N GLY I 547 6.58 -57.33 -24.48
CA GLY I 547 5.32 -56.79 -23.95
C GLY I 547 4.94 -57.20 -22.52
N LYS I 548 5.88 -57.69 -21.71
CA LYS I 548 5.65 -58.10 -20.30
C LYS I 548 5.36 -56.95 -19.32
N TYR I 549 5.24 -55.71 -19.80
CA TYR I 549 5.14 -54.50 -18.97
C TYR I 549 4.18 -53.43 -19.51
N ASP I 550 3.37 -53.69 -20.54
CA ASP I 550 2.26 -52.81 -20.89
C ASP I 550 1.19 -52.75 -19.78
N LEU I 551 0.53 -51.61 -19.62
CA LEU I 551 -0.24 -51.31 -18.40
C LEU I 551 -1.67 -51.91 -18.39
N GLU I 552 -2.16 -52.39 -19.54
CA GLU I 552 -3.45 -53.08 -19.70
C GLU I 552 -3.28 -54.31 -20.62
N ALA I 553 -3.92 -55.45 -20.35
CA ALA I 553 -3.77 -56.64 -21.19
C ALA I 553 -4.30 -56.44 -22.61
N MET J 1 21.38 12.22 23.41
CA MET J 1 21.61 10.78 23.68
C MET J 1 21.57 9.96 22.39
N LYS J 2 22.29 8.85 22.33
CA LYS J 2 22.29 7.94 21.17
C LYS J 2 21.19 6.89 21.27
N TYR J 3 20.70 6.42 20.14
CA TYR J 3 19.64 5.38 20.14
C TYR J 3 19.82 4.40 18.98
N VAL J 4 19.44 3.13 19.16
CA VAL J 4 19.49 2.09 18.12
C VAL J 4 18.17 1.36 18.08
N VAL J 5 17.37 1.50 17.03
CA VAL J 5 16.20 0.64 16.83
C VAL J 5 16.63 -0.72 16.33
N VAL J 6 16.00 -1.78 16.82
CA VAL J 6 15.99 -3.11 16.21
C VAL J 6 14.54 -3.44 15.90
N SER J 7 14.24 -3.80 14.66
CA SER J 7 12.86 -3.98 14.18
C SER J 7 12.77 -5.02 13.07
N GLY J 8 11.56 -5.32 12.56
CA GLY J 8 11.43 -5.76 11.17
C GLY J 8 10.96 -7.19 10.86
N GLY J 9 11.07 -7.52 9.58
CA GLY J 9 10.89 -8.86 9.00
C GLY J 9 9.54 -9.11 8.32
N VAL J 10 9.42 -10.19 7.55
CA VAL J 10 8.12 -10.74 7.08
C VAL J 10 7.45 -11.72 8.04
N ILE J 11 8.07 -12.06 9.17
CA ILE J 11 7.58 -13.01 10.16
C ILE J 11 7.92 -12.53 11.56
N SER J 12 7.03 -12.80 12.53
CA SER J 12 7.39 -12.75 13.94
C SER J 12 8.23 -13.99 14.29
N GLY J 13 9.17 -13.89 15.23
CA GLY J 13 10.05 -15.00 15.62
C GLY J 13 11.38 -15.09 14.84
N ILE J 14 11.72 -14.05 14.07
CA ILE J 14 12.88 -14.01 13.20
C ILE J 14 14.25 -13.94 13.90
N GLY J 15 14.33 -13.42 15.13
CA GLY J 15 15.60 -13.33 15.87
C GLY J 15 15.93 -12.00 16.57
N LYS J 16 15.04 -11.06 16.71
CA LYS J 16 15.25 -9.70 17.20
C LYS J 16 16.07 -9.62 18.48
N GLY J 17 15.57 -10.07 19.61
CA GLY J 17 16.19 -10.00 20.90
C GLY J 17 17.66 -10.32 20.98
N VAL J 18 18.15 -11.35 20.34
CA VAL J 18 19.53 -11.81 20.25
C VAL J 18 20.34 -10.78 19.48
N LEU J 19 19.76 -10.14 18.48
CA LEU J 19 20.32 -9.07 17.67
C LEU J 19 20.28 -7.78 18.46
N ALA J 20 19.39 -7.64 19.41
CA ALA J 20 19.11 -6.49 20.24
C ALA J 20 20.09 -6.41 21.40
N SER J 21 19.90 -7.19 22.44
CA SER J 21 20.72 -7.20 23.64
C SER J 21 22.13 -7.50 23.19
N SER J 22 22.32 -8.48 22.34
CA SER J 22 23.67 -8.72 21.79
C SER J 22 24.34 -7.48 21.15
N THR J 23 23.66 -6.57 20.49
CA THR J 23 24.12 -5.30 19.98
C THR J 23 24.45 -4.43 21.16
N GLY J 24 23.64 -4.45 22.21
CA GLY J 24 23.79 -3.71 23.42
C GLY J 24 24.91 -4.16 24.30
N MET J 25 25.27 -5.44 24.29
CA MET J 25 26.44 -5.96 24.99
C MET J 25 27.68 -5.33 24.37
N LEU J 26 27.67 -5.29 23.04
CA LEU J 26 28.75 -4.74 22.28
C LEU J 26 28.89 -3.24 22.53
N MET J 27 27.80 -2.51 22.77
CA MET J 27 27.94 -1.10 23.12
C MET J 27 28.71 -0.95 24.43
N LYS J 28 28.48 -1.83 25.40
CA LYS J 28 29.24 -1.91 26.64
C LYS J 28 30.71 -2.27 26.47
N THR J 29 31.02 -3.02 25.42
CA THR J 29 32.39 -3.33 25.03
C THR J 29 33.19 -2.05 24.78
N LEU J 30 32.54 -1.04 24.19
CA LEU J 30 33.17 0.25 23.99
C LEU J 30 33.31 1.05 25.29
N GLY J 31 32.83 0.51 26.41
CA GLY J 31 32.84 1.12 27.74
C GLY J 31 31.58 1.93 28.08
N LEU J 32 30.55 1.86 27.23
CA LEU J 32 29.39 2.75 27.28
C LEU J 32 28.40 2.41 28.39
N LYS J 33 27.71 3.43 28.93
CA LYS J 33 26.52 3.25 29.75
C LYS J 33 25.36 2.86 28.83
N VAL J 34 24.67 1.77 29.09
CA VAL J 34 23.69 1.24 28.12
C VAL J 34 22.38 0.87 28.77
N THR J 35 21.29 1.02 28.02
CA THR J 35 19.92 0.72 28.44
C THR J 35 19.15 0.09 27.30
N SER J 36 17.97 -0.43 27.57
CA SER J 36 17.14 -1.08 26.57
C SER J 36 15.67 -0.90 26.84
N ILE J 37 14.85 -0.74 25.81
CA ILE J 37 13.39 -0.63 25.90
C ILE J 37 12.79 -1.65 24.96
N LYS J 38 11.84 -2.46 25.42
CA LYS J 38 11.08 -3.31 24.51
C LYS J 38 9.70 -2.73 24.32
N ILE J 39 9.39 -2.51 23.06
CA ILE J 39 8.09 -2.04 22.62
C ILE J 39 7.30 -3.26 22.20
N ASP J 40 6.20 -3.52 22.88
CA ASP J 40 5.33 -4.65 22.63
C ASP J 40 4.02 -4.28 21.97
N PRO J 41 3.70 -4.86 20.80
CA PRO J 41 2.45 -4.51 20.18
C PRO J 41 1.20 -5.09 20.85
N TYR J 42 1.32 -6.04 21.77
CA TYR J 42 0.14 -6.59 22.43
C TYR J 42 -0.56 -5.60 23.37
N MET J 43 -1.81 -5.91 23.74
CA MET J 43 -2.64 -5.01 24.53
C MET J 43 -2.69 -5.29 26.03
N ASN J 44 -2.07 -6.35 26.54
CA ASN J 44 -1.89 -6.48 27.98
C ASN J 44 -1.02 -5.32 28.50
N ILE J 45 -1.43 -4.71 29.61
CA ILE J 45 -0.62 -3.68 30.27
C ILE J 45 0.60 -4.28 30.97
N ASP J 46 0.48 -5.51 31.48
CA ASP J 46 1.54 -6.25 32.14
C ASP J 46 1.30 -7.78 32.06
N ALA J 47 2.30 -8.57 32.42
CA ALA J 47 2.21 -10.03 32.43
C ALA J 47 1.49 -10.58 33.67
N GLY J 48 1.08 -9.74 34.63
CA GLY J 48 0.45 -10.23 35.85
C GLY J 48 -0.90 -10.88 35.59
N THR J 49 -1.62 -10.43 34.57
CA THR J 49 -2.84 -11.10 34.09
C THR J 49 -2.55 -12.33 33.22
N MET J 50 -1.34 -12.44 32.67
CA MET J 50 -1.01 -13.45 31.68
C MET J 50 -0.57 -14.76 32.33
N SER J 51 -1.37 -15.80 32.16
CA SER J 51 -1.02 -17.16 32.61
C SER J 51 0.21 -17.69 31.86
N PRO J 52 1.21 -18.29 32.54
CA PRO J 52 2.45 -18.73 31.89
C PRO J 52 2.32 -19.74 30.75
N LEU J 53 1.13 -20.33 30.55
CA LEU J 53 0.79 -21.22 29.44
C LEU J 53 1.07 -20.60 28.07
N GLU J 54 0.86 -19.31 27.93
CA GLU J 54 1.02 -18.58 26.68
C GLU J 54 1.70 -17.24 26.95
N HIS J 55 2.56 -16.84 26.02
CA HIS J 55 3.63 -15.85 26.22
C HIS J 55 4.66 -16.23 27.30
N GLY J 56 4.49 -17.37 27.96
CA GLY J 56 5.49 -17.93 28.86
C GLY J 56 5.62 -17.22 30.20
N GLU J 57 6.77 -17.44 30.80
CA GLU J 57 7.22 -17.01 32.14
C GLU J 57 7.09 -15.49 32.41
N CYS J 58 6.34 -15.09 33.45
CA CYS J 58 6.22 -13.68 33.88
C CYS J 58 7.54 -13.20 34.52
N PHE J 59 8.46 -12.61 33.75
CA PHE J 59 9.75 -12.16 34.28
C PHE J 59 9.58 -11.10 35.37
N VAL J 60 10.39 -11.12 36.42
CA VAL J 60 10.24 -10.15 37.51
C VAL J 60 11.43 -9.21 37.81
N LEU J 61 11.06 -7.96 37.88
CA LEU J 61 11.96 -6.85 38.11
C LEU J 61 12.47 -6.79 39.55
N ASP J 62 13.55 -6.04 39.71
CA ASP J 62 13.93 -5.40 40.97
C ASP J 62 12.73 -4.64 41.59
N ASP J 63 12.06 -3.77 40.81
CA ASP J 63 10.83 -3.07 41.19
C ASP J 63 9.58 -3.98 41.30
N GLY J 64 9.70 -5.29 41.12
CA GLY J 64 8.63 -6.25 41.40
C GLY J 64 7.44 -6.28 40.45
N GLY J 65 7.51 -5.56 39.33
CA GLY J 65 6.58 -5.72 38.22
C GLY J 65 6.77 -7.05 37.48
N GLU J 66 5.67 -7.75 37.21
CA GLU J 66 5.59 -8.90 36.30
C GLU J 66 5.61 -8.41 34.84
N THR J 67 6.80 -8.36 34.29
CA THR J 67 7.09 -7.86 32.90
C THR J 67 6.93 -8.91 31.83
N ASP J 68 6.97 -8.42 30.58
CA ASP J 68 7.39 -9.25 29.45
C ASP J 68 8.65 -10.06 29.80
N LEU J 69 8.62 -11.32 29.41
CA LEU J 69 9.72 -12.23 29.62
C LEU J 69 11.04 -11.70 29.04
N ASP J 70 10.98 -11.18 27.82
CA ASP J 70 12.19 -10.90 27.03
C ASP J 70 13.08 -9.82 27.66
N LEU J 71 12.54 -8.97 28.53
CA LEU J 71 13.38 -8.03 29.28
C LEU J 71 14.50 -8.74 30.03
N GLY J 72 14.23 -9.95 30.54
CA GLY J 72 15.28 -10.76 31.14
C GLY J 72 16.48 -10.92 30.21
N ASN J 73 16.25 -11.04 28.91
CA ASN J 73 17.31 -11.25 27.93
C ASN J 73 18.25 -10.05 27.95
N TYR J 74 17.82 -8.87 28.34
CA TYR J 74 18.52 -7.60 28.42
C TYR J 74 19.23 -7.40 29.73
N GLU J 75 18.68 -7.96 30.80
CA GLU J 75 19.32 -7.81 32.09
C GLU J 75 20.58 -8.68 32.07
N ARG J 76 20.46 -9.86 31.45
CA ARG J 76 21.53 -10.85 31.23
C ARG J 76 22.69 -10.31 30.40
N TYR J 77 22.35 -9.81 29.21
CA TYR J 77 23.32 -9.46 28.16
C TYR J 77 24.03 -8.11 28.40
N LEU J 78 23.43 -7.22 29.20
CA LEU J 78 23.92 -5.90 29.54
C LEU J 78 24.44 -5.80 30.97
N GLY J 79 23.81 -6.50 31.91
CA GLY J 79 24.12 -6.33 33.33
C GLY J 79 23.51 -5.05 33.87
N VAL J 80 22.19 -4.91 33.74
CA VAL J 80 21.45 -3.69 34.10
C VAL J 80 20.18 -4.02 34.85
N THR J 81 19.74 -3.12 35.72
CA THR J 81 18.44 -3.22 36.39
C THR J 81 17.44 -2.36 35.66
N LEU J 82 16.50 -2.98 34.94
CA LEU J 82 15.42 -2.24 34.29
C LEU J 82 14.26 -1.95 35.26
N THR J 83 13.21 -1.31 34.76
CA THR J 83 12.03 -0.92 35.56
C THR J 83 10.74 -1.26 34.81
N LYS J 84 9.59 -1.17 35.47
CA LYS J 84 8.28 -1.46 34.84
C LYS J 84 7.99 -0.58 33.61
N ASP J 85 8.62 0.59 33.52
CA ASP J 85 8.48 1.51 32.39
C ASP J 85 9.29 1.10 31.15
N HIS J 86 10.33 0.28 31.25
CA HIS J 86 11.12 -0.17 30.09
C HIS J 86 10.39 -1.16 29.19
N ASN J 87 9.22 -1.64 29.58
CA ASN J 87 8.37 -2.44 28.73
C ASN J 87 7.17 -1.61 28.29
N ILE J 88 7.32 -0.88 27.20
CA ILE J 88 6.23 -0.18 26.54
C ILE J 88 5.30 -1.23 25.95
N THR J 89 3.99 -1.11 26.10
CA THR J 89 3.03 -1.99 25.43
C THR J 89 1.87 -1.20 24.86
N THR J 90 1.19 -1.72 23.87
CA THR J 90 0.04 -1.03 23.26
C THR J 90 -1.06 -0.77 24.29
N GLY J 91 -1.32 -1.69 25.20
CA GLY J 91 -2.27 -1.44 26.28
C GLY J 91 -1.81 -0.41 27.29
N LYS J 92 -0.50 -0.31 27.52
CA LYS J 92 0.07 0.64 28.47
C LYS J 92 -0.02 2.06 27.95
N ILE J 93 0.29 2.29 26.67
CA ILE J 93 0.28 3.63 26.10
C ILE J 93 -1.12 4.11 25.75
N TYR J 94 -2.05 3.28 25.25
CA TYR J 94 -3.44 3.74 25.16
C TYR J 94 -4.01 4.10 26.51
N SER J 95 -3.71 3.38 27.59
CA SER J 95 -4.16 3.72 28.95
C SER J 95 -3.61 5.06 29.42
N HIS J 96 -2.34 5.36 29.16
CA HIS J 96 -1.70 6.59 29.61
C HIS J 96 -2.26 7.82 28.89
N VAL J 97 -2.44 7.77 27.58
CA VAL J 97 -3.11 8.86 26.84
C VAL J 97 -4.59 8.98 27.19
N ILE J 98 -5.33 7.89 27.35
CA ILE J 98 -6.73 7.94 27.80
C ILE J 98 -6.83 8.49 29.24
N ALA J 99 -5.87 8.27 30.13
CA ALA J 99 -5.91 8.90 31.44
C ALA J 99 -5.80 10.43 31.33
N LYS J 100 -4.83 10.91 30.56
CA LYS J 100 -4.66 12.33 30.28
C LYS J 100 -5.88 12.96 29.58
N GLU J 101 -6.60 12.20 28.75
CA GLU J 101 -7.86 12.64 28.12
C GLU J 101 -8.96 12.94 29.13
N ARG J 102 -9.16 12.10 30.16
CA ARG J 102 -10.20 12.32 31.19
C ARG J 102 -9.78 13.27 32.29
N LYS J 103 -8.48 13.36 32.60
CA LYS J 103 -7.91 14.42 33.43
C LYS J 103 -8.00 15.79 32.73
N GLY J 104 -8.05 15.79 31.39
CA GLY J 104 -8.19 16.99 30.58
C GLY J 104 -6.87 17.68 30.26
N ASP J 105 -5.74 16.97 30.28
CA ASP J 105 -4.41 17.54 30.03
C ASP J 105 -4.21 18.02 28.59
N TYR J 106 -5.09 17.64 27.68
CA TYR J 106 -5.15 18.14 26.30
C TYR J 106 -5.92 19.45 26.14
N LEU J 107 -6.27 20.16 27.22
CA LEU J 107 -6.89 21.50 27.18
C LEU J 107 -8.12 21.54 26.26
N GLY J 108 -8.92 20.49 26.29
CA GLY J 108 -10.15 20.37 25.54
C GLY J 108 -9.99 20.24 24.02
N LYS J 109 -8.78 20.12 23.47
CA LYS J 109 -8.58 19.70 22.07
C LYS J 109 -9.16 18.30 21.88
N THR J 110 -9.50 17.89 20.65
CA THR J 110 -9.64 16.46 20.36
C THR J 110 -8.27 15.82 20.34
N VAL J 111 -8.15 14.59 20.83
CA VAL J 111 -6.88 13.86 20.95
C VAL J 111 -6.88 12.74 19.93
N GLN J 112 -5.79 12.62 19.20
CA GLN J 112 -5.71 11.88 17.94
C GLN J 112 -4.56 10.88 17.99
N ILE J 113 -4.59 9.82 17.19
CA ILE J 113 -3.45 8.91 17.15
C ILE J 113 -2.22 9.62 16.61
N VAL J 114 -2.36 10.50 15.64
CA VAL J 114 -1.32 11.44 15.22
C VAL J 114 -1.87 12.86 15.32
N PRO J 115 -1.20 13.80 16.00
CA PRO J 115 0.10 13.71 16.61
C PRO J 115 0.11 13.31 18.09
N HIS J 116 -1.01 13.30 18.82
CA HIS J 116 -0.96 13.18 20.28
C HIS J 116 -0.41 11.86 20.78
N LEU J 117 -0.92 10.71 20.32
CA LEU J 117 -0.38 9.43 20.76
C LEU J 117 1.03 9.17 20.23
N THR J 118 1.37 9.57 19.01
CA THR J 118 2.75 9.42 18.54
C THR J 118 3.74 10.34 19.25
N ASN J 119 3.29 11.48 19.76
CA ASN J 119 4.07 12.28 20.71
C ASN J 119 4.22 11.54 22.04
N ALA J 120 3.17 10.93 22.58
CA ALA J 120 3.26 10.20 23.83
C ALA J 120 4.33 9.10 23.78
N ILE J 121 4.37 8.31 22.71
CA ILE J 121 5.38 7.27 22.52
C ILE J 121 6.79 7.87 22.49
N GLN J 122 7.04 8.94 21.74
CA GLN J 122 8.35 9.61 21.75
C GLN J 122 8.71 10.16 23.13
N ASP J 123 7.75 10.78 23.81
CA ASP J 123 7.96 11.33 25.14
C ASP J 123 8.22 10.22 26.17
N TRP J 124 7.67 9.01 25.98
CA TRP J 124 7.98 7.84 26.81
C TRP J 124 9.39 7.30 26.54
N ILE J 125 9.78 7.09 25.28
CA ILE J 125 11.11 6.61 24.96
C ILE J 125 12.19 7.55 25.49
N GLU J 126 12.10 8.85 25.24
CA GLU J 126 13.11 9.78 25.76
C GLU J 126 13.01 9.98 27.27
N ARG J 127 11.84 9.74 27.90
CA ARG J 127 11.74 9.74 29.37
C ARG J 127 12.53 8.59 29.93
N VAL J 128 12.21 7.38 29.50
CA VAL J 128 12.80 6.14 30.04
C VAL J 128 14.28 6.05 29.75
N ALA J 129 14.76 6.53 28.61
CA ALA J 129 16.17 6.53 28.27
C ALA J 129 17.06 7.42 29.16
N LYS J 130 16.48 8.28 30.01
CA LYS J 130 17.22 9.01 31.07
C LYS J 130 17.56 8.16 32.29
N ILE J 131 16.76 7.14 32.60
CA ILE J 131 16.84 6.39 33.87
C ILE J 131 18.20 5.68 33.97
N PRO J 132 18.95 5.81 35.09
CA PRO J 132 20.28 5.25 35.24
C PRO J 132 20.24 3.76 35.65
N VAL J 133 20.07 2.87 34.67
CA VAL J 133 19.92 1.42 34.90
C VAL J 133 21.24 0.69 35.19
N ASP J 134 22.37 1.39 35.08
CA ASP J 134 23.73 0.85 35.00
C ASP J 134 24.48 0.90 36.34
N ASP J 135 25.70 0.37 36.39
CA ASP J 135 26.52 0.22 37.61
C ASP J 135 27.04 1.55 38.24
N THR J 136 26.66 2.69 37.71
CA THR J 136 26.79 3.99 38.37
C THR J 136 25.65 4.88 37.91
N GLY J 137 25.23 5.83 38.76
CA GLY J 137 23.99 6.59 38.63
C GLY J 137 23.90 7.59 37.47
N MET J 138 24.83 7.61 36.52
CA MET J 138 24.74 8.44 35.32
C MET J 138 23.70 7.93 34.34
N GLU J 139 23.08 8.85 33.60
CA GLU J 139 22.15 8.49 32.53
C GLU J 139 22.86 7.71 31.40
N PRO J 140 22.20 6.71 30.77
CA PRO J 140 22.78 5.94 29.68
C PRO J 140 23.24 6.78 28.49
N ASP J 141 24.27 6.30 27.81
CA ASP J 141 24.81 6.94 26.62
C ASP J 141 24.04 6.49 25.37
N VAL J 142 23.66 5.21 25.34
CA VAL J 142 22.91 4.59 24.24
C VAL J 142 21.72 3.81 24.76
N CYS J 143 20.61 3.85 24.02
CA CYS J 143 19.43 3.04 24.29
C CYS J 143 19.14 2.11 23.11
N ILE J 144 19.00 0.81 23.34
CA ILE J 144 18.57 -0.16 22.32
C ILE J 144 17.05 -0.27 22.38
N ILE J 145 16.34 0.09 21.33
CA ILE J 145 14.88 0.04 21.29
C ILE J 145 14.46 -1.15 20.43
N GLU J 146 13.87 -2.18 20.98
CA GLU J 146 13.37 -3.30 20.19
C GLU J 146 11.89 -3.14 19.92
N LEU J 147 11.52 -3.02 18.66
CA LEU J 147 10.15 -2.94 18.19
C LEU J 147 9.63 -4.34 17.92
N GLY J 148 8.76 -4.87 18.77
CA GLY J 148 8.10 -6.16 18.55
C GLY J 148 7.08 -6.15 17.41
N GLY J 149 6.52 -7.31 17.13
CA GLY J 149 5.65 -7.54 15.97
C GLY J 149 6.44 -7.47 14.65
N THR J 150 5.75 -7.17 13.55
CA THR J 150 6.40 -6.88 12.27
C THR J 150 5.93 -5.55 11.71
N VAL J 151 6.82 -4.82 11.03
CA VAL J 151 6.44 -3.59 10.34
C VAL J 151 5.39 -3.91 9.27
N GLY J 152 4.29 -3.18 9.23
CA GLY J 152 3.12 -3.47 8.39
C GLY J 152 2.01 -4.26 9.06
N ASP J 153 2.16 -4.52 10.35
CA ASP J 153 1.07 -5.09 11.17
C ASP J 153 0.12 -3.91 11.48
N ILE J 154 -1.19 -4.13 11.66
CA ILE J 154 -2.15 -3.04 12.06
C ILE J 154 -1.99 -2.82 13.57
N GLU J 155 -1.18 -3.58 14.26
CA GLU J 155 -0.87 -3.59 15.68
C GLU J 155 0.36 -2.75 15.96
N SER J 156 1.29 -2.67 15.04
CA SER J 156 2.59 -2.03 15.12
C SER J 156 2.61 -0.68 14.43
N ALA J 157 1.50 -0.26 13.81
CA ALA J 157 1.46 0.98 12.99
C ALA J 157 1.67 2.23 13.87
N PRO J 158 1.13 2.38 15.09
CA PRO J 158 1.39 3.54 15.92
C PRO J 158 2.86 3.75 16.28
N PHE J 159 3.61 2.68 16.48
CA PHE J 159 5.00 2.74 16.87
C PHE J 159 5.96 3.09 15.74
N VAL J 160 5.74 2.60 14.52
CA VAL J 160 6.56 3.04 13.36
C VAL J 160 6.28 4.50 12.98
N GLU J 161 5.08 5.02 13.20
CA GLU J 161 4.86 6.46 13.15
C GLU J 161 5.67 7.18 14.23
N ALA J 162 5.57 6.76 15.48
CA ALA J 162 6.25 7.45 16.55
C ALA J 162 7.76 7.42 16.39
N LEU J 163 8.33 6.28 15.99
CA LEU J 163 9.74 6.15 15.70
C LEU J 163 10.14 6.99 14.48
N ARG J 164 9.35 7.10 13.40
CA ARG J 164 9.69 7.98 12.27
C ARG J 164 9.86 9.42 12.76
N GLN J 165 8.88 9.94 13.47
CA GLN J 165 8.93 11.30 14.01
C GLN J 165 10.14 11.42 14.97
N PHE J 166 10.47 10.37 15.71
CA PHE J 166 11.61 10.33 16.58
C PHE J 166 12.95 10.42 15.84
N GLN J 167 13.04 10.03 14.57
CA GLN J 167 14.26 10.25 13.77
C GLN J 167 14.59 11.73 13.55
N PHE J 168 13.66 12.63 13.90
CA PHE J 168 13.79 14.08 13.74
C PHE J 168 13.83 14.78 15.10
N LYS J 169 13.03 14.30 16.07
CA LYS J 169 13.05 14.80 17.45
C LYS J 169 14.43 14.54 18.09
N VAL J 170 14.95 13.33 17.88
CA VAL J 170 16.38 13.00 17.94
C VAL J 170 16.97 13.26 16.56
N GLY J 171 18.23 13.65 16.44
CA GLY J 171 18.87 13.82 15.14
C GLY J 171 19.29 12.52 14.43
N LYS J 172 19.44 12.56 13.10
CA LYS J 172 20.34 11.65 12.40
C LYS J 172 21.77 11.91 12.91
N GLU J 173 22.65 10.90 12.89
CA GLU J 173 23.88 10.86 13.71
C GLU J 173 23.64 10.82 15.22
N ASN J 174 22.40 10.64 15.69
CA ASN J 174 22.10 10.17 17.05
C ASN J 174 21.19 8.95 17.05
N PHE J 175 20.35 8.75 16.04
CA PHE J 175 19.49 7.58 15.87
C PHE J 175 19.97 6.71 14.71
N ALA J 176 19.92 5.37 14.84
CA ALA J 176 20.17 4.40 13.77
C ALA J 176 19.23 3.20 13.88
N LEU J 177 18.97 2.49 12.79
CA LEU J 177 18.06 1.34 12.76
C LEU J 177 18.71 0.09 12.17
N ILE J 178 18.53 -1.04 12.83
CA ILE J 178 18.87 -2.39 12.38
C ILE J 178 17.56 -3.10 12.01
N HIS J 179 17.39 -3.55 10.77
CA HIS J 179 16.18 -4.25 10.35
C HIS J 179 16.49 -5.71 10.18
N VAL J 180 15.76 -6.59 10.83
CA VAL J 180 16.04 -8.02 10.84
C VAL J 180 15.09 -8.69 9.86
N SER J 181 15.56 -9.48 8.90
CA SER J 181 14.74 -9.91 7.76
C SER J 181 15.05 -11.33 7.29
N LEU J 182 14.14 -11.95 6.52
CA LEU J 182 14.22 -13.37 6.21
C LEU J 182 14.85 -13.61 4.83
N VAL J 183 15.82 -14.52 4.76
CA VAL J 183 16.29 -15.08 3.50
C VAL J 183 15.90 -16.55 3.50
N PRO J 184 14.70 -16.95 3.02
CA PRO J 184 14.34 -18.35 2.98
C PRO J 184 15.21 -19.06 1.96
N VAL J 185 15.58 -20.29 2.25
CA VAL J 185 16.26 -21.18 1.33
C VAL J 185 15.28 -22.25 0.90
N ILE J 186 14.95 -22.27 -0.40
CA ILE J 186 14.16 -23.35 -1.01
C ILE J 186 14.81 -23.81 -2.31
N HIS J 187 14.68 -25.09 -2.65
CA HIS J 187 15.43 -25.71 -3.75
C HIS J 187 16.94 -25.46 -3.63
N GLY J 188 17.46 -25.35 -2.42
CA GLY J 188 18.85 -25.02 -2.12
C GLY J 188 19.32 -23.61 -2.54
N GLU J 189 18.42 -22.67 -2.84
CA GLU J 189 18.76 -21.28 -3.19
C GLU J 189 18.22 -20.25 -2.17
N GLN J 190 19.09 -19.34 -1.72
CA GLN J 190 18.75 -18.18 -0.88
C GLN J 190 17.94 -17.13 -1.65
N LYS J 191 16.65 -16.98 -1.37
CA LYS J 191 15.79 -16.00 -2.05
C LYS J 191 15.79 -14.67 -1.33
N THR J 192 16.03 -13.56 -2.03
CA THR J 192 16.08 -12.21 -1.42
C THR J 192 14.74 -11.54 -1.31
N LYS J 193 13.72 -11.95 -2.07
CA LYS J 193 12.49 -11.17 -2.24
C LYS J 193 11.70 -10.85 -0.96
N PRO J 194 11.61 -11.69 0.08
CA PRO J 194 10.93 -11.27 1.31
C PRO J 194 11.61 -10.08 1.97
N THR J 195 12.93 -9.97 1.89
CA THR J 195 13.66 -8.75 2.32
C THR J 195 13.34 -7.54 1.45
N GLN J 196 13.22 -7.68 0.13
CA GLN J 196 12.80 -6.57 -0.73
C GLN J 196 11.39 -6.09 -0.40
N ALA J 197 10.39 -6.96 -0.31
CA ALA J 197 9.02 -6.60 0.04
C ALA J 197 8.87 -6.02 1.46
N ALA J 198 9.62 -6.51 2.46
CA ALA J 198 9.61 -5.94 3.81
C ALA J 198 10.40 -4.64 3.93
N ILE J 199 11.38 -4.38 3.08
CA ILE J 199 12.08 -3.09 3.03
C ILE J 199 11.23 -2.07 2.28
N LYS J 200 10.53 -2.45 1.22
CA LYS J 200 9.46 -1.65 0.62
C LYS J 200 8.43 -1.25 1.67
N GLY J 201 7.94 -2.18 2.48
CA GLY J 201 7.09 -1.88 3.64
C GLY J 201 7.75 -0.88 4.60
N LEU J 202 9.00 -1.10 5.00
CA LEU J 202 9.71 -0.22 5.93
C LEU J 202 9.80 1.22 5.42
N ARG J 203 10.27 1.43 4.18
CA ARG J 203 10.40 2.79 3.65
C ARG J 203 9.05 3.46 3.44
N SER J 204 7.97 2.70 3.22
CA SER J 204 6.62 3.27 3.13
C SER J 204 6.25 4.02 4.40
N LEU J 205 6.50 3.44 5.57
CA LEU J 205 6.25 4.06 6.88
C LEU J 205 7.34 5.06 7.31
N GLY J 206 8.50 5.05 6.64
CA GLY J 206 9.43 6.18 6.55
C GLY J 206 10.74 6.01 7.30
N LEU J 207 10.89 4.93 8.03
CA LEU J 207 12.15 4.51 8.62
C LEU J 207 13.09 4.05 7.51
N VAL J 208 14.39 4.28 7.64
CA VAL J 208 15.42 3.77 6.71
C VAL J 208 16.45 2.95 7.47
N PRO J 209 16.79 1.73 7.04
CA PRO J 209 17.69 0.87 7.79
C PRO J 209 19.13 1.25 7.52
N ASP J 210 19.89 1.42 8.59
CA ASP J 210 21.34 1.62 8.53
C ASP J 210 22.09 0.29 8.48
N MET J 211 21.44 -0.79 8.89
CA MET J 211 21.85 -2.16 8.68
C MET J 211 20.67 -3.05 8.34
N ILE J 212 20.93 -4.12 7.63
CA ILE J 212 20.00 -5.24 7.52
C ILE J 212 20.68 -6.43 8.19
N ALA J 213 19.94 -7.26 8.91
CA ALA J 213 20.45 -8.48 9.52
C ALA J 213 19.59 -9.67 9.15
N CYS J 214 20.16 -10.73 8.59
CA CYS J 214 19.33 -11.79 8.03
C CYS J 214 19.22 -13.03 8.92
N ARG J 215 18.00 -13.47 9.18
CA ARG J 215 17.70 -14.86 9.52
C ARG J 215 17.87 -15.67 8.26
N CYS J 216 18.79 -16.62 8.27
CA CYS J 216 18.99 -17.53 7.16
C CYS J 216 19.43 -18.89 7.70
N SER J 217 19.05 -19.96 6.99
CA SER J 217 19.50 -21.32 7.30
C SER J 217 20.99 -21.55 7.03
N GLU J 218 21.67 -20.61 6.37
CA GLU J 218 23.02 -20.76 5.83
C GLU J 218 23.91 -19.54 6.11
N THR J 219 25.20 -19.62 5.82
CA THR J 219 25.97 -18.40 5.57
C THR J 219 25.43 -17.74 4.29
N LEU J 220 25.06 -16.46 4.33
CA LEU J 220 24.64 -15.75 3.12
C LEU J 220 25.72 -15.86 2.03
N ASP J 221 25.33 -16.23 0.83
CA ASP J 221 26.22 -16.17 -0.31
C ASP J 221 26.62 -14.73 -0.61
N LYS J 222 27.85 -14.54 -1.10
CA LYS J 222 28.35 -13.26 -1.62
C LYS J 222 27.36 -12.57 -2.56
N PRO J 223 26.74 -13.22 -3.56
CA PRO J 223 25.67 -12.64 -4.36
C PRO J 223 24.40 -12.29 -3.58
N THR J 224 24.02 -13.01 -2.53
CA THR J 224 22.83 -12.67 -1.73
C THR J 224 23.01 -11.35 -1.00
N ILE J 225 24.18 -11.12 -0.41
CA ILE J 225 24.54 -9.83 0.18
C ILE J 225 24.47 -8.72 -0.87
N ASP J 226 25.03 -8.95 -2.06
CA ASP J 226 24.99 -7.95 -3.13
C ASP J 226 23.57 -7.66 -3.62
N LYS J 227 22.71 -8.68 -3.77
CA LYS J 227 21.32 -8.50 -4.22
C LYS J 227 20.39 -7.95 -3.15
N ILE J 228 20.70 -8.04 -1.85
CA ILE J 228 20.06 -7.23 -0.81
C ILE J 228 20.57 -5.78 -0.85
N ALA J 229 21.88 -5.54 -0.86
CA ALA J 229 22.41 -4.19 -0.86
C ALA J 229 22.11 -3.38 -2.15
N MET J 230 21.88 -4.04 -3.29
CA MET J 230 21.38 -3.40 -4.52
C MET J 230 19.92 -2.96 -4.42
N PHE J 231 19.21 -3.34 -3.36
CA PHE J 231 17.77 -3.10 -3.15
C PHE J 231 17.45 -2.34 -1.87
N CYS J 232 18.46 -1.97 -1.09
CA CYS J 232 18.34 -1.24 0.17
C CYS J 232 19.46 -0.21 0.31
N HIS J 233 19.30 0.79 1.15
CA HIS J 233 20.26 1.90 1.22
C HIS J 233 21.47 1.64 2.14
N VAL J 234 21.99 0.42 2.12
CA VAL J 234 23.10 -0.08 2.96
C VAL J 234 24.27 -0.49 2.08
N GLY J 235 25.52 -0.34 2.53
CA GLY J 235 26.66 -0.95 1.85
C GLY J 235 26.62 -2.48 2.00
N PRO J 236 27.32 -3.25 1.17
CA PRO J 236 27.33 -4.71 1.30
C PRO J 236 27.94 -5.21 2.63
N GLU J 237 28.75 -4.39 3.29
CA GLU J 237 29.34 -4.66 4.60
C GLU J 237 28.38 -4.46 5.80
N GLN J 238 27.18 -3.88 5.59
CA GLN J 238 26.11 -3.75 6.59
C GLN J 238 24.92 -4.68 6.34
N VAL J 239 25.07 -5.71 5.51
CA VAL J 239 24.15 -6.86 5.53
C VAL J 239 24.72 -7.92 6.47
N VAL J 240 24.42 -7.78 7.76
CA VAL J 240 24.82 -8.66 8.86
C VAL J 240 24.11 -10.01 8.74
N ASN J 241 24.67 -11.06 9.30
CA ASN J 241 24.09 -12.40 9.24
C ASN J 241 24.30 -13.20 10.53
N VAL J 242 23.23 -13.40 11.29
CA VAL J 242 23.24 -14.23 12.52
C VAL J 242 23.00 -15.69 12.13
N HIS J 243 24.03 -16.37 11.63
CA HIS J 243 23.97 -17.77 11.24
C HIS J 243 24.10 -18.73 12.44
N ASP J 244 23.96 -20.02 12.20
CA ASP J 244 24.20 -21.05 13.21
C ASP J 244 25.59 -20.90 13.86
N VAL J 245 25.62 -20.91 15.20
CA VAL J 245 26.83 -20.77 16.03
C VAL J 245 26.80 -21.76 17.19
N ASN J 246 27.94 -22.01 17.83
CA ASN J 246 28.05 -23.07 18.83
C ASN J 246 27.08 -22.87 20.01
N SER J 247 26.89 -21.61 20.40
CA SER J 247 25.85 -21.17 21.34
C SER J 247 25.47 -19.72 21.07
N THR J 248 24.30 -19.33 21.55
CA THR J 248 23.73 -17.99 21.42
C THR J 248 24.69 -16.88 21.86
N TYR J 249 25.46 -17.07 22.92
CA TYR J 249 26.41 -16.06 23.40
C TYR J 249 27.61 -15.85 22.46
N HIS J 250 27.86 -16.73 21.49
CA HIS J 250 28.82 -16.43 20.43
C HIS J 250 28.31 -15.33 19.51
N VAL J 251 27.00 -15.13 19.42
CA VAL J 251 26.40 -14.13 18.55
C VAL J 251 27.00 -12.73 18.72
N PRO J 252 27.17 -12.13 19.92
CA PRO J 252 27.81 -10.82 19.99
C PRO J 252 29.22 -10.83 19.39
N LEU J 253 30.01 -11.87 19.61
CA LEU J 253 31.31 -11.96 18.99
C LEU J 253 31.17 -12.16 17.47
N LEU J 254 30.17 -12.93 17.02
CA LEU J 254 29.82 -13.01 15.61
C LEU J 254 29.53 -11.62 15.01
N LEU J 255 28.71 -10.81 15.66
CA LEU J 255 28.40 -9.45 15.22
C LEU J 255 29.66 -8.58 15.17
N LEU J 256 30.50 -8.66 16.21
CA LEU J 256 31.79 -8.00 16.25
C LEU J 256 32.68 -8.43 15.08
N GLU J 257 32.77 -9.72 14.80
CA GLU J 257 33.59 -10.28 13.74
C GLU J 257 33.12 -9.84 12.35
N GLN J 258 31.80 -9.69 12.18
CA GLN J 258 31.17 -9.12 11.00
C GLN J 258 31.28 -7.58 10.93
N LYS J 259 32.17 -6.96 11.71
CA LYS J 259 32.43 -5.51 11.76
C LYS J 259 31.17 -4.69 12.02
N MET J 260 30.22 -5.24 12.76
CA MET J 260 28.95 -4.57 13.02
C MET J 260 29.17 -3.28 13.82
N ILE J 261 29.98 -3.32 14.88
CA ILE J 261 30.28 -2.15 15.71
C ILE J 261 31.23 -1.16 15.04
N ASP J 262 32.15 -1.61 14.20
CA ASP J 262 33.05 -0.71 13.51
C ASP J 262 32.30 0.23 12.56
N TYR J 263 31.09 -0.13 12.13
CA TYR J 263 30.14 0.78 11.51
C TYR J 263 29.40 1.63 12.55
N LEU J 264 28.74 1.05 13.57
CA LEU J 264 27.95 1.84 14.55
C LEU J 264 28.79 2.91 15.25
N HIS J 265 30.05 2.66 15.53
CA HIS J 265 30.99 3.65 16.02
C HIS J 265 31.02 4.93 15.15
N ALA J 266 31.07 4.79 13.82
CA ALA J 266 31.05 5.90 12.89
C ALA J 266 29.63 6.44 12.66
N ARG J 267 28.65 5.56 12.48
CA ARG J 267 27.25 5.90 12.15
C ARG J 267 26.53 6.64 13.27
N LEU J 268 26.89 6.33 14.51
CA LEU J 268 26.39 7.03 15.67
C LEU J 268 27.46 7.89 16.33
N LYS J 269 28.64 8.01 15.71
CA LYS J 269 29.68 8.97 16.10
C LYS J 269 30.03 8.81 17.58
N LEU J 270 30.34 7.57 17.94
CA LEU J 270 30.52 7.12 19.32
C LEU J 270 31.90 7.49 19.87
N ASP J 271 32.82 7.86 19.00
CA ASP J 271 34.02 8.61 19.29
C ASP J 271 33.73 9.95 20.00
N GLU J 272 32.54 10.53 19.84
CA GLU J 272 32.12 11.70 20.62
C GLU J 272 31.88 11.38 22.09
N ILE J 273 31.71 10.12 22.48
CA ILE J 273 31.57 9.72 23.88
C ILE J 273 32.96 9.62 24.52
N SER J 274 33.42 10.72 25.11
CA SER J 274 34.70 10.85 25.82
C SER J 274 34.65 10.19 27.21
N LEU J 275 34.65 8.86 27.24
CA LEU J 275 34.65 8.04 28.45
C LEU J 275 35.84 8.34 29.38
N THR J 276 35.66 8.20 30.69
CA THR J 276 36.82 8.14 31.59
C THR J 276 37.64 6.88 31.33
N GLU J 277 38.90 6.87 31.73
CA GLU J 277 39.75 5.68 31.63
C GLU J 277 39.38 4.59 32.62
N GLU J 278 38.45 4.84 33.55
CA GLU J 278 37.73 3.79 34.27
C GLU J 278 36.49 3.27 33.51
N GLU J 279 36.05 3.98 32.48
CA GLU J 279 35.02 3.54 31.56
C GLU J 279 35.67 3.01 30.30
N GLU J 280 38.09 1.69 31.42
CA GLU J 280 38.30 0.36 31.99
C GLU J 280 37.04 -0.49 31.96
N LEU J 281 35.84 0.08 32.02
CA LEU J 281 34.60 -0.67 31.80
C LEU J 281 34.63 -1.37 30.45
N LEU J 282 35.15 -0.69 29.42
CA LEU J 282 35.51 -1.25 28.13
C LEU J 282 36.40 -2.49 28.31
N SER J 283 37.49 -2.35 29.05
CA SER J 283 38.50 -3.38 29.25
C SER J 283 37.93 -4.58 29.99
N LYS J 284 37.21 -4.33 31.08
CA LYS J 284 36.48 -5.31 31.87
C LYS J 284 35.46 -6.01 31.00
N TRP J 285 34.70 -5.28 30.18
CA TRP J 285 33.73 -5.92 29.31
C TRP J 285 34.40 -6.78 28.22
N LYS J 286 35.48 -6.27 27.61
CA LYS J 286 36.28 -7.01 26.63
C LYS J 286 36.83 -8.28 27.25
N ALA J 287 37.37 -8.17 28.47
CA ALA J 287 37.71 -9.35 29.25
C ALA J 287 36.49 -10.27 29.36
N THR J 288 35.35 -9.81 29.89
CA THR J 288 34.17 -10.68 30.03
C THR J 288 33.61 -11.23 28.73
N THR J 289 33.80 -10.55 27.61
CA THR J 289 33.44 -11.03 26.30
C THR J 289 34.23 -12.28 25.99
N GLY J 290 35.55 -12.18 26.18
CA GLY J 290 36.42 -13.32 26.22
C GLY J 290 36.02 -14.32 27.30
N ASN J 291 35.75 -13.90 28.53
CA ASN J 291 35.53 -14.82 29.63
C ASN J 291 34.22 -15.60 29.48
N PHE J 292 33.22 -15.02 28.81
CA PHE J 292 32.13 -15.81 28.26
C PHE J 292 32.70 -16.78 27.20
N ASP J 293 33.29 -16.24 26.14
CA ASP J 293 33.55 -16.96 24.89
C ASP J 293 34.56 -18.12 25.03
N GLU J 294 35.53 -17.97 25.92
CA GLU J 294 36.61 -18.90 26.19
C GLU J 294 36.11 -20.20 26.86
N THR J 295 30.39 -33.88 29.60
CA THR J 295 28.96 -33.56 29.77
C THR J 295 28.42 -33.71 31.19
N VAL J 296 27.49 -32.86 31.59
CA VAL J 296 26.60 -33.02 32.75
C VAL J 296 25.18 -33.19 32.24
N LYS J 297 24.48 -34.26 32.61
CA LYS J 297 23.10 -34.52 32.16
C LYS J 297 22.13 -34.13 33.27
N ILE J 298 21.16 -33.26 33.06
CA ILE J 298 20.19 -32.82 34.08
C ILE J 298 18.78 -33.10 33.60
N ALA J 299 17.95 -33.78 34.39
CA ALA J 299 16.54 -33.93 34.06
C ALA J 299 15.78 -32.73 34.62
N LEU J 300 15.16 -31.94 33.76
CA LEU J 300 14.24 -30.88 34.16
C LEU J 300 12.82 -31.43 34.03
N VAL J 301 12.13 -31.55 35.16
CA VAL J 301 10.88 -32.29 35.29
C VAL J 301 9.76 -31.32 35.62
N GLY J 302 8.78 -31.14 34.75
CA GLY J 302 7.70 -30.21 35.02
C GLY J 302 6.51 -30.39 34.11
N LYS J 303 5.49 -29.53 34.22
CA LYS J 303 4.34 -29.49 33.30
C LYS J 303 4.72 -28.96 31.92
N TYR J 304 4.20 -29.59 30.86
CA TYR J 304 4.24 -29.09 29.48
C TYR J 304 5.64 -28.61 29.04
N THR J 305 6.66 -29.39 29.36
CA THR J 305 8.05 -29.15 28.92
C THR J 305 8.22 -29.10 27.40
N ASN J 306 7.24 -29.53 26.63
CA ASN J 306 7.15 -29.33 25.18
C ASN J 306 7.23 -27.84 24.81
N LEU J 307 6.69 -26.99 25.69
CA LEU J 307 6.63 -25.55 25.58
C LEU J 307 7.93 -24.92 26.10
N LYS J 308 9.00 -25.12 25.36
CA LYS J 308 10.36 -24.88 25.90
C LYS J 308 10.68 -23.42 26.25
N ASP J 309 10.06 -22.44 25.62
CA ASP J 309 10.24 -21.05 26.04
C ASP J 309 9.70 -20.78 27.45
N SER J 310 8.73 -21.57 27.93
CA SER J 310 8.15 -21.40 29.26
C SER J 310 9.16 -21.66 30.40
N TYR J 311 10.29 -22.27 30.09
CA TYR J 311 11.36 -22.56 31.04
C TYR J 311 12.65 -21.83 30.70
N LEU J 312 12.61 -20.83 29.83
CA LEU J 312 13.80 -20.20 29.28
C LEU J 312 14.79 -19.73 30.33
N SER J 313 14.34 -18.99 31.35
CA SER J 313 15.26 -18.47 32.36
C SER J 313 16.00 -19.59 33.07
N VAL J 314 15.28 -20.68 33.34
CA VAL J 314 15.86 -21.89 33.93
C VAL J 314 16.96 -22.40 33.04
N ILE J 315 16.70 -22.49 31.73
CA ILE J 315 17.73 -22.96 30.80
C ILE J 315 18.94 -22.04 30.85
N LYS J 316 18.74 -20.73 30.76
CA LYS J 316 19.86 -19.80 30.74
C LYS J 316 20.67 -19.86 32.03
N ALA J 317 19.99 -19.96 33.16
CA ALA J 317 20.67 -20.12 34.45
C ALA J 317 21.59 -21.36 34.48
N LEU J 318 21.09 -22.50 33.99
CA LEU J 318 21.91 -23.71 33.87
C LEU J 318 23.08 -23.51 32.90
N GLU J 319 22.92 -22.76 31.81
CA GLU J 319 24.01 -22.46 30.88
C GLU J 319 25.09 -21.60 31.55
N HIS J 320 24.72 -20.54 32.27
CA HIS J 320 25.69 -19.64 32.90
C HIS J 320 26.59 -20.42 33.86
N SER J 321 25.96 -21.24 34.69
CA SER J 321 26.64 -22.07 35.66
C SER J 321 27.50 -23.16 35.00
N SER J 322 27.02 -23.80 33.95
CA SER J 322 27.77 -24.85 33.26
C SER J 322 29.08 -24.35 32.65
N MET J 323 29.11 -23.12 32.17
CA MET J 323 30.35 -22.49 31.70
C MET J 323 31.39 -22.35 32.83
N LYS J 324 30.96 -22.04 34.07
CA LYS J 324 31.87 -21.97 35.23
C LYS J 324 32.47 -23.34 35.57
N CYS J 325 31.66 -24.39 35.56
CA CYS J 325 32.11 -25.78 35.74
C CYS J 325 32.89 -26.38 34.55
N ARG J 326 33.02 -25.60 33.47
CA ARG J 326 33.65 -25.96 32.19
C ARG J 326 33.07 -27.24 31.56
N ARG J 327 31.82 -27.61 31.90
CA ARG J 327 31.16 -28.85 31.48
C ARG J 327 29.98 -28.58 30.57
N LYS J 328 29.77 -29.44 29.59
CA LYS J 328 28.75 -29.30 28.56
C LYS J 328 27.40 -29.66 29.14
N LEU J 329 26.40 -28.82 28.97
CA LEU J 329 25.06 -29.02 29.54
C LEU J 329 24.18 -29.81 28.60
N ASP J 330 23.52 -30.83 29.14
CA ASP J 330 22.55 -31.65 28.41
C ASP J 330 21.25 -31.77 29.19
N ILE J 331 20.32 -30.83 29.00
CA ILE J 331 19.02 -30.87 29.66
C ILE J 331 18.16 -31.97 29.03
N LYS J 332 17.73 -32.95 29.82
CA LYS J 332 16.66 -33.87 29.42
C LYS J 332 15.32 -33.23 29.81
N TRP J 333 14.43 -33.07 28.86
CA TRP J 333 13.08 -32.55 29.08
C TRP J 333 12.12 -33.68 29.40
N VAL J 334 11.58 -33.68 30.62
CA VAL J 334 10.62 -34.68 31.09
C VAL J 334 9.27 -34.04 31.33
N GLU J 335 8.21 -34.53 30.70
CA GLU J 335 6.87 -34.18 31.14
C GLU J 335 6.59 -34.89 32.46
N ALA J 336 6.33 -34.13 33.51
CA ALA J 336 6.11 -34.68 34.84
C ALA J 336 4.98 -35.70 34.88
N THR J 337 3.89 -35.47 34.16
CA THR J 337 2.77 -36.41 34.15
C THR J 337 3.10 -37.77 33.53
N ASP J 338 4.11 -37.87 32.66
CA ASP J 338 4.52 -39.15 32.09
C ASP J 338 5.27 -40.05 33.08
N LEU J 339 5.66 -39.54 34.25
CA LEU J 339 6.25 -40.35 35.31
C LEU J 339 5.20 -41.11 36.11
N GLU J 340 3.92 -40.73 36.03
CA GLU J 340 2.89 -41.23 36.93
C GLU J 340 2.61 -42.74 36.75
N PRO J 341 2.29 -43.48 37.82
CA PRO J 341 1.86 -44.88 37.74
C PRO J 341 0.63 -45.11 36.84
N GLU J 342 -0.22 -44.10 36.66
CA GLU J 342 -1.36 -44.12 35.72
C GLU J 342 -0.92 -44.03 34.25
N ALA J 343 0.15 -43.30 33.95
CA ALA J 343 0.63 -43.15 32.59
C ALA J 343 1.08 -44.48 32.00
N GLN J 344 1.50 -45.44 32.84
CA GLN J 344 1.97 -46.76 32.40
C GLN J 344 0.92 -47.57 31.63
N GLU J 345 -0.37 -47.49 31.98
CA GLU J 345 -1.42 -48.12 31.18
C GLU J 345 -1.95 -47.20 30.08
N SER J 346 -1.93 -45.87 30.30
CA SER J 346 -2.51 -44.90 29.37
C SER J 346 -1.66 -44.68 28.11
N ASN J 347 -0.34 -44.51 28.28
CA ASN J 347 0.59 -44.11 27.24
C ASN J 347 2.00 -44.67 27.49
N LYS J 348 2.10 -46.00 27.58
CA LYS J 348 3.27 -46.71 28.12
C LYS J 348 4.61 -46.27 27.51
N THR J 349 4.66 -46.04 26.21
CA THR J 349 5.91 -45.73 25.50
C THR J 349 6.57 -44.47 26.04
N LYS J 350 5.80 -43.39 26.18
CA LYS J 350 6.32 -42.11 26.68
C LYS J 350 6.69 -42.19 28.16
N PHE J 351 5.99 -43.00 28.93
CA PHE J 351 6.31 -43.28 30.32
C PHE J 351 7.70 -43.92 30.49
N HIS J 352 8.09 -44.86 29.64
CA HIS J 352 9.45 -45.40 29.65
C HIS J 352 10.48 -44.35 29.23
N GLU J 353 10.20 -43.52 28.24
CA GLU J 353 11.13 -42.44 27.86
C GLU J 353 11.36 -41.47 29.01
N ALA J 354 10.30 -41.09 29.71
CA ALA J 354 10.38 -40.21 30.87
C ALA J 354 11.22 -40.82 31.99
N TRP J 355 10.98 -42.08 32.33
CA TRP J 355 11.74 -42.74 33.38
C TRP J 355 13.18 -43.03 33.01
N ASN J 356 13.50 -43.32 31.75
CA ASN J 356 14.89 -43.43 31.34
C ASN J 356 15.63 -42.11 31.56
N MET J 357 15.03 -40.97 31.22
CA MET J 357 15.65 -39.66 31.44
C MET J 357 15.91 -39.46 32.93
N VAL J 358 14.92 -39.69 33.80
CA VAL J 358 15.08 -39.54 35.26
C VAL J 358 16.20 -40.43 35.80
N SER J 359 16.26 -41.68 35.33
CA SER J 359 17.27 -42.66 35.73
C SER J 359 18.67 -42.38 35.22
N THR J 360 18.79 -41.72 34.06
CA THR J 360 20.08 -41.37 33.44
C THR J 360 20.72 -40.17 34.11
N ALA J 361 19.94 -39.19 34.51
CA ALA J 361 20.44 -37.86 34.81
C ALA J 361 21.40 -37.79 36.01
N ASP J 362 22.43 -36.98 35.91
CA ASP J 362 23.37 -36.66 36.97
C ASP J 362 22.82 -35.69 38.00
N GLY J 363 21.71 -35.02 37.69
CA GLY J 363 21.00 -34.13 38.60
C GLY J 363 19.53 -34.05 38.24
N ILE J 364 18.68 -33.73 39.21
CA ILE J 364 17.25 -33.52 38.98
C ILE J 364 16.90 -32.06 39.32
N LEU J 365 15.97 -31.50 38.57
CA LEU J 365 15.55 -30.12 38.68
C LEU J 365 14.05 -30.05 38.52
N ILE J 366 13.35 -29.58 39.55
CA ILE J 366 11.91 -29.30 39.48
C ILE J 366 11.77 -27.78 39.39
N PRO J 367 11.27 -27.22 38.29
CA PRO J 367 11.63 -25.87 37.86
C PRO J 367 10.72 -24.73 38.39
N GLY J 368 9.72 -25.03 39.23
CA GLY J 368 8.70 -24.04 39.62
C GLY J 368 7.56 -23.89 38.61
N GLY J 369 6.94 -25.02 38.25
CA GLY J 369 5.86 -25.10 37.26
C GLY J 369 4.57 -24.33 37.60
N PHE J 370 3.68 -24.26 36.63
CA PHE J 370 2.41 -23.55 36.67
C PHE J 370 1.26 -24.53 36.88
N GLY J 371 0.41 -24.28 37.88
CA GLY J 371 -0.73 -25.13 38.19
C GLY J 371 -0.39 -26.52 38.74
N VAL J 372 -1.41 -27.34 39.00
CA VAL J 372 -1.27 -28.58 39.81
C VAL J 372 -0.91 -29.84 39.00
N ARG J 373 -1.23 -29.90 37.70
CA ARG J 373 -1.27 -31.15 36.90
C ARG J 373 -0.07 -32.07 37.07
N GLY J 374 1.16 -31.55 36.95
CA GLY J 374 2.39 -32.35 36.99
C GLY J 374 2.76 -32.92 38.37
N THR J 375 2.09 -32.50 39.45
CA THR J 375 2.56 -32.71 40.82
C THR J 375 2.88 -34.16 41.13
N GLU J 376 2.03 -35.12 40.75
CA GLU J 376 2.20 -36.51 41.17
C GLU J 376 3.50 -37.13 40.64
N GLY J 377 3.89 -36.82 39.41
CA GLY J 377 5.18 -37.26 38.89
C GLY J 377 6.36 -36.53 39.51
N MET J 378 6.24 -35.23 39.73
CA MET J 378 7.29 -34.43 40.37
C MET J 378 7.59 -34.91 41.80
N VAL J 379 6.63 -35.47 42.51
CA VAL J 379 6.86 -36.15 43.79
C VAL J 379 7.82 -37.32 43.63
N LEU J 380 7.57 -38.22 42.67
CA LEU J 380 8.39 -39.40 42.41
C LEU J 380 9.79 -39.02 41.91
N ALA J 381 9.95 -37.93 41.16
CA ALA J 381 11.27 -37.39 40.83
C ALA J 381 12.02 -36.85 42.06
N ALA J 382 11.33 -36.22 43.01
CA ALA J 382 11.98 -35.77 44.26
C ALA J 382 12.38 -36.94 45.16
N ARG J 383 11.57 -38.00 45.24
CA ARG J 383 11.81 -39.26 45.95
C ARG J 383 13.02 -39.98 45.39
N TRP J 384 13.12 -40.03 44.08
CA TRP J 384 14.25 -40.62 43.37
C TRP J 384 15.59 -39.98 43.73
N ALA J 385 15.62 -38.65 43.93
CA ALA J 385 16.82 -37.95 44.34
C ALA J 385 17.02 -37.84 45.86
N ARG J 386 15.97 -38.00 46.68
CA ARG J 386 16.14 -38.08 48.14
C ARG J 386 16.83 -39.37 48.50
N GLU J 387 16.33 -40.50 47.99
CA GLU J 387 16.74 -41.84 48.43
C GLU J 387 18.11 -42.22 47.88
N ASN J 388 18.21 -42.33 46.56
CA ASN J 388 19.47 -42.42 45.85
C ASN J 388 20.12 -41.03 45.88
N HIS J 389 21.40 -40.88 46.20
CA HIS J 389 22.04 -39.56 46.43
C HIS J 389 22.29 -38.70 45.16
N ILE J 390 21.30 -38.56 44.27
CA ILE J 390 21.32 -37.70 43.09
C ILE J 390 21.25 -36.21 43.51
N PRO J 391 22.09 -35.30 43.01
CA PRO J 391 21.92 -33.87 43.19
C PRO J 391 20.56 -33.34 42.73
N PHE J 392 19.98 -32.40 43.46
CA PHE J 392 18.63 -31.89 43.23
C PHE J 392 18.53 -30.39 43.49
N LEU J 393 17.74 -29.70 42.67
CA LEU J 393 17.21 -28.38 42.99
C LEU J 393 15.70 -28.30 42.77
N GLY J 394 14.97 -27.84 43.78
CA GLY J 394 13.55 -27.51 43.68
C GLY J 394 13.36 -25.99 43.67
N VAL J 395 12.72 -25.44 42.65
CA VAL J 395 12.43 -24.00 42.58
C VAL J 395 10.95 -23.77 42.78
N CYS J 396 10.56 -22.89 43.70
CA CYS J 396 9.18 -22.55 44.04
C CYS J 396 8.29 -23.79 44.29
N LEU J 397 7.43 -24.18 43.33
CA LEU J 397 6.69 -25.45 43.37
C LEU J 397 7.61 -26.67 43.59
N GLY J 398 8.87 -26.60 43.19
CA GLY J 398 9.87 -27.59 43.53
C GLY J 398 10.19 -27.66 45.01
N LEU J 399 10.27 -26.55 45.74
CA LEU J 399 10.39 -26.59 47.21
C LEU J 399 9.14 -27.18 47.84
N GLN J 400 7.98 -26.77 47.33
CA GLN J 400 6.70 -27.31 47.75
C GLN J 400 6.67 -28.82 47.57
N ILE J 401 7.13 -29.33 46.43
CA ILE J 401 7.17 -30.77 46.16
C ILE J 401 8.32 -31.49 46.87
N ALA J 402 9.45 -30.86 47.12
CA ALA J 402 10.45 -31.41 48.03
C ALA J 402 9.88 -31.61 49.43
N THR J 403 9.05 -30.69 49.90
CA THR J 403 8.43 -30.79 51.23
C THR J 403 7.26 -31.76 51.26
N ILE J 404 6.38 -31.75 50.24
CA ILE J 404 5.34 -32.77 50.10
C ILE J 404 5.97 -34.16 50.04
N GLU J 405 7.06 -34.38 49.30
CA GLU J 405 7.67 -35.70 49.22
C GLU J 405 8.29 -36.12 50.55
N PHE J 406 9.11 -35.27 51.16
CA PHE J 406 9.72 -35.59 52.44
C PHE J 406 8.65 -35.86 53.52
N THR J 407 7.54 -35.14 53.51
CA THR J 407 6.36 -35.45 54.33
C THR J 407 5.80 -36.82 53.97
N ARG J 408 5.48 -37.06 52.69
CA ARG J 408 4.82 -38.26 52.15
C ARG J 408 5.64 -39.56 52.26
N SER J 409 6.93 -39.48 52.56
CA SER J 409 7.83 -40.65 52.59
C SER J 409 8.70 -40.78 53.83
N VAL J 410 9.08 -39.68 54.47
CA VAL J 410 9.90 -39.71 55.69
C VAL J 410 9.03 -39.63 56.95
N LEU J 411 7.96 -38.83 56.94
CA LEU J 411 6.99 -38.76 58.05
C LEU J 411 5.80 -39.74 57.91
N GLY J 412 5.78 -40.59 56.89
CA GLY J 412 4.57 -41.31 56.49
C GLY J 412 3.56 -40.38 55.81
N ARG J 413 2.45 -40.04 56.48
CA ARG J 413 1.47 -38.99 56.10
C ARG J 413 1.07 -39.02 54.61
N LYS J 414 0.74 -40.20 54.08
CA LYS J 414 0.54 -40.45 52.62
C LYS J 414 -0.59 -39.63 51.98
N ASP J 415 -1.53 -39.12 52.77
CA ASP J 415 -2.63 -38.23 52.32
C ASP J 415 -2.20 -36.78 52.07
N SER J 416 -1.00 -36.34 52.48
CA SER J 416 -0.60 -34.93 52.40
C SER J 416 -0.43 -34.42 50.96
N HIS J 417 -0.74 -33.16 50.72
CA HIS J 417 -0.89 -32.56 49.39
C HIS J 417 -0.70 -31.04 49.48
N SER J 418 -0.54 -30.36 48.35
CA SER J 418 -0.58 -28.90 48.29
C SER J 418 -1.90 -28.32 48.81
N ALA J 419 -1.88 -27.09 49.34
CA ALA J 419 -3.08 -26.35 49.72
C ALA J 419 -4.07 -26.16 48.56
N GLU J 420 -3.63 -26.34 47.32
CA GLU J 420 -4.47 -26.41 46.14
C GLU J 420 -5.63 -27.42 46.27
N PHE J 421 -5.43 -28.58 46.91
CA PHE J 421 -6.50 -29.55 47.24
C PHE J 421 -7.22 -29.11 48.54
N TYR J 422 -7.84 -27.94 48.45
CA TYR J 422 -8.42 -27.20 49.56
C TYR J 422 -9.33 -28.03 50.51
N PRO J 423 -10.31 -28.81 50.04
CA PRO J 423 -11.31 -29.43 50.93
C PRO J 423 -10.81 -30.62 51.76
N ASP J 424 -9.56 -31.06 51.61
CA ASP J 424 -8.95 -32.03 52.53
C ASP J 424 -8.62 -31.42 53.91
N ILE J 425 -8.41 -30.10 53.97
CA ILE J 425 -8.16 -29.28 55.17
C ILE J 425 -6.99 -29.78 56.05
N ASP J 426 -7.19 -30.83 56.84
CA ASP J 426 -6.26 -31.26 57.91
C ASP J 426 -4.87 -31.66 57.39
N GLU J 427 -4.78 -32.15 56.15
CA GLU J 427 -3.56 -32.68 55.52
C GLU J 427 -2.91 -31.74 54.48
N LYS J 428 -3.37 -30.49 54.37
CA LYS J 428 -2.75 -29.47 53.53
C LYS J 428 -1.32 -29.19 54.01
N ASN J 429 -0.34 -29.38 53.13
CA ASN J 429 1.08 -29.17 53.42
C ASN J 429 1.49 -27.68 53.42
N HIS J 430 0.62 -26.79 52.97
CA HIS J 430 0.88 -25.37 52.73
C HIS J 430 -0.20 -24.46 53.31
N VAL J 431 0.06 -23.15 53.37
CA VAL J 431 -0.87 -22.11 53.80
C VAL J 431 -0.83 -20.93 52.84
N VAL J 432 -1.98 -20.30 52.60
CA VAL J 432 -2.11 -19.06 51.82
C VAL J 432 -1.35 -17.91 52.49
N VAL J 433 -0.67 -17.11 51.66
CA VAL J 433 0.01 -15.88 52.07
C VAL J 433 0.02 -14.86 50.93
N PHE J 434 -1.11 -14.16 50.73
CA PHE J 434 -1.30 -13.24 49.60
C PHE J 434 -0.56 -11.88 49.75
N MET J 435 -0.19 -11.47 50.96
CA MET J 435 0.36 -10.13 51.27
C MET J 435 -0.42 -8.98 50.62
N MET J 436 -0.34 -12.00 45.88
CA MET J 436 0.90 -12.72 45.58
C MET J 436 2.14 -11.99 46.13
N ARG J 437 3.07 -12.73 46.74
CA ARG J 437 4.40 -12.20 47.12
C ARG J 437 5.24 -12.09 45.85
N LEU J 438 5.78 -10.91 45.57
CA LEU J 438 6.48 -10.55 44.32
C LEU J 438 7.76 -9.75 44.60
N GLY J 439 8.61 -9.65 43.58
CA GLY J 439 9.76 -8.73 43.55
C GLY J 439 10.91 -9.11 44.47
N LEU J 440 11.93 -8.28 44.49
CA LEU J 440 13.15 -8.50 45.25
C LEU J 440 12.85 -8.34 46.74
N ARG J 441 12.92 -9.44 47.47
CA ARG J 441 12.85 -9.46 48.94
C ARG J 441 14.11 -10.12 49.53
N PRO J 442 14.57 -9.75 50.73
CA PRO J 442 15.71 -10.41 51.36
C PRO J 442 15.40 -11.84 51.79
N THR J 443 16.41 -12.61 52.15
CA THR J 443 16.32 -13.86 52.90
C THR J 443 17.57 -14.02 53.73
N PHE J 444 17.41 -14.50 54.95
CA PHE J 444 18.43 -14.52 55.99
C PHE J 444 18.72 -15.96 56.40
N PHE J 445 19.99 -16.35 56.43
CA PHE J 445 20.35 -17.69 56.87
C PHE J 445 20.05 -17.87 58.36
N GLN J 446 19.68 -19.08 58.77
CA GLN J 446 19.49 -19.43 60.18
C GLN J 446 20.86 -19.59 60.86
N ASN J 447 21.12 -18.90 61.96
CA ASN J 447 22.49 -18.55 62.40
C ASN J 447 23.42 -19.72 62.79
N GLU J 448 22.90 -20.93 62.95
CA GLU J 448 23.64 -22.15 63.32
C GLU J 448 24.13 -22.97 62.11
N THR J 449 23.58 -22.75 60.90
CA THR J 449 23.70 -23.69 59.76
C THR J 449 25.02 -23.59 59.00
N GLU J 450 26.15 -23.58 59.72
CA GLU J 450 27.51 -23.49 59.17
C GLU J 450 27.91 -24.68 58.29
N TRP J 451 27.23 -25.82 58.43
CA TRP J 451 27.44 -27.03 57.64
C TRP J 451 26.94 -26.92 56.20
N SER J 452 26.01 -26.01 55.92
CA SER J 452 25.23 -25.93 54.68
C SER J 452 26.09 -25.80 53.43
N GLN J 453 25.80 -26.60 52.41
CA GLN J 453 26.43 -26.47 51.10
C GLN J 453 25.99 -25.18 50.41
N ILE J 454 24.71 -24.83 50.46
CA ILE J 454 24.21 -23.64 49.75
C ILE J 454 24.73 -22.34 50.38
N LYS J 455 24.70 -22.20 51.71
CA LYS J 455 25.20 -20.96 52.32
C LYS J 455 26.72 -20.81 52.21
N LYS J 456 27.45 -21.88 51.89
CA LYS J 456 28.85 -21.80 51.47
C LYS J 456 28.98 -21.19 50.08
N LEU J 457 28.17 -21.59 49.10
CA LEU J 457 28.20 -21.01 47.75
C LEU J 457 27.92 -19.50 47.74
N TYR J 458 27.03 -19.02 48.63
CA TYR J 458 26.80 -17.59 48.88
C TYR J 458 27.93 -16.85 49.64
N GLY J 459 29.12 -17.45 49.73
CA GLY J 459 30.32 -16.79 50.22
C GLY J 459 30.34 -16.47 51.71
N ASP J 460 29.54 -17.16 52.50
CA ASP J 460 29.32 -16.89 53.94
C ASP J 460 28.72 -15.49 54.25
N VAL J 461 28.13 -14.83 53.26
CA VAL J 461 27.38 -13.58 53.46
C VAL J 461 26.13 -13.83 54.32
N SER J 462 25.76 -12.88 55.18
CA SER J 462 24.68 -12.99 56.16
C SER J 462 23.26 -13.09 55.57
N GLU J 463 23.03 -12.51 54.39
CA GLU J 463 21.75 -12.53 53.71
C GLU J 463 21.88 -12.46 52.19
N VAL J 464 20.77 -12.74 51.52
CA VAL J 464 20.60 -12.73 50.06
C VAL J 464 19.33 -11.97 49.69
N HIS J 465 19.20 -11.52 48.43
CA HIS J 465 18.01 -10.83 47.94
C HIS J 465 17.54 -11.49 46.65
N GLU J 466 16.25 -11.82 46.53
CA GLU J 466 15.77 -12.75 45.50
C GLU J 466 14.35 -12.44 45.03
N ARG J 467 13.98 -12.94 43.85
CA ARG J 467 12.65 -12.73 43.24
C ARG J 467 11.64 -13.82 43.62
N HIS J 468 10.41 -13.39 43.86
CA HIS J 468 9.31 -14.24 44.35
C HIS J 468 8.07 -14.13 43.44
N ARG J 469 7.19 -15.13 43.44
CA ARG J 469 5.93 -15.13 42.66
C ARG J 469 4.84 -16.00 43.28
N HIS J 470 4.85 -16.19 44.59
CA HIS J 470 4.11 -17.29 45.22
C HIS J 470 2.91 -16.81 46.01
N ARG J 471 1.85 -17.62 45.99
CA ARG J 471 0.65 -17.44 46.85
C ARG J 471 0.55 -18.43 48.02
N TYR J 472 1.34 -19.51 48.02
CA TYR J 472 1.36 -20.50 49.09
C TYR J 472 2.72 -20.54 49.76
N GLU J 473 2.76 -20.90 51.04
CA GLU J 473 4.00 -21.27 51.73
C GLU J 473 3.81 -22.54 52.54
N ILE J 474 4.89 -23.22 52.91
CA ILE J 474 4.80 -24.42 53.76
C ILE J 474 4.21 -24.02 55.10
N ASN J 475 3.31 -24.83 55.62
CA ASN J 475 2.55 -24.50 56.83
C ASN J 475 3.49 -24.42 58.05
N PRO J 476 3.68 -23.26 58.71
CA PRO J 476 4.64 -23.10 59.81
C PRO J 476 4.46 -24.10 60.94
N LYS J 477 3.23 -24.55 61.17
CA LYS J 477 2.88 -25.57 62.17
C LYS J 477 3.71 -26.85 62.03
N MET J 478 4.02 -27.26 60.80
CA MET J 478 4.77 -28.47 60.50
C MET J 478 6.29 -28.29 60.53
N VAL J 479 6.81 -27.07 60.43
CA VAL J 479 8.23 -26.83 60.13
C VAL J 479 9.16 -27.36 61.21
N ASP J 480 8.77 -27.36 62.48
CA ASP J 480 9.58 -27.98 63.53
C ASP J 480 9.77 -29.49 63.30
N GLU J 481 8.74 -30.18 62.83
CA GLU J 481 8.77 -31.61 62.55
C GLU J 481 9.74 -31.92 61.41
N LEU J 482 9.70 -31.12 60.35
CA LEU J 482 10.60 -31.20 59.21
C LEU J 482 12.04 -30.85 59.61
N GLU J 483 12.27 -29.78 60.38
CA GLU J 483 13.60 -29.43 60.89
C GLU J 483 14.18 -30.54 61.79
N ASN J 484 13.39 -31.12 62.69
CA ASN J 484 13.79 -32.21 63.57
C ASN J 484 14.10 -33.52 62.82
N ASN J 485 13.39 -33.80 61.72
CA ASN J 485 13.66 -34.95 60.87
C ASN J 485 14.80 -34.74 59.85
N GLY J 486 15.28 -33.52 59.66
CA GLY J 486 16.50 -33.23 58.90
C GLY J 486 16.31 -32.42 57.62
N LEU J 487 15.07 -32.08 57.24
CA LEU J 487 14.75 -31.18 56.14
C LEU J 487 14.94 -29.72 56.60
N ILE J 488 16.16 -29.34 56.94
CA ILE J 488 16.46 -28.10 57.67
C ILE J 488 16.20 -26.88 56.77
N PHE J 489 15.32 -25.97 57.20
CA PHE J 489 15.05 -24.72 56.48
C PHE J 489 16.16 -23.69 56.72
N VAL J 490 17.26 -23.81 55.98
CA VAL J 490 18.48 -23.01 56.18
C VAL J 490 18.33 -21.51 55.90
N GLY J 491 17.23 -21.05 55.30
CA GLY J 491 16.95 -19.64 55.10
C GLY J 491 15.48 -19.30 55.28
N LYS J 492 15.21 -18.19 55.94
CA LYS J 492 13.86 -17.66 56.16
C LYS J 492 13.84 -16.15 55.93
N ASP J 493 12.65 -15.58 55.94
CA ASP J 493 12.41 -14.16 55.73
C ASP J 493 12.79 -13.31 56.95
N ASP J 494 12.57 -12.00 56.82
CA ASP J 494 12.73 -11.03 57.91
C ASP J 494 11.99 -11.41 59.21
N THR J 495 10.74 -11.90 59.11
CA THR J 495 9.94 -12.28 60.30
C THR J 495 10.35 -13.64 60.89
N GLY J 496 10.97 -14.51 60.10
CA GLY J 496 11.25 -15.91 60.47
C GLY J 496 10.03 -16.83 60.37
N LYS J 497 8.89 -16.34 59.88
CA LYS J 497 7.67 -17.13 59.69
C LYS J 497 7.65 -17.87 58.35
N ARG J 498 8.37 -17.39 57.33
CA ARG J 498 8.26 -17.85 55.93
C ARG J 498 9.41 -18.76 55.52
N CYS J 499 9.10 -19.86 54.85
CA CYS J 499 10.06 -20.86 54.40
C CYS J 499 10.72 -20.45 53.07
N GLU J 500 11.94 -19.91 53.10
CA GLU J 500 12.58 -19.37 51.89
C GLU J 500 13.56 -20.36 51.24
N ILE J 501 14.29 -21.14 52.05
CA ILE J 501 15.24 -22.15 51.60
C ILE J 501 15.14 -23.39 52.48
N LEU J 502 15.26 -24.58 51.89
CA LEU J 502 15.59 -25.81 52.60
C LEU J 502 16.83 -26.49 52.02
N GLU J 503 17.55 -27.19 52.89
CA GLU J 503 18.59 -28.15 52.56
C GLU J 503 18.38 -29.40 53.41
N LEU J 504 18.38 -30.57 52.80
CA LEU J 504 18.32 -31.83 53.52
C LEU J 504 19.70 -32.13 54.12
N LYS J 505 19.78 -32.20 55.45
CA LYS J 505 21.01 -32.49 56.21
C LYS J 505 21.62 -33.81 55.76
N ASN J 506 22.93 -33.82 55.52
CA ASN J 506 23.72 -35.01 55.13
C ASN J 506 23.20 -35.70 53.85
N HIS J 507 23.06 -34.92 52.79
CA HIS J 507 22.90 -35.37 51.40
C HIS J 507 23.87 -34.58 50.50
N PRO J 508 24.49 -35.14 49.44
CA PRO J 508 25.50 -34.45 48.65
C PRO J 508 25.10 -33.10 48.08
N TYR J 509 23.85 -32.93 47.64
CA TYR J 509 23.27 -31.65 47.23
C TYR J 509 21.75 -31.79 47.03
N TYR J 510 20.95 -31.46 48.03
CA TYR J 510 19.49 -31.48 47.90
C TYR J 510 18.95 -30.21 48.49
N ILE J 511 18.67 -29.29 47.57
CA ILE J 511 18.28 -27.93 47.84
C ILE J 511 16.89 -27.68 47.29
N ALA J 512 16.13 -26.84 47.95
CA ALA J 512 15.07 -26.12 47.27
C ALA J 512 14.96 -24.66 47.74
N THR J 513 14.40 -23.81 46.87
CA THR J 513 14.19 -22.39 47.11
C THR J 513 12.73 -22.06 46.83
N GLN J 514 12.10 -21.27 47.67
CA GLN J 514 10.76 -20.77 47.36
C GLN J 514 10.79 -19.72 46.24
N TYR J 515 11.83 -18.90 46.24
CA TYR J 515 12.12 -17.93 45.18
C TYR J 515 12.57 -18.58 43.87
N HIS J 516 12.67 -17.75 42.83
CA HIS J 516 13.11 -18.07 41.46
C HIS J 516 14.50 -17.51 41.15
N PRO J 517 15.58 -18.22 41.54
CA PRO J 517 16.96 -17.73 41.39
C PRO J 517 17.38 -17.49 39.93
N GLU J 518 16.74 -18.14 38.97
CA GLU J 518 16.94 -17.93 37.54
C GLU J 518 16.56 -16.51 37.10
N TYR J 519 15.84 -15.77 37.92
CA TYR J 519 15.62 -14.34 37.69
C TYR J 519 16.81 -13.47 38.10
N THR J 520 17.91 -14.05 38.58
CA THR J 520 19.12 -13.27 38.87
C THR J 520 20.42 -13.96 38.48
N SER J 521 20.34 -15.06 37.72
CA SER J 521 21.51 -15.64 37.06
C SER J 521 22.08 -14.71 35.98
N LYS J 522 23.38 -14.40 36.02
CA LYS J 522 24.09 -13.59 35.02
C LYS J 522 25.19 -14.41 34.36
N VAL J 523 25.56 -14.07 33.12
CA VAL J 523 26.54 -14.83 32.32
C VAL J 523 27.91 -14.91 33.01
N LEU J 524 28.31 -13.83 33.69
CA LEU J 524 29.58 -13.79 34.45
C LEU J 524 29.41 -13.95 35.97
N ASP J 525 28.17 -13.95 36.48
CA ASP J 525 27.82 -14.23 37.88
C ASP J 525 26.62 -15.18 37.94
N PRO J 526 26.84 -16.50 37.88
CA PRO J 526 25.75 -17.48 37.89
C PRO J 526 25.00 -17.50 39.25
N SER J 527 23.68 -17.71 39.22
CA SER J 527 22.84 -17.76 40.43
C SER J 527 23.19 -19.01 41.28
N LYS J 528 23.60 -18.82 42.53
CA LYS J 528 24.23 -19.86 43.35
C LYS J 528 23.48 -21.21 43.44
N PRO J 529 22.15 -21.29 43.57
CA PRO J 529 21.44 -22.58 43.69
C PRO J 529 21.57 -23.47 42.45
N PHE J 530 21.63 -22.85 41.28
CA PHE J 530 21.91 -23.55 40.04
C PHE J 530 23.38 -23.88 39.90
N LEU J 531 24.32 -23.00 40.31
CA LEU J 531 25.73 -23.37 40.28
C LEU J 531 25.99 -24.63 41.10
N GLY J 532 25.42 -24.72 42.29
CA GLY J 532 25.51 -25.92 43.12
C GLY J 532 24.94 -27.17 42.46
N LEU J 533 23.78 -27.07 41.80
CA LEU J 533 23.19 -28.20 41.07
C LEU J 533 24.11 -28.70 39.97
N VAL J 534 24.68 -27.84 39.14
CA VAL J 534 25.60 -28.29 38.10
C VAL J 534 26.87 -28.83 38.73
N ALA J 535 27.49 -28.12 39.66
CA ALA J 535 28.75 -28.53 40.25
C ALA J 535 28.64 -29.87 40.99
N ALA J 536 27.56 -30.15 41.70
CA ALA J 536 27.35 -31.44 42.32
C ALA J 536 27.02 -32.52 41.28
N SER J 537 26.31 -32.21 40.21
CA SER J 537 26.10 -33.15 39.10
C SER J 537 27.42 -33.54 38.43
N ALA J 538 28.35 -32.60 38.32
CA ALA J 538 29.73 -32.81 37.91
C ALA J 538 30.63 -33.49 38.97
N GLY J 539 30.14 -33.63 40.20
CA GLY J 539 30.90 -34.21 41.31
C GLY J 539 32.07 -33.35 41.79
N ILE J 540 32.00 -32.04 41.54
CA ILE J 540 33.08 -31.07 41.77
C ILE J 540 32.72 -29.96 42.77
N LEU J 541 31.56 -30.07 43.42
CA LEU J 541 30.96 -29.02 44.27
C LEU J 541 31.93 -28.44 45.29
N GLN J 542 32.69 -29.29 45.98
CA GLN J 542 33.69 -28.86 46.96
C GLN J 542 34.67 -27.84 46.37
N ASP J 543 35.17 -28.11 45.17
CA ASP J 543 36.25 -27.37 44.55
C ASP J 543 35.77 -26.05 43.95
N VAL J 544 34.51 -26.01 43.52
CA VAL J 544 33.81 -24.77 43.13
C VAL J 544 33.63 -23.85 44.33
N ILE J 545 33.26 -24.40 45.50
CA ILE J 545 33.15 -23.62 46.73
C ILE J 545 34.52 -23.12 47.20
N GLU J 546 35.54 -23.97 47.12
CA GLU J 546 36.92 -23.63 47.47
C GLU J 546 37.59 -22.65 46.48
N GLY J 547 37.06 -22.49 45.27
CA GLY J 547 37.43 -21.43 44.33
C GLY J 547 38.27 -21.86 43.13
N LYS J 548 38.31 -23.15 42.76
CA LYS J 548 39.06 -23.69 41.62
C LYS J 548 38.51 -23.30 40.23
N TYR J 549 37.49 -22.45 40.16
CA TYR J 549 36.76 -22.12 38.94
C TYR J 549 36.32 -20.65 38.81
N ASP J 550 36.77 -19.73 39.67
CA ASP J 550 36.62 -18.30 39.43
C ASP J 550 37.41 -17.84 38.18
N LEU J 551 36.90 -16.84 37.46
CA LEU J 551 37.35 -16.56 36.09
C LEU J 551 38.63 -15.69 36.01
N GLU J 552 39.06 -15.10 37.12
CA GLU J 552 40.30 -14.32 37.26
C GLU J 552 40.99 -14.67 38.60
N ALA J 553 42.32 -14.79 38.65
CA ALA J 553 43.02 -15.15 39.90
C ALA J 553 42.85 -14.08 40.99
N MET K 1 26.75 17.02 -12.32
CA MET K 1 25.70 17.95 -12.79
C MET K 1 24.58 18.06 -11.77
N LYS K 2 23.89 19.20 -11.68
CA LYS K 2 22.75 19.40 -10.79
C LYS K 2 21.44 18.98 -11.46
N TYR K 3 20.46 18.56 -10.66
CA TYR K 3 19.16 18.16 -11.20
C TYR K 3 18.00 18.55 -10.27
N VAL K 4 16.82 18.86 -10.81
CA VAL K 4 15.62 19.19 -10.03
C VAL K 4 14.44 18.41 -10.57
N VAL K 5 13.90 17.45 -9.83
CA VAL K 5 12.63 16.82 -10.20
C VAL K 5 11.47 17.74 -9.86
N VAL K 6 10.47 17.81 -10.73
CA VAL K 6 9.13 18.30 -10.43
C VAL K 6 8.16 17.17 -10.68
N SER K 7 7.33 16.84 -9.70
CA SER K 7 6.47 15.65 -9.74
C SER K 7 5.18 15.83 -8.94
N GLY K 8 4.28 14.86 -8.93
CA GLY K 8 3.39 14.67 -7.77
C GLY K 8 1.88 14.90 -7.92
N GLY K 9 1.22 14.90 -6.76
CA GLY K 9 -0.18 15.27 -6.55
C GLY K 9 -1.15 14.10 -6.41
N VAL K 10 -2.38 14.36 -5.96
CA VAL K 10 -3.52 13.42 -6.04
C VAL K 10 -4.32 13.51 -7.35
N ILE K 11 -3.99 14.42 -8.25
CA ILE K 11 -4.70 14.65 -9.52
C ILE K 11 -3.70 15.00 -10.62
N SER K 12 -3.96 14.56 -11.83
CA SER K 12 -3.32 15.12 -13.02
C SER K 12 -3.93 16.50 -13.33
N GLY K 13 -3.16 17.44 -13.86
CA GLY K 13 -3.63 18.82 -14.15
C GLY K 13 -3.42 19.83 -13.02
N ILE K 14 -2.65 19.47 -12.00
CA ILE K 14 -2.42 20.27 -10.80
C ILE K 14 -1.59 21.54 -10.99
N GLY K 15 -0.71 21.62 -12.00
CA GLY K 15 0.13 22.81 -12.25
C GLY K 15 1.62 22.60 -12.53
N LYS K 16 2.11 21.40 -12.76
CA LYS K 16 3.52 21.03 -12.88
C LYS K 16 4.33 21.95 -13.79
N GLY K 17 4.11 21.96 -15.08
CA GLY K 17 4.84 22.72 -16.06
C GLY K 17 5.19 24.14 -15.72
N VAL K 18 4.29 24.93 -15.16
CA VAL K 18 4.43 26.32 -14.72
C VAL K 18 5.39 26.35 -13.54
N LEU K 19 5.38 25.36 -12.68
CA LEU K 19 6.26 25.16 -11.53
C LEU K 19 7.60 24.66 -12.03
N ALA K 20 7.66 24.02 -13.17
CA ALA K 20 8.81 23.40 -13.80
C ALA K 20 9.65 24.43 -14.54
N SER K 21 9.24 24.86 -15.72
CA SER K 21 9.96 25.80 -16.56
C SER K 21 10.11 27.06 -15.75
N SER K 22 9.09 27.52 -15.09
CA SER K 22 9.25 28.67 -14.18
C SER K 22 10.37 28.53 -13.14
N THR K 23 10.65 27.38 -12.58
CA THR K 23 11.76 27.06 -11.70
C THR K 23 13.02 27.17 -12.52
N GLY K 24 13.01 26.69 -13.74
CA GLY K 24 14.10 26.71 -14.67
C GLY K 24 14.46 28.06 -15.22
N MET K 25 13.51 28.97 -15.34
CA MET K 25 13.76 30.36 -15.70
C MET K 25 14.60 31.00 -14.60
N LEU K 26 14.20 30.70 -13.37
CA LEU K 26 14.86 31.21 -12.21
C LEU K 26 16.28 30.66 -12.10
N MET K 27 16.54 29.43 -12.53
CA MET K 27 17.92 28.93 -12.53
C MET K 27 18.78 29.79 -13.47
N LYS K 28 18.24 30.21 -14.61
CA LYS K 28 18.89 31.14 -15.53
C LYS K 28 19.12 32.54 -14.95
N THR K 29 18.26 32.96 -14.03
CA THR K 29 18.43 34.20 -13.29
C THR K 29 19.76 34.22 -12.54
N LEU K 30 20.18 33.07 -12.02
CA LEU K 30 21.46 32.94 -11.36
C LEU K 30 22.63 32.94 -12.37
N GLY K 31 22.34 33.00 -13.67
CA GLY K 31 23.30 32.98 -14.77
C GLY K 31 23.58 31.60 -15.33
N LEU K 32 22.83 30.58 -14.89
CA LEU K 32 23.14 29.16 -15.14
C LEU K 32 22.82 28.72 -16.57
N LYS K 33 23.59 27.74 -17.09
CA LYS K 33 23.20 26.96 -18.27
C LYS K 33 22.12 25.98 -17.87
N VAL K 34 20.99 25.96 -18.56
CA VAL K 34 19.82 25.19 -18.08
C VAL K 34 19.19 24.37 -19.18
N THR K 35 18.64 23.22 -18.82
CA THR K 35 17.96 22.29 -19.72
C THR K 35 16.74 21.69 -19.03
N SER K 36 15.91 20.99 -19.77
CA SER K 36 14.69 20.40 -19.24
C SER K 36 14.34 19.09 -19.92
N ILE K 37 13.82 18.11 -19.21
CA ILE K 37 13.35 16.85 -19.75
C ILE K 37 11.93 16.62 -19.29
N LYS K 38 11.01 16.29 -20.17
CA LYS K 38 9.68 15.87 -19.74
C LYS K 38 9.55 14.37 -19.90
N ILE K 39 9.21 13.74 -18.80
CA ILE K 39 8.94 12.33 -18.72
C ILE K 39 7.44 12.15 -18.83
N ASP K 40 7.00 11.47 -19.87
CA ASP K 40 5.59 11.21 -20.14
C ASP K 40 5.18 9.78 -19.88
N PRO K 41 4.17 9.56 -19.03
CA PRO K 41 3.76 8.19 -18.79
C PRO K 41 2.97 7.54 -19.93
N TYR K 42 2.52 8.28 -20.93
CA TYR K 42 1.77 7.66 -22.04
C TYR K 42 2.65 6.78 -22.94
N MET K 43 2.00 5.94 -23.73
CA MET K 43 2.69 4.95 -24.58
C MET K 43 2.91 5.35 -26.04
N ASN K 44 2.43 6.48 -26.50
CA ASN K 44 2.85 6.98 -27.80
C ASN K 44 4.36 7.27 -27.77
N ILE K 45 5.07 6.85 -28.81
CA ILE K 45 6.50 7.19 -28.95
C ILE K 45 6.70 8.66 -29.32
N ASP K 46 5.77 9.24 -30.08
CA ASP K 46 5.77 10.64 -30.48
C ASP K 46 4.35 11.15 -30.80
N ALA K 47 4.20 12.46 -30.95
CA ALA K 47 2.91 13.07 -31.28
C ALA K 47 2.55 12.98 -32.77
N GLY K 48 3.42 12.42 -33.62
CA GLY K 48 3.14 12.35 -35.05
C GLY K 48 1.94 11.46 -35.38
N THR K 49 1.71 10.42 -34.58
CA THR K 49 0.50 9.60 -34.66
C THR K 49 -0.72 10.26 -34.01
N MET K 50 -0.51 11.24 -33.13
CA MET K 50 -1.56 11.81 -32.31
C MET K 50 -2.28 12.94 -33.03
N SER K 51 -3.57 12.73 -33.33
CA SER K 51 -4.44 13.76 -33.90
C SER K 51 -4.63 14.92 -32.92
N PRO K 52 -4.53 16.20 -33.32
CA PRO K 52 -4.61 17.35 -32.40
C PRO K 52 -5.91 17.49 -31.59
N LEU K 53 -6.95 16.72 -31.92
CA LEU K 53 -8.21 16.63 -31.17
C LEU K 53 -8.01 16.30 -29.69
N GLU K 54 -7.03 15.46 -29.38
CA GLU K 54 -6.74 15.01 -28.03
C GLU K 54 -5.24 15.00 -27.79
N HIS K 55 -4.86 15.36 -26.57
CA HIS K 55 -3.51 15.84 -26.21
C HIS K 55 -3.07 17.12 -26.96
N GLY K 56 -3.90 17.66 -27.85
CA GLY K 56 -3.68 18.95 -28.46
C GLY K 56 -2.58 18.99 -29.52
N GLU K 57 -2.11 20.21 -29.74
CA GLU K 57 -1.14 20.64 -30.74
C GLU K 57 0.20 19.86 -30.75
N CYS K 58 0.57 19.24 -31.87
CA CYS K 58 1.87 18.55 -32.03
C CYS K 58 3.02 19.57 -32.10
N PHE K 59 3.65 19.92 -30.98
CA PHE K 59 4.73 20.92 -30.96
C PHE K 59 5.92 20.48 -31.81
N VAL K 60 6.57 21.40 -32.51
CA VAL K 60 7.69 21.02 -33.39
C VAL K 60 9.08 21.64 -33.09
N LEU K 61 10.02 20.75 -33.02
CA LEU K 61 11.41 21.04 -32.73
C LEU K 61 12.13 21.73 -33.88
N ASP K 62 13.26 22.31 -33.54
CA ASP K 62 14.36 22.58 -34.45
C ASP K 62 14.73 21.32 -35.27
N ASP K 63 14.95 20.18 -34.59
CA ASP K 63 15.18 18.86 -35.22
C ASP K 63 13.94 18.25 -35.90
N GLY K 64 12.80 18.94 -35.94
CA GLY K 64 11.64 18.55 -36.74
C GLY K 64 10.82 17.35 -36.25
N GLY K 65 11.11 16.85 -35.05
CA GLY K 65 10.24 15.91 -34.36
C GLY K 65 8.94 16.56 -33.88
N GLU K 66 7.81 15.89 -34.13
CA GLU K 66 6.50 16.19 -33.53
C GLU K 66 6.45 15.69 -32.09
N THR K 67 6.79 16.57 -31.17
CA THR K 67 6.89 16.30 -29.70
C THR K 67 5.58 16.46 -28.97
N ASP K 68 5.60 16.02 -27.70
CA ASP K 68 4.70 16.54 -26.69
C ASP K 68 4.63 18.07 -26.76
N LEU K 69 3.42 18.58 -26.65
CA LEU K 69 3.15 20.00 -26.66
C LEU K 69 3.94 20.75 -25.59
N ASP K 70 3.97 20.21 -24.37
CA ASP K 70 4.44 20.95 -23.21
C ASP K 70 5.92 21.32 -23.27
N LEU K 71 6.73 20.62 -24.10
CA LEU K 71 8.10 21.05 -24.34
C LEU K 71 8.20 22.50 -24.81
N GLY K 72 7.22 22.95 -25.60
CA GLY K 72 7.14 24.35 -25.98
C GLY K 72 7.19 25.26 -24.76
N ASN K 73 6.56 24.88 -23.65
CA ASN K 73 6.50 25.67 -22.43
C ASN K 73 7.92 25.92 -21.93
N TYR K 74 8.88 25.05 -22.19
CA TYR K 74 10.28 25.06 -21.77
C TYR K 74 11.15 25.83 -22.72
N GLU K 75 10.79 25.84 -24.00
CA GLU K 75 11.60 26.57 -24.96
C GLU K 75 11.36 28.06 -24.69
N ARG K 76 10.10 28.40 -24.38
CA ARG K 76 9.61 29.74 -24.04
C ARG K 76 10.27 30.32 -22.78
N TYR K 77 10.18 29.56 -21.69
CA TYR K 77 10.54 30.01 -20.35
C TYR K 77 12.04 30.00 -20.06
N LEU K 78 12.83 29.23 -20.82
CA LEU K 78 14.27 29.08 -20.72
C LEU K 78 15.02 29.76 -21.85
N GLY K 79 14.48 29.75 -23.07
CA GLY K 79 15.20 30.22 -24.25
C GLY K 79 16.24 29.20 -24.69
N VAL K 80 15.78 27.97 -24.97
CA VAL K 80 16.64 26.82 -25.31
C VAL K 80 16.09 26.05 -26.49
N THR K 81 16.96 25.41 -27.26
CA THR K 81 16.57 24.48 -28.32
C THR K 81 16.67 23.06 -27.80
N LEU K 82 15.53 22.42 -27.56
CA LEU K 82 15.50 21.01 -27.16
C LEU K 82 15.59 20.09 -28.38
N THR K 83 15.56 18.78 -28.14
CA THR K 83 15.67 17.74 -29.19
C THR K 83 14.63 16.65 -28.98
N LYS K 84 14.45 15.74 -29.94
CA LYS K 84 13.47 14.65 -29.85
C LYS K 84 13.71 13.74 -28.64
N ASP K 85 14.94 13.69 -28.12
CA ASP K 85 15.30 12.90 -26.93
C ASP K 85 14.87 13.54 -25.60
N HIS K 86 14.62 14.85 -25.52
CA HIS K 86 14.18 15.50 -24.28
C HIS K 86 12.76 15.17 -23.87
N ASN K 87 12.00 14.48 -24.70
CA ASN K 87 10.69 13.97 -24.35
C ASN K 87 10.77 12.46 -24.18
N ILE K 88 11.11 12.02 -22.97
CA ILE K 88 11.06 10.62 -22.58
C ILE K 88 9.58 10.21 -22.55
N THR K 89 9.21 9.06 -23.09
CA THR K 89 7.85 8.53 -22.95
C THR K 89 7.88 7.05 -22.65
N THR K 90 6.82 6.52 -22.06
CA THR K 90 6.76 5.08 -21.74
C THR K 90 6.88 4.22 -22.99
N GLY K 91 6.28 4.63 -24.10
CA GLY K 91 6.45 3.91 -25.36
C GLY K 91 7.85 4.01 -25.94
N LYS K 92 8.54 5.12 -25.72
CA LYS K 92 9.89 5.35 -26.21
C LYS K 92 10.90 4.49 -25.48
N ILE K 93 10.79 4.39 -24.16
CA ILE K 93 11.76 3.62 -23.37
C ILE K 93 11.49 2.13 -23.40
N TYR K 94 10.26 1.63 -23.41
CA TYR K 94 10.06 0.21 -23.69
C TYR K 94 10.58 -0.18 -25.06
N SER K 95 10.43 0.63 -26.10
CA SER K 95 10.98 0.35 -27.43
C SER K 95 12.49 0.27 -27.42
N HIS K 96 13.18 1.17 -26.72
CA HIS K 96 14.64 1.21 -26.67
C HIS K 96 15.23 0.00 -25.96
N VAL K 97 14.69 -0.39 -24.81
CA VAL K 97 15.12 -1.62 -24.13
C VAL K 97 14.74 -2.88 -24.92
N ILE K 98 13.55 -2.96 -25.52
CA ILE K 98 13.18 -4.09 -26.39
C ILE K 98 14.07 -4.16 -27.63
N ALA K 99 14.56 -3.05 -28.19
CA ALA K 99 15.51 -3.12 -29.29
C ALA K 99 16.82 -3.79 -28.85
N LYS K 100 17.38 -3.33 -27.73
CA LYS K 100 18.58 -3.93 -27.14
C LYS K 100 18.38 -5.40 -26.77
N GLU K 101 17.18 -5.83 -26.38
CA GLU K 101 16.85 -7.25 -26.12
C GLU K 101 16.98 -8.13 -27.36
N ARG K 102 16.52 -7.69 -28.53
CA ARG K 102 16.62 -8.48 -29.79
C ARG K 102 17.97 -8.35 -30.48
N LYS K 103 18.66 -7.22 -30.32
CA LYS K 103 20.07 -7.09 -30.70
C LYS K 103 20.97 -7.95 -29.80
N GLY K 104 20.53 -8.25 -28.59
CA GLY K 104 21.24 -9.13 -27.65
C GLY K 104 22.25 -8.38 -26.78
N ASP K 105 22.10 -7.07 -26.58
CA ASP K 105 23.05 -6.26 -25.81
C ASP K 105 23.08 -6.60 -24.31
N TYR K 106 22.09 -7.36 -23.82
CA TYR K 106 22.06 -7.92 -22.47
C TYR K 106 22.82 -9.24 -22.32
N LEU K 107 23.63 -9.67 -23.30
CA LEU K 107 24.51 -10.84 -23.19
C LEU K 107 23.76 -12.10 -22.73
N GLY K 108 22.54 -12.28 -23.24
CA GLY K 108 21.69 -13.42 -22.95
C GLY K 108 21.16 -13.52 -21.52
N LYS K 109 21.36 -12.53 -20.65
CA LYS K 109 20.64 -12.44 -19.37
C LYS K 109 19.14 -12.31 -19.65
N THR K 110 18.26 -12.65 -18.72
CA THR K 110 16.88 -12.15 -18.78
C THR K 110 16.89 -10.66 -18.43
N VAL K 111 16.04 -9.88 -19.09
CA VAL K 111 15.96 -8.44 -18.93
C VAL K 111 14.67 -8.09 -18.21
N GLN K 112 14.77 -7.24 -17.20
CA GLN K 112 13.77 -7.07 -16.16
C GLN K 112 13.39 -5.60 -16.02
N ILE K 113 12.21 -5.28 -15.50
CA ILE K 113 11.87 -3.87 -15.28
C ILE K 113 12.80 -3.27 -14.24
N VAL K 114 13.18 -4.01 -13.21
CA VAL K 114 14.28 -3.66 -12.29
C VAL K 114 15.30 -4.78 -12.29
N PRO K 115 16.60 -4.54 -12.51
CA PRO K 115 17.24 -3.23 -12.67
C PRO K 115 17.38 -2.75 -14.12
N HIS K 116 17.16 -3.57 -15.16
CA HIS K 116 17.56 -3.17 -16.51
C HIS K 116 16.80 -1.96 -17.06
N LEU K 117 15.47 -1.95 -17.02
CA LEU K 117 14.73 -0.78 -17.51
C LEU K 117 14.91 0.45 -16.61
N THR K 118 14.99 0.30 -15.29
CA THR K 118 15.27 1.46 -14.43
C THR K 118 16.68 2.00 -14.59
N ASN K 119 17.65 1.17 -14.99
CA ASN K 119 18.95 1.64 -15.45
C ASN K 119 18.81 2.39 -16.78
N ALA K 120 18.04 1.89 -17.74
CA ALA K 120 17.86 2.57 -19.01
C ALA K 120 17.33 4.00 -18.83
N ILE K 121 16.33 4.20 -17.98
CA ILE K 121 15.78 5.52 -17.69
C ILE K 121 16.85 6.43 -17.08
N GLN K 122 17.63 6.00 -16.09
CA GLN K 122 18.73 6.79 -15.54
C GLN K 122 19.80 7.11 -16.59
N ASP K 123 20.15 6.13 -17.41
CA ASP K 123 21.15 6.31 -18.47
C ASP K 123 20.63 7.26 -19.56
N TRP K 124 19.32 7.35 -19.80
CA TRP K 124 18.70 8.33 -20.68
C TRP K 124 18.73 9.73 -20.09
N ILE K 125 18.30 9.93 -18.85
CA ILE K 125 18.32 11.24 -18.20
C ILE K 125 19.72 11.81 -18.16
N GLU K 126 20.73 11.07 -17.70
CA GLU K 126 22.09 11.58 -17.66
C GLU K 126 22.71 11.70 -19.06
N ARG K 127 22.25 10.94 -20.07
CA ARG K 127 22.67 11.15 -21.47
C ARG K 127 22.19 12.49 -21.94
N VAL K 128 20.88 12.71 -21.89
CA VAL K 128 20.25 13.91 -22.44
C VAL K 128 20.67 15.17 -21.71
N ALA K 129 20.91 15.11 -20.40
CA ALA K 129 21.36 16.26 -19.62
C ALA K 129 22.77 16.77 -20.00
N LYS K 130 23.55 16.03 -20.80
CA LYS K 130 24.81 16.52 -21.38
C LYS K 130 24.62 17.46 -22.57
N ILE K 131 23.53 17.33 -23.33
CA ILE K 131 23.33 18.01 -24.61
C ILE K 131 23.30 19.54 -24.41
N PRO K 132 24.08 20.34 -25.17
CA PRO K 132 24.19 21.78 -24.99
C PRO K 132 23.03 22.53 -25.67
N VAL K 133 21.88 22.62 -25.00
CA VAL K 133 20.66 23.24 -25.54
C VAL K 133 20.66 24.77 -25.53
N ASP K 134 21.68 25.37 -24.91
CA ASP K 134 21.74 26.77 -24.50
C ASP K 134 22.52 27.67 -25.49
N ASP K 135 22.57 28.98 -25.24
CA ASP K 135 23.18 29.99 -26.13
C ASP K 135 24.71 29.93 -26.29
N THR K 136 25.37 28.95 -25.69
CA THR K 136 26.75 28.57 -26.00
C THR K 136 26.91 27.06 -25.78
N GLY K 137 27.82 26.43 -26.52
CA GLY K 137 27.92 24.98 -26.65
C GLY K 137 28.37 24.19 -25.41
N MET K 138 28.46 24.80 -24.23
CA MET K 138 28.75 24.07 -22.99
C MET K 138 27.56 23.23 -22.51
N GLU K 139 27.87 22.12 -21.86
CA GLU K 139 26.84 21.29 -21.24
C GLU K 139 26.08 22.04 -20.12
N PRO K 140 24.77 21.83 -19.95
CA PRO K 140 23.99 22.47 -18.90
C PRO K 140 24.50 22.22 -17.48
N ASP K 141 24.28 23.20 -16.61
CA ASP K 141 24.66 23.12 -15.20
C ASP K 141 23.57 22.43 -14.38
N VAL K 142 22.31 22.70 -14.75
CA VAL K 142 21.12 22.14 -14.09
C VAL K 142 20.13 21.60 -15.11
N CYS K 143 19.49 20.50 -14.77
CA CYS K 143 18.40 19.92 -15.57
C CYS K 143 17.11 19.87 -14.76
N ILE K 144 16.02 20.43 -15.27
CA ILE K 144 14.69 20.33 -14.67
C ILE K 144 14.00 19.09 -15.24
N ILE K 145 13.67 18.10 -14.42
CA ILE K 145 13.02 16.87 -14.87
C ILE K 145 11.56 16.90 -14.44
N GLU K 146 10.62 17.00 -15.35
CA GLU K 146 9.20 16.95 -14.99
C GLU K 146 8.66 15.56 -15.21
N LEU K 147 8.20 14.93 -14.13
CA LEU K 147 7.57 13.64 -14.14
C LEU K 147 6.07 13.81 -14.32
N GLY K 148 5.54 13.48 -15.50
CA GLY K 148 4.11 13.49 -15.76
C GLY K 148 3.33 12.39 -15.04
N GLY K 149 2.02 12.40 -15.19
CA GLY K 149 1.09 11.55 -14.44
C GLY K 149 1.04 11.92 -12.97
N THR K 150 0.68 10.97 -12.11
CA THR K 150 0.76 11.13 -10.65
C THR K 150 1.52 9.98 -10.02
N VAL K 151 2.29 10.25 -8.97
CA VAL K 151 2.98 9.20 -8.21
C VAL K 151 1.92 8.25 -7.62
N GLY K 152 2.10 6.94 -7.80
CA GLY K 152 1.10 5.93 -7.45
C GLY K 152 0.19 5.48 -8.60
N ASP K 153 0.45 5.99 -9.80
CA ASP K 153 -0.22 5.50 -11.02
C ASP K 153 0.51 4.19 -11.38
N ILE K 154 -0.14 3.20 -12.02
CA ILE K 154 0.53 1.95 -12.49
C ILE K 154 1.27 2.27 -13.78
N GLU K 155 1.17 3.46 -14.31
CA GLU K 155 1.76 4.02 -15.52
C GLU K 155 3.05 4.73 -15.23
N SER K 156 3.20 5.29 -14.06
CA SER K 156 4.30 6.12 -13.57
C SER K 156 5.24 5.35 -12.67
N ALA K 157 4.95 4.09 -12.37
CA ALA K 157 5.73 3.29 -11.38
C ALA K 157 7.17 3.05 -11.87
N PRO K 158 7.47 2.76 -13.16
CA PRO K 158 8.85 2.59 -13.62
C PRO K 158 9.73 3.81 -13.43
N PHE K 159 9.18 5.01 -13.58
CA PHE K 159 9.92 6.26 -13.46
C PHE K 159 10.24 6.67 -12.04
N VAL K 160 9.34 6.48 -11.08
CA VAL K 160 9.67 6.73 -9.66
C VAL K 160 10.68 5.72 -9.11
N GLU K 161 10.71 4.49 -9.61
CA GLU K 161 11.84 3.60 -9.35
C GLU K 161 13.13 4.16 -9.93
N ALA K 162 13.13 4.53 -11.21
CA ALA K 162 14.34 5.00 -11.85
C ALA K 162 14.88 6.27 -11.21
N LEU K 163 14.00 7.23 -10.88
CA LEU K 163 14.37 8.44 -10.17
C LEU K 163 14.86 8.13 -8.75
N ARG K 164 14.28 7.18 -7.99
CA ARG K 164 14.81 6.83 -6.66
C ARG K 164 16.26 6.39 -6.77
N GLN K 165 16.54 5.44 -7.65
CA GLN K 165 17.91 4.95 -7.87
C GLN K 165 18.81 6.10 -8.34
N PHE K 166 18.27 7.03 -9.12
CA PHE K 166 18.99 8.22 -9.56
C PHE K 166 19.37 9.17 -8.42
N GLN K 167 18.67 9.18 -7.28
CA GLN K 167 19.07 9.95 -6.11
C GLN K 167 20.41 9.47 -5.51
N PHE K 168 20.91 8.32 -5.96
CA PHE K 168 22.16 7.71 -5.49
C PHE K 168 23.22 7.67 -6.60
N LYS K 169 22.81 7.41 -7.85
CA LYS K 169 23.69 7.47 -9.02
C LYS K 169 24.22 8.90 -9.21
N VAL K 170 23.33 9.88 -9.08
CA VAL K 170 23.64 11.27 -8.74
C VAL K 170 23.66 11.39 -7.22
N GLY K 171 24.46 12.25 -6.62
CA GLY K 171 24.43 12.45 -5.16
C GLY K 171 23.27 13.29 -4.64
N LYS K 172 22.93 13.13 -3.36
CA LYS K 172 22.29 14.21 -2.59
C LYS K 172 23.25 15.41 -2.54
N GLU K 173 22.74 16.63 -2.45
CA GLU K 173 23.46 17.87 -2.79
C GLU K 173 23.83 17.98 -4.28
N ASN K 174 23.32 17.11 -5.16
CA ASN K 174 23.24 17.35 -6.61
C ASN K 174 21.82 17.15 -7.14
N PHE K 175 20.99 16.33 -6.52
CA PHE K 175 19.59 16.12 -6.88
C PHE K 175 18.65 16.71 -5.82
N ALA K 176 17.55 17.34 -6.21
CA ALA K 176 16.46 17.80 -5.34
C ALA K 176 15.09 17.60 -5.98
N LEU K 177 14.02 17.49 -5.19
CA LEU K 177 12.66 17.26 -5.69
C LEU K 177 11.67 18.30 -5.18
N ILE K 178 10.84 18.82 -6.07
CA ILE K 178 9.68 19.66 -5.80
C ILE K 178 8.42 18.81 -6.04
N HIS K 179 7.56 18.63 -5.03
CA HIS K 179 6.34 17.85 -5.18
C HIS K 179 5.16 18.78 -5.20
N VAL K 180 4.33 18.71 -6.22
CA VAL K 180 3.21 19.64 -6.42
C VAL K 180 1.94 18.96 -5.95
N SER K 181 1.16 19.54 -5.06
CA SER K 181 0.07 18.81 -4.35
C SER K 181 -1.17 19.66 -4.10
N LEU K 182 -2.31 19.03 -3.80
CA LEU K 182 -3.60 19.71 -3.77
C LEU K 182 -3.99 20.10 -2.34
N VAL K 183 -4.41 21.33 -2.14
CA VAL K 183 -5.09 21.77 -0.93
C VAL K 183 -6.52 22.14 -1.35
N PRO K 184 -7.49 21.21 -1.37
CA PRO K 184 -8.85 21.56 -1.73
C PRO K 184 -9.45 22.44 -0.63
N VAL K 185 -10.25 23.40 -1.04
CA VAL K 185 -11.04 24.23 -0.14
C VAL K 185 -12.49 23.81 -0.26
N ILE K 186 -13.06 23.28 0.82
CA ILE K 186 -14.49 23.00 0.92
C ILE K 186 -15.04 23.52 2.24
N HIS K 187 -16.31 23.95 2.25
CA HIS K 187 -16.89 24.67 3.40
C HIS K 187 -16.03 25.87 3.84
N GLY K 188 -15.33 26.50 2.90
CA GLY K 188 -14.40 27.59 3.15
C GLY K 188 -13.14 27.23 3.97
N GLU K 189 -12.80 25.95 4.14
CA GLU K 189 -11.58 25.50 4.84
C GLU K 189 -10.58 24.76 3.93
N GLN K 190 -9.32 25.16 3.97
CA GLN K 190 -8.18 24.48 3.32
C GLN K 190 -7.85 23.13 3.97
N LYS K 191 -8.15 22.00 3.32
CA LYS K 191 -7.89 20.67 3.86
C LYS K 191 -6.52 20.17 3.45
N THR K 192 -5.70 19.71 4.40
CA THR K 192 -4.33 19.24 4.12
C THR K 192 -4.25 17.78 3.71
N LYS K 193 -5.26 16.96 4.00
CA LYS K 193 -5.15 15.49 3.91
C LYS K 193 -4.78 14.93 2.53
N PRO K 194 -5.20 15.45 1.37
CA PRO K 194 -4.72 14.92 0.10
C PRO K 194 -3.21 15.07 -0.06
N THR K 195 -2.60 16.12 0.47
CA THR K 195 -1.13 16.25 0.55
C THR K 195 -0.51 15.22 1.49
N GLN K 196 -1.11 14.92 2.64
CA GLN K 196 -0.61 13.86 3.52
C GLN K 196 -0.64 12.49 2.84
N ALA K 197 -1.77 12.08 2.27
CA ALA K 197 -1.90 10.79 1.57
C ALA K 197 -1.01 10.68 0.32
N ALA K 198 -0.79 11.75 -0.45
CA ALA K 198 0.11 11.74 -1.60
C ALA K 198 1.59 11.83 -1.20
N ILE K 199 1.93 12.36 -0.03
CA ILE K 199 3.31 12.33 0.49
C ILE K 199 3.60 10.96 1.11
N LYS K 200 2.64 10.34 1.78
CA LYS K 200 2.70 8.93 2.15
C LYS K 200 2.97 8.05 0.91
N GLY K 201 2.24 8.24 -0.18
CA GLY K 201 2.53 7.60 -1.46
C GLY K 201 3.95 7.88 -1.94
N LEU K 202 4.41 9.14 -1.95
CA LEU K 202 5.74 9.50 -2.40
C LEU K 202 6.83 8.80 -1.61
N ARG K 203 6.82 8.85 -0.28
CA ARG K 203 7.86 8.20 0.52
C ARG K 203 7.82 6.68 0.40
N SER K 204 6.67 6.08 0.12
CA SER K 204 6.57 4.63 -0.13
C SER K 204 7.48 4.21 -1.28
N LEU K 205 7.47 4.94 -2.39
CA LEU K 205 8.32 4.69 -3.57
C LEU K 205 9.75 5.23 -3.40
N GLY K 206 9.99 6.09 -2.41
CA GLY K 206 11.31 6.32 -1.81
C GLY K 206 11.94 7.68 -2.10
N LEU K 207 11.31 8.47 -2.95
CA LEU K 207 11.65 9.87 -3.17
C LEU K 207 11.27 10.67 -1.92
N VAL K 208 12.03 11.69 -1.58
CA VAL K 208 11.71 12.63 -0.48
C VAL K 208 11.69 14.06 -1.01
N PRO K 209 10.63 14.85 -0.74
CA PRO K 209 10.51 16.18 -1.31
C PRO K 209 11.32 17.17 -0.52
N ASP K 210 12.12 17.97 -1.22
CA ASP K 210 12.85 19.08 -0.66
C ASP K 210 12.00 20.35 -0.62
N MET K 211 10.94 20.39 -1.43
CA MET K 211 9.88 21.37 -1.37
C MET K 211 8.54 20.72 -1.62
N ILE K 212 7.48 21.31 -1.08
CA ILE K 212 6.11 21.03 -1.51
C ILE K 212 5.59 22.31 -2.14
N ALA K 213 4.81 22.22 -3.20
CA ALA K 213 4.18 23.36 -3.84
C ALA K 213 2.69 23.13 -4.02
N CYS K 214 1.84 24.01 -3.51
CA CYS K 214 0.40 23.70 -3.48
C CYS K 214 -0.40 24.37 -4.59
N ARG K 215 -1.19 23.58 -5.32
CA ARG K 215 -2.39 24.07 -5.99
C ARG K 215 -3.43 24.34 -4.93
N CYS K 216 -3.87 25.59 -4.82
CA CYS K 216 -4.92 25.97 -3.91
C CYS K 216 -5.75 27.11 -4.53
N SER K 217 -7.03 27.17 -4.22
CA SER K 217 -7.91 28.26 -4.63
C SER K 217 -7.60 29.59 -3.93
N GLU K 218 -6.73 29.59 -2.91
CA GLU K 218 -6.49 30.71 -2.01
C GLU K 218 -4.99 30.93 -1.73
N THR K 219 -4.65 32.02 -1.06
CA THR K 219 -3.36 32.04 -0.34
C THR K 219 -3.44 31.01 0.78
N LEU K 220 -2.48 30.09 0.90
CA LEU K 220 -2.43 29.15 2.02
C LEU K 220 -2.43 29.91 3.35
N ASP K 221 -3.30 29.52 4.26
CA ASP K 221 -3.27 30.02 5.63
C ASP K 221 -1.96 29.61 6.31
N LYS K 222 -1.46 30.46 7.20
CA LYS K 222 -0.33 30.19 8.09
C LYS K 222 -0.44 28.81 8.78
N PRO K 223 -1.58 28.40 9.37
CA PRO K 223 -1.77 27.05 9.88
C PRO K 223 -1.74 25.94 8.81
N THR K 224 -2.17 26.18 7.57
CA THR K 224 -2.10 25.15 6.52
C THR K 224 -0.66 24.83 6.16
N ILE K 225 0.20 25.83 6.03
CA ILE K 225 1.64 25.63 5.86
C ILE K 225 2.23 24.85 7.03
N ASP K 226 1.87 25.18 8.26
CA ASP K 226 2.36 24.46 9.44
C ASP K 226 1.87 23.02 9.47
N LYS K 227 0.61 22.73 9.13
CA LYS K 227 0.05 21.39 9.15
C LYS K 227 0.50 20.52 7.95
N ILE K 228 0.97 21.10 6.85
CA ILE K 228 1.74 20.36 5.83
C ILE K 228 3.17 20.10 6.32
N ALA K 229 3.90 21.11 6.79
CA ALA K 229 5.28 20.91 7.25
C ALA K 229 5.43 20.01 8.49
N MET K 230 4.40 19.90 9.34
CA MET K 230 4.35 18.92 10.44
C MET K 230 4.17 17.48 9.96
N PHE K 231 3.90 17.27 8.66
CA PHE K 231 3.59 15.96 8.06
C PHE K 231 4.53 15.58 6.91
N CYS K 232 5.51 16.43 6.59
CA CYS K 232 6.48 16.23 5.54
C CYS K 232 7.87 16.73 5.99
N HIS K 233 8.93 16.28 5.35
CA HIS K 233 10.29 16.57 5.81
C HIS K 233 10.86 17.91 5.30
N VAL K 234 10.02 18.94 5.25
CA VAL K 234 10.30 20.30 4.74
C VAL K 234 10.13 21.33 5.85
N GLY K 235 10.93 22.40 5.88
CA GLY K 235 10.64 23.53 6.75
C GLY K 235 9.36 24.26 6.29
N PRO K 236 8.72 25.07 7.13
CA PRO K 236 7.52 25.80 6.73
C PRO K 236 7.76 26.82 5.61
N GLU K 237 9.00 27.25 5.42
CA GLU K 237 9.44 28.16 4.35
C GLU K 237 9.62 27.47 2.97
N GLN K 238 9.55 26.13 2.89
CA GLN K 238 9.55 25.35 1.64
C GLN K 238 8.20 24.73 1.30
N VAL K 239 7.11 25.19 1.91
CA VAL K 239 5.75 24.95 1.37
C VAL K 239 5.39 26.13 0.47
N VAL K 240 5.80 26.07 -0.78
CA VAL K 240 5.57 27.06 -1.84
C VAL K 240 4.09 27.07 -2.23
N ASN K 241 3.59 28.16 -2.78
CA ASN K 241 2.20 28.30 -3.17
C ASN K 241 2.03 29.11 -4.45
N VAL K 242 1.66 28.45 -5.55
CA VAL K 242 1.35 29.09 -6.83
C VAL K 242 -0.12 29.51 -6.85
N HIS K 243 -0.45 30.62 -6.18
CA HIS K 243 -1.80 31.17 -6.11
C HIS K 243 -2.17 31.97 -7.37
N ASP K 244 -3.42 32.41 -7.45
CA ASP K 244 -3.88 33.32 -8.51
C ASP K 244 -2.97 34.56 -8.63
N VAL K 245 -2.53 34.87 -9.85
CA VAL K 245 -1.66 36.00 -10.21
C VAL K 245 -2.14 36.67 -11.48
N ASN K 246 -1.69 37.90 -11.75
CA ASN K 246 -2.23 38.70 -12.85
C ASN K 246 -2.06 38.01 -14.21
N SER K 247 -0.93 37.32 -14.40
CA SER K 247 -0.67 36.42 -15.51
C SER K 247 0.33 35.34 -15.10
N THR K 248 0.34 34.25 -15.85
CA THR K 248 1.22 33.09 -15.65
C THR K 248 2.69 33.47 -15.52
N TYR K 249 3.19 34.43 -16.29
CA TYR K 249 4.58 34.86 -16.23
C TYR K 249 4.96 35.59 -14.92
N HIS K 250 3.99 36.03 -14.12
CA HIS K 250 4.29 36.50 -12.77
C HIS K 250 4.73 35.36 -11.88
N VAL K 251 4.34 34.12 -12.18
CA VAL K 251 4.67 32.95 -11.37
C VAL K 251 6.16 32.83 -11.06
N PRO K 252 7.13 32.93 -11.99
CA PRO K 252 8.53 32.87 -11.59
C PRO K 252 8.90 33.95 -10.58
N LEU K 253 8.40 35.17 -10.73
CA LEU K 253 8.64 36.20 -9.74
C LEU K 253 7.93 35.86 -8.42
N LEU K 254 6.73 35.30 -8.48
CA LEU K 254 6.06 34.75 -7.31
C LEU K 254 6.93 33.73 -6.58
N LEU K 255 7.51 32.76 -7.28
CA LEU K 255 8.40 31.76 -6.71
C LEU K 255 9.63 32.42 -6.10
N LEU K 256 10.24 33.37 -6.79
CA LEU K 256 11.34 34.17 -6.27
C LEU K 256 10.95 34.91 -4.99
N GLU K 257 9.79 35.54 -4.96
CA GLU K 257 9.31 36.30 -3.82
C GLU K 257 9.05 35.41 -2.61
N GLN K 258 8.58 34.18 -2.84
CA GLN K 258 8.44 33.12 -1.85
C GLN K 258 9.77 32.47 -1.44
N LYS K 259 10.92 33.09 -1.76
CA LYS K 259 12.27 32.63 -1.43
C LYS K 259 12.56 31.21 -1.91
N MET K 260 11.94 30.81 -3.02
CA MET K 260 12.09 29.45 -3.54
C MET K 260 13.54 29.18 -3.97
N ILE K 261 14.16 30.10 -4.68
CA ILE K 261 15.56 29.97 -5.13
C ILE K 261 16.58 30.17 -4.01
N ASP K 262 16.29 31.00 -3.02
CA ASP K 262 17.20 31.21 -1.90
C ASP K 262 17.40 29.93 -1.07
N TYR K 263 16.46 28.98 -1.16
CA TYR K 263 16.66 27.61 -0.71
C TYR K 263 17.42 26.78 -1.76
N LEU K 264 16.99 26.69 -3.02
CA LEU K 264 17.66 25.84 -4.02
C LEU K 264 19.15 26.18 -4.19
N HIS K 265 19.52 27.44 -4.09
CA HIS K 265 20.92 27.87 -4.03
C HIS K 265 21.74 27.11 -2.98
N ALA K 266 21.20 26.95 -1.75
CA ALA K 266 21.84 26.21 -0.68
C ALA K 266 21.67 24.69 -0.83
N ARG K 267 20.45 24.23 -1.15
CA ARG K 267 20.08 22.82 -1.24
C ARG K 267 20.78 22.07 -2.36
N LEU K 268 21.06 22.77 -3.45
CA LEU K 268 21.84 22.24 -4.55
C LEU K 268 23.22 22.88 -4.64
N LYS K 269 23.60 23.70 -3.66
CA LYS K 269 24.95 24.21 -3.49
C LYS K 269 25.44 24.88 -4.79
N LEU K 270 24.63 25.81 -5.26
CA LEU K 270 24.76 26.46 -6.57
C LEU K 270 25.82 27.56 -6.56
N ASP K 271 26.22 28.00 -5.36
CA ASP K 271 27.45 28.72 -5.11
C ASP K 271 28.70 27.99 -5.60
N GLU K 272 28.66 26.66 -5.71
CA GLU K 272 29.74 25.89 -6.34
C GLU K 272 29.87 26.13 -7.85
N ILE K 273 28.82 26.68 -8.50
CA ILE K 273 28.89 27.02 -9.92
C ILE K 273 29.57 28.39 -10.09
N SER K 274 30.89 28.37 -10.26
CA SER K 274 31.74 29.54 -10.48
C SER K 274 31.62 30.09 -11.91
N LEU K 275 30.48 30.73 -12.20
CA LEU K 275 30.18 31.36 -13.48
C LEU K 275 31.20 32.42 -13.89
N THR K 276 31.44 32.60 -15.20
CA THR K 276 32.15 33.81 -15.65
C THR K 276 31.31 35.05 -15.40
N GLU K 277 31.95 36.22 -15.36
CA GLU K 277 31.25 37.50 -15.21
C GLU K 277 30.49 37.90 -16.48
N GLU K 278 30.62 37.16 -17.58
CA GLU K 278 29.66 37.19 -18.69
C GLU K 278 28.47 36.23 -18.50
N GLU K 279 28.56 35.31 -17.56
CA GLU K 279 27.48 34.46 -17.12
C GLU K 279 26.88 35.02 -15.84
N GLU K 280 27.09 37.95 -16.35
CA GLU K 280 26.23 38.87 -17.07
C GLU K 280 24.97 38.20 -17.63
N LEU K 281 25.00 36.91 -17.96
CA LEU K 281 23.79 36.17 -18.31
C LEU K 281 22.76 36.25 -17.18
N LEU K 282 23.23 36.17 -15.94
CA LEU K 282 22.47 36.49 -14.74
C LEU K 282 21.83 37.87 -14.85
N SER K 283 22.63 38.89 -15.15
CA SER K 283 22.21 40.29 -15.20
C SER K 283 21.20 40.52 -16.32
N LYS K 284 21.48 40.00 -17.50
CA LYS K 284 20.61 40.00 -18.67
C LYS K 284 19.30 39.30 -18.33
N TRP K 285 19.37 38.14 -17.68
CA TRP K 285 18.14 37.45 -17.32
C TRP K 285 17.33 38.20 -16.26
N LYS K 286 17.98 38.77 -15.25
CA LYS K 286 17.36 39.61 -14.23
C LYS K 286 16.70 40.81 -14.87
N ALA K 287 17.40 41.46 -15.80
CA ALA K 287 16.79 42.47 -16.64
C ALA K 287 15.55 41.89 -17.32
N THR K 288 15.65 40.80 -18.09
CA THR K 288 14.48 40.23 -18.78
C THR K 288 13.36 39.76 -17.86
N THR K 289 13.66 39.38 -16.64
CA THR K 289 12.66 39.04 -15.63
C THR K 289 11.83 40.25 -15.34
N GLY K 290 12.50 41.37 -15.06
CA GLY K 290 11.88 42.66 -15.03
C GLY K 290 11.21 43.01 -16.36
N ASN K 291 11.87 42.83 -17.50
CA ASN K 291 11.35 43.30 -18.77
C ASN K 291 10.11 42.53 -19.22
N PHE K 292 9.98 41.27 -18.81
CA PHE K 292 8.69 40.60 -18.81
C PHE K 292 7.74 41.34 -17.83
N ASP K 293 8.09 41.37 -16.55
CA ASP K 293 7.18 41.69 -15.47
C ASP K 293 6.64 43.13 -15.49
N GLU K 294 7.45 44.07 -15.96
CA GLU K 294 7.18 45.50 -16.05
C GLU K 294 6.08 45.82 -17.08
N THR K 295 -7.05 48.02 -24.18
CA THR K 295 -7.29 46.68 -24.73
C THR K 295 -7.18 46.59 -26.25
N VAL K 296 -6.69 45.46 -26.76
CA VAL K 296 -6.82 45.01 -28.15
C VAL K 296 -7.70 43.76 -28.17
N LYS K 297 -8.78 43.75 -28.94
CA LYS K 297 -9.71 42.61 -29.04
C LYS K 297 -9.39 41.82 -30.31
N ILE K 298 -9.11 40.52 -30.25
CA ILE K 298 -8.80 39.69 -31.43
C ILE K 298 -9.77 38.52 -31.50
N ALA K 299 -10.43 38.30 -32.64
CA ALA K 299 -11.23 37.09 -32.81
C ALA K 299 -10.33 35.98 -33.34
N LEU K 300 -10.20 34.89 -32.59
CA LEU K 300 -9.52 33.69 -33.06
C LEU K 300 -10.61 32.72 -33.51
N VAL K 301 -10.61 32.42 -34.80
CA VAL K 301 -11.71 31.72 -35.47
C VAL K 301 -11.22 30.37 -35.96
N GLY K 302 -11.75 29.28 -35.44
CA GLY K 302 -11.31 27.95 -35.85
C GLY K 302 -12.24 26.84 -35.43
N LYS K 303 -11.88 25.58 -35.70
CA LYS K 303 -12.60 24.39 -35.21
C LYS K 303 -12.44 24.18 -33.70
N TYR K 304 -13.53 23.84 -33.02
CA TYR K 304 -13.53 23.35 -31.63
C TYR K 304 -12.72 24.23 -30.68
N THR K 305 -12.86 25.55 -30.80
CA THR K 305 -12.23 26.52 -29.89
C THR K 305 -12.61 26.34 -28.41
N ASN K 306 -13.63 25.56 -28.11
CA ASN K 306 -13.96 25.10 -26.75
C ASN K 306 -12.77 24.37 -26.09
N LEU K 307 -11.98 23.69 -26.91
CA LEU K 307 -10.81 22.91 -26.55
C LEU K 307 -9.57 23.83 -26.50
N LYS K 308 -9.55 24.70 -25.50
CA LYS K 308 -8.63 25.86 -25.50
C LYS K 308 -7.13 25.49 -25.44
N ASP K 309 -6.75 24.37 -24.86
CA ASP K 309 -5.35 23.94 -24.92
C ASP K 309 -4.87 23.64 -26.35
N SER K 310 -5.78 23.28 -27.26
CA SER K 310 -5.44 22.97 -28.65
C SER K 310 -4.90 24.18 -29.42
N TYR K 311 -5.06 25.39 -28.88
CA TYR K 311 -4.57 26.62 -29.47
C TYR K 311 -3.54 27.31 -28.60
N LEU K 312 -2.98 26.61 -27.61
CA LEU K 312 -2.14 27.22 -26.59
C LEU K 312 -0.98 28.05 -27.14
N SER K 313 -0.21 27.53 -28.09
CA SER K 313 0.94 28.26 -28.63
C SER K 313 0.51 29.57 -29.25
N VAL K 314 -0.63 29.55 -29.95
CA VAL K 314 -1.24 30.72 -30.55
C VAL K 314 -1.54 31.74 -29.47
N ILE K 315 -2.13 31.29 -28.37
CA ILE K 315 -2.41 32.21 -27.25
C ILE K 315 -1.13 32.82 -26.73
N LYS K 316 -0.11 32.00 -26.46
CA LYS K 316 1.12 32.51 -25.88
C LYS K 316 1.82 33.49 -26.82
N ALA K 317 1.83 33.19 -28.12
CA ALA K 317 2.39 34.09 -29.11
C ALA K 317 1.69 35.48 -29.09
N LEU K 318 0.36 35.50 -29.02
CA LEU K 318 -0.38 36.76 -28.87
C LEU K 318 -0.04 37.47 -27.56
N GLU K 319 0.17 36.76 -26.46
CA GLU K 319 0.57 37.35 -25.19
C GLU K 319 1.95 38.00 -25.29
N HIS K 320 2.94 37.31 -25.86
CA HIS K 320 4.32 37.85 -25.96
C HIS K 320 4.32 39.18 -26.70
N SER K 321 3.63 39.20 -27.83
CA SER K 321 3.52 40.38 -28.67
C SER K 321 2.72 41.50 -27.99
N SER K 322 1.63 41.19 -27.31
CA SER K 322 0.81 42.19 -26.62
C SER K 322 1.57 42.96 -25.55
N MET K 323 2.49 42.29 -24.84
CA MET K 323 3.37 42.96 -23.89
C MET K 323 4.27 44.01 -24.57
N LYS K 324 4.77 43.74 -25.78
CA LYS K 324 5.57 44.71 -26.55
C LYS K 324 4.75 45.94 -26.95
N CYS K 325 3.51 45.75 -27.41
CA CYS K 325 2.57 46.84 -27.69
C CYS K 325 1.99 47.56 -26.46
N ARG K 326 2.35 47.08 -25.26
CA ARG K 326 1.89 47.54 -23.94
C ARG K 326 0.36 47.53 -23.81
N ARG K 327 -0.35 46.71 -24.59
CA ARG K 327 -1.82 46.65 -24.67
C ARG K 327 -2.35 45.33 -24.16
N LYS K 328 -3.49 45.37 -23.48
CA LYS K 328 -4.12 44.22 -22.84
C LYS K 328 -4.79 43.35 -23.90
N LEU K 329 -4.52 42.06 -23.89
CA LEU K 329 -5.05 41.14 -24.89
C LEU K 329 -6.40 40.58 -24.47
N ASP K 330 -7.36 40.60 -25.38
CA ASP K 330 -8.68 40.02 -25.18
C ASP K 330 -9.07 39.12 -26.35
N ILE K 331 -8.69 37.84 -26.30
CA ILE K 331 -9.04 36.88 -27.34
C ILE K 331 -10.53 36.55 -27.25
N LYS K 332 -11.29 36.80 -28.31
CA LYS K 332 -12.64 36.24 -28.47
C LYS K 332 -12.51 34.88 -29.14
N TRP K 333 -13.03 33.84 -28.52
CA TRP K 333 -13.06 32.49 -29.06
C TRP K 333 -14.30 32.27 -29.90
N VAL K 334 -14.14 32.06 -31.20
CA VAL K 334 -15.22 31.81 -32.14
C VAL K 334 -15.14 30.38 -32.67
N GLU K 335 -16.19 29.59 -32.54
CA GLU K 335 -16.29 28.36 -33.31
C GLU K 335 -16.58 28.72 -34.76
N ALA K 336 -15.70 28.36 -35.67
CA ALA K 336 -15.82 28.70 -37.08
C ALA K 336 -17.15 28.23 -37.68
N THR K 337 -17.62 27.04 -37.33
CA THR K 337 -18.88 26.53 -37.87
C THR K 337 -20.11 27.35 -37.46
N ASP K 338 -20.06 28.08 -36.34
CA ASP K 338 -21.19 28.93 -35.93
C ASP K 338 -21.33 30.19 -36.79
N LEU K 339 -20.35 30.52 -37.64
CA LEU K 339 -20.47 31.63 -38.59
C LEU K 339 -21.29 31.24 -39.81
N GLU K 340 -21.50 29.96 -40.08
CA GLU K 340 -22.06 29.50 -41.35
C GLU K 340 -23.51 29.94 -41.58
N PRO K 341 -23.94 30.24 -42.81
CA PRO K 341 -25.33 30.51 -43.15
C PRO K 341 -26.32 29.41 -42.76
N GLU K 342 -25.85 28.15 -42.67
CA GLU K 342 -26.64 27.01 -42.19
C GLU K 342 -26.86 27.05 -40.66
N ALA K 343 -25.90 27.55 -39.90
CA ALA K 343 -26.01 27.62 -38.44
C ALA K 343 -27.17 28.52 -38.02
N GLN K 344 -27.55 29.51 -38.84
CA GLN K 344 -28.63 30.45 -38.55
C GLN K 344 -30.00 29.79 -38.34
N GLU K 345 -30.33 28.73 -39.06
CA GLU K 345 -31.56 27.96 -38.79
C GLU K 345 -31.33 26.85 -37.76
N SER K 346 -30.12 26.28 -37.69
CA SER K 346 -29.83 25.13 -36.83
C SER K 346 -29.70 25.50 -35.35
N ASN K 347 -28.97 26.58 -35.05
CA ASN K 347 -28.59 26.98 -33.69
C ASN K 347 -28.41 28.51 -33.59
N LYS K 348 -29.47 29.25 -33.90
CA LYS K 348 -29.45 30.69 -34.16
C LYS K 348 -28.73 31.50 -33.07
N THR K 349 -28.92 31.17 -31.80
CA THR K 349 -28.39 31.95 -30.68
C THR K 349 -26.87 32.02 -30.71
N LYS K 350 -26.21 30.88 -30.88
CA LYS K 350 -24.74 30.81 -30.93
C LYS K 350 -24.18 31.45 -32.19
N PHE K 351 -24.92 31.39 -33.29
CA PHE K 351 -24.57 32.08 -34.52
C PHE K 351 -24.51 33.61 -34.36
N HIS K 352 -25.43 34.23 -33.62
CA HIS K 352 -25.34 35.65 -33.30
C HIS K 352 -24.15 35.94 -32.37
N GLU K 353 -23.88 35.10 -31.38
CA GLU K 353 -22.71 35.31 -30.51
C GLU K 353 -21.41 35.27 -31.31
N ALA K 354 -21.29 34.32 -32.23
CA ALA K 354 -20.12 34.21 -33.10
C ALA K 354 -19.94 35.44 -33.99
N TRP K 355 -21.01 35.91 -34.63
CA TRP K 355 -20.93 37.08 -35.49
C TRP K 355 -20.71 38.38 -34.72
N ASN K 356 -21.25 38.54 -33.51
CA ASN K 356 -20.90 39.69 -32.70
C ASN K 356 -19.40 39.73 -32.40
N MET K 357 -18.78 38.61 -32.05
CA MET K 357 -17.35 38.56 -31.81
C MET K 357 -16.58 38.98 -33.06
N VAL K 358 -16.89 38.42 -34.23
CA VAL K 358 -16.22 38.79 -35.50
C VAL K 358 -16.37 40.27 -35.82
N SER K 359 -17.56 40.82 -35.60
CA SER K 359 -17.87 42.24 -35.84
C SER K 359 -17.23 43.19 -34.84
N THR K 360 -16.98 42.75 -33.62
CA THR K 360 -16.37 43.56 -32.56
C THR K 360 -14.87 43.67 -32.71
N ALA K 361 -14.21 42.61 -33.16
CA ALA K 361 -12.77 42.46 -33.01
C ALA K 361 -11.94 43.50 -33.79
N ASP K 362 -10.85 43.97 -33.19
CA ASP K 362 -9.87 44.84 -33.82
C ASP K 362 -8.92 44.09 -34.76
N GLY K 363 -8.89 42.77 -34.70
CA GLY K 363 -8.13 41.92 -35.59
C GLY K 363 -8.78 40.55 -35.73
N ILE K 364 -8.53 39.85 -36.83
CA ILE K 364 -8.99 38.49 -37.05
C ILE K 364 -7.79 37.57 -37.19
N LEU K 365 -7.92 36.34 -36.69
CA LEU K 365 -6.86 35.34 -36.67
C LEU K 365 -7.47 33.99 -36.99
N ILE K 366 -7.02 33.38 -38.07
CA ILE K 366 -7.38 32.01 -38.43
C ILE K 366 -6.16 31.14 -38.09
N PRO K 367 -6.25 30.23 -37.12
CA PRO K 367 -5.08 29.79 -36.35
C PRO K 367 -4.31 28.58 -36.92
N GLY K 368 -4.70 28.04 -38.06
CA GLY K 368 -4.12 26.77 -38.56
C GLY K 368 -4.79 25.52 -37.97
N GLY K 369 -6.12 25.45 -38.06
CA GLY K 369 -6.95 24.37 -37.52
C GLY K 369 -6.70 22.97 -38.11
N PHE K 370 -7.32 21.99 -37.48
CA PHE K 370 -7.21 20.57 -37.80
C PHE K 370 -8.45 20.10 -38.55
N GLY K 371 -8.25 19.45 -39.70
CA GLY K 371 -9.35 18.95 -40.53
C GLY K 371 -10.21 20.01 -41.20
N VAL K 372 -11.24 19.58 -41.94
CA VAL K 372 -11.98 20.45 -42.87
C VAL K 372 -13.17 21.21 -42.26
N ARG K 373 -13.77 20.70 -41.18
CA ARG K 373 -15.11 21.10 -40.69
C ARG K 373 -15.36 22.62 -40.64
N GLY K 374 -14.46 23.38 -40.03
CA GLY K 374 -14.64 24.83 -39.83
C GLY K 374 -14.53 25.69 -41.09
N THR K 375 -14.10 25.13 -42.22
CA THR K 375 -13.64 25.90 -43.38
C THR K 375 -14.65 26.94 -43.85
N GLU K 376 -15.93 26.60 -43.96
CA GLU K 376 -16.93 27.49 -44.57
C GLU K 376 -17.09 28.79 -43.77
N GLY K 377 -17.07 28.73 -42.45
CA GLY K 377 -17.10 29.94 -41.64
C GLY K 377 -15.79 30.72 -41.68
N MET K 378 -14.66 30.05 -41.67
CA MET K 378 -13.35 30.69 -41.77
C MET K 378 -13.18 31.46 -43.07
N VAL K 379 -13.82 31.05 -44.16
CA VAL K 379 -13.89 31.83 -45.40
C VAL K 379 -14.56 33.18 -45.18
N LEU K 380 -15.73 33.20 -44.54
CA LEU K 380 -16.49 34.42 -44.26
C LEU K 380 -15.76 35.34 -43.28
N ALA K 381 -15.01 34.80 -42.31
CA ALA K 381 -14.13 35.59 -41.47
C ALA K 381 -12.96 36.23 -42.26
N ALA K 382 -12.38 35.54 -43.24
CA ALA K 382 -11.35 36.11 -44.08
C ALA K 382 -11.88 37.20 -45.02
N ARG K 383 -13.10 37.02 -45.57
CA ARG K 383 -13.84 37.98 -46.39
C ARG K 383 -14.15 39.25 -45.63
N TRP K 384 -14.59 39.09 -44.39
CA TRP K 384 -14.86 40.20 -43.48
C TRP K 384 -13.66 41.11 -43.26
N ALA K 385 -12.45 40.55 -43.17
CA ALA K 385 -11.21 41.32 -43.02
C ALA K 385 -10.55 41.73 -44.34
N ARG K 386 -10.86 41.08 -45.48
CA ARG K 386 -10.39 41.55 -46.78
C ARG K 386 -11.10 42.83 -47.15
N GLU K 387 -12.43 42.84 -47.05
CA GLU K 387 -13.26 43.92 -47.59
C GLU K 387 -13.21 45.16 -46.71
N ASN K 388 -13.70 45.03 -45.48
CA ASN K 388 -13.49 46.02 -44.43
C ASN K 388 -12.04 45.91 -43.97
N HIS K 389 -11.28 47.00 -43.83
CA HIS K 389 -9.82 46.97 -43.57
C HIS K 389 -9.40 46.51 -42.14
N ILE K 390 -9.97 45.43 -41.61
CA ILE K 390 -9.60 44.80 -40.34
C ILE K 390 -8.22 44.11 -40.47
N PRO K 391 -7.27 44.29 -39.55
CA PRO K 391 -6.05 43.50 -39.50
C PRO K 391 -6.30 41.99 -39.41
N PHE K 392 -5.49 41.18 -40.09
CA PHE K 392 -5.67 39.74 -40.21
C PHE K 392 -4.35 38.99 -40.18
N LEU K 393 -4.33 37.81 -39.56
CA LEU K 393 -3.31 36.80 -39.76
C LEU K 393 -3.94 35.42 -40.04
N GLY K 394 -3.51 34.78 -41.13
CA GLY K 394 -3.82 33.38 -41.42
C GLY K 394 -2.61 32.50 -41.18
N VAL K 395 -2.73 31.48 -40.33
CA VAL K 395 -1.63 30.53 -40.08
C VAL K 395 -1.97 29.18 -40.70
N CYS K 396 -1.08 28.62 -41.51
CA CYS K 396 -1.23 27.35 -42.20
C CYS K 396 -2.57 27.23 -42.97
N LEU K 397 -3.56 26.50 -42.43
CA LEU K 397 -4.94 26.47 -42.97
C LEU K 397 -5.54 27.89 -43.11
N GLY K 398 -5.09 28.85 -42.32
CA GLY K 398 -5.44 30.25 -42.50
C GLY K 398 -4.89 30.85 -43.78
N LEU K 399 -3.66 30.53 -44.21
CA LEU K 399 -3.17 30.95 -45.54
C LEU K 399 -3.98 30.29 -46.64
N GLN K 400 -4.26 29.00 -46.47
CA GLN K 400 -5.10 28.24 -47.37
C GLN K 400 -6.47 28.92 -47.52
N ILE K 401 -7.09 29.32 -46.42
CA ILE K 401 -8.39 29.99 -46.44
C ILE K 401 -8.32 31.45 -46.86
N ALA K 402 -7.24 32.18 -46.59
CA ALA K 402 -7.00 33.48 -47.22
C ALA K 402 -6.95 33.36 -48.74
N THR K 403 -6.34 32.30 -49.27
CA THR K 403 -6.25 32.09 -50.71
C THR K 403 -7.56 31.55 -51.31
N ILE K 404 -8.23 30.61 -50.66
CA ILE K 404 -9.56 30.17 -51.07
C ILE K 404 -10.51 31.36 -51.08
N GLU K 405 -10.50 32.25 -50.08
CA GLU K 405 -11.42 33.39 -50.07
C GLU K 405 -11.10 34.38 -51.19
N PHE K 406 -9.84 34.81 -51.31
CA PHE K 406 -9.45 35.73 -52.36
C PHE K 406 -9.76 35.16 -53.76
N THR K 407 -9.59 33.87 -53.97
CA THR K 407 -10.07 33.17 -55.17
C THR K 407 -11.59 33.28 -55.29
N ARG K 408 -12.34 32.87 -54.26
CA ARG K 408 -13.81 32.75 -54.21
C ARG K 408 -14.55 34.10 -54.29
N SER K 409 -13.85 35.24 -54.15
CA SER K 409 -14.49 36.56 -54.10
C SER K 409 -13.84 37.62 -54.99
N VAL K 410 -12.55 37.55 -55.25
CA VAL K 410 -11.84 38.50 -56.12
C VAL K 410 -11.73 37.97 -57.55
N LEU K 411 -11.48 36.67 -57.73
CA LEU K 411 -11.44 36.03 -59.06
C LEU K 411 -12.80 35.45 -59.52
N GLY K 412 -13.87 35.64 -58.75
CA GLY K 412 -15.11 34.87 -58.91
C GLY K 412 -14.94 33.43 -58.42
N ARG K 413 -14.88 32.45 -59.34
CA ARG K 413 -14.51 31.04 -59.10
C ARG K 413 -15.18 30.41 -57.86
N LYS K 414 -16.49 30.58 -57.70
CA LYS K 414 -17.25 30.24 -56.47
C LYS K 414 -17.22 28.76 -56.09
N ASP K 415 -16.90 27.87 -57.03
CA ASP K 415 -16.73 26.42 -56.79
C ASP K 415 -15.40 26.03 -56.14
N SER K 416 -14.40 26.93 -56.04
CA SER K 416 -13.06 26.58 -55.56
C SER K 416 -13.03 26.21 -54.07
N HIS K 417 -12.15 25.28 -53.70
CA HIS K 417 -12.13 24.60 -52.40
C HIS K 417 -10.72 24.05 -52.13
N SER K 418 -10.44 23.63 -50.90
CA SER K 418 -9.22 22.89 -50.56
C SER K 418 -9.09 21.59 -51.36
N ALA K 419 -7.86 21.12 -51.60
CA ALA K 419 -7.59 19.82 -52.19
C ALA K 419 -8.20 18.65 -51.41
N GLU K 420 -8.59 18.87 -50.15
CA GLU K 420 -9.36 17.94 -49.35
C GLU K 420 -10.65 17.46 -50.05
N PHE K 421 -11.36 18.31 -50.81
CA PHE K 421 -12.51 17.93 -51.65
C PHE K 421 -12.01 17.37 -52.99
N TYR K 422 -11.28 16.26 -52.88
CA TYR K 422 -10.52 15.64 -53.96
C TYR K 422 -11.28 15.44 -55.29
N PRO K 423 -12.51 14.87 -55.33
CA PRO K 423 -13.15 14.50 -56.60
C PRO K 423 -13.71 15.66 -57.44
N ASP K 424 -13.63 16.91 -56.97
CA ASP K 424 -13.91 18.08 -57.82
C ASP K 424 -12.81 18.34 -58.87
N ILE K 425 -11.57 17.91 -58.60
CA ILE K 425 -10.38 17.97 -59.47
C ILE K 425 -10.06 19.38 -60.00
N ASP K 426 -10.78 19.88 -61.00
CA ASP K 426 -10.42 21.08 -61.77
C ASP K 426 -10.37 22.36 -60.91
N GLU K 427 -11.16 22.42 -59.83
CA GLU K 427 -11.32 23.60 -58.96
C GLU K 427 -10.59 23.50 -57.61
N LYS K 428 -9.74 22.48 -57.41
CA LYS K 428 -8.89 22.36 -56.22
C LYS K 428 -7.92 23.54 -56.15
N ASN K 429 -7.97 24.29 -55.06
CA ASN K 429 -7.12 25.46 -54.81
C ASN K 429 -5.68 25.10 -54.40
N HIS K 430 -5.43 23.83 -54.08
CA HIS K 430 -4.18 23.34 -53.50
C HIS K 430 -3.64 22.09 -54.21
N VAL K 431 -2.41 21.70 -53.93
CA VAL K 431 -1.75 20.49 -54.42
C VAL K 431 -1.04 19.76 -53.28
N VAL K 432 -1.03 18.44 -53.32
CA VAL K 432 -0.28 17.58 -52.41
C VAL K 432 1.23 17.82 -52.53
N VAL K 433 1.91 17.84 -51.39
CA VAL K 433 3.38 17.92 -51.32
C VAL K 433 3.87 17.20 -50.05
N PHE K 434 3.96 15.88 -50.10
CA PHE K 434 4.32 15.04 -48.93
C PHE K 434 5.82 15.06 -48.56
N MET K 435 6.72 15.41 -49.48
CA MET K 435 8.18 15.30 -49.33
C MET K 435 8.64 13.96 -48.75
N MET K 436 4.56 14.53 -44.93
CA MET K 436 4.34 15.86 -44.39
C MET K 436 5.64 16.69 -44.36
N ARG K 437 5.59 17.96 -44.76
CA ARG K 437 6.69 18.92 -44.58
C ARG K 437 6.71 19.34 -43.11
N LEU K 438 7.85 19.18 -42.43
CA LEU K 438 8.04 19.35 -40.99
C LEU K 438 9.33 20.12 -40.66
N GLY K 439 9.43 20.58 -39.42
CA GLY K 439 10.67 21.13 -38.85
C GLY K 439 11.11 22.48 -39.41
N LEU K 440 12.24 22.97 -38.92
CA LEU K 440 12.79 24.25 -39.27
C LEU K 440 13.28 24.22 -40.71
N ARG K 441 12.61 24.96 -41.58
CA ARG K 441 13.05 25.20 -42.97
C ARG K 441 13.18 26.71 -43.23
N PRO K 442 14.06 27.16 -44.12
CA PRO K 442 14.17 28.58 -44.46
C PRO K 442 12.95 29.09 -45.25
N THR K 443 12.82 30.39 -45.39
CA THR K 443 11.96 31.06 -46.36
C THR K 443 12.60 32.37 -46.76
N PHE K 444 12.51 32.71 -48.04
CA PHE K 444 13.25 33.79 -48.66
C PHE K 444 12.26 34.82 -49.23
N PHE K 445 12.46 36.09 -48.93
CA PHE K 445 11.60 37.13 -49.48
C PHE K 445 11.80 37.27 -51.00
N GLN K 446 10.75 37.60 -51.73
CA GLN K 446 10.84 37.88 -53.16
C GLN K 446 11.47 39.27 -53.37
N ASN K 447 12.52 39.38 -54.17
CA ASN K 447 13.51 40.47 -54.06
C ASN K 447 13.01 41.91 -54.34
N GLU K 448 11.81 42.08 -54.91
CA GLU K 448 11.19 43.37 -55.24
C GLU K 448 10.30 43.93 -54.13
N THR K 449 9.88 43.11 -53.14
CA THR K 449 8.75 43.45 -52.25
C THR K 449 9.12 44.38 -51.08
N GLU K 450 9.81 45.48 -51.38
CA GLU K 450 10.26 46.48 -50.41
C GLU K 450 9.12 47.22 -49.70
N TRP K 451 7.92 47.21 -50.27
CA TRP K 451 6.71 47.82 -49.72
C TRP K 451 6.13 47.05 -48.52
N SER K 452 6.45 45.76 -48.39
CA SER K 452 5.80 44.81 -47.48
C SER K 452 5.85 45.23 -46.02
N GLN K 453 4.72 45.17 -45.32
CA GLN K 453 4.66 45.38 -43.88
C GLN K 453 5.37 44.25 -43.13
N ILE K 454 5.16 43.00 -43.53
CA ILE K 454 5.75 41.86 -42.81
C ILE K 454 7.27 41.80 -42.96
N LYS K 455 7.82 41.98 -44.17
CA LYS K 455 9.28 41.94 -44.33
C LYS K 455 9.99 43.14 -43.71
N LYS K 456 9.25 44.21 -43.37
CA LYS K 456 9.76 45.29 -42.52
C LYS K 456 9.89 44.83 -41.07
N LEU K 457 8.89 44.13 -40.51
CA LEU K 457 8.96 43.60 -39.13
C LEU K 457 10.14 42.65 -38.93
N TYR K 458 10.49 41.84 -39.94
CA TYR K 458 11.70 41.00 -39.97
C TYR K 458 13.02 41.77 -40.15
N GLY K 459 13.03 43.08 -39.97
CA GLY K 459 14.23 43.90 -39.90
C GLY K 459 15.00 44.06 -41.21
N ASP K 460 14.34 43.86 -42.34
CA ASP K 460 14.95 43.83 -43.68
C ASP K 460 16.00 42.72 -43.90
N VAL K 461 16.01 41.69 -43.04
CA VAL K 461 16.85 40.49 -43.23
C VAL K 461 16.41 39.71 -44.48
N SER K 462 17.35 39.11 -45.21
CA SER K 462 17.14 38.43 -46.49
C SER K 462 16.29 37.16 -46.41
N GLU K 463 16.29 36.45 -45.29
CA GLU K 463 15.55 35.22 -45.08
C GLU K 463 15.17 35.00 -43.62
N VAL K 464 14.27 34.04 -43.42
CA VAL K 464 13.74 33.61 -42.13
C VAL K 464 13.75 32.08 -42.05
N HIS K 465 13.67 31.52 -40.84
CA HIS K 465 13.62 30.06 -40.63
C HIS K 465 12.46 29.71 -39.72
N GLU K 466 11.61 28.76 -40.11
CA GLU K 466 10.28 28.59 -39.50
C GLU K 466 9.84 27.13 -39.44
N ARG K 467 8.86 26.81 -38.57
CA ARG K 467 8.31 25.45 -38.41
C ARG K 467 7.10 25.18 -39.30
N HIS K 468 7.04 23.98 -39.85
CA HIS K 468 6.02 23.55 -40.81
C HIS K 468 5.34 22.26 -40.36
N ARG K 469 4.12 21.97 -40.84
CA ARG K 469 3.35 20.74 -40.52
C ARG K 469 2.37 20.35 -41.63
N HIS K 470 2.64 20.71 -42.88
CA HIS K 470 1.61 20.73 -43.91
C HIS K 470 1.79 19.63 -44.94
N ARG K 471 0.66 19.12 -45.43
CA ARG K 471 0.61 18.18 -46.57
C ARG K 471 0.11 18.80 -47.88
N TYR K 472 -0.49 19.98 -47.84
CA TYR K 472 -1.00 20.69 -49.02
C TYR K 472 -0.26 22.01 -49.20
N GLU K 473 -0.14 22.47 -50.44
CA GLU K 473 0.27 23.84 -50.75
C GLU K 473 -0.63 24.45 -51.82
N ILE K 474 -0.67 25.77 -51.93
CA ILE K 474 -1.45 26.44 -52.99
C ILE K 474 -0.90 26.00 -54.34
N ASN K 475 -1.81 25.73 -55.28
CA ASN K 475 -1.43 25.17 -56.57
C ASN K 475 -0.59 26.18 -57.38
N PRO K 476 0.70 25.91 -57.70
CA PRO K 476 1.58 26.87 -58.37
C PRO K 476 1.02 27.43 -59.67
N LYS K 477 0.21 26.64 -60.39
CA LYS K 477 -0.48 27.03 -61.62
C LYS K 477 -1.28 28.32 -61.47
N MET K 478 -1.90 28.53 -60.31
CA MET K 478 -2.74 29.70 -60.03
C MET K 478 -1.97 30.91 -59.52
N VAL K 479 -0.75 30.75 -59.03
CA VAL K 479 -0.08 31.79 -58.23
C VAL K 479 0.20 33.06 -59.03
N ASP K 480 0.46 32.97 -60.34
CA ASP K 480 0.60 34.18 -61.17
C ASP K 480 -0.69 35.02 -61.18
N GLU K 481 -1.85 34.37 -61.22
CA GLU K 481 -3.15 35.03 -61.24
C GLU K 481 -3.40 35.78 -59.93
N LEU K 482 -3.07 35.14 -58.80
CA LEU K 482 -3.14 35.73 -57.47
C LEU K 482 -2.13 36.88 -57.30
N GLU K 483 -0.88 36.71 -57.74
CA GLU K 483 0.12 37.78 -57.71
C GLU K 483 -0.30 38.99 -58.56
N ASN K 484 -0.82 38.76 -59.77
CA ASN K 484 -1.30 39.82 -60.67
C ASN K 484 -2.55 40.56 -60.13
N ASN K 485 -3.42 39.87 -59.39
CA ASN K 485 -4.58 40.48 -58.75
C ASN K 485 -4.27 41.14 -57.39
N GLY K 486 -3.09 40.94 -56.82
CA GLY K 486 -2.59 41.68 -55.66
C GLY K 486 -2.40 40.87 -54.38
N LEU K 487 -2.73 39.58 -54.37
CA LEU K 487 -2.45 38.67 -53.27
C LEU K 487 -0.97 38.21 -53.35
N ILE K 488 -0.04 39.15 -53.20
CA ILE K 488 1.37 38.94 -53.52
C ILE K 488 2.03 37.96 -52.54
N PHE K 489 2.58 36.86 -53.04
CA PHE K 489 3.31 35.89 -52.22
C PHE K 489 4.71 36.39 -51.88
N VAL K 490 4.82 37.24 -50.86
CA VAL K 490 6.06 37.94 -50.49
C VAL K 490 7.20 37.04 -49.99
N GLY K 491 6.95 35.76 -49.71
CA GLY K 491 7.97 34.80 -49.34
C GLY K 491 7.73 33.41 -49.91
N LYS K 492 8.79 32.78 -50.39
CA LYS K 492 8.77 31.42 -50.93
C LYS K 492 9.98 30.64 -50.42
N ASP K 493 9.98 29.35 -50.71
CA ASP K 493 11.04 28.43 -50.31
C ASP K 493 12.31 28.59 -51.15
N ASP K 494 13.30 27.75 -50.86
CA ASP K 494 14.56 27.64 -51.61
C ASP K 494 14.35 27.44 -53.13
N THR K 495 13.40 26.59 -53.55
CA THR K 495 13.13 26.32 -54.97
C THR K 495 12.33 27.44 -55.65
N GLY K 496 11.57 28.24 -54.90
CA GLY K 496 10.61 29.20 -55.42
C GLY K 496 9.29 28.60 -55.91
N LYS K 497 9.10 27.29 -55.73
CA LYS K 497 7.87 26.58 -56.11
C LYS K 497 6.79 26.65 -55.02
N ARG K 498 7.16 26.83 -53.75
CA ARG K 498 6.28 26.68 -52.58
C ARG K 498 5.82 28.02 -51.99
N CYS K 499 4.54 28.15 -51.69
CA CYS K 499 3.92 29.36 -51.17
C CYS K 499 4.12 29.46 -49.64
N GLU K 500 5.08 30.25 -49.17
CA GLU K 500 5.41 30.30 -47.74
C GLU K 500 4.75 31.48 -47.00
N ILE K 501 4.64 32.64 -47.68
CA ILE K 501 4.00 33.84 -47.15
C ILE K 501 3.19 34.53 -48.24
N LEU K 502 2.03 35.08 -47.88
CA LEU K 502 1.35 36.10 -48.67
C LEU K 502 1.08 37.37 -47.86
N GLU K 503 1.04 38.49 -48.57
CA GLU K 503 0.54 39.77 -48.13
C GLU K 503 -0.34 40.36 -49.23
N LEU K 504 -1.55 40.80 -48.88
CA LEU K 504 -2.41 41.49 -49.82
C LEU K 504 -1.91 42.94 -49.99
N LYS K 505 -1.51 43.31 -51.20
CA LYS K 505 -1.02 44.65 -51.56
C LYS K 505 -2.05 45.72 -51.20
N ASN K 506 -1.62 46.80 -50.56
CA ASN K 506 -2.43 47.97 -50.17
C ASN K 506 -3.64 47.60 -49.30
N HIS K 507 -3.39 46.88 -48.21
CA HIS K 507 -4.29 46.68 -47.06
C HIS K 507 -3.50 46.96 -45.76
N PRO K 508 -4.08 47.54 -44.69
CA PRO K 508 -3.33 47.91 -43.49
C PRO K 508 -2.52 46.81 -42.82
N TYR K 509 -3.02 45.57 -42.80
CA TYR K 509 -2.29 44.38 -42.35
C TYR K 509 -3.09 43.12 -42.69
N TYR K 510 -2.81 42.48 -43.81
CA TYR K 510 -3.46 41.22 -44.18
C TYR K 510 -2.40 40.25 -44.64
N ILE K 511 -2.02 39.39 -43.70
CA ILE K 511 -0.93 38.46 -43.82
C ILE K 511 -1.46 37.05 -43.69
N ALA K 512 -0.82 36.11 -44.40
CA ALA K 512 -0.86 34.73 -43.97
C ALA K 512 0.50 34.03 -44.16
N THR K 513 0.72 32.99 -43.37
CA THR K 513 1.92 32.15 -43.38
C THR K 513 1.52 30.71 -43.53
N GLN K 514 2.23 29.96 -44.36
CA GLN K 514 2.01 28.51 -44.42
C GLN K 514 2.55 27.81 -43.17
N TYR K 515 3.68 28.31 -42.65
CA TYR K 515 4.28 27.88 -41.39
C TYR K 515 3.48 28.32 -40.16
N HIS K 516 3.89 27.80 -39.00
CA HIS K 516 3.34 28.04 -37.66
C HIS K 516 4.29 28.90 -36.81
N PRO K 517 4.25 30.25 -36.96
CA PRO K 517 5.17 31.15 -36.27
C PRO K 517 5.08 31.12 -34.73
N GLU K 518 3.95 30.68 -34.18
CA GLU K 518 3.75 30.47 -32.75
C GLU K 518 4.66 29.39 -32.20
N TYR K 519 5.28 28.57 -33.04
CA TYR K 519 6.34 27.66 -32.62
C TYR K 519 7.69 28.34 -32.44
N THR K 520 7.80 29.66 -32.64
CA THR K 520 9.05 30.38 -32.36
C THR K 520 8.85 31.74 -31.71
N SER K 521 7.63 32.05 -31.25
CA SER K 521 7.39 33.19 -30.38
C SER K 521 8.06 33.02 -29.00
N LYS K 522 8.88 33.99 -28.57
CA LYS K 522 9.54 34.00 -27.25
C LYS K 522 9.06 35.21 -26.44
N VAL K 523 9.10 35.11 -25.11
CA VAL K 523 8.58 36.16 -24.19
C VAL K 523 9.29 37.50 -24.40
N LEU K 524 10.60 37.48 -24.69
CA LEU K 524 11.40 38.67 -24.96
C LEU K 524 11.68 38.91 -26.46
N ASP K 525 11.34 37.95 -27.34
CA ASP K 525 11.42 38.07 -28.80
C ASP K 525 10.14 37.51 -29.43
N PRO K 526 9.08 38.31 -29.57
CA PRO K 526 7.81 37.86 -30.13
C PRO K 526 7.91 37.49 -31.62
N SER K 527 7.20 36.47 -32.07
CA SER K 527 7.21 36.03 -33.48
C SER K 527 6.56 37.08 -34.38
N LYS K 528 7.30 37.58 -35.38
CA LYS K 528 6.93 38.79 -36.14
C LYS K 528 5.49 38.82 -36.72
N PRO K 529 4.94 37.74 -37.30
CA PRO K 529 3.59 37.77 -37.89
C PRO K 529 2.47 38.07 -36.88
N PHE K 530 2.64 37.58 -35.66
CA PHE K 530 1.76 37.92 -34.55
C PHE K 530 2.03 39.31 -34.01
N LEU K 531 3.29 39.77 -33.91
CA LEU K 531 3.52 41.14 -33.49
C LEU K 531 2.82 42.13 -34.41
N GLY K 532 2.91 41.93 -35.73
CA GLY K 532 2.19 42.75 -36.69
C GLY K 532 0.66 42.72 -36.51
N LEU K 533 0.06 41.55 -36.27
CA LEU K 533 -1.37 41.44 -36.01
C LEU K 533 -1.79 42.25 -34.79
N VAL K 534 -1.09 42.16 -33.66
CA VAL K 534 -1.44 42.95 -32.50
C VAL K 534 -1.18 44.42 -32.77
N ALA K 535 -0.02 44.79 -33.28
CA ALA K 535 0.32 46.19 -33.50
C ALA K 535 -0.64 46.88 -34.48
N ALA K 536 -1.07 46.23 -35.54
CA ALA K 536 -2.06 46.80 -36.44
C ALA K 536 -3.46 46.83 -35.81
N SER K 537 -3.83 45.86 -34.98
CA SER K 537 -5.08 45.90 -34.20
C SER K 537 -5.09 47.08 -33.23
N ALA K 538 -3.94 47.41 -32.65
CA ALA K 538 -3.71 48.62 -31.85
C ALA K 538 -3.57 49.91 -32.68
N GLY K 539 -3.50 49.81 -34.01
CA GLY K 539 -3.33 50.96 -34.90
C GLY K 539 -1.96 51.63 -34.79
N ILE K 540 -0.95 50.91 -34.32
CA ILE K 540 0.39 51.41 -33.99
C ILE K 540 1.52 50.76 -34.81
N LEU K 541 1.18 49.96 -35.82
CA LEU K 541 2.09 49.11 -36.60
C LEU K 541 3.31 49.87 -37.12
N GLN K 542 3.12 51.06 -37.66
CA GLN K 542 4.21 51.90 -38.16
C GLN K 542 5.28 52.13 -37.09
N ASP K 543 4.86 52.46 -35.88
CA ASP K 543 5.75 52.91 -34.81
C ASP K 543 6.48 51.74 -34.14
N VAL K 544 5.88 50.55 -34.15
CA VAL K 544 6.51 49.29 -33.78
C VAL K 544 7.62 48.94 -34.77
N ILE K 545 7.38 49.11 -36.07
CA ILE K 545 8.40 48.89 -37.10
C ILE K 545 9.53 49.92 -36.98
N GLU K 546 9.19 51.18 -36.74
CA GLU K 546 10.15 52.27 -36.55
C GLU K 546 10.95 52.17 -35.23
N GLY K 547 10.48 51.40 -34.26
CA GLY K 547 11.22 51.03 -33.05
C GLY K 547 10.81 51.71 -31.74
N LYS K 548 9.60 52.28 -31.66
CA LYS K 548 9.06 52.96 -30.45
C LYS K 548 8.73 52.03 -29.27
N TYR K 549 9.03 50.73 -29.38
CA TYR K 549 8.61 49.70 -28.41
C TYR K 549 9.65 48.59 -28.15
N ASP K 550 10.90 48.72 -28.62
CA ASP K 550 11.99 47.85 -28.16
C ASP K 550 12.29 48.06 -26.66
N LEU K 551 12.70 47.00 -25.96
CA LEU K 551 12.69 46.98 -24.50
C LEU K 551 13.92 47.64 -23.84
N GLU K 552 14.97 47.94 -24.61
CA GLU K 552 16.18 48.67 -24.18
C GLU K 552 16.59 49.69 -25.26
N ALA K 553 17.04 50.89 -24.91
CA ALA K 553 17.42 51.91 -25.89
C ALA K 553 18.62 51.48 -26.75
N MET L 1 -31.03 -9.03 10.21
CA MET L 1 -31.29 -7.57 10.05
C MET L 1 -30.53 -7.01 8.84
N LYS L 2 -31.05 -5.96 8.20
CA LYS L 2 -30.38 -5.29 7.08
C LYS L 2 -29.46 -4.18 7.56
N TYR L 3 -28.42 -3.89 6.80
CA TYR L 3 -27.47 -2.82 7.17
C TYR L 3 -26.95 -2.06 5.94
N VAL L 4 -26.67 -0.77 6.06
CA VAL L 4 -26.10 0.06 4.98
C VAL L 4 -24.92 0.84 5.51
N VAL L 5 -23.71 0.57 5.11
CA VAL L 5 -22.57 1.43 5.40
C VAL L 5 -22.59 2.66 4.50
N VAL L 6 -22.27 3.82 5.05
CA VAL L 6 -21.86 5.01 4.32
C VAL L 6 -20.46 5.37 4.76
N SER L 7 -19.52 5.51 3.83
CA SER L 7 -18.10 5.68 4.14
C SER L 7 -17.37 6.51 3.08
N GLY L 8 -16.07 6.77 3.25
CA GLY L 8 -15.20 6.97 2.08
C GLY L 8 -14.57 8.34 1.83
N GLY L 9 -13.96 8.42 0.64
CA GLY L 9 -13.43 9.65 0.01
C GLY L 9 -11.92 9.84 0.13
N VAL L 10 -11.35 10.77 -0.64
CA VAL L 10 -9.98 11.29 -0.44
C VAL L 10 -9.88 12.48 0.53
N ILE L 11 -10.99 12.97 1.07
CA ILE L 11 -11.04 14.13 1.97
C ILE L 11 -12.11 13.89 3.04
N SER L 12 -11.86 14.37 4.25
CA SER L 12 -12.92 14.56 5.24
C SER L 12 -13.76 15.80 4.86
N GLY L 13 -15.06 15.82 5.15
CA GLY L 13 -15.95 16.93 4.80
C GLY L 13 -16.65 16.79 3.44
N ILE L 14 -16.58 15.62 2.81
CA ILE L 14 -17.11 15.35 1.47
C ILE L 14 -18.62 15.34 1.34
N GLY L 15 -19.38 15.04 2.41
CA GLY L 15 -20.86 15.01 2.37
C GLY L 15 -21.57 13.82 3.00
N LYS L 16 -20.94 12.97 3.77
CA LYS L 16 -21.45 11.71 4.31
C LYS L 16 -22.83 11.82 4.95
N GLY L 17 -22.99 12.49 6.07
CA GLY L 17 -24.20 12.63 6.81
C GLY L 17 -25.47 12.87 6.05
N VAL L 18 -25.50 13.74 5.06
CA VAL L 18 -26.59 14.09 4.15
C VAL L 18 -26.90 12.89 3.29
N LEU L 19 -25.92 12.13 2.88
CA LEU L 19 -26.01 10.88 2.11
C LEU L 19 -26.46 9.77 3.02
N ALA L 20 -26.22 9.85 4.31
CA ALA L 20 -26.49 8.89 5.35
C ALA L 20 -27.93 8.98 5.81
N SER L 21 -28.30 9.93 6.61
CA SER L 21 -29.63 10.11 7.17
C SER L 21 -30.56 10.25 5.99
N SER L 22 -30.22 11.04 5.01
CA SER L 22 -31.05 11.10 3.79
C SER L 22 -31.35 9.73 3.15
N THR L 23 -30.45 8.77 3.13
CA THR L 23 -30.63 7.38 2.69
C THR L 23 -31.59 6.74 3.66
N GLY L 24 -31.46 6.99 4.94
CA GLY L 24 -32.27 6.48 6.00
C GLY L 24 -33.66 7.01 6.05
N MET L 25 -33.90 8.24 5.62
CA MET L 25 -35.24 8.81 5.46
C MET L 25 -35.98 8.01 4.41
N LEU L 26 -35.26 7.73 3.33
CA LEU L 26 -35.80 6.99 2.23
C LEU L 26 -36.12 5.56 2.63
N MET L 27 -35.37 4.95 3.55
CA MET L 27 -35.74 3.61 4.03
C MET L 27 -37.11 3.66 4.72
N LYS L 28 -37.38 4.72 5.49
CA LYS L 28 -38.68 4.98 6.09
C LYS L 28 -39.81 5.21 5.09
N THR L 29 -39.48 5.75 3.93
CA THR L 29 -40.42 5.90 2.82
C THR L 29 -41.02 4.55 2.42
N LEU L 30 -40.22 3.49 2.47
CA LEU L 30 -40.69 2.14 2.20
C LEU L 30 -41.55 1.60 3.35
N GLY L 31 -41.71 2.35 4.44
CA GLY L 31 -42.46 1.99 5.63
C GLY L 31 -41.61 1.34 6.73
N LEU L 32 -40.29 1.31 6.57
CA LEU L 32 -39.37 0.51 7.39
C LEU L 32 -39.13 1.11 8.78
N LYS L 33 -38.88 0.24 9.77
CA LYS L 33 -38.30 0.64 11.06
C LYS L 33 -36.81 0.90 10.84
N VAL L 34 -36.31 2.07 11.22
CA VAL L 34 -34.94 2.47 10.84
C VAL L 34 -34.16 3.03 12.02
N THR L 35 -32.85 2.81 12.01
CA THR L 35 -31.91 3.26 13.02
C THR L 35 -30.62 3.71 12.38
N SER L 36 -29.73 4.34 13.13
CA SER L 36 -28.47 4.85 12.63
C SER L 36 -27.37 4.79 13.66
N ILE L 37 -26.15 4.50 13.28
CA ILE L 37 -24.98 4.50 14.16
C ILE L 37 -23.91 5.35 13.52
N LYS L 38 -23.31 6.28 14.26
CA LYS L 38 -22.15 7.00 13.75
C LYS L 38 -20.91 6.49 14.43
N ILE L 39 -19.98 6.04 13.60
CA ILE L 39 -18.67 5.58 14.02
C ILE L 39 -17.72 6.75 13.85
N ASP L 40 -17.14 7.19 14.97
CA ASP L 40 -16.21 8.30 15.01
C ASP L 40 -14.78 7.89 15.23
N PRO L 41 -13.86 8.27 14.33
CA PRO L 41 -12.48 7.89 14.55
C PRO L 41 -11.76 8.65 15.66
N TYR L 42 -12.31 9.74 16.19
CA TYR L 42 -11.64 10.47 17.26
C TYR L 42 -11.60 9.70 18.58
N MET L 43 -10.72 10.14 19.50
CA MET L 43 -10.49 9.47 20.76
C MET L 43 -11.23 10.02 21.98
N ASN L 44 -11.98 11.10 21.87
CA ASN L 44 -12.89 11.49 22.94
C ASN L 44 -13.95 10.39 23.12
N ILE L 45 -14.23 10.01 24.37
CA ILE L 45 -15.32 9.07 24.67
C ILE L 45 -16.70 9.73 24.48
N ASP L 46 -16.80 11.03 24.75
CA ASP L 46 -18.01 11.83 24.59
C ASP L 46 -17.69 13.32 24.38
N ALA L 47 -18.70 14.11 23.99
CA ALA L 47 -18.54 15.53 23.79
C ALA L 47 -18.58 16.36 25.09
N GLY L 48 -18.78 15.73 26.24
CA GLY L 48 -18.88 16.46 27.50
C GLY L 48 -17.56 17.13 27.88
N THR L 49 -16.43 16.55 27.51
CA THR L 49 -15.11 17.18 27.64
C THR L 49 -14.82 18.22 26.54
N MET L 50 -15.55 18.15 25.42
CA MET L 50 -15.25 18.94 24.24
C MET L 50 -15.91 20.32 24.32
N SER L 51 -15.09 21.38 24.40
CA SER L 51 -15.55 22.76 24.34
C SER L 51 -16.18 23.07 22.97
N PRO L 52 -17.35 23.73 22.88
CA PRO L 52 -18.03 23.97 21.60
C PRO L 52 -17.25 24.77 20.55
N LEU L 53 -16.12 25.38 20.91
CA LEU L 53 -15.20 26.07 20.01
C LEU L 53 -14.74 25.21 18.84
N GLU L 54 -14.55 23.91 19.08
CA GLU L 54 -14.06 22.96 18.09
C GLU L 54 -14.83 21.66 18.19
N HIS L 55 -15.08 21.04 17.03
CA HIS L 55 -16.15 20.05 16.82
C HIS L 55 -17.57 20.56 17.10
N GLY L 56 -17.73 21.81 17.52
CA GLY L 56 -19.02 22.46 17.62
C GLY L 56 -19.88 22.00 18.80
N GLU L 57 -21.17 22.25 18.64
CA GLU L 57 -22.27 22.06 19.58
C GLU L 57 -22.38 20.63 20.16
N CYS L 58 -22.32 20.47 21.49
CA CYS L 58 -22.53 19.17 22.16
C CYS L 58 -24.01 18.74 22.08
N PHE L 59 -24.40 17.96 21.07
CA PHE L 59 -25.79 17.55 20.90
C PHE L 59 -26.29 16.71 22.10
N VAL L 60 -27.52 16.88 22.51
CA VAL L 60 -28.03 16.13 23.68
C VAL L 60 -29.24 15.19 23.46
N LEU L 61 -29.03 13.99 23.94
CA LEU L 61 -29.97 12.90 23.86
C LEU L 61 -31.17 13.07 24.79
N ASP L 62 -32.20 12.30 24.48
CA ASP L 62 -33.23 11.88 25.44
C ASP L 62 -32.58 11.32 26.73
N ASP L 63 -31.64 10.36 26.60
CA ASP L 63 -30.84 9.82 27.71
C ASP L 63 -29.80 10.79 28.30
N GLY L 64 -29.74 12.04 27.83
CA GLY L 64 -28.94 13.10 28.46
C GLY L 64 -27.43 13.02 28.31
N GLY L 65 -26.93 12.11 27.48
CA GLY L 65 -25.54 12.11 27.03
C GLY L 65 -25.25 13.27 26.07
N GLU L 66 -24.13 13.97 26.31
CA GLU L 66 -23.53 14.94 25.38
C GLU L 66 -22.78 14.20 24.26
N THR L 67 -23.50 13.98 23.16
CA THR L 67 -23.03 13.22 21.97
C THR L 67 -22.27 14.06 20.98
N ASP L 68 -21.66 13.37 20.01
CA ASP L 68 -21.37 13.94 18.70
C ASP L 68 -22.58 14.73 18.18
N LEU L 69 -22.29 15.90 17.63
CA LEU L 69 -23.28 16.76 17.05
C LEU L 69 -24.11 16.06 15.96
N ASP L 70 -23.43 15.33 15.08
CA ASP L 70 -24.05 14.85 13.84
C ASP L 70 -25.19 13.85 14.08
N LEU L 71 -25.24 13.20 15.25
CA LEU L 71 -26.40 12.38 15.59
C LEU L 71 -27.71 13.14 15.49
N GLY L 72 -27.70 14.44 15.82
CA GLY L 72 -28.85 15.29 15.63
C GLY L 72 -29.37 15.20 14.19
N ASN L 73 -28.48 15.11 13.20
CA ASN L 73 -28.83 15.06 11.78
C ASN L 73 -29.71 13.83 11.53
N TYR L 74 -29.60 12.77 12.30
CA TYR L 74 -30.30 11.50 12.21
C TYR L 74 -31.60 11.51 12.96
N GLU L 75 -31.68 12.27 14.04
CA GLU L 75 -32.92 12.33 14.80
C GLU L 75 -33.92 13.10 13.95
N ARG L 76 -33.44 14.16 13.27
CA ARG L 76 -34.17 15.03 12.35
C ARG L 76 -34.74 14.29 11.14
N TYR L 77 -33.85 13.60 10.42
CA TYR L 77 -34.13 13.00 9.11
C TYR L 77 -34.90 11.68 9.17
N LEU L 78 -34.88 11.00 10.32
CA LEU L 78 -35.54 9.72 10.59
C LEU L 78 -36.74 9.85 11.50
N GLY L 79 -36.68 10.75 12.49
CA GLY L 79 -37.71 10.82 13.53
C GLY L 79 -37.55 9.70 14.53
N VAL L 80 -36.38 9.61 15.15
CA VAL L 80 -36.00 8.53 16.07
C VAL L 80 -35.31 9.06 17.31
N THR L 81 -35.45 8.35 18.43
CA THR L 81 -34.70 8.65 19.66
C THR L 81 -33.50 7.73 19.75
N LEU L 82 -32.30 8.25 19.53
CA LEU L 82 -31.07 7.48 19.70
C LEU L 82 -30.64 7.45 21.18
N THR L 83 -29.52 6.79 21.45
CA THR L 83 -28.96 6.61 22.81
C THR L 83 -27.45 6.88 22.82
N LYS L 84 -26.83 6.97 23.98
CA LYS L 84 -25.38 7.22 24.11
C LYS L 84 -24.53 6.16 23.42
N ASP L 85 -25.07 4.96 23.22
CA ASP L 85 -24.39 3.85 22.53
C ASP L 85 -24.38 3.98 21.00
N HIS L 86 -25.28 4.75 20.38
CA HIS L 86 -25.31 4.93 18.92
C HIS L 86 -24.16 5.78 18.37
N ASN L 87 -23.36 6.38 19.23
CA ASN L 87 -22.15 7.07 18.83
C ASN L 87 -20.93 6.25 19.26
N ILE L 88 -20.53 5.31 18.41
CA ILE L 88 -19.28 4.57 18.59
C ILE L 88 -18.13 5.55 18.40
N THR L 89 -17.11 5.53 19.24
CA THR L 89 -15.90 6.34 19.03
C THR L 89 -14.66 5.52 19.33
N THR L 90 -13.52 5.89 18.77
CA THR L 90 -12.27 5.17 19.02
C THR L 90 -11.91 5.15 20.50
N GLY L 91 -12.12 6.24 21.22
CA GLY L 91 -11.90 6.26 22.66
C GLY L 91 -12.89 5.39 23.44
N LYS L 92 -14.12 5.27 22.96
CA LYS L 92 -15.16 4.47 23.60
C LYS L 92 -14.87 2.99 23.48
N ILE L 93 -14.46 2.52 22.31
CA ILE L 93 -14.21 1.10 22.09
C ILE L 93 -12.87 0.64 22.63
N TYR L 94 -11.79 1.41 22.56
CA TYR L 94 -10.59 1.03 23.31
C TYR L 94 -10.84 0.94 24.81
N SER L 95 -11.63 1.84 25.40
CA SER L 95 -11.99 1.77 26.82
C SER L 95 -12.78 0.52 27.17
N HIS L 96 -13.72 0.11 26.33
CA HIS L 96 -14.56 -1.06 26.59
C HIS L 96 -13.76 -2.36 26.53
N VAL L 97 -12.91 -2.54 25.52
CA VAL L 97 -12.02 -3.71 25.47
C VAL L 97 -10.96 -3.68 26.57
N ILE L 98 -10.36 -2.53 26.89
CA ILE L 98 -9.43 -2.43 28.02
C ILE L 98 -10.12 -2.70 29.36
N ALA L 99 -11.40 -2.37 29.55
CA ALA L 99 -12.10 -2.76 30.77
C ALA L 99 -12.21 -4.28 30.90
N LYS L 100 -12.65 -4.95 29.84
CA LYS L 100 -12.71 -6.41 29.78
C LYS L 100 -11.33 -7.07 29.95
N GLU L 101 -10.25 -6.44 29.53
CA GLU L 101 -8.88 -6.91 29.76
C GLU L 101 -8.49 -6.96 31.24
N ARG L 102 -8.83 -5.95 32.03
CA ARG L 102 -8.52 -5.91 33.48
C ARG L 102 -9.51 -6.67 34.34
N LYS L 103 -10.77 -6.78 33.91
CA LYS L 103 -11.74 -7.71 34.49
C LYS L 103 -11.37 -9.16 34.21
N GLY L 104 -10.62 -9.40 33.14
CA GLY L 104 -10.12 -10.72 32.76
C GLY L 104 -11.10 -11.54 31.92
N ASP L 105 -12.03 -10.90 31.20
CA ASP L 105 -13.05 -11.57 30.40
C ASP L 105 -12.47 -12.32 29.19
N TYR L 106 -11.22 -12.07 28.83
CA TYR L 106 -10.46 -12.81 27.81
C TYR L 106 -9.78 -14.08 28.34
N LEU L 107 -10.10 -14.55 29.55
CA LEU L 107 -9.63 -15.84 30.09
C LEU L 107 -8.10 -15.98 29.99
N GLY L 108 -7.39 -14.90 30.25
CA GLY L 108 -5.93 -14.84 30.25
C GLY L 108 -5.26 -15.00 28.89
N LYS L 109 -5.99 -15.04 27.76
CA LYS L 109 -5.39 -14.90 26.44
C LYS L 109 -4.72 -13.53 26.33
N THR L 110 -3.76 -13.34 25.42
CA THR L 110 -3.42 -11.97 24.99
C THR L 110 -4.54 -11.43 24.12
N VAL L 111 -4.82 -10.14 24.24
CA VAL L 111 -5.92 -9.48 23.53
C VAL L 111 -5.34 -8.55 22.49
N GLN L 112 -5.87 -8.63 21.27
CA GLN L 112 -5.22 -8.14 20.06
C GLN L 112 -6.16 -7.22 19.30
N ILE L 113 -5.65 -6.33 18.46
CA ILE L 113 -6.56 -5.50 17.66
C ILE L 113 -7.35 -6.36 16.69
N VAL L 114 -6.74 -7.39 16.11
CA VAL L 114 -7.44 -8.46 15.38
C VAL L 114 -7.11 -9.80 16.04
N PRO L 115 -8.07 -10.65 16.40
CA PRO L 115 -9.51 -10.51 16.20
C PRO L 115 -10.27 -9.85 17.35
N HIS L 116 -9.72 -9.64 18.54
CA HIS L 116 -10.54 -9.26 19.70
C HIS L 116 -11.20 -7.91 19.58
N LEU L 117 -10.48 -6.84 19.25
CA LEU L 117 -11.10 -5.53 19.10
C LEU L 117 -12.00 -5.45 17.86
N THR L 118 -11.65 -6.09 16.74
CA THR L 118 -12.56 -6.10 15.59
C THR L 118 -13.81 -6.93 15.83
N ASN L 119 -13.77 -7.94 16.69
CA ASN L 119 -14.97 -8.59 17.21
C ASN L 119 -15.76 -7.64 18.09
N ALA L 120 -15.13 -6.88 18.99
CA ALA L 120 -15.84 -5.93 19.83
C ALA L 120 -16.66 -4.93 19.02
N ILE L 121 -16.10 -4.35 17.97
CA ILE L 121 -16.79 -3.42 17.08
C ILE L 121 -18.00 -4.09 16.41
N GLN L 122 -17.87 -5.30 15.87
CA GLN L 122 -19.00 -6.03 15.29
C GLN L 122 -20.07 -6.34 16.34
N ASP L 123 -19.65 -6.77 17.53
CA ASP L 123 -20.57 -7.08 18.62
C ASP L 123 -21.28 -5.82 19.13
N TRP L 124 -20.66 -4.63 19.05
CA TRP L 124 -21.30 -3.35 19.34
C TRP L 124 -22.32 -2.95 18.28
N ILE L 125 -21.97 -3.00 16.99
CA ILE L 125 -22.90 -2.65 15.92
C ILE L 125 -24.14 -3.54 15.96
N GLU L 126 -24.00 -4.86 16.04
CA GLU L 126 -25.17 -5.73 16.10
C GLU L 126 -25.90 -5.64 17.44
N ARG L 127 -25.25 -5.24 18.54
CA ARG L 127 -25.94 -4.96 19.81
C ARG L 127 -26.84 -3.77 19.63
N VAL L 128 -26.29 -2.64 19.22
CA VAL L 128 -27.01 -1.37 19.14
C VAL L 128 -28.12 -1.41 18.09
N ALA L 129 -27.92 -2.12 16.99
CA ALA L 129 -28.94 -2.27 15.94
C ALA L 129 -30.20 -3.02 16.38
N LYS L 130 -30.21 -3.69 17.54
CA LYS L 130 -31.43 -4.24 18.15
C LYS L 130 -32.33 -3.21 18.83
N ILE L 131 -31.77 -2.11 19.33
CA ILE L 131 -32.48 -1.15 20.18
C ILE L 131 -33.65 -0.51 19.42
N PRO L 132 -34.88 -0.48 19.97
CA PRO L 132 -36.07 0.03 19.28
C PRO L 132 -36.17 1.56 19.37
N VAL L 133 -35.46 2.27 18.49
CA VAL L 133 -35.39 3.75 18.48
C VAL L 133 -36.63 4.43 17.90
N ASP L 134 -37.55 3.67 17.33
CA ASP L 134 -38.62 4.10 16.44
C ASP L 134 -39.98 4.25 17.15
N ASP L 135 -41.02 4.71 16.44
CA ASP L 135 -42.35 5.03 16.98
C ASP L 135 -43.18 3.82 17.47
N THR L 136 -42.64 2.61 17.44
CA THR L 136 -43.16 1.45 18.17
C THR L 136 -42.00 0.55 18.57
N GLY L 137 -42.15 -0.18 19.66
CA GLY L 137 -41.06 -0.88 20.36
C GLY L 137 -40.42 -2.07 19.63
N MET L 138 -40.71 -2.32 18.34
CA MET L 138 -40.03 -3.36 17.56
C MET L 138 -38.60 -2.97 17.21
N GLU L 139 -37.74 -3.97 17.10
CA GLU L 139 -36.36 -3.76 16.64
C GLU L 139 -36.32 -3.23 15.19
N PRO L 140 -35.38 -2.34 14.84
CA PRO L 140 -35.25 -1.81 13.48
C PRO L 140 -35.03 -2.87 12.41
N ASP L 141 -35.52 -2.59 11.20
CA ASP L 141 -35.37 -3.46 10.06
C ASP L 141 -34.03 -3.21 9.34
N VAL L 142 -33.62 -1.93 9.30
CA VAL L 142 -32.39 -1.48 8.67
C VAL L 142 -31.61 -0.55 9.59
N CYS L 143 -30.29 -0.66 9.57
CA CYS L 143 -29.39 0.25 10.28
C CYS L 143 -28.46 0.96 9.30
N ILE L 144 -28.41 2.29 9.31
CA ILE L 144 -27.46 3.09 8.53
C ILE L 144 -26.21 3.29 9.37
N ILE L 145 -25.06 2.78 8.95
CA ILE L 145 -23.79 2.92 9.67
C ILE L 145 -22.93 3.94 8.96
N GLU L 146 -22.67 5.09 9.56
CA GLU L 146 -21.77 6.07 8.95
C GLU L 146 -20.39 5.96 9.55
N LEU L 147 -19.42 5.63 8.73
CA LEU L 147 -18.01 5.54 9.10
C LEU L 147 -17.35 6.91 8.88
N GLY L 148 -17.05 7.63 9.96
CA GLY L 148 -16.30 8.88 9.89
C GLY L 148 -14.84 8.72 9.50
N GLY L 149 -14.15 9.85 9.34
CA GLY L 149 -12.79 9.92 8.80
C GLY L 149 -12.75 9.56 7.32
N THR L 150 -11.61 9.10 6.82
CA THR L 150 -11.48 8.55 5.47
C THR L 150 -10.85 7.17 5.50
N VAL L 151 -11.28 6.28 4.61
CA VAL L 151 -10.66 4.96 4.46
C VAL L 151 -9.18 5.15 4.07
N GLY L 152 -8.26 4.48 4.77
CA GLY L 152 -6.82 4.69 4.63
C GLY L 152 -6.19 5.64 5.65
N ASP L 153 -7.00 6.12 6.59
CA ASP L 153 -6.48 6.90 7.74
C ASP L 153 -5.91 5.86 8.71
N ILE L 154 -4.88 6.18 9.52
CA ILE L 154 -4.35 5.23 10.56
C ILE L 154 -5.30 5.28 11.75
N GLU L 155 -6.31 6.10 11.76
CA GLU L 155 -7.33 6.35 12.77
C GLU L 155 -8.56 5.52 12.50
N SER L 156 -8.85 5.22 11.26
CA SER L 156 -10.03 4.52 10.74
C SER L 156 -9.74 3.07 10.41
N ALA L 157 -8.50 2.61 10.57
CA ALA L 157 -8.09 1.25 10.14
C ALA L 157 -8.79 0.16 10.98
N PRO L 158 -8.99 0.28 12.32
CA PRO L 158 -9.72 -0.73 13.07
C PRO L 158 -11.16 -0.95 12.63
N PHE L 159 -11.84 0.09 12.19
CA PHE L 159 -13.24 0.02 11.78
C PHE L 159 -13.46 -0.58 10.41
N VAL L 160 -12.60 -0.31 9.43
CA VAL L 160 -12.69 -0.99 8.12
C VAL L 160 -12.33 -2.48 8.22
N GLU L 161 -11.45 -2.88 9.14
CA GLU L 161 -11.31 -4.30 9.47
C GLU L 161 -12.61 -4.86 10.06
N ALA L 162 -13.17 -4.21 11.07
CA ALA L 162 -14.35 -4.73 11.72
C ALA L 162 -15.54 -4.81 10.78
N LEU L 163 -15.76 -3.80 9.94
CA LEU L 163 -16.78 -3.80 8.92
C LEU L 163 -16.52 -4.88 7.86
N ARG L 164 -15.27 -5.13 7.41
CA ARG L 164 -15.00 -6.23 6.46
C ARG L 164 -15.48 -7.56 7.02
N GLN L 165 -15.05 -7.88 8.23
CA GLN L 165 -15.46 -9.11 8.91
C GLN L 165 -16.98 -9.14 9.08
N PHE L 166 -17.60 -7.98 9.32
CA PHE L 166 -19.04 -7.85 9.42
C PHE L 166 -19.78 -8.16 8.11
N GLN L 167 -19.17 -8.01 6.94
CA GLN L 167 -19.77 -8.44 5.66
C GLN L 167 -20.00 -9.96 5.58
N PHE L 168 -19.45 -10.73 6.53
CA PHE L 168 -19.55 -12.18 6.61
C PHE L 168 -20.35 -12.62 7.84
N LYS L 169 -20.17 -11.93 8.98
CA LYS L 169 -20.94 -12.18 10.20
C LYS L 169 -22.43 -11.88 9.94
N VAL L 170 -22.70 -10.77 9.27
CA VAL L 170 -23.92 -10.50 8.49
C VAL L 170 -23.70 -11.04 7.09
N GLY L 171 -24.73 -11.52 6.39
CA GLY L 171 -24.56 -11.96 5.00
C GLY L 171 -24.49 -10.84 3.95
N LYS L 172 -23.90 -11.12 2.79
CA LYS L 172 -24.25 -10.41 1.56
C LYS L 172 -25.73 -10.66 1.27
N GLU L 173 -26.42 -9.72 0.61
CA GLU L 173 -27.89 -9.61 0.60
C GLU L 173 -28.49 -9.28 1.98
N ASN L 174 -27.69 -8.94 3.00
CA ASN L 174 -28.14 -8.22 4.19
C ASN L 174 -27.30 -6.96 4.44
N PHE L 175 -26.05 -6.90 4.03
CA PHE L 175 -25.18 -5.73 4.14
C PHE L 175 -24.91 -5.12 2.75
N ALA L 176 -24.88 -3.79 2.65
CA ALA L 176 -24.46 -3.03 1.46
C ALA L 176 -23.67 -1.78 1.81
N LEU L 177 -22.83 -1.27 0.92
CA LEU L 177 -22.00 -0.09 1.18
C LEU L 177 -22.16 0.98 0.12
N ILE L 178 -22.31 2.23 0.55
CA ILE L 178 -22.29 3.45 -0.25
C ILE L 178 -20.96 4.15 0.01
N HIS L 179 -20.13 4.38 -1.00
CA HIS L 179 -18.85 5.06 -0.83
C HIS L 179 -18.95 6.45 -1.42
N VAL L 180 -18.64 7.47 -0.65
CA VAL L 180 -18.81 8.87 -1.06
C VAL L 180 -17.45 9.40 -1.48
N SER L 181 -17.30 9.96 -2.67
CA SER L 181 -15.97 10.23 -3.25
C SER L 181 -15.91 11.52 -4.07
N LEU L 182 -14.70 12.03 -4.33
CA LEU L 182 -14.53 13.37 -4.90
C LEU L 182 -14.31 13.32 -6.41
N VAL L 183 -15.04 14.15 -7.15
CA VAL L 183 -14.75 14.44 -8.55
C VAL L 183 -14.34 15.91 -8.61
N PRO L 184 -13.06 16.28 -8.43
CA PRO L 184 -12.66 17.67 -8.54
C PRO L 184 -12.81 18.13 -9.98
N VAL L 185 -13.23 19.38 -10.15
CA VAL L 185 -13.27 20.04 -11.44
C VAL L 185 -12.15 21.06 -11.48
N ILE L 186 -11.18 20.87 -12.37
CA ILE L 186 -10.13 21.86 -12.66
C ILE L 186 -9.97 22.04 -14.15
N HIS L 187 -9.62 23.25 -14.60
CA HIS L 187 -9.63 23.61 -16.02
C HIS L 187 -10.98 23.29 -16.70
N GLY L 188 -12.07 23.39 -15.94
CA GLY L 188 -13.42 23.03 -16.38
C GLY L 188 -13.66 21.55 -16.72
N GLU L 189 -12.78 20.62 -16.31
CA GLU L 189 -12.96 19.17 -16.52
C GLU L 189 -13.10 18.38 -15.22
N GLN L 190 -14.12 17.52 -15.13
CA GLN L 190 -14.34 16.55 -14.05
C GLN L 190 -13.29 15.42 -14.06
N LYS L 191 -12.36 15.40 -13.11
CA LYS L 191 -11.31 14.37 -13.03
C LYS L 191 -11.76 13.18 -12.19
N THR L 192 -11.66 11.96 -12.69
CA THR L 192 -12.10 10.75 -11.98
C THR L 192 -11.05 10.18 -11.04
N LYS L 193 -9.76 10.50 -11.20
CA LYS L 193 -8.67 9.78 -10.54
C LYS L 193 -8.70 9.75 -9.01
N PRO L 194 -9.14 10.76 -8.25
CA PRO L 194 -9.24 10.62 -6.81
C PRO L 194 -10.23 9.53 -6.40
N THR L 195 -11.31 9.33 -7.16
CA THR L 195 -12.21 8.17 -6.96
C THR L 195 -11.54 6.84 -7.29
N GLN L 196 -10.72 6.75 -8.34
CA GLN L 196 -9.96 5.52 -8.62
C GLN L 196 -8.98 5.18 -7.50
N ALA L 197 -8.14 6.12 -7.06
CA ALA L 197 -7.18 5.91 -5.97
C ALA L 197 -7.85 5.60 -4.62
N ALA L 198 -8.99 6.21 -4.28
CA ALA L 198 -9.73 5.92 -3.06
C ALA L 198 -10.53 4.62 -3.14
N ILE L 199 -10.91 4.15 -4.31
CA ILE L 199 -11.53 2.82 -4.49
C ILE L 199 -10.48 1.73 -4.47
N LYS L 200 -9.30 1.96 -5.04
CA LYS L 200 -8.12 1.12 -4.82
C LYS L 200 -7.83 0.98 -3.32
N GLY L 201 -7.80 2.07 -2.57
CA GLY L 201 -7.72 2.03 -1.10
C GLY L 201 -8.83 1.19 -0.48
N LEU L 202 -10.09 1.40 -0.86
CA LEU L 202 -11.22 0.67 -0.30
C LEU L 202 -11.10 -0.83 -0.52
N ARG L 203 -10.85 -1.30 -1.74
CA ARG L 203 -10.74 -2.74 -2.00
C ARG L 203 -9.52 -3.36 -1.32
N SER L 204 -8.45 -2.59 -1.09
CA SER L 204 -7.29 -3.08 -0.33
C SER L 204 -7.70 -3.57 1.06
N LEU L 205 -8.51 -2.80 1.78
CA LEU L 205 -9.02 -3.15 3.11
C LEU L 205 -10.22 -4.13 3.06
N GLY L 206 -10.84 -4.31 1.89
CA GLY L 206 -11.63 -5.49 1.54
C GLY L 206 -13.14 -5.26 1.42
N LEU L 207 -13.60 -4.06 1.76
CA LEU L 207 -14.96 -3.63 1.49
C LEU L 207 -15.13 -3.42 -0.01
N VAL L 208 -16.31 -3.70 -0.56
CA VAL L 208 -16.66 -3.42 -1.97
C VAL L 208 -17.90 -2.54 -2.03
N PRO L 209 -17.91 -1.45 -2.79
CA PRO L 209 -19.01 -0.52 -2.81
C PRO L 209 -20.10 -1.02 -3.73
N ASP L 210 -21.33 -1.04 -3.23
CA ASP L 210 -22.52 -1.32 -4.02
C ASP L 210 -23.06 -0.08 -4.71
N MET L 211 -22.67 1.09 -4.22
CA MET L 211 -22.85 2.38 -4.85
C MET L 211 -21.63 3.26 -4.67
N ILE L 212 -21.41 4.17 -5.60
CA ILE L 212 -20.52 5.31 -5.40
C ILE L 212 -21.39 6.56 -5.42
N ALA L 213 -21.10 7.54 -4.59
CA ALA L 213 -21.80 8.81 -4.58
C ALA L 213 -20.82 9.97 -4.65
N CYS L 214 -20.95 10.87 -5.61
CA CYS L 214 -19.90 11.87 -5.82
C CYS L 214 -20.22 13.25 -5.25
N ARG L 215 -19.30 13.79 -4.47
CA ARG L 215 -19.17 15.24 -4.29
C ARG L 215 -18.59 15.79 -5.57
N CYS L 216 -19.33 16.68 -6.22
CA CYS L 216 -18.87 17.36 -7.41
C CYS L 216 -19.44 18.77 -7.46
N SER L 217 -18.70 19.72 -8.04
CA SER L 217 -19.18 21.08 -8.26
C SER L 217 -20.27 21.16 -9.32
N GLU L 218 -20.55 20.08 -10.06
CA GLU L 218 -21.40 20.05 -11.26
C GLU L 218 -22.35 18.86 -11.27
N THR L 219 -23.28 18.82 -12.22
CA THR L 219 -23.86 17.52 -12.60
C THR L 219 -22.76 16.68 -13.25
N LEU L 220 -22.52 15.45 -12.80
CA LEU L 220 -21.57 14.56 -13.45
C LEU L 220 -21.89 14.39 -14.93
N ASP L 221 -20.90 14.57 -15.79
CA ASP L 221 -21.04 14.26 -17.20
C ASP L 221 -21.30 12.75 -17.38
N LYS L 222 -22.08 12.41 -18.40
CA LYS L 222 -22.29 11.04 -18.86
C LYS L 222 -20.99 10.24 -18.99
N PRO L 223 -19.90 10.74 -19.61
CA PRO L 223 -18.59 10.08 -19.59
C PRO L 223 -17.95 9.95 -18.21
N THR L 224 -18.16 10.87 -17.26
CA THR L 224 -17.59 10.75 -15.91
C THR L 224 -18.21 9.58 -15.17
N ILE L 225 -19.52 9.40 -15.25
CA ILE L 225 -20.19 8.22 -14.72
C ILE L 225 -19.64 6.94 -15.35
N ASP L 226 -19.46 6.91 -16.67
CA ASP L 226 -18.91 5.74 -17.35
C ASP L 226 -17.47 5.46 -16.94
N LYS L 227 -16.61 6.47 -16.79
CA LYS L 227 -15.21 6.30 -16.40
C LYS L 227 -15.02 6.00 -14.91
N ILE L 228 -15.97 6.31 -14.04
CA ILE L 228 -16.02 5.73 -12.67
C ILE L 228 -16.50 4.29 -12.71
N ALA L 229 -17.61 3.97 -13.37
CA ALA L 229 -18.13 2.60 -13.42
C ALA L 229 -17.23 1.60 -14.16
N MET L 230 -16.39 2.05 -15.10
CA MET L 230 -15.35 1.23 -15.74
C MET L 230 -14.19 0.90 -14.79
N PHE L 231 -14.14 1.51 -13.62
CA PHE L 231 -13.04 1.39 -12.62
C PHE L 231 -13.49 0.90 -11.25
N CYS L 232 -14.78 0.61 -11.09
CA CYS L 232 -15.39 0.13 -9.84
C CYS L 232 -16.46 -0.91 -10.15
N HIS L 233 -16.83 -1.73 -9.18
CA HIS L 233 -17.73 -2.87 -9.42
C HIS L 233 -19.23 -2.52 -9.35
N VAL L 234 -19.60 -1.35 -9.88
CA VAL L 234 -20.95 -0.77 -9.87
C VAL L 234 -21.46 -0.59 -11.30
N GLY L 235 -22.76 -0.74 -11.56
CA GLY L 235 -23.32 -0.32 -12.84
C GLY L 235 -23.29 1.21 -12.97
N PRO L 236 -23.41 1.78 -14.17
CA PRO L 236 -23.41 3.23 -14.33
C PRO L 236 -24.61 3.92 -13.65
N GLU L 237 -25.68 3.20 -13.39
CA GLU L 237 -26.88 3.67 -12.67
C GLU L 237 -26.71 3.73 -11.13
N GLN L 238 -25.62 3.22 -10.57
CA GLN L 238 -25.25 3.33 -9.15
C GLN L 238 -24.06 4.26 -8.89
N VAL L 239 -23.70 5.11 -9.83
CA VAL L 239 -22.87 6.30 -9.54
C VAL L 239 -23.80 7.47 -9.27
N VAL L 240 -24.25 7.59 -8.02
CA VAL L 240 -25.13 8.62 -7.50
C VAL L 240 -24.39 9.96 -7.46
N ASN L 241 -25.12 11.08 -7.48
CA ASN L 241 -24.53 12.41 -7.47
C ASN L 241 -25.36 13.42 -6.66
N VAL L 242 -24.85 13.82 -5.50
CA VAL L 242 -25.46 14.85 -4.65
C VAL L 242 -24.99 16.23 -5.10
N HIS L 243 -25.55 16.74 -6.19
CA HIS L 243 -25.23 18.05 -6.74
C HIS L 243 -25.92 19.20 -6.00
N ASP L 244 -25.62 20.44 -6.35
CA ASP L 244 -26.31 21.62 -5.84
C ASP L 244 -27.84 21.51 -6.01
N VAL L 245 -28.59 21.76 -4.94
CA VAL L 245 -30.05 21.70 -4.86
C VAL L 245 -30.59 22.89 -4.07
N ASN L 246 -31.88 23.19 -4.19
CA ASN L 246 -32.46 24.40 -3.61
C ASN L 246 -32.28 24.48 -2.09
N SER L 247 -32.39 23.33 -1.43
CA SER L 247 -32.04 23.11 -0.03
C SER L 247 -31.65 21.66 0.23
N THR L 248 -30.93 21.44 1.31
CA THR L 248 -30.44 20.13 1.77
C THR L 248 -31.55 19.06 1.81
N TYR L 249 -32.75 19.41 2.24
CA TYR L 249 -33.86 18.45 2.31
C TYR L 249 -34.38 18.00 0.94
N HIS L 250 -34.04 18.67 -0.16
CA HIS L 250 -34.30 18.13 -1.49
C HIS L 250 -33.43 16.91 -1.77
N VAL L 251 -32.28 16.77 -1.11
CA VAL L 251 -31.36 15.66 -1.32
C VAL L 251 -32.03 14.29 -1.25
N PRO L 252 -32.83 13.91 -0.24
CA PRO L 252 -33.49 12.60 -0.28
C PRO L 252 -34.35 12.41 -1.53
N LEU L 253 -35.08 13.44 -1.96
CA LEU L 253 -35.85 13.34 -3.19
C LEU L 253 -34.91 13.26 -4.40
N LEU L 254 -33.79 13.99 -4.38
CA LEU L 254 -32.73 13.84 -5.38
C LEU L 254 -32.24 12.39 -5.46
N LEU L 255 -31.94 11.75 -4.34
CA LEU L 255 -31.51 10.35 -4.28
C LEU L 255 -32.59 9.42 -4.84
N LEU L 256 -33.84 9.64 -4.45
CA LEU L 256 -34.99 8.93 -4.98
C LEU L 256 -35.10 9.08 -6.50
N GLU L 257 -34.96 10.29 -7.01
CA GLU L 257 -35.06 10.61 -8.43
C GLU L 257 -33.94 9.95 -9.24
N GLN L 258 -32.75 9.84 -8.65
CA GLN L 258 -31.61 9.10 -9.19
C GLN L 258 -31.74 7.57 -9.02
N LYS L 259 -32.94 7.06 -8.73
CA LYS L 259 -33.25 5.63 -8.57
C LYS L 259 -32.38 4.93 -7.53
N MET L 260 -31.93 5.66 -6.52
CA MET L 260 -31.04 5.12 -5.50
C MET L 260 -31.71 4.00 -4.71
N ILE L 261 -32.96 4.19 -4.28
CA ILE L 261 -33.72 3.17 -3.53
C ILE L 261 -34.21 2.03 -4.41
N ASP L 262 -34.52 2.26 -5.68
CA ASP L 262 -34.96 1.20 -6.57
C ASP L 262 -33.86 0.14 -6.79
N TYR L 263 -32.60 0.49 -6.55
CA TYR L 263 -31.51 -0.47 -6.39
C TYR L 263 -31.48 -1.07 -4.98
N LEU L 264 -31.43 -0.27 -3.89
CA LEU L 264 -31.33 -0.83 -2.53
C LEU L 264 -32.46 -1.79 -2.19
N HIS L 265 -33.67 -1.57 -2.69
CA HIS L 265 -34.77 -2.51 -2.60
C HIS L 265 -34.39 -3.92 -3.09
N ALA L 266 -33.72 -4.03 -4.25
CA ALA L 266 -33.26 -5.30 -4.80
C ALA L 266 -31.97 -5.78 -4.12
N ARG L 267 -30.99 -4.89 -3.92
CA ARG L 267 -29.66 -5.21 -3.38
C ARG L 267 -29.69 -5.69 -1.94
N LEU L 268 -30.63 -5.19 -1.16
CA LEU L 268 -30.87 -5.63 0.19
C LEU L 268 -32.17 -6.42 0.32
N LYS L 269 -32.84 -6.71 -0.80
CA LYS L 269 -33.96 -7.64 -0.86
C LYS L 269 -35.05 -7.23 0.16
N LEU L 270 -35.44 -5.97 0.06
CA LEU L 270 -36.31 -5.29 1.02
C LEU L 270 -37.78 -5.63 0.82
N ASP L 271 -38.10 -6.22 -0.34
CA ASP L 271 -39.33 -6.97 -0.59
C ASP L 271 -39.52 -8.12 0.40
N GLU L 272 -38.45 -8.66 1.00
CA GLU L 272 -38.58 -9.64 2.08
C GLU L 272 -39.14 -9.05 3.37
N ILE L 273 -39.15 -7.72 3.54
CA ILE L 273 -39.75 -7.07 4.70
C ILE L 273 -41.27 -6.93 4.47
N SER L 274 -42.02 -7.94 4.92
CA SER L 274 -43.48 -8.01 4.85
C SER L 274 -44.15 -7.11 5.90
N LEU L 275 -44.10 -5.80 5.68
CA LEU L 275 -44.71 -4.77 6.54
C LEU L 275 -46.22 -4.97 6.72
N THR L 276 -46.76 -4.58 7.87
CA THR L 276 -48.23 -4.43 7.98
C THR L 276 -48.71 -3.27 7.10
N GLU L 277 -49.99 -3.27 6.76
CA GLU L 277 -50.60 -2.17 6.00
C GLU L 277 -50.76 -0.89 6.83
N GLU L 278 -50.48 -0.92 8.13
CA GLU L 278 -50.20 0.29 8.91
C GLU L 278 -48.73 0.73 8.85
N GLU L 279 -47.83 -0.13 8.37
CA GLU L 279 -46.45 0.20 8.07
C GLU L 279 -46.31 0.44 6.59
N GLU L 280 -48.89 1.81 5.97
CA GLU L 280 -49.30 3.20 6.09
C GLU L 280 -48.18 4.11 6.59
N LEU L 281 -47.23 3.63 7.38
CA LEU L 281 -46.02 4.39 7.72
C LEU L 281 -45.28 4.83 6.46
N LEU L 282 -45.22 3.95 5.47
CA LEU L 282 -44.82 4.25 4.10
C LEU L 282 -45.59 5.43 3.55
N SER L 283 -46.91 5.38 3.60
CA SER L 283 -47.82 6.37 3.03
C SER L 283 -47.67 7.71 3.74
N LYS L 284 -47.66 7.70 5.06
CA LYS L 284 -47.41 8.84 5.93
C LYS L 284 -46.06 9.44 5.62
N TRP L 285 -45.03 8.62 5.48
CA TRP L 285 -43.71 9.14 5.16
C TRP L 285 -43.64 9.75 3.75
N LYS L 286 -44.25 9.09 2.77
CA LYS L 286 -44.37 9.59 1.39
C LYS L 286 -45.10 10.91 1.38
N ALA L 287 -46.21 11.00 2.12
CA ALA L 287 -46.85 12.27 2.37
C ALA L 287 -45.84 13.26 2.94
N THR L 288 -45.18 12.98 4.06
CA THR L 288 -44.22 13.92 4.66
C THR L 288 -43.03 14.26 3.78
N THR L 289 -42.63 13.37 2.87
CA THR L 289 -41.59 13.63 1.90
C THR L 289 -42.04 14.76 0.98
N GLY L 290 -43.25 14.61 0.46
CA GLY L 290 -43.95 15.70 -0.20
C GLY L 290 -44.13 16.89 0.73
N ASN L 291 -44.58 16.72 1.97
CA ASN L 291 -44.95 17.84 2.82
C ASN L 291 -43.72 18.65 3.27
N PHE L 292 -42.55 18.02 3.35
CA PHE L 292 -41.30 18.75 3.32
C PHE L 292 -41.17 19.48 1.97
N ASP L 293 -41.11 18.72 0.87
CA ASP L 293 -40.65 19.19 -0.42
C ASP L 293 -41.51 20.29 -1.05
N GLU L 294 -42.80 20.26 -0.81
CA GLU L 294 -43.83 21.16 -1.34
C GLU L 294 -43.69 22.58 -0.76
N THR L 295 -39.64 36.85 2.05
CA THR L 295 -38.54 36.63 3.01
C THR L 295 -38.85 37.08 4.44
N VAL L 296 -38.32 36.36 5.43
CA VAL L 296 -38.17 36.78 6.82
C VAL L 296 -36.68 36.93 7.13
N LYS L 297 -36.24 38.09 7.61
CA LYS L 297 -34.82 38.35 7.92
C LYS L 297 -34.62 38.22 9.43
N ILE L 298 -33.73 37.38 9.93
CA ILE L 298 -33.48 37.19 11.37
C ILE L 298 -32.02 37.45 11.68
N ALA L 299 -31.70 38.31 12.65
CA ALA L 299 -30.33 38.48 13.10
C ALA L 299 -30.05 37.45 14.17
N LEU L 300 -29.09 36.56 13.95
CA LEU L 300 -28.58 35.64 14.97
C LEU L 300 -27.30 36.24 15.52
N VAL L 301 -27.32 36.60 16.79
CA VAL L 301 -26.28 37.42 17.43
C VAL L 301 -25.57 36.60 18.49
N GLY L 302 -24.29 36.32 18.31
CA GLY L 302 -23.56 35.51 19.29
C GLY L 302 -22.06 35.60 19.12
N LYS L 303 -21.31 34.83 19.92
CA LYS L 303 -19.84 34.68 19.79
C LYS L 303 -19.45 33.90 18.54
N TYR L 304 -18.42 34.34 17.83
CA TYR L 304 -17.74 33.60 16.76
C TYR L 304 -18.70 32.98 15.73
N THR L 305 -19.71 33.75 15.32
CA THR L 305 -20.65 33.33 14.25
C THR L 305 -20.00 33.00 12.91
N ASN L 306 -18.72 33.35 12.72
CA ASN L 306 -17.89 32.89 11.61
C ASN L 306 -17.83 31.35 11.53
N LEU L 307 -17.89 30.71 12.70
CA LEU L 307 -17.85 29.28 12.92
C LEU L 307 -19.25 28.69 12.78
N LYS L 308 -19.76 28.68 11.55
CA LYS L 308 -21.21 28.47 11.31
C LYS L 308 -21.74 27.08 11.71
N ASP L 309 -20.92 26.04 11.69
CA ASP L 309 -21.37 24.74 12.20
C ASP L 309 -21.68 24.77 13.70
N SER L 310 -21.08 25.68 14.47
CA SER L 310 -21.31 25.79 15.91
C SER L 310 -22.75 26.19 16.26
N TYR L 311 -23.52 26.67 15.29
CA TYR L 311 -24.90 27.06 15.45
C TYR L 311 -25.86 26.22 14.62
N LEU L 312 -25.39 25.08 14.11
CA LEU L 312 -26.15 24.30 13.13
C LEU L 312 -27.57 23.96 13.56
N SER L 313 -27.77 23.45 14.78
CA SER L 313 -29.11 23.06 15.22
C SER L 313 -30.05 24.26 15.20
N VAL L 314 -29.54 25.42 15.60
CA VAL L 314 -30.27 26.68 15.56
C VAL L 314 -30.71 26.96 14.14
N ILE L 315 -29.79 26.83 13.19
CA ILE L 315 -30.15 27.05 11.78
C ILE L 315 -31.24 26.09 11.35
N LYS L 316 -31.08 24.80 11.63
CA LYS L 316 -32.07 23.82 11.18
C LYS L 316 -33.42 24.07 11.81
N ALA L 317 -33.47 24.42 13.09
CA ALA L 317 -34.71 24.76 13.75
C ALA L 317 -35.44 25.94 13.07
N LEU L 318 -34.71 27.00 12.72
CA LEU L 318 -35.27 28.10 11.95
C LEU L 318 -35.75 27.66 10.57
N GLU L 319 -35.07 26.75 9.90
CA GLU L 319 -35.51 26.22 8.61
C GLU L 319 -36.81 25.44 8.73
N HIS L 320 -36.94 24.55 9.73
CA HIS L 320 -38.15 23.73 9.89
C HIS L 320 -39.37 24.61 10.06
N SER L 321 -39.25 25.61 10.92
CA SER L 321 -40.31 26.57 11.22
C SER L 321 -40.61 27.45 10.01
N SER L 322 -39.61 27.93 9.29
CA SER L 322 -39.83 28.78 8.12
C SER L 322 -40.64 28.11 7.01
N MET L 323 -40.47 26.80 6.82
CA MET L 323 -41.30 26.04 5.90
C MET L 323 -42.79 26.04 6.30
N LYS L 324 -43.11 25.99 7.60
CA LYS L 324 -44.49 26.08 8.09
C LYS L 324 -45.10 27.45 7.80
N CYS L 325 -44.37 28.54 8.04
CA CYS L 325 -44.77 29.90 7.68
C CYS L 325 -44.77 30.22 6.19
N ARG L 326 -44.34 29.26 5.36
CA ARG L 326 -44.17 29.35 3.90
C ARG L 326 -43.28 30.53 3.45
N ARG L 327 -42.40 31.01 4.33
CA ARG L 327 -41.55 32.20 4.10
C ARG L 327 -40.08 31.83 4.04
N LYS L 328 -39.34 32.51 3.17
CA LYS L 328 -37.93 32.24 2.91
C LYS L 328 -37.08 32.78 4.04
N LEU L 329 -36.19 31.97 4.57
CA LEU L 329 -35.36 32.35 5.72
C LEU L 329 -34.07 33.02 5.27
N ASP L 330 -33.75 34.15 5.89
CA ASP L 330 -32.50 34.87 5.65
C ASP L 330 -31.81 35.22 6.96
N ILE L 331 -30.97 34.31 7.47
CA ILE L 331 -30.22 34.54 8.71
C ILE L 331 -29.11 35.56 8.43
N LYS L 332 -29.11 36.69 9.14
CA LYS L 332 -27.95 37.58 9.21
C LYS L 332 -27.07 37.10 10.36
N TRP L 333 -25.82 36.81 10.08
CA TRP L 333 -24.83 36.42 11.07
C TRP L 333 -24.13 37.64 11.65
N VAL L 334 -24.32 37.90 12.94
CA VAL L 334 -23.72 39.02 13.66
C VAL L 334 -22.72 38.50 14.69
N GLU L 335 -21.47 38.93 14.65
CA GLU L 335 -20.59 38.74 15.79
C GLU L 335 -21.02 39.70 16.90
N ALA L 336 -21.40 39.16 18.05
CA ALA L 336 -21.90 39.95 19.16
C ALA L 336 -20.92 41.03 19.60
N THR L 337 -19.63 40.74 19.63
CA THR L 337 -18.63 41.72 20.05
C THR L 337 -18.51 42.92 19.11
N ASP L 338 -18.89 42.80 17.84
CA ASP L 338 -18.88 43.94 16.91
C ASP L 338 -19.99 44.95 17.18
N LEU L 339 -20.97 44.65 18.02
CA LEU L 339 -21.99 45.61 18.43
C LEU L 339 -21.49 46.55 19.52
N GLU L 340 -20.39 46.23 20.20
CA GLU L 340 -19.97 46.95 21.40
C GLU L 340 -19.57 48.41 21.13
N PRO L 341 -19.84 49.36 22.04
CA PRO L 341 -19.35 50.74 21.94
C PRO L 341 -17.82 50.87 21.81
N GLU L 342 -17.06 49.90 22.30
CA GLU L 342 -15.60 49.81 22.13
C GLU L 342 -15.19 49.43 20.71
N ALA L 343 -15.97 48.60 20.03
CA ALA L 343 -15.66 48.17 18.66
C ALA L 343 -15.65 49.36 17.69
N GLN L 344 -16.41 50.43 17.98
CA GLN L 344 -16.51 51.62 17.14
C GLN L 344 -15.17 52.33 16.90
N GLU L 345 -14.28 52.39 17.90
CA GLU L 345 -12.92 52.91 17.68
C GLU L 345 -11.93 51.84 17.22
N SER L 346 -12.14 50.58 17.63
CA SER L 346 -11.20 49.49 17.35
C SER L 346 -11.26 49.00 15.90
N ASN L 347 -12.46 48.78 15.37
CA ASN L 347 -12.72 48.15 14.08
C ASN L 347 -14.02 48.66 13.44
N LYS L 348 -14.09 49.98 13.23
CA LYS L 348 -15.32 50.72 12.91
C LYS L 348 -16.14 50.10 11.78
N THR L 349 -15.51 49.62 10.71
CA THR L 349 -16.20 49.12 9.51
C THR L 349 -17.10 47.95 9.84
N LYS L 350 -16.58 46.95 10.57
CA LYS L 350 -17.36 45.77 10.95
C LYS L 350 -18.45 46.08 11.95
N PHE L 351 -18.22 47.07 12.81
CA PHE L 351 -19.24 47.57 13.74
C PHE L 351 -20.46 48.14 13.03
N HIS L 352 -20.28 48.90 11.93
CA HIS L 352 -21.42 49.35 11.12
C HIS L 352 -22.12 48.19 10.42
N GLU L 353 -21.39 47.20 9.90
CA GLU L 353 -22.03 46.03 9.29
C GLU L 353 -22.89 45.27 10.30
N ALA L 354 -22.38 45.08 11.51
CA ALA L 354 -23.11 44.42 12.59
C ALA L 354 -24.39 45.18 12.96
N TRP L 355 -24.31 46.49 13.13
CA TRP L 355 -25.48 47.29 13.47
C TRP L 355 -26.48 47.42 12.34
N ASN L 356 -26.06 47.46 11.08
CA ASN L 356 -27.01 47.41 9.98
C ASN L 356 -27.82 46.12 10.01
N MET L 357 -27.19 44.96 10.26
CA MET L 357 -27.89 43.69 10.36
C MET L 357 -28.92 43.74 11.48
N VAL L 358 -28.54 44.18 12.68
CA VAL L 358 -29.47 44.29 13.83
C VAL L 358 -30.65 45.21 13.52
N SER L 359 -30.40 46.34 12.87
CA SER L 359 -31.41 47.32 12.48
C SER L 359 -32.32 46.87 11.36
N THR L 360 -31.85 46.01 10.47
CA THR L 360 -32.63 45.48 9.34
C THR L 360 -33.58 44.38 9.76
N ALA L 361 -33.18 43.53 10.70
CA ALA L 361 -33.83 42.25 10.92
C ALA L 361 -35.28 42.35 11.41
N ASP L 362 -36.14 41.46 10.92
CA ASP L 362 -37.52 41.31 11.36
C ASP L 362 -37.65 40.57 12.68
N GLY L 363 -36.58 39.92 13.13
CA GLY L 363 -36.50 39.25 14.43
C GLY L 363 -35.07 39.20 14.94
N ILE L 364 -34.88 39.10 16.25
CA ILE L 364 -33.58 38.93 16.85
C ILE L 364 -33.54 37.59 17.59
N LEU L 365 -32.37 36.95 17.57
CA LEU L 365 -32.15 35.64 18.15
C LEU L 365 -30.79 35.63 18.83
N ILE L 366 -30.78 35.39 20.13
CA ILE L 366 -29.55 35.20 20.90
C ILE L 366 -29.45 33.69 21.17
N PRO L 367 -28.47 32.97 20.63
CA PRO L 367 -28.62 31.54 20.34
C PRO L 367 -28.19 30.58 21.47
N GLY L 368 -27.77 31.08 22.64
CA GLY L 368 -27.17 30.23 23.68
C GLY L 368 -25.67 29.97 23.49
N GLY L 369 -24.90 31.04 23.31
CA GLY L 369 -23.46 31.00 23.06
C GLY L 369 -22.59 30.39 24.17
N PHE L 370 -21.32 30.19 23.85
CA PHE L 370 -20.30 29.58 24.69
C PHE L 370 -19.40 30.64 25.30
N GLY L 371 -19.23 30.62 26.61
CA GLY L 371 -18.38 31.59 27.33
C GLY L 371 -18.90 33.03 27.34
N VAL L 372 -18.13 33.94 27.96
CA VAL L 372 -18.62 35.30 28.31
C VAL L 372 -18.44 36.37 27.23
N ARG L 373 -17.47 36.21 26.32
CA ARG L 373 -16.94 37.28 25.44
C ARG L 373 -18.01 38.16 24.77
N GLY L 374 -19.00 37.55 24.12
CA GLY L 374 -20.03 38.27 23.35
C GLY L 374 -21.05 39.07 24.19
N THR L 375 -21.07 38.88 25.51
CA THR L 375 -22.19 39.31 26.35
C THR L 375 -22.56 40.78 26.17
N GLU L 376 -21.59 41.70 26.13
CA GLU L 376 -21.88 43.13 26.13
C GLU L 376 -22.67 43.57 24.89
N GLY L 377 -22.36 43.01 23.72
CA GLY L 377 -23.15 43.29 22.53
C GLY L 377 -24.51 42.61 22.54
N MET L 378 -24.59 41.37 23.04
CA MET L 378 -25.86 40.65 23.16
C MET L 378 -26.86 41.36 24.07
N VAL L 379 -26.40 42.11 25.07
CA VAL L 379 -27.24 42.98 25.89
C VAL L 379 -27.90 44.05 25.03
N LEU L 380 -27.14 44.77 24.20
CA LEU L 380 -27.63 45.83 23.32
C LEU L 380 -28.57 45.29 22.24
N ALA L 381 -28.36 44.08 21.74
CA ALA L 381 -29.32 43.41 20.86
C ALA L 381 -30.64 43.06 21.58
N ALA L 382 -30.61 42.66 22.84
CA ALA L 382 -31.82 42.40 23.60
C ALA L 382 -32.59 43.69 23.93
N ARG L 383 -31.89 44.79 24.23
CA ARG L 383 -32.41 46.15 24.46
C ARG L 383 -33.11 46.68 23.22
N TRP L 384 -32.48 46.49 22.07
CA TRP L 384 -33.04 46.87 20.78
C TRP L 384 -34.38 46.23 20.49
N ALA L 385 -34.59 44.98 20.86
CA ALA L 385 -35.86 44.28 20.71
C ALA L 385 -36.84 44.44 21.88
N ARG L 386 -36.38 44.81 23.08
CA ARG L 386 -37.29 45.14 24.18
C ARG L 386 -38.00 46.44 23.87
N GLU L 387 -37.26 47.48 23.50
CA GLU L 387 -37.77 48.84 23.40
C GLU L 387 -38.61 49.04 22.15
N ASN L 388 -37.99 48.90 20.99
CA ASN L 388 -38.67 48.79 19.70
C ASN L 388 -39.30 47.40 19.65
N HIS L 389 -40.57 47.24 19.26
CA HIS L 389 -41.29 45.95 19.34
C HIS L 389 -40.86 44.86 18.32
N ILE L 390 -39.56 44.62 18.13
CA ILE L 390 -39.00 43.55 17.31
C ILE L 390 -39.23 42.18 17.97
N PRO L 391 -39.72 41.15 17.27
CA PRO L 391 -39.75 39.78 17.78
C PRO L 391 -38.38 39.26 18.22
N PHE L 392 -38.33 38.50 19.31
CA PHE L 392 -37.09 38.03 19.93
C PHE L 392 -37.22 36.61 20.47
N LEU L 393 -36.15 35.83 20.35
CA LEU L 393 -35.94 34.61 21.14
C LEU L 393 -34.54 34.59 21.77
N GLY L 394 -34.49 34.37 23.08
CA GLY L 394 -33.26 34.10 23.82
C GLY L 394 -33.16 32.62 24.19
N VAL L 395 -32.11 31.93 23.79
CA VAL L 395 -31.90 30.52 24.15
C VAL L 395 -30.76 30.41 25.15
N CYS L 396 -30.97 29.74 26.27
CA CYS L 396 -30.00 29.56 27.35
C CYS L 396 -29.32 30.86 27.80
N LEU L 397 -28.07 31.12 27.39
CA LEU L 397 -27.41 32.42 27.59
C LEU L 397 -28.23 33.61 27.06
N GLY L 398 -29.09 33.38 26.07
CA GLY L 398 -30.06 34.37 25.63
C GLY L 398 -31.12 34.69 26.68
N LEU L 399 -31.63 33.71 27.45
CA LEU L 399 -32.53 34.02 28.58
C LEU L 399 -31.77 34.79 29.67
N GLN L 400 -30.54 34.35 29.93
CA GLN L 400 -29.65 35.02 30.86
C GLN L 400 -29.46 36.50 30.45
N ILE L 401 -29.21 36.76 29.17
CA ILE L 401 -29.03 38.11 28.66
C ILE L 401 -30.34 38.89 28.50
N ALA L 402 -31.46 38.26 28.22
CA ALA L 402 -32.77 38.89 28.34
C ALA L 402 -33.03 39.38 29.77
N THR L 403 -32.61 38.61 30.78
CA THR L 403 -32.80 38.97 32.18
C THR L 403 -31.77 40.01 32.64
N ILE L 404 -30.49 39.87 32.27
CA ILE L 404 -29.49 40.90 32.52
C ILE L 404 -29.92 42.22 31.88
N GLU L 405 -30.44 42.24 30.65
CA GLU L 405 -30.84 43.49 30.01
C GLU L 405 -32.05 44.10 30.71
N PHE L 406 -33.11 43.33 30.93
CA PHE L 406 -34.30 43.84 31.61
C PHE L 406 -33.96 44.36 33.02
N THR L 407 -33.05 43.71 33.74
CA THR L 407 -32.48 44.24 34.98
C THR L 407 -31.74 45.56 34.73
N ARG L 408 -30.78 45.58 33.80
CA ARG L 408 -29.87 46.69 33.49
C ARG L 408 -30.56 47.94 32.90
N SER L 409 -31.81 47.84 32.48
CA SER L 409 -32.53 48.94 31.81
C SER L 409 -33.92 49.25 32.34
N VAL L 410 -34.64 48.27 32.88
CA VAL L 410 -35.98 48.46 33.44
C VAL L 410 -35.92 48.67 34.95
N LEU L 411 -35.05 47.94 35.67
CA LEU L 411 -34.82 48.13 37.12
C LEU L 411 -33.70 49.13 37.45
N GLY L 412 -33.09 49.78 36.46
CA GLY L 412 -31.82 50.49 36.65
C GLY L 412 -30.66 49.51 36.79
N ARG L 413 -30.10 49.36 38.00
CA ARG L 413 -29.12 48.32 38.40
C ARG L 413 -27.97 48.10 37.38
N LYS L 414 -27.36 49.19 36.89
CA LYS L 414 -26.41 49.17 35.76
C LYS L 414 -25.14 48.32 35.98
N ASP L 415 -24.79 48.01 37.23
CA ASP L 415 -23.69 47.13 37.61
C ASP L 415 -23.97 45.62 37.43
N SER L 416 -25.23 45.20 37.22
CA SER L 416 -25.60 43.78 37.20
C SER L 416 -25.00 43.01 36.00
N HIS L 417 -24.67 41.75 36.21
CA HIS L 417 -23.86 40.92 35.30
C HIS L 417 -24.14 39.43 35.56
N SER L 418 -23.71 38.56 34.66
CA SER L 418 -23.71 37.11 34.89
C SER L 418 -22.90 36.71 36.14
N ALA L 419 -23.27 35.60 36.78
CA ALA L 419 -22.49 35.01 37.87
C ALA L 419 -21.05 34.67 37.48
N GLU L 420 -20.76 34.60 36.18
CA GLU L 420 -19.40 34.50 35.65
C GLU L 420 -18.44 35.58 36.18
N PHE L 421 -18.90 36.83 36.40
CA PHE L 421 -18.13 37.89 37.06
C PHE L 421 -18.24 37.74 38.59
N TYR L 422 -17.72 36.61 39.07
CA TYR L 422 -17.87 36.12 40.43
C TYR L 422 -17.56 37.15 41.55
N PRO L 423 -16.44 37.89 41.54
CA PRO L 423 -16.04 38.72 42.70
C PRO L 423 -16.84 40.01 42.90
N ASP L 424 -17.80 40.34 42.02
CA ASP L 424 -18.75 41.44 42.28
C ASP L 424 -19.80 41.06 43.35
N ILE L 425 -20.08 39.76 43.54
CA ILE L 425 -20.97 39.16 44.55
C ILE L 425 -22.40 39.75 44.56
N ASP L 426 -22.61 40.94 45.13
CA ASP L 426 -23.93 41.50 45.43
C ASP L 426 -24.81 41.73 44.19
N GLU L 427 -24.20 41.97 43.03
CA GLU L 427 -24.88 42.31 41.76
C GLU L 427 -24.92 41.16 40.72
N LYS L 428 -24.53 39.94 41.12
CA LYS L 428 -24.65 38.74 40.27
C LYS L 428 -26.13 38.48 39.97
N ASN L 429 -26.48 38.45 38.68
CA ASN L 429 -27.84 38.21 38.20
C ASN L 429 -28.26 36.73 38.26
N HIS L 430 -27.32 35.82 38.52
CA HIS L 430 -27.49 34.37 38.42
C HIS L 430 -26.93 33.64 39.67
N VAL L 431 -27.25 32.36 39.82
CA VAL L 431 -26.74 31.47 40.85
C VAL L 431 -26.32 30.12 40.25
N VAL L 432 -25.26 29.53 40.79
CA VAL L 432 -24.80 28.18 40.45
C VAL L 432 -25.86 27.13 40.79
N VAL L 433 -26.03 26.16 39.90
CA VAL L 433 -26.88 24.98 40.10
C VAL L 433 -26.32 23.77 39.34
N PHE L 434 -25.30 23.12 39.90
CA PHE L 434 -24.59 22.01 39.25
C PHE L 434 -25.36 20.67 39.21
N MET L 435 -26.34 20.46 40.09
CA MET L 435 -27.04 19.17 40.31
C MET L 435 -26.09 17.96 40.40
N MET L 436 -23.48 20.07 35.88
CA MET L 436 -24.33 20.64 34.85
C MET L 436 -25.70 19.96 34.77
N ARG L 437 -26.78 20.74 34.64
CA ARG L 437 -28.12 20.22 34.34
C ARG L 437 -28.16 19.83 32.87
N LEU L 438 -28.53 18.59 32.57
CA LEU L 438 -28.48 17.97 31.23
C LEU L 438 -29.74 17.16 30.92
N GLY L 439 -29.92 16.83 29.65
CA GLY L 439 -30.92 15.86 29.19
C GLY L 439 -32.36 16.34 29.26
N LEU L 440 -33.28 15.46 28.87
CA LEU L 440 -34.70 15.74 28.83
C LEU L 440 -35.24 15.88 30.24
N ARG L 441 -35.64 17.08 30.61
CA ARG L 441 -36.37 17.37 31.86
C ARG L 441 -37.71 18.06 31.55
N PRO L 442 -38.76 17.89 32.37
CA PRO L 442 -40.03 18.58 32.16
C PRO L 442 -39.92 20.09 32.41
N THR L 443 -40.93 20.85 32.02
CA THR L 443 -41.19 22.22 32.47
C THR L 443 -42.68 22.46 32.46
N PHE L 444 -43.17 23.15 33.47
CA PHE L 444 -44.59 23.30 33.77
C PHE L 444 -44.99 24.78 33.68
N PHE L 445 -46.06 25.10 32.97
CA PHE L 445 -46.53 26.47 32.90
C PHE L 445 -47.06 26.94 34.25
N GLN L 446 -46.90 28.22 34.56
CA GLN L 446 -47.48 28.82 35.76
C GLN L 446 -48.99 29.03 35.56
N ASN L 447 -49.83 28.54 36.47
CA ASN L 447 -51.23 28.19 36.16
C ASN L 447 -52.17 29.36 35.77
N GLU L 448 -51.76 30.61 35.96
CA GLU L 448 -52.53 31.84 35.64
C GLU L 448 -52.24 32.39 34.23
N THR L 449 -51.15 31.98 33.58
CA THR L 449 -50.59 32.69 32.40
C THR L 449 -51.32 32.39 31.08
N GLU L 450 -52.64 32.44 31.07
CA GLU L 450 -53.51 32.17 29.92
C GLU L 450 -53.31 33.15 28.76
N TRP L 451 -52.76 34.33 29.02
CA TRP L 451 -52.45 35.37 28.04
C TRP L 451 -51.26 35.03 27.13
N SER L 452 -50.38 34.14 27.57
CA SER L 452 -49.07 33.88 26.96
C SER L 452 -49.13 33.48 25.50
N GLN L 453 -48.30 34.10 24.66
CA GLN L 453 -48.15 33.69 23.27
C GLN L 453 -47.47 32.33 23.17
N ILE L 454 -46.42 32.07 23.96
CA ILE L 454 -45.69 30.80 23.86
C ILE L 454 -46.52 29.61 24.35
N LYS L 455 -47.22 29.70 25.48
CA LYS L 455 -48.02 28.57 25.95
C LYS L 455 -49.27 28.32 25.08
N LYS L 456 -49.65 29.27 24.22
CA LYS L 456 -50.61 29.04 23.16
C LYS L 456 -50.01 28.18 22.05
N LEU L 457 -48.79 28.44 21.59
CA LEU L 457 -48.11 27.62 20.56
C LEU L 457 -47.96 26.15 20.99
N TYR L 458 -47.71 25.89 22.28
CA TYR L 458 -47.70 24.54 22.88
C TYR L 458 -49.10 23.90 23.04
N GLY L 459 -50.12 24.43 22.37
CA GLY L 459 -51.44 23.80 22.25
C GLY L 459 -52.27 23.76 23.53
N ASP L 460 -51.98 24.64 24.50
CA ASP L 460 -52.57 24.64 25.84
C ASP L 460 -52.30 23.36 26.67
N VAL L 461 -51.30 22.56 26.30
CA VAL L 461 -50.84 21.41 27.09
C VAL L 461 -50.24 21.88 28.42
N SER L 462 -50.43 21.13 29.50
CA SER L 462 -50.03 21.48 30.87
C SER L 462 -48.51 21.54 31.11
N GLU L 463 -47.72 20.79 30.36
CA GLU L 463 -46.27 20.75 30.49
C GLU L 463 -45.58 20.39 29.17
N VAL L 464 -44.27 20.60 29.17
CA VAL L 464 -43.34 20.35 28.05
C VAL L 464 -42.11 19.60 28.56
N HIS L 465 -41.37 18.95 27.68
CA HIS L 465 -40.12 18.25 28.03
C HIS L 465 -39.00 18.68 27.09
N GLU L 466 -37.84 19.07 27.62
CA GLU L 466 -36.84 19.83 26.85
C GLU L 466 -35.40 19.50 27.27
N ARG L 467 -34.43 19.80 26.41
CA ARG L 467 -32.99 19.57 26.65
C ARG L 467 -32.29 20.75 27.30
N HIS L 468 -31.40 20.47 28.24
CA HIS L 468 -30.69 21.45 29.06
C HIS L 468 -29.17 21.23 28.99
N ARG L 469 -28.37 22.27 29.28
CA ARG L 469 -26.89 22.20 29.30
C ARG L 469 -26.26 23.23 30.24
N HIS L 470 -26.96 23.65 31.29
CA HIS L 470 -26.62 24.89 32.00
C HIS L 470 -26.04 24.63 33.38
N ARG L 471 -25.11 25.49 33.77
CA ARG L 471 -24.56 25.53 35.16
C ARG L 471 -25.05 26.72 35.99
N TYR L 472 -25.66 27.72 35.39
CA TYR L 472 -26.20 28.90 36.06
C TYR L 472 -27.71 28.98 35.89
N GLU L 473 -28.40 29.57 36.85
CA GLU L 473 -29.79 29.98 36.70
C GLU L 473 -30.01 31.39 37.24
N ILE L 474 -31.08 32.07 36.84
CA ILE L 474 -31.40 33.40 37.37
C ILE L 474 -31.63 33.28 38.87
N ASN L 475 -31.11 34.23 39.63
CA ASN L 475 -31.15 34.16 41.09
C ASN L 475 -32.59 34.25 41.61
N PRO L 476 -33.15 33.22 42.27
CA PRO L 476 -34.55 33.21 42.69
C PRO L 476 -34.97 34.41 43.54
N LYS L 477 -34.02 34.97 44.31
CA LYS L 477 -34.21 36.16 45.13
C LYS L 477 -34.78 37.35 44.34
N MET L 478 -34.36 37.50 43.08
CA MET L 478 -34.77 38.61 42.21
C MET L 478 -36.07 38.35 41.46
N VAL L 479 -36.52 37.10 41.33
CA VAL L 479 -37.56 36.73 40.36
C VAL L 479 -38.91 37.39 40.65
N ASP L 480 -39.26 37.65 41.92
CA ASP L 480 -40.47 38.40 42.24
C ASP L 480 -40.43 39.83 41.67
N GLU L 481 -39.27 40.47 41.70
CA GLU L 481 -39.09 41.83 41.19
C GLU L 481 -39.27 41.87 39.68
N LEU L 482 -38.71 40.89 38.98
CA LEU L 482 -38.87 40.71 37.54
C LEU L 482 -40.32 40.35 37.16
N GLU L 483 -40.98 39.44 37.88
CA GLU L 483 -42.39 39.11 37.65
C GLU L 483 -43.30 40.33 37.88
N ASN L 484 -43.08 41.10 38.95
CA ASN L 484 -43.85 42.31 39.26
C ASN L 484 -43.64 43.44 38.22
N ASN L 485 -42.44 43.56 37.64
CA ASN L 485 -42.15 44.53 36.58
C ASN L 485 -42.58 44.07 35.18
N GLY L 486 -42.95 42.81 34.99
CA GLY L 486 -43.59 42.31 33.77
C GLY L 486 -42.77 41.29 32.97
N LEU L 487 -41.55 40.97 33.37
CA LEU L 487 -40.74 39.91 32.79
C LEU L 487 -41.22 38.54 33.33
N ILE L 488 -42.45 38.15 33.04
CA ILE L 488 -43.14 37.05 33.71
C ILE L 488 -42.50 35.71 33.33
N PHE L 489 -42.04 34.95 34.31
CA PHE L 489 -41.49 33.60 34.09
C PHE L 489 -42.60 32.58 33.89
N VAL L 490 -43.14 32.49 32.68
CA VAL L 490 -44.32 31.68 32.34
C VAL L 490 -44.11 30.16 32.47
N GLY L 491 -42.89 29.67 32.65
CA GLY L 491 -42.61 28.26 32.89
C GLY L 491 -41.48 28.04 33.88
N LYS L 492 -41.65 27.08 34.78
CA LYS L 492 -40.66 26.68 35.77
C LYS L 492 -40.60 25.16 35.87
N ASP L 493 -39.62 24.67 36.61
CA ASP L 493 -39.39 23.25 36.83
C ASP L 493 -40.40 22.62 37.80
N ASP L 494 -40.22 21.32 38.04
CA ASP L 494 -40.98 20.55 39.04
C ASP L 494 -41.02 21.20 40.44
N THR L 495 -39.90 21.74 40.93
CA THR L 495 -39.83 22.38 42.27
C THR L 495 -40.42 23.79 42.29
N GLY L 496 -40.49 24.47 41.14
CA GLY L 496 -40.84 25.89 41.05
C GLY L 496 -39.71 26.85 41.45
N LYS L 497 -38.52 26.35 41.73
CA LYS L 497 -37.36 27.16 42.08
C LYS L 497 -36.58 27.64 40.85
N ARG L 498 -36.66 26.95 39.71
CA ARG L 498 -35.81 27.14 38.53
C ARG L 498 -36.52 27.90 37.41
N CYS L 499 -35.84 28.87 36.82
CA CYS L 499 -36.36 29.72 35.75
C CYS L 499 -36.23 29.05 34.37
N GLU L 500 -37.30 28.44 33.86
CA GLU L 500 -37.22 27.66 32.61
C GLU L 500 -37.65 28.45 31.37
N ILE L 501 -38.66 29.32 31.51
CA ILE L 501 -39.17 30.19 30.44
C ILE L 501 -39.50 31.57 31.00
N LEU L 502 -39.22 32.62 30.23
CA LEU L 502 -39.83 33.94 30.40
C LEU L 502 -40.53 34.42 29.14
N GLU L 503 -41.56 35.24 29.35
CA GLU L 503 -42.22 36.06 28.35
C GLU L 503 -42.42 37.45 28.93
N LEU L 504 -42.04 38.49 28.21
CA LEU L 504 -42.32 39.86 28.62
C LEU L 504 -43.79 40.18 28.31
N LYS L 505 -44.56 40.48 29.36
CA LYS L 505 -45.99 40.84 29.28
C LYS L 505 -46.20 42.02 28.33
N ASN L 506 -47.18 41.92 27.43
CA ASN L 506 -47.59 42.96 26.47
C ASN L 506 -46.43 43.45 25.57
N HIS L 507 -45.77 42.49 24.91
CA HIS L 507 -44.87 42.69 23.77
C HIS L 507 -45.26 41.70 22.64
N PRO L 508 -45.18 42.02 21.35
CA PRO L 508 -45.65 41.14 20.28
C PRO L 508 -45.08 39.73 20.27
N TYR L 509 -43.79 39.55 20.61
CA TYR L 509 -43.14 38.25 20.80
C TYR L 509 -41.76 38.44 21.42
N TYR L 510 -41.62 38.36 22.73
CA TYR L 510 -40.33 38.43 23.41
C TYR L 510 -40.25 37.31 24.41
N ILE L 511 -39.56 36.26 23.98
CA ILE L 511 -39.45 34.99 24.66
C ILE L 511 -37.99 34.73 24.98
N ALA L 512 -37.74 34.06 26.10
CA ALA L 512 -36.52 33.30 26.22
C ALA L 512 -36.75 31.96 26.95
N THR L 513 -35.87 31.01 26.68
CA THR L 513 -35.87 29.66 27.26
C THR L 513 -34.51 29.37 27.85
N GLN L 514 -34.47 28.77 29.03
CA GLN L 514 -33.20 28.31 29.59
C GLN L 514 -32.68 27.08 28.84
N TYR L 515 -33.60 26.20 28.43
CA TYR L 515 -33.32 25.05 27.57
C TYR L 515 -32.98 25.43 26.13
N HIS L 516 -32.54 24.42 25.38
CA HIS L 516 -32.16 24.46 23.96
C HIS L 516 -33.20 23.77 23.06
N PRO L 517 -34.29 24.48 22.67
CA PRO L 517 -35.39 23.88 21.91
C PRO L 517 -34.98 23.36 20.52
N GLU L 518 -33.90 23.86 19.95
CA GLU L 518 -33.32 23.38 18.70
C GLU L 518 -32.84 21.94 18.80
N TYR L 519 -32.70 21.40 20.00
CA TYR L 519 -32.46 19.97 20.18
C TYR L 519 -33.72 19.12 20.05
N THR L 520 -34.88 19.71 19.74
CA THR L 520 -36.10 18.93 19.50
C THR L 520 -36.95 19.46 18.34
N SER L 521 -36.43 20.41 17.56
CA SER L 521 -37.04 20.80 16.29
C SER L 521 -36.98 19.66 15.26
N LYS L 522 -38.12 19.28 14.66
CA LYS L 522 -38.22 18.26 13.60
C LYS L 522 -38.76 18.89 12.32
N VAL L 523 -38.43 18.30 11.16
CA VAL L 523 -38.80 18.86 9.85
C VAL L 523 -40.31 18.98 9.67
N LEU L 524 -41.08 18.02 10.22
CA LEU L 524 -42.55 18.03 10.17
C LEU L 524 -43.19 18.48 11.49
N ASP L 525 -42.43 18.64 12.57
CA ASP L 525 -42.87 19.19 13.86
C ASP L 525 -41.83 20.20 14.38
N PRO L 526 -41.93 21.48 13.98
CA PRO L 526 -40.97 22.50 14.39
C PRO L 526 -41.05 22.81 15.89
N SER L 527 -39.91 23.09 16.54
CA SER L 527 -39.86 23.42 17.98
C SER L 527 -40.53 24.77 18.25
N LYS L 528 -41.56 24.78 19.11
CA LYS L 528 -42.48 25.93 19.26
C LYS L 528 -41.83 27.30 19.48
N PRO L 529 -40.77 27.48 20.29
CA PRO L 529 -40.16 28.81 20.53
C PRO L 529 -39.57 29.46 19.26
N PHE L 530 -39.02 28.63 18.39
CA PHE L 530 -38.57 29.08 17.08
C PHE L 530 -39.73 29.28 16.12
N LEU L 531 -40.77 28.44 16.13
CA LEU L 531 -41.93 28.73 15.28
C LEU L 531 -42.52 30.09 15.59
N GLY L 532 -42.68 30.43 16.86
CA GLY L 532 -43.15 31.76 17.27
C GLY L 532 -42.24 32.89 16.80
N LEU L 533 -40.91 32.74 16.89
CA LEU L 533 -39.97 33.75 16.40
C LEU L 533 -40.13 34.00 14.91
N VAL L 534 -40.22 32.96 14.08
CA VAL L 534 -40.42 33.17 12.65
C VAL L 534 -41.79 33.74 12.39
N ALA L 535 -42.85 33.17 12.95
CA ALA L 535 -44.21 33.61 12.70
C ALA L 535 -44.44 35.07 13.11
N ALA L 536 -43.90 35.52 14.23
CA ALA L 536 -43.98 36.92 14.62
C ALA L 536 -43.11 37.82 13.74
N SER L 537 -41.94 37.36 13.29
CA SER L 537 -41.12 38.09 12.30
C SER L 537 -41.86 38.27 10.98
N ALA L 538 -42.64 37.28 10.57
CA ALA L 538 -43.58 37.34 9.44
C ALA L 538 -44.86 38.14 9.73
N GLY L 539 -45.10 38.53 10.98
CA GLY L 539 -46.31 39.26 11.38
C GLY L 539 -47.59 38.44 11.31
N ILE L 540 -47.47 37.10 11.38
CA ILE L 540 -48.55 36.13 11.18
C ILE L 540 -48.83 35.24 12.40
N LEU L 541 -48.20 35.54 13.54
CA LEU L 541 -48.19 34.70 14.76
C LEU L 541 -49.59 34.27 15.19
N GLN L 542 -50.56 35.18 15.19
CA GLN L 542 -51.95 34.87 15.54
C GLN L 542 -52.50 33.71 14.72
N ASP L 543 -52.28 33.74 13.42
CA ASP L 543 -52.90 32.83 12.47
C ASP L 543 -52.24 31.44 12.46
N VAL L 544 -50.94 31.40 12.80
CA VAL L 544 -50.20 30.16 13.07
C VAL L 544 -50.74 29.49 14.33
N ILE L 545 -51.03 30.25 15.39
CA ILE L 545 -51.63 29.72 16.61
C ILE L 545 -53.06 29.23 16.35
N GLU L 546 -53.84 30.00 15.60
CA GLU L 546 -55.20 29.64 15.20
C GLU L 546 -55.29 28.47 14.21
N GLY L 547 -54.20 28.11 13.53
CA GLY L 547 -54.08 26.89 12.74
C GLY L 547 -54.12 27.04 11.23
N LYS L 548 -53.89 28.24 10.67
CA LYS L 548 -53.88 28.52 9.22
C LYS L 548 -52.69 27.92 8.45
N TYR L 549 -51.85 27.12 9.09
CA TYR L 549 -50.59 26.62 8.52
C TYR L 549 -50.22 25.18 8.93
N ASP L 550 -51.11 24.42 9.55
CA ASP L 550 -50.92 22.97 9.70
C ASP L 550 -50.94 22.24 8.33
N LEU L 551 -50.17 21.16 8.20
CA LEU L 551 -49.84 20.61 6.87
C LEU L 551 -50.93 19.67 6.29
N GLU L 552 -51.91 19.27 7.09
CA GLU L 552 -53.07 18.46 6.69
C GLU L 552 -54.35 19.01 7.36
N ALA L 553 -55.50 19.06 6.67
CA ALA L 553 -56.73 19.59 7.26
C ALA L 553 -57.23 18.76 8.45
#